data_7NIE
#
_entry.id   7NIE
#
loop_
_entity.id
_entity.type
_entity.pdbx_description
1 polymer 'Glycerol kinase'
2 polymer 'Voltage-dependent anion-selective channel protein 2'
#
loop_
_entity_poly.entity_id
_entity_poly.type
_entity_poly.pdbx_seq_one_letter_code
_entity_poly.pdbx_strand_id
1 'polypeptide(L)'
;MAASKKAVLGPLVGAVDQGTSSTRFLVFNSKTAELLSHHQVEIEQKFPKEGWVEQDPKEILQSVYECIEKTCEKLGQLNI
DISNIKAIGVSNQRETTVVWDKLTGEPLYNAVVWLDLRTQSTVANLSKIIPVNNNFVKTKTGLPLSTYFSAVKLRWLLDN
VRKIQKAVEEDRALFGTIDSWLIWSLTGGARGGVHCTDVTNASRTMLFNIHSLEWDKELCEFFEVPMKILPNVRSSSEIY
GLMKAGALEGVPISGCLGDQSAALVGQMCFQDGQAKNTYGTGCFLLCNTGHKCSVAIAGAVVRWLRDNLGIIKTSEEIEK
LAKEVGTSYGCYFVPAFSGLYAPYWEPSARGIICGLTQFTNKCHIAFAALEAVCFQTREILDAMNRDCGIPLSHLQVDGG
MTNNKILMQLQADILYIPVVKPSMPETTALGAAMAAGAAEGVGVWSLKPEDLSAVTMERFEPQINAKESEIRYSTWKKAV
KKSMGWV
;
A,B,O,P
2 'polypeptide(L)'
;MASYGQTCPRPMCIPPSYADLGKAARDIFNKGFGFGLVKLDVKTKSCSGVEFSTSGSSNTDTGKVTGTLETKYKWCEYGL
TFTEKWNTDNTLGTEIAIEDQICQGLKLTFDTTFSPNTGKKSGKIKSSYKRECVNLGCDVDFDFAGPAIHGSAVFGYEGW
LAGYQMTFDSAKSKLTRNNFAVGYRTGDFQLHTNVNDGTEFGGSIYQKVCEDLDTSVNLAWTSGTNCTRFGIAAKYQLDP
TASISAKVNNSSLIGVGYTQTLRPGVKLTLSALVDGKSINAGGHKLGLALELEA
;
C,D,E,F,G,H,I,J,K,L,M,N
#
# COMPACT_ATOMS: atom_id res chain seq x y z
N MET A 1 40.38 -41.50 -2.75
CA MET A 1 41.68 -41.07 -3.24
C MET A 1 42.80 -41.90 -2.63
N ALA A 2 43.25 -41.51 -1.42
CA ALA A 2 44.32 -42.21 -0.75
C ALA A 2 43.95 -43.65 -0.45
N ALA A 3 44.93 -44.55 -0.57
CA ALA A 3 44.76 -45.97 -0.27
C ALA A 3 44.34 -46.21 1.17
N SER A 4 44.79 -45.34 2.08
CA SER A 4 44.45 -45.45 3.48
C SER A 4 42.97 -45.22 3.68
N LYS A 5 42.51 -44.04 3.28
CA LYS A 5 41.10 -43.68 3.37
C LYS A 5 40.19 -44.64 2.61
N LYS A 6 40.67 -45.15 1.48
CA LYS A 6 39.93 -46.10 0.66
C LYS A 6 39.50 -47.35 1.44
N ALA A 7 40.31 -47.76 2.41
CA ALA A 7 40.08 -48.95 3.20
C ALA A 7 39.11 -48.73 4.36
N VAL A 8 38.64 -47.50 4.55
CA VAL A 8 37.75 -47.17 5.64
C VAL A 8 36.28 -47.44 5.31
N LEU A 9 35.60 -48.17 6.18
CA LEU A 9 34.20 -48.50 6.01
C LEU A 9 33.36 -47.66 6.98
N GLY A 10 32.05 -47.47 6.69
CA GLY A 10 31.15 -46.79 7.62
C GLY A 10 31.31 -47.34 9.07
N PRO A 11 31.19 -48.68 9.26
CA PRO A 11 30.73 -49.72 8.36
C PRO A 11 29.24 -49.99 8.18
N LEU A 12 28.34 -49.69 9.15
CA LEU A 12 26.99 -50.21 8.95
C LEU A 12 25.81 -49.26 9.08
N VAL A 13 24.79 -49.54 8.28
CA VAL A 13 23.53 -48.80 8.34
C VAL A 13 22.34 -49.77 8.43
N GLY A 14 21.44 -49.52 9.39
CA GLY A 14 20.28 -50.39 9.53
C GLY A 14 19.03 -49.77 8.94
N ALA A 15 17.98 -50.56 8.84
CA ALA A 15 16.70 -50.06 8.37
C ALA A 15 15.52 -50.83 8.96
N VAL A 16 14.53 -50.08 9.43
CA VAL A 16 13.29 -50.66 9.96
C VAL A 16 12.24 -50.58 8.90
N ASP A 17 11.65 -51.71 8.57
CA ASP A 17 10.62 -51.78 7.55
C ASP A 17 9.29 -52.31 8.15
N GLN A 18 8.34 -51.42 8.45
CA GLN A 18 7.07 -51.90 9.06
C GLN A 18 5.94 -51.82 8.07
N GLY A 19 5.57 -52.97 7.51
CA GLY A 19 4.55 -53.00 6.51
C GLY A 19 3.22 -53.34 7.15
N THR A 20 2.26 -53.72 6.35
CA THR A 20 0.95 -54.04 6.92
C THR A 20 0.93 -55.48 7.46
N SER A 21 1.43 -56.45 6.70
CA SER A 21 1.35 -57.83 7.17
C SER A 21 2.49 -58.26 8.11
N SER A 22 3.62 -57.57 8.05
CA SER A 22 4.80 -57.93 8.84
C SER A 22 5.77 -56.78 8.94
N THR A 23 6.76 -56.96 9.81
CA THR A 23 7.86 -56.02 9.88
C THR A 23 9.19 -56.71 9.81
N ARG A 24 10.17 -55.98 9.31
CA ARG A 24 11.53 -56.46 9.19
C ARG A 24 12.58 -55.46 9.65
N PHE A 25 13.72 -55.97 10.07
CA PHE A 25 14.86 -55.10 10.34
C PHE A 25 16.04 -55.66 9.62
N LEU A 26 16.65 -54.81 8.81
CA LEU A 26 17.79 -55.17 8.00
C LEU A 26 19.03 -54.33 8.32
N VAL A 27 20.22 -54.96 8.29
CA VAL A 27 21.49 -54.24 8.40
C VAL A 27 22.37 -54.50 7.19
N PHE A 28 22.82 -53.39 6.58
CA PHE A 28 23.60 -53.40 5.36
C PHE A 28 25.05 -52.88 5.48
N ASN A 29 25.91 -53.44 4.61
CA ASN A 29 27.32 -53.10 4.45
C ASN A 29 27.50 -51.83 3.59
N SER A 30 28.03 -50.77 4.20
CA SER A 30 28.19 -49.45 3.57
C SER A 30 29.04 -49.39 2.29
N LYS A 31 29.83 -50.43 2.00
CA LYS A 31 30.66 -50.37 0.79
C LYS A 31 29.93 -50.86 -0.47
N THR A 32 29.04 -51.84 -0.28
CA THR A 32 28.37 -52.57 -1.37
C THR A 32 26.84 -52.56 -1.28
N ALA A 33 26.29 -52.13 -0.14
CA ALA A 33 24.87 -52.18 0.20
C ALA A 33 24.39 -53.62 0.35
N GLU A 34 25.31 -54.56 0.56
CA GLU A 34 25.00 -55.95 0.80
C GLU A 34 24.29 -56.12 2.13
N LEU A 35 23.29 -56.98 2.14
CA LEU A 35 22.58 -57.25 3.39
C LEU A 35 23.37 -58.25 4.21
N LEU A 36 23.69 -57.90 5.45
CA LEU A 36 24.49 -58.80 6.27
C LEU A 36 23.61 -59.64 7.15
N SER A 37 22.57 -59.03 7.70
CA SER A 37 21.65 -59.78 8.53
C SER A 37 20.27 -59.16 8.53
N HIS A 38 19.28 -60.00 8.84
CA HIS A 38 17.90 -59.56 8.94
C HIS A 38 16.99 -60.52 9.72
N HIS A 39 15.80 -60.01 10.06
CA HIS A 39 14.72 -60.80 10.70
C HIS A 39 13.35 -60.24 10.38
N GLN A 40 12.37 -61.15 10.23
CA GLN A 40 10.98 -60.80 9.97
C GLN A 40 10.00 -61.35 10.99
N VAL A 41 9.08 -60.49 11.42
CA VAL A 41 8.02 -60.84 12.36
C VAL A 41 6.63 -60.49 11.80
N GLU A 42 5.72 -61.46 11.82
CA GLU A 42 4.36 -61.25 11.30
C GLU A 42 3.48 -60.56 12.34
N ILE A 43 2.52 -59.75 11.87
CA ILE A 43 1.58 -59.03 12.75
C ILE A 43 0.12 -59.36 12.46
N GLU A 44 -0.64 -59.73 13.49
CA GLU A 44 -2.05 -60.04 13.28
C GLU A 44 -2.85 -58.85 12.74
N GLN A 45 -3.63 -59.10 11.70
CA GLN A 45 -4.49 -58.09 11.12
C GLN A 45 -5.93 -58.42 11.45
N LYS A 46 -6.67 -57.48 12.01
CA LYS A 46 -8.06 -57.74 12.38
C LYS A 46 -9.04 -57.03 11.48
N PHE A 47 -10.25 -57.59 11.36
CA PHE A 47 -11.29 -56.96 10.56
C PHE A 47 -12.62 -56.90 11.34
N PRO A 48 -12.79 -55.97 12.31
CA PRO A 48 -13.96 -55.86 13.18
C PRO A 48 -15.34 -55.84 12.51
N LYS A 49 -15.42 -55.20 11.34
CA LYS A 49 -16.65 -55.05 10.58
C LYS A 49 -16.32 -55.11 9.11
N GLU A 50 -17.30 -55.38 8.27
CA GLU A 50 -17.03 -55.43 6.84
C GLU A 50 -16.35 -54.15 6.36
N GLY A 51 -15.21 -54.32 5.69
CA GLY A 51 -14.43 -53.23 5.12
C GLY A 51 -13.43 -52.58 6.09
N TRP A 52 -13.45 -52.96 7.38
CA TRP A 52 -12.55 -52.38 8.37
C TRP A 52 -11.24 -53.14 8.43
N VAL A 53 -10.13 -52.46 8.70
CA VAL A 53 -8.85 -53.13 8.86
C VAL A 53 -8.08 -52.51 10.06
N GLU A 54 -7.68 -53.33 11.03
CA GLU A 54 -6.95 -52.83 12.22
C GLU A 54 -5.72 -53.61 12.64
N GLN A 55 -4.79 -52.89 13.27
CA GLN A 55 -3.60 -53.52 13.87
C GLN A 55 -3.33 -53.02 15.27
N ASP A 56 -2.73 -53.86 16.09
CA ASP A 56 -2.36 -53.50 17.46
C ASP A 56 -1.04 -52.71 17.50
N PRO A 57 -1.00 -51.41 17.87
CA PRO A 57 0.17 -50.55 17.90
C PRO A 57 1.29 -51.12 18.78
N LYS A 58 0.93 -51.97 19.76
CA LYS A 58 1.93 -52.56 20.65
C LYS A 58 2.60 -53.66 19.87
N GLU A 59 1.81 -54.52 19.23
CA GLU A 59 2.34 -55.62 18.44
C GLU A 59 3.26 -55.05 17.37
N ILE A 60 2.89 -53.90 16.80
CA ILE A 60 3.74 -53.27 15.79
C ILE A 60 5.11 -52.90 16.38
N LEU A 61 5.15 -52.21 17.50
CA LEU A 61 6.45 -51.86 18.07
C LEU A 61 7.22 -53.08 18.54
N GLN A 62 6.52 -54.04 19.15
CA GLN A 62 7.16 -55.23 19.70
C GLN A 62 7.79 -56.04 18.58
N SER A 63 7.09 -56.15 17.45
CA SER A 63 7.59 -56.88 16.32
C SER A 63 8.84 -56.21 15.78
N VAL A 64 8.86 -54.86 15.73
CA VAL A 64 10.06 -54.16 15.30
C VAL A 64 11.21 -54.43 16.26
N TYR A 65 10.96 -54.35 17.56
CA TYR A 65 12.04 -54.58 18.51
C TYR A 65 12.58 -55.99 18.38
N GLU A 66 11.71 -57.01 18.20
CA GLU A 66 12.20 -58.37 18.00
C GLU A 66 13.07 -58.44 16.77
N CYS A 67 12.67 -57.76 15.69
CA CYS A 67 13.43 -57.77 14.47
C CYS A 67 14.80 -57.17 14.70
N ILE A 68 14.86 -56.06 15.45
CA ILE A 68 16.13 -55.44 15.73
C ILE A 68 16.99 -56.36 16.56
N GLU A 69 16.47 -56.90 17.66
CA GLU A 69 17.29 -57.74 18.51
C GLU A 69 17.79 -58.99 17.81
N LYS A 70 16.95 -59.66 17.00
CA LYS A 70 17.39 -60.88 16.34
C LYS A 70 18.42 -60.56 15.26
N THR A 71 18.23 -59.45 14.55
CA THR A 71 19.17 -59.04 13.54
C THR A 71 20.51 -58.80 14.21
N CYS A 72 20.47 -58.13 15.38
CA CYS A 72 21.67 -57.83 16.14
C CYS A 72 22.35 -59.10 16.62
N GLU A 73 21.59 -60.14 17.02
CA GLU A 73 22.22 -61.39 17.43
C GLU A 73 22.98 -61.99 16.25
N LYS A 74 22.37 -61.95 15.05
CA LYS A 74 23.03 -62.47 13.86
C LYS A 74 24.28 -61.65 13.56
N LEU A 75 24.22 -60.33 13.75
CA LEU A 75 25.41 -59.53 13.53
C LEU A 75 26.49 -59.99 14.50
N GLY A 76 26.12 -60.30 15.74
CA GLY A 76 27.10 -60.80 16.72
C GLY A 76 27.75 -62.10 16.21
N GLN A 77 26.96 -62.97 15.57
CA GLN A 77 27.47 -64.23 14.99
C GLN A 77 28.52 -63.94 13.89
N LEU A 78 28.34 -62.80 13.21
CA LEU A 78 29.21 -62.30 12.14
C LEU A 78 30.33 -61.43 12.71
N ASN A 79 30.47 -61.41 14.04
CA ASN A 79 31.43 -60.63 14.81
C ASN A 79 31.28 -59.13 14.65
N ILE A 80 30.04 -58.69 14.55
CA ILE A 80 29.71 -57.30 14.46
C ILE A 80 29.02 -56.78 15.70
N ASP A 81 29.66 -55.82 16.36
CA ASP A 81 29.09 -55.18 17.53
C ASP A 81 28.15 -54.09 17.03
N ILE A 82 27.03 -53.88 17.73
CA ILE A 82 26.07 -52.83 17.36
C ILE A 82 26.66 -51.44 17.38
N SER A 83 27.81 -51.26 18.03
CA SER A 83 28.52 -50.01 18.10
C SER A 83 29.03 -49.59 16.72
N ASN A 84 29.04 -50.54 15.77
CA ASN A 84 29.52 -50.30 14.43
C ASN A 84 28.42 -49.83 13.47
N ILE A 85 27.20 -49.66 13.99
CA ILE A 85 26.11 -49.17 13.17
C ILE A 85 26.07 -47.67 13.35
N LYS A 86 26.29 -46.97 12.25
CA LYS A 86 26.38 -45.52 12.24
C LYS A 86 25.03 -44.87 12.14
N ALA A 87 24.10 -45.53 11.48
CA ALA A 87 22.80 -44.91 11.33
C ALA A 87 21.69 -45.92 11.14
N ILE A 88 20.49 -45.50 11.53
CA ILE A 88 19.25 -46.24 11.34
C ILE A 88 18.25 -45.45 10.50
N GLY A 89 17.73 -46.09 9.48
CA GLY A 89 16.68 -45.48 8.69
C GLY A 89 15.38 -46.19 9.03
N VAL A 90 14.26 -45.51 8.86
CA VAL A 90 13.01 -46.21 9.05
C VAL A 90 12.12 -45.94 7.85
N SER A 91 11.24 -46.87 7.57
CA SER A 91 10.20 -46.66 6.58
C SER A 91 9.06 -47.57 6.89
N ASN A 92 7.84 -47.10 6.67
CA ASN A 92 6.76 -47.99 7.01
C ASN A 92 5.52 -47.77 6.16
N GLN A 93 4.51 -48.59 6.41
CA GLN A 93 3.26 -48.48 5.70
C GLN A 93 2.73 -47.08 5.78
N ARG A 94 2.32 -46.58 4.64
CA ARG A 94 1.75 -45.25 4.46
C ARG A 94 0.36 -45.14 5.02
N GLU A 95 -0.08 -43.90 5.32
CA GLU A 95 -1.48 -43.59 5.66
C GLU A 95 -2.02 -44.10 7.03
N THR A 96 -1.72 -45.36 7.39
CA THR A 96 -2.15 -45.98 8.64
C THR A 96 -1.87 -45.03 9.82
N THR A 97 -2.88 -44.85 10.67
CA THR A 97 -2.83 -43.92 11.80
C THR A 97 -2.89 -44.55 13.19
N VAL A 98 -2.02 -44.06 14.06
CA VAL A 98 -1.96 -44.48 15.47
C VAL A 98 -2.12 -43.27 16.40
N VAL A 99 -2.92 -43.48 17.45
CA VAL A 99 -3.16 -42.48 18.48
C VAL A 99 -2.71 -42.98 19.84
N TRP A 100 -1.98 -42.16 20.60
CA TRP A 100 -1.48 -42.58 21.91
C TRP A 100 -1.41 -41.48 22.97
N ASP A 101 -1.29 -41.92 24.22
CA ASP A 101 -1.16 -41.06 25.40
C ASP A 101 0.30 -40.63 25.62
N LYS A 102 0.59 -39.33 25.47
CA LYS A 102 1.97 -38.81 25.54
C LYS A 102 2.66 -39.02 26.88
N LEU A 103 1.90 -39.35 27.92
CA LEU A 103 2.47 -39.52 29.25
C LEU A 103 2.91 -40.95 29.54
N THR A 104 2.29 -41.94 28.88
CA THR A 104 2.60 -43.33 29.16
C THR A 104 3.00 -44.13 27.92
N GLY A 105 2.63 -43.62 26.74
CA GLY A 105 2.85 -44.29 25.48
C GLY A 105 1.80 -45.33 25.14
N GLU A 106 0.78 -45.47 25.99
CA GLU A 106 -0.24 -46.47 25.72
C GLU A 106 -1.16 -45.92 24.61
N PRO A 107 -1.50 -46.72 23.58
CA PRO A 107 -2.40 -46.32 22.51
C PRO A 107 -3.81 -46.08 23.02
N LEU A 108 -4.46 -45.09 22.44
CA LEU A 108 -5.87 -44.76 22.71
C LEU A 108 -6.79 -45.77 22.02
N TYR A 109 -6.34 -46.26 20.87
CA TYR A 109 -7.13 -47.18 20.05
C TYR A 109 -6.17 -48.00 19.17
N ASN A 110 -6.72 -48.89 18.37
CA ASN A 110 -5.95 -49.71 17.44
C ASN A 110 -5.51 -48.88 16.26
N ALA A 111 -4.45 -49.31 15.58
CA ALA A 111 -4.04 -48.60 14.39
C ALA A 111 -5.14 -48.74 13.37
N VAL A 112 -5.45 -47.67 12.67
CA VAL A 112 -6.45 -47.78 11.62
C VAL A 112 -5.69 -47.85 10.32
N VAL A 113 -5.76 -49.01 9.68
CA VAL A 113 -4.95 -49.36 8.52
C VAL A 113 -5.45 -48.73 7.24
N TRP A 114 -4.50 -48.32 6.40
CA TRP A 114 -4.73 -47.66 5.11
C TRP A 114 -5.83 -48.31 4.24
N LEU A 115 -6.06 -49.62 4.38
CA LEU A 115 -7.05 -50.36 3.59
C LEU A 115 -8.49 -50.28 4.14
N ASP A 116 -8.64 -49.70 5.33
CA ASP A 116 -9.89 -49.53 6.07
C ASP A 116 -10.90 -48.56 5.43
N LEU A 117 -12.16 -48.96 5.33
CA LEU A 117 -13.25 -48.14 4.78
C LEU A 117 -14.26 -47.58 5.82
N ARG A 118 -13.94 -47.60 7.12
CA ARG A 118 -14.93 -47.17 8.13
C ARG A 118 -15.30 -45.70 8.01
N THR A 119 -14.45 -44.93 7.39
CA THR A 119 -14.63 -43.54 7.26
C THR A 119 -15.33 -43.11 6.00
N GLN A 120 -15.88 -44.04 5.22
CA GLN A 120 -16.58 -43.61 4.02
C GLN A 120 -17.65 -42.58 4.31
N SER A 121 -18.35 -42.69 5.44
CA SER A 121 -19.38 -41.69 5.74
C SER A 121 -18.75 -40.30 5.96
N THR A 122 -17.49 -40.26 6.43
CA THR A 122 -16.78 -39.01 6.66
C THR A 122 -16.46 -38.40 5.33
N VAL A 123 -15.94 -39.23 4.44
CA VAL A 123 -15.54 -38.80 3.12
C VAL A 123 -16.75 -38.30 2.35
N ALA A 124 -17.84 -39.06 2.41
CA ALA A 124 -19.05 -38.64 1.75
C ALA A 124 -19.52 -37.31 2.29
N ASN A 125 -19.44 -37.10 3.62
CA ASN A 125 -19.82 -35.82 4.17
C ASN A 125 -18.83 -34.73 3.75
N LEU A 126 -17.54 -35.01 3.67
CA LEU A 126 -16.60 -33.98 3.27
C LEU A 126 -16.92 -33.46 1.89
N SER A 127 -17.33 -34.34 0.98
CA SER A 127 -17.68 -33.96 -0.39
C SER A 127 -19.06 -33.31 -0.55
N LYS A 128 -19.87 -33.33 0.50
CA LYS A 128 -21.24 -32.82 0.44
C LYS A 128 -21.47 -31.64 1.38
N ILE A 129 -21.01 -31.75 2.65
CA ILE A 129 -21.16 -30.71 3.67
C ILE A 129 -20.41 -29.51 3.16
N ILE A 130 -19.24 -29.76 2.59
CA ILE A 130 -18.46 -28.75 1.94
C ILE A 130 -18.44 -29.22 0.45
N PRO A 131 -19.26 -28.63 -0.44
CA PRO A 131 -19.48 -29.09 -1.79
C PRO A 131 -18.23 -29.09 -2.66
N VAL A 132 -17.24 -28.28 -2.28
CA VAL A 132 -16.03 -28.28 -3.06
C VAL A 132 -14.81 -28.56 -2.21
N ASN A 133 -14.95 -29.45 -1.24
CA ASN A 133 -13.79 -29.81 -0.45
C ASN A 133 -12.77 -30.47 -1.35
N ASN A 134 -13.25 -31.17 -2.39
CA ASN A 134 -12.33 -31.82 -3.30
C ASN A 134 -11.42 -30.86 -4.01
N ASN A 135 -11.87 -29.64 -4.30
CA ASN A 135 -11.01 -28.73 -5.02
C ASN A 135 -9.96 -28.23 -4.06
N PHE A 136 -10.41 -27.94 -2.83
CA PHE A 136 -9.56 -27.46 -1.76
C PHE A 136 -8.45 -28.45 -1.41
N VAL A 137 -8.81 -29.70 -1.18
CA VAL A 137 -7.83 -30.70 -0.84
C VAL A 137 -6.88 -30.95 -1.99
N LYS A 138 -7.40 -31.13 -3.21
CA LYS A 138 -6.45 -31.37 -4.29
C LYS A 138 -5.50 -30.19 -4.44
N THR A 139 -5.99 -28.97 -4.32
CA THR A 139 -5.16 -27.78 -4.44
C THR A 139 -4.05 -27.71 -3.40
N LYS A 140 -4.40 -27.99 -2.13
CA LYS A 140 -3.43 -27.85 -1.05
C LYS A 140 -2.59 -29.11 -0.72
N THR A 141 -3.12 -30.32 -0.97
CA THR A 141 -2.41 -31.55 -0.60
C THR A 141 -2.00 -32.40 -1.81
N GLY A 142 -2.68 -32.21 -2.95
CA GLY A 142 -2.43 -33.03 -4.13
C GLY A 142 -3.16 -34.39 -4.09
N LEU A 143 -3.94 -34.61 -3.03
CA LEU A 143 -4.64 -35.86 -2.82
C LEU A 143 -6.14 -35.71 -3.11
N PRO A 144 -6.84 -36.77 -3.53
CA PRO A 144 -8.29 -36.85 -3.63
C PRO A 144 -8.87 -37.08 -2.25
N LEU A 145 -10.16 -36.82 -2.07
CA LEU A 145 -10.77 -37.22 -0.80
C LEU A 145 -11.01 -38.70 -0.83
N SER A 146 -10.47 -39.38 0.15
CA SER A 146 -10.56 -40.82 0.22
C SER A 146 -10.41 -41.36 1.61
N THR A 147 -11.04 -42.49 1.85
CA THR A 147 -11.02 -43.16 3.14
C THR A 147 -9.65 -43.68 3.49
N TYR A 148 -8.80 -43.74 2.48
CA TYR A 148 -7.45 -44.21 2.58
C TYR A 148 -6.54 -43.23 3.35
N PHE A 149 -6.83 -41.92 3.34
CA PHE A 149 -5.89 -40.98 3.95
C PHE A 149 -6.01 -40.80 5.48
N SER A 150 -4.89 -40.36 6.09
CA SER A 150 -4.81 -40.26 7.55
C SER A 150 -5.79 -39.26 8.20
N ALA A 151 -6.00 -38.07 7.62
CA ALA A 151 -6.89 -37.06 8.23
C ALA A 151 -8.29 -37.56 8.48
N VAL A 152 -8.77 -38.36 7.56
CA VAL A 152 -10.09 -38.91 7.62
C VAL A 152 -10.13 -39.89 8.81
N LYS A 153 -9.11 -40.74 8.91
CA LYS A 153 -8.97 -41.71 10.01
C LYS A 153 -8.79 -41.02 11.37
N LEU A 154 -8.02 -39.94 11.39
CA LEU A 154 -7.75 -39.21 12.61
C LEU A 154 -9.06 -38.67 13.15
N ARG A 155 -9.86 -38.03 12.28
CA ARG A 155 -11.14 -37.49 12.71
C ARG A 155 -12.01 -38.60 13.30
N TRP A 156 -12.05 -39.78 12.64
CA TRP A 156 -12.83 -40.89 13.18
C TRP A 156 -12.47 -41.12 14.62
N LEU A 157 -11.18 -41.26 14.90
CA LEU A 157 -10.74 -41.55 16.24
C LEU A 157 -11.14 -40.45 17.24
N LEU A 158 -11.00 -39.18 16.85
CA LEU A 158 -11.38 -38.09 17.78
C LEU A 158 -12.86 -38.14 18.20
N ASP A 159 -13.74 -38.49 17.25
CA ASP A 159 -15.18 -38.54 17.53
C ASP A 159 -15.76 -39.88 18.01
N ASN A 160 -15.20 -41.01 17.58
CA ASN A 160 -15.78 -42.30 17.93
C ASN A 160 -15.11 -43.05 19.08
N VAL A 161 -13.91 -42.67 19.50
CA VAL A 161 -13.30 -43.37 20.61
C VAL A 161 -13.47 -42.48 21.83
N ARG A 162 -14.04 -43.06 22.88
CA ARG A 162 -14.38 -42.29 24.06
C ARG A 162 -13.23 -41.49 24.61
N LYS A 163 -13.51 -40.21 24.80
CA LYS A 163 -12.62 -39.19 25.35
C LYS A 163 -11.35 -38.88 24.54
N ILE A 164 -11.23 -39.29 23.26
CA ILE A 164 -10.01 -38.85 22.57
C ILE A 164 -10.02 -37.36 22.34
N GLN A 165 -11.11 -36.79 21.79
CA GLN A 165 -11.06 -35.34 21.58
C GLN A 165 -10.70 -34.58 22.85
N LYS A 166 -11.20 -35.03 24.00
CA LYS A 166 -10.88 -34.36 25.27
C LYS A 166 -9.36 -34.41 25.48
N ALA A 167 -8.76 -35.61 25.35
CA ALA A 167 -7.32 -35.79 25.51
C ALA A 167 -6.53 -34.95 24.51
N VAL A 168 -7.08 -34.78 23.31
CA VAL A 168 -6.45 -33.94 22.30
C VAL A 168 -6.45 -32.45 22.71
N GLU A 169 -7.61 -31.93 23.09
CA GLU A 169 -7.75 -30.52 23.47
C GLU A 169 -6.91 -30.17 24.71
N GLU A 170 -6.74 -31.14 25.61
CA GLU A 170 -5.96 -30.99 26.84
C GLU A 170 -4.45 -31.23 26.65
N ASP A 171 -4.01 -31.49 25.43
CA ASP A 171 -2.61 -31.80 25.13
C ASP A 171 -2.09 -33.04 25.86
N ARG A 172 -2.87 -34.11 25.84
CA ARG A 172 -2.49 -35.39 26.40
C ARG A 172 -2.29 -36.45 25.30
N ALA A 173 -3.17 -36.44 24.31
CA ALA A 173 -3.08 -37.42 23.21
C ALA A 173 -2.03 -36.96 22.19
N LEU A 174 -1.49 -37.90 21.42
CA LEU A 174 -0.65 -37.61 20.26
C LEU A 174 -1.05 -38.50 19.10
N PHE A 175 -1.00 -37.96 17.90
CA PHE A 175 -1.25 -38.72 16.70
C PHE A 175 -0.07 -38.78 15.75
N GLY A 176 -0.04 -39.82 14.94
CA GLY A 176 0.94 -39.88 13.88
C GLY A 176 0.86 -41.15 13.06
N THR A 177 1.68 -41.20 12.02
CA THR A 177 1.75 -42.35 11.14
C THR A 177 2.65 -43.36 11.82
N ILE A 178 2.80 -44.52 11.22
CA ILE A 178 3.59 -45.57 11.82
C ILE A 178 5.03 -45.10 12.06
N ASP A 179 5.62 -44.33 11.14
CA ASP A 179 6.99 -43.86 11.37
C ASP A 179 7.08 -42.94 12.57
N SER A 180 6.03 -42.15 12.84
CA SER A 180 6.08 -41.26 14.00
C SER A 180 5.99 -42.09 15.26
N TRP A 181 5.13 -43.10 15.23
CA TRP A 181 4.91 -43.98 16.35
C TRP A 181 6.22 -44.71 16.67
N LEU A 182 6.88 -45.21 15.63
CA LEU A 182 8.14 -45.90 15.77
C LEU A 182 9.25 -44.99 16.29
N ILE A 183 9.46 -43.83 15.66
CA ILE A 183 10.56 -42.95 16.08
C ILE A 183 10.36 -42.48 17.51
N TRP A 184 9.13 -42.09 17.85
CA TRP A 184 8.85 -41.60 19.19
C TRP A 184 9.25 -42.69 20.18
N SER A 185 8.85 -43.95 19.94
CA SER A 185 9.23 -45.06 20.82
C SER A 185 10.75 -45.35 20.85
N LEU A 186 11.39 -45.44 19.68
CA LEU A 186 12.81 -45.83 19.59
C LEU A 186 13.72 -44.84 20.32
N THR A 187 13.34 -43.56 20.27
CA THR A 187 14.09 -42.46 20.87
C THR A 187 13.75 -42.18 22.35
N GLY A 188 12.87 -42.97 22.99
CA GLY A 188 12.58 -42.74 24.42
C GLY A 188 11.11 -42.46 24.78
N GLY A 189 10.30 -42.15 23.78
CA GLY A 189 8.88 -41.92 23.96
C GLY A 189 8.52 -40.85 24.98
N ALA A 190 7.68 -41.29 25.89
CA ALA A 190 7.14 -40.48 26.97
C ALA A 190 8.23 -39.96 27.90
N ARG A 191 9.43 -40.56 27.83
CA ARG A 191 10.50 -40.17 28.71
C ARG A 191 11.66 -39.47 27.98
N GLY A 192 11.38 -38.84 26.84
CA GLY A 192 12.43 -38.08 26.16
C GLY A 192 12.61 -38.34 24.66
N GLY A 193 11.60 -38.89 23.98
CA GLY A 193 11.74 -39.14 22.57
C GLY A 193 11.39 -37.98 21.67
N VAL A 194 11.37 -38.28 20.39
CA VAL A 194 11.13 -37.34 19.31
C VAL A 194 9.78 -37.50 18.61
N HIS A 195 8.94 -36.45 18.63
CA HIS A 195 7.65 -36.56 17.94
C HIS A 195 7.73 -35.86 16.59
N CYS A 196 8.02 -36.64 15.56
CA CYS A 196 8.25 -36.14 14.21
C CYS A 196 7.80 -37.12 13.15
N THR A 197 7.75 -36.62 11.94
CA THR A 197 7.44 -37.38 10.73
C THR A 197 8.17 -36.73 9.57
N ASP A 198 8.50 -37.47 8.53
CA ASP A 198 9.10 -36.80 7.41
C ASP A 198 8.04 -36.29 6.45
N VAL A 199 8.49 -35.48 5.51
CA VAL A 199 7.66 -34.98 4.44
C VAL A 199 6.91 -36.05 3.61
N THR A 200 7.53 -37.20 3.31
CA THR A 200 6.82 -38.13 2.41
C THR A 200 5.59 -38.77 3.07
N ASN A 201 5.61 -38.92 4.39
CA ASN A 201 4.44 -39.45 5.08
C ASN A 201 3.46 -38.34 5.35
N ALA A 202 4.00 -37.16 5.65
CA ALA A 202 3.22 -35.98 5.95
C ALA A 202 2.27 -35.66 4.79
N SER A 203 2.82 -35.83 3.59
CA SER A 203 2.14 -35.59 2.34
C SER A 203 0.96 -36.53 2.07
N ARG A 204 0.83 -37.63 2.82
CA ARG A 204 -0.27 -38.59 2.61
C ARG A 204 -1.35 -38.48 3.70
N THR A 205 -1.28 -37.42 4.49
CA THR A 205 -2.25 -37.29 5.55
C THR A 205 -3.49 -36.44 5.20
N MET A 206 -3.40 -35.60 4.19
CA MET A 206 -4.44 -34.61 3.82
C MET A 206 -4.57 -33.47 4.83
N LEU A 207 -3.61 -33.30 5.74
CA LEU A 207 -3.62 -32.14 6.63
C LEU A 207 -2.53 -31.14 6.26
N PHE A 208 -1.69 -31.50 5.29
CA PHE A 208 -0.57 -30.66 4.89
C PHE A 208 -0.69 -29.89 3.63
N ASN A 209 -0.03 -28.75 3.66
CA ASN A 209 0.18 -27.92 2.52
C ASN A 209 1.42 -28.42 1.80
N ILE A 210 1.20 -29.14 0.71
CA ILE A 210 2.25 -29.80 -0.09
C ILE A 210 3.19 -28.81 -0.76
N HIS A 211 2.77 -27.55 -0.89
CA HIS A 211 3.56 -26.55 -1.58
C HIS A 211 4.52 -25.91 -0.60
N SER A 212 4.00 -25.62 0.59
CA SER A 212 4.78 -24.97 1.65
C SER A 212 5.44 -25.96 2.63
N LEU A 213 5.01 -27.23 2.60
CA LEU A 213 5.49 -28.29 3.49
C LEU A 213 5.25 -27.96 4.95
N GLU A 214 4.02 -27.53 5.23
CA GLU A 214 3.60 -27.17 6.60
C GLU A 214 2.19 -27.62 6.90
N TRP A 215 1.86 -27.78 8.19
CA TRP A 215 0.50 -28.20 8.54
C TRP A 215 -0.44 -27.10 8.11
N ASP A 216 -1.50 -27.46 7.40
CA ASP A 216 -2.44 -26.47 6.91
C ASP A 216 -3.59 -26.26 7.86
N LYS A 217 -3.65 -25.07 8.44
CA LYS A 217 -4.66 -24.75 9.42
C LYS A 217 -6.07 -24.97 8.87
N GLU A 218 -6.31 -24.64 7.61
CA GLU A 218 -7.67 -24.79 7.09
C GLU A 218 -8.06 -26.26 7.01
N LEU A 219 -7.13 -27.13 6.59
CA LEU A 219 -7.40 -28.56 6.52
C LEU A 219 -7.64 -29.10 7.93
N CYS A 220 -6.85 -28.63 8.90
CA CYS A 220 -7.01 -29.07 10.27
C CYS A 220 -8.39 -28.64 10.80
N GLU A 221 -8.84 -27.43 10.48
CA GLU A 221 -10.17 -27.01 10.92
C GLU A 221 -11.27 -27.87 10.27
N PHE A 222 -11.12 -28.17 8.97
CA PHE A 222 -12.11 -28.95 8.22
C PHE A 222 -12.31 -30.33 8.82
N PHE A 223 -11.22 -30.94 9.25
CA PHE A 223 -11.25 -32.25 9.88
C PHE A 223 -11.34 -32.22 11.40
N GLU A 224 -11.52 -31.05 11.99
CA GLU A 224 -11.57 -30.88 13.44
C GLU A 224 -10.39 -31.52 14.15
N VAL A 225 -9.17 -31.23 13.67
CA VAL A 225 -7.93 -31.76 14.22
C VAL A 225 -7.04 -30.70 14.87
N PRO A 226 -7.06 -30.49 16.18
CA PRO A 226 -6.23 -29.51 16.86
C PRO A 226 -4.75 -29.79 16.57
N MET A 227 -3.94 -28.76 16.35
CA MET A 227 -2.53 -29.02 16.04
C MET A 227 -1.68 -29.47 17.20
N LYS A 228 -2.27 -29.49 18.40
CA LYS A 228 -1.58 -29.90 19.61
C LYS A 228 -1.11 -31.34 19.52
N ILE A 229 -1.73 -32.12 18.65
CA ILE A 229 -1.42 -33.51 18.51
C ILE A 229 -0.69 -33.90 17.26
N LEU A 230 -0.17 -32.93 16.53
CA LEU A 230 0.49 -33.30 15.29
C LEU A 230 2.03 -33.20 15.40
N PRO A 231 2.79 -34.12 14.73
CA PRO A 231 4.26 -34.20 14.69
C PRO A 231 4.97 -33.09 13.93
N ASN A 232 6.22 -32.84 14.30
CA ASN A 232 7.07 -31.89 13.58
C ASN A 232 7.55 -32.52 12.25
N VAL A 233 7.44 -31.79 11.14
CA VAL A 233 7.87 -32.34 9.85
C VAL A 233 9.33 -32.07 9.54
N ARG A 234 10.02 -33.15 9.18
CA ARG A 234 11.43 -33.15 8.89
C ARG A 234 11.78 -33.72 7.50
N SER A 235 13.02 -33.51 7.11
CA SER A 235 13.56 -34.09 5.89
C SER A 235 13.67 -35.60 6.01
N SER A 236 13.60 -36.27 4.86
CA SER A 236 13.77 -37.72 4.79
C SER A 236 15.20 -38.16 5.15
N SER A 237 16.13 -37.21 5.12
CA SER A 237 17.50 -37.51 5.46
C SER A 237 17.97 -36.38 6.40
N GLU A 238 17.91 -36.66 7.71
CA GLU A 238 18.16 -35.70 8.78
C GLU A 238 18.17 -36.40 10.12
N ILE A 239 19.02 -36.00 11.05
CA ILE A 239 18.99 -36.69 12.34
C ILE A 239 17.73 -36.36 13.13
N TYR A 240 17.01 -37.40 13.54
CA TYR A 240 15.80 -37.25 14.32
C TYR A 240 16.15 -37.29 15.79
N GLY A 241 17.03 -38.22 16.12
CA GLY A 241 17.45 -38.42 17.50
C GLY A 241 18.25 -39.69 17.57
N LEU A 242 18.63 -40.11 18.76
CA LEU A 242 19.39 -41.35 18.92
C LEU A 242 18.57 -42.42 19.59
N MET A 243 18.85 -43.67 19.24
CA MET A 243 18.20 -44.80 19.84
C MET A 243 18.43 -44.91 21.34
N LYS A 244 17.33 -45.10 22.07
CA LYS A 244 17.39 -45.31 23.51
C LYS A 244 17.14 -46.77 23.84
N ALA A 245 16.39 -47.46 22.99
CA ALA A 245 16.13 -48.86 23.29
C ALA A 245 17.48 -49.58 23.44
N GLY A 246 17.59 -50.44 24.46
CA GLY A 246 18.85 -51.14 24.74
C GLY A 246 19.44 -51.92 23.56
N ALA A 247 18.59 -52.48 22.69
CA ALA A 247 19.06 -53.29 21.56
C ALA A 247 20.07 -52.57 20.66
N LEU A 248 19.91 -51.26 20.46
CA LEU A 248 20.80 -50.47 19.63
C LEU A 248 21.15 -49.16 20.31
N GLU A 249 21.26 -49.18 21.63
CA GLU A 249 21.48 -47.94 22.35
C GLU A 249 22.65 -47.14 21.80
N GLY A 250 22.42 -45.85 21.56
CA GLY A 250 23.44 -44.94 21.08
C GLY A 250 23.54 -44.79 19.57
N VAL A 251 22.83 -45.61 18.80
CA VAL A 251 22.91 -45.49 17.35
C VAL A 251 21.92 -44.44 16.82
N PRO A 252 22.35 -43.40 16.07
CA PRO A 252 21.51 -42.35 15.50
C PRO A 252 20.44 -42.85 14.55
N ILE A 253 19.28 -42.21 14.63
CA ILE A 253 18.14 -42.46 13.76
C ILE A 253 18.07 -41.22 12.86
N SER A 254 18.32 -41.44 11.58
CA SER A 254 18.43 -40.35 10.62
C SER A 254 17.67 -40.51 9.30
N GLY A 255 17.25 -41.71 8.95
CA GLY A 255 16.53 -41.83 7.67
C GLY A 255 15.05 -41.98 7.95
N CYS A 256 14.19 -41.44 7.10
CA CYS A 256 12.74 -41.62 7.28
C CYS A 256 12.02 -41.42 5.96
N LEU A 257 11.43 -42.50 5.46
CA LEU A 257 10.74 -42.48 4.17
C LEU A 257 9.47 -43.30 4.18
N GLY A 258 8.40 -42.84 3.54
CA GLY A 258 7.23 -43.71 3.47
C GLY A 258 7.70 -44.95 2.72
N ASP A 259 7.11 -46.11 3.00
CA ASP A 259 7.54 -47.33 2.33
C ASP A 259 7.71 -47.22 0.82
N GLN A 260 6.76 -46.60 0.15
CA GLN A 260 6.83 -46.52 -1.29
C GLN A 260 7.92 -45.57 -1.78
N SER A 261 8.11 -44.46 -1.07
CA SER A 261 9.15 -43.52 -1.40
C SER A 261 10.49 -44.20 -1.20
N ALA A 262 10.59 -44.99 -0.12
CA ALA A 262 11.82 -45.69 0.19
C ALA A 262 12.16 -46.66 -0.90
N ALA A 263 11.19 -47.38 -1.42
CA ALA A 263 11.50 -48.29 -2.49
C ALA A 263 12.03 -47.53 -3.72
N LEU A 264 11.46 -46.33 -4.01
CA LEU A 264 11.90 -45.52 -5.17
C LEU A 264 13.37 -45.14 -4.98
N VAL A 265 13.73 -44.85 -3.73
CA VAL A 265 15.10 -44.56 -3.37
C VAL A 265 15.96 -45.83 -3.48
N GLY A 266 15.49 -46.96 -2.96
CA GLY A 266 16.26 -48.20 -2.99
C GLY A 266 16.66 -48.59 -4.42
N GLN A 267 15.77 -48.32 -5.37
CA GLN A 267 16.01 -48.61 -6.79
C GLN A 267 16.69 -47.48 -7.56
N MET A 268 17.14 -46.44 -6.87
CA MET A 268 17.84 -45.32 -7.49
C MET A 268 17.06 -44.67 -8.60
N CYS A 269 15.75 -44.56 -8.45
CA CYS A 269 14.95 -43.95 -9.48
C CYS A 269 14.95 -42.44 -9.29
N PHE A 270 16.12 -41.86 -9.56
CA PHE A 270 16.36 -40.44 -9.34
C PHE A 270 16.28 -39.57 -10.59
N GLN A 271 16.01 -40.13 -11.76
CA GLN A 271 15.91 -39.31 -12.96
C GLN A 271 14.49 -39.23 -13.49
N ASP A 272 14.19 -38.11 -14.15
CA ASP A 272 12.87 -37.91 -14.73
C ASP A 272 12.51 -39.07 -15.64
N GLY A 273 11.30 -39.57 -15.49
CA GLY A 273 10.79 -40.67 -16.32
C GLY A 273 11.06 -42.07 -15.75
N GLN A 274 11.87 -42.19 -14.70
CA GLN A 274 12.10 -43.53 -14.16
C GLN A 274 10.90 -43.94 -13.35
N ALA A 275 10.54 -45.21 -13.43
CA ALA A 275 9.40 -45.66 -12.66
C ALA A 275 9.57 -47.09 -12.22
N LYS A 276 8.87 -47.39 -11.15
CA LYS A 276 8.90 -48.71 -10.58
C LYS A 276 7.59 -49.14 -9.96
N ASN A 277 7.42 -50.45 -9.85
CA ASN A 277 6.25 -51.07 -9.27
C ASN A 277 6.58 -52.06 -8.15
N THR A 278 6.15 -51.71 -6.94
CA THR A 278 6.36 -52.55 -5.76
C THR A 278 5.18 -53.50 -5.60
N TYR A 279 5.46 -54.80 -5.46
CA TYR A 279 4.42 -55.81 -5.31
C TYR A 279 4.45 -56.45 -3.91
N GLY A 280 3.63 -55.89 -3.02
CA GLY A 280 3.54 -56.29 -1.61
C GLY A 280 2.08 -56.54 -1.35
N THR A 281 1.56 -56.05 -0.21
CA THR A 281 0.14 -56.24 0.11
C THR A 281 -0.68 -55.73 -1.06
N GLY A 282 -0.29 -54.55 -1.55
CA GLY A 282 -0.87 -53.85 -2.69
C GLY A 282 0.21 -53.60 -3.72
N CYS A 283 -0.12 -52.80 -4.72
CA CYS A 283 0.86 -52.46 -5.74
C CYS A 283 0.97 -50.98 -5.91
N PHE A 284 2.19 -50.54 -5.94
CA PHE A 284 2.39 -49.12 -6.03
C PHE A 284 3.34 -48.74 -7.11
N LEU A 285 2.86 -47.92 -8.03
CA LEU A 285 3.67 -47.42 -9.12
C LEU A 285 4.16 -46.03 -8.75
N LEU A 286 5.45 -45.84 -8.82
CA LEU A 286 5.98 -44.54 -8.52
C LEU A 286 6.79 -44.04 -9.68
N CYS A 287 6.79 -42.73 -9.89
CA CYS A 287 7.63 -42.17 -10.93
C CYS A 287 8.21 -40.84 -10.52
N ASN A 288 9.54 -40.75 -10.73
CA ASN A 288 10.46 -39.63 -10.38
C ASN A 288 9.88 -38.21 -10.28
N THR A 289 8.91 -38.00 -11.15
CA THR A 289 8.77 -36.79 -11.91
C THR A 289 7.72 -36.03 -11.08
N GLY A 290 7.11 -36.75 -10.12
CA GLY A 290 6.08 -36.22 -9.25
C GLY A 290 4.71 -36.86 -9.48
N HIS A 291 4.70 -38.06 -10.07
CA HIS A 291 3.42 -38.72 -10.33
C HIS A 291 3.15 -39.76 -9.26
N LYS A 292 1.86 -39.94 -8.96
CA LYS A 292 1.44 -40.87 -7.96
C LYS A 292 0.21 -41.68 -8.34
N CYS A 293 0.29 -42.88 -7.84
CA CYS A 293 -0.48 -43.95 -8.42
C CYS A 293 -0.59 -45.10 -7.43
N SER A 294 -1.77 -45.63 -7.14
CA SER A 294 -1.75 -46.76 -6.20
C SER A 294 -2.93 -47.66 -6.22
N VAL A 295 -2.68 -48.96 -5.97
CA VAL A 295 -3.77 -49.90 -5.84
C VAL A 295 -3.72 -50.67 -4.54
N ALA A 296 -4.88 -50.83 -3.94
CA ALA A 296 -5.00 -51.48 -2.66
C ALA A 296 -4.50 -52.91 -2.57
N ILE A 297 -5.06 -53.84 -3.32
CA ILE A 297 -4.65 -55.23 -3.10
C ILE A 297 -4.11 -56.03 -4.26
N ALA A 298 -2.91 -56.55 -4.01
CA ALA A 298 -2.20 -57.42 -4.92
C ALA A 298 -1.70 -58.70 -4.23
N GLY A 299 -0.72 -58.58 -3.32
CA GLY A 299 -0.19 -59.71 -2.59
C GLY A 299 -1.24 -60.29 -1.67
N ALA A 300 -2.14 -59.44 -1.20
CA ALA A 300 -3.17 -59.92 -0.31
C ALA A 300 -4.25 -60.67 -1.08
N VAL A 301 -4.17 -60.72 -2.42
CA VAL A 301 -5.11 -61.51 -3.18
C VAL A 301 -4.71 -62.94 -2.93
N VAL A 302 -3.40 -63.18 -3.02
CA VAL A 302 -2.83 -64.50 -2.86
C VAL A 302 -3.09 -64.91 -1.43
N ARG A 303 -2.85 -63.98 -0.49
CA ARG A 303 -3.09 -64.24 0.92
C ARG A 303 -4.53 -64.67 1.11
N TRP A 304 -5.48 -63.96 0.50
CA TRP A 304 -6.89 -64.31 0.63
C TRP A 304 -7.14 -65.75 0.14
N LEU A 305 -6.59 -66.12 -1.02
CA LEU A 305 -6.77 -67.47 -1.55
C LEU A 305 -6.20 -68.54 -0.58
N ARG A 306 -5.14 -68.17 0.17
CA ARG A 306 -4.51 -69.07 1.12
C ARG A 306 -5.17 -69.13 2.52
N ASP A 307 -5.32 -67.98 3.17
CA ASP A 307 -5.82 -67.93 4.54
C ASP A 307 -7.32 -67.89 4.69
N ASN A 308 -8.05 -67.30 3.75
CA ASN A 308 -9.48 -67.18 3.94
C ASN A 308 -10.29 -68.17 3.09
N LEU A 309 -9.92 -68.32 1.81
CA LEU A 309 -10.66 -69.21 0.92
C LEU A 309 -10.21 -70.68 1.13
N GLY A 310 -8.92 -70.88 1.28
CA GLY A 310 -8.36 -72.21 1.49
C GLY A 310 -7.99 -73.01 0.24
N ILE A 311 -7.82 -72.36 -0.93
CA ILE A 311 -7.47 -73.16 -2.11
C ILE A 311 -5.94 -73.35 -2.19
N ILE A 312 -5.20 -72.41 -1.59
CA ILE A 312 -3.74 -72.40 -1.51
C ILE A 312 -3.24 -72.70 -0.10
N LYS A 313 -2.20 -73.52 0.02
CA LYS A 313 -1.62 -73.79 1.33
C LYS A 313 -0.35 -72.97 1.53
N THR A 314 0.41 -72.73 0.45
CA THR A 314 1.66 -71.97 0.55
C THR A 314 1.62 -70.83 -0.47
N SER A 315 2.09 -69.64 -0.16
CA SER A 315 1.98 -68.58 -1.17
C SER A 315 2.71 -68.89 -2.49
N GLU A 316 3.80 -69.67 -2.46
CA GLU A 316 4.51 -70.02 -3.70
C GLU A 316 3.64 -70.87 -4.62
N GLU A 317 2.67 -71.53 -4.03
CA GLU A 317 1.75 -72.42 -4.68
C GLU A 317 0.99 -71.69 -5.75
N ILE A 318 0.71 -70.39 -5.55
CA ILE A 318 -0.07 -69.74 -6.58
C ILE A 318 0.64 -69.80 -7.93
N GLU A 319 1.98 -69.80 -7.94
CA GLU A 319 2.70 -69.86 -9.19
C GLU A 319 2.59 -71.26 -9.73
N LYS A 320 2.76 -72.25 -8.83
CA LYS A 320 2.71 -73.65 -9.23
C LYS A 320 1.36 -73.98 -9.86
N LEU A 321 0.29 -73.39 -9.33
CA LEU A 321 -1.04 -73.62 -9.85
C LEU A 321 -1.24 -72.87 -11.17
N ALA A 322 -0.81 -71.61 -11.23
CA ALA A 322 -0.94 -70.83 -12.46
C ALA A 322 -0.20 -71.54 -13.61
N LYS A 323 0.91 -72.18 -13.29
CA LYS A 323 1.73 -72.92 -14.24
C LYS A 323 0.98 -74.07 -14.94
N GLU A 324 -0.08 -74.60 -14.32
CA GLU A 324 -0.82 -75.74 -14.87
C GLU A 324 -1.83 -75.37 -15.93
N VAL A 325 -2.06 -74.08 -16.17
CA VAL A 325 -3.06 -73.70 -17.14
C VAL A 325 -2.45 -72.82 -18.23
N GLY A 326 -2.93 -72.94 -19.48
CA GLY A 326 -2.34 -72.11 -20.54
C GLY A 326 -2.88 -70.69 -20.51
N THR A 327 -4.02 -70.54 -19.88
CA THR A 327 -4.71 -69.28 -19.77
C THR A 327 -5.74 -69.30 -18.64
N SER A 328 -6.52 -68.24 -18.56
CA SER A 328 -7.55 -68.11 -17.52
C SER A 328 -8.86 -68.78 -17.94
N TYR A 329 -8.93 -69.12 -19.22
CA TYR A 329 -10.08 -69.75 -19.87
C TYR A 329 -11.37 -68.98 -19.61
N GLY A 330 -11.26 -67.65 -19.66
CA GLY A 330 -12.39 -66.75 -19.46
C GLY A 330 -12.60 -66.24 -18.03
N CYS A 331 -11.92 -66.85 -17.04
CA CYS A 331 -12.12 -66.41 -15.67
C CYS A 331 -11.27 -65.19 -15.31
N TYR A 332 -11.86 -64.24 -14.62
CA TYR A 332 -11.10 -63.09 -14.19
C TYR A 332 -11.54 -62.53 -12.86
N PHE A 333 -10.55 -62.10 -12.06
CA PHE A 333 -10.85 -61.60 -10.74
C PHE A 333 -10.44 -60.16 -10.49
N VAL A 334 -11.39 -59.38 -10.01
CA VAL A 334 -11.11 -58.01 -9.62
C VAL A 334 -11.07 -57.95 -8.09
N PRO A 335 -9.90 -57.87 -7.44
CA PRO A 335 -9.72 -57.92 -6.00
C PRO A 335 -10.02 -56.60 -5.35
N ALA A 336 -11.25 -56.15 -5.43
CA ALA A 336 -11.59 -54.85 -4.86
C ALA A 336 -12.14 -55.10 -3.48
N PHE A 337 -11.29 -55.72 -2.68
CA PHE A 337 -11.60 -56.19 -1.33
C PHE A 337 -11.71 -55.02 -0.32
N SER A 338 -11.27 -53.85 -0.76
CA SER A 338 -11.30 -52.60 -0.03
C SER A 338 -11.75 -51.48 -0.98
N GLY A 339 -12.51 -51.85 -2.01
CA GLY A 339 -12.96 -50.87 -2.99
C GLY A 339 -11.91 -50.64 -4.06
N LEU A 340 -12.22 -49.75 -5.00
CA LEU A 340 -11.26 -49.49 -6.06
C LEU A 340 -10.46 -48.23 -5.82
N TYR A 341 -9.25 -48.42 -6.19
CA TYR A 341 -8.08 -47.60 -6.30
C TYR A 341 -8.01 -46.74 -7.54
N ALA A 342 -6.94 -45.96 -7.66
CA ALA A 342 -6.74 -45.18 -8.86
C ALA A 342 -6.66 -46.17 -10.01
N PRO A 343 -7.15 -45.86 -11.20
CA PRO A 343 -7.81 -44.66 -11.70
C PRO A 343 -9.33 -44.59 -11.49
N TYR A 344 -9.86 -45.31 -10.50
CA TYR A 344 -11.29 -45.33 -10.27
C TYR A 344 -11.68 -44.58 -9.03
N TRP A 345 -11.00 -44.87 -7.92
CA TRP A 345 -11.30 -44.27 -6.63
C TRP A 345 -12.76 -44.48 -6.24
N GLU A 346 -13.20 -45.75 -6.17
CA GLU A 346 -14.57 -46.11 -5.86
C GLU A 346 -14.71 -47.07 -4.66
N PRO A 347 -14.87 -46.55 -3.43
CA PRO A 347 -14.98 -47.29 -2.18
C PRO A 347 -16.15 -48.27 -2.09
N SER A 348 -17.21 -48.10 -2.91
CA SER A 348 -18.37 -49.01 -2.88
C SER A 348 -18.13 -50.28 -3.67
N ALA A 349 -17.00 -50.36 -4.37
CA ALA A 349 -16.72 -51.53 -5.17
C ALA A 349 -16.36 -52.69 -4.25
N ARG A 350 -16.63 -53.89 -4.69
CA ARG A 350 -16.27 -55.08 -3.93
C ARG A 350 -15.66 -56.12 -4.83
N GLY A 351 -14.90 -57.04 -4.27
CA GLY A 351 -14.24 -58.00 -5.13
C GLY A 351 -15.23 -58.85 -5.88
N ILE A 352 -14.89 -59.12 -7.14
CA ILE A 352 -15.76 -59.97 -7.96
C ILE A 352 -14.98 -60.99 -8.80
N ILE A 353 -15.47 -62.22 -8.82
CA ILE A 353 -14.90 -63.25 -9.67
C ILE A 353 -15.86 -63.47 -10.81
N CYS A 354 -15.40 -63.27 -12.04
CA CYS A 354 -16.24 -63.39 -13.21
C CYS A 354 -15.85 -64.52 -14.15
N GLY A 355 -16.80 -65.00 -14.97
CA GLY A 355 -16.48 -65.97 -16.01
C GLY A 355 -16.35 -67.42 -15.55
N LEU A 356 -17.01 -67.78 -14.47
CA LEU A 356 -16.89 -69.16 -14.00
C LEU A 356 -17.72 -70.13 -14.83
N THR A 357 -17.14 -71.30 -15.09
CA THR A 357 -17.82 -72.39 -15.78
C THR A 357 -17.67 -73.68 -15.00
N GLN A 358 -18.35 -74.70 -15.48
CA GLN A 358 -18.29 -76.05 -14.91
C GLN A 358 -16.89 -76.68 -14.98
N PHE A 359 -15.99 -76.09 -15.77
CA PHE A 359 -14.63 -76.58 -15.93
C PHE A 359 -13.61 -75.67 -15.24
N THR A 360 -14.07 -74.61 -14.58
CA THR A 360 -13.14 -73.70 -13.95
C THR A 360 -12.64 -74.33 -12.67
N ASN A 361 -11.35 -74.34 -12.45
CA ASN A 361 -10.81 -74.91 -11.22
C ASN A 361 -9.84 -73.97 -10.52
N LYS A 362 -9.28 -74.44 -9.41
CA LYS A 362 -8.36 -73.66 -8.60
C LYS A 362 -7.16 -73.10 -9.33
N CYS A 363 -6.77 -73.71 -10.44
CA CYS A 363 -5.60 -73.22 -11.15
C CYS A 363 -5.97 -72.06 -12.05
N HIS A 364 -7.25 -71.95 -12.40
CA HIS A 364 -7.71 -70.88 -13.25
C HIS A 364 -7.90 -69.70 -12.33
N ILE A 365 -8.34 -69.97 -11.09
CA ILE A 365 -8.55 -68.93 -10.09
C ILE A 365 -7.18 -68.36 -9.72
N ALA A 366 -6.19 -69.24 -9.47
CA ALA A 366 -4.84 -68.81 -9.14
C ALA A 366 -4.24 -67.97 -10.28
N PHE A 367 -4.44 -68.40 -11.52
CA PHE A 367 -3.92 -67.71 -12.67
C PHE A 367 -4.58 -66.33 -12.74
N ALA A 368 -5.92 -66.28 -12.61
CA ALA A 368 -6.69 -65.04 -12.69
C ALA A 368 -6.25 -64.07 -11.61
N ALA A 369 -5.95 -64.56 -10.40
CA ALA A 369 -5.48 -63.72 -9.33
C ALA A 369 -4.14 -63.04 -9.68
N LEU A 370 -3.21 -63.79 -10.29
CA LEU A 370 -1.94 -63.17 -10.68
C LEU A 370 -2.17 -62.16 -11.80
N GLU A 371 -3.06 -62.49 -12.72
CA GLU A 371 -3.38 -61.59 -13.81
C GLU A 371 -4.00 -60.30 -13.30
N ALA A 372 -4.83 -60.39 -12.26
CA ALA A 372 -5.45 -59.21 -11.68
C ALA A 372 -4.42 -58.22 -11.21
N VAL A 373 -3.34 -58.72 -10.65
CA VAL A 373 -2.28 -57.86 -10.19
C VAL A 373 -1.67 -57.10 -11.38
N CYS A 374 -1.40 -57.85 -12.46
CA CYS A 374 -0.83 -57.28 -13.67
C CYS A 374 -1.75 -56.26 -14.34
N PHE A 375 -3.04 -56.55 -14.35
CA PHE A 375 -4.08 -55.70 -14.90
C PHE A 375 -4.11 -54.36 -14.22
N GLN A 376 -4.14 -54.39 -12.88
CA GLN A 376 -4.19 -53.17 -12.09
C GLN A 376 -2.97 -52.31 -12.39
N THR A 377 -1.81 -52.95 -12.53
CA THR A 377 -0.59 -52.22 -12.89
C THR A 377 -0.75 -51.55 -14.23
N ARG A 378 -1.27 -52.26 -15.25
CA ARG A 378 -1.47 -51.62 -16.53
C ARG A 378 -2.42 -50.44 -16.46
N GLU A 379 -3.53 -50.54 -15.73
CA GLU A 379 -4.42 -49.38 -15.69
C GLU A 379 -3.69 -48.16 -15.18
N ILE A 380 -2.86 -48.38 -14.16
CA ILE A 380 -2.07 -47.30 -13.62
C ILE A 380 -1.02 -46.79 -14.60
N LEU A 381 -0.25 -47.68 -15.23
CA LEU A 381 0.76 -47.22 -16.19
C LEU A 381 0.18 -46.51 -17.37
N ASP A 382 -0.96 -46.96 -17.89
CA ASP A 382 -1.52 -46.27 -19.02
C ASP A 382 -1.89 -44.86 -18.58
N ALA A 383 -2.48 -44.72 -17.38
CA ALA A 383 -2.83 -43.40 -16.89
C ALA A 383 -1.58 -42.53 -16.69
N MET A 384 -0.50 -43.12 -16.15
CA MET A 384 0.72 -42.38 -15.95
C MET A 384 1.26 -41.88 -17.27
N ASN A 385 1.30 -42.76 -18.27
CA ASN A 385 1.86 -42.39 -19.55
C ASN A 385 1.07 -41.26 -20.17
N ARG A 386 -0.27 -41.31 -20.05
CA ARG A 386 -1.09 -40.24 -20.61
C ARG A 386 -0.82 -38.89 -19.94
N ASP A 387 -0.68 -38.89 -18.61
CA ASP A 387 -0.43 -37.65 -17.89
C ASP A 387 0.99 -37.12 -17.99
N CYS A 388 1.99 -38.00 -17.99
CA CYS A 388 3.37 -37.53 -18.02
C CYS A 388 3.91 -37.24 -19.40
N GLY A 389 3.39 -37.88 -20.46
CA GLY A 389 3.88 -37.62 -21.81
C GLY A 389 5.16 -38.40 -22.13
N ILE A 390 5.60 -39.20 -21.18
CA ILE A 390 6.81 -39.98 -21.30
C ILE A 390 6.42 -41.45 -21.31
N PRO A 391 6.65 -42.21 -22.38
CA PRO A 391 6.31 -43.61 -22.43
C PRO A 391 7.24 -44.30 -21.48
N LEU A 392 6.83 -45.38 -20.85
CA LEU A 392 7.78 -46.05 -19.98
C LEU A 392 8.48 -47.15 -20.76
N SER A 393 9.80 -47.00 -20.90
CA SER A 393 10.60 -47.93 -21.70
C SER A 393 10.87 -49.25 -21.01
N HIS A 394 10.86 -49.23 -19.68
CA HIS A 394 11.06 -50.42 -18.87
C HIS A 394 10.48 -50.13 -17.50
N LEU A 395 10.03 -51.17 -16.81
CA LEU A 395 9.50 -51.00 -15.48
C LEU A 395 10.40 -51.67 -14.47
N GLN A 396 10.82 -50.97 -13.43
CA GLN A 396 11.64 -51.63 -12.42
C GLN A 396 10.69 -52.21 -11.39
N VAL A 397 11.00 -53.37 -10.85
CA VAL A 397 10.11 -53.93 -9.84
C VAL A 397 10.80 -54.42 -8.58
N ASP A 398 10.02 -54.52 -7.52
CA ASP A 398 10.49 -55.08 -6.25
C ASP A 398 9.31 -55.59 -5.41
N GLY A 399 9.57 -56.05 -4.18
CA GLY A 399 8.51 -56.60 -3.36
C GLY A 399 8.46 -58.13 -3.45
N GLY A 400 7.81 -58.76 -2.47
CA GLY A 400 7.74 -60.23 -2.38
C GLY A 400 7.16 -60.96 -3.58
N MET A 401 6.22 -60.35 -4.29
CA MET A 401 5.64 -61.07 -5.43
C MET A 401 6.50 -61.04 -6.67
N THR A 402 7.66 -60.39 -6.63
CA THR A 402 8.52 -60.35 -7.79
C THR A 402 9.35 -61.62 -7.87
N ASN A 403 9.15 -62.53 -6.90
CA ASN A 403 9.81 -63.81 -6.93
C ASN A 403 8.95 -64.81 -7.70
N ASN A 404 7.79 -64.36 -8.20
CA ASN A 404 6.87 -65.17 -8.98
C ASN A 404 7.18 -64.90 -10.46
N LYS A 405 7.83 -65.85 -11.14
CA LYS A 405 8.27 -65.66 -12.51
C LYS A 405 7.08 -65.50 -13.43
N ILE A 406 6.01 -66.24 -13.14
CA ILE A 406 4.82 -66.13 -13.96
C ILE A 406 4.25 -64.74 -13.86
N LEU A 407 4.14 -64.20 -12.65
CA LEU A 407 3.59 -62.87 -12.51
C LEU A 407 4.43 -61.85 -13.28
N MET A 408 5.76 -61.93 -13.16
CA MET A 408 6.60 -60.95 -13.86
C MET A 408 6.51 -61.07 -15.37
N GLN A 409 6.44 -62.31 -15.90
CA GLN A 409 6.28 -62.44 -17.33
C GLN A 409 4.91 -61.92 -17.77
N LEU A 410 3.86 -62.21 -16.97
CA LEU A 410 2.52 -61.75 -17.30
C LEU A 410 2.51 -60.24 -17.35
N GLN A 411 3.23 -59.60 -16.40
CA GLN A 411 3.28 -58.16 -16.36
C GLN A 411 3.94 -57.62 -17.63
N ALA A 412 5.06 -58.23 -18.04
CA ALA A 412 5.75 -57.75 -19.24
C ALA A 412 4.82 -57.84 -20.44
N ASP A 413 4.06 -58.94 -20.52
CA ASP A 413 3.15 -59.23 -21.61
C ASP A 413 1.94 -58.31 -21.69
N ILE A 414 1.31 -57.99 -20.55
CA ILE A 414 0.13 -57.14 -20.60
C ILE A 414 0.54 -55.71 -20.97
N LEU A 415 1.74 -55.29 -20.54
CA LEU A 415 2.22 -53.94 -20.78
C LEU A 415 3.03 -53.71 -22.05
N TYR A 416 3.76 -54.71 -22.52
CA TYR A 416 4.75 -54.59 -23.59
C TYR A 416 5.87 -53.69 -23.14
N ILE A 417 6.18 -53.83 -21.86
CA ILE A 417 7.23 -53.09 -21.18
C ILE A 417 8.11 -54.10 -20.46
N PRO A 418 9.40 -54.23 -20.78
CA PRO A 418 10.28 -55.15 -20.10
C PRO A 418 10.26 -54.89 -18.61
N VAL A 419 10.25 -55.96 -17.82
CA VAL A 419 10.20 -55.89 -16.37
C VAL A 419 11.57 -56.21 -15.78
N VAL A 420 12.13 -55.26 -15.03
CA VAL A 420 13.48 -55.38 -14.49
C VAL A 420 13.53 -55.56 -12.97
N LYS A 421 14.14 -56.66 -12.54
CA LYS A 421 14.23 -57.01 -11.12
C LYS A 421 15.66 -56.89 -10.54
N PRO A 422 15.84 -56.33 -9.33
CA PRO A 422 17.09 -56.23 -8.57
C PRO A 422 17.46 -57.54 -7.90
N SER A 423 18.74 -57.71 -7.58
CA SER A 423 19.17 -58.87 -6.78
C SER A 423 18.69 -58.73 -5.34
N MET A 424 18.37 -57.50 -4.97
CA MET A 424 17.86 -57.09 -3.67
C MET A 424 16.36 -56.75 -3.72
N PRO A 425 15.41 -57.71 -3.56
CA PRO A 425 13.96 -57.50 -3.63
C PRO A 425 13.44 -56.59 -2.49
N GLU A 426 14.24 -56.42 -1.43
CA GLU A 426 13.79 -55.65 -0.27
C GLU A 426 14.42 -54.26 -0.32
N THR A 427 13.92 -53.55 -1.32
CA THR A 427 14.35 -52.22 -1.70
C THR A 427 13.86 -51.16 -0.75
N THR A 428 12.72 -51.40 -0.11
CA THR A 428 12.17 -50.44 0.84
C THR A 428 13.17 -50.22 1.97
N ALA A 429 13.67 -51.32 2.53
CA ALA A 429 14.66 -51.26 3.58
C ALA A 429 15.96 -50.64 3.09
N LEU A 430 16.39 -50.98 1.86
CA LEU A 430 17.62 -50.36 1.36
C LEU A 430 17.45 -48.87 1.22
N GLY A 431 16.29 -48.43 0.73
CA GLY A 431 15.99 -47.03 0.56
C GLY A 431 16.15 -46.29 1.87
N ALA A 432 15.52 -46.81 2.93
CA ALA A 432 15.62 -46.17 4.23
C ALA A 432 17.08 -46.13 4.69
N ALA A 433 17.84 -47.22 4.48
CA ALA A 433 19.25 -47.24 4.86
C ALA A 433 20.04 -46.19 4.08
N MET A 434 19.75 -46.03 2.79
CA MET A 434 20.47 -45.05 1.98
C MET A 434 20.20 -43.65 2.50
N ALA A 435 18.93 -43.36 2.84
CA ALA A 435 18.59 -42.05 3.36
C ALA A 435 19.32 -41.77 4.67
N ALA A 436 19.39 -42.78 5.55
CA ALA A 436 20.06 -42.63 6.85
C ALA A 436 21.56 -42.44 6.67
N GLY A 437 22.13 -43.20 5.76
CA GLY A 437 23.54 -43.15 5.46
C GLY A 437 23.91 -41.77 4.96
N ALA A 438 23.11 -41.26 4.01
CA ALA A 438 23.28 -39.95 3.40
C ALA A 438 23.10 -38.80 4.39
N ALA A 439 22.16 -38.94 5.34
CA ALA A 439 21.87 -37.90 6.34
C ALA A 439 23.13 -37.59 7.10
N GLU A 440 23.87 -38.65 7.34
CA GLU A 440 25.16 -38.69 8.01
C GLU A 440 26.26 -38.77 6.96
N GLY A 441 25.97 -38.29 5.75
CA GLY A 441 26.86 -38.39 4.60
C GLY A 441 28.30 -38.08 4.96
N VAL A 442 28.54 -36.97 5.62
CA VAL A 442 29.92 -36.68 5.92
C VAL A 442 30.38 -37.59 7.05
N GLY A 443 31.07 -38.66 6.62
CA GLY A 443 31.58 -39.72 7.47
C GLY A 443 30.85 -41.08 7.36
N VAL A 444 29.75 -41.14 6.61
CA VAL A 444 29.00 -42.41 6.49
C VAL A 444 28.74 -42.90 5.05
N TRP A 445 28.38 -42.00 4.14
CA TRP A 445 27.90 -42.50 2.86
C TRP A 445 28.27 -41.56 1.71
N SER A 446 28.95 -42.10 0.72
CA SER A 446 29.39 -41.32 -0.43
C SER A 446 29.08 -42.04 -1.71
N LEU A 447 28.37 -43.15 -1.59
CA LEU A 447 28.06 -43.91 -2.78
C LEU A 447 27.24 -43.05 -3.68
N LYS A 448 27.68 -42.94 -4.92
CA LYS A 448 26.93 -42.12 -5.82
C LYS A 448 25.82 -43.00 -6.18
N PRO A 449 24.68 -42.48 -6.63
CA PRO A 449 23.64 -43.28 -7.18
C PRO A 449 24.24 -44.24 -8.23
N GLU A 450 25.29 -43.75 -8.93
CA GLU A 450 26.01 -44.53 -9.91
C GLU A 450 26.60 -45.81 -9.34
N ASP A 451 27.03 -45.80 -8.08
CA ASP A 451 27.65 -46.99 -7.48
C ASP A 451 26.54 -47.91 -6.97
N LEU A 452 25.48 -47.29 -6.48
CA LEU A 452 24.33 -48.03 -5.96
C LEU A 452 23.60 -48.79 -7.07
N SER A 453 23.66 -48.24 -8.29
CA SER A 453 23.01 -48.80 -9.48
C SER A 453 23.51 -50.20 -9.84
N ALA A 454 24.63 -50.63 -9.25
CA ALA A 454 25.22 -51.93 -9.50
C ALA A 454 24.33 -53.15 -9.18
N VAL A 455 23.28 -52.97 -8.38
CA VAL A 455 22.41 -54.06 -7.92
C VAL A 455 21.43 -54.81 -8.90
N THR A 456 21.24 -54.36 -10.14
CA THR A 456 20.27 -55.01 -11.08
C THR A 456 20.56 -56.48 -11.43
N MET A 457 19.52 -57.36 -11.36
CA MET A 457 19.70 -58.79 -11.65
C MET A 457 19.08 -59.41 -12.92
N GLU A 458 17.79 -59.17 -13.22
CA GLU A 458 17.20 -59.89 -14.37
C GLU A 458 16.09 -59.12 -15.07
N ARG A 459 15.80 -59.51 -16.32
CA ARG A 459 14.75 -58.87 -17.09
C ARG A 459 13.81 -59.82 -17.82
N PHE A 460 12.51 -59.49 -17.77
CA PHE A 460 11.45 -60.25 -18.45
C PHE A 460 10.92 -59.47 -19.65
N GLU A 461 11.12 -60.00 -20.84
CA GLU A 461 10.67 -59.29 -22.05
C GLU A 461 9.36 -59.92 -22.51
N PRO A 462 8.39 -59.13 -23.04
CA PRO A 462 7.08 -59.56 -23.50
C PRO A 462 7.13 -60.54 -24.66
N GLN A 463 6.21 -61.52 -24.64
CA GLN A 463 6.11 -62.52 -25.70
C GLN A 463 4.72 -62.59 -26.37
N ILE A 464 3.69 -62.11 -25.66
CA ILE A 464 2.27 -62.18 -26.05
C ILE A 464 1.93 -61.34 -27.31
N ASN A 465 1.02 -61.85 -28.14
CA ASN A 465 0.56 -61.13 -29.33
C ASN A 465 -0.26 -59.92 -28.90
N ALA A 466 -0.21 -58.83 -29.66
CA ALA A 466 -1.01 -57.66 -29.33
C ALA A 466 -2.50 -57.96 -29.28
N LYS A 467 -2.98 -58.86 -30.16
CA LYS A 467 -4.39 -59.18 -30.16
C LYS A 467 -4.78 -59.83 -28.84
N GLU A 468 -3.97 -60.79 -28.42
CA GLU A 468 -4.22 -61.55 -27.21
C GLU A 468 -4.22 -60.63 -25.99
N SER A 469 -3.27 -59.70 -25.95
CA SER A 469 -3.15 -58.75 -24.86
C SER A 469 -4.35 -57.83 -24.76
N GLU A 470 -4.78 -57.25 -25.90
CA GLU A 470 -5.90 -56.33 -25.89
C GLU A 470 -7.23 -57.00 -25.56
N ILE A 471 -7.45 -58.22 -26.03
CA ILE A 471 -8.72 -58.89 -25.73
C ILE A 471 -8.79 -59.16 -24.24
N ARG A 472 -7.69 -59.70 -23.71
CA ARG A 472 -7.62 -60.03 -22.32
C ARG A 472 -7.79 -58.76 -21.45
N TYR A 473 -7.12 -57.66 -21.81
CA TYR A 473 -7.23 -56.42 -21.07
C TYR A 473 -8.67 -55.87 -21.10
N SER A 474 -9.29 -55.86 -22.28
CA SER A 474 -10.66 -55.37 -22.45
C SER A 474 -11.64 -56.15 -21.58
N THR A 475 -11.50 -57.48 -21.57
CA THR A 475 -12.35 -58.35 -20.79
C THR A 475 -12.25 -57.98 -19.31
N TRP A 476 -11.02 -57.77 -18.87
CA TRP A 476 -10.76 -57.40 -17.49
C TRP A 476 -11.38 -56.05 -17.16
N LYS A 477 -11.31 -55.06 -18.06
CA LYS A 477 -11.95 -53.78 -17.81
C LYS A 477 -13.45 -53.95 -17.60
N LYS A 478 -14.09 -54.84 -18.38
CA LYS A 478 -15.52 -55.07 -18.18
C LYS A 478 -15.78 -55.64 -16.80
N ALA A 479 -14.94 -56.58 -16.35
CA ALA A 479 -15.10 -57.14 -15.01
C ALA A 479 -15.00 -56.06 -13.94
N VAL A 480 -14.08 -55.10 -14.15
CA VAL A 480 -13.95 -54.03 -13.17
C VAL A 480 -15.21 -53.23 -13.13
N LYS A 481 -15.77 -52.87 -14.28
CA LYS A 481 -17.00 -52.09 -14.23
C LYS A 481 -18.08 -52.85 -13.46
N LYS A 482 -18.16 -54.17 -13.64
CA LYS A 482 -19.13 -54.98 -12.91
C LYS A 482 -18.91 -54.93 -11.38
N SER A 483 -17.65 -54.80 -10.94
CA SER A 483 -17.31 -54.74 -9.51
C SER A 483 -17.75 -53.43 -8.83
N MET A 484 -18.04 -52.39 -9.64
CA MET A 484 -18.34 -51.06 -9.13
C MET A 484 -19.80 -50.90 -8.76
N GLY A 485 -20.09 -50.08 -7.75
CA GLY A 485 -21.46 -49.79 -7.37
C GLY A 485 -22.11 -50.91 -6.55
N TRP A 486 -21.31 -51.85 -6.08
CA TRP A 486 -21.87 -52.97 -5.33
C TRP A 486 -22.62 -52.58 -4.06
N VAL A 487 -21.99 -51.79 -3.19
CA VAL A 487 -22.64 -51.48 -1.92
C VAL A 487 -23.82 -50.52 -2.06
N MET B 1 -60.42 -106.79 -0.02
CA MET B 1 -61.66 -107.34 0.54
C MET B 1 -61.37 -108.60 1.35
N ALA B 2 -61.32 -109.74 0.66
CA ALA B 2 -61.07 -111.02 1.32
C ALA B 2 -59.72 -111.04 2.02
N ALA B 3 -59.68 -111.69 3.19
CA ALA B 3 -58.46 -111.86 3.97
C ALA B 3 -57.38 -112.61 3.19
N SER B 4 -57.80 -113.52 2.32
CA SER B 4 -56.87 -114.29 1.51
C SER B 4 -56.16 -113.38 0.54
N LYS B 5 -56.93 -112.71 -0.30
CA LYS B 5 -56.39 -111.79 -1.29
C LYS B 5 -55.58 -110.65 -0.64
N LYS B 6 -56.01 -110.20 0.54
CA LYS B 6 -55.33 -109.15 1.29
C LYS B 6 -53.86 -109.47 1.55
N ALA B 7 -53.55 -110.76 1.74
CA ALA B 7 -52.21 -111.23 2.07
C ALA B 7 -51.32 -111.40 0.83
N VAL B 8 -51.85 -111.13 -0.35
CA VAL B 8 -51.11 -111.26 -1.58
C VAL B 8 -50.31 -110.00 -1.89
N LEU B 9 -49.02 -110.20 -2.20
CA LEU B 9 -48.09 -109.13 -2.53
C LEU B 9 -47.71 -109.20 -4.01
N GLY B 10 -47.30 -108.05 -4.61
CA GLY B 10 -46.83 -108.04 -6.00
C GLY B 10 -45.84 -109.19 -6.28
N PRO B 11 -44.75 -109.31 -5.49
CA PRO B 11 -44.23 -108.37 -4.50
C PRO B 11 -43.33 -107.22 -4.91
N LEU B 12 -42.61 -107.27 -6.05
CA LEU B 12 -41.60 -106.21 -6.22
C LEU B 12 -41.59 -105.43 -7.53
N VAL B 13 -41.22 -104.16 -7.40
CA VAL B 13 -41.03 -103.30 -8.56
C VAL B 13 -39.68 -102.57 -8.47
N GLY B 14 -38.91 -102.60 -9.56
CA GLY B 14 -37.63 -101.93 -9.56
C GLY B 14 -37.68 -100.60 -10.30
N ALA B 15 -36.61 -99.83 -10.19
CA ALA B 15 -36.49 -98.58 -10.91
C ALA B 15 -35.05 -98.22 -11.23
N VAL B 16 -34.81 -97.86 -12.48
CA VAL B 16 -33.49 -97.42 -12.95
C VAL B 16 -33.50 -95.90 -12.97
N ASP B 17 -32.55 -95.29 -12.28
CA ASP B 17 -32.47 -93.84 -12.21
C ASP B 17 -31.10 -93.36 -12.74
N GLN B 18 -31.04 -92.87 -13.98
CA GLN B 18 -29.72 -92.46 -14.51
C GLN B 18 -29.64 -90.97 -14.59
N GLY B 19 -28.93 -90.37 -13.64
CA GLY B 19 -28.84 -88.94 -13.56
C GLY B 19 -27.60 -88.49 -14.30
N THR B 20 -27.17 -87.27 -14.04
CA THR B 20 -26.02 -86.73 -14.71
C THR B 20 -24.72 -87.16 -14.01
N SER B 21 -24.68 -87.05 -12.68
CA SER B 21 -23.45 -87.38 -11.98
C SER B 21 -23.30 -88.87 -11.66
N SER B 22 -24.43 -89.58 -11.59
CA SER B 22 -24.43 -90.99 -11.21
C SER B 22 -25.70 -91.71 -11.61
N THR B 23 -25.64 -93.03 -11.53
CA THR B 23 -26.73 -93.95 -11.75
C THR B 23 -27.09 -94.77 -10.53
N ARG B 24 -28.39 -94.98 -10.35
CA ARG B 24 -28.88 -95.81 -9.26
C ARG B 24 -29.91 -96.85 -9.70
N PHE B 25 -29.96 -97.96 -8.97
CA PHE B 25 -31.06 -98.91 -9.20
C PHE B 25 -31.65 -99.28 -7.86
N LEU B 26 -32.94 -99.08 -7.75
CA LEU B 26 -33.69 -99.33 -6.54
C LEU B 26 -34.78 -100.38 -6.72
N VAL B 27 -34.99 -101.24 -5.70
CA VAL B 27 -36.12 -102.17 -5.68
C VAL B 27 -36.99 -101.96 -4.45
N PHE B 28 -38.30 -101.78 -4.70
CA PHE B 28 -39.28 -101.46 -3.68
C PHE B 28 -40.36 -102.53 -3.43
N ASN B 29 -40.85 -102.54 -2.18
CA ASN B 29 -41.94 -103.37 -1.65
C ASN B 29 -43.31 -102.83 -2.03
N SER B 30 -44.06 -103.61 -2.81
CA SER B 30 -45.37 -103.20 -3.36
C SER B 30 -46.46 -102.83 -2.35
N LYS B 31 -46.34 -103.20 -1.07
CA LYS B 31 -47.40 -102.83 -0.12
C LYS B 31 -47.21 -101.48 0.56
N THR B 32 -45.95 -101.07 0.69
CA THR B 32 -45.58 -99.89 1.45
C THR B 32 -44.72 -98.89 0.68
N ALA B 33 -44.20 -99.29 -0.49
CA ALA B 33 -43.25 -98.55 -1.30
C ALA B 33 -41.91 -98.40 -0.59
N GLU B 34 -41.66 -99.25 0.41
CA GLU B 34 -40.40 -99.28 1.14
C GLU B 34 -39.27 -99.74 0.24
N LEU B 35 -38.12 -99.09 0.35
CA LEU B 35 -36.99 -99.52 -0.42
C LEU B 35 -36.33 -100.71 0.25
N LEU B 36 -36.14 -101.80 -0.49
CA LEU B 36 -35.55 -103.00 0.11
C LEU B 36 -34.07 -103.03 -0.17
N SER B 37 -33.69 -102.66 -1.37
CA SER B 37 -32.27 -102.64 -1.69
C SER B 37 -31.96 -101.66 -2.80
N HIS B 38 -30.70 -101.21 -2.84
CA HIS B 38 -30.22 -100.33 -3.89
C HIS B 38 -28.70 -100.29 -4.02
N HIS B 39 -28.26 -99.69 -5.13
CA HIS B 39 -26.84 -99.44 -5.41
C HIS B 39 -26.65 -98.22 -6.31
N GLN B 40 -25.54 -97.50 -6.06
CA GLN B 40 -25.18 -96.29 -6.80
C GLN B 40 -23.77 -96.34 -7.40
N VAL B 41 -23.67 -95.95 -8.66
CA VAL B 41 -22.42 -95.89 -9.41
C VAL B 41 -22.18 -94.51 -10.02
N GLU B 42 -21.00 -93.92 -9.78
CA GLU B 42 -20.68 -92.60 -10.32
C GLU B 42 -20.24 -92.68 -11.79
N ILE B 43 -20.54 -91.63 -12.56
CA ILE B 43 -20.16 -91.54 -13.98
C ILE B 43 -19.25 -90.34 -14.26
N GLU B 44 -18.10 -90.57 -14.90
CA GLU B 44 -17.24 -89.43 -15.21
C GLU B 44 -17.89 -88.42 -16.16
N GLN B 45 -17.78 -87.15 -15.82
CA GLN B 45 -18.26 -86.09 -16.71
C GLN B 45 -17.04 -85.43 -17.32
N LYS B 46 -17.09 -85.20 -18.62
CA LYS B 46 -15.98 -84.53 -19.30
C LYS B 46 -16.39 -83.16 -19.80
N PHE B 47 -15.40 -82.27 -19.91
CA PHE B 47 -15.67 -80.92 -20.40
C PHE B 47 -14.64 -80.53 -21.48
N PRO B 48 -14.72 -81.06 -22.72
CA PRO B 48 -13.75 -80.86 -23.81
C PRO B 48 -13.38 -79.41 -24.14
N LYS B 49 -14.35 -78.50 -24.03
CA LYS B 49 -14.16 -77.09 -24.34
C LYS B 49 -14.99 -76.27 -23.37
N GLU B 50 -14.68 -74.99 -23.22
CA GLU B 50 -15.46 -74.17 -22.31
C GLU B 50 -16.95 -74.25 -22.66
N GLY B 51 -17.76 -74.56 -21.65
CA GLY B 51 -19.21 -74.66 -21.77
C GLY B 51 -19.73 -76.02 -22.24
N TRP B 52 -18.84 -76.94 -22.64
CA TRP B 52 -19.28 -78.26 -23.12
C TRP B 52 -19.40 -79.25 -21.98
N VAL B 53 -20.36 -80.19 -22.06
CA VAL B 53 -20.48 -81.23 -21.06
C VAL B 53 -20.76 -82.59 -21.77
N GLU B 54 -19.93 -83.61 -21.51
CA GLU B 54 -20.11 -84.92 -22.15
C GLU B 54 -20.01 -86.13 -21.24
N GLN B 55 -20.70 -87.20 -21.63
CA GLN B 55 -20.62 -88.48 -20.91
C GLN B 55 -20.45 -89.65 -21.86
N ASP B 56 -19.79 -90.69 -21.41
CA ASP B 56 -19.60 -91.91 -22.20
C ASP B 56 -20.85 -92.81 -22.13
N PRO B 57 -21.62 -93.03 -23.22
CA PRO B 57 -22.83 -93.83 -23.27
C PRO B 57 -22.60 -95.27 -22.81
N LYS B 58 -21.35 -95.76 -22.89
CA LYS B 58 -21.05 -97.12 -22.47
C LYS B 58 -21.02 -97.10 -20.97
N GLU B 59 -20.28 -96.12 -20.41
CA GLU B 59 -20.17 -95.99 -18.96
C GLU B 59 -21.57 -95.83 -18.36
N ILE B 60 -22.44 -95.11 -19.06
CA ILE B 60 -23.80 -94.91 -18.59
C ILE B 60 -24.53 -96.28 -18.48
N LEU B 61 -24.51 -97.09 -19.54
CA LEU B 61 -25.16 -98.40 -19.45
C LEU B 61 -24.49 -99.34 -18.47
N GLN B 62 -23.16 -99.31 -18.42
CA GLN B 62 -22.41 -100.19 -17.54
C GLN B 62 -22.73 -99.88 -16.10
N SER B 63 -22.88 -98.59 -15.77
CA SER B 63 -23.24 -98.16 -14.43
C SER B 63 -24.61 -98.70 -14.07
N VAL B 64 -25.55 -98.69 -15.02
CA VAL B 64 -26.88 -99.26 -14.76
C VAL B 64 -26.79 -100.72 -14.49
N TYR B 65 -26.05 -101.45 -15.32
CA TYR B 65 -25.99 -102.87 -15.12
C TYR B 65 -25.36 -103.20 -13.77
N GLU B 66 -24.28 -102.48 -13.38
CA GLU B 66 -23.69 -102.72 -12.07
C GLU B 66 -24.71 -102.46 -10.97
N CYS B 67 -25.49 -101.38 -11.11
CA CYS B 67 -26.47 -101.04 -10.11
C CYS B 67 -27.51 -102.13 -10.01
N ILE B 68 -27.96 -102.66 -11.15
CA ILE B 68 -28.93 -103.72 -11.12
C ILE B 68 -28.37 -104.96 -10.48
N GLU B 69 -27.18 -105.41 -10.91
CA GLU B 69 -26.63 -106.63 -10.37
C GLU B 69 -26.34 -106.53 -8.88
N LYS B 70 -25.83 -105.41 -8.39
CA LYS B 70 -25.52 -105.30 -6.98
C LYS B 70 -26.81 -105.24 -6.15
N THR B 71 -27.82 -104.54 -6.68
CA THR B 71 -29.09 -104.46 -6.00
C THR B 71 -29.65 -105.87 -5.87
N CYS B 72 -29.55 -106.64 -6.97
CA CYS B 72 -30.04 -108.00 -7.02
C CYS B 72 -29.28 -108.88 -6.02
N GLU B 73 -27.96 -108.69 -5.87
CA GLU B 73 -27.22 -109.48 -4.88
C GLU B 73 -27.77 -109.20 -3.48
N LYS B 74 -28.03 -107.92 -3.18
CA LYS B 74 -28.59 -107.56 -1.88
C LYS B 74 -29.98 -108.18 -1.71
N LEU B 75 -30.77 -108.20 -2.79
CA LEU B 75 -32.08 -108.83 -2.68
C LEU B 75 -31.88 -110.30 -2.34
N GLY B 76 -30.88 -110.96 -2.93
CA GLY B 76 -30.58 -112.34 -2.62
C GLY B 76 -30.26 -112.52 -1.13
N GLN B 77 -29.54 -111.54 -0.54
CA GLN B 77 -29.21 -111.56 0.89
C GLN B 77 -30.49 -111.49 1.75
N LEU B 78 -31.51 -110.82 1.21
CA LEU B 78 -32.82 -110.64 1.82
C LEU B 78 -33.77 -111.79 1.44
N ASN B 79 -33.23 -112.84 0.79
CA ASN B 79 -33.92 -114.02 0.30
C ASN B 79 -34.97 -113.71 -0.76
N ILE B 80 -34.65 -112.75 -1.61
CA ILE B 80 -35.51 -112.39 -2.71
C ILE B 80 -34.91 -112.77 -4.04
N ASP B 81 -35.61 -113.63 -4.75
CA ASP B 81 -35.20 -114.03 -6.09
C ASP B 81 -35.68 -112.99 -7.06
N ILE B 82 -34.91 -112.70 -8.11
CA ILE B 82 -35.28 -111.72 -9.13
C ILE B 82 -36.58 -112.06 -9.86
N SER B 83 -37.00 -113.32 -9.80
CA SER B 83 -38.24 -113.73 -10.42
C SER B 83 -39.46 -113.13 -9.70
N ASN B 84 -39.24 -112.53 -8.53
CA ASN B 84 -40.29 -111.90 -7.75
C ASN B 84 -40.50 -110.43 -8.13
N ILE B 85 -39.73 -109.94 -9.10
CA ILE B 85 -39.86 -108.57 -9.55
C ILE B 85 -40.81 -108.59 -10.72
N LYS B 86 -41.94 -107.92 -10.56
CA LYS B 86 -43.00 -107.90 -11.54
C LYS B 86 -42.76 -106.86 -12.60
N ALA B 87 -42.12 -105.78 -12.23
CA ALA B 87 -41.92 -104.74 -13.23
C ALA B 87 -40.73 -103.86 -12.93
N ILE B 88 -40.19 -103.28 -13.99
CA ILE B 88 -39.11 -102.30 -13.95
C ILE B 88 -39.55 -100.97 -14.55
N GLY B 89 -39.31 -99.91 -13.81
CA GLY B 89 -39.56 -98.58 -14.32
C GLY B 89 -38.22 -97.95 -14.62
N VAL B 90 -38.18 -97.01 -15.54
CA VAL B 90 -36.93 -96.31 -15.72
C VAL B 90 -37.20 -94.82 -15.70
N SER B 91 -36.21 -94.05 -15.30
CA SER B 91 -36.27 -92.62 -15.38
C SER B 91 -34.88 -92.07 -15.53
N ASN B 92 -34.79 -91.02 -16.32
CA ASN B 92 -33.46 -90.54 -16.66
C ASN B 92 -33.29 -89.04 -16.82
N GLN B 93 -32.05 -88.59 -16.68
CA GLN B 93 -31.76 -87.19 -16.93
C GLN B 93 -32.36 -86.80 -18.27
N ARG B 94 -33.07 -85.69 -18.25
CA ARG B 94 -33.76 -85.10 -19.39
C ARG B 94 -32.82 -84.52 -20.42
N GLU B 95 -33.31 -84.35 -21.66
CA GLU B 95 -32.64 -83.59 -22.74
C GLU B 95 -31.36 -84.23 -23.35
N THR B 96 -30.48 -84.74 -22.52
CA THR B 96 -29.22 -85.38 -22.93
C THR B 96 -29.46 -86.37 -24.06
N THR B 97 -28.62 -86.30 -25.10
CA THR B 97 -28.81 -87.18 -26.24
C THR B 97 -27.64 -88.09 -26.58
N VAL B 98 -28.00 -89.30 -27.01
CA VAL B 98 -27.06 -90.33 -27.43
C VAL B 98 -27.37 -90.82 -28.85
N VAL B 99 -26.31 -91.02 -29.62
CA VAL B 99 -26.39 -91.54 -30.98
C VAL B 99 -25.62 -92.83 -31.10
N TRP B 100 -26.23 -93.85 -31.71
CA TRP B 100 -25.58 -95.15 -31.83
C TRP B 100 -25.88 -95.91 -33.13
N ASP B 101 -25.04 -96.91 -33.41
CA ASP B 101 -25.16 -97.79 -34.57
C ASP B 101 -26.15 -98.95 -34.33
N LYS B 102 -27.26 -98.93 -35.06
CA LYS B 102 -28.36 -99.90 -34.93
C LYS B 102 -27.92 -101.36 -34.97
N LEU B 103 -26.85 -101.64 -35.70
CA LEU B 103 -26.41 -103.01 -35.92
C LEU B 103 -25.47 -103.58 -34.86
N THR B 104 -24.77 -102.71 -34.13
CA THR B 104 -23.80 -103.21 -33.15
C THR B 104 -24.04 -102.65 -31.75
N GLY B 105 -24.77 -101.53 -31.67
CA GLY B 105 -25.02 -100.82 -30.44
C GLY B 105 -23.90 -99.89 -30.03
N GLU B 106 -22.85 -99.78 -30.84
CA GLU B 106 -21.75 -98.91 -30.47
C GLU B 106 -22.14 -97.45 -30.73
N PRO B 107 -21.93 -96.53 -29.77
CA PRO B 107 -22.16 -95.10 -29.93
C PRO B 107 -21.36 -94.48 -31.06
N LEU B 108 -21.99 -93.56 -31.78
CA LEU B 108 -21.35 -92.75 -32.82
C LEU B 108 -20.49 -91.67 -32.19
N TYR B 109 -20.92 -91.19 -31.02
CA TYR B 109 -20.27 -90.10 -30.32
C TYR B 109 -20.62 -90.19 -28.83
N ASN B 110 -20.09 -89.28 -28.02
CA ASN B 110 -20.36 -89.21 -26.60
C ASN B 110 -21.74 -88.62 -26.36
N ALA B 111 -22.32 -88.89 -25.20
CA ALA B 111 -23.59 -88.31 -24.88
C ALA B 111 -23.40 -86.82 -24.79
N VAL B 112 -24.33 -86.05 -25.34
CA VAL B 112 -24.21 -84.61 -25.22
C VAL B 112 -25.18 -84.21 -24.12
N VAL B 113 -24.61 -83.76 -23.01
CA VAL B 113 -25.33 -83.52 -21.76
C VAL B 113 -26.13 -82.24 -21.78
N TRP B 114 -27.31 -82.29 -21.19
CA TRP B 114 -28.26 -81.18 -21.10
C TRP B 114 -27.65 -79.81 -20.71
N LEU B 115 -26.55 -79.80 -19.95
CA LEU B 115 -25.89 -78.58 -19.50
C LEU B 115 -24.91 -77.97 -20.52
N ASP B 116 -24.68 -78.68 -21.62
CA ASP B 116 -23.76 -78.33 -22.72
C ASP B 116 -24.21 -77.13 -23.56
N LEU B 117 -23.30 -76.19 -23.82
CA LEU B 117 -23.55 -75.01 -24.63
C LEU B 117 -22.92 -75.01 -26.05
N ARG B 118 -22.46 -76.16 -26.55
CA ARG B 118 -21.76 -76.18 -27.86
C ARG B 118 -22.64 -75.75 -29.01
N THR B 119 -23.94 -75.84 -28.82
CA THR B 119 -24.88 -75.54 -29.84
C THR B 119 -25.39 -74.11 -29.80
N GLN B 120 -24.83 -73.23 -28.99
CA GLN B 120 -25.33 -71.86 -28.98
C GLN B 120 -25.34 -71.26 -30.38
N SER B 121 -24.36 -71.57 -31.24
CA SER B 121 -24.36 -71.03 -32.59
C SER B 121 -25.55 -71.57 -33.41
N THR B 122 -26.04 -72.78 -33.08
CA THR B 122 -27.16 -73.39 -33.77
C THR B 122 -28.39 -72.64 -33.38
N VAL B 123 -28.53 -72.41 -32.08
CA VAL B 123 -29.67 -71.72 -31.53
C VAL B 123 -29.74 -70.31 -32.08
N ALA B 124 -28.59 -69.63 -32.08
CA ALA B 124 -28.54 -68.30 -32.62
C ALA B 124 -28.95 -68.29 -34.09
N ASN B 125 -28.51 -69.28 -34.87
CA ASN B 125 -28.95 -69.34 -36.25
C ASN B 125 -30.44 -69.68 -36.34
N LEU B 126 -30.96 -70.54 -35.47
CA LEU B 126 -32.38 -70.87 -35.56
C LEU B 126 -33.24 -69.63 -35.36
N SER B 127 -32.83 -68.72 -34.47
CA SER B 127 -33.56 -67.49 -34.19
C SER B 127 -33.34 -66.38 -35.22
N LYS B 128 -32.40 -66.56 -36.15
CA LYS B 128 -32.04 -65.55 -37.14
C LYS B 128 -32.34 -65.99 -38.56
N ILE B 129 -31.91 -67.22 -38.92
CA ILE B 129 -32.08 -67.80 -40.26
C ILE B 129 -33.56 -67.90 -40.50
N ILE B 130 -34.27 -68.33 -39.47
CA ILE B 130 -35.70 -68.35 -39.47
C ILE B 130 -36.08 -67.34 -38.38
N PRO B 131 -36.48 -66.10 -38.72
CA PRO B 131 -36.67 -64.99 -37.79
C PRO B 131 -37.75 -65.26 -36.76
N VAL B 132 -38.67 -66.19 -37.06
CA VAL B 132 -39.68 -66.46 -36.08
C VAL B 132 -39.74 -67.94 -35.74
N ASN B 133 -38.59 -68.59 -35.68
CA ASN B 133 -38.61 -69.98 -35.27
C ASN B 133 -39.10 -70.06 -33.85
N ASN B 134 -38.84 -69.03 -33.05
CA ASN B 134 -39.30 -69.05 -31.68
C ASN B 134 -40.79 -69.14 -31.55
N ASN B 135 -41.55 -68.55 -32.49
CA ASN B 135 -42.99 -68.60 -32.35
C ASN B 135 -43.44 -69.99 -32.72
N PHE B 136 -42.81 -70.54 -33.76
CA PHE B 136 -43.11 -71.87 -34.27
C PHE B 136 -42.86 -72.94 -33.21
N VAL B 137 -41.66 -72.92 -32.61
CA VAL B 137 -41.32 -73.90 -31.60
C VAL B 137 -42.20 -73.76 -30.37
N LYS B 138 -42.39 -72.53 -29.86
CA LYS B 138 -43.24 -72.43 -28.69
C LYS B 138 -44.64 -72.94 -29.00
N THR B 139 -45.17 -72.62 -30.18
CA THR B 139 -46.50 -73.05 -30.57
C THR B 139 -46.65 -74.57 -30.63
N LYS B 140 -45.67 -75.26 -31.24
CA LYS B 140 -45.77 -76.69 -31.44
C LYS B 140 -45.18 -77.57 -30.32
N THR B 141 -44.17 -77.08 -29.58
CA THR B 141 -43.50 -77.90 -28.55
C THR B 141 -43.71 -77.38 -27.13
N GLY B 142 -44.02 -76.08 -27.00
CA GLY B 142 -44.14 -75.45 -25.68
C GLY B 142 -42.79 -75.03 -25.09
N LEU B 143 -41.71 -75.26 -25.85
CA LEU B 143 -40.36 -74.97 -25.40
C LEU B 143 -39.80 -73.71 -26.06
N PRO B 144 -38.89 -72.98 -25.42
CA PRO B 144 -38.10 -71.90 -25.99
C PRO B 144 -36.98 -72.49 -26.83
N LEU B 145 -36.39 -71.70 -27.73
CA LEU B 145 -35.18 -72.20 -28.39
C LEU B 145 -34.04 -72.09 -27.43
N SER B 146 -33.38 -73.20 -27.19
CA SER B 146 -32.30 -73.26 -26.23
C SER B 146 -31.33 -74.38 -26.50
N THR B 147 -30.08 -74.15 -26.09
CA THR B 147 -29.00 -75.11 -26.26
C THR B 147 -29.21 -76.35 -25.44
N TYR B 148 -30.10 -76.23 -24.47
CA TYR B 148 -30.44 -77.28 -23.56
C TYR B 148 -31.24 -78.43 -24.22
N PHE B 149 -32.00 -78.16 -25.28
CA PHE B 149 -32.87 -79.21 -25.81
C PHE B 149 -32.20 -80.20 -26.78
N SER B 150 -32.79 -81.40 -26.87
CA SER B 150 -32.22 -82.47 -27.70
C SER B 150 -32.11 -82.16 -29.21
N ALA B 151 -33.14 -81.57 -29.85
CA ALA B 151 -33.07 -81.34 -31.30
C ALA B 151 -31.87 -80.54 -31.74
N VAL B 152 -31.51 -79.57 -30.93
CA VAL B 152 -30.38 -78.72 -31.21
C VAL B 152 -29.11 -79.60 -31.15
N LYS B 153 -29.02 -80.43 -30.12
CA LYS B 153 -27.90 -81.36 -29.96
C LYS B 153 -27.86 -82.44 -31.07
N LEU B 154 -29.03 -82.92 -31.51
CA LEU B 154 -29.11 -83.97 -32.53
C LEU B 154 -28.50 -83.43 -33.80
N ARG B 155 -28.87 -82.18 -34.13
CA ARG B 155 -28.36 -81.55 -35.33
C ARG B 155 -26.85 -81.41 -35.27
N TRP B 156 -26.31 -81.01 -34.11
CA TRP B 156 -24.87 -80.86 -33.99
C TRP B 156 -24.19 -82.18 -34.35
N LEU B 157 -24.70 -83.28 -33.79
CA LEU B 157 -24.11 -84.58 -34.06
C LEU B 157 -24.17 -84.94 -35.54
N LEU B 158 -25.32 -84.70 -36.21
CA LEU B 158 -25.44 -85.04 -37.63
C LEU B 158 -24.40 -84.31 -38.51
N ASP B 159 -24.13 -83.03 -38.20
CA ASP B 159 -23.16 -82.24 -38.98
C ASP B 159 -21.70 -82.28 -38.54
N ASN B 160 -21.41 -82.41 -37.24
CA ASN B 160 -20.04 -82.33 -36.77
C ASN B 160 -19.32 -83.66 -36.53
N VAL B 161 -20.04 -84.76 -36.43
CA VAL B 161 -19.36 -86.03 -36.23
C VAL B 161 -19.30 -86.73 -37.57
N ARG B 162 -18.09 -87.11 -37.97
CA ARG B 162 -17.88 -87.65 -39.29
C ARG B 162 -18.81 -88.82 -39.60
N LYS B 163 -19.45 -88.69 -40.76
CA LYS B 163 -20.37 -89.65 -41.34
C LYS B 163 -21.66 -89.95 -40.55
N ILE B 164 -22.06 -89.15 -39.53
CA ILE B 164 -23.36 -89.48 -38.93
C ILE B 164 -24.47 -89.22 -39.91
N GLN B 165 -24.52 -88.03 -40.55
CA GLN B 165 -25.61 -87.79 -41.49
C GLN B 165 -25.78 -88.94 -42.49
N LYS B 166 -24.69 -89.49 -43.00
CA LYS B 166 -24.77 -90.60 -43.94
C LYS B 166 -25.44 -91.80 -43.26
N ALA B 167 -24.96 -92.17 -42.07
CA ALA B 167 -25.52 -93.31 -41.32
C ALA B 167 -27.00 -93.09 -41.04
N VAL B 168 -27.41 -91.85 -40.83
CA VAL B 168 -28.79 -91.52 -40.61
C VAL B 168 -29.64 -91.76 -41.88
N GLU B 169 -29.19 -91.21 -43.01
CA GLU B 169 -29.90 -91.32 -44.28
C GLU B 169 -30.04 -92.76 -44.75
N GLU B 170 -29.04 -93.58 -44.44
CA GLU B 170 -28.98 -94.99 -44.80
C GLU B 170 -29.70 -95.91 -43.81
N ASP B 171 -30.34 -95.34 -42.78
CA ASP B 171 -31.02 -96.13 -41.75
C ASP B 171 -30.09 -97.08 -40.98
N ARG B 172 -28.92 -96.57 -40.59
CA ARG B 172 -27.97 -97.31 -39.78
C ARG B 172 -27.85 -96.71 -38.38
N ALA B 173 -27.84 -95.38 -38.28
CA ALA B 173 -27.73 -94.72 -36.98
C ALA B 173 -29.08 -94.72 -36.27
N LEU B 174 -29.08 -94.59 -34.94
CA LEU B 174 -30.27 -94.36 -34.16
C LEU B 174 -29.99 -93.28 -33.11
N PHE B 175 -30.98 -92.44 -32.86
CA PHE B 175 -30.87 -91.44 -31.82
C PHE B 175 -31.93 -91.57 -30.74
N GLY B 176 -31.61 -91.06 -29.56
CA GLY B 176 -32.60 -91.00 -28.51
C GLY B 176 -32.07 -90.41 -27.22
N THR B 177 -32.96 -90.26 -26.27
CA THR B 177 -32.65 -89.74 -24.95
C THR B 177 -32.06 -90.88 -24.16
N ILE B 178 -31.61 -90.60 -22.94
CA ILE B 178 -31.01 -91.64 -22.13
C ILE B 178 -32.01 -92.78 -21.91
N ASP B 179 -33.29 -92.48 -21.66
CA ASP B 179 -34.29 -93.55 -21.53
C ASP B 179 -34.31 -94.48 -22.73
N SER B 180 -34.23 -93.93 -23.95
CA SER B 180 -34.30 -94.77 -25.13
C SER B 180 -33.07 -95.63 -25.25
N TRP B 181 -31.93 -95.05 -24.92
CA TRP B 181 -30.66 -95.74 -24.96
C TRP B 181 -30.70 -96.92 -23.99
N LEU B 182 -31.23 -96.67 -22.79
CA LEU B 182 -31.37 -97.67 -21.76
C LEU B 182 -32.33 -98.78 -22.16
N ILE B 183 -33.55 -98.43 -22.57
CA ILE B 183 -34.54 -99.45 -22.89
C ILE B 183 -34.08 -100.29 -24.06
N TRP B 184 -33.53 -99.67 -25.09
CA TRP B 184 -33.08 -100.40 -26.25
C TRP B 184 -32.06 -101.44 -25.79
N SER B 185 -31.09 -101.05 -24.96
CA SER B 185 -30.10 -101.99 -24.44
C SER B 185 -30.70 -103.09 -23.53
N LEU B 186 -31.53 -102.71 -22.55
CA LEU B 186 -32.06 -103.66 -21.56
C LEU B 186 -32.88 -104.77 -22.21
N THR B 187 -33.60 -104.40 -23.27
CA THR B 187 -34.48 -105.30 -24.02
C THR B 187 -33.80 -106.11 -25.14
N GLY B 188 -32.47 -106.00 -25.33
CA GLY B 188 -31.79 -106.79 -26.37
C GLY B 188 -31.05 -106.00 -27.46
N GLY B 189 -31.29 -104.70 -27.55
CA GLY B 189 -30.62 -103.84 -28.48
C GLY B 189 -30.69 -104.26 -29.94
N ALA B 190 -29.51 -104.34 -30.51
CA ALA B 190 -29.27 -104.69 -31.90
C ALA B 190 -29.78 -106.09 -32.22
N ARG B 191 -30.02 -106.91 -31.19
CA ARG B 191 -30.46 -108.27 -31.41
C ARG B 191 -31.91 -108.52 -30.97
N GLY B 192 -32.75 -107.48 -30.97
CA GLY B 192 -34.16 -107.69 -30.65
C GLY B 192 -34.78 -106.77 -29.61
N GLY B 193 -34.19 -105.60 -29.35
CA GLY B 193 -34.75 -104.70 -28.37
C GLY B 193 -35.81 -103.76 -28.90
N VAL B 194 -36.19 -102.85 -28.04
CA VAL B 194 -37.24 -101.86 -28.26
C VAL B 194 -36.74 -100.42 -28.43
N HIS B 195 -37.02 -99.80 -29.58
CA HIS B 195 -36.57 -98.41 -29.78
C HIS B 195 -37.74 -97.46 -29.53
N CYS B 196 -37.84 -96.98 -28.30
CA CYS B 196 -38.95 -96.15 -27.85
C CYS B 196 -38.53 -95.15 -26.81
N THR B 197 -39.44 -94.21 -26.57
CA THR B 197 -39.32 -93.17 -25.54
C THR B 197 -40.71 -92.81 -25.07
N ASP B 198 -40.87 -92.34 -23.85
CA ASP B 198 -42.20 -91.94 -23.47
C ASP B 198 -42.43 -90.48 -23.85
N VAL B 199 -43.68 -90.08 -23.72
CA VAL B 199 -44.10 -88.70 -23.93
C VAL B 199 -43.35 -87.65 -23.10
N THR B 200 -43.02 -87.92 -21.82
CA THR B 200 -42.42 -86.84 -21.02
C THR B 200 -41.01 -86.49 -21.50
N ASN B 201 -40.28 -87.44 -22.05
CA ASN B 201 -38.97 -87.14 -22.58
C ASN B 201 -39.07 -86.61 -23.98
N ALA B 202 -40.04 -87.13 -24.73
CA ALA B 202 -40.29 -86.75 -26.10
C ALA B 202 -40.57 -85.24 -26.17
N SER B 203 -41.30 -84.77 -25.18
CA SER B 203 -41.70 -83.38 -25.03
C SER B 203 -40.54 -82.42 -24.78
N ARG B 204 -39.33 -82.93 -24.43
CA ARG B 204 -38.18 -82.07 -24.16
C ARG B 204 -37.15 -82.11 -25.31
N THR B 205 -37.57 -82.63 -26.46
CA THR B 205 -36.64 -82.69 -27.56
C THR B 205 -36.75 -81.56 -28.57
N MET B 206 -37.87 -80.85 -28.60
CA MET B 206 -38.19 -79.81 -29.60
C MET B 206 -38.46 -80.36 -31.00
N LEU B 207 -38.63 -81.68 -31.16
CA LEU B 207 -39.05 -82.19 -32.47
C LEU B 207 -40.50 -82.65 -32.44
N PHE B 208 -41.14 -82.58 -31.28
CA PHE B 208 -42.51 -83.06 -31.13
C PHE B 208 -43.58 -82.04 -31.09
N ASN B 209 -44.72 -82.47 -31.60
CA ASN B 209 -45.96 -81.76 -31.52
C ASN B 209 -46.61 -82.13 -30.20
N ILE B 210 -46.51 -81.24 -29.22
CA ILE B 210 -46.98 -81.44 -27.85
C ILE B 210 -48.50 -81.58 -27.75
N HIS B 211 -49.21 -81.12 -28.79
CA HIS B 211 -50.66 -81.14 -28.77
C HIS B 211 -51.16 -82.48 -29.28
N SER B 212 -50.52 -82.95 -30.36
CA SER B 212 -50.88 -84.21 -30.99
C SER B 212 -50.08 -85.41 -30.47
N LEU B 213 -48.97 -85.16 -29.76
CA LEU B 213 -48.07 -86.19 -29.24
C LEU B 213 -47.47 -87.05 -30.34
N GLU B 214 -46.98 -86.37 -31.37
CA GLU B 214 -46.36 -87.02 -32.53
C GLU B 214 -45.14 -86.28 -33.03
N TRP B 215 -44.23 -86.96 -33.74
CA TRP B 215 -43.06 -86.27 -34.27
C TRP B 215 -43.53 -85.26 -35.28
N ASP B 216 -43.07 -84.02 -35.16
CA ASP B 216 -43.49 -82.97 -36.06
C ASP B 216 -42.56 -82.84 -37.25
N LYS B 217 -43.09 -83.16 -38.41
CA LYS B 217 -42.30 -83.14 -39.62
C LYS B 217 -41.65 -81.78 -39.86
N GLU B 218 -42.36 -80.68 -39.57
CA GLU B 218 -41.76 -79.38 -39.87
C GLU B 218 -40.56 -79.11 -38.97
N LEU B 219 -40.65 -79.51 -37.69
CA LEU B 219 -39.52 -79.35 -36.76
C LEU B 219 -38.36 -80.24 -37.21
N CYS B 220 -38.67 -81.44 -37.68
CA CYS B 220 -37.64 -82.36 -38.14
C CYS B 220 -36.92 -81.74 -39.35
N GLU B 221 -37.68 -81.11 -40.26
CA GLU B 221 -37.05 -80.45 -41.40
C GLU B 221 -36.19 -79.26 -40.97
N PHE B 222 -36.68 -78.47 -40.00
CA PHE B 222 -35.96 -77.27 -39.53
C PHE B 222 -34.60 -77.63 -38.96
N PHE B 223 -34.56 -78.74 -38.23
CA PHE B 223 -33.33 -79.22 -37.62
C PHE B 223 -32.56 -80.22 -38.47
N GLU B 224 -33.02 -80.48 -39.69
CA GLU B 224 -32.41 -81.44 -40.57
C GLU B 224 -32.23 -82.81 -39.92
N VAL B 225 -33.26 -83.31 -39.21
CA VAL B 225 -33.19 -84.62 -38.56
C VAL B 225 -34.19 -85.63 -39.17
N PRO B 226 -33.77 -86.53 -40.07
CA PRO B 226 -34.62 -87.53 -40.71
C PRO B 226 -35.34 -88.40 -39.70
N MET B 227 -36.60 -88.74 -39.94
CA MET B 227 -37.33 -89.55 -38.95
C MET B 227 -36.91 -91.00 -38.86
N LYS B 228 -36.02 -91.42 -39.76
CA LYS B 228 -35.53 -92.81 -39.79
C LYS B 228 -34.82 -93.17 -38.50
N ILE B 229 -34.34 -92.17 -37.78
CA ILE B 229 -33.59 -92.38 -36.57
C ILE B 229 -34.28 -91.97 -35.30
N LEU B 230 -35.59 -91.76 -35.34
CA LEU B 230 -36.25 -91.34 -34.14
C LEU B 230 -37.12 -92.48 -33.51
N PRO B 231 -37.20 -92.60 -32.17
CA PRO B 231 -37.95 -93.59 -31.39
C PRO B 231 -39.46 -93.48 -31.45
N ASN B 232 -40.14 -94.61 -31.22
CA ASN B 232 -41.59 -94.65 -31.12
C ASN B 232 -42.04 -94.06 -29.77
N VAL B 233 -43.02 -93.16 -29.77
CA VAL B 233 -43.48 -92.58 -28.51
C VAL B 233 -44.60 -93.37 -27.84
N ARG B 234 -44.38 -93.65 -26.57
CA ARG B 234 -45.27 -94.43 -25.73
C ARG B 234 -45.73 -93.70 -24.45
N SER B 235 -46.71 -94.31 -23.78
CA SER B 235 -47.17 -93.83 -22.50
C SER B 235 -46.13 -94.06 -21.43
N SER B 236 -46.15 -93.23 -20.40
CA SER B 236 -45.26 -93.37 -19.24
C SER B 236 -45.55 -94.64 -18.44
N SER B 237 -46.72 -95.23 -18.65
CA SER B 237 -47.08 -96.45 -17.97
C SER B 237 -47.68 -97.39 -19.02
N GLU B 238 -46.83 -98.31 -19.52
CA GLU B 238 -47.14 -99.20 -20.65
C GLU B 238 -46.01 -100.20 -20.82
N ILE B 239 -46.30 -101.46 -21.14
CA ILE B 239 -45.18 -102.37 -21.33
C ILE B 239 -44.39 -102.07 -22.60
N TYR B 240 -43.08 -101.88 -22.45
CA TYR B 240 -42.17 -101.58 -23.54
C TYR B 240 -41.65 -102.87 -24.10
N GLY B 241 -41.29 -103.77 -23.20
CA GLY B 241 -40.71 -105.05 -23.56
C GLY B 241 -40.21 -105.72 -22.31
N LEU B 242 -39.57 -106.86 -22.45
CA LEU B 242 -39.01 -107.56 -21.29
C LEU B 242 -37.51 -107.51 -21.26
N MET B 243 -36.97 -107.53 -20.05
CA MET B 243 -35.54 -107.55 -19.86
C MET B 243 -34.87 -108.79 -20.45
N LYS B 244 -33.80 -108.56 -21.22
CA LYS B 244 -33.01 -109.64 -21.78
C LYS B 244 -31.70 -109.76 -21.03
N ALA B 245 -31.21 -108.67 -20.45
CA ALA B 245 -29.95 -108.77 -19.73
C ALA B 245 -30.10 -109.86 -18.66
N GLY B 246 -29.08 -110.71 -18.51
CA GLY B 246 -29.13 -111.82 -17.56
C GLY B 246 -29.45 -111.43 -16.11
N ALA B 247 -29.03 -110.25 -15.67
CA ALA B 247 -29.25 -109.81 -14.29
C ALA B 247 -30.71 -109.84 -13.86
N LEU B 248 -31.63 -109.52 -14.77
CA LEU B 248 -33.06 -109.51 -14.47
C LEU B 248 -33.84 -110.18 -15.60
N GLU B 249 -33.25 -111.20 -16.20
CA GLU B 249 -33.89 -111.80 -17.36
C GLU B 249 -35.34 -112.18 -17.10
N GLY B 250 -36.22 -111.78 -18.00
CA GLY B 250 -37.64 -112.12 -17.92
C GLY B 250 -38.51 -111.10 -17.20
N VAL B 251 -37.92 -110.10 -16.55
CA VAL B 251 -38.73 -109.12 -15.85
C VAL B 251 -39.19 -107.98 -16.80
N PRO B 252 -40.49 -107.71 -16.95
CA PRO B 252 -41.06 -106.66 -17.80
C PRO B 252 -40.58 -105.25 -17.47
N ILE B 253 -40.38 -104.46 -18.51
CA ILE B 253 -40.02 -103.06 -18.42
C ILE B 253 -41.28 -102.30 -18.87
N SER B 254 -41.86 -101.57 -17.93
CA SER B 254 -43.14 -100.91 -18.16
C SER B 254 -43.26 -99.45 -17.72
N GLY B 255 -42.35 -98.96 -16.88
CA GLY B 255 -42.49 -97.56 -16.49
C GLY B 255 -41.45 -96.73 -17.23
N CYS B 256 -41.77 -95.49 -17.59
CA CYS B 256 -40.78 -94.63 -18.25
C CYS B 256 -41.13 -93.17 -18.04
N LEU B 257 -40.28 -92.45 -17.32
CA LEU B 257 -40.52 -91.05 -16.99
C LEU B 257 -39.27 -90.18 -17.04
N GLY B 258 -39.37 -88.94 -17.51
CA GLY B 258 -38.20 -88.08 -17.41
C GLY B 258 -37.94 -87.97 -15.92
N ASP B 259 -36.69 -87.78 -15.52
CA ASP B 259 -36.37 -87.69 -14.10
C ASP B 259 -37.28 -86.75 -13.32
N GLN B 260 -37.54 -85.58 -13.87
CA GLN B 260 -38.34 -84.61 -13.15
C GLN B 260 -39.81 -84.98 -13.05
N SER B 261 -40.33 -85.63 -14.09
CA SER B 261 -41.71 -86.06 -14.11
C SER B 261 -41.85 -87.15 -13.07
N ALA B 262 -40.84 -88.03 -13.00
CA ALA B 262 -40.83 -89.11 -12.05
C ALA B 262 -40.87 -88.59 -10.64
N ALA B 263 -40.11 -87.55 -10.35
CA ALA B 263 -40.15 -86.99 -9.02
C ALA B 263 -41.58 -86.47 -8.68
N LEU B 264 -42.29 -85.83 -9.66
CA LEU B 264 -43.66 -85.38 -9.37
C LEU B 264 -44.54 -86.57 -9.02
N VAL B 265 -44.34 -87.66 -9.77
CA VAL B 265 -45.11 -88.87 -9.55
C VAL B 265 -44.75 -89.44 -8.17
N GLY B 266 -43.46 -89.49 -7.84
CA GLY B 266 -42.93 -90.02 -6.59
C GLY B 266 -43.50 -89.35 -5.36
N GLN B 267 -43.73 -88.04 -5.47
CA GLN B 267 -44.29 -87.23 -4.39
C GLN B 267 -45.80 -87.08 -4.38
N MET B 268 -46.50 -87.80 -5.25
CA MET B 268 -47.95 -87.76 -5.37
C MET B 268 -48.48 -86.40 -5.78
N CYS B 269 -47.74 -85.65 -6.59
CA CYS B 269 -48.20 -84.32 -6.98
C CYS B 269 -49.20 -84.44 -8.10
N PHE B 270 -50.39 -84.95 -7.79
CA PHE B 270 -51.39 -85.18 -8.83
C PHE B 270 -52.55 -84.19 -8.85
N GLN B 271 -52.60 -83.25 -7.92
CA GLN B 271 -53.70 -82.29 -7.93
C GLN B 271 -53.23 -80.93 -8.41
N ASP B 272 -54.13 -80.19 -9.03
CA ASP B 272 -53.74 -78.87 -9.48
C ASP B 272 -53.29 -78.02 -8.32
N GLY B 273 -52.22 -77.29 -8.55
CA GLY B 273 -51.63 -76.38 -7.58
C GLY B 273 -50.51 -77.04 -6.77
N GLN B 274 -50.36 -78.37 -6.84
CA GLN B 274 -49.28 -78.97 -6.09
C GLN B 274 -47.98 -78.73 -6.81
N ALA B 275 -46.91 -78.49 -6.06
CA ALA B 275 -45.64 -78.28 -6.69
C ALA B 275 -44.51 -78.82 -5.84
N LYS B 276 -43.46 -79.20 -6.54
CA LYS B 276 -42.26 -79.69 -5.91
C LYS B 276 -40.99 -79.13 -6.47
N ASN B 277 -39.93 -79.23 -5.65
CA ASN B 277 -38.57 -78.81 -5.99
C ASN B 277 -37.54 -79.90 -5.77
N THR B 278 -36.96 -80.40 -6.85
CA THR B 278 -35.93 -81.41 -6.78
C THR B 278 -34.57 -80.74 -6.74
N TYR B 279 -33.74 -81.10 -5.75
CA TYR B 279 -32.40 -80.53 -5.61
C TYR B 279 -31.32 -81.59 -5.84
N GLY B 280 -30.85 -81.64 -7.08
CA GLY B 280 -29.87 -82.60 -7.56
C GLY B 280 -28.79 -81.80 -8.23
N THR B 281 -28.34 -82.24 -9.41
CA THR B 281 -27.29 -81.51 -10.13
C THR B 281 -27.77 -80.07 -10.31
N GLY B 282 -29.04 -79.96 -10.73
CA GLY B 282 -29.75 -78.71 -10.94
C GLY B 282 -30.92 -78.60 -9.98
N CYS B 283 -31.79 -77.64 -10.24
CA CYS B 283 -32.95 -77.40 -9.39
C CYS B 283 -34.19 -77.33 -10.27
N PHE B 284 -35.11 -78.24 -10.01
CA PHE B 284 -36.26 -78.30 -10.89
C PHE B 284 -37.57 -78.18 -10.17
N LEU B 285 -38.30 -77.17 -10.58
CA LEU B 285 -39.62 -76.85 -10.04
C LEU B 285 -40.73 -77.19 -11.00
N LEU B 286 -41.58 -78.10 -10.57
CA LEU B 286 -42.68 -78.51 -11.43
C LEU B 286 -44.01 -78.36 -10.72
N CYS B 287 -45.06 -78.04 -11.48
CA CYS B 287 -46.39 -77.92 -10.90
C CYS B 287 -47.40 -78.65 -11.79
N ASN B 288 -48.28 -79.41 -11.13
CA ASN B 288 -49.24 -80.34 -11.75
C ASN B 288 -50.08 -79.90 -12.96
N THR B 289 -50.43 -78.64 -13.08
CA THR B 289 -51.17 -77.60 -13.79
C THR B 289 -50.63 -77.55 -15.22
N GLY B 290 -49.41 -78.07 -15.40
CA GLY B 290 -48.77 -78.11 -16.70
C GLY B 290 -47.78 -76.97 -16.82
N HIS B 291 -47.22 -76.56 -15.67
CA HIS B 291 -46.29 -75.45 -15.65
C HIS B 291 -44.87 -75.97 -15.47
N LYS B 292 -43.93 -75.37 -16.21
CA LYS B 292 -42.55 -75.83 -16.17
C LYS B 292 -41.49 -74.73 -16.14
N CYS B 293 -40.43 -75.14 -15.47
CA CYS B 293 -39.46 -74.19 -14.97
C CYS B 293 -38.17 -74.91 -14.63
N SER B 294 -37.02 -74.41 -15.03
CA SER B 294 -35.82 -75.15 -14.64
C SER B 294 -34.56 -74.37 -14.51
N VAL B 295 -33.74 -74.84 -13.55
CA VAL B 295 -32.43 -74.35 -13.20
C VAL B 295 -31.30 -75.29 -13.48
N ALA B 296 -30.35 -74.85 -14.25
CA ALA B 296 -29.24 -75.69 -14.57
C ALA B 296 -28.40 -76.15 -13.36
N ILE B 297 -27.83 -75.24 -12.60
CA ILE B 297 -26.89 -75.66 -11.56
C ILE B 297 -27.16 -75.32 -10.10
N ALA B 298 -27.36 -76.40 -9.31
CA ALA B 298 -27.61 -76.30 -7.87
C ALA B 298 -26.66 -77.18 -7.05
N GLY B 299 -26.82 -78.51 -7.10
CA GLY B 299 -25.94 -79.45 -6.39
C GLY B 299 -24.55 -79.38 -6.99
N ALA B 300 -24.50 -79.08 -8.28
CA ALA B 300 -23.27 -78.93 -9.02
C ALA B 300 -22.44 -77.78 -8.45
N VAL B 301 -23.06 -76.86 -7.69
CA VAL B 301 -22.32 -75.76 -7.11
C VAL B 301 -21.44 -76.29 -6.00
N VAL B 302 -22.01 -77.11 -5.10
CA VAL B 302 -21.18 -77.65 -4.04
C VAL B 302 -20.16 -78.57 -4.63
N ARG B 303 -20.52 -79.31 -5.68
CA ARG B 303 -19.54 -80.17 -6.30
C ARG B 303 -18.39 -79.33 -6.83
N TRP B 304 -18.68 -78.19 -7.44
CA TRP B 304 -17.63 -77.31 -7.95
C TRP B 304 -16.70 -76.86 -6.80
N LEU B 305 -17.29 -76.44 -5.66
CA LEU B 305 -16.49 -75.98 -4.52
C LEU B 305 -15.59 -77.13 -3.99
N ARG B 306 -16.06 -78.38 -4.13
CA ARG B 306 -15.31 -79.56 -3.69
C ARG B 306 -14.26 -80.09 -4.68
N ASP B 307 -14.67 -80.38 -5.92
CA ASP B 307 -13.78 -81.01 -6.88
C ASP B 307 -12.93 -80.06 -7.70
N ASN B 308 -13.42 -78.85 -7.99
CA ASN B 308 -12.65 -77.97 -8.85
C ASN B 308 -11.94 -76.86 -8.10
N LEU B 309 -12.63 -76.21 -7.15
CA LEU B 309 -12.03 -75.09 -6.42
C LEU B 309 -11.15 -75.63 -5.27
N GLY B 310 -11.63 -76.65 -4.57
CA GLY B 310 -10.89 -77.26 -3.47
C GLY B 310 -11.12 -76.66 -2.08
N ILE B 311 -12.23 -75.94 -1.87
CA ILE B 311 -12.42 -75.38 -0.52
C ILE B 311 -13.14 -76.38 0.39
N ILE B 312 -13.91 -77.28 -0.23
CA ILE B 312 -14.65 -78.36 0.40
C ILE B 312 -14.05 -79.74 0.13
N LYS B 313 -13.97 -80.59 1.16
CA LYS B 313 -13.48 -81.94 0.95
C LYS B 313 -14.64 -82.93 0.86
N THR B 314 -15.72 -82.69 1.60
CA THR B 314 -16.87 -83.60 1.60
C THR B 314 -18.12 -82.77 1.31
N SER B 315 -19.06 -83.25 0.48
CA SER B 315 -20.21 -82.38 0.22
C SER B 315 -21.02 -81.98 1.46
N GLU B 316 -21.05 -82.81 2.52
CA GLU B 316 -21.77 -82.45 3.76
C GLU B 316 -21.15 -81.22 4.42
N GLU B 317 -19.88 -80.99 4.12
CA GLU B 317 -19.09 -79.92 4.66
C GLU B 317 -19.70 -78.60 4.33
N ILE B 318 -20.37 -78.46 3.18
CA ILE B 318 -20.92 -77.17 2.84
C ILE B 318 -21.89 -76.70 3.92
N GLU B 319 -22.59 -77.62 4.58
CA GLU B 319 -23.53 -77.25 5.62
C GLU B 319 -22.74 -76.87 6.84
N LYS B 320 -21.72 -77.68 7.15
CA LYS B 320 -20.91 -77.44 8.34
C LYS B 320 -20.24 -76.06 8.26
N LEU B 321 -19.84 -75.65 7.06
CA LEU B 321 -19.21 -74.36 6.86
C LEU B 321 -20.26 -73.25 6.91
N ALA B 322 -21.40 -73.44 6.25
CA ALA B 322 -22.45 -72.42 6.27
C ALA B 322 -22.90 -72.15 7.71
N LYS B 323 -22.90 -73.19 8.53
CA LYS B 323 -23.27 -73.13 9.94
C LYS B 323 -22.39 -72.17 10.77
N GLU B 324 -21.16 -71.89 10.32
CA GLU B 324 -20.24 -71.05 11.07
C GLU B 324 -20.44 -69.56 10.86
N VAL B 325 -21.34 -69.17 9.96
CA VAL B 325 -21.53 -67.76 9.70
C VAL B 325 -22.99 -67.37 9.94
N GLY B 326 -23.24 -66.16 10.46
CA GLY B 326 -24.64 -65.76 10.69
C GLY B 326 -25.33 -65.34 9.41
N THR B 327 -24.53 -64.99 8.43
CA THR B 327 -25.00 -64.51 7.14
C THR B 327 -23.92 -64.60 6.07
N SER B 328 -24.21 -64.05 4.90
CA SER B 328 -23.28 -64.06 3.78
C SER B 328 -22.28 -62.91 3.87
N TYR B 329 -22.60 -61.96 4.74
CA TYR B 329 -21.84 -60.74 4.99
C TYR B 329 -21.55 -59.99 3.70
N GLY B 330 -22.54 -59.95 2.81
CA GLY B 330 -22.44 -59.26 1.54
C GLY B 330 -22.00 -60.14 0.35
N CYS B 331 -21.53 -61.37 0.60
CA CYS B 331 -21.10 -62.25 -0.49
C CYS B 331 -22.25 -62.96 -1.20
N TYR B 332 -22.34 -62.78 -2.51
CA TYR B 332 -23.40 -63.41 -3.30
C TYR B 332 -22.83 -64.22 -4.43
N PHE B 333 -23.49 -65.31 -4.73
CA PHE B 333 -23.03 -66.17 -5.79
C PHE B 333 -24.11 -66.53 -6.78
N VAL B 334 -23.76 -66.40 -8.06
CA VAL B 334 -24.65 -66.79 -9.13
C VAL B 334 -23.97 -67.85 -9.98
N PRO B 335 -24.34 -69.12 -9.86
CA PRO B 335 -23.73 -70.25 -10.52
C PRO B 335 -24.15 -70.42 -11.95
N ALA B 336 -23.85 -69.46 -12.78
CA ALA B 336 -24.32 -69.57 -14.17
C ALA B 336 -23.18 -70.19 -14.96
N PHE B 337 -22.81 -71.37 -14.52
CA PHE B 337 -21.69 -72.16 -15.02
C PHE B 337 -21.98 -72.76 -16.40
N SER B 338 -23.26 -72.71 -16.78
CA SER B 338 -23.82 -73.18 -18.04
C SER B 338 -24.79 -72.11 -18.57
N GLY B 339 -24.59 -70.86 -18.15
CA GLY B 339 -25.50 -69.80 -18.56
C GLY B 339 -26.73 -69.75 -17.67
N LEU B 340 -27.64 -68.83 -17.96
CA LEU B 340 -28.82 -68.74 -17.13
C LEU B 340 -30.04 -69.42 -17.72
N TYR B 341 -30.70 -70.01 -16.79
CA TYR B 341 -31.94 -70.74 -16.74
C TYR B 341 -33.18 -69.87 -16.65
N ALA B 342 -34.35 -70.49 -16.61
CA ALA B 342 -35.57 -69.74 -16.49
C ALA B 342 -35.50 -68.97 -15.17
N PRO B 343 -36.06 -67.76 -15.08
CA PRO B 343 -36.75 -66.94 -16.06
C PRO B 343 -35.85 -65.98 -16.85
N TYR B 344 -34.62 -66.39 -17.14
CA TYR B 344 -33.69 -65.54 -17.87
C TYR B 344 -33.41 -66.07 -19.25
N TRP B 345 -33.06 -67.36 -19.32
CA TRP B 345 -32.72 -68.03 -20.57
C TRP B 345 -31.61 -67.31 -21.33
N GLU B 346 -30.46 -67.13 -20.68
CA GLU B 346 -29.32 -66.42 -21.26
C GLU B 346 -28.00 -67.23 -21.27
N PRO B 347 -27.69 -67.96 -22.37
CA PRO B 347 -26.51 -68.80 -22.54
C PRO B 347 -25.16 -68.08 -22.41
N SER B 348 -25.11 -66.73 -22.61
CA SER B 348 -23.84 -65.99 -22.52
C SER B 348 -23.47 -65.66 -21.08
N ALA B 349 -24.36 -65.96 -20.14
CA ALA B 349 -24.07 -65.65 -18.75
C ALA B 349 -23.02 -66.60 -18.24
N ARG B 350 -22.23 -66.15 -17.29
CA ARG B 350 -21.22 -67.01 -16.67
C ARG B 350 -21.27 -66.84 -15.18
N GLY B 351 -20.78 -67.82 -14.44
CA GLY B 351 -20.93 -67.70 -13.02
C GLY B 351 -20.09 -66.59 -12.44
N ILE B 352 -20.64 -65.96 -11.40
CA ILE B 352 -19.86 -64.93 -10.75
C ILE B 352 -19.96 -65.02 -9.22
N ILE B 353 -18.96 -64.47 -8.55
CA ILE B 353 -18.97 -64.30 -7.10
C ILE B 353 -18.83 -62.82 -6.82
N CYS B 354 -19.81 -62.22 -6.14
CA CYS B 354 -19.81 -60.78 -5.84
C CYS B 354 -19.68 -60.46 -4.37
N GLY B 355 -19.22 -59.23 -4.07
CA GLY B 355 -19.23 -58.75 -2.70
C GLY B 355 -18.07 -59.26 -1.83
N LEU B 356 -16.95 -59.61 -2.46
CA LEU B 356 -15.86 -60.11 -1.63
C LEU B 356 -15.12 -58.97 -0.92
N THR B 357 -14.74 -59.23 0.32
CA THR B 357 -13.95 -58.30 1.14
C THR B 357 -12.76 -59.04 1.70
N GLN B 358 -11.88 -58.30 2.34
CA GLN B 358 -10.70 -58.87 3.01
C GLN B 358 -11.04 -59.81 4.17
N PHE B 359 -12.30 -59.83 4.59
CA PHE B 359 -12.75 -60.69 5.67
C PHE B 359 -13.60 -61.84 5.16
N THR B 360 -13.80 -61.93 3.85
CA THR B 360 -14.65 -62.99 3.32
C THR B 360 -13.87 -64.27 3.33
N ASN B 361 -14.45 -65.34 3.84
CA ASN B 361 -13.76 -66.62 3.85
C ASN B 361 -14.58 -67.74 3.26
N LYS B 362 -14.03 -68.95 3.29
CA LYS B 362 -14.68 -70.13 2.74
C LYS B 362 -16.07 -70.43 3.29
N CYS B 363 -16.38 -69.94 4.50
CA CYS B 363 -17.67 -70.24 5.07
C CYS B 363 -18.73 -69.27 4.55
N HIS B 364 -18.29 -68.11 4.08
CA HIS B 364 -19.20 -67.12 3.54
C HIS B 364 -19.53 -67.56 2.14
N ILE B 365 -18.52 -68.10 1.46
CA ILE B 365 -18.69 -68.62 0.12
C ILE B 365 -19.57 -69.87 0.15
N ALA B 366 -19.32 -70.80 1.10
CA ALA B 366 -20.18 -71.97 1.22
C ALA B 366 -21.64 -71.55 1.50
N PHE B 367 -21.81 -70.54 2.36
CA PHE B 367 -23.13 -70.04 2.69
C PHE B 367 -23.79 -69.46 1.44
N ALA B 368 -23.05 -68.60 0.70
CA ALA B 368 -23.55 -67.96 -0.51
C ALA B 368 -23.95 -68.98 -1.55
N ALA B 369 -23.19 -70.08 -1.63
CA ALA B 369 -23.49 -71.14 -2.55
C ALA B 369 -24.85 -71.79 -2.23
N LEU B 370 -25.13 -72.03 -0.94
CA LEU B 370 -26.43 -72.59 -0.59
C LEU B 370 -27.55 -71.58 -0.83
N GLU B 371 -27.29 -70.30 -0.52
CA GLU B 371 -28.32 -69.32 -0.79
C GLU B 371 -28.57 -69.19 -2.28
N ALA B 372 -27.54 -69.33 -3.12
CA ALA B 372 -27.76 -69.22 -4.56
C ALA B 372 -28.82 -70.20 -5.01
N VAL B 373 -28.77 -71.41 -4.45
CA VAL B 373 -29.76 -72.42 -4.79
C VAL B 373 -31.16 -71.95 -4.38
N CYS B 374 -31.26 -71.41 -3.17
CA CYS B 374 -32.54 -70.91 -2.65
C CYS B 374 -33.09 -69.73 -3.47
N PHE B 375 -32.21 -68.86 -3.92
CA PHE B 375 -32.63 -67.70 -4.69
C PHE B 375 -33.14 -68.10 -6.07
N GLN B 376 -32.48 -69.08 -6.70
CA GLN B 376 -32.90 -69.56 -8.00
C GLN B 376 -34.31 -70.12 -7.90
N THR B 377 -34.56 -70.84 -6.79
CA THR B 377 -35.86 -71.42 -6.50
C THR B 377 -36.89 -70.31 -6.41
N ARG B 378 -36.58 -69.23 -5.68
CA ARG B 378 -37.52 -68.13 -5.59
C ARG B 378 -37.81 -67.50 -6.93
N GLU B 379 -36.80 -67.26 -7.78
CA GLU B 379 -37.12 -66.59 -9.04
C GLU B 379 -38.15 -67.38 -9.82
N ILE B 380 -37.99 -68.69 -9.82
CA ILE B 380 -38.95 -69.52 -10.49
C ILE B 380 -40.30 -69.59 -9.81
N LEU B 381 -40.34 -69.80 -8.50
CA LEU B 381 -41.64 -69.87 -7.86
C LEU B 381 -42.40 -68.57 -8.01
N ASP B 382 -41.73 -67.42 -7.94
CA ASP B 382 -42.46 -66.19 -8.10
C ASP B 382 -43.04 -66.14 -9.52
N ALA B 383 -42.27 -66.55 -10.52
CA ALA B 383 -42.77 -66.58 -11.89
C ALA B 383 -43.95 -67.54 -12.03
N MET B 384 -43.85 -68.71 -11.39
CA MET B 384 -44.90 -69.71 -11.45
C MET B 384 -46.17 -69.18 -10.83
N ASN B 385 -46.06 -68.52 -9.68
CA ASN B 385 -47.22 -68.00 -9.01
C ASN B 385 -47.90 -66.94 -9.87
N ARG B 386 -47.09 -66.07 -10.51
CA ARG B 386 -47.66 -65.03 -11.37
C ARG B 386 -48.42 -65.61 -12.56
N ASP B 387 -47.87 -66.64 -13.19
CA ASP B 387 -48.51 -67.27 -14.34
C ASP B 387 -49.69 -68.17 -13.98
N CYS B 388 -49.60 -68.88 -12.85
CA CYS B 388 -50.66 -69.81 -12.47
C CYS B 388 -51.84 -69.14 -11.78
N GLY B 389 -51.61 -68.08 -11.00
CA GLY B 389 -52.71 -67.46 -10.27
C GLY B 389 -52.99 -68.19 -8.97
N ILE B 390 -52.19 -69.21 -8.71
CA ILE B 390 -52.32 -70.05 -7.54
C ILE B 390 -51.11 -69.83 -6.65
N PRO B 391 -51.24 -69.26 -5.45
CA PRO B 391 -50.12 -69.04 -4.57
C PRO B 391 -49.69 -70.41 -4.10
N LEU B 392 -48.41 -70.62 -3.86
CA LEU B 392 -48.02 -71.92 -3.36
C LEU B 392 -48.00 -71.92 -1.84
N SER B 393 -48.88 -72.73 -1.24
CA SER B 393 -49.02 -72.76 0.21
C SER B 393 -47.91 -73.51 0.91
N HIS B 394 -47.29 -74.46 0.21
CA HIS B 394 -46.19 -75.25 0.74
C HIS B 394 -45.44 -75.80 -0.44
N LEU B 395 -44.16 -76.07 -0.29
CA LEU B 395 -43.39 -76.67 -1.36
C LEU B 395 -42.91 -78.05 -0.97
N GLN B 396 -43.13 -79.04 -1.83
CA GLN B 396 -42.62 -80.37 -1.51
C GLN B 396 -41.18 -80.42 -2.04
N VAL B 397 -40.27 -81.08 -1.34
CA VAL B 397 -38.91 -81.17 -1.85
C VAL B 397 -38.35 -82.58 -1.87
N ASP B 398 -37.36 -82.79 -2.72
CA ASP B 398 -36.64 -84.06 -2.78
C ASP B 398 -35.25 -83.87 -3.40
N GLY B 399 -34.49 -84.96 -3.55
CA GLY B 399 -33.14 -84.84 -4.10
C GLY B 399 -32.09 -84.81 -2.98
N GLY B 400 -30.84 -85.07 -3.33
CA GLY B 400 -29.73 -85.15 -2.38
C GLY B 400 -29.46 -83.92 -1.51
N MET B 401 -29.74 -82.72 -2.02
CA MET B 401 -29.44 -81.56 -1.20
C MET B 401 -30.51 -81.28 -0.15
N THR B 402 -31.56 -82.10 -0.10
CA THR B 402 -32.62 -81.88 0.89
C THR B 402 -32.20 -82.46 2.22
N ASN B 403 -31.00 -83.05 2.28
CA ASN B 403 -30.47 -83.56 3.53
C ASN B 403 -29.68 -82.45 4.23
N ASN B 404 -29.62 -81.27 3.61
CA ASN B 404 -28.94 -80.10 4.14
C ASN B 404 -29.99 -79.25 4.86
N LYS B 405 -29.99 -79.27 6.20
CA LYS B 405 -31.02 -78.59 6.97
C LYS B 405 -30.93 -77.09 6.78
N ILE B 406 -29.69 -76.59 6.65
CA ILE B 406 -29.53 -75.16 6.43
C ILE B 406 -30.15 -74.77 5.12
N LEU B 407 -29.89 -75.53 4.05
CA LEU B 407 -30.46 -75.17 2.77
C LEU B 407 -31.98 -75.16 2.83
N MET B 408 -32.59 -76.18 3.45
CA MET B 408 -34.04 -76.22 3.50
C MET B 408 -34.63 -75.08 4.33
N GLN B 409 -33.99 -74.73 5.46
CA GLN B 409 -34.51 -73.61 6.23
C GLN B 409 -34.33 -72.31 5.45
N LEU B 410 -33.18 -72.15 4.76
CA LEU B 410 -32.95 -70.94 3.99
C LEU B 410 -34.00 -70.81 2.90
N GLN B 411 -34.34 -71.91 2.24
CA GLN B 411 -35.34 -71.84 1.20
C GLN B 411 -36.70 -71.45 1.79
N ALA B 412 -37.07 -72.00 2.97
CA ALA B 412 -38.33 -71.63 3.58
C ALA B 412 -38.38 -70.13 3.83
N ASP B 413 -37.26 -69.60 4.33
CA ASP B 413 -37.10 -68.18 4.66
C ASP B 413 -37.16 -67.25 3.46
N ILE B 414 -36.46 -67.59 2.39
CA ILE B 414 -36.44 -66.75 1.19
C ILE B 414 -37.83 -66.67 0.57
N LEU B 415 -38.55 -67.80 0.53
CA LEU B 415 -39.87 -67.83 -0.07
C LEU B 415 -41.06 -67.53 0.85
N TYR B 416 -40.91 -67.73 2.15
CA TYR B 416 -41.94 -67.65 3.17
C TYR B 416 -43.03 -68.68 2.83
N ILE B 417 -42.53 -69.85 2.43
CA ILE B 417 -43.33 -71.01 2.09
C ILE B 417 -42.79 -72.22 2.83
N PRO B 418 -43.54 -72.91 3.68
CA PRO B 418 -43.08 -74.08 4.40
C PRO B 418 -42.53 -75.11 3.42
N VAL B 419 -41.41 -75.72 3.80
CA VAL B 419 -40.73 -76.72 2.97
C VAL B 419 -40.97 -78.11 3.52
N VAL B 420 -41.56 -78.98 2.70
CA VAL B 420 -41.94 -80.32 3.15
C VAL B 420 -41.12 -81.45 2.53
N LYS B 421 -40.46 -82.23 3.37
CA LYS B 421 -39.60 -83.31 2.93
C LYS B 421 -40.18 -84.72 3.22
N PRO B 422 -40.10 -85.68 2.27
CA PRO B 422 -40.48 -87.08 2.40
C PRO B 422 -39.44 -87.89 3.16
N SER B 423 -39.86 -89.03 3.73
CA SER B 423 -38.92 -89.97 4.37
C SER B 423 -38.06 -90.68 3.34
N MET B 424 -38.49 -90.61 2.08
CA MET B 424 -37.86 -91.15 0.89
C MET B 424 -37.35 -90.04 -0.05
N PRO B 425 -36.11 -89.51 0.09
CA PRO B 425 -35.50 -88.46 -0.75
C PRO B 425 -35.36 -88.86 -2.22
N GLU B 426 -35.39 -90.17 -2.50
CA GLU B 426 -35.17 -90.65 -3.86
C GLU B 426 -36.49 -90.99 -4.52
N THR B 427 -37.22 -89.91 -4.73
CA THR B 427 -38.55 -89.90 -5.28
C THR B 427 -38.57 -90.16 -6.75
N THR B 428 -37.48 -89.83 -7.46
CA THR B 428 -37.40 -90.06 -8.88
C THR B 428 -37.54 -91.55 -9.16
N ALA B 429 -36.75 -92.35 -8.44
CA ALA B 429 -36.81 -93.78 -8.58
C ALA B 429 -38.16 -94.33 -8.14
N LEU B 430 -38.74 -93.80 -7.07
CA LEU B 430 -40.04 -94.31 -6.67
C LEU B 430 -41.07 -93.99 -7.74
N GLY B 431 -41.03 -92.79 -8.31
CA GLY B 431 -41.95 -92.39 -9.34
C GLY B 431 -41.94 -93.40 -10.48
N ALA B 432 -40.74 -93.72 -10.97
CA ALA B 432 -40.62 -94.68 -12.06
C ALA B 432 -41.18 -96.04 -11.65
N ALA B 433 -40.92 -96.48 -10.41
CA ALA B 433 -41.45 -97.74 -9.95
C ALA B 433 -42.97 -97.72 -9.91
N MET B 434 -43.57 -96.63 -9.45
CA MET B 434 -45.02 -96.58 -9.38
C MET B 434 -45.62 -96.61 -10.77
N ALA B 435 -44.99 -95.94 -11.73
CA ALA B 435 -45.48 -95.96 -13.10
C ALA B 435 -45.46 -97.38 -13.66
N ALA B 436 -44.38 -98.11 -13.38
CA ALA B 436 -44.22 -99.49 -13.83
C ALA B 436 -45.24 -100.41 -13.16
N GLY B 437 -45.45 -100.18 -11.87
CA GLY B 437 -46.39 -100.94 -11.08
C GLY B 437 -47.78 -100.78 -11.65
N ALA B 438 -48.18 -99.54 -11.87
CA ALA B 438 -49.48 -99.17 -12.42
C ALA B 438 -49.71 -99.67 -13.84
N ALA B 439 -48.64 -99.69 -14.66
CA ALA B 439 -48.74 -100.12 -16.05
C ALA B 439 -49.30 -101.52 -16.11
N GLU B 440 -48.90 -102.30 -15.13
CA GLU B 440 -49.35 -103.66 -14.96
C GLU B 440 -50.26 -103.71 -13.76
N GLY B 441 -50.99 -102.62 -13.55
CA GLY B 441 -51.89 -102.44 -12.41
C GLY B 441 -52.70 -103.68 -12.14
N VAL B 442 -53.31 -104.26 -13.17
CA VAL B 442 -54.11 -105.43 -12.89
C VAL B 442 -53.17 -106.61 -12.60
N GLY B 443 -53.00 -106.85 -11.29
CA GLY B 443 -52.13 -107.87 -10.74
C GLY B 443 -50.83 -107.35 -10.10
N VAL B 444 -50.55 -106.05 -10.20
CA VAL B 444 -49.32 -105.50 -9.61
C VAL B 444 -49.52 -104.33 -8.65
N TRP B 445 -50.41 -103.40 -8.97
CA TRP B 445 -50.45 -102.16 -8.21
C TRP B 445 -51.84 -101.57 -8.07
N SER B 446 -52.26 -101.33 -6.84
CA SER B 446 -53.58 -100.77 -6.58
C SER B 446 -53.52 -99.67 -5.56
N LEU B 447 -52.32 -99.35 -5.08
CA LEU B 447 -52.24 -98.33 -4.07
C LEU B 447 -52.77 -97.04 -4.65
N LYS B 448 -53.68 -96.42 -3.93
CA LYS B 448 -54.24 -95.21 -4.42
C LYS B 448 -53.21 -94.23 -4.10
N PRO B 449 -53.15 -93.08 -4.77
CA PRO B 449 -52.31 -91.99 -4.38
C PRO B 449 -52.50 -91.73 -2.88
N GLU B 450 -53.73 -91.93 -2.40
CA GLU B 450 -54.06 -91.76 -1.00
C GLU B 450 -53.21 -92.65 -0.08
N ASP B 451 -52.86 -93.86 -0.52
CA ASP B 451 -52.09 -94.77 0.33
C ASP B 451 -50.63 -94.44 0.21
N LEU B 452 -50.25 -94.01 -0.97
CA LEU B 452 -48.88 -93.66 -1.27
C LEU B 452 -48.45 -92.38 -0.56
N SER B 453 -49.43 -91.52 -0.26
CA SER B 453 -49.26 -90.24 0.41
C SER B 453 -48.71 -90.39 1.83
N ALA B 454 -48.71 -91.62 2.37
CA ALA B 454 -48.24 -91.93 3.71
C ALA B 454 -46.75 -91.58 3.97
N VAL B 455 -45.96 -91.41 2.92
CA VAL B 455 -44.50 -91.14 3.03
C VAL B 455 -43.92 -89.80 3.63
N THR B 456 -44.71 -88.75 3.84
CA THR B 456 -44.18 -87.44 4.34
C THR B 456 -43.48 -87.48 5.71
N MET B 457 -42.26 -86.86 5.82
CA MET B 457 -41.50 -86.86 7.07
C MET B 457 -41.34 -85.54 7.88
N GLU B 458 -40.97 -84.43 7.25
CA GLU B 458 -40.69 -83.23 8.07
C GLU B 458 -40.97 -81.91 7.37
N ARG B 459 -41.13 -80.84 8.16
CA ARG B 459 -41.39 -79.53 7.59
C ARG B 459 -40.57 -78.39 8.20
N PHE B 460 -40.09 -77.50 7.33
CA PHE B 460 -39.32 -76.31 7.72
C PHE B 460 -40.14 -75.04 7.52
N GLU B 461 -40.47 -74.36 8.61
CA GLU B 461 -41.28 -73.15 8.50
C GLU B 461 -40.36 -71.93 8.58
N PRO B 462 -40.65 -70.84 7.82
CA PRO B 462 -39.85 -69.63 7.75
C PRO B 462 -39.75 -68.88 9.07
N GLN B 463 -38.57 -68.30 9.32
CA GLN B 463 -38.32 -67.52 10.54
C GLN B 463 -37.86 -66.07 10.25
N ILE B 464 -37.34 -65.84 9.04
CA ILE B 464 -36.73 -64.58 8.59
C ILE B 464 -37.71 -63.40 8.53
N ASN B 465 -37.23 -62.20 8.87
CA ASN B 465 -38.04 -61.00 8.78
C ASN B 465 -38.27 -60.68 7.30
N ALA B 466 -39.42 -60.14 6.96
CA ALA B 466 -39.66 -59.77 5.57
C ALA B 466 -38.62 -58.79 5.05
N LYS B 467 -38.17 -57.86 5.89
CA LYS B 467 -37.18 -56.88 5.45
C LYS B 467 -35.89 -57.57 5.05
N GLU B 468 -35.44 -58.49 5.90
CA GLU B 468 -34.21 -59.22 5.69
C GLU B 468 -34.28 -60.04 4.40
N SER B 469 -35.43 -60.66 4.16
CA SER B 469 -35.62 -61.48 2.98
C SER B 469 -35.55 -60.65 1.71
N GLU B 470 -36.28 -59.52 1.68
CA GLU B 470 -36.32 -58.68 0.49
C GLU B 470 -34.96 -58.05 0.18
N ILE B 471 -34.20 -57.67 1.20
CA ILE B 471 -32.89 -57.09 0.95
C ILE B 471 -31.96 -58.13 0.33
N ARG B 472 -31.93 -59.34 0.91
CA ARG B 472 -31.07 -60.40 0.39
C ARG B 472 -31.44 -60.74 -1.06
N TYR B 473 -32.74 -60.88 -1.31
CA TYR B 473 -33.26 -61.18 -2.62
C TYR B 473 -32.91 -60.12 -3.64
N SER B 474 -33.14 -58.85 -3.32
CA SER B 474 -32.84 -57.75 -4.22
C SER B 474 -31.34 -57.72 -4.57
N THR B 475 -30.47 -57.90 -3.57
CA THR B 475 -29.05 -57.88 -3.81
C THR B 475 -28.64 -59.03 -4.75
N TRP B 476 -29.19 -60.24 -4.51
CA TRP B 476 -28.88 -61.34 -5.39
C TRP B 476 -29.33 -61.04 -6.81
N LYS B 477 -30.55 -60.48 -6.99
CA LYS B 477 -30.99 -60.15 -8.34
C LYS B 477 -29.99 -59.23 -9.04
N LYS B 478 -29.44 -58.24 -8.31
CA LYS B 478 -28.43 -57.38 -8.93
C LYS B 478 -27.22 -58.21 -9.36
N ALA B 479 -26.78 -59.15 -8.51
CA ALA B 479 -25.66 -60.01 -8.88
C ALA B 479 -26.01 -60.80 -10.14
N VAL B 480 -27.25 -61.26 -10.27
CA VAL B 480 -27.60 -62.01 -11.45
C VAL B 480 -27.48 -61.13 -12.67
N LYS B 481 -27.98 -59.90 -12.61
CA LYS B 481 -27.86 -59.04 -13.78
C LYS B 481 -26.38 -58.86 -14.16
N LYS B 482 -25.50 -58.73 -13.17
CA LYS B 482 -24.07 -58.61 -13.43
C LYS B 482 -23.48 -59.83 -14.16
N SER B 483 -24.03 -61.02 -13.89
CA SER B 483 -23.55 -62.27 -14.51
C SER B 483 -23.93 -62.40 -15.99
N MET B 484 -24.88 -61.57 -16.46
CA MET B 484 -25.41 -61.67 -17.81
C MET B 484 -24.55 -60.91 -18.80
N GLY B 485 -24.49 -61.40 -20.03
CA GLY B 485 -23.75 -60.70 -21.08
C GLY B 485 -22.23 -60.87 -21.01
N TRP B 486 -21.75 -61.80 -20.21
CA TRP B 486 -20.30 -61.98 -20.08
C TRP B 486 -19.60 -62.36 -21.37
N VAL B 487 -20.10 -63.37 -22.08
CA VAL B 487 -19.37 -63.81 -23.26
C VAL B 487 -19.50 -62.84 -24.43
N MET C 1 26.83 113.08 36.93
CA MET C 1 27.26 112.42 38.16
C MET C 1 28.10 111.19 37.84
N ALA C 2 29.30 111.14 38.41
CA ALA C 2 30.17 109.98 38.22
C ALA C 2 29.50 108.74 38.77
N SER C 3 29.73 107.60 38.13
CA SER C 3 29.19 106.37 38.64
C SER C 3 29.95 105.93 39.88
N TYR C 4 29.34 105.04 40.65
CA TYR C 4 29.97 104.51 41.84
C TYR C 4 30.05 103.01 41.85
N GLY C 5 31.18 102.51 42.35
CA GLY C 5 31.36 101.08 42.53
C GLY C 5 31.19 100.71 44.01
N GLN C 6 30.91 101.71 44.82
CA GLN C 6 30.75 101.64 46.27
C GLN C 6 30.40 103.03 46.78
N THR C 7 29.64 103.12 47.86
CA THR C 7 29.32 104.44 48.37
C THR C 7 29.62 104.67 49.84
N CYS C 8 30.01 105.91 50.10
CA CYS C 8 30.31 106.32 51.45
C CYS C 8 30.12 107.82 51.56
N PRO C 9 29.82 108.33 52.76
CA PRO C 9 29.73 109.71 53.18
C PRO C 9 31.08 110.25 53.51
N ARG C 10 31.14 111.50 53.90
CA ARG C 10 32.38 112.06 54.42
C ARG C 10 32.52 111.61 55.88
N PRO C 11 33.74 111.55 56.43
CA PRO C 11 33.98 111.31 57.82
C PRO C 11 33.22 112.41 58.61
N MET C 12 32.67 112.09 59.79
CA MET C 12 32.87 110.81 60.46
C MET C 12 31.61 109.93 60.56
N CYS C 13 30.93 109.66 59.42
CA CYS C 13 29.85 108.68 59.38
C CYS C 13 30.43 107.32 58.99
N ILE C 14 31.74 107.32 58.74
CA ILE C 14 32.53 106.14 58.41
C ILE C 14 33.36 105.88 59.66
N PRO C 15 33.28 104.70 60.28
CA PRO C 15 33.97 104.36 61.50
C PRO C 15 35.46 104.17 61.26
N PRO C 16 36.26 104.21 62.34
CA PRO C 16 37.69 103.96 62.41
C PRO C 16 37.94 102.49 62.11
N SER C 17 39.16 102.13 61.71
CA SER C 17 39.45 100.71 61.51
C SER C 17 39.63 100.12 62.88
N TYR C 18 39.66 98.80 63.01
CA TYR C 18 39.81 98.20 64.34
C TYR C 18 41.04 98.78 65.05
N ALA C 19 42.14 98.90 64.33
CA ALA C 19 43.41 99.42 64.84
C ALA C 19 43.32 100.87 65.34
N ASP C 20 42.34 101.63 64.87
CA ASP C 20 42.18 103.02 65.23
C ASP C 20 41.22 103.20 66.42
N LEU C 21 40.66 102.11 66.94
CA LEU C 21 39.75 102.28 68.05
C LEU C 21 40.54 102.73 69.25
N GLY C 22 40.12 103.84 69.86
CA GLY C 22 40.82 104.35 71.03
C GLY C 22 42.04 105.22 70.67
N LYS C 23 42.24 105.50 69.37
CA LYS C 23 43.41 106.28 68.99
C LYS C 23 43.54 107.62 69.70
N ALA C 24 42.45 108.36 69.90
CA ALA C 24 42.60 109.67 70.52
C ALA C 24 43.17 109.58 71.94
N ALA C 25 42.67 108.62 72.74
CA ALA C 25 43.19 108.44 74.10
C ALA C 25 44.65 108.01 74.03
N ARG C 26 44.96 107.11 73.07
CA ARG C 26 46.31 106.61 72.94
C ARG C 26 47.28 107.73 72.60
N ASP C 27 46.89 108.64 71.71
CA ASP C 27 47.77 109.75 71.37
C ASP C 27 48.10 110.61 72.57
N ILE C 28 47.15 110.83 73.48
CA ILE C 28 47.50 111.62 74.67
C ILE C 28 48.60 110.91 75.46
N PHE C 29 48.47 109.60 75.66
CA PHE C 29 49.48 108.83 76.38
C PHE C 29 50.81 108.63 75.62
N ASN C 30 50.78 108.58 74.29
CA ASN C 30 52.00 108.34 73.51
C ASN C 30 52.70 109.58 72.91
N LYS C 31 51.94 110.48 72.30
CA LYS C 31 52.58 111.60 71.62
C LYS C 31 53.09 112.60 72.61
N GLY C 32 54.22 113.20 72.28
CA GLY C 32 54.83 114.19 73.15
C GLY C 32 55.87 113.59 74.08
N PHE C 33 56.00 112.25 74.10
CA PHE C 33 56.99 111.64 74.98
C PHE C 33 57.99 110.82 74.15
N GLY C 34 59.26 110.83 74.56
CA GLY C 34 60.32 110.07 73.88
C GLY C 34 61.36 109.51 74.85
N PHE C 35 60.93 109.07 76.01
CA PHE C 35 61.83 108.70 77.09
C PHE C 35 62.85 107.67 76.66
N GLY C 36 64.12 107.91 76.93
CA GLY C 36 65.17 106.96 76.62
C GLY C 36 65.75 107.12 75.22
N LEU C 37 65.14 107.96 74.39
CA LEU C 37 65.65 108.10 73.05
C LEU C 37 65.91 109.53 72.59
N VAL C 38 66.83 109.63 71.62
CA VAL C 38 67.02 110.89 70.92
C VAL C 38 66.57 110.66 69.49
N LYS C 39 65.63 111.48 69.01
CA LYS C 39 65.10 111.29 67.66
C LYS C 39 65.26 112.51 66.78
N LEU C 40 65.53 112.26 65.51
CA LEU C 40 65.75 113.31 64.53
C LEU C 40 64.95 113.09 63.25
N ASP C 41 63.97 113.93 63.00
CA ASP C 41 63.12 113.75 61.84
C ASP C 41 63.18 114.87 60.80
N VAL C 42 63.72 114.57 59.63
CA VAL C 42 63.85 115.58 58.58
C VAL C 42 62.91 115.23 57.45
N LYS C 43 62.02 116.14 57.12
CA LYS C 43 61.07 115.89 56.05
C LYS C 43 61.19 117.00 55.04
N THR C 44 61.19 116.63 53.78
CA THR C 44 61.28 117.62 52.72
C THR C 44 60.34 117.29 51.60
N LYS C 45 59.95 118.28 50.84
CA LYS C 45 59.22 117.98 49.63
C LYS C 45 59.72 118.75 48.44
N SER C 46 59.46 118.20 47.28
CA SER C 46 59.70 118.85 46.01
C SER C 46 58.45 118.96 45.18
N CYS C 47 58.35 120.06 44.43
CA CYS C 47 57.25 120.37 43.53
C CYS C 47 57.06 119.34 42.41
N SER C 48 58.00 118.40 42.27
CA SER C 48 57.89 117.34 41.28
C SER C 48 56.93 116.24 41.76
N GLY C 49 56.45 116.34 43.01
CA GLY C 49 55.50 115.34 43.52
C GLY C 49 56.20 114.26 44.34
N VAL C 50 57.36 114.58 44.85
CA VAL C 50 58.09 113.61 45.64
C VAL C 50 58.34 114.15 47.03
N GLU C 51 58.09 113.31 48.00
CA GLU C 51 58.33 113.66 49.38
C GLU C 51 59.43 112.79 49.92
N PHE C 52 60.26 113.35 50.76
CA PHE C 52 61.33 112.57 51.36
C PHE C 52 61.21 112.65 52.86
N SER C 53 61.60 111.58 53.53
CA SER C 53 61.59 111.56 54.99
C SER C 53 62.69 110.70 55.57
N THR C 54 63.46 111.29 56.46
CA THR C 54 64.55 110.57 57.11
C THR C 54 64.42 110.65 58.62
N SER C 55 64.49 109.51 59.28
CA SER C 55 64.29 109.46 60.72
C SER C 55 65.42 108.74 61.44
N GLY C 56 66.14 109.49 62.25
CA GLY C 56 67.26 108.98 63.03
C GLY C 56 66.79 108.63 64.43
N SER C 57 67.42 107.63 65.08
CA SER C 57 67.04 107.31 66.46
C SER C 57 68.13 106.65 67.32
N SER C 58 68.37 107.20 68.50
CA SER C 58 69.38 106.68 69.43
C SER C 58 68.76 106.18 70.73
N ASN C 59 68.93 104.90 71.02
CA ASN C 59 68.32 104.29 72.20
C ASN C 59 69.30 104.15 73.37
N THR C 60 69.07 104.93 74.43
CA THR C 60 69.95 105.06 75.58
C THR C 60 70.17 103.75 76.31
N ASP C 61 69.23 102.83 76.19
CA ASP C 61 69.28 101.57 76.90
C ASP C 61 69.95 100.47 76.12
N THR C 62 70.45 100.78 74.91
CA THR C 62 71.13 99.75 74.14
C THR C 62 72.45 100.31 73.65
N GLY C 63 72.49 101.64 73.50
CA GLY C 63 73.65 102.35 72.96
C GLY C 63 73.68 102.34 71.43
N LYS C 64 72.65 101.75 70.82
CA LYS C 64 72.52 101.64 69.38
C LYS C 64 71.93 102.89 68.77
N VAL C 65 72.48 103.27 67.64
CA VAL C 65 71.98 104.40 66.90
C VAL C 65 71.52 103.81 65.55
N THR C 66 70.26 104.06 65.20
CA THR C 66 69.61 103.55 63.99
C THR C 66 68.92 104.63 63.18
N GLY C 67 68.16 104.21 62.16
CA GLY C 67 67.42 105.13 61.32
C GLY C 67 66.85 104.49 60.04
N THR C 68 65.90 105.23 59.47
CA THR C 68 65.18 104.87 58.24
C THR C 68 65.08 106.04 57.25
N LEU C 69 65.20 105.74 55.96
CA LEU C 69 65.01 106.76 54.92
C LEU C 69 63.95 106.30 53.92
N GLU C 70 63.00 107.19 53.63
CA GLU C 70 61.94 106.90 52.67
C GLU C 70 61.78 107.99 51.61
N THR C 71 61.40 107.55 50.41
CA THR C 71 61.06 108.45 49.31
C THR C 71 59.66 108.09 48.79
N LYS C 72 58.78 109.07 48.71
CA LYS C 72 57.42 108.80 48.27
C LYS C 72 57.01 109.60 47.05
N TYR C 73 56.41 108.93 46.08
CA TYR C 73 55.95 109.60 44.87
C TYR C 73 54.42 109.56 44.81
N LYS C 74 53.82 110.74 44.67
CA LYS C 74 52.35 110.82 44.66
C LYS C 74 51.69 111.12 43.33
N TRP C 75 51.10 110.10 42.73
CA TRP C 75 50.46 110.23 41.44
C TRP C 75 49.02 110.63 41.70
N CYS C 76 48.84 111.91 41.96
CA CYS C 76 47.57 112.48 42.40
C CYS C 76 46.46 112.27 41.38
N GLU C 77 46.82 112.26 40.10
CA GLU C 77 45.87 112.07 39.00
C GLU C 77 45.44 110.61 38.81
N TYR C 78 46.10 109.68 39.49
CA TYR C 78 45.84 108.26 39.37
C TYR C 78 45.34 107.63 40.66
N GLY C 79 45.64 108.29 41.81
CA GLY C 79 45.31 107.71 43.09
C GLY C 79 46.37 106.69 43.47
N LEU C 80 47.59 106.88 42.97
CA LEU C 80 48.64 105.92 43.26
C LEU C 80 49.82 106.50 44.01
N THR C 81 50.29 105.79 45.02
CA THR C 81 51.47 106.23 45.78
C THR C 81 52.54 105.16 45.74
N PHE C 82 53.74 105.57 45.37
CA PHE C 82 54.86 104.65 45.25
C PHE C 82 55.95 105.02 46.28
N THR C 83 56.33 104.08 47.13
CA THR C 83 57.34 104.38 48.15
C THR C 83 58.56 103.50 48.09
N GLU C 84 59.73 104.12 48.15
CA GLU C 84 61.00 103.41 48.22
C GLU C 84 61.54 103.56 49.66
N LYS C 85 62.05 102.48 50.25
CA LYS C 85 62.56 102.60 51.62
C LYS C 85 63.84 101.82 51.90
N TRP C 86 64.68 102.39 52.77
CA TRP C 86 65.91 101.73 53.24
C TRP C 86 66.15 101.98 54.74
N ASN C 87 66.81 101.04 55.42
CA ASN C 87 67.19 101.38 56.80
C ASN C 87 68.57 100.85 57.18
N THR C 88 68.99 101.13 58.42
CA THR C 88 70.34 100.80 58.93
C THR C 88 70.61 99.34 59.13
N ASP C 89 69.59 98.52 59.06
CA ASP C 89 69.78 97.10 59.25
C ASP C 89 69.87 96.48 57.87
N ASN C 90 70.03 97.35 56.87
CA ASN C 90 70.12 97.00 55.48
C ASN C 90 68.86 96.37 54.97
N THR C 91 67.71 96.76 55.49
CA THR C 91 66.49 96.25 54.95
C THR C 91 66.00 97.29 53.96
N LEU C 92 65.63 96.82 52.78
CA LEU C 92 65.14 97.67 51.72
C LEU C 92 63.78 97.22 51.21
N GLY C 93 63.03 98.13 50.60
CA GLY C 93 61.77 97.69 50.03
C GLY C 93 60.99 98.72 49.23
N THR C 94 59.86 98.25 48.69
CA THR C 94 58.96 99.05 47.87
C THR C 94 57.50 98.87 48.29
N GLU C 95 56.77 99.97 48.35
CA GLU C 95 55.36 99.90 48.68
C GLU C 95 54.51 100.62 47.63
N ILE C 96 53.43 99.98 47.17
CA ILE C 96 52.55 100.64 46.21
C ILE C 96 51.12 100.67 46.72
N ALA C 97 50.57 101.87 46.83
CA ALA C 97 49.20 102.00 47.32
C ALA C 97 48.29 102.54 46.22
N ILE C 98 47.09 102.01 46.21
CA ILE C 98 46.03 102.35 45.28
C ILE C 98 44.79 102.86 46.00
N GLU C 99 44.33 104.09 45.71
CA GLU C 99 43.16 104.63 46.42
C GLU C 99 42.05 105.10 45.48
N ASP C 100 40.86 104.52 45.66
CA ASP C 100 39.64 104.83 44.88
C ASP C 100 39.76 104.54 43.38
N GLN C 101 40.74 103.71 43.01
CA GLN C 101 40.96 103.35 41.62
C GLN C 101 40.04 102.24 41.17
N ILE C 102 39.70 101.33 42.09
CA ILE C 102 38.88 100.18 41.79
C ILE C 102 37.43 100.59 41.99
N CYS C 103 37.12 101.05 43.20
CA CYS C 103 35.80 101.56 43.56
C CYS C 103 36.01 102.55 44.68
N GLN C 104 35.04 103.43 44.90
CA GLN C 104 35.16 104.41 45.95
C GLN C 104 35.23 103.81 47.33
N GLY C 105 36.15 104.33 48.14
CA GLY C 105 36.30 103.86 49.50
C GLY C 105 37.23 102.65 49.57
N LEU C 106 37.78 102.20 48.44
CA LEU C 106 38.66 101.05 48.47
C LEU C 106 40.12 101.44 48.38
N LYS C 107 40.90 100.90 49.31
CA LYS C 107 42.34 101.08 49.35
C LYS C 107 43.07 99.74 49.30
N LEU C 108 44.00 99.63 48.37
CA LEU C 108 44.79 98.42 48.18
C LEU C 108 46.29 98.74 48.26
N THR C 109 47.02 98.00 49.09
CA THR C 109 48.46 98.27 49.20
C THR C 109 49.35 97.03 49.12
N PHE C 110 50.41 97.14 48.32
CA PHE C 110 51.38 96.07 48.16
C PHE C 110 52.72 96.44 48.79
N ASP C 111 53.17 95.66 49.78
CA ASP C 111 54.41 95.93 50.51
C ASP C 111 55.50 94.84 50.36
N THR C 112 56.56 95.12 49.60
CA THR C 112 57.61 94.10 49.37
C THR C 112 58.93 94.52 50.03
N THR C 113 59.47 93.62 50.86
CA THR C 113 60.69 93.85 51.62
C THR C 113 61.78 92.79 51.39
N PHE C 114 63.03 93.25 51.31
CA PHE C 114 64.20 92.39 51.13
C PHE C 114 65.31 92.72 52.13
N SER C 115 65.94 91.68 52.69
CA SER C 115 67.05 91.92 53.58
C SER C 115 68.29 91.08 53.24
N PRO C 116 69.32 91.67 52.59
CA PRO C 116 70.58 91.06 52.14
C PRO C 116 71.36 90.45 53.30
N ASN C 117 71.02 90.83 54.54
CA ASN C 117 71.69 90.28 55.74
C ASN C 117 71.55 88.76 55.76
N THR C 118 70.46 88.27 55.16
CA THR C 118 70.13 86.86 55.08
C THR C 118 69.72 86.49 53.67
N GLY C 119 69.35 87.50 52.88
CA GLY C 119 68.84 87.32 51.53
C GLY C 119 67.33 87.06 51.50
N LYS C 120 66.70 87.15 52.67
CA LYS C 120 65.28 86.94 52.84
C LYS C 120 64.40 87.94 52.11
N LYS C 121 63.34 87.43 51.48
CA LYS C 121 62.36 88.28 50.82
C LYS C 121 60.98 87.94 51.38
N SER C 122 60.19 88.95 51.67
CA SER C 122 58.84 88.78 52.22
C SER C 122 57.97 89.98 51.92
N GLY C 123 56.68 89.89 52.22
CA GLY C 123 55.84 91.06 51.99
C GLY C 123 54.40 90.91 52.45
N LYS C 124 53.62 91.95 52.23
CA LYS C 124 52.24 91.99 52.64
C LYS C 124 51.32 92.57 51.56
N ILE C 125 50.09 92.08 51.54
CA ILE C 125 49.08 92.70 50.68
C ILE C 125 47.94 93.16 51.56
N LYS C 126 47.61 94.43 51.48
CA LYS C 126 46.58 94.96 52.34
C LYS C 126 45.37 95.43 51.54
N SER C 127 44.19 95.22 52.10
CA SER C 127 42.94 95.69 51.50
C SER C 127 41.99 96.27 52.54
N SER C 128 41.50 97.48 52.28
CA SER C 128 40.61 98.18 53.21
C SER C 128 39.47 98.93 52.53
N TYR C 129 38.25 98.67 53.00
CA TYR C 129 37.04 99.24 52.44
C TYR C 129 36.30 100.16 53.43
N LYS C 130 36.10 101.41 53.02
CA LYS C 130 35.38 102.39 53.82
C LYS C 130 34.03 102.71 53.23
N ARG C 131 32.98 102.55 54.02
CA ARG C 131 31.62 102.84 53.57
C ARG C 131 30.79 103.42 54.68
N GLU C 132 29.60 103.88 54.36
CA GLU C 132 28.77 104.40 55.43
C GLU C 132 28.63 103.37 56.54
N CYS C 133 28.93 103.77 57.78
CA CYS C 133 28.85 102.96 59.00
C CYS C 133 29.66 101.65 59.03
N VAL C 134 30.57 101.41 58.06
CA VAL C 134 31.41 100.20 58.10
C VAL C 134 32.86 100.48 57.64
N ASN C 135 33.82 99.90 58.34
CA ASN C 135 35.23 99.97 57.97
C ASN C 135 35.82 98.55 58.09
N LEU C 136 36.03 97.90 56.94
CA LEU C 136 36.47 96.50 56.97
C LEU C 136 37.70 96.26 56.12
N GLY C 137 38.46 95.21 56.43
CA GLY C 137 39.61 94.91 55.60
C GLY C 137 40.40 93.70 56.05
N CYS C 138 41.55 93.51 55.40
CA CYS C 138 42.43 92.41 55.70
C CYS C 138 43.85 92.58 55.18
N ASP C 139 44.81 92.24 56.04
CA ASP C 139 46.22 92.24 55.68
C ASP C 139 46.70 90.79 55.52
N VAL C 140 47.32 90.45 54.41
CA VAL C 140 47.85 89.08 54.30
C VAL C 140 49.37 89.16 54.24
N ASP C 141 49.99 88.47 55.19
CA ASP C 141 51.44 88.43 55.39
C ASP C 141 52.06 87.22 54.74
N PHE C 142 52.86 87.44 53.69
CA PHE C 142 53.46 86.37 52.91
C PHE C 142 54.92 86.19 53.32
N ASP C 143 55.23 85.03 53.88
CA ASP C 143 56.57 84.73 54.38
C ASP C 143 56.83 83.23 54.30
N PHE C 144 58.03 82.82 54.71
CA PHE C 144 58.37 81.42 54.72
C PHE C 144 57.40 80.68 55.60
N ALA C 145 56.84 79.60 55.07
CA ALA C 145 55.89 78.79 55.81
C ALA C 145 54.70 79.59 56.35
N GLY C 146 54.27 80.59 55.58
CA GLY C 146 53.07 81.36 55.86
C GLY C 146 52.08 80.97 54.76
N PRO C 147 51.18 81.87 54.34
CA PRO C 147 50.85 83.22 54.78
C PRO C 147 50.03 83.29 56.06
N ALA C 148 50.03 84.46 56.68
CA ALA C 148 49.10 84.72 57.76
C ALA C 148 48.03 85.71 57.30
N ILE C 149 46.83 85.51 57.77
CA ILE C 149 45.73 86.36 57.38
C ILE C 149 45.20 87.16 58.55
N HIS C 150 45.22 88.48 58.44
CA HIS C 150 44.78 89.35 59.52
C HIS C 150 43.53 90.14 59.11
N GLY C 151 42.35 89.66 59.48
CA GLY C 151 41.09 90.28 59.06
C GLY C 151 40.52 91.20 60.13
N SER C 152 39.72 92.18 59.73
CA SER C 152 39.07 93.02 60.74
C SER C 152 37.86 93.76 60.21
N ALA C 153 37.00 94.18 61.14
CA ALA C 153 35.90 95.04 60.76
C ALA C 153 35.32 95.77 61.94
N VAL C 154 34.96 97.02 61.67
CA VAL C 154 34.30 97.90 62.60
C VAL C 154 33.03 98.44 61.97
N PHE C 155 31.99 98.50 62.75
CA PHE C 155 30.74 99.02 62.28
C PHE C 155 30.12 99.88 63.34
N GLY C 156 29.17 100.71 62.94
CA GLY C 156 28.54 101.49 63.99
C GLY C 156 27.22 102.12 63.65
N TYR C 157 26.70 102.85 64.64
CA TYR C 157 25.41 103.51 64.52
C TYR C 157 25.20 104.58 65.59
N GLU C 158 24.86 105.80 65.17
CA GLU C 158 24.60 106.92 66.11
C GLU C 158 25.69 107.13 67.16
N GLY C 159 26.94 107.01 66.75
CA GLY C 159 28.10 107.20 67.62
C GLY C 159 28.59 105.91 68.26
N TRP C 160 27.81 104.84 68.18
CA TRP C 160 28.23 103.58 68.80
C TRP C 160 29.07 102.77 67.85
N LEU C 161 30.14 102.18 68.38
CA LEU C 161 31.03 101.33 67.62
C LEU C 161 31.17 99.92 68.15
N ALA C 162 31.42 99.00 67.24
CA ALA C 162 31.75 97.65 67.61
C ALA C 162 32.58 97.01 66.51
N GLY C 163 33.38 96.01 66.86
CA GLY C 163 34.15 95.33 65.84
C GLY C 163 35.01 94.20 66.34
N TYR C 164 35.77 93.64 65.40
CA TYR C 164 36.63 92.51 65.67
C TYR C 164 37.89 92.52 64.83
N GLN C 165 38.84 91.70 65.25
CA GLN C 165 40.08 91.47 64.54
C GLN C 165 40.54 90.02 64.70
N MET C 166 40.86 89.35 63.60
CA MET C 166 41.30 87.96 63.72
C MET C 166 42.52 87.63 62.89
N THR C 167 43.42 86.85 63.48
CA THR C 167 44.61 86.40 62.78
C THR C 167 44.59 84.90 62.62
N PHE C 168 44.81 84.47 61.39
CA PHE C 168 44.83 83.06 61.05
C PHE C 168 46.19 82.68 60.47
N ASP C 169 46.61 81.46 60.73
CA ASP C 169 47.84 80.92 60.18
C ASP C 169 47.52 79.83 59.14
N SER C 170 47.70 80.15 57.85
CA SER C 170 47.30 79.27 56.76
C SER C 170 48.17 78.03 56.66
N ALA C 171 49.29 78.01 57.36
CA ALA C 171 50.14 76.83 57.32
C ALA C 171 49.60 75.78 58.30
N LYS C 172 48.63 76.18 59.14
CA LYS C 172 48.05 75.32 60.13
C LYS C 172 46.56 75.19 59.84
N SER C 173 46.01 76.23 59.22
CA SER C 173 44.58 76.43 58.96
C SER C 173 43.84 76.58 60.29
N LYS C 174 44.45 77.39 61.16
CA LYS C 174 43.94 77.67 62.49
C LYS C 174 43.87 79.16 62.80
N LEU C 175 42.93 79.54 63.67
CA LEU C 175 42.89 80.90 64.19
C LEU C 175 43.90 80.97 65.32
N THR C 176 44.70 82.03 65.34
CA THR C 176 45.70 82.19 66.39
C THR C 176 45.37 83.36 67.32
N ARG C 177 44.60 84.35 66.83
CA ARG C 177 44.20 85.51 67.63
C ARG C 177 42.77 85.95 67.29
N ASN C 178 41.99 86.29 68.31
CA ASN C 178 40.62 86.80 68.08
C ASN C 178 40.27 87.92 69.08
N ASN C 179 40.34 89.16 68.58
CA ASN C 179 40.13 90.33 69.41
C ASN C 179 38.73 90.91 69.16
N PHE C 180 38.13 91.48 70.20
CA PHE C 180 36.84 92.16 70.05
C PHE C 180 36.83 93.51 70.74
N ALA C 181 36.02 94.42 70.23
CA ALA C 181 35.88 95.72 70.89
C ALA C 181 34.54 96.37 70.68
N VAL C 182 34.19 97.20 71.66
CA VAL C 182 33.00 98.04 71.64
C VAL C 182 33.34 99.45 72.08
N GLY C 183 32.49 100.41 71.75
CA GLY C 183 32.71 101.77 72.23
C GLY C 183 31.71 102.80 71.75
N TYR C 184 32.01 104.05 72.05
CA TYR C 184 31.20 105.19 71.69
C TYR C 184 32.07 106.38 71.34
N ARG C 185 31.73 107.11 70.28
CA ARG C 185 32.49 108.31 70.00
C ARG C 185 31.68 109.51 69.59
N THR C 186 32.15 110.65 70.07
CA THR C 186 31.67 111.93 69.63
C THR C 186 32.83 112.93 69.58
N GLY C 187 32.51 114.18 69.33
CA GLY C 187 33.53 115.23 69.21
C GLY C 187 34.25 115.52 70.53
N ASP C 188 33.51 115.44 71.63
CA ASP C 188 34.00 115.78 72.96
C ASP C 188 34.64 114.60 73.69
N PHE C 189 34.20 113.39 73.42
CA PHE C 189 34.76 112.27 74.13
C PHE C 189 34.64 110.96 73.38
N GLN C 190 35.47 110.00 73.78
CA GLN C 190 35.38 108.66 73.24
C GLN C 190 35.56 107.61 74.35
N LEU C 191 34.77 106.56 74.26
CA LEU C 191 34.82 105.47 75.22
C LEU C 191 35.08 104.15 74.52
N HIS C 192 36.11 103.42 74.96
CA HIS C 192 36.42 102.14 74.33
C HIS C 192 36.71 101.02 75.32
N THR C 193 36.19 99.84 75.02
CA THR C 193 36.45 98.62 75.79
C THR C 193 36.81 97.47 74.84
N ASN C 194 37.79 96.66 75.22
CA ASN C 194 38.14 95.53 74.37
C ASN C 194 38.64 94.30 75.11
N VAL C 195 38.74 93.22 74.35
CA VAL C 195 39.26 91.95 74.81
C VAL C 195 40.12 91.25 73.77
N ASN C 196 41.26 90.69 74.21
CA ASN C 196 42.10 89.92 73.34
C ASN C 196 42.13 88.45 73.76
N ASP C 197 41.57 87.58 72.90
CA ASP C 197 41.51 86.12 73.08
C ASP C 197 40.76 85.65 74.32
N GLY C 198 39.93 86.51 74.89
CA GLY C 198 39.14 86.16 76.04
C GLY C 198 39.91 86.25 77.36
N THR C 199 41.19 86.66 77.28
CA THR C 199 42.05 86.72 78.46
C THR C 199 42.48 88.13 78.82
N GLU C 200 42.94 88.90 77.84
CA GLU C 200 43.41 90.24 78.15
C GLU C 200 42.31 91.25 77.94
N PHE C 201 41.99 92.02 78.95
CA PHE C 201 40.92 92.98 78.85
C PHE C 201 41.39 94.39 79.12
N GLY C 202 40.72 95.37 78.54
CA GLY C 202 41.07 96.74 78.85
C GLY C 202 40.18 97.72 78.15
N GLY C 203 40.57 98.98 78.24
CA GLY C 203 39.78 100.05 77.65
C GLY C 203 40.37 101.42 77.91
N SER C 204 39.70 102.43 77.40
CA SER C 204 40.17 103.79 77.56
C SER C 204 39.08 104.84 77.44
N ILE C 205 39.36 105.98 78.05
CA ILE C 205 38.50 107.15 78.01
C ILE C 205 39.25 108.34 77.46
N TYR C 206 38.68 108.99 76.45
CA TYR C 206 39.22 110.23 75.89
C TYR C 206 38.24 111.33 76.23
N GLN C 207 38.72 112.45 76.74
CA GLN C 207 37.81 113.54 77.05
C GLN C 207 38.40 114.94 76.77
N LYS C 208 37.64 115.76 76.05
CA LYS C 208 38.02 117.16 75.88
C LYS C 208 37.54 117.85 77.14
N VAL C 209 38.39 118.65 77.75
CA VAL C 209 37.98 119.28 78.99
C VAL C 209 37.82 120.76 78.77
N CYS C 210 38.81 121.35 78.17
CA CYS C 210 38.81 122.77 77.91
C CYS C 210 39.35 122.91 76.54
N GLU C 211 39.27 124.09 75.98
CA GLU C 211 39.77 124.28 74.62
C GLU C 211 41.25 123.92 74.45
N ASP C 212 42.03 124.21 75.48
CA ASP C 212 43.44 123.92 75.52
C ASP C 212 43.78 122.64 76.30
N LEU C 213 42.78 121.82 76.66
CA LEU C 213 43.09 120.64 77.48
C LEU C 213 42.41 119.34 77.07
N ASP C 214 43.26 118.36 76.75
CA ASP C 214 42.89 117.02 76.31
C ASP C 214 43.30 115.99 77.37
N THR C 215 42.36 115.22 77.92
CA THR C 215 42.76 114.24 78.95
C THR C 215 42.31 112.82 78.60
N SER C 216 42.94 111.83 79.24
CA SER C 216 42.53 110.44 79.03
C SER C 216 42.88 109.48 80.18
N VAL C 217 42.18 108.35 80.18
CA VAL C 217 42.39 107.27 81.16
C VAL C 217 42.54 105.92 80.47
N ASN C 218 43.56 105.15 80.85
CA ASN C 218 43.75 103.78 80.34
C ASN C 218 43.50 102.75 81.43
N LEU C 219 42.82 101.65 81.06
CA LEU C 219 42.52 100.54 81.96
C LEU C 219 42.96 99.20 81.35
N ALA C 220 43.45 98.27 82.19
CA ALA C 220 43.76 96.93 81.71
C ALA C 220 43.73 95.88 82.83
N TRP C 221 43.40 94.64 82.48
CA TRP C 221 43.41 93.55 83.45
C TRP C 221 43.55 92.17 82.80
N THR C 222 44.00 91.19 83.58
CA THR C 222 44.16 89.82 83.01
C THR C 222 43.28 88.75 83.64
N SER C 223 42.55 88.03 82.80
CA SER C 223 41.69 86.96 83.29
C SER C 223 42.47 85.90 84.03
N GLY C 224 41.86 85.44 85.11
CA GLY C 224 42.42 84.42 85.98
C GLY C 224 43.12 85.04 87.18
N THR C 225 43.37 86.34 87.14
CA THR C 225 44.01 86.97 88.27
C THR C 225 43.37 88.26 88.72
N ASN C 226 43.94 88.84 89.78
CA ASN C 226 43.44 90.08 90.36
C ASN C 226 44.30 91.27 89.98
N CYS C 227 45.15 91.06 88.99
CA CYS C 227 46.04 92.10 88.52
C CYS C 227 45.38 93.06 87.58
N THR C 228 45.41 94.32 87.97
CA THR C 228 44.86 95.37 87.17
C THR C 228 45.94 96.41 86.99
N ARG C 229 45.86 97.13 85.88
CA ARG C 229 46.76 98.20 85.55
C ARG C 229 45.96 99.40 85.09
N PHE C 230 46.48 100.58 85.30
CA PHE C 230 45.81 101.77 84.84
C PHE C 230 46.72 102.98 84.80
N GLY C 231 46.22 104.03 84.17
CA GLY C 231 46.92 105.29 84.22
C GLY C 231 46.10 106.45 83.66
N ILE C 232 46.54 107.65 84.02
CA ILE C 232 45.87 108.88 83.61
C ILE C 232 46.84 109.82 82.92
N ALA C 233 46.41 110.45 81.83
CA ALA C 233 47.29 111.35 81.10
C ALA C 233 46.58 112.60 80.62
N ALA C 234 47.38 113.63 80.36
CA ALA C 234 46.83 114.86 79.82
C ALA C 234 47.83 115.64 78.99
N LYS C 235 47.27 116.43 78.07
CA LYS C 235 48.00 117.34 77.22
C LYS C 235 47.38 118.73 77.30
N TYR C 236 48.22 119.71 77.60
CA TYR C 236 47.77 121.08 77.74
C TYR C 236 48.46 122.06 76.78
N GLN C 237 47.67 122.78 76.00
CA GLN C 237 48.23 123.75 75.08
C GLN C 237 48.51 124.99 75.85
N LEU C 238 49.78 125.28 76.00
CA LEU C 238 50.25 126.37 76.82
C LEU C 238 50.04 127.65 76.04
N ASP C 239 50.42 127.60 74.77
CA ASP C 239 50.25 128.72 73.88
C ASP C 239 50.26 128.14 72.46
N PRO C 240 50.02 128.91 71.39
CA PRO C 240 49.98 128.44 70.01
C PRO C 240 51.26 127.73 69.57
N THR C 241 52.39 127.97 70.24
CA THR C 241 53.61 127.32 69.86
C THR C 241 54.26 126.61 71.03
N ALA C 242 53.44 126.07 71.94
CA ALA C 242 53.99 125.32 73.06
C ALA C 242 52.96 124.46 73.78
N SER C 243 53.40 123.30 74.24
CA SER C 243 52.52 122.45 75.02
C SER C 243 53.24 121.57 76.01
N ILE C 244 52.51 121.17 77.03
CA ILE C 244 53.02 120.28 78.06
C ILE C 244 52.17 119.05 78.18
N SER C 245 52.78 117.96 78.59
CA SER C 245 52.02 116.75 78.79
C SER C 245 52.58 115.97 79.95
N ALA C 246 51.72 115.13 80.52
CA ALA C 246 52.15 114.28 81.60
C ALA C 246 51.25 113.08 81.73
N LYS C 247 51.79 112.04 82.35
CA LYS C 247 51.01 110.85 82.61
C LYS C 247 51.45 110.08 83.85
N VAL C 248 50.48 109.51 84.57
CA VAL C 248 50.82 108.70 85.74
C VAL C 248 50.26 107.28 85.67
N ASN C 249 51.19 106.31 85.77
CA ASN C 249 50.90 104.89 85.78
C ASN C 249 50.68 104.39 87.22
N ASN C 250 49.76 103.44 87.42
CA ASN C 250 49.47 102.85 88.73
C ASN C 250 50.70 102.25 89.43
N SER C 251 51.75 101.96 88.66
CA SER C 251 52.99 101.40 89.16
C SER C 251 53.96 102.50 89.64
N SER C 252 53.43 103.73 89.81
CA SER C 252 54.11 104.94 90.27
C SER C 252 55.12 105.43 89.27
N LEU C 253 54.74 105.39 88.01
CA LEU C 253 55.62 105.87 86.97
C LEU C 253 55.06 107.15 86.42
N ILE C 254 55.82 108.23 86.54
CA ILE C 254 55.32 109.52 86.09
C ILE C 254 56.10 110.07 84.92
N GLY C 255 55.39 110.23 83.81
CA GLY C 255 55.99 110.76 82.61
C GLY C 255 55.68 112.23 82.48
N VAL C 256 56.64 113.00 81.98
CA VAL C 256 56.42 114.41 81.71
C VAL C 256 56.98 114.73 80.33
N GLY C 257 56.48 115.79 79.71
CA GLY C 257 57.07 116.23 78.45
C GLY C 257 56.65 117.62 78.03
N TYR C 258 57.46 118.20 77.14
CA TYR C 258 57.23 119.53 76.61
C TYR C 258 57.64 119.66 75.16
N THR C 259 56.76 120.27 74.38
CA THR C 259 57.01 120.52 72.98
C THR C 259 56.93 122.01 72.69
N GLN C 260 57.87 122.50 71.90
CA GLN C 260 57.85 123.89 71.50
C GLN C 260 58.15 124.05 70.02
N THR C 261 57.37 124.92 69.38
CA THR C 261 57.62 125.22 67.99
C THR C 261 58.66 126.33 68.06
N LEU C 262 59.76 126.12 67.36
CA LEU C 262 60.84 127.08 67.43
C LEU C 262 60.59 128.09 66.34
N ARG C 263 60.14 127.58 65.22
CA ARG C 263 59.83 128.36 64.02
C ARG C 263 58.76 127.53 63.33
N PRO C 264 57.83 128.08 62.54
CA PRO C 264 56.86 127.25 61.86
C PRO C 264 57.62 126.20 61.10
N GLY C 265 57.25 124.94 61.14
CA GLY C 265 58.03 123.93 60.42
C GLY C 265 59.13 123.29 61.29
N VAL C 266 59.43 123.89 62.44
CA VAL C 266 60.48 123.36 63.32
C VAL C 266 59.96 123.11 64.75
N LYS C 267 59.99 121.84 65.19
CA LYS C 267 59.48 121.51 66.53
C LYS C 267 60.48 120.72 67.38
N LEU C 268 60.63 121.17 68.62
CA LEU C 268 61.53 120.56 69.59
C LEU C 268 60.78 119.93 70.78
N THR C 269 61.07 118.66 71.05
CA THR C 269 60.41 117.94 72.16
C THR C 269 61.38 117.35 73.19
N LEU C 270 61.11 117.65 74.44
CA LEU C 270 61.89 117.11 75.55
C LEU C 270 61.00 116.32 76.47
N SER C 271 61.52 115.25 77.06
CA SER C 271 60.69 114.48 77.99
C SER C 271 61.47 113.67 79.02
N ALA C 272 60.79 113.24 80.09
CA ALA C 272 61.44 112.41 81.09
C ALA C 272 60.47 111.53 81.86
N LEU C 273 61.01 110.44 82.40
CA LEU C 273 60.25 109.50 83.20
C LEU C 273 60.86 109.26 84.56
N VAL C 274 60.04 109.40 85.61
CA VAL C 274 60.53 109.17 86.95
C VAL C 274 59.80 108.00 87.65
N ASP C 275 60.61 107.13 88.27
CA ASP C 275 60.18 105.93 89.01
C ASP C 275 59.84 106.20 90.45
N GLY C 276 58.61 106.55 90.75
CA GLY C 276 58.31 106.93 92.10
C GLY C 276 58.26 105.70 93.00
N LYS C 277 58.46 105.90 94.31
CA LYS C 277 58.78 107.16 94.97
C LYS C 277 60.30 107.33 95.08
N SER C 278 61.06 106.35 94.59
CA SER C 278 62.53 106.37 94.73
C SER C 278 63.23 107.26 93.71
N ILE C 279 62.96 108.57 93.79
CA ILE C 279 63.56 109.54 92.89
C ILE C 279 64.31 110.67 93.59
N ASN C 280 65.55 110.99 93.15
CA ASN C 280 66.31 110.34 92.06
C ASN C 280 67.20 109.19 92.56
N ALA C 281 66.64 108.01 92.77
CA ALA C 281 67.33 106.85 93.29
C ALA C 281 66.70 105.64 92.62
N GLY C 282 66.58 105.72 91.30
CA GLY C 282 65.91 104.72 90.49
C GLY C 282 66.19 104.94 88.99
N GLY C 283 65.37 104.34 88.12
CA GLY C 283 65.59 104.31 86.67
C GLY C 283 65.13 105.54 85.92
N HIS C 284 65.69 106.68 86.28
CA HIS C 284 65.30 107.95 85.67
C HIS C 284 65.67 107.94 84.18
N LYS C 285 64.74 108.38 83.30
CA LYS C 285 65.01 108.42 81.86
C LYS C 285 64.70 109.77 81.25
N LEU C 286 65.48 110.17 80.26
CA LEU C 286 65.25 111.43 79.54
C LEU C 286 65.16 111.19 78.05
N GLY C 287 64.50 112.09 77.33
CA GLY C 287 64.42 112.03 75.86
C GLY C 287 64.50 113.40 75.20
N LEU C 288 64.87 113.39 73.91
CA LEU C 288 65.00 114.60 73.09
C LEU C 288 64.66 114.36 71.63
N ALA C 289 63.84 115.20 71.05
CA ALA C 289 63.61 115.02 69.63
C ALA C 289 63.44 116.34 68.89
N LEU C 290 63.97 116.39 67.68
CA LEU C 290 63.82 117.60 66.86
C LEU C 290 63.31 117.19 65.48
N GLU C 291 62.25 117.86 65.03
CA GLU C 291 61.62 117.64 63.74
C GLU C 291 61.59 118.90 62.87
N LEU C 292 62.06 118.79 61.63
CA LEU C 292 62.08 119.89 60.66
C LEU C 292 61.42 119.54 59.35
N GLU C 293 60.38 120.30 58.99
CA GLU C 293 59.66 120.04 57.75
C GLU C 293 59.74 121.17 56.73
N ALA C 294 60.25 120.82 55.55
CA ALA C 294 60.41 121.71 54.42
C ALA C 294 59.48 121.29 53.29
N MET D 1 56.49 129.55 25.15
CA MET D 1 57.51 128.51 25.23
C MET D 1 57.35 127.69 26.50
N ALA D 2 57.25 126.37 26.34
CA ALA D 2 57.14 125.48 27.49
C ALA D 2 58.39 125.60 28.34
N SER D 3 58.23 125.48 29.65
CA SER D 3 59.39 125.51 30.53
C SER D 3 60.16 124.21 30.40
N TYR D 4 61.42 124.25 30.86
CA TYR D 4 62.25 123.07 30.83
C TYR D 4 62.83 122.73 32.18
N GLY D 5 62.88 121.44 32.45
CA GLY D 5 63.51 120.92 33.66
C GLY D 5 64.90 120.36 33.34
N GLN D 6 65.27 120.42 32.07
CA GLN D 6 66.51 119.91 31.50
C GLN D 6 66.52 120.24 30.02
N THR D 7 67.70 120.45 29.45
CA THR D 7 67.72 120.76 28.02
C THR D 7 68.63 119.89 27.19
N CYS D 8 68.16 119.65 25.98
CA CYS D 8 68.90 118.86 25.03
C CYS D 8 68.49 119.25 23.62
N PRO D 9 69.38 119.07 22.63
CA PRO D 9 69.19 119.22 21.20
C PRO D 9 68.60 117.97 20.61
N ARG D 10 68.38 117.98 19.32
CA ARG D 10 67.98 116.77 18.64
C ARG D 10 69.22 115.90 18.41
N PRO D 11 69.09 114.58 18.26
CA PRO D 11 70.18 113.71 17.88
C PRO D 11 70.72 114.24 16.53
N MET D 12 72.03 114.15 16.29
CA MET D 12 72.97 113.44 17.15
C MET D 12 74.00 114.34 17.85
N CYS D 13 73.54 115.40 18.56
CA CYS D 13 74.41 116.18 19.41
C CYS D 13 74.37 115.60 20.83
N ILE D 14 73.56 114.56 20.99
CA ILE D 14 73.40 113.80 22.23
C ILE D 14 74.07 112.48 21.94
N PRO D 15 75.07 112.05 22.73
CA PRO D 15 75.83 110.85 22.53
C PRO D 15 75.01 109.61 22.86
N PRO D 16 75.46 108.43 22.38
CA PRO D 16 74.93 107.10 22.64
C PRO D 16 75.18 106.75 24.08
N SER D 17 74.42 105.79 24.63
CA SER D 17 74.69 105.37 25.99
C SER D 17 75.92 104.50 25.95
N TYR D 18 76.53 104.18 27.07
CA TYR D 18 77.73 103.35 27.04
C TYR D 18 77.48 102.06 26.24
N ALA D 19 76.34 101.43 26.50
CA ALA D 19 75.94 100.19 25.85
C ALA D 19 75.79 100.29 24.32
N ASP D 20 75.60 101.51 23.81
CA ASP D 20 75.39 101.75 22.39
C ASP D 20 76.71 102.10 21.68
N LEU D 21 77.81 102.16 22.42
CA LEU D 21 79.05 102.51 21.76
C LEU D 21 79.43 101.36 20.84
N GLY D 22 79.68 101.66 19.57
CA GLY D 22 80.05 100.61 18.62
C GLY D 22 78.85 99.87 18.04
N LYS D 23 77.63 100.30 18.36
CA LYS D 23 76.45 99.59 17.87
C LYS D 23 76.41 99.39 16.36
N ALA D 24 76.78 100.40 15.58
CA ALA D 24 76.69 100.24 14.13
C ALA D 24 77.57 99.10 13.60
N ALA D 25 78.82 99.01 14.10
CA ALA D 25 79.70 97.92 13.69
C ALA D 25 79.13 96.58 14.16
N ARG D 26 78.59 96.58 15.39
CA ARG D 26 78.04 95.35 15.96
C ARG D 26 76.87 94.85 15.13
N ASP D 27 75.99 95.76 14.68
CA ASP D 27 74.86 95.34 13.86
C ASP D 27 75.30 94.67 12.58
N ILE D 28 76.39 95.13 11.95
CA ILE D 28 76.83 94.45 10.73
C ILE D 28 77.21 92.99 11.05
N PHE D 29 77.96 92.80 12.14
CA PHE D 29 78.35 91.44 12.57
C PHE D 29 77.19 90.57 13.13
N ASN D 30 76.18 91.18 13.75
CA ASN D 30 75.09 90.41 14.34
C ASN D 30 73.79 90.29 13.51
N LYS D 31 73.31 91.38 12.94
CA LYS D 31 72.04 91.33 12.26
C LYS D 31 72.17 90.62 10.94
N GLY D 32 71.13 89.88 10.58
CA GLY D 32 71.13 89.15 9.33
C GLY D 32 71.60 87.71 9.51
N PHE D 33 72.09 87.34 10.71
CA PHE D 33 72.56 85.97 10.91
C PHE D 33 71.75 85.32 12.03
N GLY D 34 71.46 84.01 11.91
CA GLY D 34 70.74 83.25 12.92
C GLY D 34 71.22 81.81 13.03
N PHE D 35 72.51 81.59 12.90
CA PHE D 35 73.08 80.25 12.80
C PHE D 35 72.66 79.37 13.96
N GLY D 36 72.18 78.17 13.66
CA GLY D 36 71.82 77.21 14.68
C GLY D 36 70.38 77.36 15.17
N LEU D 37 69.68 78.41 14.76
CA LEU D 37 68.33 78.57 15.24
C LEU D 37 67.28 78.81 14.17
N VAL D 38 66.05 78.44 14.52
CA VAL D 38 64.90 78.81 13.71
C VAL D 38 64.07 79.81 14.52
N LYS D 39 63.82 80.98 13.95
CA LYS D 39 63.10 82.02 14.69
C LYS D 39 61.83 82.49 13.99
N LEU D 40 60.82 82.76 14.78
CA LEU D 40 59.52 83.21 14.27
C LEU D 40 58.99 84.42 14.98
N ASP D 41 58.93 85.55 14.31
CA ASP D 41 58.49 86.78 14.95
C ASP D 41 57.20 87.37 14.39
N VAL D 42 56.15 87.36 15.21
CA VAL D 42 54.87 87.90 14.75
C VAL D 42 54.56 89.16 15.53
N LYS D 43 54.37 90.25 14.82
CA LYS D 43 54.07 91.51 15.48
C LYS D 43 52.78 92.06 14.93
N THR D 44 51.93 92.55 15.81
CA THR D 44 50.67 93.11 15.38
C THR D 44 50.39 94.38 16.14
N LYS D 45 49.57 95.23 15.57
CA LYS D 45 49.09 96.35 16.35
C LYS D 45 47.61 96.57 16.18
N SER D 46 47.04 97.22 17.17
CA SER D 46 45.68 97.68 17.15
C SER D 46 45.58 99.18 17.36
N CYS D 47 44.59 99.78 16.70
CA CYS D 47 44.30 101.21 16.79
C CYS D 47 43.92 101.69 18.18
N SER D 48 43.73 100.75 19.12
CA SER D 48 43.42 101.09 20.50
C SER D 48 44.70 101.53 21.25
N GLY D 49 45.87 101.42 20.61
CA GLY D 49 47.12 101.84 21.25
C GLY D 49 47.86 100.68 21.88
N VAL D 50 47.58 99.49 21.41
CA VAL D 50 48.25 98.32 21.96
C VAL D 50 48.99 97.58 20.88
N GLU D 51 50.21 97.22 21.21
CA GLU D 51 51.04 96.48 20.30
C GLU D 51 51.29 95.09 20.89
N PHE D 52 51.33 94.10 20.04
CA PHE D 52 51.60 92.76 20.51
C PHE D 52 52.80 92.22 19.79
N SER D 53 53.57 91.38 20.48
CA SER D 53 54.72 90.75 19.86
C SER D 53 55.00 89.37 20.41
N THR D 54 55.09 88.40 19.51
CA THR D 54 55.36 87.03 19.93
C THR D 54 56.59 86.49 19.18
N SER D 55 57.52 85.94 19.93
CA SER D 55 58.75 85.46 19.34
C SER D 55 59.08 84.03 19.72
N GLY D 56 59.08 83.17 18.71
CA GLY D 56 59.36 81.75 18.87
C GLY D 56 60.83 81.47 18.55
N SER D 57 61.44 80.46 19.19
CA SER D 57 62.82 80.12 18.87
C SER D 57 63.23 78.67 19.13
N SER D 58 63.83 78.04 18.12
CA SER D 58 64.29 76.64 18.23
C SER D 58 65.79 76.53 18.08
N ASN D 59 66.46 76.01 19.11
CA ASN D 59 67.91 75.92 19.12
C ASN D 59 68.41 74.52 18.77
N THR D 60 69.05 74.40 17.60
CA THR D 60 69.48 73.13 17.02
C THR D 60 70.47 72.38 17.89
N ASP D 61 71.19 73.10 18.73
CA ASP D 61 72.23 72.51 19.56
C ASP D 61 71.74 72.06 20.92
N THR D 62 70.43 72.22 21.18
CA THR D 62 69.91 71.78 22.46
C THR D 62 68.67 70.94 22.22
N GLY D 63 68.00 71.19 21.09
CA GLY D 63 66.74 70.55 20.72
C GLY D 63 65.53 71.20 21.40
N LYS D 64 65.79 72.27 22.16
CA LYS D 64 64.75 72.99 22.88
C LYS D 64 64.06 74.01 22.00
N VAL D 65 62.76 74.10 22.17
CA VAL D 65 61.97 75.07 21.47
C VAL D 65 61.37 75.96 22.56
N THR D 66 61.59 77.26 22.46
CA THR D 66 61.16 78.28 23.42
C THR D 66 60.42 79.44 22.77
N GLY D 67 60.15 80.48 23.57
CA GLY D 67 59.47 81.66 23.09
C GLY D 67 59.00 82.62 24.19
N THR D 68 58.70 83.84 23.75
CA THR D 68 58.23 84.96 24.58
C THR D 68 57.04 85.69 23.96
N LEU D 69 56.08 86.10 24.79
CA LEU D 69 54.96 86.90 24.32
C LEU D 69 54.85 88.19 25.13
N GLU D 70 54.72 89.31 24.44
CA GLU D 70 54.59 90.61 25.08
C GLU D 70 53.40 91.42 24.55
N THR D 71 52.81 92.20 25.46
CA THR D 71 51.76 93.16 25.10
C THR D 71 52.16 94.54 25.61
N LYS D 72 52.13 95.54 24.73
CA LYS D 72 52.55 96.89 25.13
C LYS D 72 51.45 97.92 24.92
N TYR D 73 51.25 98.76 25.92
CA TYR D 73 50.26 99.82 25.84
C TYR D 73 50.94 101.18 25.84
N LYS D 74 50.65 102.00 24.82
CA LYS D 74 51.31 103.30 24.70
C LYS D 74 50.45 104.52 24.99
N TRP D 75 50.68 105.12 26.15
CA TRP D 75 49.93 106.27 26.57
C TRP D 75 50.64 107.51 26.05
N CYS D 76 50.43 107.76 24.78
CA CYS D 76 51.16 108.78 24.03
C CYS D 76 50.96 110.18 24.63
N GLU D 77 49.80 110.43 25.21
CA GLU D 77 49.46 111.71 25.82
C GLU D 77 50.09 111.92 27.20
N TYR D 78 50.69 110.87 27.76
CA TYR D 78 51.28 110.89 29.09
C TYR D 78 52.79 110.65 29.06
N GLY D 79 53.28 110.00 28.00
CA GLY D 79 54.68 109.62 27.95
C GLY D 79 54.88 108.33 28.74
N LEU D 80 53.82 107.51 28.82
CA LEU D 80 53.93 106.29 29.61
C LEU D 80 53.73 105.03 28.78
N THR D 81 54.59 104.04 29.00
CA THR D 81 54.44 102.75 28.32
C THR D 81 54.33 101.64 29.34
N PHE D 82 53.31 100.82 29.17
CA PHE D 82 53.04 99.71 30.08
C PHE D 82 53.18 98.37 29.35
N THR D 83 54.05 97.49 29.83
CA THR D 83 54.23 96.21 29.14
C THR D 83 53.96 95.00 30.01
N GLU D 84 53.21 94.05 29.46
CA GLU D 84 52.94 92.77 30.11
C GLU D 84 53.75 91.71 29.37
N LYS D 85 54.41 90.80 30.10
CA LYS D 85 55.19 89.77 29.42
C LYS D 85 55.12 88.39 30.04
N TRP D 86 55.17 87.35 29.18
CA TRP D 86 55.21 85.96 29.61
C TRP D 86 56.17 85.13 28.74
N ASN D 87 56.77 84.08 29.30
CA ASN D 87 57.54 83.19 28.42
C ASN D 87 57.39 81.71 28.78
N THR D 88 58.05 80.85 28.00
CA THR D 88 57.94 79.39 28.12
C THR D 88 58.56 78.78 29.35
N ASP D 89 59.31 79.57 30.09
CA ASP D 89 59.93 79.06 31.29
C ASP D 89 59.05 79.48 32.44
N ASN D 90 57.84 79.94 32.11
CA ASN D 90 56.85 80.41 33.04
C ASN D 90 57.30 81.63 33.78
N THR D 91 58.10 82.48 33.16
CA THR D 91 58.46 83.70 33.82
C THR D 91 57.50 84.75 33.30
N LEU D 92 56.95 85.52 34.22
CA LEU D 92 56.00 86.56 33.90
C LEU D 92 56.42 87.91 34.48
N GLY D 93 55.94 89.00 33.90
CA GLY D 93 56.27 90.28 34.50
C GLY D 93 55.61 91.50 33.89
N THR D 94 55.91 92.64 34.51
CA THR D 94 55.37 93.95 34.12
C THR D 94 56.47 95.00 34.04
N GLU D 95 56.43 95.83 33.01
CA GLU D 95 57.39 96.91 32.88
C GLU D 95 56.67 98.25 32.66
N ILE D 96 57.09 99.28 33.39
CA ILE D 96 56.49 100.60 33.19
C ILE D 96 57.56 101.64 32.88
N ALA D 97 57.44 102.29 31.74
CA ALA D 97 58.40 103.31 31.36
C ALA D 97 57.77 104.68 31.34
N ILE D 98 58.54 105.65 31.77
CA ILE D 98 58.18 107.06 31.84
C ILE D 98 59.14 107.92 31.00
N GLU D 99 58.63 108.66 30.01
CA GLU D 99 59.53 109.48 29.19
C GLU D 99 59.13 110.95 29.14
N ASP D 100 60.07 111.82 29.54
CA ASP D 100 59.92 113.29 29.55
C ASP D 100 58.81 113.80 30.48
N GLN D 101 58.38 112.95 31.41
CA GLN D 101 57.33 113.30 32.35
C GLN D 101 57.84 114.12 33.51
N ILE D 102 59.10 113.84 33.92
CA ILE D 102 59.71 114.48 35.05
C ILE D 102 60.39 115.75 34.54
N CYS D 103 61.31 115.57 33.60
CA CYS D 103 62.01 116.66 32.94
C CYS D 103 62.40 116.16 31.56
N GLN D 104 62.68 117.07 30.66
CA GLN D 104 63.06 116.68 29.31
C GLN D 104 64.35 115.90 29.25
N GLY D 105 64.34 114.84 28.46
CA GLY D 105 65.51 114.01 28.31
C GLY D 105 65.62 112.94 29.38
N LEU D 106 64.64 112.88 30.30
CA LEU D 106 64.70 111.88 31.36
C LEU D 106 63.79 110.70 31.09
N LYS D 107 64.36 109.51 31.20
CA LYS D 107 63.63 108.27 31.06
C LYS D 107 63.79 107.41 32.31
N LEU D 108 62.66 106.99 32.86
CA LEU D 108 62.61 106.15 34.06
C LEU D 108 61.84 104.86 33.79
N THR D 109 62.43 103.71 34.12
CA THR D 109 61.73 102.45 33.88
C THR D 109 61.73 101.48 35.06
N PHE D 110 60.56 100.93 35.35
CA PHE D 110 60.40 99.95 36.41
C PHE D 110 60.11 98.56 35.84
N ASP D 111 60.97 97.59 36.14
CA ASP D 111 60.85 96.22 35.61
C ASP D 111 60.65 95.15 36.70
N THR D 112 59.44 94.59 36.82
CA THR D 112 59.16 93.58 37.87
C THR D 112 58.88 92.20 37.25
N THR D 113 59.64 91.21 37.72
CA THR D 113 59.56 89.83 37.22
C THR D 113 59.29 88.79 38.32
N PHE D 114 58.45 87.81 37.98
CA PHE D 114 58.10 86.71 38.87
C PHE D 114 58.22 85.34 38.18
N SER D 115 58.77 84.36 38.89
CA SER D 115 58.84 83.03 38.32
C SER D 115 58.33 81.95 39.27
N PRO D 116 57.08 81.43 39.06
CA PRO D 116 56.38 80.42 39.84
C PRO D 116 57.16 79.10 39.91
N ASN D 117 58.15 78.91 39.02
CA ASN D 117 58.98 77.70 39.02
C ASN D 117 59.67 77.55 40.38
N THR D 118 59.92 78.70 41.04
CA THR D 118 60.58 78.75 42.33
C THR D 118 59.81 79.66 43.27
N GLY D 119 58.97 80.52 42.69
CA GLY D 119 58.21 81.54 43.42
C GLY D 119 59.01 82.83 43.60
N LYS D 120 60.20 82.88 43.00
CA LYS D 120 61.10 84.02 43.07
C LYS D 120 60.54 85.29 42.46
N LYS D 121 60.76 86.42 43.14
CA LYS D 121 60.36 87.72 42.63
C LYS D 121 61.60 88.61 42.65
N SER D 122 61.80 89.37 41.58
CA SER D 122 62.94 90.28 41.45
C SER D 122 62.64 91.40 40.47
N GLY D 123 63.52 92.39 40.38
CA GLY D 123 63.28 93.44 39.40
C GLY D 123 64.39 94.46 39.29
N LYS D 124 64.16 95.43 38.41
CA LYS D 124 65.12 96.49 38.15
C LYS D 124 64.49 97.86 38.06
N ILE D 125 65.25 98.88 38.47
CA ILE D 125 64.81 100.24 38.26
C ILE D 125 65.87 100.95 37.43
N LYS D 126 65.46 101.49 36.31
CA LYS D 126 66.41 102.13 35.41
C LYS D 126 66.17 103.62 35.31
N SER D 127 67.25 104.37 35.20
CA SER D 127 67.19 105.82 35.00
C SER D 127 68.23 106.30 33.99
N SER D 128 67.77 107.06 33.00
CA SER D 128 68.64 107.56 31.93
C SER D 128 68.35 109.00 31.52
N TYR D 129 69.41 109.81 31.51
CA TYR D 129 69.31 111.23 31.19
C TYR D 129 70.07 111.61 29.91
N LYS D 130 69.35 112.20 28.96
CA LYS D 130 69.92 112.64 27.69
C LYS D 130 69.97 114.16 27.62
N ARG D 131 71.16 114.70 27.39
CA ARG D 131 71.35 116.14 27.28
C ARG D 131 72.37 116.48 26.23
N GLU D 132 72.50 117.75 25.93
CA GLU D 132 73.53 118.11 24.95
C GLU D 132 74.88 117.55 25.41
N CYS D 133 75.56 116.82 24.50
CA CYS D 133 76.86 116.19 24.71
C CYS D 133 77.04 115.24 25.90
N VAL D 134 75.93 114.82 26.57
CA VAL D 134 76.05 113.85 27.66
C VAL D 134 74.88 112.83 27.66
N ASN D 135 75.20 111.57 27.92
CA ASN D 135 74.22 110.50 28.07
C ASN D 135 74.60 109.69 29.31
N LEU D 136 73.86 109.89 30.40
CA LEU D 136 74.22 109.24 31.67
C LEU D 136 73.07 108.48 32.30
N GLY D 137 73.38 107.50 33.12
CA GLY D 137 72.29 106.81 33.80
C GLY D 137 72.76 105.68 34.72
N CYS D 138 71.78 104.93 35.21
CA CYS D 138 72.02 103.82 36.11
C CYS D 138 70.88 102.83 36.23
N ASP D 139 71.23 101.55 36.18
CA ASP D 139 70.27 100.46 36.40
C ASP D 139 70.50 99.86 37.78
N VAL D 140 69.47 99.74 38.60
CA VAL D 140 69.67 99.08 39.89
C VAL D 140 68.88 97.78 39.91
N ASP D 141 69.60 96.69 40.13
CA ASP D 141 69.09 95.33 40.12
C ASP D 141 68.76 94.84 41.53
N PHE D 142 67.48 94.65 41.81
CA PHE D 142 67.00 94.27 43.13
C PHE D 142 66.70 92.77 43.17
N ASP D 143 67.45 92.05 43.97
CA ASP D 143 67.32 90.59 44.08
C ASP D 143 67.73 90.13 45.47
N PHE D 144 67.66 88.82 45.69
CA PHE D 144 68.05 88.27 46.97
C PHE D 144 69.50 88.59 47.22
N ALA D 145 69.78 89.13 48.39
CA ALA D 145 71.15 89.49 48.77
C ALA D 145 71.81 90.44 47.76
N GLY D 146 71.01 91.35 47.19
CA GLY D 146 71.49 92.41 46.33
C GLY D 146 71.24 93.70 47.13
N PRO D 147 71.00 94.84 46.48
CA PRO D 147 70.96 95.17 45.06
C PRO D 147 72.33 95.34 44.41
N ALA D 148 72.34 95.28 43.09
CA ALA D 148 73.54 95.66 42.34
C ALA D 148 73.29 96.98 41.62
N ILE D 149 74.31 97.80 41.55
CA ILE D 149 74.19 99.10 40.92
C ILE D 149 75.04 99.18 39.67
N HIS D 150 74.41 99.46 38.54
CA HIS D 150 75.13 99.52 37.27
C HIS D 150 75.08 100.94 36.69
N GLY D 151 76.12 101.72 36.92
CA GLY D 151 76.15 103.12 36.50
C GLY D 151 76.90 103.33 35.20
N SER D 152 76.56 104.37 34.45
CA SER D 152 77.32 104.66 33.24
C SER D 152 77.20 106.09 32.76
N ALA D 153 78.17 106.51 31.95
CA ALA D 153 78.04 107.79 31.30
C ALA D 153 78.97 107.91 30.10
N VAL D 154 78.43 108.58 29.10
CA VAL D 154 79.11 108.92 27.87
C VAL D 154 79.01 110.40 27.61
N PHE D 155 80.10 110.98 27.19
CA PHE D 155 80.11 112.38 26.88
C PHE D 155 80.90 112.62 25.62
N GLY D 156 80.71 113.77 25.02
CA GLY D 156 81.51 114.00 23.83
C GLY D 156 81.63 115.43 23.36
N TYR D 157 82.35 115.59 22.27
CA TYR D 157 82.62 116.89 21.68
C TYR D 157 83.13 116.79 20.24
N GLU D 158 82.48 117.49 19.31
CA GLU D 158 82.88 117.52 17.90
C GLU D 158 83.11 116.12 17.29
N GLY D 159 82.23 115.18 17.61
CA GLY D 159 82.30 113.81 17.11
C GLY D 159 83.08 112.87 18.00
N TRP D 160 83.82 113.40 18.97
CA TRP D 160 84.60 112.53 19.84
C TRP D 160 83.78 112.06 21.01
N LEU D 161 83.92 110.79 21.35
CA LEU D 161 83.23 110.18 22.49
C LEU D 161 84.16 109.57 23.52
N ALA D 162 83.69 109.60 24.76
CA ALA D 162 84.37 108.89 25.83
C ALA D 162 83.36 108.54 26.91
N GLY D 163 83.65 107.50 27.67
CA GLY D 163 82.75 107.15 28.76
C GLY D 163 83.18 105.97 29.60
N TYR D 164 82.32 105.62 30.53
CA TYR D 164 82.56 104.53 31.47
C TYR D 164 81.30 103.80 31.86
N GLN D 165 81.50 102.63 32.45
CA GLN D 165 80.44 101.81 33.02
C GLN D 165 80.93 101.08 34.26
N MET D 166 80.19 101.16 35.36
CA MET D 166 80.63 100.47 36.56
C MET D 166 79.52 99.70 37.26
N THR D 167 79.87 98.52 37.75
CA THR D 167 78.94 97.70 38.50
C THR D 167 79.41 97.52 39.91
N PHE D 168 78.52 97.80 40.84
CA PHE D 168 78.81 97.66 42.26
C PHE D 168 77.86 96.66 42.90
N ASP D 169 78.35 95.96 43.91
CA ASP D 169 77.54 95.02 44.67
C ASP D 169 77.33 95.56 46.08
N SER D 170 76.09 96.03 46.36
CA SER D 170 75.78 96.70 47.62
C SER D 170 75.78 95.78 48.81
N ALA D 171 75.81 94.46 48.57
CA ALA D 171 75.85 93.53 49.68
C ALA D 171 77.28 93.37 50.17
N LYS D 172 78.24 93.92 49.41
CA LYS D 172 79.64 93.85 49.74
C LYS D 172 80.18 95.26 49.93
N SER D 173 79.53 96.21 49.24
CA SER D 173 79.94 97.61 49.12
C SER D 173 81.26 97.70 48.38
N LYS D 174 81.33 96.93 47.30
CA LYS D 174 82.51 96.84 46.45
C LYS D 174 82.20 97.03 44.97
N LEU D 175 83.17 97.54 44.22
CA LEU D 175 83.06 97.59 42.76
C LEU D 175 83.43 96.22 42.24
N THR D 176 82.64 95.70 41.31
CA THR D 176 82.93 94.40 40.74
C THR D 176 83.34 94.48 39.27
N ARG D 177 82.93 95.55 38.58
CA ARG D 177 83.29 95.77 37.16
C ARG D 177 83.52 97.24 36.87
N ASN D 178 84.56 97.55 36.10
CA ASN D 178 84.84 98.94 35.69
C ASN D 178 85.33 99.00 34.22
N ASN D 179 84.42 99.39 33.34
CA ASN D 179 84.70 99.41 31.92
C ASN D 179 84.94 100.85 31.46
N PHE D 180 85.81 101.03 30.47
CA PHE D 180 86.04 102.35 29.88
C PHE D 180 86.05 102.29 28.36
N ALA D 181 85.67 103.41 27.73
CA ALA D 181 85.73 103.45 26.28
C ALA D 181 85.94 104.85 25.73
N VAL D 182 86.55 104.88 24.54
CA VAL D 182 86.77 106.08 23.77
C VAL D 182 86.39 105.85 22.31
N GLY D 183 86.16 106.92 21.56
CA GLY D 183 85.89 106.74 20.14
C GLY D 183 85.57 108.03 19.39
N TYR D 184 85.16 107.85 18.14
CA TYR D 184 84.80 108.94 17.24
C TYR D 184 83.65 108.54 16.36
N ARG D 185 82.69 109.43 16.15
CA ARG D 185 81.64 109.10 15.23
C ARG D 185 81.22 110.20 14.29
N THR D 186 80.91 109.79 13.09
CA THR D 186 80.29 110.64 12.10
C THR D 186 79.29 109.83 11.28
N GLY D 187 78.75 110.45 10.24
CA GLY D 187 77.75 109.79 9.38
C GLY D 187 78.33 108.62 8.57
N ASP D 188 79.57 108.77 8.13
CA ASP D 188 80.25 107.82 7.27
C ASP D 188 80.99 106.72 8.03
N PHE D 189 81.47 107.01 9.22
CA PHE D 189 82.22 106.00 9.94
C PHE D 189 82.20 106.20 11.44
N GLN D 190 82.51 105.12 12.16
CA GLN D 190 82.66 105.20 13.59
C GLN D 190 83.85 104.36 14.06
N LEU D 191 84.59 104.90 15.01
CA LEU D 191 85.75 104.25 15.58
C LEU D 191 85.60 104.08 17.08
N HIS D 192 85.74 102.86 17.58
CA HIS D 192 85.62 102.63 19.02
C HIS D 192 86.70 101.73 19.60
N THR D 193 87.18 102.11 20.78
CA THR D 193 88.15 101.32 21.56
C THR D 193 87.68 101.22 23.00
N ASN D 194 87.85 100.05 23.61
CA ASN D 194 87.46 99.91 25.00
C ASN D 194 88.30 98.92 25.80
N VAL D 195 88.08 98.98 27.11
CA VAL D 195 88.70 98.08 28.07
C VAL D 195 87.75 97.66 29.18
N ASN D 196 87.78 96.38 29.53
CA ASN D 196 87.00 95.87 30.64
C ASN D 196 87.91 95.40 31.79
N ASP D 197 87.85 96.11 32.92
CA ASP D 197 88.60 95.82 34.14
C ASP D 197 90.11 95.84 34.01
N GLY D 198 90.61 96.49 32.96
CA GLY D 198 92.04 96.61 32.73
C GLY D 198 92.66 95.35 32.10
N THR D 199 91.83 94.35 31.82
CA THR D 199 92.32 93.09 31.28
C THR D 199 91.83 92.79 29.87
N GLU D 200 90.54 92.97 29.62
CA GLU D 200 90.04 92.65 28.29
C GLU D 200 89.99 93.90 27.45
N PHE D 201 90.61 93.87 26.30
CA PHE D 201 90.66 95.04 25.44
C PHE D 201 90.10 94.75 24.07
N GLY D 202 89.58 95.78 23.42
CA GLY D 202 89.10 95.58 22.08
C GLY D 202 88.59 96.84 21.45
N GLY D 203 87.97 96.69 20.30
CA GLY D 203 87.46 97.83 19.57
C GLY D 203 86.84 97.44 18.25
N SER D 204 86.35 98.44 17.54
CA SER D 204 85.71 98.21 16.26
C SER D 204 85.72 99.41 15.33
N ILE D 205 85.61 99.10 14.05
CA ILE D 205 85.51 100.07 12.98
C ILE D 205 84.25 99.88 12.18
N TYR D 206 83.47 100.94 12.01
CA TYR D 206 82.29 100.93 11.16
C TYR D 206 82.57 101.85 10.00
N GLN D 207 82.30 101.41 8.78
CA GLN D 207 82.54 102.27 7.62
C GLN D 207 81.50 102.11 6.52
N LYS D 208 80.96 103.25 6.06
CA LYS D 208 80.08 103.25 4.90
C LYS D 208 81.02 103.23 3.70
N VAL D 209 80.78 102.36 2.75
CA VAL D 209 81.69 102.29 1.63
C VAL D 209 81.01 102.79 0.38
N CYS D 210 79.82 102.30 0.16
CA CYS D 210 79.07 102.67 -1.01
C CYS D 210 77.69 102.82 -0.52
N GLU D 211 76.81 103.35 -1.34
CA GLU D 211 75.43 103.55 -0.90
C GLU D 211 74.73 102.25 -0.46
N ASP D 212 75.05 101.17 -1.13
CA ASP D 212 74.53 99.86 -0.85
C ASP D 212 75.49 98.98 -0.03
N LEU D 213 76.57 99.55 0.52
CA LEU D 213 77.53 98.70 1.24
C LEU D 213 78.06 99.26 2.57
N ASP D 214 77.79 98.47 3.61
CA ASP D 214 78.16 98.75 5.00
C ASP D 214 79.20 97.73 5.48
N THR D 215 80.40 98.17 5.90
CA THR D 215 81.39 97.19 6.34
C THR D 215 81.90 97.49 7.76
N SER D 216 82.50 96.48 8.40
CA SER D 216 83.08 96.67 9.72
C SER D 216 84.20 95.69 10.10
N VAL D 217 84.99 96.10 11.09
CA VAL D 217 86.08 95.30 11.64
C VAL D 217 86.01 95.22 13.17
N ASN D 218 86.14 94.01 13.72
CA ASN D 218 86.19 93.83 15.18
C ASN D 218 87.57 93.38 15.63
N LEU D 219 88.04 93.94 16.74
CA LEU D 219 89.33 93.61 17.34
C LEU D 219 89.18 93.24 18.83
N ALA D 220 89.97 92.28 19.32
CA ALA D 220 89.98 91.98 20.75
C ALA D 220 91.29 91.32 21.20
N TRP D 221 91.67 91.55 22.45
CA TRP D 221 92.86 90.90 23.01
C TRP D 221 92.83 90.83 24.54
N THR D 222 93.63 89.91 25.10
CA THR D 222 93.64 89.77 26.58
C THR D 222 94.98 90.07 27.25
N SER D 223 94.97 90.96 28.23
CA SER D 223 96.18 91.31 28.95
C SER D 223 96.82 90.10 29.60
N GLY D 224 98.13 90.07 29.53
CA GLY D 224 98.96 89.02 30.08
C GLY D 224 99.32 87.98 29.03
N THR D 225 98.65 88.01 27.87
CA THR D 225 98.98 87.06 26.84
C THR D 225 99.13 87.67 25.46
N ASN D 226 99.45 86.80 24.51
CA ASN D 226 99.66 87.21 23.12
C ASN D 226 98.47 86.84 22.25
N CYS D 227 97.38 86.47 22.89
CA CYS D 227 96.16 86.09 22.19
C CYS D 227 95.36 87.26 21.72
N THR D 228 95.15 87.29 20.42
CA THR D 228 94.36 88.32 19.80
C THR D 228 93.30 87.64 18.98
N ARG D 229 92.19 88.32 18.81
CA ARG D 229 91.06 87.87 18.02
C ARG D 229 90.60 89.00 17.13
N PHE D 230 90.06 88.65 16.00
CA PHE D 230 89.53 89.66 15.10
C PHE D 230 88.59 89.11 14.06
N GLY D 231 87.92 90.01 13.37
CA GLY D 231 87.11 89.60 12.24
C GLY D 231 86.61 90.77 11.42
N ILE D 232 86.20 90.46 10.20
CA ILE D 232 85.71 91.44 9.24
C ILE D 232 84.33 91.06 8.73
N ALA D 233 83.42 92.03 8.63
CA ALA D 233 82.08 91.74 8.16
C ALA D 233 81.55 92.81 7.23
N ALA D 234 80.55 92.41 6.43
CA ALA D 234 79.90 93.35 5.55
C ALA D 234 78.46 92.97 5.24
N LYS D 235 77.70 94.01 4.92
CA LYS D 235 76.31 93.91 4.50
C LYS D 235 76.11 94.66 3.18
N TYR D 236 75.55 93.98 2.20
CA TYR D 236 75.34 94.57 0.90
C TYR D 236 73.87 94.55 0.46
N GLN D 237 73.35 95.73 0.12
CA GLN D 237 71.97 95.82 -0.33
C GLN D 237 71.95 95.45 -1.77
N LEU D 238 71.34 94.31 -2.06
CA LEU D 238 71.34 93.75 -3.37
C LEU D 238 70.30 94.50 -4.20
N ASP D 239 69.16 94.71 -3.58
CA ASP D 239 68.09 95.46 -4.21
C ASP D 239 67.20 95.98 -3.06
N PRO D 240 66.16 96.79 -3.30
CA PRO D 240 65.30 97.34 -2.27
C PRO D 240 64.63 96.30 -1.40
N THR D 241 64.51 95.05 -1.88
CA THR D 241 63.89 94.03 -1.07
C THR D 241 64.79 92.82 -0.93
N ALA D 242 66.11 93.04 -0.86
CA ALA D 242 67.02 91.92 -0.66
C ALA D 242 68.42 92.35 -0.24
N SER D 243 69.03 91.56 0.62
CA SER D 243 70.40 91.83 1.01
C SER D 243 71.19 90.60 1.41
N ILE D 244 72.50 90.72 1.28
CA ILE D 244 73.41 89.66 1.65
C ILE D 244 74.41 90.13 2.68
N SER D 245 74.87 89.22 3.51
CA SER D 245 75.87 89.57 4.48
C SER D 245 76.82 88.43 4.70
N ALA D 246 78.01 88.78 5.17
CA ALA D 246 79.00 87.78 5.48
C ALA D 246 80.00 88.30 6.47
N LYS D 247 80.65 87.37 7.15
CA LYS D 247 81.70 87.72 8.09
C LYS D 247 82.77 86.65 8.26
N VAL D 248 84.02 87.08 8.42
CA VAL D 248 85.10 86.12 8.65
C VAL D 248 85.87 86.37 9.94
N ASN D 249 85.90 85.36 10.79
CA ASN D 249 86.61 85.34 12.05
C ASN D 249 88.04 84.80 11.87
N ASN D 250 89.01 85.36 12.61
CA ASN D 250 90.41 84.93 12.56
C ASN D 250 90.61 83.43 12.83
N SER D 251 89.63 82.80 13.47
CA SER D 251 89.66 81.38 13.79
C SER D 251 89.13 80.51 12.63
N SER D 252 89.03 81.13 11.44
CA SER D 252 88.58 80.55 10.16
C SER D 252 87.13 80.18 10.20
N LEU D 253 86.34 81.07 10.77
CA LEU D 253 84.90 80.84 10.82
C LEU D 253 84.23 81.82 9.89
N ILE D 254 83.53 81.28 8.89
CA ILE D 254 82.91 82.15 7.91
C ILE D 254 81.39 82.09 7.96
N GLY D 255 80.80 83.22 8.27
CA GLY D 255 79.37 83.33 8.34
C GLY D 255 78.82 83.92 7.06
N VAL D 256 77.67 83.44 6.62
CA VAL D 256 76.99 84.01 5.47
C VAL D 256 75.51 84.18 5.79
N GLY D 257 74.85 85.07 5.10
CA GLY D 257 73.40 85.19 5.28
C GLY D 257 72.73 86.00 4.20
N TYR D 258 71.42 85.79 4.08
CA TYR D 258 70.57 86.46 3.11
C TYR D 258 69.18 86.77 3.64
N THR D 259 68.75 87.99 3.40
CA THR D 259 67.42 88.43 3.79
C THR D 259 66.65 88.91 2.58
N GLN D 260 65.39 88.51 2.51
CA GLN D 260 64.52 88.96 1.43
C GLN D 260 63.16 89.38 1.95
N THR D 261 62.69 90.51 1.42
CA THR D 261 61.37 90.96 1.76
C THR D 261 60.48 90.21 0.79
N LEU D 262 59.49 89.52 1.31
CA LEU D 262 58.64 88.71 0.45
C LEU D 262 57.50 89.58 0.00
N ARG D 263 57.05 90.39 0.95
CA ARG D 263 55.95 91.32 0.75
C ARG D 263 56.24 92.42 1.76
N PRO D 264 55.85 93.68 1.58
CA PRO D 264 56.11 94.70 2.59
C PRO D 264 55.56 94.17 3.88
N GLY D 265 56.27 94.25 4.99
CA GLY D 265 55.74 93.69 6.25
C GLY D 265 56.16 92.24 6.47
N VAL D 266 56.69 91.58 5.45
CA VAL D 266 57.08 90.17 5.56
C VAL D 266 58.55 89.95 5.16
N LYS D 267 59.39 89.50 6.10
CA LYS D 267 60.80 89.29 5.80
C LYS D 267 61.32 87.91 6.18
N LEU D 268 62.03 87.30 5.23
CA LEU D 268 62.61 85.98 5.39
C LEU D 268 64.14 85.99 5.41
N THR D 269 64.74 85.40 6.45
CA THR D 269 66.20 85.34 6.59
C THR D 269 66.78 83.94 6.71
N LEU D 270 67.78 83.67 5.88
CA LEU D 270 68.48 82.40 5.91
C LEU D 270 69.96 82.64 6.18
N SER D 271 70.59 81.72 6.91
CA SER D 271 72.03 81.90 7.17
C SER D 271 72.77 80.61 7.47
N ALA D 272 74.10 80.66 7.37
CA ALA D 272 74.91 79.50 7.70
C ALA D 272 76.34 79.85 8.13
N LEU D 273 76.94 78.94 8.89
CA LEU D 273 78.30 79.10 9.36
C LEU D 273 79.18 77.91 9.01
N VAL D 274 80.32 78.19 8.40
CA VAL D 274 81.23 77.13 8.04
C VAL D 274 82.59 77.25 8.76
N ASP D 275 83.05 76.12 9.29
CA ASP D 275 84.32 75.94 10.04
C ASP D 275 85.50 75.66 9.14
N GLY D 276 86.18 76.67 8.67
CA GLY D 276 87.23 76.40 7.72
C GLY D 276 88.44 75.83 8.43
N LYS D 277 89.29 75.10 7.70
CA LYS D 277 89.16 74.77 6.28
C LYS D 277 88.46 73.42 6.13
N SER D 278 88.10 72.78 7.25
CA SER D 278 87.50 71.44 7.24
C SER D 278 86.01 71.44 6.89
N ILE D 279 85.69 71.86 5.68
CA ILE D 279 84.30 71.92 5.22
C ILE D 279 84.05 71.15 3.92
N ASN D 280 82.99 70.31 3.87
CA ASN D 280 82.03 70.01 4.95
C ASN D 280 82.45 68.79 5.80
N ALA D 281 83.37 68.99 6.76
CA ALA D 281 83.90 67.94 7.60
C ALA D 281 84.16 68.56 8.95
N GLY D 282 83.15 69.26 9.45
CA GLY D 282 83.23 70.04 10.69
C GLY D 282 81.83 70.50 11.14
N GLY D 283 81.78 71.49 12.04
CA GLY D 283 80.55 71.94 12.70
C GLY D 283 79.68 72.89 11.90
N HIS D 284 79.25 72.44 10.75
CA HIS D 284 78.45 73.28 9.85
C HIS D 284 77.12 73.62 10.53
N LYS D 285 76.69 74.90 10.48
CA LYS D 285 75.41 75.30 11.09
C LYS D 285 74.55 76.10 10.12
N LEU D 286 73.24 75.92 10.21
CA LEU D 286 72.29 76.66 9.40
C LEU D 286 71.25 77.36 10.26
N GLY D 287 70.63 78.41 9.74
CA GLY D 287 69.55 79.12 10.44
C GLY D 287 68.45 79.59 9.49
N LEU D 288 67.27 79.83 10.08
CA LEU D 288 66.08 80.29 9.35
C LEU D 288 65.20 81.19 10.19
N ALA D 289 64.79 82.33 9.66
CA ALA D 289 63.86 83.12 10.43
C ALA D 289 62.84 83.83 9.55
N LEU D 290 61.62 83.91 10.05
CA LEU D 290 60.56 84.63 9.33
C LEU D 290 59.88 85.62 10.29
N GLU D 291 59.77 86.87 9.83
CA GLU D 291 59.14 87.95 10.58
C GLU D 291 57.98 88.58 9.82
N LEU D 292 56.82 88.70 10.49
CA LEU D 292 55.62 89.31 9.91
C LEU D 292 55.04 90.41 10.77
N GLU D 293 54.94 91.62 10.21
CA GLU D 293 54.43 92.75 10.96
C GLU D 293 53.13 93.33 10.39
N ALA D 294 52.11 93.34 11.25
CA ALA D 294 50.79 93.86 10.93
C ALA D 294 50.52 95.10 11.78
N MET E 1 49.00 100.89 -0.65
CA MET E 1 49.13 99.44 -0.64
C MET E 1 49.62 98.95 0.71
N ALA E 2 48.87 98.02 1.30
CA ALA E 2 49.27 97.45 2.59
C ALA E 2 50.59 96.74 2.43
N SER E 3 51.41 96.76 3.47
CA SER E 3 52.67 96.04 3.41
C SER E 3 52.42 94.56 3.55
N TYR E 4 53.42 93.76 3.16
CA TYR E 4 53.32 92.32 3.26
C TYR E 4 54.45 91.71 4.03
N GLY E 5 54.11 90.71 4.83
CA GLY E 5 55.11 89.93 5.56
C GLY E 5 55.35 88.58 4.87
N GLN E 6 54.63 88.37 3.77
CA GLN E 6 54.64 87.16 2.96
C GLN E 6 53.71 87.37 1.78
N THR E 7 53.99 86.75 0.64
CA THR E 7 53.08 86.94 -0.49
C THR E 7 52.57 85.66 -1.13
N CYS E 8 51.33 85.77 -1.57
CA CYS E 8 50.69 84.67 -2.23
C CYS E 8 49.60 85.22 -3.17
N PRO E 9 49.26 84.49 -4.23
CA PRO E 9 48.19 84.69 -5.18
C PRO E 9 46.90 84.14 -4.64
N ARG E 10 45.84 84.27 -5.41
CA ARG E 10 44.61 83.60 -5.05
C ARG E 10 44.71 82.13 -5.47
N PRO E 11 43.96 81.22 -4.84
CA PRO E 11 43.86 79.85 -5.26
C PRO E 11 43.38 79.86 -6.73
N MET E 12 43.84 78.92 -7.58
CA MET E 12 44.66 77.79 -7.16
C MET E 12 46.10 77.80 -7.67
N CYS E 13 46.84 78.91 -7.46
CA CYS E 13 48.27 78.94 -7.74
C CYS E 13 49.03 78.56 -6.46
N ILE E 14 48.27 78.31 -5.40
CA ILE E 14 48.75 77.87 -4.10
C ILE E 14 48.32 76.42 -4.02
N PRO E 15 49.22 75.46 -3.81
CA PRO E 15 48.95 74.04 -3.77
C PRO E 15 48.21 73.66 -2.50
N PRO E 16 47.58 72.48 -2.49
CA PRO E 16 46.92 71.82 -1.37
C PRO E 16 47.95 71.41 -0.34
N SER E 17 47.53 71.21 0.91
CA SER E 17 48.49 70.74 1.91
C SER E 17 48.70 69.27 1.62
N TYR E 18 49.72 68.65 2.22
CA TYR E 18 49.95 67.23 1.94
C TYR E 18 48.67 66.41 2.17
N ALA E 19 47.99 66.69 3.28
CA ALA E 19 46.75 66.02 3.67
C ALA E 19 45.61 66.17 2.64
N ASP E 20 45.66 67.20 1.81
CA ASP E 20 44.62 67.48 0.85
C ASP E 20 44.95 66.87 -0.52
N LEU E 21 46.08 66.21 -0.66
CA LEU E 21 46.40 65.64 -1.95
C LEU E 21 45.42 64.51 -2.22
N GLY E 22 44.76 64.54 -3.36
CA GLY E 22 43.79 63.50 -3.70
C GLY E 22 42.41 63.73 -3.08
N LYS E 23 42.20 64.86 -2.40
CA LYS E 23 40.92 65.08 -1.75
C LYS E 23 39.71 64.94 -2.67
N ALA E 24 39.77 65.44 -3.90
CA ALA E 24 38.59 65.35 -4.75
C ALA E 24 38.15 63.90 -5.03
N ALA E 25 39.12 63.03 -5.32
CA ALA E 25 38.81 61.62 -5.54
C ALA E 25 38.27 61.00 -4.25
N ARG E 26 38.89 61.37 -3.12
CA ARG E 26 38.48 60.83 -1.84
C ARG E 26 37.05 61.20 -1.52
N ASP E 27 36.66 62.46 -1.79
CA ASP E 27 35.29 62.86 -1.53
C ASP E 27 34.28 62.05 -2.32
N ILE E 28 34.58 61.68 -3.56
CA ILE E 28 33.63 60.84 -4.29
C ILE E 28 33.43 59.51 -3.56
N PHE E 29 34.53 58.89 -3.12
CA PHE E 29 34.44 57.62 -2.40
C PHE E 29 33.87 57.73 -0.97
N ASN E 30 34.07 58.87 -0.28
CA ASN E 30 33.60 59.02 1.09
C ASN E 30 32.26 59.76 1.29
N LYS E 31 32.07 60.89 0.63
CA LYS E 31 30.89 61.68 0.88
C LYS E 31 29.68 61.04 0.27
N GLY E 32 28.55 61.15 0.95
CA GLY E 32 27.31 60.58 0.47
C GLY E 32 27.06 59.19 1.04
N PHE E 33 28.03 58.62 1.75
CA PHE E 33 27.82 57.28 2.31
C PHE E 33 27.93 57.34 3.84
N GLY E 34 27.12 56.55 4.54
CA GLY E 34 27.14 56.47 6.00
C GLY E 34 26.85 55.06 6.53
N PHE E 35 27.33 54.04 5.84
CA PHE E 35 26.96 52.66 6.12
C PHE E 35 27.21 52.29 7.57
N GLY E 36 26.21 51.70 8.22
CA GLY E 36 26.35 51.24 9.59
C GLY E 36 26.02 52.30 10.63
N LEU E 37 25.81 53.55 10.21
CA LEU E 37 25.53 54.57 11.19
C LEU E 37 24.31 55.43 10.92
N VAL E 38 23.76 55.96 12.01
CA VAL E 38 22.74 56.98 11.89
C VAL E 38 23.34 58.29 12.41
N LYS E 39 23.31 59.32 11.58
CA LYS E 39 23.93 60.60 11.97
C LYS E 39 22.96 61.77 11.95
N LEU E 40 23.14 62.66 12.91
CA LEU E 40 22.28 63.82 13.04
C LEU E 40 23.06 65.11 13.23
N ASP E 41 23.01 65.99 12.24
CA ASP E 41 23.81 67.22 12.32
C ASP E 41 22.98 68.50 12.34
N VAL E 42 23.02 69.21 13.48
CA VAL E 42 22.26 70.44 13.60
C VAL E 42 23.24 71.61 13.68
N LYS E 43 23.09 72.55 12.77
CA LYS E 43 23.97 73.70 12.76
C LYS E 43 23.13 74.95 12.81
N THR E 44 23.56 75.89 13.63
CA THR E 44 22.83 77.14 13.74
C THR E 44 23.79 78.30 13.80
N LYS E 45 23.32 79.47 13.44
CA LYS E 45 24.13 80.63 13.67
C LYS E 45 23.34 81.78 14.25
N SER E 46 24.06 82.65 14.92
CA SER E 46 23.52 83.90 15.42
C SER E 46 24.29 85.09 14.89
N CYS E 47 23.56 86.19 14.68
CA CYS E 47 24.09 87.45 14.20
C CYS E 47 25.13 88.08 15.12
N SER E 48 25.30 87.52 16.32
CA SER E 48 26.30 88.00 17.26
C SER E 48 27.70 87.51 16.86
N GLY E 49 27.80 86.64 15.84
CA GLY E 49 29.10 86.14 15.39
C GLY E 49 29.44 84.79 15.99
N VAL E 50 28.43 84.07 16.41
CA VAL E 50 28.66 82.77 16.99
C VAL E 50 27.94 81.70 16.21
N GLU E 51 28.66 80.63 15.95
CA GLU E 51 28.10 79.50 15.25
C GLU E 51 28.06 78.32 16.19
N PHE E 52 27.02 77.53 16.08
CA PHE E 52 26.92 76.35 16.91
C PHE E 52 26.77 75.14 16.04
N SER E 53 27.31 74.02 16.49
CA SER E 53 27.18 72.77 15.75
C SER E 53 27.12 71.56 16.67
N THR E 54 26.09 70.76 16.48
CA THR E 54 25.93 69.54 17.28
C THR E 54 25.79 68.33 16.37
N SER E 55 26.58 67.30 16.65
CA SER E 55 26.58 66.13 15.80
C SER E 55 26.39 64.84 16.58
N GLY E 56 25.28 64.17 16.33
CA GLY E 56 24.92 62.92 16.98
C GLY E 56 25.33 61.75 16.09
N SER E 57 25.67 60.60 16.70
CA SER E 57 26.00 59.43 15.89
C SER E 57 25.78 58.07 16.56
N SER E 58 25.07 57.17 15.86
CA SER E 58 24.78 55.82 16.37
C SER E 58 25.41 54.75 15.51
N ASN E 59 26.28 53.94 16.10
CA ASN E 59 27.01 52.91 15.36
C ASN E 59 26.39 51.53 15.54
N THR E 60 25.81 50.99 14.46
CA THR E 60 25.06 49.75 14.44
C THR E 60 25.87 48.55 14.87
N ASP E 61 27.19 48.62 14.70
CA ASP E 61 28.06 47.51 14.99
C ASP E 61 28.61 47.53 16.40
N THR E 62 28.19 48.51 17.21
CA THR E 62 28.67 48.54 18.57
C THR E 62 27.48 48.72 19.50
N GLY E 63 26.41 49.34 18.97
CA GLY E 63 25.20 49.67 19.72
C GLY E 63 25.36 50.97 20.53
N LYS E 64 26.51 51.62 20.38
CA LYS E 64 26.82 52.86 21.07
C LYS E 64 26.27 54.06 20.35
N VAL E 65 25.76 54.99 21.14
CA VAL E 65 25.26 56.22 20.60
C VAL E 65 26.14 57.31 21.24
N THR E 66 26.74 58.15 20.40
CA THR E 66 27.67 59.21 20.79
C THR E 66 27.32 60.56 20.19
N GLY E 67 28.21 61.52 20.38
CA GLY E 67 28.03 62.86 19.83
C GLY E 67 29.01 63.91 20.37
N THR E 68 29.07 65.01 19.63
CA THR E 68 29.92 66.18 19.92
C THR E 68 29.16 67.50 19.78
N LEU E 69 29.46 68.45 20.66
CA LEU E 69 28.88 69.79 20.56
C LEU E 69 29.99 70.84 20.54
N GLU E 70 29.90 71.77 19.57
CA GLU E 70 30.88 72.84 19.45
C GLU E 70 30.23 74.22 19.34
N THR E 71 30.92 75.22 19.89
CA THR E 71 30.54 76.62 19.75
C THR E 71 31.72 77.41 19.21
N LYS E 72 31.50 78.17 18.13
CA LYS E 72 32.60 78.92 17.51
C LYS E 72 32.34 80.41 17.46
N TYR E 73 33.33 81.19 17.84
CA TYR E 73 33.21 82.64 17.80
C TYR E 73 34.16 83.21 16.77
N LYS E 74 33.63 84.00 15.83
CA LYS E 74 34.45 84.54 14.74
C LYS E 74 34.76 86.03 14.81
N TRP E 75 35.99 86.35 15.19
CA TRP E 75 36.41 87.73 15.31
C TRP E 75 36.94 88.16 13.96
N CYS E 76 36.01 88.47 13.08
CA CYS E 76 36.29 88.77 11.68
C CYS E 76 37.24 89.95 11.50
N GLU E 77 37.16 90.91 12.41
CA GLU E 77 38.00 92.11 12.39
C GLU E 77 39.44 91.88 12.87
N TYR E 78 39.69 90.71 13.46
CA TYR E 78 40.99 90.35 14.02
C TYR E 78 41.64 89.18 13.30
N GLY E 79 40.84 88.35 12.63
CA GLY E 79 41.36 87.13 12.02
C GLY E 79 41.47 86.05 13.08
N LEU E 80 40.63 86.13 14.12
CA LEU E 80 40.72 85.16 15.19
C LEU E 80 39.46 84.32 15.35
N THR E 81 39.64 83.02 15.52
CA THR E 81 38.49 82.14 15.78
C THR E 81 38.69 81.38 17.07
N PHE E 82 37.68 81.44 17.92
CA PHE E 82 37.72 80.79 19.22
C PHE E 82 36.67 79.69 19.31
N THR E 83 37.08 78.46 19.61
CA THR E 83 36.11 77.36 19.66
C THR E 83 36.09 76.64 21.00
N GLU E 84 34.87 76.41 21.49
CA GLU E 84 34.66 75.65 22.71
C GLU E 84 34.06 74.29 22.29
N LYS E 85 34.54 73.19 22.88
CA LYS E 85 34.00 71.89 22.49
C LYS E 85 33.81 70.91 23.64
N TRP E 86 32.75 70.08 23.53
CA TRP E 86 32.46 69.01 24.48
C TRP E 86 31.97 67.73 23.78
N ASN E 87 32.23 66.55 24.35
CA ASN E 87 31.60 65.36 23.76
C ASN E 87 31.13 64.36 24.82
N THR E 88 30.52 63.26 24.35
CA THR E 88 29.92 62.24 25.21
C THR E 88 30.87 61.41 26.01
N ASP E 89 32.15 61.51 25.72
CA ASP E 89 33.13 60.74 26.44
C ASP E 89 33.70 61.65 27.51
N ASN E 90 33.04 62.78 27.70
CA ASN E 90 33.40 63.81 28.64
C ASN E 90 34.72 64.45 28.30
N THR E 91 35.04 64.55 27.04
CA THR E 91 36.25 65.24 26.68
C THR E 91 35.84 66.65 26.34
N LEU E 92 36.56 67.61 26.88
CA LEU E 92 36.29 69.02 26.68
C LEU E 92 37.51 69.76 26.18
N GLY E 93 37.33 70.88 25.51
CA GLY E 93 38.51 71.64 25.11
C GLY E 93 38.25 73.00 24.45
N THR E 94 39.36 73.67 24.15
CA THR E 94 39.37 74.99 23.54
C THR E 94 40.35 75.06 22.37
N GLU E 95 39.92 75.69 21.28
CA GLU E 95 40.81 75.88 20.15
C GLU E 95 40.86 77.34 19.73
N ILE E 96 42.07 77.87 19.50
CA ILE E 96 42.19 79.24 19.04
C ILE E 96 42.97 79.32 17.73
N ALA E 97 42.36 79.87 16.70
CA ALA E 97 43.03 79.99 15.42
C ALA E 97 43.28 81.45 15.08
N ILE E 98 44.44 81.68 14.47
CA ILE E 98 44.91 82.97 14.02
C ILE E 98 45.17 82.98 12.52
N GLU E 99 44.51 83.86 11.75
CA GLU E 99 44.73 83.86 10.30
C GLU E 99 45.13 85.23 9.75
N ASP E 100 46.30 85.28 9.10
CA ASP E 100 46.88 86.48 8.47
C ASP E 100 47.20 87.61 9.45
N GLN E 101 47.29 87.27 10.74
CA GLN E 101 47.58 88.24 11.77
C GLN E 101 49.06 88.54 11.88
N ILE E 102 49.88 87.51 11.61
CA ILE E 102 51.32 87.61 11.73
C ILE E 102 51.85 88.10 10.41
N CYS E 103 51.56 87.34 9.34
CA CYS E 103 51.93 87.70 7.98
C CYS E 103 50.90 87.03 7.08
N GLN E 104 50.77 87.52 5.85
CA GLN E 104 49.81 86.96 4.93
C GLN E 104 50.11 85.53 4.57
N GLY E 105 49.05 84.72 4.56
CA GLY E 105 49.19 83.31 4.22
C GLY E 105 49.56 82.47 5.42
N LEU E 106 49.70 83.07 6.60
CA LEU E 106 50.07 82.30 7.78
C LEU E 106 48.88 82.02 8.67
N LYS E 107 48.74 80.74 9.03
CA LYS E 107 47.71 80.29 9.93
C LYS E 107 48.33 79.55 11.12
N LEU E 108 47.95 79.99 12.32
CA LEU E 108 48.44 79.41 13.57
C LEU E 108 47.28 78.94 14.45
N THR E 109 47.32 77.69 14.91
CA THR E 109 46.22 77.20 15.75
C THR E 109 46.67 76.49 17.03
N PHE E 110 46.03 76.85 18.12
CA PHE E 110 46.30 76.24 19.42
C PHE E 110 45.12 75.38 19.87
N ASP E 111 45.35 74.08 20.09
CA ASP E 111 44.31 73.12 20.46
C ASP E 111 44.52 72.46 21.84
N THR E 112 43.74 72.85 22.85
CA THR E 112 43.93 72.29 24.21
C THR E 112 42.73 71.42 24.63
N THR E 113 43.02 70.18 25.02
CA THR E 113 42.01 69.19 25.40
C THR E 113 42.21 68.61 26.81
N PHE E 114 41.10 68.42 27.51
CA PHE E 114 41.09 67.83 28.84
C PHE E 114 40.05 66.72 28.98
N SER E 115 40.42 65.62 29.65
CA SER E 115 39.46 64.55 29.87
C SER E 115 39.40 64.10 31.33
N PRO E 116 38.38 64.52 32.12
CA PRO E 116 38.15 64.24 33.53
C PRO E 116 38.03 62.74 33.80
N ASN E 117 37.81 61.93 32.76
CA ASN E 117 37.70 60.48 32.89
C ASN E 117 38.99 59.92 33.52
N THR E 118 40.10 60.63 33.27
CA THR E 118 41.42 60.27 33.76
C THR E 118 42.10 61.48 34.37
N GLY E 119 41.62 62.67 34.00
CA GLY E 119 42.21 63.94 34.42
C GLY E 119 43.33 64.39 33.47
N LYS E 120 43.53 63.63 32.40
CA LYS E 120 44.54 63.91 31.39
C LYS E 120 44.36 65.23 30.65
N LYS E 121 45.47 65.93 30.46
CA LYS E 121 45.46 67.17 29.68
C LYS E 121 46.51 67.02 28.58
N SER E 122 46.16 67.45 27.38
CA SER E 122 47.06 67.38 26.22
C SER E 122 46.68 68.40 25.16
N GLY E 123 47.50 68.56 24.14
CA GLY E 123 47.12 69.49 23.09
C GLY E 123 48.07 69.54 21.91
N LYS E 124 47.74 70.40 20.95
CA LYS E 124 48.52 70.55 19.74
C LYS E 124 48.73 72.00 19.35
N ILE E 125 49.86 72.27 18.71
CA ILE E 125 50.07 73.59 18.13
C ILE E 125 50.32 73.41 16.66
N LYS E 126 49.53 74.07 15.84
CA LYS E 126 49.64 73.91 14.41
C LYS E 126 50.10 75.18 13.73
N SER E 127 50.91 75.04 12.70
CA SER E 127 51.38 76.17 11.89
C SER E 127 51.38 75.83 10.40
N SER E 128 50.75 76.69 9.60
CA SER E 128 50.65 76.47 8.15
C SER E 128 50.83 77.74 7.33
N TYR E 129 51.72 77.66 6.34
CA TYR E 129 52.07 78.78 5.48
C TYR E 129 51.69 78.54 4.01
N LYS E 130 50.88 79.44 3.47
CA LYS E 130 50.45 79.38 2.08
C LYS E 130 51.08 80.48 1.26
N ARG E 131 51.76 80.11 0.19
CA ARG E 131 52.41 81.06 -0.70
C ARG E 131 52.33 80.62 -2.14
N GLU E 132 52.73 81.50 -3.03
CA GLU E 132 52.72 81.07 -4.44
C GLU E 132 53.50 79.76 -4.58
N CYS E 133 52.87 78.75 -5.20
CA CYS E 133 53.43 77.43 -5.48
C CYS E 133 53.97 76.62 -4.28
N VAL E 134 53.71 77.04 -3.02
CA VAL E 134 54.14 76.25 -1.87
C VAL E 134 53.08 76.25 -0.74
N ASN E 135 52.88 75.10 -0.11
CA ASN E 135 52.01 74.94 1.05
C ASN E 135 52.75 74.11 2.09
N LEU E 136 53.26 74.76 3.13
CA LEU E 136 54.09 74.05 4.11
C LEU E 136 53.63 74.25 5.55
N GLY E 137 53.96 73.32 6.42
CA GLY E 137 53.58 73.52 7.81
C GLY E 137 54.00 72.40 8.74
N CYS E 138 53.52 72.48 9.97
CA CYS E 138 53.82 71.50 10.99
C CYS E 138 52.88 71.51 12.18
N ASP E 139 52.46 70.32 12.60
CA ASP E 139 51.65 70.13 13.78
C ASP E 139 52.52 69.54 14.91
N VAL E 140 52.52 70.15 16.09
CA VAL E 140 53.29 69.54 17.17
C VAL E 140 52.32 69.08 18.25
N ASP E 141 52.38 67.79 18.55
CA ASP E 141 51.51 67.10 19.49
C ASP E 141 52.15 66.98 20.87
N PHE E 142 51.60 67.69 21.85
CA PHE E 142 52.16 67.73 23.19
C PHE E 142 51.37 66.81 24.12
N ASP E 143 52.04 65.78 24.62
CA ASP E 143 51.40 64.77 25.47
C ASP E 143 52.43 64.18 26.42
N PHE E 144 51.99 63.25 27.26
CA PHE E 144 52.89 62.59 28.18
C PHE E 144 53.97 61.89 27.41
N ALA E 145 55.21 62.12 27.79
CA ALA E 145 56.36 61.51 27.13
C ALA E 145 56.38 61.77 25.61
N GLY E 146 55.94 62.96 25.21
CA GLY E 146 56.03 63.43 23.85
C GLY E 146 57.05 64.57 23.89
N PRO E 147 56.94 65.59 23.01
CA PRO E 147 56.03 65.83 21.91
C PRO E 147 56.35 65.06 20.64
N ALA E 148 55.35 64.98 19.77
CA ALA E 148 55.60 64.46 18.42
C ALA E 148 55.52 65.61 17.42
N ILE E 149 56.36 65.55 16.42
CA ILE E 149 56.40 66.60 15.42
C ILE E 149 55.97 66.09 14.07
N HIS E 150 54.94 66.68 13.49
CA HIS E 150 54.40 66.25 12.21
C HIS E 150 54.58 67.33 11.15
N GLY E 151 55.63 67.23 10.35
CA GLY E 151 55.95 68.27 9.36
C GLY E 151 55.47 67.91 7.97
N SER E 152 55.22 68.90 7.12
CA SER E 152 54.86 68.59 5.75
C SER E 152 55.06 69.74 4.78
N ALA E 153 55.16 69.40 3.50
CA ALA E 153 55.18 70.44 2.49
C ALA E 153 54.84 69.91 1.12
N VAL E 154 54.11 70.74 0.40
CA VAL E 154 53.72 70.53 -0.97
C VAL E 154 54.13 71.71 -1.81
N PHE E 155 54.64 71.42 -2.98
CA PHE E 155 55.03 72.46 -3.88
C PHE E 155 54.63 72.10 -5.28
N GLY E 156 54.59 73.08 -6.17
CA GLY E 156 54.24 72.70 -7.52
C GLY E 156 54.59 73.70 -8.60
N TYR E 157 54.23 73.32 -9.82
CA TYR E 157 54.50 74.11 -11.01
C TYR E 157 53.68 73.67 -12.21
N GLU E 158 52.98 74.62 -12.84
CA GLU E 158 52.15 74.34 -14.03
C GLU E 158 51.22 73.14 -13.89
N GLY E 159 50.59 73.01 -12.73
CA GLY E 159 49.64 71.94 -12.44
C GLY E 159 50.29 70.71 -11.78
N TRP E 160 51.62 70.65 -11.79
CA TRP E 160 52.29 69.50 -11.19
C TRP E 160 52.51 69.70 -9.71
N LEU E 161 52.28 68.65 -8.94
CA LEU E 161 52.48 68.68 -7.50
C LEU E 161 53.45 67.64 -6.99
N ALA E 162 54.12 67.97 -5.91
CA ALA E 162 54.95 67.01 -5.20
C ALA E 162 55.05 67.43 -3.75
N GLY E 163 55.31 66.47 -2.88
CA GLY E 163 55.49 66.82 -1.48
C GLY E 163 55.81 65.66 -0.57
N TYR E 164 55.89 65.98 0.72
CA TYR E 164 56.23 65.02 1.76
C TYR E 164 55.53 65.31 3.07
N GLN E 165 55.56 64.30 3.94
CA GLN E 165 55.06 64.39 5.30
C GLN E 165 55.90 63.53 6.24
N MET E 166 56.36 64.10 7.35
CA MET E 166 57.17 63.32 8.28
C MET E 166 56.77 63.48 9.72
N THR E 167 56.78 62.37 10.45
CA THR E 167 56.48 62.37 11.87
C THR E 167 57.69 61.95 12.66
N PHE E 168 58.03 62.76 13.65
CA PHE E 168 59.16 62.51 14.52
C PHE E 168 58.69 62.38 15.96
N ASP E 169 59.38 61.55 16.73
CA ASP E 169 59.12 61.39 18.15
C ASP E 169 60.26 61.96 18.97
N SER E 170 60.03 63.13 19.58
CA SER E 170 61.09 63.87 20.28
C SER E 170 61.56 63.19 21.55
N ALA E 171 60.81 62.17 22.01
CA ALA E 171 61.23 61.47 23.20
C ALA E 171 62.27 60.41 22.83
N LYS E 172 62.46 60.18 21.52
CA LYS E 172 63.39 59.20 21.03
C LYS E 172 64.43 59.93 20.17
N SER E 173 64.01 61.05 19.59
CA SER E 173 64.76 61.84 18.60
C SER E 173 64.94 61.02 17.33
N LYS E 174 63.84 60.37 16.93
CA LYS E 174 63.79 59.52 15.75
C LYS E 174 62.63 59.84 14.83
N LEU E 175 62.82 59.57 13.54
CA LEU E 175 61.72 59.66 12.59
C LEU E 175 60.92 58.37 12.70
N THR E 176 59.60 58.48 12.75
CA THR E 176 58.76 57.31 12.85
C THR E 176 57.94 57.06 11.58
N ARG E 177 57.68 58.13 10.81
CA ARG E 177 56.92 58.03 9.55
C ARG E 177 57.48 58.98 8.49
N ASN E 178 57.58 58.52 7.25
CA ASN E 178 58.04 59.38 6.14
C ASN E 178 57.26 59.08 4.85
N ASN E 179 56.31 59.95 4.55
CA ASN E 179 55.42 59.77 3.41
C ASN E 179 55.84 60.68 2.26
N PHE E 180 55.65 60.22 1.03
CA PHE E 180 55.91 61.06 -0.15
C PHE E 180 54.78 60.99 -1.16
N ALA E 181 54.61 62.06 -1.92
CA ALA E 181 53.60 62.04 -2.97
C ALA E 181 53.93 62.93 -4.14
N VAL E 182 53.39 62.53 -5.30
CA VAL E 182 53.46 63.29 -6.54
C VAL E 182 52.09 63.33 -7.21
N GLY E 183 51.89 64.28 -8.11
CA GLY E 183 50.63 64.30 -8.85
C GLY E 183 50.48 65.46 -9.83
N TYR E 184 49.28 65.57 -10.35
CA TYR E 184 48.91 66.61 -11.31
C TYR E 184 47.48 67.06 -11.08
N ARG E 185 47.24 68.36 -11.14
CA ARG E 185 45.85 68.79 -11.04
C ARG E 185 45.44 69.88 -12.00
N THR E 186 44.21 69.75 -12.45
CA THR E 186 43.53 70.77 -13.19
C THR E 186 42.06 70.80 -12.81
N GLY E 187 41.29 71.61 -13.54
CA GLY E 187 39.85 71.76 -13.25
C GLY E 187 39.05 70.49 -13.53
N ASP E 188 39.44 69.78 -14.59
CA ASP E 188 38.74 68.59 -15.07
C ASP E 188 39.20 67.30 -14.42
N PHE E 189 40.45 67.22 -14.02
CA PHE E 189 40.93 65.98 -13.43
C PHE E 189 42.10 66.17 -12.50
N GLN E 190 42.31 65.17 -11.64
CA GLN E 190 43.49 65.14 -10.79
C GLN E 190 44.08 63.74 -10.71
N LEU E 191 45.39 63.69 -10.72
CA LEU E 191 46.13 62.43 -10.65
C LEU E 191 47.07 62.43 -9.47
N HIS E 192 46.97 61.42 -8.61
CA HIS E 192 47.86 61.36 -7.45
C HIS E 192 48.46 59.98 -7.19
N THR E 193 49.74 59.97 -6.84
CA THR E 193 50.47 58.75 -6.46
C THR E 193 51.24 59.00 -5.16
N ASN E 194 51.25 58.03 -4.27
CA ASN E 194 52.02 58.20 -3.05
C ASN E 194 52.60 56.92 -2.46
N VAL E 195 53.48 57.13 -1.48
CA VAL E 195 54.11 56.06 -0.72
C VAL E 195 54.24 56.38 0.75
N ASN E 196 53.95 55.41 1.61
CA ASN E 196 54.13 55.56 3.03
C ASN E 196 55.23 54.62 3.55
N ASP E 197 56.35 55.23 4.01
CA ASP E 197 57.51 54.53 4.57
C ASP E 197 58.21 53.55 3.64
N GLY E 198 57.97 53.69 2.35
CA GLY E 198 58.61 52.84 1.35
C GLY E 198 57.92 51.48 1.21
N THR E 199 56.84 51.26 1.95
CA THR E 199 56.15 49.97 1.95
C THR E 199 54.73 50.05 1.39
N GLU E 200 53.96 51.03 1.84
CA GLU E 200 52.58 51.10 1.37
C GLU E 200 52.49 52.06 0.20
N PHE E 201 51.96 51.60 -0.91
CA PHE E 201 51.86 52.43 -2.09
C PHE E 201 50.44 52.57 -2.57
N GLY E 202 50.15 53.67 -3.24
CA GLY E 202 48.82 53.81 -3.80
C GLY E 202 48.66 55.09 -4.56
N GLY E 203 47.42 55.36 -4.93
CA GLY E 203 47.12 56.54 -5.72
C GLY E 203 45.66 56.64 -6.09
N SER E 204 45.32 57.71 -6.79
CA SER E 204 43.95 57.93 -7.20
C SER E 204 43.80 58.80 -8.43
N ILE E 205 42.67 58.62 -9.09
CA ILE E 205 42.27 59.41 -10.23
C ILE E 205 40.93 60.08 -10.01
N TYR E 206 40.88 61.38 -10.22
CA TYR E 206 39.64 62.15 -10.15
C TYR E 206 39.33 62.62 -11.54
N GLN E 207 38.10 62.45 -12.02
CA GLN E 207 37.76 62.92 -13.34
C GLN E 207 36.34 63.48 -13.46
N LYS E 208 36.21 64.67 -14.03
CA LYS E 208 34.91 65.23 -14.35
C LYS E 208 34.52 64.58 -15.66
N VAL E 209 33.32 64.06 -15.76
CA VAL E 209 32.94 63.39 -16.98
C VAL E 209 31.89 64.20 -17.71
N CYS E 210 30.89 64.60 -16.97
CA CYS E 210 29.80 65.37 -17.54
C CYS E 210 29.50 66.39 -16.53
N GLU E 211 28.68 67.36 -16.86
CA GLU E 211 28.38 68.42 -15.92
C GLU E 211 27.77 67.91 -14.60
N ASP E 212 26.97 66.87 -14.70
CA ASP E 212 26.33 66.23 -13.58
C ASP E 212 27.05 64.95 -13.11
N LEU E 213 28.27 64.69 -13.60
CA LEU E 213 28.91 63.42 -13.23
C LEU E 213 30.40 63.52 -12.88
N ASP E 214 30.68 63.12 -11.64
CA ASP E 214 32.01 63.12 -11.03
C ASP E 214 32.46 61.66 -10.76
N THR E 215 33.58 61.22 -11.36
CA THR E 215 34.00 59.83 -11.11
C THR E 215 35.43 59.74 -10.57
N SER E 216 35.76 58.60 -9.97
CA SER E 216 37.12 58.39 -9.48
C SER E 216 37.55 56.92 -9.34
N VAL E 217 38.87 56.73 -9.30
CA VAL E 217 39.49 55.41 -9.12
C VAL E 217 40.53 55.42 -8.01
N ASN E 218 40.48 54.44 -7.10
CA ASN E 218 41.49 54.30 -6.05
C ASN E 218 42.34 53.06 -6.28
N LEU E 219 43.65 53.19 -6.05
CA LEU E 219 44.61 52.10 -6.17
C LEU E 219 45.46 51.95 -4.90
N ALA E 220 45.81 50.71 -4.53
CA ALA E 220 46.73 50.50 -3.42
C ALA E 220 47.46 49.15 -3.50
N TRP E 221 48.68 49.09 -2.97
CA TRP E 221 49.42 47.83 -2.91
C TRP E 221 50.49 47.82 -1.81
N THR E 222 50.91 46.62 -1.42
CA THR E 222 51.93 46.52 -0.35
C THR E 222 53.26 45.88 -0.77
N SER E 223 54.36 46.59 -0.53
CA SER E 223 55.67 46.05 -0.87
C SER E 223 55.95 44.74 -0.18
N GLY E 224 56.57 43.84 -0.93
CA GLY E 224 56.94 42.52 -0.47
C GLY E 224 55.90 41.49 -0.88
N THR E 225 54.73 41.93 -1.32
CA THR E 225 53.72 40.98 -1.75
C THR E 225 53.05 41.31 -3.06
N ASN E 226 52.15 40.44 -3.46
CA ASN E 226 51.41 40.58 -4.71
C ASN E 226 50.00 41.08 -4.48
N CYS E 227 49.73 41.53 -3.27
CA CYS E 227 48.43 42.03 -2.90
C CYS E 227 48.18 43.43 -3.37
N THR E 228 47.13 43.57 -4.16
CA THR E 228 46.71 44.86 -4.64
C THR E 228 45.26 45.03 -4.29
N ARG E 229 44.86 46.27 -4.13
CA ARG E 229 43.49 46.65 -3.84
C ARG E 229 43.10 47.79 -4.75
N PHE E 230 41.82 47.87 -5.06
CA PHE E 230 41.34 48.96 -5.88
C PHE E 230 39.85 49.14 -5.80
N GLY E 231 39.39 50.25 -6.35
CA GLY E 231 37.96 50.45 -6.48
C GLY E 231 37.61 51.65 -7.34
N ILE E 232 36.37 51.65 -7.79
CA ILE E 232 35.84 52.71 -8.66
C ILE E 232 34.58 53.32 -8.07
N ALA E 233 34.47 54.65 -8.13
CA ALA E 233 33.30 55.31 -7.57
C ALA E 233 32.79 56.45 -8.44
N ALA E 234 31.52 56.79 -8.24
CA ALA E 234 30.95 57.91 -8.94
C ALA E 234 29.81 58.57 -8.20
N LYS E 235 29.64 59.85 -8.51
CA LYS E 235 28.57 60.67 -7.99
C LYS E 235 27.82 61.35 -9.15
N TYR E 236 26.51 61.18 -9.17
CA TYR E 236 25.70 61.75 -10.24
C TYR E 236 24.62 62.69 -9.72
N GLN E 237 24.61 63.91 -10.26
CA GLN E 237 23.60 64.89 -9.85
C GLN E 237 22.36 64.60 -10.64
N LEU E 238 21.35 64.14 -9.95
CA LEU E 238 20.12 63.69 -10.56
C LEU E 238 19.32 64.92 -10.93
N ASP E 239 19.27 65.85 -9.99
CA ASP E 239 18.58 67.11 -10.22
C ASP E 239 19.20 68.10 -9.20
N PRO E 240 18.83 69.39 -9.20
CA PRO E 240 19.37 70.39 -8.31
C PRO E 240 19.21 70.06 -6.83
N THR E 241 18.25 69.19 -6.48
CA THR E 241 18.07 68.85 -5.09
C THR E 241 18.11 67.35 -4.89
N ALA E 242 18.94 66.65 -5.67
CA ALA E 242 19.07 65.21 -5.47
C ALA E 242 20.30 64.62 -6.16
N SER E 243 20.89 63.63 -5.52
CA SER E 243 22.01 62.94 -6.13
C SER E 243 22.17 61.50 -5.69
N ILE E 244 22.82 60.74 -6.54
CA ILE E 244 23.10 59.33 -6.26
C ILE E 244 24.58 59.05 -6.34
N SER E 245 25.03 58.08 -5.58
CA SER E 245 26.42 57.70 -5.64
C SER E 245 26.57 56.22 -5.45
N ALA E 246 27.69 55.71 -5.94
CA ALA E 246 27.98 54.31 -5.77
C ALA E 246 29.47 54.06 -5.90
N LYS E 247 29.89 52.94 -5.34
CA LYS E 247 31.28 52.52 -5.44
C LYS E 247 31.49 51.03 -5.38
N VAL E 248 32.44 50.53 -6.15
CA VAL E 248 32.76 49.10 -6.11
C VAL E 248 34.22 48.81 -5.79
N ASN E 249 34.40 48.03 -4.72
CA ASN E 249 35.70 47.57 -4.23
C ASN E 249 36.07 46.22 -4.88
N ASN E 250 37.36 46.02 -5.18
CA ASN E 250 37.87 44.77 -5.76
C ASN E 250 37.51 43.51 -4.95
N SER E 251 37.18 43.70 -3.68
CA SER E 251 36.81 42.62 -2.77
C SER E 251 35.31 42.30 -2.85
N SER E 252 34.66 42.81 -3.91
CA SER E 252 33.23 42.64 -4.25
C SER E 252 32.34 43.33 -3.24
N LEU E 253 32.74 44.52 -2.87
CA LEU E 253 31.93 45.29 -1.94
C LEU E 253 31.32 46.45 -2.69
N ILE E 254 29.99 46.49 -2.72
CA ILE E 254 29.33 47.54 -3.48
C ILE E 254 28.55 48.49 -2.59
N GLY E 255 28.97 49.73 -2.61
CA GLY E 255 28.31 50.77 -1.84
C GLY E 255 27.36 51.54 -2.70
N VAL E 256 26.22 51.94 -2.14
CA VAL E 256 25.28 52.79 -2.84
C VAL E 256 24.82 53.89 -1.91
N GLY E 257 24.35 55.00 -2.45
CA GLY E 257 23.80 56.04 -1.60
C GLY E 257 22.99 57.07 -2.36
N TYR E 258 22.14 57.78 -1.62
CA TYR E 258 21.28 58.82 -2.16
C TYR E 258 21.09 59.97 -1.19
N THR E 259 21.22 61.18 -1.72
CA THR E 259 21.01 62.39 -0.95
C THR E 259 19.93 63.24 -1.59
N GLN E 260 19.05 63.76 -0.75
CA GLN E 260 18.00 64.66 -1.23
C GLN E 260 17.86 65.88 -0.36
N THR E 261 17.72 67.02 -1.01
CA THR E 261 17.47 68.24 -0.28
C THR E 261 15.97 68.25 -0.09
N LEU E 262 15.53 68.38 1.14
CA LEU E 262 14.11 68.32 1.40
C LEU E 262 13.58 69.72 1.30
N ARG E 263 14.38 70.65 1.79
CA ARG E 263 14.08 72.07 1.81
C ARG E 263 15.45 72.72 1.79
N PRO E 264 15.67 73.92 1.26
CA PRO E 264 16.99 74.54 1.30
C PRO E 264 17.42 74.52 2.74
N GLY E 265 18.63 74.13 3.07
CA GLY E 265 19.03 74.09 4.49
C GLY E 265 18.78 72.71 5.14
N VAL E 266 18.01 71.85 4.48
CA VAL E 266 17.69 70.54 5.03
C VAL E 266 18.05 69.40 4.07
N LYS E 267 18.99 68.52 4.46
CA LYS E 267 19.41 67.42 3.60
C LYS E 267 19.35 66.05 4.25
N LEU E 268 18.77 65.11 3.52
CA LEU E 268 18.59 63.73 3.96
C LEU E 268 19.42 62.74 3.13
N THR E 269 20.23 61.91 3.81
CA THR E 269 21.06 60.92 3.14
C THR E 269 20.84 59.49 3.59
N LEU E 270 20.64 58.61 2.62
CA LEU E 270 20.47 57.18 2.88
C LEU E 270 21.54 56.41 2.15
N SER E 271 22.00 55.31 2.74
CA SER E 271 23.01 54.50 2.05
C SER E 271 23.07 53.04 2.49
N ALA E 272 23.70 52.20 1.67
CA ALA E 272 23.85 50.80 2.03
C ALA E 272 25.06 50.14 1.36
N LEU E 273 25.54 49.08 2.00
CA LEU E 273 26.66 48.30 1.52
C LEU E 273 26.34 46.82 1.37
N VAL E 274 26.60 46.28 0.20
CA VAL E 274 26.35 44.87 -0.02
C VAL E 274 27.64 44.07 -0.33
N ASP E 275 27.77 42.93 0.36
CA ASP E 275 28.90 41.98 0.26
C ASP E 275 28.74 40.96 -0.86
N GLY E 276 29.19 41.27 -2.06
CA GLY E 276 28.92 40.37 -3.13
C GLY E 276 29.82 39.15 -3.03
N LYS E 277 29.41 38.03 -3.64
CA LYS E 277 28.16 37.83 -4.36
C LYS E 277 27.09 37.28 -3.43
N SER E 278 27.44 37.06 -2.15
CA SER E 278 26.54 36.45 -1.18
C SER E 278 25.50 37.41 -0.60
N ILE E 279 24.64 37.93 -1.46
CA ILE E 279 23.60 38.87 -1.05
C ILE E 279 22.18 38.44 -1.42
N ASN E 280 21.22 38.50 -0.47
CA ASN E 280 21.38 38.94 0.95
C ASN E 280 21.68 37.75 1.89
N ALA E 281 22.95 37.31 1.94
CA ALA E 281 23.39 36.18 2.74
C ALA E 281 24.78 36.51 3.21
N GLY E 282 24.93 37.72 3.76
CA GLY E 282 26.21 38.26 4.18
C GLY E 282 26.03 39.53 5.02
N GLY E 283 27.09 40.33 5.18
CA GLY E 283 27.13 41.49 6.08
C GLY E 283 26.52 42.76 5.53
N HIS E 284 25.24 42.69 5.20
CA HIS E 284 24.54 43.83 4.61
C HIS E 284 24.49 44.99 5.65
N LYS E 285 24.79 46.22 5.21
CA LYS E 285 24.75 47.37 6.12
C LYS E 285 23.95 48.53 5.54
N LEU E 286 23.25 49.25 6.41
CA LEU E 286 22.48 50.43 6.00
C LEU E 286 22.88 51.65 6.81
N GLY E 287 22.64 52.84 6.26
CA GLY E 287 22.90 54.09 6.99
C GLY E 287 21.83 55.15 6.71
N LEU E 288 21.76 56.13 7.63
CA LEU E 288 20.81 57.25 7.56
C LEU E 288 21.36 58.52 8.17
N ALA E 289 21.26 59.63 7.48
CA ALA E 289 21.69 60.86 8.11
C ALA E 289 20.82 62.05 7.73
N LEU E 290 20.59 62.92 8.69
CA LEU E 290 19.82 64.15 8.43
C LEU E 290 20.60 65.35 8.95
N GLU E 291 20.76 66.35 8.09
CA GLU E 291 21.46 67.59 8.41
C GLU E 291 20.57 68.82 8.22
N LEU E 292 20.51 69.69 9.24
CA LEU E 292 19.72 70.93 9.20
C LEU E 292 20.54 72.15 9.56
N GLU E 293 20.61 73.11 8.64
CA GLU E 293 21.39 74.32 8.88
C GLU E 293 20.56 75.60 8.91
N ALA E 294 20.65 76.29 10.04
CA ALA E 294 19.96 77.55 10.29
C ALA E 294 20.98 78.68 10.40
N MET F 1 -11.79 88.45 27.46
CA MET F 1 -10.93 88.20 28.61
C MET F 1 -11.14 86.79 29.15
N ALA F 2 -10.06 86.03 29.26
CA ALA F 2 -10.14 84.68 29.80
C ALA F 2 -10.63 84.74 31.23
N SER F 3 -11.39 83.74 31.64
CA SER F 3 -11.84 83.70 33.03
C SER F 3 -10.68 83.31 33.93
N TYR F 4 -10.84 83.58 35.22
CA TYR F 4 -9.83 83.22 36.20
C TYR F 4 -10.37 82.39 37.32
N GLY F 5 -9.56 81.42 37.73
CA GLY F 5 -9.87 80.59 38.90
C GLY F 5 -9.07 81.04 40.12
N GLN F 6 -8.26 82.07 39.91
CA GLN F 6 -7.35 82.67 40.89
C GLN F 6 -6.65 83.84 40.24
N THR F 7 -6.30 84.86 41.01
CA THR F 7 -5.62 85.99 40.40
C THR F 7 -4.30 86.38 41.05
N CYS F 8 -3.40 86.82 40.19
CA CYS F 8 -2.11 87.26 40.63
C CYS F 8 -1.55 88.25 39.60
N PRO F 9 -0.67 89.17 40.03
CA PRO F 9 0.11 90.11 39.26
C PRO F 9 1.36 89.46 38.73
N ARG F 10 2.16 90.21 38.02
CA ARG F 10 3.46 89.73 37.62
C ARG F 10 4.42 89.88 38.82
N PRO F 11 5.49 89.09 38.90
CA PRO F 11 6.52 89.28 39.89
C PRO F 11 7.06 90.71 39.72
N MET F 12 7.45 91.39 40.81
CA MET F 12 7.55 90.79 42.14
C MET F 12 6.54 91.35 43.16
N CYS F 13 5.23 91.33 42.83
CA CYS F 13 4.18 91.65 43.80
C CYS F 13 3.71 90.34 44.44
N ILE F 14 4.30 89.24 43.99
CA ILE F 14 4.06 87.90 44.50
C ILE F 14 5.34 87.55 45.25
N PRO F 15 5.28 87.20 46.54
CA PRO F 15 6.40 86.92 47.39
C PRO F 15 7.04 85.58 47.03
N PRO F 16 8.29 85.35 47.47
CA PRO F 16 9.06 84.13 47.38
C PRO F 16 8.44 83.06 48.24
N SER F 17 8.71 81.79 47.97
CA SER F 17 8.19 80.75 48.85
C SER F 17 9.03 80.78 50.10
N TYR F 18 8.61 80.11 51.17
CA TYR F 18 9.42 80.14 52.39
C TYR F 18 10.88 79.75 52.11
N ALA F 19 11.05 78.70 51.32
CA ALA F 19 12.35 78.16 50.93
C ALA F 19 13.24 79.17 50.17
N ASP F 20 12.63 80.17 49.54
CA ASP F 20 13.33 81.15 48.75
C ASP F 20 13.69 82.41 49.57
N LEU F 21 13.30 82.45 50.83
CA LEU F 21 13.61 83.63 51.61
C LEU F 21 15.10 83.67 51.80
N GLY F 22 15.74 84.79 51.46
CA GLY F 22 17.17 84.93 51.60
C GLY F 22 17.97 84.32 50.44
N LYS F 23 17.29 83.85 49.39
CA LYS F 23 18.00 83.21 48.29
C LYS F 23 19.10 84.06 47.68
N ALA F 24 18.89 85.37 47.50
CA ALA F 24 19.94 86.16 46.86
C ALA F 24 21.25 86.17 47.66
N ALA F 25 21.15 86.34 48.98
CA ALA F 25 22.34 86.31 49.83
C ALA F 25 22.98 84.92 49.78
N ARG F 26 22.13 83.88 49.80
CA ARG F 26 22.62 82.52 49.77
C ARG F 26 23.39 82.24 48.50
N ASP F 27 22.89 82.71 47.34
CA ASP F 27 23.59 82.49 46.10
C ASP F 27 24.98 83.11 46.10
N ILE F 28 25.16 84.27 46.72
CA ILE F 28 26.52 84.84 46.76
C ILE F 28 27.46 83.89 47.53
N PHE F 29 27.00 83.37 48.66
CA PHE F 29 27.80 82.43 49.45
C PHE F 29 27.96 81.02 48.83
N ASN F 30 26.97 80.55 48.05
CA ASN F 30 27.04 79.21 47.48
C ASN F 30 27.50 79.11 46.01
N LYS F 31 26.99 79.96 45.13
CA LYS F 31 27.31 79.82 43.72
C LYS F 31 28.71 80.29 43.45
N GLY F 32 29.37 79.61 42.53
CA GLY F 32 30.73 79.96 42.16
C GLY F 32 31.76 79.16 42.95
N PHE F 33 31.33 78.37 43.95
CA PHE F 33 32.29 77.59 44.70
C PHE F 33 31.97 76.10 44.57
N GLY F 34 33.01 75.25 44.53
CA GLY F 34 32.84 73.79 44.43
C GLY F 34 33.93 73.04 45.20
N PHE F 35 34.33 73.54 46.35
CA PHE F 35 35.48 73.03 47.08
C PHE F 35 35.36 71.53 47.35
N GLY F 36 36.40 70.77 47.04
CA GLY F 36 36.41 69.36 47.31
C GLY F 36 35.82 68.51 46.20
N LEU F 37 35.20 69.13 45.20
CA LEU F 37 34.61 68.33 44.15
C LEU F 37 34.99 68.72 42.73
N VAL F 38 34.88 67.73 41.86
CA VAL F 38 34.99 67.98 40.43
C VAL F 38 33.61 67.72 39.82
N LYS F 39 33.05 68.71 39.13
CA LYS F 39 31.70 68.55 38.58
C LYS F 39 31.65 68.75 37.08
N LEU F 40 30.81 67.97 36.44
CA LEU F 40 30.65 68.02 34.99
C LEU F 40 29.20 68.08 34.56
N ASP F 41 28.78 69.19 34.00
CA ASP F 41 27.37 69.36 33.63
C ASP F 41 27.13 69.52 32.14
N VAL F 42 26.48 68.54 31.51
CA VAL F 42 26.21 68.60 30.09
C VAL F 42 24.71 68.75 29.88
N LYS F 43 24.31 69.81 29.20
CA LYS F 43 22.90 70.03 28.96
C LYS F 43 22.69 70.17 27.47
N THR F 44 21.65 69.54 26.97
CA THR F 44 21.35 69.62 25.56
C THR F 44 19.86 69.79 25.36
N LYS F 45 19.49 70.34 24.22
CA LYS F 45 18.08 70.32 23.89
C LYS F 45 17.84 69.93 22.47
N SER F 46 16.64 69.44 22.23
CA SER F 46 16.14 69.14 20.91
C SER F 46 14.85 69.89 20.61
N CYS F 47 14.70 70.27 19.34
CA CYS F 47 13.54 70.97 18.83
C CYS F 47 12.23 70.20 18.97
N SER F 48 12.32 68.92 19.35
CA SER F 48 11.13 68.10 19.58
C SER F 48 10.48 68.44 20.93
N GLY F 49 11.12 69.30 21.74
CA GLY F 49 10.54 69.68 23.03
C GLY F 49 11.10 68.88 24.18
N VAL F 50 12.28 68.31 23.97
CA VAL F 50 12.89 67.52 25.02
C VAL F 50 14.23 68.09 25.41
N GLU F 51 14.44 68.18 26.69
CA GLU F 51 15.69 68.66 27.21
C GLU F 51 16.39 67.54 27.95
N PHE F 52 17.69 67.49 27.84
CA PHE F 52 18.43 66.46 28.54
C PHE F 52 19.46 67.11 29.42
N SER F 53 19.74 66.48 30.55
CA SER F 53 20.75 66.99 31.47
C SER F 53 21.48 65.89 32.20
N THR F 54 22.80 65.91 32.12
CA THR F 54 23.61 64.91 32.80
C THR F 54 24.64 65.59 33.70
N SER F 55 24.69 65.17 34.95
CA SER F 55 25.59 65.79 35.90
C SER F 55 26.47 64.80 36.63
N GLY F 56 27.77 64.91 36.39
CA GLY F 56 28.78 64.04 36.99
C GLY F 56 29.36 64.72 38.23
N SER F 57 29.80 63.94 39.22
CA SER F 57 30.43 64.54 40.39
C SER F 57 31.41 63.64 41.17
N SER F 58 32.61 64.16 41.41
CA SER F 58 33.66 63.43 42.14
C SER F 58 34.02 64.10 43.45
N ASN F 59 33.83 63.40 44.57
CA ASN F 59 34.07 63.98 45.89
C ASN F 59 35.42 63.54 46.47
N THR F 60 36.34 64.50 46.58
CA THR F 60 37.72 64.28 46.99
C THR F 60 37.85 63.67 48.37
N ASP F 61 36.85 63.88 49.22
CA ASP F 61 36.90 63.44 50.59
C ASP F 61 36.31 62.06 50.79
N THR F 62 35.87 61.42 49.69
CA THR F 62 35.30 60.09 49.83
C THR F 62 35.95 59.18 48.81
N GLY F 63 36.39 59.78 47.70
CA GLY F 63 36.97 59.08 46.55
C GLY F 63 35.90 58.51 45.61
N LYS F 64 34.62 58.79 45.93
CA LYS F 64 33.49 58.33 45.16
C LYS F 64 33.20 59.23 43.99
N VAL F 65 32.85 58.61 42.88
CA VAL F 65 32.48 59.33 41.70
C VAL F 65 31.03 58.91 41.43
N THR F 66 30.14 59.89 41.32
CA THR F 66 28.70 59.70 41.13
C THR F 66 28.14 60.53 39.97
N GLY F 67 26.82 60.53 39.85
CA GLY F 67 26.14 61.30 38.81
C GLY F 67 24.66 60.97 38.64
N THR F 68 23.98 61.88 37.96
CA THR F 68 22.55 61.83 37.65
C THR F 68 22.25 62.17 36.18
N LEU F 69 21.28 61.47 35.60
CA LEU F 69 20.84 61.79 34.25
C LEU F 69 19.32 62.01 34.22
N GLU F 70 18.91 63.12 33.61
CA GLU F 70 17.49 63.45 33.47
C GLU F 70 17.07 63.78 32.05
N THR F 71 15.83 63.42 31.73
CA THR F 71 15.20 63.79 30.46
C THR F 71 13.88 64.49 30.74
N LYS F 72 13.68 65.67 30.16
CA LYS F 72 12.47 66.43 30.42
C LYS F 72 11.68 66.74 29.17
N TYR F 73 10.37 66.52 29.22
CA TYR F 73 9.51 66.79 28.09
C TYR F 73 8.56 67.94 28.42
N LYS F 74 8.56 68.98 27.60
CA LYS F 74 7.73 70.17 27.88
C LYS F 74 6.52 70.36 26.99
N TRP F 75 5.35 70.08 27.53
CA TRP F 75 4.11 70.19 26.80
C TRP F 75 3.60 71.61 27.00
N CYS F 76 4.20 72.51 26.24
CA CYS F 76 3.99 73.94 26.37
C CYS F 76 2.53 74.34 26.17
N GLU F 77 1.83 73.61 25.31
CA GLU F 77 0.42 73.86 25.00
C GLU F 77 -0.55 73.37 26.09
N TYR F 78 -0.04 72.61 27.05
CA TYR F 78 -0.84 72.02 28.12
C TYR F 78 -0.45 72.53 29.49
N GLY F 79 0.78 73.04 29.63
CA GLY F 79 1.28 73.44 30.94
C GLY F 79 1.77 72.22 31.69
N LEU F 80 2.21 71.20 30.94
CA LEU F 80 2.64 69.97 31.61
C LEU F 80 4.10 69.64 31.34
N THR F 81 4.81 69.25 32.39
CA THR F 81 6.21 68.83 32.25
C THR F 81 6.39 67.42 32.78
N PHE F 82 6.99 66.58 31.95
CA PHE F 82 7.21 65.18 32.31
C PHE F 82 8.71 64.88 32.40
N THR F 83 9.18 64.39 33.55
CA THR F 83 10.61 64.13 33.70
C THR F 83 10.93 62.68 34.04
N GLU F 84 11.91 62.13 33.34
CA GLU F 84 12.42 60.80 33.61
C GLU F 84 13.81 60.97 34.25
N LYS F 85 14.10 60.22 35.31
CA LYS F 85 15.42 60.35 35.95
C LYS F 85 16.06 59.05 36.40
N TRP F 86 17.40 58.99 36.30
CA TRP F 86 18.19 57.87 36.79
C TRP F 86 19.49 58.33 37.47
N ASN F 87 20.00 57.58 38.43
CA ASN F 87 21.34 57.93 38.94
C ASN F 87 22.21 56.71 39.24
N THR F 88 23.44 56.97 39.69
CA THR F 88 24.45 55.93 39.93
C THR F 88 24.19 55.02 41.10
N ASP F 89 23.22 55.36 41.91
CA ASP F 89 22.91 54.53 43.05
C ASP F 89 21.74 53.65 42.66
N ASN F 90 21.46 53.64 41.35
CA ASN F 90 20.38 52.89 40.75
C ASN F 90 19.04 53.36 41.21
N THR F 91 18.90 54.64 41.50
CA THR F 91 17.59 55.13 41.85
C THR F 91 17.01 55.70 40.57
N LEU F 92 15.78 55.34 40.30
CA LEU F 92 15.07 55.79 39.11
C LEU F 92 13.73 56.44 39.46
N GLY F 93 13.23 57.28 38.58
CA GLY F 93 11.90 57.83 38.86
C GLY F 93 11.29 58.70 37.78
N THR F 94 10.06 59.13 38.07
CA THR F 94 9.26 59.97 37.18
C THR F 94 8.64 61.15 37.91
N GLU F 95 8.69 62.33 37.29
CA GLU F 95 8.06 63.50 37.87
C GLU F 95 7.11 64.16 36.89
N ILE F 96 5.91 64.51 37.35
CA ILE F 96 4.96 65.20 36.49
C ILE F 96 4.50 66.51 37.10
N ALA F 97 4.73 67.61 36.40
CA ALA F 97 4.32 68.91 36.90
C ALA F 97 3.21 69.50 36.05
N ILE F 98 2.29 70.16 36.73
CA ILE F 98 1.14 70.84 36.15
C ILE F 98 1.14 72.33 36.49
N GLU F 99 1.16 73.22 35.49
CA GLU F 99 1.17 74.65 35.80
C GLU F 99 0.05 75.44 35.13
N ASP F 100 -0.75 76.12 35.96
CA ASP F 100 -1.90 76.96 35.53
C ASP F 100 -3.00 76.18 34.82
N GLN F 101 -3.02 74.87 34.98
CA GLN F 101 -4.03 74.01 34.35
C GLN F 101 -5.31 73.99 35.12
N ILE F 102 -5.21 74.10 36.46
CA ILE F 102 -6.35 74.03 37.35
C ILE F 102 -6.89 75.43 37.49
N CYS F 103 -6.04 76.34 37.97
CA CYS F 103 -6.37 77.76 38.11
C CYS F 103 -5.05 78.51 38.00
N GLN F 104 -5.12 79.80 37.70
CA GLN F 104 -3.91 80.58 37.56
C GLN F 104 -3.14 80.70 38.85
N GLY F 105 -1.83 80.54 38.73
CA GLY F 105 -0.95 80.65 39.89
C GLY F 105 -0.83 79.32 40.62
N LEU F 106 -1.49 78.26 40.14
CA LEU F 106 -1.41 76.98 40.82
C LEU F 106 -0.45 76.03 40.13
N LYS F 107 0.45 75.46 40.92
CA LYS F 107 1.39 74.46 40.46
C LYS F 107 1.26 73.18 41.28
N LEU F 108 1.09 72.07 40.57
CA LEU F 108 0.95 70.75 41.18
C LEU F 108 2.01 69.78 40.65
N THR F 109 2.75 69.11 41.53
CA THR F 109 3.76 68.18 41.06
C THR F 109 3.74 66.80 41.74
N PHE F 110 3.83 65.77 40.92
CA PHE F 110 3.86 64.39 41.39
C PHE F 110 5.24 63.77 41.18
N ASP F 111 5.90 63.35 42.27
CA ASP F 111 7.26 62.79 42.21
C ASP F 111 7.35 61.32 42.70
N THR F 112 7.54 60.37 41.77
CA THR F 112 7.60 58.95 42.14
C THR F 112 9.00 58.36 41.93
N THR F 113 9.56 57.77 42.99
CA THR F 113 10.91 57.21 42.99
C THR F 113 10.96 55.73 43.39
N PHE F 114 11.81 54.97 42.70
CA PHE F 114 12.03 53.56 42.98
C PHE F 114 13.52 53.21 43.07
N SER F 115 13.87 52.38 44.04
CA SER F 115 15.27 51.95 44.15
C SER F 115 15.41 50.43 44.28
N PRO F 116 15.79 49.71 43.20
CA PRO F 116 15.95 48.26 43.08
C PRO F 116 17.01 47.73 44.07
N ASN F 117 17.84 48.63 44.63
CA ASN F 117 18.86 48.24 45.62
C ASN F 117 18.19 47.56 46.81
N THR F 118 16.94 47.94 47.07
CA THR F 118 16.14 47.43 48.17
C THR F 118 14.75 47.04 47.67
N GLY F 119 14.37 47.61 46.51
CA GLY F 119 13.04 47.42 45.94
C GLY F 119 12.04 48.45 46.47
N LYS F 120 12.53 49.39 47.28
CA LYS F 120 11.73 50.45 47.87
C LYS F 120 11.10 51.41 46.88
N LYS F 121 9.83 51.73 47.13
CA LYS F 121 9.12 52.72 46.31
C LYS F 121 8.59 53.80 47.24
N SER F 122 8.73 55.05 46.84
CA SER F 122 8.26 56.19 47.63
C SER F 122 8.01 57.41 46.74
N GLY F 123 7.43 58.45 47.29
CA GLY F 123 7.22 59.64 46.47
C GLY F 123 6.65 60.84 47.20
N LYS F 124 6.45 61.91 46.47
CA LYS F 124 5.95 63.16 47.01
C LYS F 124 4.88 63.79 46.13
N ILE F 125 3.95 64.49 46.78
CA ILE F 125 2.99 65.28 46.02
C ILE F 125 3.12 66.72 46.49
N LYS F 126 3.38 67.62 45.56
CA LYS F 126 3.59 69.00 45.92
C LYS F 126 2.50 69.90 45.36
N SER F 127 2.12 70.91 46.14
CA SER F 127 1.15 71.91 45.72
C SER F 127 1.57 73.32 46.13
N SER F 128 1.57 74.25 45.17
CA SER F 128 1.97 75.62 45.43
C SER F 128 1.12 76.66 44.71
N TYR F 129 0.64 77.64 45.49
CA TYR F 129 -0.25 78.69 45.00
C TYR F 129 0.39 80.08 45.08
N LYS F 130 0.46 80.76 43.93
CA LYS F 130 1.01 82.10 43.84
C LYS F 130 -0.09 83.12 43.56
N ARG F 131 -0.20 84.12 44.41
CA ARG F 131 -1.20 85.17 44.24
C ARG F 131 -0.66 86.51 44.68
N GLU F 132 -1.41 87.56 44.42
CA GLU F 132 -0.93 88.86 44.87
C GLU F 132 -0.63 88.81 46.36
N CYS F 133 0.58 89.22 46.75
CA CYS F 133 1.08 89.27 48.12
C CYS F 133 1.06 87.97 48.95
N VAL F 134 0.81 86.80 48.32
CA VAL F 134 0.86 85.54 49.06
C VAL F 134 1.50 84.40 48.22
N ASN F 135 2.32 83.58 48.86
CA ASN F 135 2.91 82.40 48.25
C ASN F 135 2.78 81.24 49.25
N LEU F 136 1.84 80.34 49.00
CA LEU F 136 1.57 79.27 49.96
C LEU F 136 1.59 77.89 49.34
N GLY F 137 1.84 76.86 50.14
CA GLY F 137 1.81 75.53 49.59
C GLY F 137 2.12 74.43 50.59
N CYS F 138 2.26 73.21 50.07
CA CYS F 138 2.55 72.05 50.88
C CYS F 138 3.07 70.85 50.10
N ASP F 139 4.12 70.24 50.65
CA ASP F 139 4.69 69.01 50.10
C ASP F 139 4.29 67.82 50.99
N VAL F 140 3.73 66.77 50.41
CA VAL F 140 3.42 65.62 51.25
C VAL F 140 4.30 64.45 50.81
N ASP F 141 5.06 63.94 51.77
CA ASP F 141 6.04 62.87 51.57
C ASP F 141 5.47 61.51 51.95
N PHE F 142 5.28 60.65 50.95
CA PHE F 142 4.66 59.35 51.14
C PHE F 142 5.73 58.26 51.17
N ASP F 143 5.85 57.61 52.32
CA ASP F 143 6.88 56.58 52.54
C ASP F 143 6.39 55.56 53.55
N PHE F 144 7.22 54.57 53.84
CA PHE F 144 6.88 53.57 54.82
C PHE F 144 6.63 54.25 56.15
N ALA F 145 5.51 53.92 56.77
CA ALA F 145 5.16 54.50 58.06
C ALA F 145 5.16 56.03 58.06
N GLY F 146 4.76 56.63 56.94
CA GLY F 146 4.55 58.05 56.81
C GLY F 146 3.04 58.23 56.66
N PRO F 147 2.57 59.25 55.95
CA PRO F 147 3.22 60.37 55.27
C PRO F 147 3.67 61.49 56.20
N ALA F 148 4.57 62.33 55.68
CA ALA F 148 4.91 63.57 56.37
C ALA F 148 4.34 64.74 55.59
N ILE F 149 3.89 65.75 56.32
CA ILE F 149 3.30 66.91 55.69
C ILE F 149 4.14 68.14 55.93
N HIS F 150 4.58 68.79 54.87
CA HIS F 150 5.43 69.96 54.97
C HIS F 150 4.72 71.20 54.42
N GLY F 151 4.12 71.99 55.29
CA GLY F 151 3.32 73.15 54.85
C GLY F 151 4.10 74.45 54.95
N SER F 152 3.74 75.45 54.15
CA SER F 152 4.40 76.73 54.28
C SER F 152 3.61 77.89 53.70
N ALA F 153 3.93 79.09 54.15
CA ALA F 153 3.36 80.27 53.53
C ALA F 153 4.15 81.52 53.82
N VAL F 154 4.23 82.35 52.81
CA VAL F 154 4.85 83.66 52.86
C VAL F 154 3.87 84.71 52.36
N PHE F 155 3.84 85.81 53.04
CA PHE F 155 2.97 86.89 52.66
C PHE F 155 3.70 88.20 52.81
N GLY F 156 3.19 89.24 52.17
CA GLY F 156 3.88 90.50 52.35
C GLY F 156 3.10 91.74 51.98
N TYR F 157 3.78 92.86 52.16
CA TYR F 157 3.20 94.18 51.90
C TYR F 157 4.27 95.28 51.79
N GLU F 158 4.25 96.04 50.70
CA GLU F 158 5.20 97.14 50.48
C GLU F 158 6.66 96.77 50.71
N GLY F 159 7.06 95.60 50.25
CA GLY F 159 8.43 95.10 50.37
C GLY F 159 8.67 94.27 51.62
N TRP F 160 7.74 94.28 52.57
CA TRP F 160 7.93 93.52 53.79
C TRP F 160 7.43 92.10 53.62
N LEU F 161 8.20 91.16 54.15
CA LEU F 161 7.84 89.74 54.11
C LEU F 161 7.75 89.09 55.47
N ALA F 162 6.89 88.09 55.56
CA ALA F 162 6.82 87.24 56.72
C ALA F 162 6.26 85.89 56.33
N GLY F 163 6.60 84.88 57.10
CA GLY F 163 6.05 83.57 56.82
C GLY F 163 6.46 82.47 57.78
N TYR F 164 6.02 81.26 57.45
CA TYR F 164 6.27 80.08 58.26
C TYR F 164 6.43 78.83 57.44
N GLN F 165 6.95 77.81 58.10
CA GLN F 165 7.08 76.47 57.54
C GLN F 165 6.90 75.41 58.62
N MET F 166 6.05 74.42 58.39
CA MET F 166 5.84 73.40 59.40
C MET F 166 5.84 71.99 58.86
N THR F 167 6.48 71.08 59.60
CA THR F 167 6.50 69.68 59.23
C THR F 167 5.79 68.86 60.27
N PHE F 168 4.87 68.03 59.79
CA PHE F 168 4.09 67.15 60.64
C PHE F 168 4.32 65.70 60.26
N ASP F 169 4.27 64.82 61.25
CA ASP F 169 4.39 63.39 61.02
C ASP F 169 3.05 62.71 61.28
N SER F 170 2.37 62.28 60.21
CA SER F 170 1.00 61.75 60.30
C SER F 170 0.94 60.39 60.98
N ALA F 171 2.09 59.74 61.16
CA ALA F 171 2.10 58.46 61.82
C ALA F 171 2.08 58.67 63.34
N LYS F 172 2.26 59.93 63.78
CA LYS F 172 2.29 60.27 65.17
C LYS F 172 1.15 61.25 65.45
N SER F 173 0.80 62.00 64.40
CA SER F 173 -0.14 63.14 64.44
C SER F 173 0.42 64.25 65.31
N LYS F 174 1.73 64.51 65.08
CA LYS F 174 2.48 65.52 65.80
C LYS F 174 3.24 66.47 64.88
N LEU F 175 3.46 67.69 65.36
CA LEU F 175 4.34 68.62 64.66
C LEU F 175 5.76 68.27 65.05
N THR F 176 6.66 68.21 64.07
CA THR F 176 8.04 67.89 64.36
C THR F 176 8.97 69.08 64.12
N ARG F 177 8.55 70.02 63.26
CA ARG F 177 9.35 71.23 62.95
C ARG F 177 8.45 72.44 62.76
N ASN F 178 8.84 73.60 63.31
CA ASN F 178 8.09 74.84 63.11
C ASN F 178 9.03 76.05 62.95
N ASN F 179 9.19 76.48 61.70
CA ASN F 179 10.12 77.53 61.36
C ASN F 179 9.36 78.84 61.11
N PHE F 180 9.97 79.97 61.46
CA PHE F 180 9.38 81.27 61.15
C PHE F 180 10.38 82.23 60.56
N ALA F 181 9.90 83.17 59.75
CA ALA F 181 10.80 84.17 59.20
C ALA F 181 10.13 85.49 58.89
N VAL F 182 10.94 86.54 58.96
CA VAL F 182 10.56 87.91 58.59
C VAL F 182 11.62 88.54 57.71
N GLY F 183 11.26 89.58 56.98
CA GLY F 183 12.28 90.28 56.21
C GLY F 183 11.75 91.44 55.37
N TYR F 184 12.63 91.96 54.54
CA TYR F 184 12.35 93.07 53.64
C TYR F 184 13.07 92.89 52.32
N ARG F 185 12.40 93.17 51.20
CA ARG F 185 13.12 93.11 49.96
C ARG F 185 12.84 94.22 48.98
N THR F 186 13.89 94.63 48.31
CA THR F 186 13.80 95.52 47.18
C THR F 186 14.82 95.12 46.13
N GLY F 187 14.96 95.95 45.10
CA GLY F 187 15.87 95.66 43.99
C GLY F 187 17.36 95.71 44.41
N ASP F 188 17.67 96.64 45.30
CA ASP F 188 19.04 96.90 45.76
C ASP F 188 19.47 96.03 46.94
N PHE F 189 18.54 95.65 47.79
CA PHE F 189 18.94 94.88 48.95
C PHE F 189 17.82 94.01 49.50
N GLN F 190 18.21 93.00 50.28
CA GLN F 190 17.24 92.18 51.00
C GLN F 190 17.74 91.88 52.41
N LEU F 191 16.80 91.91 53.34
CA LEU F 191 17.08 91.64 54.74
C LEU F 191 16.23 90.50 55.25
N HIS F 192 16.85 89.48 55.82
CA HIS F 192 16.07 88.34 56.33
C HIS F 192 16.52 87.87 57.71
N THR F 193 15.53 87.55 58.55
CA THR F 193 15.75 86.97 59.88
C THR F 193 14.84 85.76 60.07
N ASN F 194 15.35 84.71 60.70
CA ASN F 194 14.52 83.55 60.95
C ASN F 194 14.87 82.77 62.20
N VAL F 195 13.95 81.86 62.54
CA VAL F 195 14.09 80.95 63.65
C VAL F 195 13.58 79.54 63.34
N ASN F 196 14.33 78.54 63.77
CA ASN F 196 13.91 77.16 63.61
C ASN F 196 13.64 76.51 64.99
N ASP F 197 12.36 76.19 65.24
CA ASP F 197 11.89 75.54 66.47
C ASP F 197 12.15 76.31 67.76
N GLY F 198 12.39 77.60 67.65
CA GLY F 198 12.62 78.45 68.81
C GLY F 198 14.04 78.34 69.35
N THR F 199 14.90 77.54 68.70
CA THR F 199 16.26 77.32 69.17
C THR F 199 17.32 77.84 68.23
N GLU F 200 17.19 77.56 66.94
CA GLU F 200 18.21 78.00 66.02
C GLU F 200 17.80 79.31 65.38
N PHE F 201 18.65 80.32 65.48
CA PHE F 201 18.33 81.62 64.95
C PHE F 201 19.34 82.09 63.94
N GLY F 202 18.92 82.92 63.01
CA GLY F 202 19.88 83.47 62.08
C GLY F 202 19.26 84.44 61.12
N GLY F 203 20.04 84.83 60.14
CA GLY F 203 19.59 85.80 59.15
C GLY F 203 20.66 86.14 58.14
N SER F 204 20.28 87.02 57.21
CA SER F 204 21.21 87.42 56.18
C SER F 204 20.90 88.78 55.58
N ILE F 205 21.94 89.38 55.01
CA ILE F 205 21.87 90.63 54.30
C ILE F 205 22.38 90.49 52.89
N TYR F 206 21.59 90.92 51.92
CA TYR F 206 22.00 90.95 50.52
C TYR F 206 22.08 92.40 50.12
N GLN F 207 23.17 92.80 49.47
CA GLN F 207 23.29 94.19 49.05
C GLN F 207 23.99 94.37 47.70
N LYS F 208 23.36 95.14 46.80
CA LYS F 208 24.00 95.51 45.55
C LYS F 208 24.88 96.69 45.92
N VAL F 209 26.13 96.67 45.48
CA VAL F 209 27.02 97.75 45.87
C VAL F 209 27.35 98.59 44.64
N CYS F 210 27.73 97.91 43.59
CA CYS F 210 28.11 98.57 42.37
C CYS F 210 27.50 97.74 41.30
N GLU F 211 27.52 98.23 40.08
CA GLU F 211 26.92 97.47 39.00
C GLU F 211 27.53 96.06 38.81
N ASP F 212 28.83 95.97 39.04
CA ASP F 212 29.58 94.74 38.95
C ASP F 212 29.82 94.08 40.31
N LEU F 213 29.17 94.54 41.38
CA LEU F 213 29.47 93.97 42.71
C LEU F 213 28.27 93.68 43.60
N ASP F 214 28.16 92.39 43.94
CA ASP F 214 27.10 91.82 44.77
C ASP F 214 27.68 91.33 46.10
N THR F 215 27.23 91.84 47.25
CA THR F 215 27.82 91.38 48.51
C THR F 215 26.75 90.87 49.49
N SER F 216 27.17 90.08 50.47
CA SER F 216 26.25 89.60 51.49
C SER F 216 26.88 89.21 52.83
N VAL F 217 26.03 89.17 53.86
CA VAL F 217 26.42 88.78 55.21
C VAL F 217 25.50 87.72 55.79
N ASN F 218 26.06 86.65 56.37
CA ASN F 218 25.27 85.61 57.04
C ASN F 218 25.50 85.64 58.54
N LEU F 219 24.41 85.47 59.29
CA LEU F 219 24.43 85.43 60.76
C LEU F 219 23.74 84.17 61.30
N ALA F 220 24.26 83.60 62.40
CA ALA F 220 23.56 82.48 63.05
C ALA F 220 23.93 82.35 64.53
N TRP F 221 23.00 81.83 65.33
CA TRP F 221 23.28 81.59 66.74
C TRP F 221 22.35 80.53 67.36
N THR F 222 22.79 79.94 68.47
CA THR F 222 21.94 78.90 69.11
C THR F 222 21.45 79.24 70.52
N SER F 223 20.14 79.13 70.72
CA SER F 223 19.57 79.41 72.04
C SER F 223 20.14 78.51 73.11
N GLY F 224 20.37 79.11 74.26
CA GLY F 224 20.91 78.44 75.42
C GLY F 224 22.42 78.65 75.52
N THR F 225 23.05 79.13 74.46
CA THR F 225 24.48 79.35 74.52
C THR F 225 24.92 80.69 73.98
N ASN F 226 26.22 80.92 74.05
CA ASN F 226 26.84 82.16 73.59
C ASN F 226 27.53 81.99 72.25
N CYS F 227 27.26 80.87 71.61
CA CYS F 227 27.85 80.56 70.32
C CYS F 227 27.17 81.25 69.18
N THR F 228 27.96 82.02 68.46
CA THR F 228 27.47 82.72 67.30
C THR F 228 28.38 82.37 66.16
N ARG F 229 27.84 82.42 64.96
CA ARG F 229 28.56 82.17 63.73
C ARG F 229 28.21 83.25 62.73
N PHE F 230 29.14 83.54 61.85
CA PHE F 230 28.88 84.53 60.82
C PHE F 230 29.86 84.44 59.67
N GLY F 231 29.54 85.17 58.61
CA GLY F 231 30.47 85.30 57.52
C GLY F 231 30.05 86.34 56.50
N ILE F 232 31.03 86.76 55.71
CA ILE F 232 30.83 87.79 54.68
C ILE F 232 31.29 87.28 53.32
N ALA F 233 30.51 87.56 52.28
CA ALA F 233 30.86 87.11 50.94
C ALA F 233 30.59 88.14 49.87
N ALA F 234 31.27 87.97 48.75
CA ALA F 234 31.06 88.85 47.63
C ALA F 234 31.35 88.20 46.29
N LYS F 235 30.69 88.73 45.27
CA LYS F 235 30.87 88.34 43.89
C LYS F 235 31.11 89.58 43.03
N TYR F 236 32.20 89.54 42.26
CA TYR F 236 32.56 90.67 41.43
C TYR F 236 32.67 90.30 39.95
N GLN F 237 31.93 91.03 39.11
CA GLN F 237 31.99 90.78 37.68
C GLN F 237 33.19 91.49 37.14
N LEU F 238 34.15 90.70 36.71
CA LEU F 238 35.43 91.20 36.29
C LEU F 238 35.26 91.76 34.89
N ASP F 239 34.55 90.99 34.07
CA ASP F 239 34.27 91.41 32.71
C ASP F 239 33.04 90.59 32.29
N PRO F 240 32.45 90.81 31.10
CA PRO F 240 31.26 90.11 30.63
C PRO F 240 31.40 88.59 30.60
N THR F 241 32.64 88.08 30.55
CA THR F 241 32.82 86.65 30.52
C THR F 241 33.76 86.19 31.62
N ALA F 242 33.71 86.86 32.78
CA ALA F 242 34.54 86.42 33.90
C ALA F 242 34.11 87.03 35.23
N SER F 243 34.25 86.24 36.28
CA SER F 243 33.95 86.75 37.61
C SER F 243 34.73 86.07 38.71
N ILE F 244 34.87 86.79 39.81
CA ILE F 244 35.55 86.28 40.99
C ILE F 244 34.65 86.35 42.21
N SER F 245 34.87 85.44 43.13
CA SER F 245 34.10 85.46 44.35
C SER F 245 34.94 85.02 45.52
N ALA F 246 34.52 85.44 46.69
CA ALA F 246 35.20 85.04 47.89
C ALA F 246 34.29 85.15 49.09
N LYS F 247 34.64 84.42 50.13
CA LYS F 247 33.91 84.49 51.38
C LYS F 247 34.73 84.17 52.61
N VAL F 248 34.46 84.88 53.71
CA VAL F 248 35.17 84.59 54.96
C VAL F 248 34.24 84.26 56.12
N ASN F 249 34.47 83.07 56.69
CA ASN F 249 33.76 82.54 57.85
C ASN F 249 34.46 82.95 59.15
N ASN F 250 33.69 83.24 60.20
CA ASN F 250 34.21 83.61 61.52
C ASN F 250 35.20 82.59 62.10
N SER F 251 35.15 81.36 61.61
CA SER F 251 36.01 80.27 62.05
C SER F 251 37.34 80.26 61.28
N SER F 252 37.64 81.38 60.59
CA SER F 252 38.84 81.65 59.78
C SER F 252 38.91 80.76 58.57
N LEU F 253 37.79 80.61 57.92
CA LEU F 253 37.75 79.81 56.71
C LEU F 253 37.53 80.73 55.54
N ILE F 254 38.48 80.74 54.61
CA ILE F 254 38.39 81.65 53.49
C ILE F 254 38.22 80.93 52.17
N GLY F 255 37.09 81.17 51.54
CA GLY F 255 36.79 80.56 50.27
C GLY F 255 37.08 81.53 49.15
N VAL F 256 37.60 81.02 48.04
CA VAL F 256 37.82 81.84 46.86
C VAL F 256 37.30 81.10 45.64
N GLY F 257 36.99 81.81 44.57
CA GLY F 257 36.61 81.14 43.35
C GLY F 257 36.61 82.05 42.13
N TYR F 258 36.68 81.43 40.97
CA TYR F 258 36.69 82.11 39.68
C TYR F 258 35.95 81.35 38.61
N THR F 259 35.13 82.08 37.88
CA THR F 259 34.38 81.53 36.76
C THR F 259 34.69 82.28 35.48
N GLN F 260 34.89 81.53 34.41
CA GLN F 260 35.13 82.12 33.11
C GLN F 260 34.32 81.48 32.01
N THR F 261 33.75 82.31 31.15
CA THR F 261 33.03 81.79 30.02
C THR F 261 34.11 81.57 28.98
N LEU F 262 34.18 80.38 28.46
CA LEU F 262 35.24 80.07 27.52
C LEU F 262 34.72 80.40 26.14
N ARG F 263 33.45 80.10 25.94
CA ARG F 263 32.72 80.32 24.70
C ARG F 263 31.29 80.48 25.15
N PRO F 264 30.40 81.21 24.48
CA PRO F 264 29.02 81.30 24.93
C PRO F 264 28.52 79.89 25.06
N GLY F 265 27.84 79.53 26.13
CA GLY F 265 27.39 78.13 26.27
C GLY F 265 28.40 77.26 27.03
N VAL F 266 29.63 77.74 27.22
CA VAL F 266 30.65 76.96 27.89
C VAL F 266 31.27 77.72 29.08
N LYS F 267 31.10 77.19 30.30
CA LYS F 267 31.63 77.88 31.49
C LYS F 267 32.50 76.99 32.39
N LEU F 268 33.65 77.54 32.76
CA LEU F 268 34.63 76.87 33.60
C LEU F 268 34.79 77.53 34.97
N THR F 269 34.64 76.74 36.03
CA THR F 269 34.77 77.25 37.41
C THR F 269 35.83 76.55 38.26
N LEU F 270 36.68 77.36 38.87
CA LEU F 270 37.71 76.86 39.76
C LEU F 270 37.54 77.46 41.14
N SER F 271 37.84 76.69 42.18
CA SER F 271 37.72 77.26 43.53
C SER F 271 38.58 76.59 44.58
N ALA F 272 38.77 77.26 45.71
CA ALA F 272 39.54 76.67 46.80
C ALA F 272 39.17 77.23 48.17
N LEU F 273 39.45 76.43 49.19
CA LEU F 273 39.20 76.80 50.58
C LEU F 273 40.43 76.68 51.46
N VAL F 274 40.74 77.76 52.17
CA VAL F 274 41.90 77.72 53.05
C VAL F 274 41.51 77.93 54.53
N ASP F 275 42.07 77.06 55.38
CA ASP F 275 41.89 77.02 56.84
C ASP F 275 42.82 77.93 57.59
N GLY F 276 42.44 79.17 57.81
CA GLY F 276 43.37 80.08 58.40
C GLY F 276 43.51 79.79 59.89
N LYS F 277 44.63 80.18 60.52
CA LYS F 277 45.77 80.83 59.89
C LYS F 277 46.81 79.79 59.47
N SER F 278 46.53 78.51 59.72
CA SER F 278 47.48 77.43 59.45
C SER F 278 47.52 76.99 57.98
N ILE F 279 47.94 77.91 57.12
CA ILE F 279 48.04 77.65 55.69
C ILE F 279 49.41 77.91 55.09
N ASN F 280 49.96 76.95 54.28
CA ASN F 280 49.36 75.64 53.92
C ASN F 280 49.80 74.52 54.89
N ALA F 281 49.15 74.42 56.05
CA ALA F 281 49.46 73.45 57.08
C ALA F 281 48.15 73.07 57.73
N GLY F 282 47.17 72.73 56.89
CA GLY F 282 45.81 72.45 57.31
C GLY F 282 44.99 71.84 56.16
N GLY F 283 43.67 71.83 56.28
CA GLY F 283 42.75 71.15 55.35
C GLY F 283 42.44 71.90 54.07
N HIS F 284 43.47 72.18 53.30
CA HIS F 284 43.31 72.93 52.06
C HIS F 284 42.45 72.12 51.08
N LYS F 285 41.46 72.77 50.43
CA LYS F 285 40.61 72.07 49.45
C LYS F 285 40.52 72.82 48.14
N LEU F 286 40.44 72.07 47.03
CA LEU F 286 40.29 72.67 45.71
C LEU F 286 39.08 72.09 44.99
N GLY F 287 38.54 72.81 44.02
CA GLY F 287 37.43 72.33 43.21
C GLY F 287 37.54 72.76 41.73
N LEU F 288 36.83 72.02 40.88
CA LEU F 288 36.80 72.26 39.42
C LEU F 288 35.47 71.89 38.80
N ALA F 289 34.90 72.76 37.99
CA ALA F 289 33.70 72.36 37.32
C ALA F 289 33.60 72.92 35.91
N LEU F 290 33.07 72.11 35.01
CA LEU F 290 32.86 72.57 33.62
C LEU F 290 31.42 72.27 33.21
N GLU F 291 30.75 73.30 32.68
CA GLU F 291 29.37 73.21 32.20
C GLU F 291 29.24 73.59 30.73
N LEU F 292 28.58 72.74 29.95
CA LEU F 292 28.35 72.97 28.51
C LEU F 292 26.88 72.83 28.14
N GLU F 293 26.32 73.91 27.58
CA GLU F 293 24.92 73.90 27.20
C GLU F 293 24.68 74.08 25.70
N ALA F 294 24.00 73.09 25.12
CA ALA F 294 23.64 73.04 23.72
C ALA F 294 22.13 73.14 23.57
N MET G 1 -33.06 42.88 -12.94
CA MET G 1 -32.60 42.42 -11.65
C MET G 1 -31.73 41.17 -11.78
N ALA G 2 -30.52 41.23 -11.23
CA ALA G 2 -29.62 40.09 -11.26
C ALA G 2 -30.26 38.93 -10.53
N SER G 3 -30.00 37.71 -10.99
CA SER G 3 -30.51 36.55 -10.29
C SER G 3 -29.72 36.33 -9.01
N TYR G 4 -30.30 35.54 -8.11
CA TYR G 4 -29.63 35.21 -6.87
C TYR G 4 -29.52 33.73 -6.64
N GLY G 5 -28.38 33.34 -6.09
CA GLY G 5 -28.14 31.95 -5.69
C GLY G 5 -28.28 31.80 -4.17
N GLN G 6 -28.57 32.92 -3.52
CA GLN G 6 -28.71 33.07 -2.07
C GLN G 6 -29.10 34.49 -1.77
N THR G 7 -29.85 34.73 -0.71
CA THR G 7 -30.20 36.11 -0.40
C THR G 7 -29.88 36.56 1.02
N CYS G 8 -29.51 37.83 1.09
CA CYS G 8 -29.20 38.44 2.35
C CYS G 8 -29.43 39.95 2.24
N PRO G 9 -29.73 40.62 3.36
CA PRO G 9 -29.85 42.05 3.57
C PRO G 9 -28.50 42.67 3.79
N ARG G 10 -28.48 43.96 4.00
CA ARG G 10 -27.25 44.62 4.40
C ARG G 10 -27.06 44.39 5.91
N PRO G 11 -25.83 44.45 6.43
CA PRO G 11 -25.58 44.42 7.85
C PRO G 11 -26.35 45.60 8.47
N MET G 12 -26.88 45.45 9.70
CA MET G 12 -26.64 44.29 10.54
C MET G 12 -27.87 43.41 10.81
N CYS G 13 -28.55 42.96 9.73
CA CYS G 13 -29.62 41.97 9.85
C CYS G 13 -29.00 40.58 9.65
N ILE G 14 -27.70 40.57 9.39
CA ILE G 14 -26.89 39.37 9.23
C ILE G 14 -26.04 39.32 10.48
N PRO G 15 -26.06 38.25 11.27
CA PRO G 15 -25.35 38.10 12.51
C PRO G 15 -23.86 37.91 12.29
N PRO G 16 -23.04 38.14 13.33
CA PRO G 16 -21.61 37.91 13.41
C PRO G 16 -21.32 36.44 13.34
N SER G 17 -20.11 36.04 12.96
CA SER G 17 -19.78 34.63 12.97
C SER G 17 -19.57 34.24 14.42
N TYR G 18 -19.50 32.97 14.73
CA TYR G 18 -19.32 32.57 16.14
C TYR G 18 -18.10 33.29 16.74
N ALA G 19 -17.01 33.32 15.98
CA ALA G 19 -15.74 33.94 16.39
C ALA G 19 -15.86 35.45 16.68
N ASP G 20 -16.87 36.10 16.12
CA ASP G 20 -17.06 37.53 16.26
C ASP G 20 -18.00 37.86 17.43
N LEU G 21 -18.53 36.85 18.11
CA LEU G 21 -19.44 37.16 19.19
C LEU G 21 -18.63 37.82 20.30
N GLY G 22 -19.08 38.98 20.76
CA GLY G 22 -18.37 39.68 21.82
C GLY G 22 -17.19 40.51 21.31
N LYS G 23 -17.00 40.60 19.99
CA LYS G 23 -15.86 41.34 19.47
C LYS G 23 -15.76 42.78 19.96
N ALA G 24 -16.86 43.51 20.07
CA ALA G 24 -16.74 44.91 20.49
C ALA G 24 -16.15 45.05 21.90
N ALA G 25 -16.60 44.21 22.84
CA ALA G 25 -16.07 44.24 24.19
C ALA G 25 -14.59 43.83 24.17
N ARG G 26 -14.27 42.82 23.36
CA ARG G 26 -12.91 42.33 23.27
C ARG G 26 -11.98 43.40 22.75
N ASP G 27 -12.40 44.16 21.73
CA ASP G 27 -11.56 45.24 21.22
C ASP G 27 -11.24 46.27 22.27
N ILE G 28 -12.17 46.60 23.17
CA ILE G 28 -11.82 47.57 24.21
C ILE G 28 -10.70 47.02 25.08
N PHE G 29 -10.80 45.75 25.47
CA PHE G 29 -9.75 45.12 26.29
C PHE G 29 -8.42 44.83 25.54
N ASN G 30 -8.48 44.58 24.23
CA ASN G 30 -7.26 44.26 23.47
C ASN G 30 -6.60 45.40 22.69
N LYS G 31 -7.39 46.19 21.96
CA LYS G 31 -6.80 47.20 21.11
C LYS G 31 -6.29 48.36 21.93
N GLY G 32 -5.18 48.92 21.49
CA GLY G 32 -4.59 50.06 22.20
C GLY G 32 -3.51 49.61 23.18
N PHE G 33 -3.36 48.30 23.40
CA PHE G 33 -2.34 47.86 24.35
C PHE G 33 -1.33 46.94 23.63
N GLY G 34 -0.05 47.04 24.01
CA GLY G 34 1.01 46.21 23.44
C GLY G 34 2.09 45.83 24.45
N PHE G 35 1.68 45.57 25.69
CA PHE G 35 2.61 45.38 26.79
C PHE G 35 3.64 44.32 26.49
N GLY G 36 4.92 44.62 26.71
CA GLY G 36 5.99 43.66 26.52
C GLY G 36 6.54 43.62 25.10
N LEU G 37 5.89 44.32 24.17
CA LEU G 37 6.38 44.28 22.81
C LEU G 37 6.60 45.61 22.13
N VAL G 38 7.50 45.59 21.16
CA VAL G 38 7.65 46.73 20.27
C VAL G 38 7.19 46.29 18.88
N LYS G 39 6.22 47.00 18.31
CA LYS G 39 5.67 46.60 17.02
C LYS G 39 5.79 47.68 15.95
N LEU G 40 6.05 47.25 14.74
CA LEU G 40 6.21 48.15 13.61
C LEU G 40 5.41 47.72 12.39
N ASP G 41 4.41 48.49 12.03
CA ASP G 41 3.54 48.11 10.93
C ASP G 41 3.57 49.07 9.74
N VAL G 42 4.10 48.60 8.61
CA VAL G 42 4.18 49.45 7.42
C VAL G 42 3.23 48.90 6.37
N LYS G 43 2.31 49.74 5.93
CA LYS G 43 1.37 49.31 4.92
C LYS G 43 1.44 50.26 3.76
N THR G 44 1.44 49.71 2.56
CA THR G 44 1.49 50.53 1.37
C THR G 44 0.52 50.01 0.33
N LYS G 45 0.11 50.87 -0.57
CA LYS G 45 -0.63 50.37 -1.70
C LYS G 45 -0.17 50.97 -3.00
N SER G 46 -0.44 50.24 -4.07
CA SER G 46 -0.23 50.71 -5.42
C SER G 46 -1.51 50.66 -6.23
N CYS G 47 -1.62 51.63 -7.14
CA CYS G 47 -2.75 51.77 -8.05
C CYS G 47 -2.93 50.58 -9.00
N SER G 48 -1.97 49.67 -9.02
CA SER G 48 -2.06 48.47 -9.83
C SER G 48 -2.99 47.42 -9.19
N GLY G 49 -3.46 47.69 -7.95
CA GLY G 49 -4.36 46.76 -7.28
C GLY G 49 -3.64 45.83 -6.32
N VAL G 50 -2.47 46.27 -5.89
CA VAL G 50 -1.71 45.44 -4.97
C VAL G 50 -1.45 46.18 -3.68
N GLU G 51 -1.67 45.49 -2.59
CA GLU G 51 -1.43 46.05 -1.29
C GLU G 51 -0.28 45.29 -0.64
N PHE G 52 0.54 45.99 0.10
CA PHE G 52 1.63 45.34 0.78
C PHE G 52 1.54 45.63 2.25
N SER G 53 1.96 44.68 3.06
CA SER G 53 1.97 44.88 4.51
C SER G 53 3.11 44.16 5.19
N THR G 54 3.87 44.89 5.98
CA THR G 54 4.99 44.30 6.70
C THR G 54 4.87 44.60 8.18
N SER G 55 4.99 43.56 9.01
CA SER G 55 4.82 43.74 10.44
C SER G 55 5.97 43.16 11.24
N GLY G 56 6.68 44.04 11.93
CA GLY G 56 7.83 43.67 12.75
C GLY G 56 7.38 43.53 14.20
N SER G 57 8.04 42.66 14.97
CA SER G 57 7.69 42.53 16.39
C SER G 57 8.82 42.04 17.31
N SER G 58 9.06 42.76 18.40
CA SER G 58 10.10 42.41 19.39
C SER G 58 9.50 42.11 20.74
N ASN G 59 9.71 40.87 21.22
CA ASN G 59 9.13 40.43 22.50
C ASN G 59 10.13 40.50 23.65
N THR G 60 9.90 41.42 24.58
CA THR G 60 10.79 41.74 25.70
C THR G 60 11.06 40.56 26.60
N ASP G 61 10.14 39.61 26.64
CA ASP G 61 10.24 38.48 27.53
C ASP G 61 10.92 37.28 26.91
N THR G 62 11.40 37.42 25.66
CA THR G 62 12.09 36.31 25.04
C THR G 62 13.38 36.81 24.45
N GLY G 63 13.39 38.11 24.09
CA GLY G 63 14.53 38.76 23.44
C GLY G 63 14.53 38.53 21.92
N LYS G 64 13.51 37.83 21.43
CA LYS G 64 13.37 37.49 20.02
C LYS G 64 12.73 38.64 19.25
N VAL G 65 13.25 38.84 18.06
CA VAL G 65 12.71 39.82 17.17
C VAL G 65 12.25 39.04 15.93
N THR G 66 10.98 39.21 15.57
CA THR G 66 10.32 38.50 14.47
C THR G 66 9.59 39.44 13.51
N GLY G 67 8.84 38.85 12.59
CA GLY G 67 8.06 39.61 11.63
C GLY G 67 7.49 38.78 10.47
N THR G 68 6.51 39.40 9.80
CA THR G 68 5.78 38.84 8.65
C THR G 68 5.64 39.85 7.51
N LEU G 69 5.75 39.36 6.27
CA LEU G 69 5.53 40.21 5.11
C LEU G 69 4.47 39.58 4.20
N GLU G 70 3.49 40.39 3.79
CA GLU G 70 2.42 39.93 2.91
C GLU G 70 2.21 40.85 1.71
N THR G 71 1.84 40.23 0.59
CA THR G 71 1.45 40.96 -0.63
C THR G 71 0.06 40.48 -1.06
N LYS G 72 -0.86 41.42 -1.27
CA LYS G 72 -2.23 41.05 -1.64
C LYS G 72 -2.66 41.65 -2.96
N TYR G 73 -3.26 40.83 -3.81
CA TYR G 73 -3.75 41.29 -5.10
C TYR G 73 -5.27 41.22 -5.13
N LYS G 74 -5.92 42.35 -5.43
CA LYS G 74 -7.38 42.39 -5.42
C LYS G 74 -8.07 42.48 -6.78
N TRP G 75 -8.65 41.36 -7.20
CA TRP G 75 -9.31 41.28 -8.49
C TRP G 75 -10.76 41.68 -8.27
N CYS G 76 -10.96 42.99 -8.19
CA CYS G 76 -12.23 43.58 -7.82
C CYS G 76 -13.36 43.19 -8.77
N GLU G 77 -13.02 43.00 -10.04
CA GLU G 77 -13.97 42.64 -11.08
C GLU G 77 -14.38 41.16 -11.06
N TYR G 78 -13.67 40.35 -10.25
CA TYR G 78 -13.90 38.92 -10.16
C TYR G 78 -14.36 38.49 -8.77
N GLY G 79 -14.08 39.30 -7.74
CA GLY G 79 -14.37 38.91 -6.38
C GLY G 79 -13.28 37.98 -5.87
N LEU G 80 -12.07 38.13 -6.42
CA LEU G 80 -10.99 37.24 -6.01
C LEU G 80 -9.81 37.97 -5.37
N THR G 81 -9.32 37.42 -4.27
CA THR G 81 -8.14 38.00 -3.61
C THR G 81 -7.04 36.95 -3.51
N PHE G 82 -5.86 37.34 -3.96
CA PHE G 82 -4.71 36.44 -3.95
C PHE G 82 -3.62 36.98 -3.02
N THR G 83 -3.19 36.18 -2.05
CA THR G 83 -2.18 36.67 -1.11
C THR G 83 -0.94 35.81 -1.05
N GLU G 84 0.21 36.47 -1.10
CA GLU G 84 1.50 35.81 -0.95
C GLU G 84 2.05 36.19 0.43
N LYS G 85 2.59 35.21 1.18
CA LYS G 85 3.13 35.54 2.51
C LYS G 85 4.43 34.84 2.88
N TRP G 86 5.26 35.56 3.64
CA TRP G 86 6.52 35.01 4.17
C TRP G 86 6.78 35.48 5.61
N ASN G 87 7.47 34.69 6.42
CA ASN G 87 7.87 35.22 7.73
C ASN G 87 9.27 34.80 8.16
N THR G 88 9.69 35.27 9.33
CA THR G 88 11.05 35.05 9.86
C THR G 88 11.38 33.64 10.27
N ASP G 89 10.37 32.79 10.34
CA ASP G 89 10.60 31.42 10.74
C ASP G 89 10.68 30.61 9.47
N ASN G 90 10.80 31.31 8.34
CA ASN G 90 10.88 30.76 7.02
C ASN G 90 9.63 30.03 6.63
N THR G 91 8.49 30.48 7.11
CA THR G 91 7.27 29.86 6.67
C THR G 91 6.73 30.72 5.54
N LEU G 92 6.36 30.07 4.46
CA LEU G 92 5.84 30.74 3.29
C LEU G 92 4.48 30.20 2.88
N GLY G 93 3.70 30.99 2.16
CA GLY G 93 2.45 30.43 1.68
C GLY G 93 1.63 31.32 0.75
N THR G 94 0.51 30.75 0.31
CA THR G 94 -0.43 31.38 -0.62
C THR G 94 -1.87 31.25 -0.13
N GLU G 95 -2.64 32.33 -0.23
CA GLU G 95 -4.05 32.27 0.12
C GLU G 95 -4.92 32.80 -1.00
N ILE G 96 -5.99 32.08 -1.34
CA ILE G 96 -6.90 32.56 -2.37
C ILE G 96 -8.33 32.64 -1.84
N ALA G 97 -8.90 33.83 -1.90
CA ALA G 97 -10.27 34.01 -1.42
C ALA G 97 -11.21 34.34 -2.57
N ILE G 98 -12.40 33.79 -2.49
CA ILE G 98 -13.49 33.97 -3.44
C ILE G 98 -14.73 34.56 -2.76
N GLU G 99 -15.21 35.72 -3.23
CA GLU G 99 -16.38 36.33 -2.60
C GLU G 99 -17.52 36.62 -3.57
N ASP G 100 -18.70 36.05 -3.29
CA ASP G 100 -19.94 36.20 -4.08
C ASP G 100 -19.83 35.69 -5.52
N GLN G 101 -18.84 34.84 -5.78
CA GLN G 101 -18.62 34.28 -7.11
C GLN G 101 -19.53 33.10 -7.38
N ILE G 102 -19.82 32.34 -6.31
CA ILE G 102 -20.62 31.13 -6.43
C ILE G 102 -22.07 31.53 -6.27
N CYS G 103 -22.38 32.16 -5.13
CA CYS G 103 -23.71 32.68 -4.83
C CYS G 103 -23.51 33.84 -3.86
N GLN G 104 -24.49 34.72 -3.77
CA GLN G 104 -24.38 35.85 -2.88
C GLN G 104 -24.28 35.46 -1.43
N GLY G 105 -23.37 36.12 -0.72
CA GLY G 105 -23.18 35.85 0.69
C GLY G 105 -22.22 34.69 0.92
N LEU G 106 -21.68 34.10 -0.14
CA LEU G 106 -20.76 32.97 0.05
C LEU G 106 -19.31 33.40 -0.12
N LYS G 107 -18.51 33.01 0.87
CA LYS G 107 -17.08 33.24 0.86
C LYS G 107 -16.32 31.92 1.00
N LEU G 108 -15.40 31.70 0.07
CA LEU G 108 -14.57 30.49 0.05
C LEU G 108 -13.09 30.85 0.05
N THR G 109 -12.32 30.27 0.97
CA THR G 109 -10.88 30.58 1.02
C THR G 109 -9.96 29.35 1.10
N PHE G 110 -8.93 29.37 0.28
CA PHE G 110 -7.93 28.31 0.25
C PHE G 110 -6.59 28.81 0.81
N ASP G 111 -6.10 28.19 1.88
CA ASP G 111 -4.86 28.60 2.55
C ASP G 111 -3.75 27.53 2.54
N THR G 112 -2.70 27.71 1.73
CA THR G 112 -1.63 26.69 1.63
C THR G 112 -0.31 27.23 2.20
N THR G 113 0.25 26.48 3.15
CA THR G 113 1.49 26.86 3.84
C THR G 113 2.61 25.79 3.75
N PHE G 114 3.84 26.27 3.58
CA PHE G 114 5.02 25.42 3.52
C PHE G 114 6.14 25.92 4.43
N SER G 115 6.80 24.99 5.13
CA SER G 115 7.93 25.40 5.96
C SER G 115 9.17 24.54 5.73
N PRO G 116 10.18 25.05 4.98
CA PRO G 116 11.45 24.41 4.60
C PRO G 116 12.26 24.00 5.83
N ASN G 117 11.94 24.55 7.00
CA ASN G 117 12.63 24.20 8.25
C ASN G 117 12.53 22.69 8.50
N THR G 118 11.43 22.10 8.00
CA THR G 118 11.14 20.68 8.15
C THR G 118 10.73 20.09 6.80
N GLY G 119 10.32 20.97 5.89
CA GLY G 119 9.80 20.59 4.58
C GLY G 119 8.30 20.29 4.62
N LYS G 120 7.68 20.52 5.77
CA LYS G 120 6.26 20.31 6.00
C LYS G 120 5.35 21.18 5.15
N LYS G 121 4.29 20.56 4.62
CA LYS G 121 3.29 21.27 3.86
C LYS G 121 1.93 20.98 4.49
N SER G 122 1.11 22.02 4.64
CA SER G 122 -0.23 21.89 5.23
C SER G 122 -1.14 23.02 4.77
N GLY G 123 -2.41 22.94 5.11
CA GLY G 123 -3.29 24.04 4.71
C GLY G 123 -4.71 23.92 5.22
N LYS G 124 -5.52 24.91 4.86
CA LYS G 124 -6.90 24.97 5.28
C LYS G 124 -7.85 25.36 4.15
N ILE G 125 -9.07 24.85 4.21
CA ILE G 125 -10.10 25.31 3.29
C ILE G 125 -11.25 25.86 4.12
N LYS G 126 -11.61 27.10 3.87
CA LYS G 126 -12.64 27.74 4.64
C LYS G 126 -13.87 28.05 3.81
N SER G 127 -15.04 27.90 4.42
CA SER G 127 -16.31 28.24 3.77
C SER G 127 -17.26 28.95 4.73
N SER G 128 -17.78 30.10 4.30
CA SER G 128 -18.67 30.90 5.13
C SER G 128 -19.85 31.51 4.36
N TYR G 129 -21.05 31.30 4.90
CA TYR G 129 -22.29 31.76 4.27
C TYR G 129 -23.02 32.80 5.12
N LYS G 130 -23.28 33.96 4.54
CA LYS G 130 -23.99 35.04 5.19
C LYS G 130 -25.38 35.24 4.58
N ARG G 131 -26.40 35.17 5.40
CA ARG G 131 -27.78 35.35 4.95
C ARG G 131 -28.60 36.08 5.98
N GLU G 132 -29.81 36.46 5.61
CA GLU G 132 -30.64 37.11 6.61
C GLU G 132 -30.73 36.25 7.86
N CYS G 133 -30.43 36.84 9.02
CA CYS G 133 -30.46 36.22 10.34
C CYS G 133 -29.63 34.95 10.56
N VAL G 134 -28.72 34.59 9.62
CA VAL G 134 -27.85 33.42 9.84
C VAL G 134 -26.42 33.67 9.31
N ASN G 135 -25.43 33.21 10.06
CA ASN G 135 -24.03 33.26 9.66
C ASN G 135 -23.41 31.89 9.98
N LEU G 136 -23.19 31.08 8.94
CA LEU G 136 -22.72 29.72 9.17
C LEU G 136 -21.48 29.37 8.34
N GLY G 137 -20.71 28.40 8.80
CA GLY G 137 -19.56 28.01 8.00
C GLY G 137 -18.73 26.90 8.61
N CYS G 138 -17.59 26.65 7.98
CA CYS G 138 -16.67 25.61 8.42
C CYS G 138 -15.27 25.74 7.86
N ASP G 139 -14.28 25.56 8.73
CA ASP G 139 -12.88 25.53 8.36
C ASP G 139 -12.36 24.08 8.41
N VAL G 140 -11.75 23.60 7.35
CA VAL G 140 -11.19 22.25 7.43
C VAL G 140 -9.67 22.34 7.35
N ASP G 141 -9.02 21.82 8.37
CA ASP G 141 -7.57 21.86 8.55
C ASP G 141 -6.92 20.56 8.07
N PHE G 142 -6.15 20.65 7.00
CA PHE G 142 -5.54 19.49 6.37
C PHE G 142 -4.06 19.40 6.78
N ASP G 143 -3.72 18.35 7.50
CA ASP G 143 -2.36 18.16 8.01
C ASP G 143 -2.05 16.67 8.15
N PHE G 144 -0.85 16.35 8.59
CA PHE G 144 -0.47 14.99 8.81
C PHE G 144 -1.41 14.35 9.80
N ALA G 145 -1.95 13.20 9.45
CA ALA G 145 -2.87 12.48 10.32
C ALA G 145 -4.07 13.33 10.76
N GLY G 146 -4.54 14.20 9.86
CA GLY G 146 -5.75 14.97 10.03
C GLY G 146 -6.75 14.40 9.03
N PRO G 147 -7.68 15.20 8.50
CA PRO G 147 -8.03 16.60 8.74
C PRO G 147 -8.83 16.83 10.00
N ALA G 148 -8.85 18.09 10.44
CA ALA G 148 -9.78 18.49 11.50
C ALA G 148 -10.87 19.37 10.91
N ILE G 149 -12.07 19.21 11.42
CA ILE G 149 -13.20 19.97 10.92
C ILE G 149 -13.73 20.92 11.97
N HIS G 150 -13.75 22.21 11.66
CA HIS G 150 -14.20 23.22 12.62
C HIS G 150 -15.46 23.91 12.11
N GLY G 151 -16.63 23.48 12.58
CA GLY G 151 -17.90 23.99 12.08
C GLY G 151 -18.50 25.04 13.01
N SER G 152 -19.32 25.94 12.48
CA SER G 152 -19.97 26.90 13.37
C SER G 152 -21.21 27.52 12.76
N ALA G 153 -22.06 28.05 13.63
CA ALA G 153 -23.19 28.83 13.15
C ALA G 153 -23.77 29.71 14.23
N VAL G 154 -24.16 30.89 13.78
CA VAL G 154 -24.85 31.90 14.57
C VAL G 154 -26.13 32.30 13.88
N PHE G 155 -27.16 32.44 14.66
CA PHE G 155 -28.43 32.87 14.14
C PHE G 155 -29.06 33.85 15.07
N GLY G 156 -30.04 34.60 14.58
CA GLY G 156 -30.67 35.52 15.51
C GLY G 156 -32.01 36.06 15.09
N TYR G 157 -32.54 36.90 15.97
CA TYR G 157 -33.85 37.52 15.79
C TYR G 157 -34.07 38.73 16.69
N GLU G 158 -34.45 39.86 16.10
CA GLU G 158 -34.72 41.11 16.85
C GLU G 158 -33.62 41.49 17.85
N GLY G 159 -32.37 41.34 17.44
CA GLY G 159 -31.21 41.70 18.25
C GLY G 159 -30.68 40.52 19.07
N TRP G 160 -31.43 39.43 19.17
CA TRP G 160 -30.97 38.30 19.96
C TRP G 160 -30.11 37.38 19.13
N LEU G 161 -29.04 36.89 19.72
CA LEU G 161 -28.12 35.96 19.07
C LEU G 161 -27.95 34.64 19.81
N ALA G 162 -27.69 33.61 19.04
CA ALA G 162 -27.31 32.33 19.61
C ALA G 162 -26.49 31.55 18.60
N GLY G 163 -25.65 30.64 19.07
CA GLY G 163 -24.89 29.83 18.15
C GLY G 163 -23.98 28.80 18.80
N TYR G 164 -23.23 28.14 17.94
CA TYR G 164 -22.33 27.06 18.37
C TYR G 164 -21.08 26.99 17.50
N GLN G 165 -20.11 26.26 18.03
CA GLN G 165 -18.87 25.96 17.33
C GLN G 165 -18.37 24.57 17.71
N MET G 166 -18.05 23.74 16.71
CA MET G 166 -17.57 22.39 17.03
C MET G 166 -16.35 21.97 16.24
N THR G 167 -15.43 21.31 16.93
CA THR G 167 -14.24 20.79 16.28
C THR G 167 -14.23 19.29 16.35
N PHE G 168 -14.01 18.68 15.19
CA PHE G 168 -13.95 17.23 15.06
C PHE G 168 -12.60 16.81 14.53
N ASP G 169 -12.15 15.64 14.96
CA ASP G 169 -10.91 15.06 14.46
C ASP G 169 -11.21 13.82 13.62
N SER G 170 -11.06 13.94 12.29
CA SER G 170 -11.45 12.90 11.35
C SER G 170 -10.56 11.68 11.41
N ALA G 171 -9.42 11.79 12.09
CA ALA G 171 -8.54 10.64 12.21
C ALA G 171 -9.04 9.74 13.36
N LYS G 172 -10.01 10.24 14.14
CA LYS G 172 -10.55 9.52 15.25
C LYS G 172 -12.04 9.31 15.02
N SER G 173 -12.63 10.23 14.25
CA SER G 173 -14.07 10.36 14.00
C SER G 173 -14.79 10.70 15.30
N LYS G 174 -14.18 11.64 16.02
CA LYS G 174 -14.69 12.11 17.31
C LYS G 174 -14.79 13.62 17.40
N LEU G 175 -15.73 14.10 18.22
CA LEU G 175 -15.79 15.52 18.53
C LEU G 175 -14.77 15.79 19.61
N THR G 176 -14.00 16.86 19.46
CA THR G 176 -12.99 17.20 20.45
C THR G 176 -13.33 18.49 21.20
N ARG G 177 -14.13 19.37 20.59
CA ARG G 177 -14.56 20.63 21.21
C ARG G 177 -16.00 20.97 20.84
N ASN G 178 -16.78 21.45 21.81
CA ASN G 178 -18.16 21.89 21.53
C ASN G 178 -18.52 23.14 22.35
N ASN G 179 -18.49 24.28 21.68
CA ASN G 179 -18.72 25.56 22.32
C ASN G 179 -20.13 26.06 22.01
N PHE G 180 -20.74 26.77 22.97
CA PHE G 180 -22.04 27.39 22.75
C PHE G 180 -22.08 28.83 23.23
N ALA G 181 -22.93 29.63 22.60
CA ALA G 181 -23.08 31.01 23.06
C ALA G 181 -24.45 31.60 22.78
N VAL G 182 -24.81 32.56 23.63
CA VAL G 182 -26.01 33.35 23.50
C VAL G 182 -25.71 34.82 23.73
N GLY G 183 -26.59 35.70 23.27
CA GLY G 183 -26.39 37.12 23.54
C GLY G 183 -27.43 38.04 22.93
N TYR G 184 -27.15 39.33 23.03
CA TYR G 184 -28.00 40.39 22.51
C TYR G 184 -27.16 41.53 21.97
N ARG G 185 -27.53 42.08 20.83
CA ARG G 185 -26.81 43.24 20.36
C ARG G 185 -27.65 44.36 19.79
N THR G 186 -27.20 45.55 20.08
CA THR G 186 -27.73 46.75 19.47
C THR G 186 -26.60 47.75 19.24
N GLY G 187 -26.95 48.95 18.82
CA GLY G 187 -25.96 49.99 18.52
C GLY G 187 -25.22 50.48 19.76
N ASP G 188 -25.95 50.57 20.87
CA ASP G 188 -25.45 51.10 22.14
C ASP G 188 -24.77 50.07 23.02
N PHE G 189 -25.19 48.82 22.95
CA PHE G 189 -24.59 47.83 23.82
C PHE G 189 -24.68 46.42 23.26
N GLN G 190 -23.82 45.55 23.79
CA GLN G 190 -23.89 44.14 23.46
C GLN G 190 -23.66 43.28 24.70
N LEU G 191 -24.43 42.21 24.80
CA LEU G 191 -24.34 41.27 25.90
C LEU G 191 -24.04 39.87 25.41
N HIS G 192 -23.00 39.25 25.93
CA HIS G 192 -22.67 37.89 25.49
C HIS G 192 -22.32 36.94 26.63
N THR G 193 -22.83 35.71 26.53
CA THR G 193 -22.52 34.62 27.46
C THR G 193 -22.14 33.36 26.69
N ASN G 194 -21.15 32.63 27.17
CA ASN G 194 -20.78 31.41 26.49
C ASN G 194 -20.23 30.31 27.40
N VAL G 195 -20.12 29.13 26.80
CA VAL G 195 -19.56 27.95 27.44
C VAL G 195 -18.69 27.13 26.50
N ASN G 196 -17.54 26.67 27.00
CA ASN G 196 -16.68 25.79 26.23
C ASN G 196 -16.61 24.40 26.87
N ASP G 197 -17.16 23.40 26.16
CA ASP G 197 -17.18 21.99 26.56
C ASP G 197 -17.90 21.69 27.87
N GLY G 198 -18.75 22.60 28.31
CA GLY G 198 -19.52 22.41 29.53
C GLY G 198 -18.72 22.72 30.79
N THR G 199 -17.46 23.14 30.63
CA THR G 199 -16.59 23.39 31.78
C THR G 199 -16.18 24.86 31.91
N GLU G 200 -15.76 25.48 30.82
CA GLU G 200 -15.32 26.86 30.93
C GLU G 200 -16.45 27.80 30.58
N PHE G 201 -16.76 28.71 31.47
CA PHE G 201 -17.87 29.62 31.25
C PHE G 201 -17.43 31.06 31.29
N GLY G 202 -18.14 31.92 30.59
CA GLY G 202 -17.82 33.33 30.68
C GLY G 202 -18.74 34.19 29.86
N GLY G 203 -18.38 35.45 29.75
CA GLY G 203 -19.21 36.40 29.03
C GLY G 203 -18.65 37.80 29.07
N SER G 204 -19.35 38.71 28.42
CA SER G 204 -18.91 40.09 28.37
C SER G 204 -20.04 41.08 28.12
N ILE G 205 -19.77 42.31 28.55
CA ILE G 205 -20.66 43.43 28.34
C ILE G 205 -19.95 44.56 27.61
N TYR G 206 -20.55 45.03 26.52
CA TYR G 206 -20.05 46.18 25.77
C TYR G 206 -21.06 47.29 25.96
N GLN G 207 -20.60 48.49 26.29
CA GLN G 207 -21.53 49.60 26.44
C GLN G 207 -20.99 50.95 25.96
N LYS G 208 -21.77 51.64 25.14
CA LYS G 208 -21.43 53.00 24.74
C LYS G 208 -21.91 53.86 25.90
N VAL G 209 -21.07 54.77 26.38
CA VAL G 209 -21.48 55.57 27.51
C VAL G 209 -21.68 57.00 27.07
N CYS G 210 -20.72 57.50 26.37
CA CYS G 210 -20.76 58.87 25.90
C CYS G 210 -20.24 58.82 24.52
N GLU G 211 -20.36 59.90 23.79
CA GLU G 211 -19.89 59.89 22.41
C GLU G 211 -18.40 59.55 22.27
N ASP G 212 -17.61 60.00 23.23
CA ASP G 212 -16.19 59.76 23.29
C ASP G 212 -15.81 58.62 24.24
N LEU G 213 -16.78 57.83 24.73
CA LEU G 213 -16.43 56.80 25.72
C LEU G 213 -17.09 55.44 25.52
N ASP G 214 -16.22 54.44 25.33
CA ASP G 214 -16.55 53.04 25.11
C ASP G 214 -16.10 52.18 26.30
N THR G 215 -17.01 51.49 26.98
CA THR G 215 -16.57 50.70 28.13
C THR G 215 -16.99 49.22 28.01
N SER G 216 -16.33 48.35 28.78
CA SER G 216 -16.70 46.94 28.79
C SER G 216 -16.31 46.17 30.05
N VAL G 217 -16.98 45.03 30.24
CA VAL G 217 -16.74 44.13 31.36
C VAL G 217 -16.56 42.68 30.89
N ASN G 218 -15.51 42.00 31.36
CA ASN G 218 -15.29 40.58 31.05
C ASN G 218 -15.51 39.72 32.29
N LEU G 219 -16.16 38.58 32.10
CA LEU G 219 -16.41 37.59 33.16
C LEU G 219 -15.95 36.18 32.76
N ALA G 220 -15.42 35.41 33.71
CA ALA G 220 -15.09 34.01 33.43
C ALA G 220 -15.07 33.14 34.69
N TRP G 221 -15.38 31.86 34.55
CA TRP G 221 -15.33 30.93 35.67
C TRP G 221 -15.16 29.46 35.22
N THR G 222 -14.67 28.63 36.14
CA THR G 222 -14.49 27.20 35.78
C THR G 222 -15.32 26.21 36.57
N SER G 223 -16.06 25.34 35.86
CA SER G 223 -16.88 24.35 36.52
C SER G 223 -16.06 23.43 37.40
N GLY G 224 -16.64 23.12 38.55
CA GLY G 224 -16.04 22.26 39.54
C GLY G 224 -15.35 23.07 40.63
N THR G 225 -15.13 24.35 40.40
CA THR G 225 -14.48 25.16 41.41
C THR G 225 -15.16 26.49 41.67
N ASN G 226 -14.59 27.23 42.62
CA ASN G 226 -15.11 28.53 43.02
C ASN G 226 -14.29 29.67 42.44
N CYS G 227 -13.44 29.35 41.49
CA CYS G 227 -12.59 30.31 40.85
C CYS G 227 -13.28 31.11 39.79
N THR G 228 -13.28 32.41 39.99
CA THR G 228 -13.87 33.32 39.04
C THR G 228 -12.83 34.34 38.69
N ARG G 229 -12.93 34.89 37.50
CA ARG G 229 -12.06 35.92 37.00
C ARG G 229 -12.90 37.00 36.36
N PHE G 230 -12.40 38.22 36.39
CA PHE G 230 -13.11 39.32 35.77
C PHE G 230 -12.25 40.53 35.54
N GLY G 231 -12.78 41.46 34.76
CA GLY G 231 -12.11 42.73 34.60
C GLY G 231 -12.96 43.77 33.91
N ILE G 232 -12.56 45.02 34.06
CA ILE G 232 -13.26 46.16 33.49
C ILE G 232 -12.32 47.01 32.65
N ALA G 233 -12.78 47.46 31.48
CA ALA G 233 -11.93 48.27 30.61
C ALA G 233 -12.68 49.41 29.96
N ALA G 234 -11.92 50.40 29.54
CA ALA G 234 -12.50 51.53 28.83
C ALA G 234 -11.55 52.20 27.88
N LYS G 235 -12.14 52.82 26.86
CA LYS G 235 -11.44 53.61 25.88
C LYS G 235 -12.08 54.99 25.75
N TYR G 236 -11.27 56.02 25.89
CA TYR G 236 -11.76 57.39 25.82
C TYR G 236 -11.11 58.21 24.72
N GLN G 237 -11.94 58.81 23.86
CA GLN G 237 -11.41 59.63 22.79
C GLN G 237 -11.15 60.99 23.36
N LEU G 238 -9.88 61.32 23.45
CA LEU G 238 -9.44 62.54 24.08
C LEU G 238 -9.68 63.68 23.13
N ASP G 239 -9.31 63.44 21.87
CA ASP G 239 -9.53 64.42 20.83
C ASP G 239 -9.53 63.62 19.51
N PRO G 240 -9.80 64.23 18.33
CA PRO G 240 -9.84 63.55 17.05
C PRO G 240 -8.56 62.81 16.69
N THR G 241 -7.43 63.18 17.30
CA THR G 241 -6.20 62.51 16.99
C THR G 241 -5.52 61.99 18.25
N ALA G 242 -6.31 61.58 19.25
CA ALA G 242 -5.72 61.02 20.46
C ALA G 242 -6.71 60.25 21.31
N SER G 243 -6.23 59.19 21.94
CA SER G 243 -7.09 58.45 22.86
C SER G 243 -6.33 57.73 23.95
N ILE G 244 -7.04 57.48 25.03
CA ILE G 244 -6.48 56.77 26.17
C ILE G 244 -7.30 55.55 26.49
N SER G 245 -6.66 54.54 27.04
CA SER G 245 -7.38 53.36 27.44
C SER G 245 -6.79 52.78 28.69
N ALA G 246 -7.61 52.01 29.40
CA ALA G 246 -7.15 51.34 30.59
C ALA G 246 -8.02 50.15 30.90
N LYS G 247 -7.45 49.24 31.67
CA LYS G 247 -8.18 48.07 32.12
C LYS G 247 -7.71 47.51 33.45
N VAL G 248 -8.65 47.03 34.26
CA VAL G 248 -8.28 46.41 35.53
C VAL G 248 -8.80 44.99 35.69
N ASN G 249 -7.86 44.08 35.91
CA ASN G 249 -8.10 42.65 36.14
C ASN G 249 -8.28 42.38 37.65
N ASN G 250 -9.17 41.45 38.00
CA ASN G 250 -9.43 41.04 39.39
C ASN G 250 -8.18 40.59 40.15
N SER G 251 -7.14 40.22 39.41
CA SER G 251 -5.87 39.77 39.96
C SER G 251 -4.92 40.95 40.25
N SER G 252 -5.49 42.17 40.25
CA SER G 252 -4.83 43.46 40.51
C SER G 252 -3.84 43.81 39.43
N LEU G 253 -4.25 43.58 38.21
CA LEU G 253 -3.39 43.92 37.09
C LEU G 253 -3.99 45.09 36.36
N ILE G 254 -3.25 46.19 36.31
CA ILE G 254 -3.78 47.38 35.68
C ILE G 254 -3.05 47.78 34.42
N GLY G 255 -3.77 47.75 33.32
CA GLY G 255 -3.20 48.11 32.05
C GLY G 255 -3.55 49.53 31.70
N VAL G 256 -2.62 50.24 31.07
CA VAL G 256 -2.89 51.58 30.59
C VAL G 256 -2.35 51.72 29.18
N GLY G 257 -2.88 52.66 28.40
CA GLY G 257 -2.32 52.91 27.09
C GLY G 257 -2.78 54.21 26.48
N TYR G 258 -2.01 54.67 25.50
CA TYR G 258 -2.28 55.90 24.77
C TYR G 258 -1.89 55.82 23.32
N THR G 259 -2.80 56.29 22.47
CA THR G 259 -2.57 56.33 21.03
C THR G 259 -2.70 57.75 20.53
N GLN G 260 -1.78 58.15 19.67
CA GLN G 260 -1.84 59.46 19.05
C GLN G 260 -1.57 59.42 17.56
N THR G 261 -2.38 60.15 16.82
CA THR G 261 -2.16 60.25 15.39
C THR G 261 -1.14 61.37 15.28
N LEU G 262 -0.06 61.09 14.60
CA LEU G 262 1.00 62.08 14.49
C LEU G 262 0.72 62.90 13.28
N ARG G 263 0.26 62.21 12.25
CA ARG G 263 -0.09 62.80 10.96
C ARG G 263 -1.14 61.86 10.42
N PRO G 264 -2.10 62.25 9.58
CA PRO G 264 -3.06 61.31 9.05
C PRO G 264 -2.28 60.19 8.44
N GLY G 265 -2.62 58.93 8.67
CA GLY G 265 -1.81 57.84 8.09
C GLY G 265 -0.69 57.37 9.04
N VAL G 266 -0.39 58.13 10.08
CA VAL G 266 0.68 57.79 11.00
C VAL G 266 0.19 57.73 12.46
N LYS G 267 0.26 56.54 13.09
CA LYS G 267 -0.21 56.41 14.48
C LYS G 267 0.80 55.77 15.42
N LEU G 268 0.96 56.41 16.56
CA LEU G 268 1.89 55.98 17.61
C LEU G 268 1.18 55.51 18.89
N THR G 269 1.50 54.30 19.35
CA THR G 269 0.89 53.74 20.56
C THR G 269 1.87 53.33 21.63
N LEU G 270 1.61 53.81 22.85
CA LEU G 270 2.43 53.46 24.00
C LEU G 270 1.57 52.80 25.05
N SER G 271 2.12 51.84 25.79
CA SER G 271 1.33 51.21 26.83
C SER G 271 2.15 50.58 27.96
N ALA G 272 1.50 50.30 29.08
CA ALA G 272 2.19 49.64 30.19
C ALA G 272 1.24 48.86 31.10
N LEU G 273 1.82 47.88 31.79
CA LEU G 273 1.09 47.04 32.73
C LEU G 273 1.73 47.02 34.10
N VAL G 274 0.93 47.30 35.13
CA VAL G 274 1.43 47.28 36.49
C VAL G 274 0.75 46.23 37.36
N ASP G 275 1.58 45.47 38.09
CA ASP G 275 1.20 44.38 39.02
C ASP G 275 0.87 44.87 40.41
N GLY G 276 -0.37 45.23 40.67
CA GLY G 276 -0.65 45.80 41.94
C GLY G 276 -0.66 44.72 43.03
N LYS G 277 -0.44 45.11 44.28
CA LYS G 277 -0.15 46.46 44.74
C LYS G 277 1.37 46.69 44.80
N SER G 278 2.15 45.67 44.46
CA SER G 278 3.61 45.73 44.55
C SER G 278 4.28 46.48 43.40
N ILE G 279 3.98 47.78 43.30
CA ILE G 279 4.54 48.62 42.25
C ILE G 279 5.27 49.86 42.76
N ASN G 280 6.49 50.13 42.26
CA ASN G 280 7.25 49.34 41.26
C ASN G 280 8.18 48.31 41.91
N ALA G 281 7.65 47.15 42.31
CA ALA G 281 8.38 46.10 42.98
C ALA G 281 7.78 44.79 42.52
N GLY G 282 7.64 44.67 41.19
CA GLY G 282 6.98 43.54 40.55
C GLY G 282 7.22 43.55 39.04
N GLY G 283 6.42 42.79 38.28
CA GLY G 283 6.61 42.56 36.84
C GLY G 283 6.11 43.66 35.92
N HIS G 284 6.65 44.85 36.10
CA HIS G 284 6.23 46.01 35.32
C HIS G 284 6.56 45.77 33.84
N LYS G 285 5.61 46.06 32.93
CA LYS G 285 5.86 45.89 31.48
C LYS G 285 5.49 47.13 30.69
N LEU G 286 6.26 47.40 29.63
CA LEU G 286 5.98 48.52 28.74
C LEU G 286 5.88 48.06 27.30
N GLY G 287 5.19 48.83 26.46
CA GLY G 287 5.09 48.54 25.04
C GLY G 287 5.13 49.80 24.16
N LEU G 288 5.48 49.61 22.89
CA LEU G 288 5.57 50.68 21.89
C LEU G 288 5.22 50.21 20.50
N ALA G 289 4.36 50.94 19.80
CA ALA G 289 4.12 50.55 18.43
C ALA G 289 3.92 51.74 17.51
N LEU G 290 4.41 51.63 16.30
CA LEU G 290 4.22 52.68 15.30
C LEU G 290 3.70 52.06 14.01
N GLU G 291 2.61 52.65 13.50
CA GLU G 291 1.98 52.21 12.26
C GLU G 291 1.91 53.33 11.21
N LEU G 292 2.36 53.02 9.98
CA LEU G 292 2.33 53.98 8.87
C LEU G 292 1.66 53.43 7.63
N GLU G 293 0.60 54.10 7.17
CA GLU G 293 -0.13 53.63 6.01
C GLU G 293 -0.09 54.60 4.82
N ALA G 294 0.41 54.09 3.71
CA ALA G 294 0.52 54.81 2.45
C ALA G 294 -0.41 54.21 1.42
N MET H 1 17.87 66.06 -17.88
CA MET H 1 18.49 64.75 -18.01
C MET H 1 18.33 63.94 -16.73
N ALA H 2 17.77 62.73 -16.86
CA ALA H 2 17.61 61.85 -15.72
C ALA H 2 18.97 61.52 -15.13
N SER H 3 19.04 61.37 -13.81
CA SER H 3 20.29 60.98 -13.21
C SER H 3 20.56 59.50 -13.48
N TYR H 4 21.82 59.10 -13.30
CA TYR H 4 22.20 57.73 -13.49
C TYR H 4 22.89 57.13 -12.29
N GLY H 5 22.56 55.88 -12.03
CA GLY H 5 23.21 55.10 -10.97
C GLY H 5 24.25 54.14 -11.56
N GLN H 6 24.36 54.17 -12.89
CA GLN H 6 25.22 53.33 -13.70
C GLN H 6 25.06 53.74 -15.16
N THR H 7 26.10 53.59 -15.96
CA THR H 7 25.94 53.96 -17.36
C THR H 7 26.33 52.89 -18.37
N CYS H 8 25.58 52.90 -19.45
CA CYS H 8 25.82 51.97 -20.52
C CYS H 8 25.30 52.57 -21.82
N PRO H 9 25.85 52.18 -22.98
CA PRO H 9 25.45 52.47 -24.33
C PRO H 9 24.37 51.53 -24.77
N ARG H 10 23.92 51.68 -26.00
CA ARG H 10 23.02 50.71 -26.57
C ARG H 10 23.85 49.50 -27.05
N PRO H 11 23.27 48.31 -27.16
CA PRO H 11 23.90 47.17 -27.76
C PRO H 11 24.31 47.57 -29.19
N MET H 12 25.45 47.08 -29.71
CA MET H 12 26.25 46.05 -29.06
C MET H 12 27.64 46.52 -28.58
N CYS H 13 27.69 47.62 -27.79
CA CYS H 13 28.93 48.04 -27.14
C CYS H 13 28.97 47.41 -25.74
N ILE H 14 27.92 46.68 -25.42
CA ILE H 14 27.76 45.94 -24.18
C ILE H 14 27.90 44.49 -24.59
N PRO H 15 28.83 43.71 -24.03
CA PRO H 15 29.11 42.34 -24.37
C PRO H 15 28.01 41.41 -23.88
N PRO H 16 27.94 40.19 -24.43
CA PRO H 16 27.07 39.09 -24.07
C PRO H 16 27.46 38.58 -22.70
N SER H 17 26.55 37.90 -22.00
CA SER H 17 26.93 37.31 -20.72
C SER H 17 27.77 36.10 -21.03
N TYR H 18 28.45 35.53 -20.04
CA TYR H 18 29.29 34.36 -20.32
C TYR H 18 28.47 33.28 -21.04
N ALA H 19 27.26 33.03 -20.56
CA ALA H 19 26.35 32.03 -21.10
C ALA H 19 25.96 32.27 -22.56
N ASP H 20 26.07 33.52 -23.04
CA ASP H 20 25.68 33.89 -24.37
C ASP H 20 26.87 33.84 -25.34
N LEU H 21 28.06 33.50 -24.85
CA LEU H 21 29.19 33.48 -25.76
C LEU H 21 28.98 32.33 -26.72
N GLY H 22 29.06 32.61 -28.02
CA GLY H 22 28.87 31.57 -29.02
C GLY H 22 27.41 31.29 -29.34
N LYS H 23 26.48 32.07 -28.78
CA LYS H 23 25.07 31.80 -29.01
C LYS H 23 24.68 31.74 -30.48
N ALA H 24 25.20 32.61 -31.33
CA ALA H 24 24.76 32.58 -32.73
C ALA H 24 25.09 31.25 -33.42
N ALA H 25 26.32 30.73 -33.19
CA ALA H 25 26.70 29.45 -33.76
C ALA H 25 25.83 28.35 -33.18
N ARG H 26 25.57 28.43 -31.87
CA ARG H 26 24.76 27.42 -31.20
C ARG H 26 23.36 27.38 -31.76
N ASP H 27 22.75 28.54 -32.02
CA ASP H 27 21.41 28.55 -32.59
C ASP H 27 21.35 27.87 -33.93
N ILE H 28 22.38 28.00 -34.77
CA ILE H 28 22.33 27.28 -36.06
C ILE H 28 22.27 25.77 -35.81
N PHE H 29 23.10 25.27 -34.89
CA PHE H 29 23.11 23.84 -34.56
C PHE H 29 21.86 23.35 -33.77
N ASN H 30 21.25 24.21 -32.95
CA ASN H 30 20.11 23.80 -32.14
C ASN H 30 18.70 24.15 -32.69
N LYS H 31 18.50 25.38 -33.15
CA LYS H 31 17.18 25.78 -33.55
C LYS H 31 16.80 25.15 -34.87
N GLY H 32 15.53 24.80 -35.00
CA GLY H 32 15.04 24.20 -36.22
C GLY H 32 15.04 22.67 -36.13
N PHE H 33 15.62 22.10 -35.06
CA PHE H 33 15.63 20.64 -34.96
C PHE H 33 14.89 20.21 -33.69
N GLY H 34 14.18 19.08 -33.75
CA GLY H 34 13.45 18.52 -32.61
C GLY H 34 13.45 17.00 -32.59
N PHE H 35 14.55 16.39 -32.98
CA PHE H 35 14.61 14.95 -33.20
C PHE H 35 14.16 14.17 -31.98
N GLY H 36 13.27 13.21 -32.16
CA GLY H 36 12.82 12.36 -31.08
C GLY H 36 11.64 12.93 -30.31
N LEU H 37 11.25 14.18 -30.57
CA LEU H 37 10.15 14.74 -29.82
C LEU H 37 9.04 15.37 -30.65
N VAL H 38 7.85 15.39 -30.05
CA VAL H 38 6.76 16.16 -30.61
C VAL H 38 6.48 17.31 -29.65
N LYS H 39 6.53 18.54 -30.16
CA LYS H 39 6.34 19.70 -29.29
C LYS H 39 5.19 20.60 -29.72
N LEU H 40 4.50 21.14 -28.73
CA LEU H 40 3.35 22.00 -28.98
C LEU H 40 3.39 23.27 -28.16
N ASP H 41 3.56 24.41 -28.82
CA ASP H 41 3.70 25.67 -28.09
C ASP H 41 2.59 26.68 -28.38
N VAL H 42 1.77 26.96 -27.37
CA VAL H 42 0.67 27.90 -27.55
C VAL H 42 0.96 29.14 -26.73
N LYS H 43 1.00 30.29 -27.39
CA LYS H 43 1.27 31.53 -26.69
C LYS H 43 0.15 32.49 -26.97
N THR H 44 -0.30 33.17 -25.93
CA THR H 44 -1.37 34.14 -26.09
C THR H 44 -1.07 35.38 -25.29
N LYS H 45 -1.66 36.48 -25.68
CA LYS H 45 -1.57 37.64 -24.84
C LYS H 45 -2.91 38.34 -24.69
N SER H 46 -3.01 39.08 -23.60
CA SER H 46 -4.13 39.96 -23.35
C SER H 46 -3.69 41.39 -23.13
N CYS H 47 -4.54 42.31 -23.56
CA CYS H 47 -4.33 43.75 -23.44
C CYS H 47 -4.24 44.23 -21.98
N SER H 48 -4.55 43.35 -21.03
CA SER H 48 -4.44 43.68 -19.61
C SER H 48 -2.97 43.64 -19.15
N GLY H 49 -2.05 43.19 -20.02
CA GLY H 49 -0.63 43.15 -19.65
C GLY H 49 -0.20 41.77 -19.17
N VAL H 50 -0.95 40.76 -19.58
CA VAL H 50 -0.61 39.42 -19.17
C VAL H 50 -0.37 38.55 -20.38
N GLU H 51 0.71 37.80 -20.31
CA GLU H 51 1.04 36.88 -21.36
C GLU H 51 0.94 35.46 -20.84
N PHE H 52 0.47 34.56 -21.67
CA PHE H 52 0.38 33.18 -21.26
C PHE H 52 1.17 32.31 -22.21
N SER H 53 1.75 31.25 -21.70
CA SER H 53 2.48 30.32 -22.53
C SER H 53 2.39 28.89 -22.04
N THR H 54 1.98 28.00 -22.94
CA THR H 54 1.87 26.60 -22.60
C THR H 54 2.68 25.75 -23.57
N SER H 55 3.51 24.87 -23.03
CA SER H 55 4.37 24.06 -23.86
C SER H 55 4.27 22.58 -23.56
N GLY H 56 3.79 21.82 -24.53
CA GLY H 56 3.62 20.39 -24.43
C GLY H 56 4.83 19.67 -25.04
N SER H 57 5.17 18.49 -24.54
CA SER H 57 6.29 17.74 -25.14
C SER H 57 6.24 16.21 -24.97
N SER H 58 6.38 15.48 -26.07
CA SER H 58 6.37 14.01 -26.06
C SER H 58 7.70 13.44 -26.51
N ASN H 59 8.35 12.67 -25.63
CA ASN H 59 9.67 12.11 -25.92
C ASN H 59 9.60 10.64 -26.38
N THR H 60 9.91 10.41 -27.64
CA THR H 60 9.78 9.11 -28.30
C THR H 60 10.61 8.03 -27.65
N ASP H 61 11.69 8.42 -26.98
CA ASP H 61 12.62 7.47 -26.38
C ASP H 61 12.28 7.13 -24.94
N THR H 62 11.17 7.68 -24.42
CA THR H 62 10.80 7.35 -23.06
C THR H 62 9.34 6.96 -23.04
N GLY H 63 8.57 7.50 -24.01
CA GLY H 63 7.13 7.32 -24.10
C GLY H 63 6.36 8.28 -23.19
N LYS H 64 7.09 9.16 -22.51
CA LYS H 64 6.51 10.12 -21.58
C LYS H 64 6.04 11.36 -22.31
N VAL H 65 4.90 11.85 -21.87
CA VAL H 65 4.36 13.07 -22.40
C VAL H 65 4.30 14.03 -21.20
N THR H 66 4.92 15.21 -21.37
CA THR H 66 5.04 16.24 -20.33
C THR H 66 4.60 17.62 -20.82
N GLY H 67 4.85 18.63 -19.99
CA GLY H 67 4.52 19.99 -20.32
C GLY H 67 4.62 20.98 -19.16
N THR H 68 4.66 22.26 -19.53
CA THR H 68 4.75 23.41 -18.61
C THR H 68 3.76 24.53 -18.99
N LEU H 69 3.18 25.16 -17.98
CA LEU H 69 2.31 26.31 -18.21
C LEU H 69 2.80 27.52 -17.39
N GLU H 70 2.92 28.66 -18.06
CA GLU H 70 3.35 29.90 -17.41
C GLU H 70 2.40 31.08 -17.68
N THR H 71 2.29 31.95 -16.68
CA THR H 71 1.56 33.21 -16.80
C THR H 71 2.49 34.36 -16.40
N LYS H 72 2.61 35.37 -17.25
CA LYS H 72 3.52 36.48 -16.96
C LYS H 72 2.81 37.82 -16.93
N TYR H 73 3.10 38.62 -15.92
CA TYR H 73 2.50 39.94 -15.80
C TYR H 73 3.58 41.00 -15.95
N LYS H 74 3.38 41.93 -16.88
CA LYS H 74 4.40 42.95 -17.15
C LYS H 74 4.06 44.37 -16.69
N TRP H 75 4.69 44.78 -15.61
CA TRP H 75 4.46 46.10 -15.04
C TRP H 75 5.43 47.05 -15.70
N CYS H 76 5.06 47.45 -16.91
CA CYS H 76 5.92 48.24 -17.79
C CYS H 76 6.32 49.58 -17.18
N GLU H 77 5.44 50.15 -16.37
CA GLU H 77 5.66 51.43 -15.70
C GLU H 77 6.59 51.34 -14.48
N TYR H 78 6.91 50.11 -14.05
CA TYR H 78 7.72 49.87 -12.88
C TYR H 78 9.03 49.15 -13.21
N GLY H 79 9.06 48.45 -14.35
CA GLY H 79 10.22 47.64 -14.70
C GLY H 79 10.13 46.31 -13.96
N LEU H 80 8.91 45.87 -13.65
CA LEU H 80 8.76 44.63 -12.90
C LEU H 80 8.00 43.55 -13.67
N THR H 81 8.51 42.33 -13.62
CA THR H 81 7.82 41.20 -14.25
C THR H 81 7.55 40.12 -13.24
N PHE H 82 6.30 39.69 -13.18
CA PHE H 82 5.87 38.67 -12.23
C PHE H 82 5.42 37.41 -12.96
N THR H 83 6.02 36.26 -12.66
CA THR H 83 5.64 35.03 -13.38
C THR H 83 5.17 33.92 -12.46
N GLU H 84 4.06 33.32 -12.84
CA GLU H 84 3.52 32.14 -12.15
C GLU H 84 3.77 30.93 -13.04
N LYS H 85 4.22 29.81 -12.46
CA LYS H 85 4.48 28.62 -13.28
C LYS H 85 4.07 27.30 -12.65
N TRP H 86 3.61 26.37 -13.50
CA TRP H 86 3.28 25.01 -13.09
C TRP H 86 3.72 23.97 -14.13
N ASN H 87 4.04 22.75 -13.69
CA ASN H 87 4.28 21.72 -14.72
C ASN H 87 3.73 20.34 -14.33
N THR H 88 3.91 19.37 -15.22
CA THR H 88 3.34 18.02 -15.07
C THR H 88 3.96 17.18 -13.99
N ASP H 89 5.06 17.62 -13.43
CA ASP H 89 5.71 16.87 -12.39
C ASP H 89 5.26 17.47 -11.07
N ASN H 90 4.23 18.31 -11.15
CA ASN H 90 3.65 19.03 -10.04
C ASN H 90 4.61 19.98 -9.41
N THR H 91 5.50 20.57 -10.19
CA THR H 91 6.37 21.56 -9.63
C THR H 91 5.72 22.90 -9.94
N LEU H 92 5.65 23.73 -8.93
CA LEU H 92 5.05 25.05 -9.05
C LEU H 92 5.99 26.14 -8.58
N GLY H 93 5.80 27.36 -9.05
CA GLY H 93 6.63 28.43 -8.52
C GLY H 93 6.31 29.85 -9.00
N THR H 94 7.08 30.79 -8.45
CA THR H 94 6.93 32.21 -8.73
C THR H 94 8.28 32.87 -9.04
N GLU H 95 8.31 33.72 -10.05
CA GLU H 95 9.53 34.45 -10.38
C GLU H 95 9.27 35.95 -10.45
N ILE H 96 10.13 36.74 -9.82
CA ILE H 96 9.98 38.19 -9.90
C ILE H 96 11.24 38.85 -10.42
N ALA H 97 11.10 39.58 -11.52
CA ALA H 97 12.26 40.25 -12.10
C ALA H 97 12.12 41.76 -11.99
N ILE H 98 13.24 42.41 -11.73
CA ILE H 98 13.38 43.84 -11.60
C ILE H 98 14.38 44.40 -12.62
N GLU H 99 13.96 45.33 -13.48
CA GLU H 99 14.90 45.86 -14.48
C GLU H 99 15.01 47.39 -14.45
N ASP H 100 16.24 47.88 -14.25
CA ASP H 100 16.58 49.32 -14.22
C ASP H 100 15.90 50.09 -13.09
N GLN H 101 15.42 49.38 -12.08
CA GLN H 101 14.74 49.99 -10.94
C GLN H 101 15.72 50.51 -9.92
N ILE H 102 16.86 49.82 -9.78
CA ILE H 102 17.87 50.16 -8.79
C ILE H 102 18.80 51.16 -9.44
N CYS H 103 19.41 50.76 -10.55
CA CYS H 103 20.29 51.61 -11.35
C CYS H 103 20.21 51.09 -12.78
N GLN H 104 20.58 51.93 -13.73
CA GLN H 104 20.54 51.52 -15.13
C GLN H 104 21.47 50.38 -15.44
N GLY H 105 20.96 49.43 -16.20
CA GLY H 105 21.74 48.28 -16.60
C GLY H 105 21.70 47.17 -15.55
N LEU H 106 20.96 47.36 -14.45
CA LEU H 106 20.90 46.33 -13.43
C LEU H 106 19.61 45.53 -13.51
N LYS H 107 19.77 44.21 -13.50
CA LYS H 107 18.67 43.28 -13.49
C LYS H 107 18.77 42.34 -12.29
N LEU H 108 17.69 42.27 -11.53
CA LEU H 108 17.61 41.42 -10.34
C LEU H 108 16.42 40.46 -10.44
N THR H 109 16.65 39.16 -10.24
CA THR H 109 15.55 38.21 -10.32
C THR H 109 15.46 37.22 -9.15
N PHE H 110 14.26 37.06 -8.63
CA PHE H 110 13.99 36.12 -7.56
C PHE H 110 13.17 34.93 -8.05
N ASP H 111 13.70 33.72 -7.93
CA ASP H 111 13.04 32.49 -8.42
C ASP H 111 12.71 31.48 -7.31
N THR H 112 11.42 31.34 -6.93
CA THR H 112 11.06 30.41 -5.85
C THR H 112 10.22 29.23 -6.38
N THR H 113 10.69 28.01 -6.08
CA THR H 113 10.06 26.78 -6.55
C THR H 113 9.68 25.80 -5.41
N PHE H 114 8.51 25.18 -5.57
CA PHE H 114 8.01 24.19 -4.62
C PHE H 114 7.54 22.92 -5.31
N SER H 115 7.87 21.76 -4.73
CA SER H 115 7.39 20.51 -5.30
C SER H 115 6.74 19.59 -4.25
N PRO H 116 5.38 19.52 -4.20
CA PRO H 116 4.55 18.74 -3.29
C PRO H 116 4.86 17.23 -3.37
N ASN H 117 5.53 16.80 -4.44
CA ASN H 117 5.91 15.39 -4.62
C ASN H 117 6.75 14.93 -3.43
N THR H 118 7.49 15.90 -2.84
CA THR H 118 8.37 15.66 -1.72
C THR H 118 8.14 16.70 -0.64
N GLY H 119 7.54 17.83 -1.04
CA GLY H 119 7.32 18.98 -0.17
C GLY H 119 8.51 19.93 -0.16
N LYS H 120 9.50 19.63 -0.99
CA LYS H 120 10.72 20.42 -1.12
C LYS H 120 10.51 21.85 -1.61
N LYS H 121 11.21 22.79 -0.99
CA LYS H 121 11.18 24.18 -1.41
C LYS H 121 12.61 24.63 -1.65
N SER H 122 12.83 25.34 -2.75
CA SER H 122 14.16 25.84 -3.10
C SER H 122 14.06 27.06 -4.01
N GLY H 123 15.18 27.71 -4.29
CA GLY H 123 15.10 28.85 -5.20
C GLY H 123 16.45 29.48 -5.54
N LYS H 124 16.38 30.52 -6.35
CA LYS H 124 17.57 31.22 -6.82
C LYS H 124 17.42 32.73 -6.77
N ILE H 125 18.53 33.41 -6.54
CA ILE H 125 18.54 34.86 -6.66
C ILE H 125 19.57 35.23 -7.69
N LYS H 126 19.16 35.95 -8.71
CA LYS H 126 20.06 36.31 -9.78
C LYS H 126 20.32 37.80 -9.85
N SER H 127 21.54 38.17 -10.18
CA SER H 127 21.92 39.57 -10.36
C SER H 127 22.84 39.76 -11.57
N SER H 128 22.47 40.69 -12.45
CA SER H 128 23.23 40.95 -13.67
C SER H 128 23.35 42.42 -14.02
N TYR H 129 24.59 42.86 -14.25
CA TYR H 129 24.92 44.25 -14.55
C TYR H 129 25.48 44.44 -15.96
N LYS H 130 24.81 45.29 -16.74
CA LYS H 130 25.25 45.61 -18.10
C LYS H 130 25.78 47.02 -18.19
N ARG H 131 27.00 47.17 -18.67
CA ARG H 131 27.62 48.48 -18.82
C ARG H 131 28.48 48.54 -20.06
N GLU H 132 28.97 49.72 -20.39
CA GLU H 132 29.84 49.79 -21.55
C GLU H 132 30.99 48.79 -21.39
N CYS H 133 31.20 47.94 -22.40
CA CYS H 133 32.24 46.92 -22.47
C CYS H 133 32.31 45.89 -21.33
N VAL H 134 31.30 45.80 -20.45
CA VAL H 134 31.30 44.78 -19.41
C VAL H 134 29.89 44.19 -19.16
N ASN H 135 29.82 42.88 -18.96
CA ASN H 135 28.58 42.19 -18.62
C ASN H 135 28.91 41.21 -17.47
N LEU H 136 28.52 41.56 -16.26
CA LEU H 136 28.88 40.75 -15.09
C LEU H 136 27.70 40.37 -14.23
N GLY H 137 27.82 39.28 -13.48
CA GLY H 137 26.72 38.93 -12.60
C GLY H 137 26.97 37.67 -11.79
N CYS H 138 25.90 37.25 -11.11
CA CYS H 138 25.95 36.06 -10.27
C CYS H 138 24.59 35.48 -9.91
N ASP H 139 24.48 34.16 -10.02
CA ASP H 139 23.29 33.44 -9.61
C ASP H 139 23.57 32.69 -8.30
N VAL H 140 22.74 32.86 -7.29
CA VAL H 140 22.96 32.10 -6.06
C VAL H 140 21.81 31.12 -5.87
N ASP H 141 22.17 29.84 -5.80
CA ASP H 141 21.24 28.72 -5.70
C ASP H 141 21.05 28.28 -4.25
N PHE H 142 19.86 28.49 -3.71
CA PHE H 142 19.56 28.20 -2.32
C PHE H 142 18.78 26.88 -2.22
N ASP H 143 19.41 25.90 -1.58
CA ASP H 143 18.84 24.56 -1.45
C ASP H 143 19.33 23.90 -0.17
N PHE H 144 18.88 22.68 0.07
CA PHE H 144 19.31 21.94 1.23
C PHE H 144 20.81 21.78 1.19
N ALA H 145 21.48 22.11 2.28
CA ALA H 145 22.92 21.99 2.36
C ALA H 145 23.66 22.75 1.24
N GLY H 146 23.10 23.88 0.83
CA GLY H 146 23.72 24.79 -0.10
C GLY H 146 24.08 26.03 0.71
N PRO H 147 24.09 27.23 0.11
CA PRO H 147 23.89 27.65 -1.25
C PRO H 147 25.07 27.42 -2.18
N ALA H 148 24.81 27.44 -3.47
CA ALA H 148 25.90 27.47 -4.45
C ALA H 148 25.95 28.83 -5.10
N ILE H 149 27.15 29.29 -5.39
CA ILE H 149 27.34 30.59 -5.99
C ILE H 149 27.91 30.48 -7.38
N HIS H 150 27.20 31.02 -8.37
CA HIS H 150 27.64 30.92 -9.76
C HIS H 150 27.94 32.32 -10.32
N GLY H 151 29.21 32.70 -10.31
CA GLY H 151 29.60 34.05 -10.73
C GLY H 151 30.11 34.09 -12.17
N SER H 152 30.00 35.23 -12.83
CA SER H 152 30.57 35.33 -14.18
C SER H 152 30.82 36.75 -14.63
N ALA H 153 31.69 36.89 -15.62
CA ALA H 153 31.88 38.18 -16.23
C ALA H 153 32.53 38.07 -17.59
N VAL H 154 32.05 38.94 -18.47
CA VAL H 154 32.54 39.12 -19.82
C VAL H 154 32.89 40.58 -20.05
N PHE H 155 34.00 40.80 -20.69
CA PHE H 155 34.41 42.13 -21.00
C PHE H 155 34.97 42.18 -22.40
N GLY H 156 35.06 43.38 -22.96
CA GLY H 156 35.64 43.41 -24.28
C GLY H 156 36.12 44.76 -24.76
N TYR H 157 36.63 44.73 -25.99
CA TYR H 157 37.19 45.92 -26.63
C TYR H 157 37.34 45.76 -28.14
N GLU H 158 36.80 46.69 -28.92
CA GLU H 158 36.90 46.66 -30.39
C GLU H 158 36.53 45.32 -31.02
N GLY H 159 35.47 44.69 -30.52
CA GLY H 159 34.98 43.41 -31.03
C GLY H 159 35.57 42.21 -30.30
N TRP H 160 36.62 42.40 -29.51
CA TRP H 160 37.23 41.29 -28.82
C TRP H 160 36.54 41.02 -27.50
N LEU H 161 36.33 39.75 -27.19
CA LEU H 161 35.72 39.34 -25.94
C LEU H 161 36.57 38.40 -25.11
N ALA H 162 36.40 38.49 -23.81
CA ALA H 162 36.99 37.54 -22.90
C ALA H 162 36.16 37.46 -21.63
N GLY H 163 36.23 36.33 -20.94
CA GLY H 163 35.51 36.23 -19.69
C GLY H 163 35.69 34.92 -18.95
N TYR H 164 34.95 34.81 -17.85
CA TYR H 164 35.00 33.64 -16.99
C TYR H 164 33.67 33.33 -16.34
N GLN H 165 33.60 32.12 -15.80
CA GLN H 165 32.46 31.65 -15.03
C GLN H 165 32.92 30.71 -13.91
N MET H 166 32.47 30.96 -12.68
CA MET H 166 32.89 30.10 -11.59
C MET H 166 31.76 29.68 -10.67
N THR H 167 31.78 28.41 -10.27
CA THR H 167 30.79 27.90 -9.34
C THR H 167 31.46 27.48 -8.06
N PHE H 168 30.91 27.97 -6.95
CA PHE H 168 31.40 27.67 -5.62
C PHE H 168 30.32 26.98 -4.81
N ASP H 169 30.75 26.09 -3.92
CA ASP H 169 29.85 25.42 -3.00
C ASP H 169 30.09 25.91 -1.57
N SER H 170 29.17 26.73 -1.04
CA SER H 170 29.35 27.39 0.25
C SER H 170 29.28 26.43 1.42
N ALA H 171 28.83 25.20 1.18
CA ALA H 171 28.77 24.24 2.26
C ALA H 171 30.15 23.59 2.44
N LYS H 172 31.06 23.86 1.50
CA LYS H 172 32.40 23.31 1.53
C LYS H 172 33.39 24.46 1.60
N SER H 173 32.97 25.61 1.06
CA SER H 173 33.78 26.81 0.85
C SER H 173 34.89 26.52 -0.14
N LYS H 174 34.49 25.84 -1.21
CA LYS H 174 35.39 25.43 -2.29
C LYS H 174 34.87 25.81 -3.68
N LEU H 175 35.78 26.02 -4.61
CA LEU H 175 35.41 26.20 -6.00
C LEU H 175 35.19 24.82 -6.59
N THR H 176 34.12 24.64 -7.35
CA THR H 176 33.84 23.35 -7.95
C THR H 176 33.97 23.38 -9.47
N ARG H 177 33.80 24.58 -10.07
CA ARG H 177 33.91 24.75 -11.53
C ARG H 177 34.57 26.09 -11.87
N ASN H 178 35.47 26.10 -12.85
CA ASN H 178 36.10 27.35 -13.31
C ASN H 178 36.29 27.34 -14.84
N ASN H 179 35.41 28.06 -15.52
CA ASN H 179 35.39 28.09 -16.98
C ASN H 179 35.99 29.40 -17.48
N PHE H 180 36.67 29.34 -18.63
CA PHE H 180 37.19 30.56 -19.26
C PHE H 180 36.89 30.60 -20.74
N ALA H 181 36.78 31.81 -21.29
CA ALA H 181 36.56 31.93 -22.72
C ALA H 181 37.11 33.22 -23.31
N VAL H 182 37.45 33.13 -24.59
CA VAL H 182 37.89 34.24 -25.41
C VAL H 182 37.17 34.24 -26.76
N GLY H 183 37.16 35.37 -27.44
CA GLY H 183 36.58 35.38 -28.77
C GLY H 183 36.57 36.74 -29.45
N TYR H 184 35.88 36.79 -30.58
CA TYR H 184 35.73 37.99 -31.39
C TYR H 184 34.36 38.04 -32.02
N ARG H 185 33.73 39.21 -32.02
CA ARG H 185 32.45 39.29 -32.70
C ARG H 185 32.25 40.54 -33.54
N THR H 186 31.60 40.32 -34.65
CA THR H 186 31.10 41.38 -35.50
C THR H 186 29.76 40.98 -36.09
N GLY H 187 29.26 41.81 -37.00
CA GLY H 187 27.95 41.57 -37.63
C GLY H 187 27.93 40.33 -38.53
N ASP H 188 29.05 40.11 -39.22
CA ASP H 188 29.19 39.03 -40.20
C ASP H 188 29.66 37.71 -39.60
N PHE H 189 30.44 37.76 -38.54
CA PHE H 189 30.93 36.51 -37.98
C PHE H 189 31.28 36.61 -36.52
N GLN H 190 31.35 35.45 -35.87
CA GLN H 190 31.80 35.38 -34.50
C GLN H 190 32.72 34.17 -34.29
N LEU H 191 33.76 34.39 -33.50
CA LEU H 191 34.73 33.37 -33.19
C LEU H 191 34.84 33.15 -31.69
N HIS H 192 34.67 31.92 -31.24
CA HIS H 192 34.76 31.66 -29.79
C HIS H 192 35.57 30.42 -29.45
N THR H 193 36.38 30.55 -28.40
CA THR H 193 37.17 29.44 -27.83
C THR H 193 36.99 29.40 -26.32
N ASN H 194 36.87 28.21 -25.75
CA ASN H 194 36.75 28.11 -24.31
C ASN H 194 37.35 26.85 -23.70
N VAL H 195 37.43 26.89 -22.37
CA VAL H 195 37.89 25.78 -21.55
C VAL H 195 37.10 25.62 -20.27
N ASN H 196 36.78 24.37 -19.93
CA ASN H 196 36.10 24.08 -18.69
C ASN H 196 37.01 23.26 -17.74
N ASP H 197 37.41 23.89 -16.62
CA ASP H 197 38.25 23.30 -15.59
C ASP H 197 39.64 22.84 -16.03
N GLY H 198 40.09 23.35 -17.16
CA GLY H 198 41.41 23.02 -17.68
C GLY H 198 41.45 21.68 -18.41
N THR H 199 40.29 21.01 -18.52
CA THR H 199 40.23 19.70 -19.15
C THR H 199 39.41 19.67 -20.42
N GLU H 200 38.23 20.26 -20.40
CA GLU H 200 37.40 20.21 -21.59
C GLU H 200 37.59 21.47 -22.41
N PHE H 201 37.93 21.30 -23.67
CA PHE H 201 38.20 22.44 -24.52
C PHE H 201 37.31 22.44 -25.74
N GLY H 202 37.03 23.62 -26.27
CA GLY H 202 36.26 23.68 -27.50
C GLY H 202 36.08 25.08 -28.01
N GLY H 203 35.23 25.20 -29.01
CA GLY H 203 35.00 26.49 -29.62
C GLY H 203 34.03 26.41 -30.79
N SER H 204 33.77 27.56 -31.38
CA SER H 204 32.85 27.63 -32.49
C SER H 204 33.07 28.81 -33.41
N ILE H 205 32.62 28.64 -34.64
CA ILE H 205 32.63 29.66 -35.66
C ILE H 205 31.25 29.94 -36.20
N TYR H 206 30.85 31.19 -36.20
CA TYR H 206 29.58 31.64 -36.78
C TYR H 206 29.92 32.47 -37.99
N GLN H 207 29.28 32.22 -39.12
CA GLN H 207 29.55 33.03 -40.30
C GLN H 207 28.33 33.30 -41.17
N LYS H 208 28.10 34.57 -41.51
CA LYS H 208 27.06 34.92 -42.47
C LYS H 208 27.70 34.69 -43.82
N VAL H 209 27.01 34.00 -44.71
CA VAL H 209 27.61 33.71 -46.00
C VAL H 209 26.89 34.49 -47.07
N CYS H 210 25.59 34.42 -47.05
CA CYS H 210 24.78 35.08 -48.04
C CYS H 210 23.65 35.64 -47.27
N GLU H 211 22.85 36.48 -47.90
CA GLU H 211 21.73 37.08 -47.18
C GLU H 211 20.75 36.05 -46.60
N ASP H 212 20.56 34.96 -47.31
CA ASP H 212 19.70 33.87 -46.93
C ASP H 212 20.46 32.69 -46.32
N LEU H 213 21.76 32.84 -46.00
CA LEU H 213 22.51 31.68 -45.51
C LEU H 213 23.44 31.96 -44.32
N ASP H 214 23.14 31.24 -43.23
CA ASP H 214 23.84 31.29 -41.95
C ASP H 214 24.56 29.96 -41.69
N THR H 215 25.89 29.97 -41.53
CA THR H 215 26.58 28.70 -41.30
C THR H 215 27.43 28.71 -40.02
N SER H 216 27.77 27.53 -39.52
CA SER H 216 28.64 27.44 -38.35
C SER H 216 29.42 26.12 -38.20
N VAL H 217 30.48 26.20 -37.39
CA VAL H 217 31.33 25.05 -37.09
C VAL H 217 31.54 24.90 -35.57
N ASN H 218 31.37 23.69 -35.05
CA ASN H 218 31.64 23.40 -33.63
C ASN H 218 32.86 22.50 -33.48
N LEU H 219 33.69 22.82 -32.49
CA LEU H 219 34.90 22.04 -32.17
C LEU H 219 34.93 21.65 -30.68
N ALA H 220 35.44 20.45 -30.36
CA ALA H 220 35.64 20.08 -28.96
C ALA H 220 36.72 19.00 -28.79
N TRP H 221 37.40 19.02 -27.64
CA TRP H 221 38.39 17.98 -27.34
C TRP H 221 38.64 17.83 -25.84
N THR H 222 39.18 16.66 -25.45
CA THR H 222 39.44 16.44 -24.01
C THR H 222 40.91 16.25 -23.63
N SER H 223 41.38 17.03 -22.66
CA SER H 223 42.76 16.92 -22.21
C SER H 223 43.08 15.54 -21.71
N GLY H 224 44.27 15.08 -22.05
CA GLY H 224 44.79 13.79 -21.67
C GLY H 224 44.58 12.77 -22.77
N THR H 225 43.76 13.09 -23.77
CA THR H 225 43.54 12.15 -24.84
C THR H 225 43.60 12.76 -26.22
N ASN H 226 43.43 11.90 -27.22
CA ASN H 226 43.48 12.31 -28.62
C ASN H 226 42.09 12.40 -29.22
N CYS H 227 41.08 12.36 -28.37
CA CYS H 227 39.71 12.43 -28.79
C CYS H 227 39.26 13.83 -29.11
N THR H 228 38.81 14.01 -30.34
CA THR H 228 38.30 15.28 -30.78
C THR H 228 36.93 15.03 -31.36
N ARG H 229 36.09 16.04 -31.30
CA ARG H 229 34.76 16.02 -31.84
C ARG H 229 34.53 17.30 -32.62
N PHE H 230 33.68 17.22 -33.62
CA PHE H 230 33.35 18.39 -34.39
C PHE H 230 32.10 18.24 -35.21
N GLY H 231 31.64 19.35 -35.75
CA GLY H 231 30.54 19.30 -36.68
C GLY H 231 30.29 20.63 -37.39
N ILE H 232 29.57 20.53 -38.50
CA ILE H 232 29.26 21.69 -39.33
C ILE H 232 27.75 21.80 -39.55
N ALA H 233 27.22 23.02 -39.47
CA ALA H 233 25.79 23.21 -39.65
C ALA H 233 25.45 24.44 -40.45
N ALA H 234 24.25 24.43 -41.02
CA ALA H 234 23.78 25.59 -41.76
C ALA H 234 22.27 25.72 -41.76
N LYS H 235 21.85 26.97 -41.92
CA LYS H 235 20.45 27.34 -42.04
C LYS H 235 20.25 28.21 -43.29
N TYR H 236 19.32 27.79 -44.13
CA TYR H 236 19.05 28.50 -45.37
C TYR H 236 17.61 28.99 -45.48
N GLN H 237 17.45 30.29 -45.73
CA GLN H 237 16.11 30.85 -45.88
C GLN H 237 15.68 30.60 -47.28
N LEU H 238 14.70 29.74 -47.42
CA LEU H 238 14.24 29.29 -48.71
C LEU H 238 13.38 30.38 -49.31
N ASP H 239 12.51 30.93 -48.46
CA ASP H 239 11.65 32.01 -48.87
C ASP H 239 11.22 32.72 -47.56
N PRO H 240 10.48 33.83 -47.59
CA PRO H 240 10.07 34.57 -46.40
C PRO H 240 9.28 33.73 -45.40
N THR H 241 8.67 32.63 -45.84
CA THR H 241 7.92 31.81 -44.93
C THR H 241 8.38 30.37 -44.96
N ALA H 242 9.68 30.14 -45.18
CA ALA H 242 10.20 28.79 -45.16
C ALA H 242 11.71 28.72 -45.04
N SER H 243 12.18 27.70 -44.33
CA SER H 243 13.62 27.50 -44.22
C SER H 243 14.02 26.06 -44.00
N ILE H 244 15.24 25.77 -44.38
CA ILE H 244 15.80 24.44 -44.20
C ILE H 244 17.09 24.50 -43.41
N SER H 245 17.39 23.44 -42.70
CA SER H 245 18.62 23.39 -41.95
C SER H 245 19.17 22.00 -41.93
N ALA H 246 20.47 21.91 -41.71
CA ALA H 246 21.10 20.62 -41.61
C ALA H 246 22.40 20.72 -40.85
N LYS H 247 22.83 19.59 -40.32
CA LYS H 247 24.10 19.53 -39.62
C LYS H 247 24.77 18.16 -39.67
N VAL H 248 26.09 18.16 -39.77
CA VAL H 248 26.82 16.89 -39.77
C VAL H 248 27.89 16.80 -38.66
N ASN H 249 27.74 15.77 -37.83
CA ASN H 249 28.64 15.44 -36.74
C ASN H 249 29.74 14.49 -37.22
N ASN H 250 30.96 14.66 -36.70
CA ASN H 250 32.11 13.80 -37.04
C ASN H 250 31.86 12.30 -36.80
N SER H 251 30.87 11.98 -35.98
CA SER H 251 30.49 10.62 -35.66
C SER H 251 29.50 10.04 -36.68
N SER H 252 29.37 10.73 -37.84
CA SER H 252 28.51 10.41 -38.98
C SER H 252 27.05 10.53 -38.64
N LEU H 253 26.73 11.58 -37.93
CA LEU H 253 25.34 11.82 -37.58
C LEU H 253 24.85 13.02 -38.36
N ILE H 254 23.84 12.81 -39.18
CA ILE H 254 23.35 13.89 -40.02
C ILE H 254 21.94 14.32 -39.66
N GLY H 255 21.83 15.56 -39.25
CA GLY H 255 20.55 16.11 -38.87
C GLY H 255 19.99 16.93 -40.01
N VAL H 256 18.68 16.88 -40.21
CA VAL H 256 18.02 17.71 -41.19
C VAL H 256 16.77 18.32 -40.58
N GLY H 257 16.31 19.43 -41.11
CA GLY H 257 15.05 20.00 -40.64
C GLY H 257 14.48 21.05 -41.57
N TYR H 258 13.18 21.27 -41.40
CA TYR H 258 12.43 22.24 -42.19
C TYR H 258 11.35 22.94 -41.37
N THR H 259 11.31 24.25 -41.53
CA THR H 259 10.30 25.07 -40.87
C THR H 259 9.51 25.85 -41.90
N GLN H 260 8.20 25.89 -41.71
CA GLN H 260 7.33 26.65 -42.57
C GLN H 260 6.31 27.47 -41.80
N THR H 261 6.14 28.70 -42.22
CA THR H 261 5.13 29.54 -41.62
C THR H 261 3.87 29.18 -42.39
N LEU H 262 2.84 28.81 -41.67
CA LEU H 262 1.62 28.38 -42.33
C LEU H 262 0.77 29.60 -42.53
N ARG H 263 0.79 30.45 -41.52
CA ARG H 263 0.04 31.69 -41.48
C ARG H 263 0.88 32.58 -40.57
N PRO H 264 0.89 33.90 -40.66
CA PRO H 264 1.66 34.71 -39.75
C PRO H 264 1.24 34.30 -38.35
N GLY H 265 2.14 34.08 -37.42
CA GLY H 265 1.71 33.64 -36.07
C GLY H 265 1.66 32.12 -35.93
N VAL H 266 1.73 31.38 -37.05
CA VAL H 266 1.67 29.93 -37.01
C VAL H 266 2.86 29.27 -37.70
N LYS H 267 3.68 28.52 -36.95
CA LYS H 267 4.86 27.88 -37.54
C LYS H 267 4.96 26.38 -37.27
N LEU H 268 5.23 25.64 -38.34
CA LEU H 268 5.36 24.19 -38.31
C LEU H 268 6.79 23.72 -38.61
N THR H 269 7.35 22.90 -37.71
CA THR H 269 8.70 22.37 -37.87
C THR H 269 8.80 20.85 -37.87
N LEU H 270 9.47 20.33 -38.88
CA LEU H 270 9.71 18.90 -38.99
C LEU H 270 11.21 18.63 -39.03
N SER H 271 11.64 17.52 -38.45
CA SER H 271 13.08 17.21 -38.49
C SER H 271 13.40 15.73 -38.35
N ALA H 272 14.63 15.35 -38.73
CA ALA H 272 15.06 13.97 -38.56
C ALA H 272 16.58 13.82 -38.44
N LEU H 273 16.97 12.72 -37.81
CA LEU H 273 18.38 12.39 -37.63
C LEU H 273 18.73 11.02 -38.16
N VAL H 274 19.77 10.96 -38.99
CA VAL H 274 20.19 9.68 -39.53
C VAL H 274 21.63 9.31 -39.11
N ASP H 275 21.78 8.06 -38.67
CA ASP H 275 23.04 7.44 -38.21
C ASP H 275 23.86 6.85 -39.32
N GLY H 276 24.73 7.62 -39.93
CA GLY H 276 25.42 7.09 -41.07
C GLY H 276 26.49 6.11 -40.63
N LYS H 277 26.90 5.20 -41.53
CA LYS H 277 26.40 5.01 -42.87
C LYS H 277 25.27 3.97 -42.88
N SER H 278 24.95 3.41 -41.71
CA SER H 278 23.96 2.34 -41.59
C SER H 278 22.51 2.84 -41.61
N ILE H 279 22.12 3.42 -42.74
CA ILE H 279 20.76 3.94 -42.90
C ILE H 279 20.02 3.39 -44.13
N ASN H 280 18.75 2.93 -43.95
CA ASN H 280 17.98 2.90 -42.68
C ASN H 280 18.14 1.55 -41.94
N ALA H 281 19.23 1.38 -41.20
CA ALA H 281 19.55 0.17 -40.48
C ALA H 281 20.26 0.59 -39.21
N GLY H 282 19.65 1.55 -38.51
CA GLY H 282 20.22 2.17 -37.32
C GLY H 282 19.17 3.03 -36.60
N GLY H 283 19.63 3.91 -35.70
CA GLY H 283 18.77 4.69 -34.80
C GLY H 283 18.13 5.92 -35.42
N HIS H 284 17.35 5.72 -36.45
CA HIS H 284 16.71 6.82 -37.17
C HIS H 284 15.72 7.53 -36.23
N LYS H 285 15.74 8.87 -36.19
CA LYS H 285 14.80 9.63 -35.34
C LYS H 285 14.08 10.71 -36.10
N LEU H 286 12.83 10.97 -35.74
CA LEU H 286 12.04 12.03 -36.35
C LEU H 286 11.47 12.96 -35.29
N GLY H 287 11.15 14.19 -35.68
CA GLY H 287 10.52 15.16 -34.78
C GLY H 287 9.47 16.02 -35.47
N LEU H 288 8.57 16.59 -34.66
CA LEU H 288 7.48 17.46 -35.12
C LEU H 288 7.12 18.54 -34.12
N ALA H 289 7.02 19.78 -34.57
CA ALA H 289 6.57 20.78 -33.63
C ALA H 289 5.68 21.83 -34.26
N LEU H 290 4.68 22.27 -33.52
CA LEU H 290 3.79 23.33 -34.02
C LEU H 290 3.69 24.42 -32.96
N GLU H 291 3.90 25.66 -33.38
CA GLU H 291 3.82 26.84 -32.52
C GLU H 291 2.80 27.86 -33.03
N LEU H 292 1.91 28.31 -32.13
CA LEU H 292 0.88 29.31 -32.45
C LEU H 292 0.88 30.48 -31.49
N GLU H 293 1.08 31.68 -32.02
CA GLU H 293 1.11 32.87 -31.19
C GLU H 293 0.00 33.88 -31.48
N ALA H 294 -0.77 34.16 -30.44
CA ALA H 294 -1.89 35.09 -30.47
C ALA H 294 -1.57 36.30 -29.60
N MET I 1 -15.53 32.80 -42.03
CA MET I 1 -15.13 31.44 -42.37
C MET I 1 -14.11 30.91 -41.36
N ALA I 2 -14.42 29.76 -40.77
CA ALA I 2 -13.51 29.13 -39.82
C ALA I 2 -12.21 28.79 -40.52
N SER I 3 -11.10 28.89 -39.81
CA SER I 3 -9.83 28.51 -40.39
C SER I 3 -9.74 27.00 -40.50
N TYR I 4 -8.81 26.53 -41.33
CA TYR I 4 -8.60 25.12 -41.50
C TYR I 4 -7.17 24.71 -41.26
N GLY I 5 -7.02 23.55 -40.62
CA GLY I 5 -5.70 22.95 -40.40
C GLY I 5 -5.46 21.81 -41.40
N GLN I 6 -6.47 21.57 -42.24
CA GLN I 6 -6.52 20.51 -43.24
C GLN I 6 -7.82 20.65 -44.00
N THR I 7 -7.85 20.27 -45.28
CA THR I 7 -9.10 20.37 -46.01
C THR I 7 -9.55 19.11 -46.69
N CYS I 8 -10.87 18.96 -46.71
CA CYS I 8 -11.49 17.84 -47.35
C CYS I 8 -12.90 18.22 -47.77
N PRO I 9 -13.45 17.57 -48.80
CA PRO I 9 -14.81 17.63 -49.31
C PRO I 9 -15.70 16.71 -48.52
N ARG I 10 -16.97 16.67 -48.89
CA ARG I 10 -17.85 15.70 -48.31
C ARG I 10 -17.63 14.35 -49.03
N PRO I 11 -17.93 13.21 -48.40
CA PRO I 11 -17.91 11.93 -49.04
C PRO I 11 -18.87 12.01 -50.27
N MET I 12 -18.56 11.34 -51.38
CA MET I 12 -17.45 10.39 -51.47
C MET I 12 -16.30 10.82 -52.40
N CYS I 13 -15.75 12.04 -52.19
CA CYS I 13 -14.55 12.46 -52.89
C CYS I 13 -13.33 12.11 -52.02
N ILE I 14 -13.62 11.55 -50.85
CA ILE I 14 -12.65 11.07 -49.88
C ILE I 14 -12.74 9.56 -49.96
N PRO I 15 -11.66 8.83 -50.25
CA PRO I 15 -11.63 7.40 -50.42
C PRO I 15 -11.79 6.68 -49.09
N PRO I 16 -12.15 5.39 -49.13
CA PRO I 16 -12.25 4.45 -48.03
C PRO I 16 -10.87 4.19 -47.46
N SER I 17 -10.78 3.72 -46.21
CA SER I 17 -9.46 3.38 -45.69
C SER I 17 -9.09 2.06 -46.32
N TYR I 18 -7.84 1.63 -46.20
CA TYR I 18 -7.45 0.35 -46.82
C TYR I 18 -8.40 -0.78 -46.39
N ALA I 19 -8.69 -0.81 -45.09
CA ALA I 19 -9.56 -1.82 -44.48
C ALA I 19 -11.00 -1.83 -45.04
N ASP I 20 -11.43 -0.71 -45.62
CA ASP I 20 -12.77 -0.57 -46.15
C ASP I 20 -12.84 -0.90 -47.64
N LEU I 21 -11.71 -1.24 -48.25
CA LEU I 21 -11.77 -1.54 -49.67
C LEU I 21 -12.55 -2.82 -49.84
N GLY I 22 -13.57 -2.80 -50.69
CA GLY I 22 -14.37 -4.00 -50.92
C GLY I 22 -15.47 -4.21 -49.88
N LYS I 23 -15.64 -3.25 -48.95
CA LYS I 23 -16.64 -3.44 -47.91
C LYS I 23 -18.03 -3.75 -48.40
N ALA I 24 -18.50 -3.09 -49.47
CA ALA I 24 -19.87 -3.35 -49.91
C ALA I 24 -20.08 -4.83 -50.33
N ALA I 25 -19.13 -5.38 -51.08
CA ALA I 25 -19.23 -6.79 -51.48
C ALA I 25 -19.16 -7.68 -50.25
N ARG I 26 -18.28 -7.32 -49.31
CA ARG I 26 -18.11 -8.11 -48.10
C ARG I 26 -19.38 -8.14 -47.29
N ASP I 27 -20.07 -7.00 -47.16
CA ASP I 27 -21.31 -6.98 -46.41
C ASP I 27 -22.35 -7.91 -47.00
N ILE I 28 -22.44 -8.02 -48.33
CA ILE I 28 -23.42 -8.96 -48.88
C ILE I 28 -23.10 -10.40 -48.42
N PHE I 29 -21.82 -10.77 -48.48
CA PHE I 29 -21.40 -12.11 -48.03
C PHE I 29 -21.46 -12.32 -46.49
N ASN I 30 -21.26 -11.28 -45.70
CA ASN I 30 -21.24 -11.43 -44.23
C ASN I 30 -22.54 -11.07 -43.49
N LYS I 31 -23.15 -9.95 -43.82
CA LYS I 31 -24.30 -9.51 -43.06
C LYS I 31 -25.50 -10.34 -43.38
N GLY I 32 -26.32 -10.60 -42.38
CA GLY I 32 -27.53 -11.38 -42.56
C GLY I 32 -27.30 -12.86 -42.24
N PHE I 33 -26.05 -13.27 -41.99
CA PHE I 33 -25.80 -14.67 -41.68
C PHE I 33 -25.17 -14.78 -40.29
N GLY I 34 -25.53 -15.84 -39.55
CA GLY I 34 -24.98 -16.11 -38.20
C GLY I 34 -24.81 -17.59 -37.92
N PHE I 35 -24.42 -18.36 -38.91
CA PHE I 35 -24.41 -19.81 -38.82
C PHE I 35 -23.61 -20.30 -37.64
N GLY I 36 -24.19 -21.20 -36.84
CA GLY I 36 -23.49 -21.78 -35.70
C GLY I 36 -23.63 -20.98 -34.42
N LEU I 37 -24.20 -19.78 -34.50
CA LEU I 37 -24.32 -19.00 -33.29
C LEU I 37 -25.69 -18.44 -32.98
N VAL I 38 -25.91 -18.20 -31.70
CA VAL I 38 -27.09 -17.46 -31.27
C VAL I 38 -26.60 -16.12 -30.71
N LYS I 39 -27.11 -15.02 -31.25
CA LYS I 39 -26.64 -13.71 -30.82
C LYS I 39 -27.76 -12.82 -30.31
N LEU I 40 -27.44 -12.04 -29.29
CA LEU I 40 -28.40 -11.14 -28.66
C LEU I 40 -27.84 -9.74 -28.47
N ASP I 41 -28.39 -8.78 -29.19
CA ASP I 41 -27.87 -7.41 -29.11
C ASP I 41 -28.86 -6.39 -28.57
N VAL I 42 -28.56 -5.85 -27.38
CA VAL I 42 -29.45 -4.86 -26.78
C VAL I 42 -28.75 -3.52 -26.77
N LYS I 43 -29.37 -2.53 -27.38
CA LYS I 43 -28.78 -1.21 -27.43
C LYS I 43 -29.76 -0.22 -26.86
N THR I 44 -29.28 0.68 -26.04
CA THR I 44 -30.13 1.68 -25.45
C THR I 44 -29.45 3.02 -25.46
N LYS I 45 -30.22 4.08 -25.41
CA LYS I 45 -29.61 5.36 -25.20
C LYS I 45 -30.36 6.20 -24.18
N SER I 46 -29.63 7.14 -23.60
CA SER I 46 -30.17 8.14 -22.73
C SER I 46 -29.87 9.54 -23.21
N CYS I 47 -30.83 10.43 -22.95
CA CYS I 47 -30.74 11.85 -23.30
C CYS I 47 -29.59 12.59 -22.64
N SER I 48 -28.91 11.93 -21.69
CA SER I 48 -27.75 12.52 -21.03
C SER I 48 -26.51 12.44 -21.93
N GLY I 49 -26.61 11.76 -23.09
CA GLY I 49 -25.48 11.66 -24.01
C GLY I 49 -24.70 10.37 -23.83
N VAL I 50 -25.36 9.37 -23.28
CA VAL I 50 -24.70 8.10 -23.08
C VAL I 50 -25.43 7.00 -23.80
N GLU I 51 -24.66 6.19 -24.49
CA GLU I 51 -25.21 5.06 -25.19
C GLU I 51 -24.71 3.79 -24.55
N PHE I 52 -25.55 2.79 -24.50
CA PHE I 52 -25.13 1.52 -23.94
C PHE I 52 -25.34 0.42 -24.95
N SER I 53 -24.47 -0.57 -24.92
CA SER I 53 -24.62 -1.70 -25.83
C SER I 53 -24.13 -3.00 -25.21
N THR I 54 -24.99 -4.00 -25.23
CA THR I 54 -24.64 -5.30 -24.68
C THR I 54 -24.85 -6.39 -25.73
N SER I 55 -23.83 -7.22 -25.93
CA SER I 55 -23.91 -8.24 -26.96
C SER I 55 -23.57 -9.62 -26.43
N GLY I 56 -24.56 -10.50 -26.47
CA GLY I 56 -24.43 -11.87 -26.01
C GLY I 56 -24.14 -12.79 -27.19
N SER I 57 -23.40 -13.89 -26.97
CA SER I 57 -23.15 -14.83 -28.08
C SER I 57 -22.88 -16.28 -27.65
N SER I 58 -23.60 -17.22 -28.27
CA SER I 58 -23.45 -18.66 -27.98
C SER I 58 -22.97 -19.42 -29.20
N ASN I 59 -21.80 -20.06 -29.08
CA ASN I 59 -21.20 -20.78 -30.21
C ASN I 59 -21.44 -22.29 -30.13
N THR I 60 -22.26 -22.79 -31.07
CA THR I 60 -22.71 -24.17 -31.11
C THR I 60 -21.59 -25.18 -31.20
N ASP I 61 -20.46 -24.77 -31.76
CA ASP I 61 -19.35 -25.65 -31.99
C ASP I 61 -18.35 -25.69 -30.84
N THR I 62 -18.65 -24.96 -29.76
CA THR I 62 -17.74 -24.99 -28.63
C THR I 62 -18.54 -25.23 -27.37
N GLY I 63 -19.83 -24.83 -27.40
CA GLY I 63 -20.73 -24.91 -26.26
C GLY I 63 -20.56 -23.72 -25.30
N LYS I 64 -19.67 -22.79 -25.66
CA LYS I 64 -19.38 -21.62 -24.85
C LYS I 64 -20.36 -20.50 -25.11
N VAL I 65 -20.73 -19.85 -24.04
CA VAL I 65 -21.60 -18.71 -24.11
C VAL I 65 -20.78 -17.53 -23.57
N THR I 66 -20.67 -16.47 -24.36
CA THR I 66 -19.89 -15.27 -24.07
C THR I 66 -20.67 -13.98 -24.25
N GLY I 67 -19.95 -12.86 -24.16
CA GLY I 67 -20.57 -11.55 -24.33
C GLY I 67 -19.68 -10.37 -23.91
N THR I 68 -20.09 -9.19 -24.39
CA THR I 68 -19.42 -7.91 -24.16
C THR I 68 -20.42 -6.80 -23.77
N LEU I 69 -20.02 -5.93 -22.86
CA LEU I 69 -20.83 -4.77 -22.50
C LEU I 69 -20.02 -3.49 -22.64
N GLU I 70 -20.60 -2.50 -23.33
CA GLU I 70 -19.96 -1.21 -23.52
C GLU I 70 -20.85 -0.02 -23.14
N THR I 71 -20.21 1.02 -22.64
CA THR I 71 -20.87 2.29 -22.36
C THR I 71 -20.11 3.42 -23.07
N LYS I 72 -20.82 4.23 -23.84
CA LYS I 72 -20.18 5.29 -24.60
C LYS I 72 -20.72 6.67 -24.27
N TYR I 73 -19.82 7.62 -24.07
CA TYR I 73 -20.21 8.98 -23.76
C TYR I 73 -19.80 9.91 -24.90
N LYS I 74 -20.76 10.65 -25.45
CA LYS I 74 -20.49 11.51 -26.60
C LYS I 74 -20.47 13.01 -26.32
N TRP I 75 -19.26 13.57 -26.29
CA TRP I 75 -19.09 14.98 -26.02
C TRP I 75 -19.15 15.72 -27.35
N CYS I 76 -20.37 15.90 -27.81
CA CYS I 76 -20.66 16.43 -29.14
C CYS I 76 -20.07 17.82 -29.36
N GLU I 77 -20.00 18.61 -28.29
CA GLU I 77 -19.46 19.96 -28.33
C GLU I 77 -17.93 20.03 -28.37
N TYR I 78 -17.28 18.89 -28.15
CA TYR I 78 -15.82 18.80 -28.09
C TYR I 78 -15.25 17.92 -29.20
N GLY I 79 -16.07 17.01 -29.75
CA GLY I 79 -15.58 16.05 -30.73
C GLY I 79 -14.90 14.91 -30.00
N LEU I 80 -15.33 14.64 -28.77
CA LEU I 80 -14.69 13.58 -28.00
C LEU I 80 -15.63 12.45 -27.62
N THR I 81 -15.17 11.22 -27.78
CA THR I 81 -15.97 10.06 -27.38
C THR I 81 -15.19 9.21 -26.39
N PHE I 82 -15.84 8.91 -25.27
CA PHE I 82 -15.23 8.13 -24.21
C PHE I 82 -15.96 6.80 -24.03
N THR I 83 -15.24 5.68 -24.14
CA THR I 83 -15.90 4.38 -24.02
C THR I 83 -15.34 3.51 -22.91
N GLU I 84 -16.24 2.93 -22.12
CA GLU I 84 -15.87 1.98 -21.08
C GLU I 84 -16.32 0.58 -21.57
N LYS I 85 -15.46 -0.42 -21.40
CA LYS I 85 -15.84 -1.77 -21.86
C LYS I 85 -15.44 -2.91 -20.93
N TRP I 86 -16.31 -3.94 -20.88
CA TRP I 86 -16.03 -5.17 -20.13
C TRP I 86 -16.49 -6.42 -20.89
N ASN I 87 -15.83 -7.56 -20.68
CA ASN I 87 -16.40 -8.78 -21.26
C ASN I 87 -16.27 -10.00 -20.35
N THR I 88 -16.79 -11.14 -20.82
CA THR I 88 -16.85 -12.39 -20.04
C THR I 88 -15.54 -13.05 -19.77
N ASP I 89 -14.49 -12.61 -20.42
CA ASP I 89 -13.19 -13.20 -20.21
C ASP I 89 -12.47 -12.32 -19.21
N ASN I 90 -13.23 -11.42 -18.58
CA ASN I 90 -12.75 -10.47 -17.61
C ASN I 90 -11.78 -9.49 -18.20
N THR I 91 -11.93 -9.15 -19.47
CA THR I 91 -11.08 -8.15 -20.02
C THR I 91 -11.84 -6.85 -19.92
N LEU I 92 -11.16 -5.82 -19.44
CA LEU I 92 -11.75 -4.51 -19.27
C LEU I 92 -10.93 -3.42 -19.96
N GLY I 93 -11.55 -2.31 -20.29
CA GLY I 93 -10.75 -1.24 -20.86
C GLY I 93 -11.47 0.07 -21.12
N THR I 94 -10.68 1.04 -21.60
CA THR I 94 -11.13 2.39 -21.91
C THR I 94 -10.65 2.86 -23.28
N GLU I 95 -11.54 3.50 -24.03
CA GLU I 95 -11.16 4.05 -25.32
C GLU I 95 -11.52 5.52 -25.43
N ILE I 96 -10.60 6.34 -25.90
CA ILE I 96 -10.90 7.76 -26.09
C ILE I 96 -10.64 8.19 -27.52
N ALA I 97 -11.67 8.71 -28.17
CA ALA I 97 -11.53 9.16 -29.55
C ALA I 97 -11.68 10.66 -29.65
N ILE I 98 -10.88 11.25 -30.53
CA ILE I 98 -10.84 12.66 -30.82
C ILE I 98 -11.12 12.93 -32.30
N GLU I 99 -12.16 13.71 -32.62
CA GLU I 99 -12.46 13.96 -34.04
C GLU I 99 -12.54 15.45 -34.40
N ASP I 100 -11.70 15.86 -35.36
CA ASP I 100 -11.61 17.24 -35.87
C ASP I 100 -11.19 18.27 -34.82
N GLN I 101 -10.59 17.81 -33.73
CA GLN I 101 -10.14 18.68 -32.65
C GLN I 101 -8.80 19.30 -32.95
N ILE I 102 -7.95 18.55 -33.67
CA ILE I 102 -6.61 18.99 -33.97
C ILE I 102 -6.68 19.76 -35.28
N CYS I 103 -7.16 19.10 -36.32
CA CYS I 103 -7.37 19.71 -37.63
C CYS I 103 -8.51 18.94 -38.30
N GLN I 104 -9.13 19.54 -39.28
CA GLN I 104 -10.23 18.88 -39.96
C GLN I 104 -9.82 17.62 -40.68
N GLY I 105 -10.64 16.59 -40.53
CA GLY I 105 -10.37 15.33 -41.17
C GLY I 105 -9.44 14.44 -40.34
N LEU I 106 -9.02 14.91 -39.17
CA LEU I 106 -8.13 14.10 -38.35
C LEU I 106 -8.86 13.42 -37.21
N LYS I 107 -8.63 12.11 -37.10
CA LYS I 107 -9.18 11.30 -36.03
C LYS I 107 -8.06 10.59 -35.26
N LEU I 108 -8.07 10.77 -33.96
CA LEU I 108 -7.08 10.16 -33.06
C LEU I 108 -7.76 9.31 -31.99
N THR I 109 -7.33 8.06 -31.82
CA THR I 109 -7.95 7.21 -30.81
C THR I 109 -6.97 6.48 -29.90
N PHE I 110 -7.24 6.52 -28.61
CA PHE I 110 -6.43 5.83 -27.61
C PHE I 110 -7.19 4.65 -27.01
N ASP I 111 -6.66 3.44 -27.15
CA ASP I 111 -7.31 2.21 -26.67
C ASP I 111 -6.51 1.45 -25.60
N THR I 112 -6.95 1.49 -24.33
CA THR I 112 -6.21 0.83 -23.24
C THR I 112 -7.00 -0.35 -22.67
N THR I 113 -6.36 -1.53 -22.64
CA THR I 113 -6.97 -2.77 -22.18
C THR I 113 -6.19 -3.48 -21.06
N PHE I 114 -6.94 -4.02 -20.10
CA PHE I 114 -6.37 -4.76 -18.98
C PHE I 114 -7.07 -6.09 -18.76
N SER I 115 -6.29 -7.15 -18.48
CA SER I 115 -6.90 -8.43 -18.19
C SER I 115 -6.36 -9.08 -16.91
N PRO I 116 -7.11 -9.02 -15.78
CA PRO I 116 -6.77 -9.54 -14.45
C PRO I 116 -6.51 -11.05 -14.48
N ASN I 117 -6.93 -11.73 -15.54
CA ASN I 117 -6.70 -13.18 -15.68
C ASN I 117 -5.20 -13.47 -15.61
N THR I 118 -4.39 -12.49 -16.04
CA THR I 118 -2.95 -12.57 -16.07
C THR I 118 -2.33 -11.33 -15.46
N GLY I 119 -3.12 -10.25 -15.41
CA GLY I 119 -2.68 -8.94 -14.94
C GLY I 119 -2.06 -8.11 -16.08
N LYS I 120 -2.11 -8.65 -17.29
CA LYS I 120 -1.57 -8.02 -18.48
C LYS I 120 -2.25 -6.69 -18.85
N LYS I 121 -1.43 -5.71 -19.22
CA LYS I 121 -1.93 -4.43 -19.69
C LYS I 121 -1.33 -4.16 -21.06
N SER I 122 -2.15 -3.69 -21.99
CA SER I 122 -1.70 -3.39 -23.36
C SER I 122 -2.61 -2.36 -24.01
N GLY I 123 -2.24 -1.87 -25.18
CA GLY I 123 -3.13 -0.93 -25.85
C GLY I 123 -2.68 -0.49 -27.23
N LYS I 124 -3.48 0.37 -27.84
CA LYS I 124 -3.22 0.86 -29.17
C LYS I 124 -3.43 2.37 -29.30
N ILE I 125 -2.66 2.98 -30.18
CA ILE I 125 -2.91 4.38 -30.52
C ILE I 125 -3.15 4.46 -32.01
N LYS I 126 -4.30 5.00 -32.38
CA LYS I 126 -4.66 5.07 -33.78
C LYS I 126 -4.72 6.49 -34.29
N SER I 127 -4.29 6.69 -35.53
CA SER I 127 -4.36 7.99 -36.19
C SER I 127 -4.81 7.86 -37.64
N SER I 128 -5.83 8.63 -38.02
CA SER I 128 -6.38 8.59 -39.37
C SER I 128 -6.74 9.96 -39.93
N TYR I 129 -6.25 10.22 -41.14
CA TYR I 129 -6.44 11.50 -41.83
C TYR I 129 -7.26 11.37 -43.11
N LYS I 130 -8.36 12.11 -43.19
CA LYS I 130 -9.23 12.13 -44.36
C LYS I 130 -9.13 13.45 -45.09
N ARG I 131 -8.81 13.39 -46.37
CA ARG I 131 -8.69 14.59 -47.20
C ARG I 131 -9.18 14.34 -48.60
N GLU I 132 -9.30 15.39 -49.38
CA GLU I 132 -9.72 15.16 -50.76
C GLU I 132 -8.80 14.12 -51.41
N CYS I 133 -9.41 13.08 -51.99
CA CYS I 133 -8.74 11.98 -52.69
C CYS I 133 -7.67 11.17 -51.92
N VAL I 134 -7.57 11.35 -50.58
CA VAL I 134 -6.61 10.54 -49.80
C VAL I 134 -7.19 10.13 -48.43
N ASN I 135 -6.94 8.90 -48.03
CA ASN I 135 -7.32 8.39 -46.71
C ASN I 135 -6.11 7.63 -46.15
N LEU I 136 -5.40 8.24 -45.20
CA LEU I 136 -4.17 7.63 -44.68
C LEU I 136 -4.14 7.53 -43.18
N GLY I 137 -3.36 6.61 -42.66
CA GLY I 137 -3.25 6.52 -41.20
C GLY I 137 -2.33 5.42 -40.71
N CYS I 138 -2.36 5.22 -39.39
CA CYS I 138 -1.55 4.22 -38.74
C CYS I 138 -2.00 3.85 -37.34
N ASP I 139 -2.02 2.54 -37.08
CA ASP I 139 -2.32 2.01 -35.75
C ASP I 139 -1.02 1.51 -35.10
N VAL I 140 -0.71 1.94 -33.89
CA VAL I 140 0.47 1.40 -33.24
C VAL I 140 0.04 0.58 -32.03
N ASP I 141 0.44 -0.68 -32.04
CA ASP I 141 0.09 -1.67 -31.03
C ASP I 141 1.19 -1.82 -29.98
N PHE I 142 0.89 -1.40 -28.76
CA PHE I 142 1.86 -1.39 -27.67
C PHE I 142 1.63 -2.59 -26.75
N ASP I 143 2.61 -3.49 -26.71
CA ASP I 143 2.51 -4.73 -25.94
C ASP I 143 3.90 -5.17 -25.48
N PHE I 144 3.96 -6.28 -24.76
CA PHE I 144 5.22 -6.82 -24.32
C PHE I 144 6.07 -7.12 -25.52
N ALA I 145 7.31 -6.64 -25.49
CA ALA I 145 8.25 -6.87 -26.59
C ALA I 145 7.70 -6.40 -27.95
N GLY I 146 6.93 -5.32 -27.93
CA GLY I 146 6.45 -4.66 -29.14
C GLY I 146 7.19 -3.33 -29.19
N PRO I 147 6.59 -2.27 -29.75
CA PRO I 147 5.33 -2.10 -30.44
C PRO I 147 5.32 -2.61 -31.87
N ALA I 148 4.12 -2.81 -32.41
CA ALA I 148 3.97 -3.07 -33.84
C ALA I 148 3.34 -1.86 -34.50
N ILE I 149 3.78 -1.58 -35.70
CA ILE I 149 3.27 -0.42 -36.44
C ILE I 149 2.50 -0.86 -37.67
N HIS I 150 1.24 -0.46 -37.76
CA HIS I 150 0.38 -0.85 -38.86
C HIS I 150 -0.02 0.38 -39.69
N GLY I 151 0.68 0.66 -40.78
CA GLY I 151 0.44 1.86 -41.58
C GLY I 151 -0.41 1.58 -42.80
N SER I 152 -1.12 2.57 -43.30
CA SER I 152 -1.88 2.36 -44.52
C SER I 152 -2.24 3.65 -45.25
N ALA I 153 -2.53 3.51 -46.54
CA ALA I 153 -3.05 4.64 -47.27
C ALA I 153 -3.74 4.23 -48.54
N VAL I 154 -4.82 4.95 -48.82
CA VAL I 154 -5.62 4.82 -50.02
C VAL I 154 -5.75 6.17 -50.68
N PHE I 155 -5.64 6.17 -51.99
CA PHE I 155 -5.78 7.38 -52.73
C PHE I 155 -6.57 7.12 -53.98
N GLY I 156 -7.10 8.17 -54.59
CA GLY I 156 -7.83 7.90 -55.81
C GLY I 156 -8.06 9.08 -56.72
N TYR I 157 -8.74 8.79 -57.82
CA TYR I 157 -9.04 9.78 -58.85
C TYR I 157 -10.15 9.31 -59.80
N GLU I 158 -11.18 10.12 -59.97
CA GLU I 158 -12.30 9.81 -60.88
C GLU I 158 -12.89 8.40 -60.70
N GLY I 159 -13.04 7.98 -59.46
CA GLY I 159 -13.61 6.68 -59.11
C GLY I 159 -12.55 5.59 -58.96
N TRP I 160 -11.33 5.84 -59.38
CA TRP I 160 -10.29 4.82 -59.28
C TRP I 160 -9.61 4.87 -57.93
N LEU I 161 -9.37 3.71 -57.35
CA LEU I 161 -8.68 3.59 -56.07
C LEU I 161 -7.42 2.76 -56.12
N ALA I 162 -6.48 3.11 -55.25
CA ALA I 162 -5.30 2.30 -55.04
C ALA I 162 -4.77 2.54 -53.65
N GLY I 163 -4.05 1.57 -53.10
CA GLY I 163 -3.47 1.76 -51.79
C GLY I 163 -2.64 0.61 -51.28
N TYR I 164 -2.19 0.77 -50.05
CA TYR I 164 -1.34 -0.21 -49.38
C TYR I 164 -1.57 -0.27 -47.89
N GLN I 165 -1.06 -1.34 -47.31
CA GLN I 165 -1.05 -1.56 -45.87
C GLN I 165 0.20 -2.30 -45.43
N MET I 166 0.90 -1.79 -44.42
CA MET I 166 2.11 -2.46 -43.97
C MET I 166 2.22 -2.60 -42.48
N THR I 167 2.69 -3.76 -42.03
CA THR I 167 2.90 -4.01 -40.62
C THR I 167 4.37 -4.22 -40.35
N PHE I 168 4.87 -3.48 -39.37
CA PHE I 168 6.26 -3.58 -38.95
C PHE I 168 6.36 -3.99 -37.50
N ASP I 169 7.41 -4.72 -37.17
CA ASP I 169 7.68 -5.13 -35.81
C ASP I 169 8.92 -4.40 -35.28
N SER I 170 8.70 -3.42 -34.40
CA SER I 170 9.78 -2.54 -33.92
C SER I 170 10.78 -3.26 -33.03
N ALA I 171 10.45 -4.46 -32.58
CA ALA I 171 11.37 -5.19 -31.74
C ALA I 171 12.40 -5.91 -32.63
N LYS I 172 12.17 -5.91 -33.95
CA LYS I 172 13.03 -6.56 -34.90
C LYS I 172 13.55 -5.50 -35.87
N SER I 173 12.76 -4.44 -36.04
CA SER I 173 12.94 -3.37 -37.04
C SER I 173 12.83 -3.95 -38.44
N LYS I 174 11.80 -4.79 -38.60
CA LYS I 174 11.51 -5.46 -39.85
C LYS I 174 10.05 -5.32 -40.29
N LEU I 175 9.83 -5.37 -41.61
CA LEU I 175 8.47 -5.43 -42.12
C LEU I 175 8.02 -6.87 -42.03
N THR I 176 6.80 -7.10 -41.56
CA THR I 176 6.29 -8.45 -41.46
C THR I 176 5.13 -8.71 -42.42
N ARG I 177 4.44 -7.65 -42.84
CA ARG I 177 3.32 -7.77 -43.80
C ARG I 177 3.29 -6.58 -44.76
N ASN I 178 3.05 -6.84 -46.04
CA ASN I 178 2.91 -5.76 -47.04
C ASN I 178 1.80 -6.07 -48.06
N ASN I 179 0.65 -5.42 -47.87
CA ASN I 179 -0.52 -5.67 -48.68
C ASN I 179 -0.71 -4.53 -49.69
N PHE I 180 -1.22 -4.87 -50.87
CA PHE I 180 -1.55 -3.84 -51.87
C PHE I 180 -2.92 -4.05 -52.48
N ALA I 181 -3.54 -2.97 -52.91
CA ALA I 181 -4.82 -3.11 -53.58
C ALA I 181 -5.11 -2.00 -54.58
N VAL I 182 -5.93 -2.37 -55.57
CA VAL I 182 -6.44 -1.47 -56.59
C VAL I 182 -7.93 -1.67 -56.78
N GLY I 183 -8.60 -0.69 -57.36
CA GLY I 183 -10.02 -0.88 -57.66
C GLY I 183 -10.71 0.32 -58.28
N TYR I 184 -12.03 0.20 -58.38
CA TYR I 184 -12.89 1.24 -58.93
C TYR I 184 -14.21 1.29 -58.20
N ARG I 185 -14.70 2.47 -57.90
CA ARG I 185 -16.01 2.54 -57.29
C ARG I 185 -16.93 3.62 -57.83
N THR I 186 -18.19 3.25 -57.90
CA THR I 186 -19.27 4.17 -58.17
C THR I 186 -20.49 3.78 -57.35
N GLY I 187 -21.60 4.46 -57.61
CA GLY I 187 -22.85 4.22 -56.88
C GLY I 187 -23.45 2.83 -57.16
N ASP I 188 -23.33 2.39 -58.40
CA ASP I 188 -23.91 1.15 -58.88
C ASP I 188 -23.02 -0.08 -58.68
N PHE I 189 -21.71 0.11 -58.71
CA PHE I 189 -20.85 -1.05 -58.56
C PHE I 189 -19.48 -0.71 -58.02
N GLN I 190 -18.81 -1.72 -57.50
CA GLN I 190 -17.42 -1.56 -57.08
C GLN I 190 -16.59 -2.79 -57.48
N LEU I 191 -15.37 -2.52 -57.91
CA LEU I 191 -14.45 -3.55 -58.32
C LEU I 191 -13.16 -3.47 -57.51
N HIS I 192 -12.76 -4.57 -56.90
CA HIS I 192 -11.53 -4.57 -56.10
C HIS I 192 -10.64 -5.77 -56.34
N THR I 193 -9.33 -5.53 -56.41
CA THR I 193 -8.30 -6.56 -56.52
C THR I 193 -7.20 -6.31 -55.50
N ASN I 194 -6.68 -7.35 -54.88
CA ASN I 194 -5.59 -7.16 -53.95
C ASN I 194 -4.61 -8.33 -53.85
N VAL I 195 -3.50 -8.05 -53.16
CA VAL I 195 -2.47 -9.01 -52.88
C VAL I 195 -1.89 -8.86 -51.47
N ASN I 196 -1.68 -9.98 -50.80
CA ASN I 196 -1.05 -9.98 -49.49
C ASN I 196 0.32 -10.67 -49.55
N ASP I 197 1.39 -9.88 -49.35
CA ASP I 197 2.78 -10.34 -49.33
C ASP I 197 3.28 -10.98 -50.61
N GLY I 198 2.60 -10.74 -51.70
CA GLY I 198 3.00 -11.28 -53.00
C GLY I 198 2.57 -12.73 -53.20
N THR I 199 1.87 -13.30 -52.21
CA THR I 199 1.47 -14.71 -52.27
C THR I 199 -0.03 -14.90 -52.34
N GLU I 200 -0.78 -14.21 -51.48
CA GLU I 200 -2.22 -14.42 -51.48
C GLU I 200 -2.88 -13.37 -52.33
N PHE I 201 -3.67 -13.80 -53.29
CA PHE I 201 -4.33 -12.87 -54.19
C PHE I 201 -5.83 -13.03 -54.18
N GLY I 202 -6.53 -11.95 -54.47
CA GLY I 202 -7.97 -12.07 -54.55
C GLY I 202 -8.63 -10.78 -54.95
N GLY I 203 -9.94 -10.76 -54.87
CA GLY I 203 -10.71 -9.60 -55.26
C GLY I 203 -12.20 -9.83 -55.13
N SER I 204 -12.95 -8.80 -55.46
CA SER I 204 -14.40 -8.86 -55.37
C SER I 204 -15.13 -7.89 -56.29
N ILE I 205 -16.36 -8.26 -56.58
CA ILE I 205 -17.28 -7.45 -57.37
C ILE I 205 -18.55 -7.16 -56.60
N TYR I 206 -18.92 -5.91 -56.51
CA TYR I 206 -20.17 -5.48 -55.91
C TYR I 206 -21.03 -4.92 -57.01
N GLN I 207 -22.28 -5.32 -57.10
CA GLN I 207 -23.16 -4.78 -58.13
C GLN I 207 -24.60 -4.58 -57.69
N LYS I 208 -25.14 -3.38 -57.94
CA LYS I 208 -26.56 -3.12 -57.71
C LYS I 208 -27.25 -3.68 -58.95
N VAL I 209 -28.29 -4.45 -58.77
CA VAL I 209 -28.93 -5.03 -59.93
C VAL I 209 -30.31 -4.41 -60.11
N CYS I 210 -31.04 -4.37 -59.04
CA CYS I 210 -32.37 -3.83 -59.07
C CYS I 210 -32.50 -3.04 -57.82
N GLU I 211 -33.55 -2.27 -57.69
CA GLU I 211 -33.70 -1.46 -56.49
C GLU I 211 -33.70 -2.26 -55.19
N ASP I 212 -34.27 -3.45 -55.25
CA ASP I 212 -34.36 -4.36 -54.14
C ASP I 212 -33.30 -5.47 -54.20
N LEU I 213 -32.30 -5.37 -55.08
CA LEU I 213 -31.34 -6.47 -55.19
C LEU I 213 -29.87 -6.07 -55.31
N ASP I 214 -29.11 -6.54 -54.32
CA ASP I 214 -27.67 -6.30 -54.17
C ASP I 214 -26.89 -7.61 -54.37
N THR I 215 -25.99 -7.69 -55.34
CA THR I 215 -25.26 -8.96 -55.53
C THR I 215 -23.74 -8.77 -55.49
N SER I 216 -23.01 -9.86 -55.27
CA SER I 216 -21.55 -9.79 -55.28
C SER I 216 -20.83 -11.12 -55.58
N VAL I 217 -19.57 -10.98 -55.99
CA VAL I 217 -18.70 -12.12 -56.28
C VAL I 217 -17.35 -12.00 -55.57
N ASN I 218 -16.90 -13.07 -54.92
CA ASN I 218 -15.58 -13.10 -54.28
C ASN I 218 -14.65 -14.06 -55.01
N LEU I 219 -13.39 -13.64 -55.17
CA LEU I 219 -12.35 -14.43 -55.81
C LEU I 219 -11.10 -14.54 -54.92
N ALA I 220 -10.41 -15.69 -54.94
CA ALA I 220 -9.13 -15.81 -54.23
C ALA I 220 -8.25 -16.91 -54.81
N TRP I 221 -6.93 -16.74 -54.70
CA TRP I 221 -6.00 -17.78 -55.14
C TRP I 221 -4.63 -17.67 -54.46
N THR I 222 -3.88 -18.77 -54.46
CA THR I 222 -2.55 -18.75 -53.81
C THR I 222 -1.36 -18.99 -54.75
N SER I 223 -0.39 -18.08 -54.72
CA SER I 223 0.79 -18.22 -55.54
C SER I 223 1.53 -19.50 -55.26
N GLY I 224 2.01 -20.12 -56.33
CA GLY I 224 2.75 -21.35 -56.30
C GLY I 224 1.85 -22.55 -56.58
N THR I 225 0.53 -22.35 -56.53
CA THR I 225 -0.35 -23.46 -56.79
C THR I 225 -1.48 -23.12 -57.74
N ASN I 226 -2.30 -24.14 -58.01
CA ASN I 226 -3.44 -24.02 -58.92
C ASN I 226 -4.76 -23.92 -58.16
N CYS I 227 -4.66 -23.71 -56.87
CA CYS I 227 -5.81 -23.60 -56.02
C CYS I 227 -6.47 -22.26 -56.08
N THR I 228 -7.74 -22.28 -56.47
CA THR I 228 -8.52 -21.08 -56.53
C THR I 228 -9.77 -21.31 -55.71
N ARG I 229 -10.32 -20.23 -55.19
CA ARG I 229 -11.54 -20.24 -54.42
C ARG I 229 -12.43 -19.13 -54.91
N PHE I 230 -13.72 -19.32 -54.78
CA PHE I 230 -14.66 -18.28 -55.17
C PHE I 230 -16.04 -18.49 -54.60
N GLY I 231 -16.85 -17.46 -54.74
CA GLY I 231 -18.25 -17.60 -54.38
C GLY I 231 -19.10 -16.42 -54.83
N ILE I 232 -20.40 -16.67 -54.85
CA ILE I 232 -21.38 -15.67 -55.28
C ILE I 232 -22.45 -15.46 -54.22
N ALA I 233 -22.82 -14.21 -53.97
CA ALA I 233 -23.83 -13.93 -52.95
C ALA I 233 -24.80 -12.85 -53.37
N ALA I 234 -25.96 -12.86 -52.72
CA ALA I 234 -26.95 -11.83 -52.98
C ALA I 234 -27.86 -11.57 -51.79
N LYS I 235 -28.37 -10.35 -51.76
CA LYS I 235 -29.33 -9.89 -50.78
C LYS I 235 -30.54 -9.27 -51.49
N TYR I 236 -31.72 -9.74 -51.14
CA TYR I 236 -32.94 -9.26 -51.76
C TYR I 236 -33.93 -8.68 -50.76
N GLN I 237 -34.36 -7.44 -51.00
CA GLN I 237 -35.32 -6.81 -50.11
C GLN I 237 -36.68 -7.28 -50.52
N LEU I 238 -37.29 -8.07 -49.66
CA LEU I 238 -38.54 -8.72 -49.94
C LEU I 238 -39.64 -7.68 -49.79
N ASP I 239 -39.53 -6.92 -48.71
CA ASP I 239 -40.48 -5.86 -48.44
C ASP I 239 -39.75 -4.89 -47.48
N PRO I 240 -40.33 -3.73 -47.11
CA PRO I 240 -39.70 -2.76 -46.24
C PRO I 240 -39.28 -3.31 -44.88
N THR I 241 -39.87 -4.43 -44.44
CA THR I 241 -39.49 -4.98 -43.17
C THR I 241 -39.11 -6.44 -43.29
N ALA I 242 -38.49 -6.81 -44.43
CA ALA I 242 -38.02 -8.19 -44.58
C ALA I 242 -37.02 -8.36 -45.72
N SER I 243 -36.07 -9.25 -45.51
CA SER I 243 -35.12 -9.56 -46.56
C SER I 243 -34.55 -10.95 -46.50
N ILE I 244 -34.11 -11.42 -47.65
CA ILE I 244 -33.49 -12.74 -47.76
C ILE I 244 -32.10 -12.64 -48.35
N SER I 245 -31.26 -13.56 -47.98
CA SER I 245 -29.93 -13.58 -48.55
C SER I 245 -29.44 -14.99 -48.71
N ALA I 246 -28.50 -15.14 -49.62
CA ALA I 246 -27.90 -16.43 -49.85
C ALA I 246 -26.54 -16.29 -50.48
N LYS I 247 -25.74 -17.34 -50.31
CA LYS I 247 -24.42 -17.38 -50.92
C LYS I 247 -23.93 -18.79 -51.24
N VAL I 248 -23.22 -18.92 -52.36
CA VAL I 248 -22.66 -20.22 -52.70
C VAL I 248 -21.15 -20.19 -52.92
N ASN I 249 -20.46 -21.02 -52.14
CA ASN I 249 -19.01 -21.21 -52.19
C ASN I 249 -18.65 -22.33 -53.17
N ASN I 250 -17.53 -22.18 -53.89
CA ASN I 250 -17.03 -23.18 -54.84
C ASN I 250 -16.84 -24.57 -54.24
N SER I 251 -16.73 -24.65 -52.92
CA SER I 251 -16.55 -25.89 -52.18
C SER I 251 -17.90 -26.56 -51.86
N SER I 252 -18.97 -26.09 -52.54
CA SER I 252 -20.36 -26.55 -52.44
C SER I 252 -20.96 -26.25 -51.10
N LEU I 253 -20.68 -25.05 -50.63
CA LEU I 253 -21.26 -24.63 -49.36
C LEU I 253 -22.29 -23.57 -49.62
N ILE I 254 -23.53 -23.85 -49.24
CA ILE I 254 -24.60 -22.90 -49.52
C ILE I 254 -25.18 -22.30 -48.26
N GLY I 255 -25.05 -21.00 -48.16
CA GLY I 255 -25.57 -20.27 -47.02
C GLY I 255 -26.89 -19.64 -47.37
N VAL I 256 -27.81 -19.62 -46.42
CA VAL I 256 -29.08 -18.93 -46.60
C VAL I 256 -29.39 -18.11 -45.36
N GLY I 257 -30.20 -17.09 -45.50
CA GLY I 257 -30.63 -16.34 -44.32
C GLY I 257 -31.82 -15.44 -44.57
N TYR I 258 -32.48 -15.07 -43.49
CA TYR I 258 -33.64 -14.21 -43.49
C TYR I 258 -33.71 -13.28 -42.31
N THR I 259 -33.99 -12.02 -42.59
CA THR I 259 -34.14 -11.01 -41.55
C THR I 259 -35.52 -10.37 -41.64
N GLN I 260 -36.13 -10.19 -40.49
CA GLN I 260 -37.43 -9.52 -40.43
C GLN I 260 -37.49 -8.51 -39.32
N THR I 261 -38.06 -7.35 -39.64
CA THR I 261 -38.26 -6.33 -38.63
C THR I 261 -39.57 -6.73 -38.00
N LEU I 262 -39.57 -6.86 -36.70
CA LEU I 262 -40.77 -7.30 -36.01
C LEU I 262 -41.56 -6.08 -35.66
N ARG I 263 -40.84 -5.05 -35.27
CA ARG I 263 -41.37 -3.76 -34.87
C ARG I 263 -40.24 -2.80 -35.17
N PRO I 264 -40.44 -1.52 -35.49
CA PRO I 264 -39.33 -0.62 -35.73
C PRO I 264 -38.43 -0.72 -34.53
N GLY I 265 -37.13 -0.84 -34.68
CA GLY I 265 -36.26 -0.97 -33.49
C GLY I 265 -36.02 -2.43 -33.09
N VAL I 266 -36.79 -3.36 -33.65
CA VAL I 266 -36.65 -4.77 -33.31
C VAL I 266 -36.43 -5.66 -34.55
N LYS I 267 -35.27 -6.32 -34.64
CA LYS I 267 -34.98 -7.16 -35.81
C LYS I 267 -34.55 -8.58 -35.46
N LEU I 268 -35.17 -9.53 -36.16
CA LEU I 268 -34.91 -10.95 -35.98
C LEU I 268 -34.25 -11.60 -37.20
N THR I 269 -33.13 -12.27 -36.99
CA THR I 269 -32.40 -12.93 -38.08
C THR I 269 -32.19 -14.43 -37.88
N LEU I 270 -32.54 -15.19 -38.90
CA LEU I 270 -32.34 -16.63 -38.90
C LEU I 270 -31.46 -17.03 -40.07
N SER I 271 -30.63 -18.05 -39.89
CA SER I 271 -29.79 -18.48 -41.01
C SER I 271 -29.32 -19.93 -40.91
N ALA I 272 -28.86 -20.47 -42.04
CA ALA I 272 -28.33 -21.83 -42.05
C ALA I 272 -27.32 -22.08 -43.17
N LEU I 273 -26.47 -23.08 -42.94
CA LEU I 273 -25.46 -23.49 -43.90
C LEU I 273 -25.54 -24.96 -44.23
N VAL I 274 -25.59 -25.26 -45.53
CA VAL I 274 -25.63 -26.66 -45.95
C VAL I 274 -24.41 -27.06 -46.78
N ASP I 275 -23.84 -28.21 -46.43
CA ASP I 275 -22.66 -28.84 -47.06
C ASP I 275 -23.00 -29.70 -48.26
N GLY I 276 -23.06 -29.15 -49.44
CA GLY I 276 -23.52 -29.94 -50.54
C GLY I 276 -22.42 -30.90 -50.97
N LYS I 277 -22.79 -32.00 -51.65
CA LYS I 277 -24.16 -32.40 -51.97
C LYS I 277 -24.72 -33.32 -50.88
N SER I 278 -23.92 -33.61 -49.86
CA SER I 278 -24.29 -34.55 -48.80
C SER I 278 -25.22 -33.95 -47.74
N ILE I 279 -26.42 -33.55 -48.16
CA ILE I 279 -27.40 -32.96 -47.27
C ILE I 279 -28.75 -33.67 -47.27
N ASN I 280 -29.31 -33.97 -46.07
CA ASN I 280 -28.76 -33.70 -44.73
C ASN I 280 -27.93 -34.89 -44.19
N ALA I 281 -26.67 -35.00 -44.61
CA ALA I 281 -25.77 -36.08 -44.24
C ALA I 281 -24.39 -35.49 -44.16
N GLY I 282 -24.29 -34.37 -43.45
CA GLY I 282 -23.07 -33.58 -43.35
C GLY I 282 -23.18 -32.52 -42.25
N GLY I 283 -22.30 -31.51 -42.27
CA GLY I 283 -22.17 -30.51 -41.21
C GLY I 283 -23.16 -29.36 -41.26
N HIS I 284 -24.44 -29.69 -41.19
CA HIS I 284 -25.50 -28.70 -41.28
C HIS I 284 -25.40 -27.74 -40.09
N LYS I 285 -25.50 -26.42 -40.32
CA LYS I 285 -25.45 -25.44 -39.23
C LYS I 285 -26.60 -24.46 -39.28
N LEU I 286 -27.08 -24.04 -38.11
CA LEU I 286 -28.14 -23.04 -38.02
C LEU I 286 -27.72 -21.88 -37.14
N GLY I 287 -28.35 -20.73 -37.32
CA GLY I 287 -28.10 -19.56 -36.47
C GLY I 287 -29.37 -18.76 -36.18
N LEU I 288 -29.30 -17.96 -35.11
CA LEU I 288 -30.41 -17.10 -34.64
C LEU I 288 -29.93 -15.83 -33.99
N ALA I 289 -30.48 -14.70 -34.38
CA ALA I 289 -30.10 -13.50 -33.67
C ALA I 289 -31.24 -12.51 -33.51
N LEU I 290 -31.28 -11.85 -32.36
CA LEU I 290 -32.31 -10.84 -32.12
C LEU I 290 -31.64 -9.56 -31.63
N GLU I 291 -31.98 -8.45 -32.27
CA GLU I 291 -31.46 -7.13 -31.94
C GLU I 291 -32.58 -6.13 -31.59
N LEU I 292 -32.43 -5.46 -30.44
CA LEU I 292 -33.40 -4.44 -29.99
C LEU I 292 -32.75 -3.12 -29.65
N GLU I 293 -33.19 -2.06 -30.33
CA GLU I 293 -32.62 -0.74 -30.09
C GLU I 293 -33.61 0.28 -29.55
N ALA I 294 -33.26 0.82 -28.39
CA ALA I 294 -34.04 1.83 -27.69
C ALA I 294 -33.28 3.15 -27.66
N MET J 1 -55.50 12.34 -29.81
CA MET J 1 -55.27 11.47 -28.67
C MET J 1 -53.89 10.83 -28.74
N ALA J 2 -53.09 11.00 -27.69
CA ALA J 2 -51.77 10.39 -27.63
C ALA J 2 -51.91 8.89 -27.68
N SER J 3 -50.95 8.22 -28.31
CA SER J 3 -50.98 6.77 -28.33
C SER J 3 -50.59 6.23 -26.98
N TYR J 4 -50.92 4.95 -26.75
CA TYR J 4 -50.57 4.30 -25.51
C TYR J 4 -49.80 3.03 -25.71
N GLY J 5 -48.82 2.83 -24.83
CA GLY J 5 -48.05 1.59 -24.81
C GLY J 5 -48.52 0.67 -23.69
N GLN J 6 -49.51 1.15 -22.95
CA GLN J 6 -50.11 0.51 -21.78
C GLN J 6 -51.23 1.40 -21.28
N THR J 7 -52.27 0.81 -20.69
CA THR J 7 -53.35 1.65 -20.19
C THR J 7 -53.72 1.43 -18.73
N CYS J 8 -54.08 2.54 -18.11
CA CYS J 8 -54.50 2.51 -16.74
C CYS J 8 -55.43 3.70 -16.47
N PRO J 9 -56.32 3.59 -15.49
CA PRO J 9 -57.20 4.60 -14.95
C PRO J 9 -56.49 5.44 -13.92
N ARG J 10 -57.19 6.39 -13.35
CA ARG J 10 -56.64 7.12 -12.24
C ARG J 10 -56.80 6.26 -10.97
N PRO J 11 -55.98 6.46 -9.94
CA PRO J 11 -56.17 5.82 -8.66
C PRO J 11 -57.58 6.21 -8.16
N MET J 12 -58.29 5.31 -7.45
CA MET J 12 -57.73 4.04 -6.98
C MET J 12 -58.37 2.80 -7.63
N CYS J 13 -58.39 2.74 -8.99
CA CYS J 13 -58.78 1.53 -9.69
C CYS J 13 -57.52 0.70 -9.98
N ILE J 14 -56.37 1.25 -9.58
CA ILE J 14 -55.07 0.64 -9.68
C ILE J 14 -54.71 0.26 -8.26
N PRO J 15 -54.42 -1.00 -7.95
CA PRO J 15 -54.11 -1.49 -6.63
C PRO J 15 -52.75 -1.04 -6.16
N PRO J 16 -52.50 -1.10 -4.85
CA PRO J 16 -51.24 -0.84 -4.16
C PRO J 16 -50.24 -1.92 -4.53
N SER J 17 -48.95 -1.64 -4.37
CA SER J 17 -47.96 -2.68 -4.64
C SER J 17 -48.01 -3.63 -3.46
N TYR J 18 -47.40 -4.80 -3.57
CA TYR J 18 -47.44 -5.74 -2.44
C TYR J 18 -47.00 -5.06 -1.14
N ALA J 19 -45.90 -4.30 -1.23
CA ALA J 19 -45.31 -3.58 -0.11
C ALA J 19 -46.25 -2.55 0.54
N ASP J 20 -47.25 -2.07 -0.21
CA ASP J 20 -48.17 -1.06 0.25
C ASP J 20 -49.44 -1.68 0.86
N LEU J 21 -49.54 -3.00 0.86
CA LEU J 21 -50.75 -3.59 1.41
C LEU J 21 -50.75 -3.34 2.90
N GLY J 22 -51.83 -2.77 3.43
CA GLY J 22 -51.91 -2.49 4.85
C GLY J 22 -51.24 -1.18 5.26
N LYS J 23 -50.74 -0.40 4.29
CA LYS J 23 -50.05 0.82 4.64
C LYS J 23 -50.83 1.78 5.54
N ALA J 24 -52.13 1.95 5.30
CA ALA J 24 -52.86 2.90 6.13
C ALA J 24 -52.85 2.52 7.62
N ALA J 25 -53.07 1.23 7.93
CA ALA J 25 -53.03 0.77 9.31
C ALA J 25 -51.63 0.94 9.87
N ARG J 26 -50.63 0.63 9.04
CA ARG J 26 -49.24 0.73 9.47
C ARG J 26 -48.88 2.15 9.83
N ASP J 27 -49.32 3.13 9.01
CA ASP J 27 -49.03 4.52 9.33
C ASP J 27 -49.60 4.94 10.67
N ILE J 28 -50.78 4.47 11.05
CA ILE J 28 -51.29 4.85 12.37
C ILE J 28 -50.34 4.35 13.47
N PHE J 29 -49.89 3.09 13.35
CA PHE J 29 -48.95 2.53 14.32
C PHE J 29 -47.52 3.10 14.26
N ASN J 30 -47.06 3.53 13.08
CA ASN J 30 -45.68 4.04 12.94
C ASN J 30 -45.51 5.57 12.97
N LYS J 31 -46.34 6.30 12.24
CA LYS J 31 -46.13 7.73 12.13
C LYS J 31 -46.54 8.43 13.40
N GLY J 32 -45.79 9.47 13.75
CA GLY J 32 -46.09 10.23 14.95
C GLY J 32 -45.28 9.73 16.15
N PHE J 33 -44.55 8.62 16.00
CA PHE J 33 -43.77 8.13 17.13
C PHE J 33 -42.27 8.09 16.75
N GLY J 34 -41.40 8.39 17.70
CA GLY J 34 -39.94 8.36 17.49
C GLY J 34 -39.17 7.91 18.73
N PHE J 35 -39.72 6.96 19.46
CA PHE J 35 -39.19 6.58 20.76
C PHE J 35 -37.72 6.20 20.69
N GLY J 36 -36.91 6.76 21.57
CA GLY J 36 -35.50 6.44 21.64
C GLY J 36 -34.63 7.28 20.73
N LEU J 37 -35.23 8.09 19.86
CA LEU J 37 -34.41 8.88 18.97
C LEU J 37 -34.73 10.36 18.92
N VAL J 38 -33.71 11.12 18.55
CA VAL J 38 -33.91 12.53 18.24
C VAL J 38 -33.66 12.69 16.74
N LYS J 39 -34.64 13.24 16.02
CA LYS J 39 -34.51 13.37 14.57
C LYS J 39 -34.67 14.80 14.09
N LEU J 40 -33.88 15.13 13.07
CA LEU J 40 -33.88 16.48 12.49
C LEU J 40 -33.96 16.45 10.99
N ASP J 41 -35.07 16.93 10.45
CA ASP J 41 -35.27 16.88 8.99
C ASP J 41 -35.39 18.24 8.33
N VAL J 42 -34.39 18.60 7.51
CA VAL J 42 -34.41 19.90 6.84
C VAL J 42 -34.61 19.66 5.35
N LYS J 43 -35.66 20.24 4.79
CA LYS J 43 -35.92 20.09 3.38
C LYS J 43 -36.01 21.44 2.75
N THR J 44 -35.39 21.59 1.59
CA THR J 44 -35.42 22.85 0.89
C THR J 44 -35.64 22.63 -0.58
N LYS J 45 -36.15 23.63 -1.26
CA LYS J 45 -36.18 23.53 -2.70
C LYS J 45 -35.73 24.81 -3.36
N SER J 46 -35.28 24.66 -4.58
CA SER J 46 -34.96 25.76 -5.45
C SER J 46 -35.73 25.71 -6.75
N CYS J 47 -36.07 26.90 -7.26
CA CYS J 47 -36.79 27.09 -8.51
C CYS J 47 -36.07 26.54 -9.74
N SER J 48 -34.80 26.13 -9.57
CA SER J 48 -34.04 25.53 -10.66
C SER J 48 -34.45 24.07 -10.88
N GLY J 49 -35.32 23.52 -10.01
CA GLY J 49 -35.78 22.13 -10.18
C GLY J 49 -34.99 21.16 -9.32
N VAL J 50 -34.39 21.68 -8.27
CA VAL J 50 -33.61 20.81 -7.41
C VAL J 50 -34.15 20.86 -6.00
N GLU J 51 -34.28 19.70 -5.42
CA GLU J 51 -34.74 19.59 -4.06
C GLU J 51 -33.62 19.03 -3.20
N PHE J 52 -33.52 19.52 -1.99
CA PHE J 52 -32.50 19.02 -1.11
C PHE J 52 -33.14 18.49 0.16
N SER J 53 -32.55 17.46 0.74
CA SER J 53 -33.06 16.92 1.98
C SER J 53 -31.96 16.36 2.87
N THR J 54 -31.93 16.83 4.11
CA THR J 54 -30.93 16.36 5.06
C THR J 54 -31.62 15.84 6.32
N SER J 55 -31.24 14.64 6.73
CA SER J 55 -31.87 14.02 7.89
C SER J 55 -30.87 13.54 8.92
N GLY J 56 -30.93 14.15 10.09
CA GLY J 56 -30.06 13.82 11.20
C GLY J 56 -30.76 12.85 12.14
N SER J 57 -30.00 11.98 12.83
CA SER J 57 -30.63 11.06 13.79
C SER J 57 -29.73 10.58 14.94
N SER J 58 -30.21 10.71 16.17
CA SER J 58 -29.48 10.28 17.37
C SER J 58 -30.18 9.17 18.10
N ASN J 59 -29.53 8.02 18.23
CA ASN J 59 -30.15 6.85 18.87
C ASN J 59 -29.70 6.67 20.31
N THR J 60 -30.63 6.87 21.25
CA THR J 60 -30.38 6.88 22.68
C THR J 60 -29.82 5.56 23.20
N ASP J 61 -30.10 4.47 22.50
CA ASP J 61 -29.70 3.15 22.93
C ASP J 61 -28.36 2.72 22.38
N THR J 62 -27.68 3.61 21.63
CA THR J 62 -26.38 3.25 21.11
C THR J 62 -25.41 4.37 21.40
N GLY J 63 -25.96 5.59 21.52
CA GLY J 63 -25.18 6.82 21.72
C GLY J 63 -24.63 7.37 20.40
N LYS J 64 -24.96 6.71 19.29
CA LYS J 64 -24.50 7.09 17.97
C LYS J 64 -25.38 8.17 17.37
N VAL J 65 -24.72 9.11 16.71
CA VAL J 65 -25.41 10.16 16.01
C VAL J 65 -25.02 9.97 14.54
N THR J 66 -26.03 9.87 13.68
CA THR J 66 -25.90 9.64 12.24
C THR J 66 -26.68 10.62 11.39
N GLY J 67 -26.74 10.34 10.08
CA GLY J 67 -27.48 11.17 9.15
C GLY J 67 -27.19 10.89 7.69
N THR J 68 -28.12 11.39 6.85
CA THR J 68 -28.09 11.27 5.39
C THR J 68 -28.39 12.60 4.68
N LEU J 69 -27.70 12.84 3.57
CA LEU J 69 -27.98 14.03 2.76
C LEU J 69 -28.25 13.62 1.31
N GLU J 70 -29.34 14.15 0.76
CA GLU J 70 -29.72 13.86 -0.63
C GLU J 70 -30.01 15.12 -1.43
N THR J 71 -29.69 15.05 -2.73
CA THR J 71 -30.02 16.10 -3.69
C THR J 71 -30.78 15.48 -4.86
N LYS J 72 -31.94 16.03 -5.19
CA LYS J 72 -32.76 15.47 -6.25
C LYS J 72 -33.04 16.46 -7.36
N TYR J 73 -32.87 16.02 -8.60
CA TYR J 73 -33.14 16.86 -9.75
C TYR J 73 -34.32 16.32 -10.54
N LYS J 74 -35.34 17.17 -10.75
CA LYS J 74 -36.56 16.71 -11.43
C LYS J 74 -36.76 17.21 -12.85
N TRP J 75 -36.54 16.34 -13.82
CA TRP J 75 -36.67 16.68 -15.22
C TRP J 75 -38.11 16.42 -15.62
N CYS J 76 -38.96 17.37 -15.24
CA CYS J 76 -40.41 17.25 -15.37
C CYS J 76 -40.85 17.04 -16.82
N GLU J 77 -40.11 17.61 -17.76
CA GLU J 77 -40.39 17.52 -19.18
C GLU J 77 -39.98 16.17 -19.81
N TYR J 78 -39.24 15.37 -19.06
CA TYR J 78 -38.72 14.09 -19.53
C TYR J 78 -39.28 12.90 -18.73
N GLY J 79 -39.75 13.16 -17.51
CA GLY J 79 -40.19 12.07 -16.64
C GLY J 79 -38.98 11.43 -15.98
N LEU J 80 -37.91 12.22 -15.81
CA LEU J 80 -36.70 11.66 -15.22
C LEU J 80 -36.30 12.32 -13.91
N THR J 81 -35.93 11.50 -12.93
CA THR J 81 -35.45 12.03 -11.65
C THR J 81 -34.06 11.51 -11.35
N PHE J 82 -33.17 12.42 -11.04
CA PHE J 82 -31.78 12.08 -10.76
C PHE J 82 -31.43 12.42 -9.31
N THR J 83 -30.97 11.43 -8.54
CA THR J 83 -30.66 11.69 -7.12
C THR J 83 -29.23 11.38 -6.76
N GLU J 84 -28.61 12.31 -6.04
CA GLU J 84 -27.27 12.13 -5.49
C GLU J 84 -27.41 11.93 -3.98
N LYS J 85 -26.70 10.97 -3.40
CA LYS J 85 -26.81 10.76 -1.95
C LYS J 85 -25.50 10.44 -1.24
N TRP J 86 -25.40 10.92 0.01
CA TRP J 86 -24.26 10.63 0.89
C TRP J 86 -24.70 10.39 2.33
N ASN J 87 -23.97 9.57 3.09
CA ASN J 87 -24.29 9.49 4.52
C ASN J 87 -23.06 9.40 5.41
N THR J 88 -23.29 9.34 6.73
CA THR J 88 -22.22 9.35 7.74
C THR J 88 -21.38 8.12 7.81
N ASP J 89 -21.77 7.06 7.13
CA ASP J 89 -21.01 5.85 7.15
C ASP J 89 -20.16 5.85 5.90
N ASN J 90 -20.10 7.01 5.26
CA ASN J 90 -19.38 7.24 4.02
C ASN J 90 -19.91 6.43 2.88
N THR J 91 -21.20 6.18 2.86
CA THR J 91 -21.75 5.49 1.73
C THR J 91 -22.30 6.57 0.81
N LEU J 92 -21.97 6.45 -0.46
CA LEU J 92 -22.40 7.40 -1.47
C LEU J 92 -23.10 6.72 -2.63
N GLY J 93 -23.92 7.45 -3.36
CA GLY J 93 -24.53 6.82 -4.52
C GLY J 93 -25.38 7.72 -5.40
N THR J 94 -25.88 7.11 -6.49
CA THR J 94 -26.70 7.77 -7.50
C THR J 94 -27.94 6.95 -7.84
N GLU J 95 -29.08 7.61 -7.96
CA GLU J 95 -30.30 6.92 -8.36
C GLU J 95 -30.95 7.62 -9.54
N ILE J 96 -31.36 6.85 -10.55
CA ILE J 96 -32.05 7.44 -11.69
C ILE J 96 -33.39 6.78 -11.92
N ALA J 97 -34.46 7.58 -11.88
CA ALA J 97 -35.79 7.04 -12.10
C ALA J 97 -36.39 7.56 -13.39
N ILE J 98 -37.11 6.68 -14.06
CA ILE J 98 -37.79 6.93 -15.31
C ILE J 98 -39.31 6.68 -15.17
N GLU J 99 -40.15 7.67 -15.43
CA GLU J 99 -41.60 7.46 -15.29
C GLU J 99 -42.39 7.80 -16.55
N ASP J 100 -43.13 6.81 -17.06
CA ASP J 100 -43.99 6.93 -18.25
C ASP J 100 -43.23 7.26 -19.54
N GLN J 101 -41.92 7.03 -19.54
CA GLN J 101 -41.09 7.30 -20.69
C GLN J 101 -41.14 6.18 -21.71
N ILE J 102 -41.30 4.95 -21.22
CA ILE J 102 -41.30 3.76 -22.06
C ILE J 102 -42.73 3.53 -22.50
N CYS J 103 -43.63 3.37 -21.53
CA CYS J 103 -45.05 3.21 -21.76
C CYS J 103 -45.76 3.74 -20.52
N GLN J 104 -47.03 4.07 -20.64
CA GLN J 104 -47.77 4.59 -19.51
C GLN J 104 -47.91 3.59 -18.39
N GLY J 105 -47.70 4.08 -17.17
CA GLY J 105 -47.82 3.23 -16.00
C GLY J 105 -46.52 2.50 -15.70
N LEU J 106 -45.47 2.71 -16.50
CA LEU J 106 -44.22 2.03 -16.24
C LEU J 106 -43.20 2.91 -15.56
N LYS J 107 -42.63 2.39 -14.48
CA LYS J 107 -41.58 3.06 -13.73
C LYS J 107 -40.33 2.18 -13.65
N LEU J 108 -39.21 2.75 -14.04
CA LEU J 108 -37.92 2.06 -14.02
C LEU J 108 -36.90 2.83 -13.20
N THR J 109 -36.23 2.16 -12.25
CA THR J 109 -35.25 2.86 -11.43
C THR J 109 -33.91 2.15 -11.29
N PHE J 110 -32.83 2.91 -11.46
CA PHE J 110 -31.48 2.39 -11.32
C PHE J 110 -30.81 2.96 -10.08
N ASP J 111 -30.40 2.09 -9.14
CA ASP J 111 -29.79 2.51 -7.87
C ASP J 111 -28.34 2.01 -7.68
N THR J 112 -27.35 2.90 -7.78
CA THR J 112 -25.94 2.48 -7.66
C THR J 112 -25.30 3.08 -6.39
N THR J 113 -24.73 2.20 -5.57
CA THR J 113 -24.11 2.56 -4.29
C THR J 113 -22.64 2.11 -4.16
N PHE J 114 -21.84 2.99 -3.56
CA PHE J 114 -20.43 2.72 -3.30
C PHE J 114 -20.02 3.05 -1.86
N SER J 115 -19.22 2.18 -1.25
CA SER J 115 -18.75 2.45 0.09
C SER J 115 -17.23 2.30 0.24
N PRO J 116 -16.46 3.41 0.27
CA PRO J 116 -15.01 3.49 0.37
C PRO J 116 -14.48 2.83 1.65
N ASN J 117 -15.36 2.59 2.62
CA ASN J 117 -14.98 1.93 3.88
C ASN J 117 -14.37 0.55 3.58
N THR J 118 -14.81 -0.04 2.45
CA THR J 118 -14.37 -1.35 2.00
C THR J 118 -14.02 -1.30 0.52
N GLY J 119 -14.54 -0.27 -0.16
CA GLY J 119 -14.39 -0.12 -1.61
C GLY J 119 -15.48 -0.87 -2.38
N LYS J 120 -16.43 -1.46 -1.65
CA LYS J 120 -17.53 -2.20 -2.22
C LYS J 120 -18.46 -1.39 -3.10
N LYS J 121 -18.85 -1.97 -4.23
CA LYS J 121 -19.82 -1.36 -5.12
C LYS J 121 -20.96 -2.35 -5.34
N SER J 122 -22.19 -1.86 -5.30
CA SER J 122 -23.39 -2.69 -5.48
C SER J 122 -24.57 -1.86 -5.96
N GLY J 123 -25.66 -2.51 -6.32
CA GLY J 123 -26.82 -1.72 -6.73
C GLY J 123 -28.06 -2.52 -7.03
N LYS J 124 -29.11 -1.83 -7.42
CA LYS J 124 -30.40 -2.43 -7.72
C LYS J 124 -31.03 -1.87 -8.98
N ILE J 125 -31.79 -2.72 -9.67
CA ILE J 125 -32.59 -2.24 -10.79
C ILE J 125 -34.04 -2.58 -10.49
N LYS J 126 -34.89 -1.57 -10.49
CA LYS J 126 -36.28 -1.79 -10.16
C LYS J 126 -37.19 -1.53 -11.34
N SER J 127 -38.24 -2.33 -11.45
CA SER J 127 -39.26 -2.16 -12.49
C SER J 127 -40.67 -2.38 -11.94
N SER J 128 -41.55 -1.41 -12.19
CA SER J 128 -42.92 -1.46 -11.69
C SER J 128 -43.96 -0.98 -12.70
N TYR J 129 -44.98 -1.80 -12.91
CA TYR J 129 -46.05 -1.54 -13.87
C TYR J 129 -47.42 -1.37 -13.21
N LYS J 130 -48.04 -0.22 -13.47
CA LYS J 130 -49.36 0.09 -12.94
C LYS J 130 -50.40 0.09 -14.04
N ARG J 131 -51.45 -0.70 -13.88
CA ARG J 131 -52.52 -0.78 -14.85
C ARG J 131 -53.86 -0.98 -14.18
N GLU J 132 -54.92 -0.90 -14.95
CA GLU J 132 -56.22 -1.12 -14.34
C GLU J 132 -56.22 -2.47 -13.62
N CYS J 133 -56.60 -2.46 -12.33
CA CYS J 133 -56.70 -3.62 -11.45
C CYS J 133 -55.43 -4.48 -11.25
N VAL J 134 -54.25 -4.01 -11.70
CA VAL J 134 -53.01 -4.77 -11.47
C VAL J 134 -51.82 -3.83 -11.14
N ASN J 135 -51.00 -4.25 -10.18
CA ASN J 135 -49.77 -3.55 -9.82
C ASN J 135 -48.66 -4.61 -9.68
N LEU J 136 -47.78 -4.68 -10.67
CA LEU J 136 -46.76 -5.73 -10.68
C LEU J 136 -45.35 -5.20 -10.87
N GLY J 137 -44.36 -5.95 -10.42
CA GLY J 137 -43.00 -5.50 -10.64
C GLY J 137 -41.93 -6.42 -10.08
N CYS J 138 -40.70 -5.93 -10.13
CA CYS J 138 -39.56 -6.68 -9.64
C CYS J 138 -38.31 -5.84 -9.39
N ASP J 139 -37.68 -6.09 -8.25
CA ASP J 139 -36.41 -5.47 -7.90
C ASP J 139 -35.28 -6.49 -8.04
N VAL J 140 -34.23 -6.15 -8.76
CA VAL J 140 -33.11 -7.10 -8.84
C VAL J 140 -31.90 -6.48 -8.16
N ASP J 141 -31.40 -7.19 -7.16
CA ASP J 141 -30.29 -6.78 -6.31
C ASP J 141 -28.97 -7.36 -6.78
N PHE J 142 -28.08 -6.52 -7.27
CA PHE J 142 -26.81 -6.94 -7.84
C PHE J 142 -25.69 -6.72 -6.82
N ASP J 143 -25.08 -7.81 -6.38
CA ASP J 143 -24.02 -7.76 -5.37
C ASP J 143 -23.07 -8.93 -5.57
N PHE J 144 -22.05 -9.01 -4.71
CA PHE J 144 -21.11 -10.11 -4.77
C PHE J 144 -21.84 -11.41 -4.60
N ALA J 145 -21.59 -12.34 -5.49
CA ALA J 145 -22.23 -13.66 -5.44
C ALA J 145 -23.76 -13.57 -5.40
N GLY J 146 -24.32 -12.59 -6.11
CA GLY J 146 -25.74 -12.46 -6.31
C GLY J 146 -25.98 -12.74 -7.79
N PRO J 147 -26.98 -12.15 -8.43
CA PRO J 147 -28.05 -11.26 -7.98
C PRO J 147 -29.18 -11.95 -7.25
N ALA J 148 -29.96 -11.16 -6.52
CA ALA J 148 -31.22 -11.66 -5.96
C ALA J 148 -32.38 -11.03 -6.71
N ILE J 149 -33.43 -11.80 -6.91
CA ILE J 149 -34.59 -11.32 -7.63
C ILE J 149 -35.80 -11.24 -6.73
N HIS J 150 -36.38 -10.06 -6.60
CA HIS J 150 -37.53 -9.85 -5.73
C HIS J 150 -38.77 -9.46 -6.55
N GLY J 151 -39.63 -10.43 -6.85
CA GLY J 151 -40.79 -10.20 -7.72
C GLY J 151 -42.06 -10.00 -6.91
N SER J 152 -43.04 -9.29 -7.47
CA SER J 152 -44.31 -9.17 -6.77
C SER J 152 -45.47 -8.77 -7.67
N ALA J 153 -46.67 -9.06 -7.20
CA ALA J 153 -47.84 -8.57 -7.90
C ALA J 153 -49.07 -8.57 -7.03
N VAL J 154 -49.86 -7.53 -7.23
CA VAL J 154 -51.15 -7.34 -6.60
C VAL J 154 -52.21 -7.09 -7.66
N PHE J 155 -53.34 -7.70 -7.46
CA PHE J 155 -54.43 -7.52 -8.37
C PHE J 155 -55.72 -7.40 -7.60
N GLY J 156 -56.75 -6.87 -8.26
CA GLY J 156 -57.99 -6.79 -7.52
C GLY J 156 -59.24 -6.61 -8.33
N TYR J 157 -60.35 -6.53 -7.61
CA TYR J 157 -61.67 -6.37 -8.21
C TYR J 157 -62.72 -5.91 -7.20
N GLU J 158 -63.43 -4.84 -7.52
CA GLU J 158 -64.51 -4.30 -6.66
C GLU J 158 -64.09 -4.11 -5.20
N GLY J 159 -62.88 -3.61 -4.97
CA GLY J 159 -62.34 -3.35 -3.64
C GLY J 159 -61.55 -4.52 -3.06
N TRP J 160 -61.64 -5.69 -3.68
CA TRP J 160 -60.92 -6.85 -3.16
C TRP J 160 -59.52 -6.90 -3.72
N LEU J 161 -58.56 -7.22 -2.86
CA LEU J 161 -57.17 -7.35 -3.23
C LEU J 161 -56.57 -8.72 -2.94
N ALA J 162 -55.61 -9.09 -3.76
CA ALA J 162 -54.81 -10.28 -3.50
C ALA J 162 -53.47 -10.13 -4.17
N GLY J 163 -52.46 -10.83 -3.66
CA GLY J 163 -51.17 -10.77 -4.30
C GLY J 163 -50.09 -11.62 -3.65
N TYR J 164 -48.90 -11.50 -4.19
CA TYR J 164 -47.75 -12.26 -3.74
C TYR J 164 -46.44 -11.49 -3.86
N GLN J 165 -45.44 -12.01 -3.19
CA GLN J 165 -44.07 -11.51 -3.26
C GLN J 165 -43.07 -12.66 -3.14
N MET J 166 -42.10 -12.73 -4.05
CA MET J 166 -41.13 -13.81 -3.97
C MET J 166 -39.69 -13.36 -4.16
N THR J 167 -38.81 -13.92 -3.36
CA THR J 167 -37.38 -13.63 -3.47
C THR J 167 -36.63 -14.87 -3.87
N PHE J 168 -35.82 -14.72 -4.91
CA PHE J 168 -35.00 -15.80 -5.43
C PHE J 168 -33.52 -15.44 -5.35
N ASP J 169 -32.70 -16.44 -5.14
CA ASP J 169 -31.25 -16.26 -5.12
C ASP J 169 -30.62 -16.93 -6.34
N SER J 170 -30.19 -16.13 -7.32
CA SER J 170 -29.70 -16.64 -8.59
C SER J 170 -28.38 -17.37 -8.49
N ALA J 171 -27.70 -17.24 -7.35
CA ALA J 171 -26.45 -17.94 -7.17
C ALA J 171 -26.71 -19.38 -6.75
N LYS J 172 -27.97 -19.69 -6.43
CA LYS J 172 -28.37 -21.00 -5.98
C LYS J 172 -29.42 -21.54 -6.96
N SER J 173 -30.14 -20.61 -7.59
CA SER J 173 -31.30 -20.86 -8.46
C SER J 173 -32.43 -21.46 -7.63
N LYS J 174 -32.62 -20.87 -6.46
CA LYS J 174 -33.65 -21.29 -5.50
C LYS J 174 -34.52 -20.14 -5.02
N LEU J 175 -35.76 -20.47 -4.64
CA LEU J 175 -36.62 -19.50 -3.98
C LEU J 175 -36.23 -19.48 -2.52
N THR J 176 -36.11 -18.29 -1.94
CA THR J 176 -35.76 -18.17 -0.54
C THR J 176 -36.89 -17.62 0.31
N ARG J 177 -37.81 -16.86 -0.33
CA ARG J 177 -38.98 -16.29 0.37
C ARG J 177 -40.22 -16.30 -0.52
N ASN J 178 -41.37 -16.66 0.05
CA ASN J 178 -42.64 -16.63 -0.71
C ASN J 178 -43.80 -16.14 0.17
N ASN J 179 -44.17 -14.88 -0.03
CA ASN J 179 -45.18 -14.24 0.79
C ASN J 179 -46.50 -14.14 0.01
N PHE J 180 -47.62 -14.25 0.73
CA PHE J 180 -48.93 -14.06 0.10
C PHE J 180 -49.82 -13.16 0.91
N ALA J 181 -50.75 -12.48 0.24
CA ALA J 181 -51.70 -11.65 0.96
C ALA J 181 -53.03 -11.47 0.25
N VAL J 182 -54.05 -11.25 1.07
CA VAL J 182 -55.41 -10.94 0.63
C VAL J 182 -55.96 -9.77 1.41
N GLY J 183 -56.99 -9.12 0.88
CA GLY J 183 -57.63 -8.05 1.63
C GLY J 183 -58.77 -7.35 0.91
N TYR J 184 -59.22 -6.26 1.52
CA TYR J 184 -60.30 -5.44 1.01
C TYR J 184 -60.05 -3.98 1.32
N ARG J 185 -60.30 -3.09 0.37
CA ARG J 185 -60.15 -1.69 0.68
C ARG J 185 -61.25 -0.79 0.15
N THR J 186 -61.58 0.18 0.96
CA THR J 186 -62.43 1.28 0.58
C THR J 186 -61.96 2.56 1.24
N GLY J 187 -62.73 3.63 1.08
CA GLY J 187 -62.38 4.93 1.63
C GLY J 187 -62.38 4.97 3.17
N ASP J 188 -63.33 4.25 3.75
CA ASP J 188 -63.56 4.22 5.19
C ASP J 188 -62.73 3.18 5.94
N PHE J 189 -62.41 2.08 5.29
CA PHE J 189 -61.67 1.04 5.99
C PHE J 189 -60.88 0.15 5.06
N GLN J 190 -59.89 -0.53 5.64
CA GLN J 190 -59.13 -1.53 4.91
C GLN J 190 -58.86 -2.76 5.77
N LEU J 191 -58.97 -3.91 5.16
CA LEU J 191 -58.75 -5.18 5.83
C LEU J 191 -57.66 -5.97 5.14
N HIS J 192 -56.64 -6.39 5.87
CA HIS J 192 -55.55 -7.17 5.26
C HIS J 192 -55.12 -8.38 6.06
N THR J 193 -54.87 -9.47 5.36
CA THR J 193 -54.34 -10.71 5.95
C THR J 193 -53.17 -11.22 5.11
N ASN J 194 -52.13 -11.72 5.76
CA ASN J 194 -51.02 -12.26 5.01
C ASN J 194 -50.27 -13.40 5.69
N VAL J 195 -49.41 -14.03 4.88
CA VAL J 195 -48.54 -15.10 5.33
C VAL J 195 -47.15 -15.02 4.72
N ASN J 196 -46.13 -15.25 5.54
CA ASN J 196 -44.76 -15.30 5.06
C ASN J 196 -44.18 -16.72 5.19
N ASP J 197 -43.92 -17.35 4.03
CA ASP J 197 -43.34 -18.69 3.92
C ASP J 197 -44.14 -19.82 4.56
N GLY J 198 -45.42 -19.57 4.80
CA GLY J 198 -46.31 -20.58 5.37
C GLY J 198 -46.17 -20.69 6.89
N THR J 199 -45.31 -19.86 7.49
CA THR J 199 -45.06 -19.93 8.93
C THR J 199 -45.52 -18.68 9.68
N GLU J 200 -45.17 -17.51 9.18
CA GLU J 200 -45.55 -16.30 9.90
C GLU J 200 -46.84 -15.75 9.35
N PHE J 201 -47.81 -15.55 10.21
CA PHE J 201 -49.11 -15.07 9.77
C PHE J 201 -49.50 -13.79 10.47
N GLY J 202 -50.31 -12.99 9.80
CA GLY J 202 -50.78 -11.79 10.46
C GLY J 202 -51.74 -11.00 9.61
N GLY J 203 -52.06 -9.81 10.09
CA GLY J 203 -53.00 -8.97 9.38
C GLY J 203 -53.26 -7.67 10.11
N SER J 204 -54.11 -6.85 9.51
CA SER J 204 -54.44 -5.57 10.10
C SER J 204 -55.78 -5.01 9.66
N ILE J 205 -56.32 -4.15 10.51
CA ILE J 205 -57.55 -3.43 10.26
C ILE J 205 -57.33 -1.93 10.34
N TYR J 206 -57.75 -1.22 9.30
CA TYR J 206 -57.72 0.25 9.27
C TYR J 206 -59.15 0.72 9.29
N GLN J 207 -59.48 1.68 10.14
CA GLN J 207 -60.84 2.18 10.16
C GLN J 207 -60.94 3.69 10.44
N LYS J 208 -61.69 4.39 9.59
CA LYS J 208 -62.00 5.79 9.85
C LYS J 208 -63.16 5.76 10.83
N VAL J 209 -63.07 6.54 11.89
CA VAL J 209 -64.13 6.48 12.87
C VAL J 209 -64.90 7.79 12.86
N CYS J 210 -64.17 8.87 12.90
CA CYS J 210 -64.77 10.18 12.91
C CYS J 210 -63.93 10.99 12.02
N GLU J 211 -64.35 12.18 11.68
CA GLU J 211 -63.58 13.01 10.77
C GLU J 211 -62.14 13.29 11.27
N ASP J 212 -62.02 13.44 12.58
CA ASP J 212 -60.75 13.69 13.23
C ASP J 212 -60.15 12.42 13.85
N LEU J 213 -60.67 11.23 13.55
CA LEU J 213 -60.14 10.03 14.21
C LEU J 213 -59.93 8.81 13.31
N ASP J 214 -58.66 8.39 13.28
CA ASP J 214 -58.16 7.26 12.50
C ASP J 214 -57.70 6.13 13.44
N THR J 215 -58.29 4.93 13.35
CA THR J 215 -57.86 3.87 14.27
C THR J 215 -57.41 2.61 13.52
N SER J 216 -56.65 1.75 14.20
CA SER J 216 -56.24 0.48 13.60
C SER J 216 -55.90 -0.64 14.58
N VAL J 217 -55.93 -1.87 14.07
CA VAL J 217 -55.58 -3.06 14.84
C VAL J 217 -54.57 -3.94 14.09
N ASN J 218 -53.51 -4.38 14.78
CA ASN J 218 -52.53 -5.30 14.20
C ASN J 218 -52.61 -6.66 14.86
N LEU J 219 -52.51 -7.71 14.03
CA LEU J 219 -52.52 -9.11 14.48
C LEU J 219 -51.31 -9.88 13.94
N ALA J 220 -50.76 -10.82 14.74
CA ALA J 220 -49.70 -11.69 14.25
C ALA J 220 -49.61 -13.01 15.03
N TRP J 221 -49.17 -14.07 14.36
CA TRP J 221 -48.97 -15.35 15.04
C TRP J 221 -47.97 -16.26 14.30
N THR J 222 -47.41 -17.23 15.03
CA THR J 222 -46.43 -18.13 14.39
C THR J 222 -46.84 -19.61 14.33
N SER J 223 -46.79 -20.19 13.14
CA SER J 223 -47.15 -21.59 12.97
C SER J 223 -46.27 -22.49 13.82
N GLY J 224 -46.90 -23.50 14.39
CA GLY J 224 -46.27 -24.48 15.24
C GLY J 224 -46.42 -24.14 16.71
N THR J 225 -46.84 -22.91 17.00
CA THR J 225 -47.02 -22.55 18.40
C THR J 225 -48.31 -21.83 18.69
N ASN J 226 -48.50 -21.51 19.96
CA ASN J 226 -49.70 -20.82 20.45
C ASN J 226 -49.44 -19.36 20.71
N CYS J 227 -48.31 -18.87 20.24
CA CYS J 227 -47.92 -17.50 20.43
C CYS J 227 -48.59 -16.56 19.45
N THR J 228 -49.31 -15.61 20.02
CA THR J 228 -49.98 -14.61 19.23
C THR J 228 -49.54 -13.26 19.76
N ARG J 229 -49.57 -12.27 18.89
CA ARG J 229 -49.24 -10.90 19.21
C ARG J 229 -50.30 -9.99 18.62
N PHE J 230 -50.51 -8.86 19.25
CA PHE J 230 -51.46 -7.91 18.73
C PHE J 230 -51.30 -6.54 19.32
N GLY J 231 -51.99 -5.59 18.72
CA GLY J 231 -52.05 -4.26 19.31
C GLY J 231 -53.06 -3.36 18.63
N ILE J 232 -53.41 -2.30 19.34
CA ILE J 232 -54.40 -1.33 18.88
C ILE J 232 -53.83 0.08 18.89
N ALA J 233 -54.09 0.86 17.85
CA ALA J 233 -53.57 2.23 17.79
C ALA J 233 -54.57 3.21 17.24
N ALA J 234 -54.34 4.48 17.57
CA ALA J 234 -55.18 5.53 17.05
C ALA J 234 -54.46 6.87 16.93
N LYS J 235 -54.97 7.67 16.00
CA LYS J 235 -54.52 9.03 15.76
C LYS J 235 -55.71 9.99 15.77
N TYR J 236 -55.60 11.02 16.59
CA TYR J 236 -56.68 11.98 16.72
C TYR J 236 -56.25 13.42 16.38
N GLN J 237 -56.97 14.04 15.45
CA GLN J 237 -56.66 15.40 15.08
C GLN J 237 -57.30 16.31 16.10
N LEU J 238 -56.47 16.95 16.87
CA LEU J 238 -56.90 17.76 17.98
C LEU J 238 -57.41 19.07 17.42
N ASP J 239 -56.63 19.61 16.49
CA ASP J 239 -57.00 20.85 15.83
C ASP J 239 -56.22 20.86 14.49
N PRO J 240 -56.40 21.83 13.60
CA PRO J 240 -55.74 21.90 12.31
C PRO J 240 -54.21 21.90 12.41
N THR J 241 -53.66 22.28 13.57
CA THR J 241 -52.22 22.28 13.70
C THR J 241 -51.77 21.48 14.90
N ALA J 242 -52.48 20.39 15.22
CA ALA J 242 -52.07 19.54 16.32
C ALA J 242 -52.73 18.18 16.32
N SER J 243 -51.98 17.17 16.73
CA SER J 243 -52.56 15.84 16.85
C SER J 243 -51.90 14.99 17.90
N ILE J 244 -52.66 14.01 18.37
CA ILE J 244 -52.17 13.06 19.35
C ILE J 244 -52.32 11.64 18.85
N SER J 245 -51.45 10.77 19.31
CA SER J 245 -51.54 9.39 18.93
C SER J 245 -51.12 8.49 20.07
N ALA J 246 -51.61 7.27 20.01
CA ALA J 246 -51.23 6.29 21.01
C ALA J 246 -51.43 4.90 20.49
N LYS J 247 -50.72 3.97 21.11
CA LYS J 247 -50.86 2.56 20.77
C LYS J 247 -50.57 1.61 21.92
N VAL J 248 -51.32 0.52 21.99
CA VAL J 248 -51.07 -0.48 23.03
C VAL J 248 -50.82 -1.88 22.47
N ASN J 249 -49.65 -2.41 22.83
CA ASN J 249 -49.19 -3.75 22.47
C ASN J 249 -49.63 -4.77 23.53
N ASN J 250 -49.98 -5.99 23.10
CA ASN J 250 -50.39 -7.08 24.00
C ASN J 250 -49.35 -7.41 25.09
N SER J 251 -48.11 -7.01 24.88
CA SER J 251 -47.01 -7.23 25.81
C SER J 251 -46.92 -6.11 26.86
N SER J 252 -48.01 -5.30 26.96
CA SER J 252 -48.19 -4.17 27.88
C SER J 252 -47.26 -3.04 27.58
N LEU J 253 -47.12 -2.76 26.30
CA LEU J 253 -46.28 -1.65 25.90
C LEU J 253 -47.15 -0.54 25.37
N ILE J 254 -47.09 0.62 26.01
CA ILE J 254 -47.95 1.70 25.61
C ILE J 254 -47.18 2.88 25.04
N GLY J 255 -47.45 3.17 23.79
CA GLY J 255 -46.80 4.27 23.12
C GLY J 255 -47.71 5.47 23.09
N VAL J 256 -47.14 6.66 23.24
CA VAL J 256 -47.89 7.89 23.13
C VAL J 256 -47.11 8.87 22.27
N GLY J 257 -47.81 9.82 21.67
CA GLY J 257 -47.10 10.86 20.93
C GLY J 257 -47.96 12.07 20.60
N TYR J 258 -47.28 13.17 20.31
CA TYR J 258 -47.92 14.43 19.96
C TYR J 258 -47.15 15.21 18.93
N THR J 259 -47.87 15.71 17.94
CA THR J 259 -47.30 16.52 16.89
C THR J 259 -47.99 17.88 16.84
N GLN J 260 -47.18 18.92 16.70
CA GLN J 260 -47.73 20.26 16.56
C GLN J 260 -47.06 21.04 15.45
N THR J 261 -47.87 21.73 14.68
CA THR J 261 -47.34 22.58 13.64
C THR J 261 -47.05 23.88 14.37
N LEU J 262 -45.83 24.35 14.25
CA LEU J 262 -45.44 25.54 14.97
C LEU J 262 -45.74 26.72 14.09
N ARG J 263 -45.47 26.52 12.82
CA ARG J 263 -45.67 27.51 11.77
C ARG J 263 -45.90 26.67 10.52
N PRO J 264 -46.63 27.08 9.50
CA PRO J 264 -46.79 26.27 8.31
C PRO J 264 -45.41 25.92 7.84
N GLY J 265 -45.11 24.68 7.49
CA GLY J 265 -43.75 24.35 7.07
C GLY J 265 -42.85 23.87 8.23
N VAL J 266 -43.30 24.07 9.47
CA VAL J 266 -42.52 23.69 10.64
C VAL J 266 -43.31 22.77 11.59
N LYS J 267 -42.83 21.53 11.77
CA LYS J 267 -43.54 20.59 12.64
C LYS J 267 -42.67 19.94 13.70
N LEU J 268 -43.19 19.95 14.93
CA LEU J 268 -42.51 19.39 16.10
C LEU J 268 -43.23 18.16 16.67
N THR J 269 -42.48 17.05 16.82
CA THR J 269 -43.05 15.81 17.35
C THR J 269 -42.35 15.28 18.60
N LEU J 270 -43.14 14.98 19.62
CA LEU J 270 -42.63 14.40 20.84
C LEU J 270 -43.30 13.06 21.09
N SER J 271 -42.57 12.11 21.67
CA SER J 271 -43.19 10.82 21.96
C SER J 271 -42.53 10.04 23.09
N ALA J 272 -43.25 9.04 23.61
CA ALA J 272 -42.67 8.19 24.65
C ALA J 272 -43.30 6.80 24.71
N LEU J 273 -42.53 5.86 25.25
CA LEU J 273 -42.97 4.49 25.42
C LEU J 273 -42.83 4.01 26.86
N VAL J 274 -43.93 3.47 27.39
CA VAL J 274 -43.89 2.95 28.75
C VAL J 274 -44.16 1.44 28.82
N ASP J 275 -43.31 0.75 29.58
CA ASP J 275 -43.33 -0.71 29.83
C ASP J 275 -44.25 -1.11 30.96
N GLY J 276 -45.51 -1.36 30.69
CA GLY J 276 -46.40 -1.62 31.79
C GLY J 276 -46.16 -3.02 32.33
N LYS J 277 -46.54 -3.26 33.59
CA LYS J 277 -47.13 -2.30 34.52
C LYS J 277 -46.04 -1.65 35.37
N SER J 278 -44.78 -2.04 35.15
CA SER J 278 -43.65 -1.55 35.95
C SER J 278 -43.16 -0.16 35.56
N ILE J 279 -44.03 0.83 35.72
CA ILE J 279 -43.70 2.22 35.38
C ILE J 279 -43.89 3.20 36.53
N ASN J 280 -42.88 4.08 36.80
CA ASN J 280 -41.58 4.18 36.10
C ASN J 280 -40.48 3.34 36.77
N ALA J 281 -40.44 2.03 36.48
CA ALA J 281 -39.51 1.10 37.06
C ALA J 281 -39.20 0.07 35.99
N GLY J 282 -38.88 0.58 34.80
CA GLY J 282 -38.66 -0.23 33.62
C GLY J 282 -38.03 0.60 32.49
N GLY J 283 -38.08 0.10 31.25
CA GLY J 283 -37.39 0.67 30.09
C GLY J 283 -38.09 1.85 29.43
N HIS J 284 -38.31 2.90 30.19
CA HIS J 284 -39.01 4.07 29.71
C HIS J 284 -38.20 4.73 28.57
N LYS J 285 -38.85 5.09 27.46
CA LYS J 285 -38.15 5.75 26.33
C LYS J 285 -38.84 7.02 25.89
N LEU J 286 -38.06 8.00 25.47
CA LEU J 286 -38.60 9.26 24.94
C LEU J 286 -38.03 9.56 23.57
N GLY J 287 -38.74 10.37 22.79
CA GLY J 287 -38.27 10.80 21.48
C GLY J 287 -38.63 12.25 21.16
N LEU J 288 -37.89 12.84 20.23
CA LEU J 288 -38.06 14.23 19.78
C LEU J 288 -37.72 14.42 18.31
N ALA J 289 -38.58 15.07 17.56
CA ALA J 289 -38.19 15.35 16.19
C ALA J 289 -38.70 16.69 15.70
N LEU J 290 -37.88 17.36 14.91
CA LEU J 290 -38.28 18.63 14.31
C LEU J 290 -38.02 18.60 12.82
N GLU J 291 -39.05 18.97 12.05
CA GLU J 291 -38.99 19.01 10.59
C GLU J 291 -39.32 20.40 10.04
N LEU J 292 -38.45 20.91 9.16
CA LEU J 292 -38.64 22.23 8.52
C LEU J 292 -38.54 22.16 7.00
N GLU J 293 -39.61 22.58 6.33
CA GLU J 293 -39.64 22.55 4.87
C GLU J 293 -39.76 23.92 4.22
N ALA J 294 -38.77 24.21 3.38
CA ALA J 294 -38.69 25.45 2.63
C ALA J 294 -38.83 25.17 1.15
N MET K 1 -96.39 -33.01 -35.13
CA MET K 1 -95.31 -33.05 -34.17
C MET K 1 -94.80 -34.46 -33.95
N ALA K 2 -93.51 -34.66 -34.15
CA ALA K 2 -92.90 -35.97 -33.93
C ALA K 2 -93.08 -36.38 -32.49
N SER K 3 -93.26 -37.67 -32.24
CA SER K 3 -93.37 -38.14 -30.88
C SER K 3 -92.00 -38.12 -30.21
N TYR K 4 -92.01 -38.17 -28.88
CA TYR K 4 -90.78 -38.19 -28.13
C TYR K 4 -90.68 -39.36 -27.19
N GLY K 5 -89.48 -39.92 -27.10
CA GLY K 5 -89.18 -40.98 -26.15
C GLY K 5 -88.42 -40.44 -24.94
N GLN K 6 -88.17 -39.14 -24.97
CA GLN K 6 -87.41 -38.37 -23.98
C GLN K 6 -87.41 -36.91 -24.41
N THR K 7 -87.37 -35.99 -23.45
CA THR K 7 -87.34 -34.59 -23.85
C THR K 7 -86.22 -33.77 -23.25
N CYS K 8 -85.77 -32.84 -24.09
CA CYS K 8 -84.72 -31.94 -23.68
C CYS K 8 -84.83 -30.64 -24.49
N PRO K 9 -84.35 -29.53 -23.95
CA PRO K 9 -84.19 -28.22 -24.54
C PRO K 9 -82.91 -28.15 -25.34
N ARG K 10 -82.66 -27.00 -25.94
CA ARG K 10 -81.38 -26.78 -26.56
C ARG K 10 -80.37 -26.42 -25.47
N PRO K 11 -79.06 -26.64 -25.69
CA PRO K 11 -78.03 -26.19 -24.79
C PRO K 11 -78.18 -24.66 -24.66
N MET K 12 -77.90 -24.07 -23.49
CA MET K 12 -77.31 -24.77 -22.36
C MET K 12 -78.23 -24.91 -21.13
N CYS K 13 -79.46 -25.46 -21.34
CA CYS K 13 -80.32 -25.80 -20.22
C CYS K 13 -80.07 -27.28 -19.85
N ILE K 14 -79.18 -27.91 -20.61
CA ILE K 14 -78.74 -29.27 -20.42
C ILE K 14 -77.31 -29.14 -19.89
N PRO K 15 -76.98 -29.69 -18.73
CA PRO K 15 -75.69 -29.58 -18.10
C PRO K 15 -74.64 -30.41 -18.83
N PRO K 16 -73.35 -30.12 -18.59
CA PRO K 16 -72.17 -30.84 -19.04
C PRO K 16 -72.11 -32.20 -18.39
N SER K 17 -71.39 -33.15 -18.99
CA SER K 17 -71.26 -34.45 -18.34
C SER K 17 -70.27 -34.25 -17.20
N TYR K 18 -70.16 -35.21 -16.29
CA TYR K 18 -69.21 -35.03 -15.18
C TYR K 18 -67.81 -34.67 -15.70
N ALA K 19 -67.38 -35.38 -16.74
CA ALA K 19 -66.07 -35.20 -17.36
C ALA K 19 -65.85 -33.79 -17.95
N ASP K 20 -66.93 -33.09 -18.25
CA ASP K 20 -66.87 -31.77 -18.86
C ASP K 20 -66.91 -30.65 -17.81
N LEU K 21 -67.03 -31.01 -16.54
CA LEU K 21 -67.09 -29.96 -15.55
C LEU K 21 -65.74 -29.27 -15.50
N GLY K 22 -65.72 -27.96 -15.63
CA GLY K 22 -64.47 -27.22 -15.60
C GLY K 22 -63.74 -27.20 -16.94
N LYS K 23 -64.36 -27.74 -18.00
CA LYS K 23 -63.67 -27.80 -19.29
C LYS K 23 -63.16 -26.45 -19.79
N ALA K 24 -63.92 -25.37 -19.63
CA ALA K 24 -63.45 -24.10 -20.17
C ALA K 24 -62.14 -23.64 -19.52
N ALA K 25 -62.03 -23.77 -18.20
CA ALA K 25 -60.80 -23.40 -17.51
C ALA K 25 -59.67 -24.32 -17.95
N ARG K 26 -59.98 -25.61 -18.09
CA ARG K 26 -58.98 -26.59 -18.50
C ARG K 26 -58.43 -26.28 -19.87
N ASP K 27 -59.30 -25.89 -20.82
CA ASP K 27 -58.83 -25.56 -22.15
C ASP K 27 -57.85 -24.39 -22.14
N ILE K 28 -58.05 -23.39 -21.29
CA ILE K 28 -57.07 -22.31 -21.25
C ILE K 28 -55.70 -22.84 -20.83
N PHE K 29 -55.66 -23.70 -19.81
CA PHE K 29 -54.41 -24.30 -19.35
C PHE K 29 -53.81 -25.35 -20.31
N ASN K 30 -54.64 -26.07 -21.06
CA ASN K 30 -54.14 -27.12 -21.95
C ASN K 30 -53.97 -26.76 -23.44
N LYS K 31 -54.95 -26.09 -24.04
CA LYS K 31 -54.88 -25.83 -25.45
C LYS K 31 -53.89 -24.75 -25.75
N GLY K 32 -53.20 -24.90 -26.88
CA GLY K 32 -52.21 -23.91 -27.28
C GLY K 32 -50.81 -24.30 -26.82
N PHE K 33 -50.67 -25.35 -26.00
CA PHE K 33 -49.34 -25.72 -25.55
C PHE K 33 -49.03 -27.16 -26.00
N GLY K 34 -47.77 -27.43 -26.35
CA GLY K 34 -47.33 -28.77 -26.77
C GLY K 34 -45.90 -29.09 -26.32
N PHE K 35 -45.53 -28.65 -25.13
CA PHE K 35 -44.15 -28.71 -24.68
C PHE K 35 -43.59 -30.12 -24.75
N GLY K 36 -42.42 -30.27 -25.34
CA GLY K 36 -41.75 -31.56 -25.41
C GLY K 36 -42.15 -32.39 -26.62
N LEU K 37 -43.14 -31.95 -27.38
CA LEU K 37 -43.55 -32.73 -28.53
C LEU K 37 -43.66 -31.99 -29.84
N VAL K 38 -43.51 -32.75 -30.91
CA VAL K 38 -43.81 -32.23 -32.24
C VAL K 38 -45.03 -32.98 -32.75
N LYS K 39 -46.07 -32.24 -33.12
CA LYS K 39 -47.31 -32.89 -33.55
C LYS K 39 -47.74 -32.48 -34.95
N LEU K 40 -48.29 -33.44 -35.68
CA LEU K 40 -48.74 -33.23 -37.04
C LEU K 40 -50.13 -33.75 -37.29
N ASP K 41 -51.08 -32.86 -37.53
CA ASP K 41 -52.46 -33.30 -37.70
C ASP K 41 -53.05 -33.00 -39.09
N VAL K 42 -53.34 -34.05 -39.85
CA VAL K 42 -53.88 -33.87 -41.19
C VAL K 42 -55.31 -34.38 -41.20
N LYS K 43 -56.23 -33.51 -41.57
CA LYS K 43 -57.63 -33.90 -41.60
C LYS K 43 -58.17 -33.62 -42.98
N THR K 44 -58.92 -34.56 -43.51
CA THR K 44 -59.51 -34.38 -44.81
C THR K 44 -60.93 -34.87 -44.83
N LYS K 45 -61.72 -34.37 -45.75
CA LYS K 45 -63.02 -34.95 -45.93
C LYS K 45 -63.36 -35.16 -47.38
N SER K 46 -64.27 -36.09 -47.60
CA SER K 46 -64.85 -36.35 -48.90
C SER K 46 -66.37 -36.22 -48.88
N CYS K 47 -66.90 -35.74 -49.99
CA CYS K 47 -68.33 -35.56 -50.21
C CYS K 47 -69.15 -36.85 -50.12
N SER K 48 -68.46 -37.99 -50.06
CA SER K 48 -69.13 -39.28 -49.92
C SER K 48 -69.58 -39.51 -48.47
N GLY K 49 -69.21 -38.60 -47.54
CA GLY K 49 -69.63 -38.74 -46.15
C GLY K 49 -68.58 -39.40 -45.29
N VAL K 50 -67.34 -39.32 -45.74
CA VAL K 50 -66.26 -39.93 -44.98
C VAL K 50 -65.23 -38.89 -44.62
N GLU K 51 -64.83 -38.94 -43.36
CA GLU K 51 -63.81 -38.04 -42.88
C GLU K 51 -62.59 -38.85 -42.51
N PHE K 52 -61.42 -38.28 -42.76
CA PHE K 52 -60.21 -38.97 -42.41
C PHE K 52 -59.39 -38.09 -41.49
N SER K 53 -58.66 -38.71 -40.58
CA SER K 53 -57.79 -37.96 -39.68
C SER K 53 -56.54 -38.73 -39.31
N THR K 54 -55.39 -38.10 -39.52
CA THR K 54 -54.12 -38.74 -39.18
C THR K 54 -53.33 -37.83 -38.26
N SER K 55 -52.84 -38.39 -37.16
CA SER K 55 -52.12 -37.60 -36.18
C SER K 55 -50.78 -38.20 -35.81
N GLY K 56 -49.73 -37.48 -36.14
CA GLY K 56 -48.35 -37.89 -35.87
C GLY K 56 -47.87 -37.25 -34.57
N SER K 57 -46.97 -37.91 -33.84
CA SER K 57 -46.43 -37.29 -32.63
C SER K 57 -45.02 -37.77 -32.20
N SER K 58 -44.12 -36.82 -31.95
CA SER K 58 -42.75 -37.12 -31.53
C SER K 58 -42.46 -36.59 -30.15
N ASN K 59 -42.12 -37.48 -29.22
CA ASN K 59 -41.88 -37.09 -27.82
C ASN K 59 -40.38 -36.96 -27.51
N THR K 60 -39.94 -35.73 -27.26
CA THR K 60 -38.55 -35.37 -27.06
C THR K 60 -37.90 -36.08 -25.89
N ASP K 61 -38.71 -36.48 -24.91
CA ASP K 61 -38.22 -37.09 -23.70
C ASP K 61 -38.14 -38.60 -23.78
N THR K 62 -38.48 -39.18 -24.94
CA THR K 62 -38.39 -40.62 -25.07
C THR K 62 -37.65 -40.95 -26.34
N GLY K 63 -37.72 -40.04 -27.31
CA GLY K 63 -37.15 -40.21 -28.65
C GLY K 63 -38.05 -41.02 -29.57
N LYS K 64 -39.23 -41.40 -29.07
CA LYS K 64 -40.19 -42.19 -29.81
C LYS K 64 -41.06 -41.32 -30.70
N VAL K 65 -41.32 -41.84 -31.88
CA VAL K 65 -42.19 -41.17 -32.81
C VAL K 65 -43.35 -42.15 -33.03
N THR K 66 -44.57 -41.66 -32.82
CA THR K 66 -45.81 -42.44 -32.89
C THR K 66 -46.87 -41.77 -33.77
N GLY K 67 -48.08 -42.33 -33.74
CA GLY K 67 -49.19 -41.79 -34.48
C GLY K 67 -50.41 -42.72 -34.58
N THR K 68 -51.54 -42.10 -34.96
CA THR K 68 -52.84 -42.75 -35.12
C THR K 68 -53.54 -42.33 -36.42
N LEU K 69 -54.22 -43.27 -37.06
CA LEU K 69 -55.01 -42.96 -38.25
C LEU K 69 -56.45 -43.44 -38.06
N GLU K 70 -57.40 -42.55 -38.36
CA GLU K 70 -58.82 -42.87 -38.25
C GLU K 70 -59.61 -42.53 -39.50
N THR K 71 -60.63 -43.34 -39.78
CA THR K 71 -61.59 -43.09 -40.85
C THR K 71 -63.00 -43.11 -40.28
N LYS K 72 -63.77 -42.07 -40.54
CA LYS K 72 -65.13 -41.98 -39.98
C LYS K 72 -66.19 -41.86 -41.04
N TYR K 73 -67.25 -42.63 -40.90
CA TYR K 73 -68.36 -42.58 -41.85
C TYR K 73 -69.61 -42.07 -41.14
N LYS K 74 -70.20 -41.01 -41.70
CA LYS K 74 -71.38 -40.39 -41.06
C LYS K 74 -72.71 -40.62 -41.75
N TRP K 75 -73.52 -41.48 -41.17
CA TRP K 75 -74.82 -41.82 -41.72
C TRP K 75 -75.82 -40.83 -41.15
N CYS K 76 -75.82 -39.64 -41.73
CA CYS K 76 -76.57 -38.49 -41.24
C CYS K 76 -78.07 -38.77 -41.18
N GLU K 77 -78.56 -39.58 -42.12
CA GLU K 77 -79.97 -39.94 -42.22
C GLU K 77 -80.42 -40.98 -41.19
N TYR K 78 -79.45 -41.59 -40.49
CA TYR K 78 -79.71 -42.64 -39.52
C TYR K 78 -79.31 -42.25 -38.11
N GLY K 79 -78.40 -41.28 -37.97
CA GLY K 79 -77.87 -40.92 -36.68
C GLY K 79 -76.77 -41.91 -36.29
N LEU K 80 -76.12 -42.48 -37.29
CA LEU K 80 -75.09 -43.48 -36.99
C LEU K 80 -73.70 -43.07 -37.48
N THR K 81 -72.70 -43.28 -36.62
CA THR K 81 -71.32 -42.99 -37.02
C THR K 81 -70.48 -44.23 -36.85
N PHE K 82 -69.75 -44.57 -37.91
CA PHE K 82 -68.90 -45.75 -37.92
C PHE K 82 -67.43 -45.36 -38.05
N THR K 83 -66.59 -45.78 -37.12
CA THR K 83 -65.18 -45.39 -37.17
C THR K 83 -64.22 -46.58 -37.22
N GLU K 84 -63.27 -46.50 -38.13
CA GLU K 84 -62.20 -47.49 -38.23
C GLU K 84 -60.91 -46.83 -37.72
N LYS K 85 -60.13 -47.54 -36.90
CA LYS K 85 -58.89 -46.93 -36.39
C LYS K 85 -57.70 -47.87 -36.32
N TRP K 86 -56.50 -47.30 -36.57
CA TRP K 86 -55.23 -48.02 -36.45
C TRP K 86 -54.14 -47.15 -35.82
N ASN K 87 -53.18 -47.75 -35.12
CA ASN K 87 -52.05 -46.92 -34.68
C ASN K 87 -50.71 -47.65 -34.77
N THR K 88 -49.63 -46.95 -34.40
CA THR K 88 -48.25 -47.45 -34.51
C THR K 88 -47.88 -48.56 -33.58
N ASP K 89 -48.72 -48.85 -32.61
CA ASP K 89 -48.42 -49.90 -31.67
C ASP K 89 -49.17 -51.12 -32.15
N ASN K 90 -49.67 -51.04 -33.38
CA ASN K 90 -50.45 -52.07 -34.04
C ASN K 90 -51.75 -52.34 -33.35
N THR K 91 -52.35 -51.33 -32.74
CA THR K 91 -53.64 -51.54 -32.16
C THR K 91 -54.64 -51.09 -33.19
N LEU K 92 -55.65 -51.91 -33.41
CA LEU K 92 -56.69 -51.64 -34.38
C LEU K 92 -58.08 -51.72 -33.76
N GLY K 93 -59.06 -51.06 -34.36
CA GLY K 93 -60.39 -51.22 -33.82
C GLY K 93 -61.52 -50.54 -34.59
N THR K 94 -62.74 -50.76 -34.09
CA THR K 94 -63.96 -50.24 -34.67
C THR K 94 -64.86 -49.59 -33.61
N GLU K 95 -65.43 -48.44 -33.93
CA GLU K 95 -66.36 -47.79 -33.03
C GLU K 95 -67.67 -47.47 -33.72
N ILE K 96 -68.80 -47.79 -33.07
CA ILE K 96 -70.09 -47.45 -33.65
C ILE K 96 -70.92 -46.61 -32.70
N ALA K 97 -71.32 -45.43 -33.15
CA ALA K 97 -72.12 -44.55 -32.30
C ALA K 97 -73.51 -44.38 -32.87
N ILE K 98 -74.48 -44.33 -31.97
CA ILE K 98 -75.89 -44.15 -32.25
C ILE K 98 -76.43 -42.90 -31.56
N GLU K 99 -76.99 -41.95 -32.31
CA GLU K 99 -77.51 -40.73 -31.68
C GLU K 99 -78.97 -40.43 -32.02
N ASP K 100 -79.80 -40.34 -30.98
CA ASP K 100 -81.25 -40.04 -31.07
C ASP K 100 -82.06 -41.09 -31.83
N GLN K 101 -81.49 -42.28 -31.98
CA GLN K 101 -82.15 -43.37 -32.70
C GLN K 101 -83.14 -44.11 -31.83
N ILE K 102 -82.83 -44.19 -30.52
CA ILE K 102 -83.65 -44.91 -29.57
C ILE K 102 -84.67 -43.94 -29.04
N CYS K 103 -84.21 -42.85 -28.45
CA CYS K 103 -85.05 -41.77 -27.94
C CYS K 103 -84.21 -40.50 -28.00
N GLN K 104 -84.87 -39.36 -27.99
CA GLN K 104 -84.15 -38.10 -28.05
C GLN K 104 -83.26 -37.87 -26.85
N GLY K 105 -82.05 -37.39 -27.14
CA GLY K 105 -81.09 -37.11 -26.09
C GLY K 105 -80.29 -38.34 -25.70
N LEU K 106 -80.53 -39.48 -26.36
CA LEU K 106 -79.79 -40.69 -26.02
C LEU K 106 -78.68 -40.99 -27.01
N LYS K 107 -77.49 -41.21 -26.47
CA LYS K 107 -76.33 -41.59 -27.24
C LYS K 107 -75.75 -42.91 -26.74
N LEU K 108 -75.58 -43.84 -27.68
CA LEU K 108 -75.03 -45.17 -27.39
C LEU K 108 -73.80 -45.45 -28.25
N THR K 109 -72.70 -45.86 -27.62
CA THR K 109 -71.50 -46.15 -28.40
C THR K 109 -70.82 -47.48 -28.07
N PHE K 110 -70.47 -48.21 -29.12
CA PHE K 110 -69.77 -49.48 -28.99
C PHE K 110 -68.33 -49.37 -29.48
N ASP K 111 -67.36 -49.64 -28.60
CA ASP K 111 -65.92 -49.50 -28.92
C ASP K 111 -65.15 -50.83 -28.82
N THR K 112 -64.76 -51.43 -29.96
CA THR K 112 -64.04 -52.72 -29.94
C THR K 112 -62.60 -52.57 -30.43
N THR K 113 -61.66 -53.02 -29.60
CA THR K 113 -60.22 -52.92 -29.88
C THR K 113 -59.47 -54.25 -29.85
N PHE K 114 -58.54 -54.42 -30.79
CA PHE K 114 -57.71 -55.61 -30.87
C PHE K 114 -56.22 -55.27 -31.02
N SER K 115 -55.37 -56.00 -30.31
CA SER K 115 -53.94 -55.77 -30.45
C SER K 115 -53.15 -57.06 -30.70
N PRO K 116 -52.73 -57.35 -31.97
CA PRO K 116 -52.00 -58.52 -32.43
C PRO K 116 -50.65 -58.68 -31.71
N ASN K 117 -50.18 -57.62 -31.04
CA ASN K 117 -48.91 -57.67 -30.29
C ASN K 117 -48.99 -58.77 -29.23
N THR K 118 -50.22 -59.04 -28.76
CA THR K 118 -50.50 -60.02 -27.74
C THR K 118 -51.67 -60.90 -28.16
N GLY K 119 -52.46 -60.39 -29.11
CA GLY K 119 -53.69 -61.04 -29.57
C GLY K 119 -54.89 -60.67 -28.71
N LYS K 120 -54.69 -59.77 -27.76
CA LYS K 120 -55.72 -59.30 -26.85
C LYS K 120 -56.88 -58.57 -27.53
N LYS K 121 -58.08 -58.89 -27.07
CA LYS K 121 -59.28 -58.21 -27.55
C LYS K 121 -60.02 -57.67 -26.35
N SER K 122 -60.50 -56.43 -26.45
CA SER K 122 -61.24 -55.76 -25.37
C SER K 122 -62.14 -54.67 -25.92
N GLY K 123 -62.98 -54.09 -25.06
CA GLY K 123 -63.81 -53.00 -25.56
C GLY K 123 -64.67 -52.34 -24.51
N LYS K 124 -65.44 -51.36 -24.95
CA LYS K 124 -66.31 -50.58 -24.08
C LYS K 124 -67.69 -50.36 -24.66
N ILE K 125 -68.68 -50.27 -23.78
CA ILE K 125 -70.01 -49.86 -24.23
C ILE K 125 -70.39 -48.63 -23.44
N LYS K 126 -70.72 -47.57 -24.15
CA LYS K 126 -71.04 -46.32 -23.49
C LYS K 126 -72.49 -45.93 -23.71
N SER K 127 -73.09 -45.34 -22.68
CA SER K 127 -74.45 -44.82 -22.75
C SER K 127 -74.58 -43.48 -22.06
N SER K 128 -75.16 -42.50 -22.76
CA SER K 128 -75.31 -41.15 -22.23
C SER K 128 -76.65 -40.49 -22.59
N TYR K 129 -77.33 -39.98 -21.56
CA TYR K 129 -78.64 -39.38 -21.69
C TYR K 129 -78.64 -37.89 -21.35
N LYS K 130 -79.08 -37.06 -22.30
CA LYS K 130 -79.18 -35.63 -22.12
C LYS K 130 -80.62 -35.17 -22.04
N ARG K 131 -80.97 -34.48 -20.96
CA ARG K 131 -82.33 -33.98 -20.78
C ARG K 131 -82.32 -32.63 -20.09
N GLU K 132 -83.48 -32.01 -20.02
CA GLU K 132 -83.51 -30.73 -19.32
C GLU K 132 -82.92 -30.90 -17.92
N CYS K 133 -81.94 -30.05 -17.57
CA CYS K 133 -81.24 -30.02 -16.29
C CYS K 133 -80.56 -31.30 -15.80
N VAL K 134 -80.42 -32.33 -16.66
CA VAL K 134 -79.70 -33.56 -16.24
C VAL K 134 -78.84 -34.13 -17.40
N ASN K 135 -77.65 -34.58 -17.05
CA ASN K 135 -76.74 -35.25 -17.99
C ASN K 135 -76.18 -36.49 -17.28
N LEU K 136 -76.70 -37.67 -17.65
CA LEU K 136 -76.30 -38.90 -16.94
C LEU K 136 -75.83 -40.00 -17.87
N GLY K 137 -75.03 -40.92 -17.36
CA GLY K 137 -74.60 -42.02 -18.21
C GLY K 137 -73.68 -43.01 -17.53
N CYS K 138 -73.16 -43.92 -18.35
CA CYS K 138 -72.26 -44.95 -17.87
C CYS K 138 -71.45 -45.63 -18.97
N ASP K 139 -70.16 -45.80 -18.69
CA ASP K 139 -69.25 -46.53 -19.56
C ASP K 139 -68.94 -47.89 -18.96
N VAL K 140 -69.11 -48.99 -19.69
CA VAL K 140 -68.74 -50.28 -19.14
C VAL K 140 -67.56 -50.84 -19.93
N ASP K 141 -66.48 -51.10 -19.20
CA ASP K 141 -65.21 -51.56 -19.75
C ASP K 141 -65.08 -53.07 -19.66
N PHE K 142 -65.09 -53.75 -20.80
CA PHE K 142 -65.06 -55.21 -20.87
C PHE K 142 -63.64 -55.69 -21.20
N ASP K 143 -63.04 -56.40 -20.26
CA ASP K 143 -61.67 -56.87 -20.39
C ASP K 143 -61.48 -58.17 -19.61
N PHE K 144 -60.27 -58.71 -19.65
CA PHE K 144 -59.97 -59.91 -18.91
C PHE K 144 -60.20 -59.66 -17.43
N ALA K 145 -60.95 -60.54 -16.80
CA ALA K 145 -61.24 -60.42 -15.38
C ALA K 145 -61.88 -59.05 -15.01
N GLY K 146 -62.70 -58.53 -15.91
CA GLY K 146 -63.50 -57.36 -15.68
C GLY K 146 -64.95 -57.84 -15.63
N PRO K 147 -65.94 -57.03 -16.02
CA PRO K 147 -65.95 -55.65 -16.48
C PRO K 147 -65.83 -54.62 -15.36
N ALA K 148 -65.48 -53.40 -15.75
CA ALA K 148 -65.56 -52.27 -14.82
C ALA K 148 -66.71 -51.36 -15.23
N ILE K 149 -67.39 -50.81 -14.26
CA ILE K 149 -68.51 -49.95 -14.52
C ILE K 149 -68.23 -48.52 -14.09
N HIS K 150 -68.31 -47.58 -15.01
CA HIS K 150 -68.02 -46.18 -14.71
C HIS K 150 -69.28 -45.32 -14.89
N GLY K 151 -69.98 -45.04 -13.79
CA GLY K 151 -71.25 -44.32 -13.85
C GLY K 151 -71.08 -42.84 -13.53
N SER K 152 -71.97 -41.99 -14.03
CA SER K 152 -71.89 -40.59 -13.66
C SER K 152 -73.19 -39.83 -13.87
N ALA K 153 -73.30 -38.70 -13.18
CA ALA K 153 -74.43 -37.82 -13.45
C ALA K 153 -74.18 -36.42 -12.93
N VAL K 154 -74.66 -35.48 -13.73
CA VAL K 154 -74.65 -34.06 -13.43
C VAL K 154 -76.04 -33.50 -13.56
N PHE K 155 -76.39 -32.66 -12.64
CA PHE K 155 -77.69 -32.03 -12.67
C PHE K 155 -77.55 -30.58 -12.28
N GLY K 156 -78.56 -29.79 -12.61
CA GLY K 156 -78.44 -28.41 -12.19
C GLY K 156 -79.72 -27.60 -12.18
N TYR K 157 -79.55 -26.34 -11.81
CA TYR K 157 -80.65 -25.40 -11.69
C TYR K 157 -80.19 -23.95 -11.64
N GLU K 158 -80.74 -23.10 -12.51
CA GLU K 158 -80.40 -21.67 -12.55
C GLU K 158 -78.90 -21.37 -12.57
N GLY K 159 -78.14 -22.14 -13.33
CA GLY K 159 -76.70 -21.98 -13.48
C GLY K 159 -75.90 -22.83 -12.49
N TRP K 160 -76.54 -23.39 -11.47
CA TRP K 160 -75.82 -24.18 -10.49
C TRP K 160 -75.70 -25.62 -10.95
N LEU K 161 -74.53 -26.20 -10.75
CA LEU K 161 -74.26 -27.59 -11.09
C LEU K 161 -73.81 -28.44 -9.92
N ALA K 162 -74.15 -29.71 -9.99
CA ALA K 162 -73.63 -30.68 -9.04
C ALA K 162 -73.63 -32.06 -9.68
N GLY K 163 -72.76 -32.93 -9.21
CA GLY K 163 -72.76 -34.28 -9.75
C GLY K 163 -71.75 -35.22 -9.13
N TYR K 164 -71.71 -36.42 -9.69
CA TYR K 164 -70.84 -37.48 -9.20
C TYR K 164 -70.34 -38.38 -10.32
N GLN K 165 -69.32 -39.15 -9.98
CA GLN K 165 -68.76 -40.17 -10.85
C GLN K 165 -68.26 -41.36 -10.03
N MET K 166 -68.66 -42.57 -10.41
CA MET K 166 -68.22 -43.74 -9.65
C MET K 166 -67.74 -44.89 -10.51
N THR K 167 -66.65 -45.52 -10.08
CA THR K 167 -66.12 -46.68 -10.77
C THR K 167 -66.21 -47.89 -9.89
N PHE K 168 -66.78 -48.96 -10.45
CA PHE K 168 -66.94 -50.22 -9.76
C PHE K 168 -66.21 -51.33 -10.51
N ASP K 169 -65.70 -52.29 -9.76
CA ASP K 169 -65.04 -53.45 -10.33
C ASP K 169 -65.90 -54.69 -10.10
N SER K 170 -66.54 -55.20 -11.16
CA SER K 170 -67.50 -56.29 -11.07
C SER K 170 -66.86 -57.61 -10.73
N ALA K 171 -65.54 -57.70 -10.83
CA ALA K 171 -64.87 -58.93 -10.49
C ALA K 171 -64.68 -59.02 -8.97
N LYS K 172 -64.95 -57.91 -8.28
CA LYS K 172 -64.80 -57.83 -6.84
C LYS K 172 -66.15 -57.52 -6.23
N SER K 173 -67.00 -56.84 -7.03
CA SER K 173 -68.29 -56.27 -6.63
C SER K 173 -68.08 -55.18 -5.58
N LYS K 174 -67.08 -54.35 -5.86
CA LYS K 174 -66.69 -53.24 -5.00
C LYS K 174 -66.58 -51.92 -5.74
N LEU K 175 -66.80 -50.82 -5.02
CA LEU K 175 -66.54 -49.50 -5.56
C LEU K 175 -65.06 -49.23 -5.41
N THR K 176 -64.42 -48.72 -6.46
CA THR K 176 -63.00 -48.42 -6.40
C THR K 176 -62.72 -46.92 -6.44
N ARG K 177 -63.65 -46.14 -7.01
CA ARG K 177 -63.51 -44.68 -7.09
C ARG K 177 -64.85 -43.98 -6.90
N ASN K 178 -64.87 -42.89 -6.13
CA ASN K 178 -66.10 -42.09 -5.95
C ASN K 178 -65.79 -40.58 -5.93
N ASN K 179 -66.06 -39.93 -7.04
CA ASN K 179 -65.75 -38.52 -7.20
C ASN K 179 -67.01 -37.68 -7.07
N PHE K 180 -66.88 -36.47 -6.52
CA PHE K 180 -68.00 -35.54 -6.44
C PHE K 180 -67.62 -34.14 -6.89
N ALA K 181 -68.60 -33.40 -7.41
CA ALA K 181 -68.32 -32.03 -7.78
C ALA K 181 -69.54 -31.11 -7.70
N VAL K 182 -69.23 -29.84 -7.48
CA VAL K 182 -70.21 -28.76 -7.47
C VAL K 182 -69.70 -27.57 -8.27
N GLY K 183 -70.59 -26.68 -8.69
CA GLY K 183 -70.14 -25.49 -9.37
C GLY K 183 -71.25 -24.57 -9.86
N TYR K 184 -70.85 -23.58 -10.63
CA TYR K 184 -71.74 -22.58 -11.21
C TYR K 184 -71.27 -22.18 -12.58
N ARG K 185 -72.20 -22.05 -13.53
CA ARG K 185 -71.78 -21.57 -14.83
C ARG K 185 -72.69 -20.56 -15.47
N THR K 186 -72.05 -19.62 -16.14
CA THR K 186 -72.72 -18.68 -17.00
C THR K 186 -71.85 -18.39 -18.23
N GLY K 187 -72.28 -17.44 -19.04
CA GLY K 187 -71.56 -17.09 -20.26
C GLY K 187 -70.19 -16.46 -20.00
N ASP K 188 -70.12 -15.65 -18.94
CA ASP K 188 -68.93 -14.89 -18.59
C ASP K 188 -67.96 -15.66 -17.69
N PHE K 189 -68.44 -16.55 -16.86
CA PHE K 189 -67.54 -17.25 -15.97
C PHE K 189 -68.07 -18.60 -15.52
N GLN K 190 -67.15 -19.44 -15.06
CA GLN K 190 -67.53 -20.72 -14.47
C GLN K 190 -66.70 -21.00 -13.23
N LEU K 191 -67.35 -21.55 -12.22
CA LEU K 191 -66.72 -21.90 -10.96
C LEU K 191 -66.90 -23.37 -10.66
N HIS K 192 -65.81 -24.09 -10.41
CA HIS K 192 -65.93 -25.52 -10.11
C HIS K 192 -65.08 -25.97 -8.93
N THR K 193 -65.65 -26.83 -8.10
CA THR K 193 -64.95 -27.46 -6.97
C THR K 193 -65.22 -28.97 -6.98
N ASN K 194 -64.20 -29.77 -6.68
CA ASN K 194 -64.42 -31.20 -6.63
C ASN K 194 -63.55 -31.94 -5.64
N VAL K 195 -63.92 -33.21 -5.44
CA VAL K 195 -63.19 -34.13 -4.59
C VAL K 195 -63.13 -35.54 -5.18
N ASN K 196 -61.95 -36.17 -5.08
CA ASN K 196 -61.79 -37.54 -5.51
C ASN K 196 -61.49 -38.45 -4.32
N ASP K 197 -62.44 -39.35 -4.02
CA ASP K 197 -62.35 -40.34 -2.94
C ASP K 197 -62.19 -39.77 -1.53
N GLY K 198 -62.52 -38.51 -1.35
CA GLY K 198 -62.45 -37.86 -0.06
C GLY K 198 -61.03 -37.40 0.31
N THR K 199 -60.07 -37.62 -0.61
CA THR K 199 -58.68 -37.29 -0.34
C THR K 199 -58.14 -36.18 -1.24
N GLU K 200 -58.38 -36.28 -2.54
CA GLU K 200 -57.84 -35.27 -3.44
C GLU K 200 -58.87 -34.21 -3.69
N PHE K 201 -58.52 -32.96 -3.44
CA PHE K 201 -59.45 -31.87 -3.61
C PHE K 201 -58.93 -30.83 -4.57
N GLY K 202 -59.84 -30.13 -5.23
CA GLY K 202 -59.40 -29.06 -6.11
C GLY K 202 -60.54 -28.32 -6.74
N GLY K 203 -60.20 -27.46 -7.68
CA GLY K 203 -61.20 -26.66 -8.34
C GLY K 203 -60.60 -25.70 -9.35
N SER K 204 -61.46 -24.95 -10.00
CA SER K 204 -61.02 -24.00 -10.99
C SER K 204 -61.98 -22.84 -11.23
N ILE K 205 -61.41 -21.76 -11.73
CA ILE K 205 -62.14 -20.56 -12.11
C ILE K 205 -61.89 -20.22 -13.57
N TYR K 206 -62.97 -20.04 -14.31
CA TYR K 206 -62.90 -19.58 -15.71
C TYR K 206 -63.50 -18.20 -15.75
N GLN K 207 -62.83 -17.26 -16.39
CA GLN K 207 -63.38 -15.91 -16.49
C GLN K 207 -63.10 -15.21 -17.82
N LYS K 208 -64.15 -14.67 -18.43
CA LYS K 208 -63.98 -13.84 -19.62
C LYS K 208 -63.62 -12.48 -19.07
N VAL K 209 -62.58 -11.87 -19.63
CA VAL K 209 -62.17 -10.58 -19.09
C VAL K 209 -62.45 -9.50 -20.11
N CYS K 210 -62.05 -9.74 -21.32
CA CYS K 210 -62.23 -8.79 -22.38
C CYS K 210 -62.63 -9.61 -23.55
N GLU K 211 -63.05 -8.96 -24.61
CA GLU K 211 -63.48 -9.72 -25.79
C GLU K 211 -62.39 -10.64 -26.36
N ASP K 212 -61.16 -10.19 -26.29
CA ASP K 212 -60.01 -10.92 -26.74
C ASP K 212 -59.24 -11.62 -25.62
N LEU K 213 -59.80 -11.68 -24.40
CA LEU K 213 -59.04 -12.27 -23.30
C LEU K 213 -59.81 -13.22 -22.38
N ASP K 214 -59.31 -14.46 -22.34
CA ASP K 214 -59.85 -15.57 -21.57
C ASP K 214 -58.86 -15.97 -20.46
N THR K 215 -59.26 -15.90 -19.18
CA THR K 215 -58.30 -16.27 -18.12
C THR K 215 -58.84 -17.36 -17.21
N SER K 216 -57.95 -18.03 -16.48
CA SER K 216 -58.36 -19.04 -15.52
C SER K 216 -57.38 -19.32 -14.38
N VAL K 217 -57.92 -19.92 -13.31
CA VAL K 217 -57.15 -20.30 -12.13
C VAL K 217 -57.41 -21.76 -11.74
N ASN K 218 -56.35 -22.54 -11.49
CA ASN K 218 -56.49 -23.91 -11.01
C ASN K 218 -56.00 -24.04 -9.57
N LEU K 219 -56.75 -24.81 -8.78
CA LEU K 219 -56.42 -25.09 -7.38
C LEU K 219 -56.41 -26.59 -7.08
N ALA K 220 -55.51 -27.04 -6.21
CA ALA K 220 -55.53 -28.45 -5.78
C ALA K 220 -54.86 -28.65 -4.42
N TRP K 221 -55.31 -29.65 -3.67
CA TRP K 221 -54.68 -29.98 -2.39
C TRP K 221 -54.95 -31.43 -1.96
N THR K 222 -54.10 -31.95 -1.05
CA THR K 222 -54.29 -33.34 -0.61
C THR K 222 -54.60 -33.51 0.88
N SER K 223 -55.68 -34.23 1.19
CA SER K 223 -56.04 -34.45 2.58
C SER K 223 -54.95 -35.17 3.35
N GLY K 224 -54.76 -34.73 4.57
CA GLY K 224 -53.78 -35.27 5.48
C GLY K 224 -52.51 -34.44 5.48
N THR K 225 -52.36 -33.55 4.50
CA THR K 225 -51.17 -32.72 4.48
C THR K 225 -51.44 -31.26 4.21
N ASN K 226 -50.35 -30.49 4.20
CA ASN K 226 -50.42 -29.05 4.00
C ASN K 226 -50.00 -28.66 2.58
N CYS K 227 -49.90 -29.65 1.73
CA CYS K 227 -49.50 -29.45 0.36
C CYS K 227 -50.61 -28.96 -0.52
N THR K 228 -50.37 -27.79 -1.10
CA THR K 228 -51.32 -27.20 -2.01
C THR K 228 -50.59 -26.91 -3.30
N ARG K 229 -51.33 -26.91 -4.38
CA ARG K 229 -50.83 -26.60 -5.71
C ARG K 229 -51.78 -25.63 -6.38
N PHE K 230 -51.24 -24.81 -7.26
CA PHE K 230 -52.08 -23.89 -7.98
C PHE K 230 -51.41 -23.34 -9.21
N GLY K 231 -52.21 -22.67 -10.03
CA GLY K 231 -51.65 -21.94 -11.15
C GLY K 231 -52.65 -21.04 -11.85
N ILE K 232 -52.11 -20.11 -12.61
CA ILE K 232 -52.92 -19.12 -13.33
C ILE K 232 -52.57 -19.12 -14.82
N ALA K 233 -53.59 -19.06 -15.68
CA ALA K 233 -53.34 -19.07 -17.12
C ALA K 233 -54.22 -18.10 -17.87
N ALA K 234 -53.77 -17.75 -19.06
CA ALA K 234 -54.54 -16.88 -19.92
C ALA K 234 -54.27 -17.10 -21.40
N LYS K 235 -55.28 -16.77 -22.19
CA LYS K 235 -55.23 -16.80 -23.63
C LYS K 235 -55.70 -15.45 -24.20
N TYR K 236 -54.86 -14.87 -25.05
CA TYR K 236 -55.17 -13.57 -25.63
C TYR K 236 -55.22 -13.60 -27.16
N GLN K 237 -56.34 -13.13 -27.72
CA GLN K 237 -56.47 -13.10 -29.16
C GLN K 237 -55.80 -11.85 -29.64
N LEU K 238 -54.69 -12.03 -30.34
CA LEU K 238 -53.85 -10.95 -30.76
C LEU K 238 -54.51 -10.30 -31.96
N ASP K 239 -54.97 -11.14 -32.87
CA ASP K 239 -55.67 -10.69 -34.05
C ASP K 239 -56.52 -11.88 -34.52
N PRO K 240 -57.36 -11.75 -35.56
CA PRO K 240 -58.22 -12.82 -36.05
C PRO K 240 -57.46 -14.08 -36.47
N THR K 241 -56.16 -13.97 -36.76
CA THR K 241 -55.41 -15.14 -37.14
C THR K 241 -54.17 -15.31 -36.28
N ALA K 242 -54.26 -14.93 -35.00
CA ALA K 242 -53.13 -15.14 -34.11
C ALA K 242 -53.50 -15.04 -32.64
N SER K 243 -52.84 -15.84 -31.82
CA SER K 243 -53.06 -15.75 -30.39
C SER K 243 -51.87 -16.18 -29.56
N ILE K 244 -51.83 -15.67 -28.35
CA ILE K 244 -50.78 -16.02 -27.40
C ILE K 244 -51.36 -16.57 -26.12
N SER K 245 -50.61 -17.41 -25.47
CA SER K 245 -51.07 -17.96 -24.21
C SER K 245 -49.91 -18.16 -23.26
N ALA K 246 -50.23 -18.17 -21.99
CA ALA K 246 -49.23 -18.42 -20.99
C ALA K 246 -49.84 -18.94 -19.72
N LYS K 247 -49.02 -19.60 -18.92
CA LYS K 247 -49.46 -20.08 -17.62
C LYS K 247 -48.35 -20.20 -16.60
N VAL K 248 -48.67 -19.89 -15.34
CA VAL K 248 -47.68 -20.03 -14.27
C VAL K 248 -48.14 -20.94 -13.14
N ASN K 249 -47.33 -21.96 -12.89
CA ASN K 249 -47.51 -22.95 -11.83
C ASN K 249 -46.81 -22.50 -10.54
N ASN K 250 -47.41 -22.77 -9.37
CA ASN K 250 -46.84 -22.43 -8.07
C ASN K 250 -45.43 -22.98 -7.85
N SER K 251 -45.05 -24.00 -8.61
CA SER K 251 -43.75 -24.64 -8.54
C SER K 251 -42.71 -23.92 -9.42
N SER K 252 -43.05 -22.70 -9.85
CA SER K 252 -42.26 -21.78 -10.68
C SER K 252 -42.06 -22.33 -12.08
N LEU K 253 -43.12 -22.86 -12.62
CA LEU K 253 -43.06 -23.37 -13.98
C LEU K 253 -43.87 -22.46 -14.87
N ILE K 254 -43.20 -21.86 -15.85
CA ILE K 254 -43.89 -20.93 -16.71
C ILE K 254 -44.00 -21.42 -18.15
N GLY K 255 -45.23 -21.59 -18.57
CA GLY K 255 -45.50 -22.04 -19.92
C GLY K 255 -45.84 -20.87 -20.81
N VAL K 256 -45.40 -20.90 -22.05
CA VAL K 256 -45.78 -19.89 -23.02
C VAL K 256 -46.16 -20.57 -24.32
N GLY K 257 -46.95 -19.91 -25.15
CA GLY K 257 -47.25 -20.46 -26.46
C GLY K 257 -47.86 -19.45 -27.41
N TYR K 258 -47.77 -19.76 -28.70
CA TYR K 258 -48.29 -18.95 -29.78
C TYR K 258 -48.85 -19.76 -30.92
N THR K 259 -50.03 -19.36 -31.36
CA THR K 259 -50.69 -20.00 -32.49
C THR K 259 -50.96 -18.98 -33.58
N GLN K 260 -50.69 -19.36 -34.82
CA GLN K 260 -50.97 -18.51 -35.96
C GLN K 260 -51.65 -19.26 -37.09
N THR K 261 -52.66 -18.64 -37.65
CA THR K 261 -53.31 -19.23 -38.81
C THR K 261 -52.46 -18.76 -39.97
N LEU K 262 -52.01 -19.69 -40.78
CA LEU K 262 -51.13 -19.33 -41.87
C LEU K 262 -51.99 -19.03 -43.06
N ARG K 263 -53.03 -19.84 -43.18
CA ARG K 263 -54.00 -19.75 -44.26
C ARG K 263 -55.26 -20.34 -43.64
N PRO K 264 -56.49 -19.97 -44.02
CA PRO K 264 -57.67 -20.59 -43.44
C PRO K 264 -57.50 -22.07 -43.58
N GLY K 265 -57.74 -22.88 -42.57
CA GLY K 265 -57.54 -24.33 -42.73
C GLY K 265 -56.13 -24.78 -42.30
N VAL K 266 -55.20 -23.84 -42.13
CA VAL K 266 -53.83 -24.16 -41.77
C VAL K 266 -53.38 -23.43 -40.50
N LYS K 267 -53.06 -24.17 -39.43
CA LYS K 267 -52.64 -23.53 -38.18
C LYS K 267 -51.33 -24.08 -37.62
N LEU K 268 -50.47 -23.14 -37.24
CA LEU K 268 -49.15 -23.44 -36.69
C LEU K 268 -49.01 -23.02 -35.21
N THR K 269 -48.60 -23.96 -34.36
CA THR K 269 -48.43 -23.68 -32.93
C THR K 269 -47.03 -23.97 -32.39
N LEU K 270 -46.49 -22.98 -31.69
CA LEU K 270 -45.19 -23.11 -31.05
C LEU K 270 -45.33 -22.89 -29.56
N SER K 271 -44.53 -23.61 -28.76
CA SER K 271 -44.62 -23.39 -27.31
C SER K 271 -43.36 -23.78 -26.55
N ALA K 272 -43.25 -23.29 -25.32
CA ALA K 272 -42.11 -23.64 -24.48
C ALA K 272 -42.40 -23.55 -22.98
N LEU K 273 -41.62 -24.30 -22.21
CA LEU K 273 -41.73 -24.33 -20.77
C LEU K 273 -40.41 -24.03 -20.08
N VAL K 274 -40.44 -23.06 -19.17
CA VAL K 274 -39.23 -22.73 -18.43
C VAL K 274 -39.36 -22.97 -16.92
N ASP K 275 -38.33 -23.62 -16.36
CA ASP K 275 -38.20 -23.99 -14.94
C ASP K 275 -37.60 -22.90 -14.09
N GLY K 276 -38.42 -22.01 -13.55
CA GLY K 276 -37.84 -20.90 -12.85
C GLY K 276 -37.31 -21.35 -11.49
N LYS K 277 -36.36 -20.60 -10.92
CA LYS K 277 -35.73 -19.42 -11.48
C LYS K 277 -34.46 -19.80 -12.25
N SER K 278 -34.12 -21.09 -12.27
CA SER K 278 -32.88 -21.58 -12.89
C SER K 278 -32.95 -21.68 -14.42
N ILE K 279 -33.14 -20.54 -15.08
CA ILE K 279 -33.23 -20.49 -16.53
C ILE K 279 -32.23 -19.55 -17.19
N ASN K 280 -31.51 -20.00 -18.25
CA ASN K 280 -31.56 -21.36 -18.84
C ASN K 280 -30.52 -22.32 -18.22
N ALA K 281 -30.82 -22.89 -17.06
CA ALA K 281 -29.94 -23.77 -16.33
C ALA K 281 -30.81 -24.80 -15.66
N GLY K 282 -31.72 -25.39 -16.45
CA GLY K 282 -32.73 -26.32 -15.97
C GLY K 282 -33.42 -27.03 -17.15
N GLY K 283 -34.58 -27.65 -16.89
CA GLY K 283 -35.29 -28.50 -17.86
C GLY K 283 -36.13 -27.77 -18.88
N HIS K 284 -35.49 -26.93 -19.67
CA HIS K 284 -36.18 -26.13 -20.67
C HIS K 284 -36.80 -27.07 -21.73
N LYS K 285 -38.07 -26.82 -22.10
CA LYS K 285 -38.73 -27.65 -23.13
C LYS K 285 -39.38 -26.81 -24.21
N LEU K 286 -39.36 -27.31 -25.44
CA LEU K 286 -40.01 -26.65 -26.57
C LEU K 286 -40.97 -27.58 -27.27
N GLY K 287 -41.94 -27.01 -27.98
CA GLY K 287 -42.89 -27.80 -28.77
C GLY K 287 -43.25 -27.12 -30.10
N LEU K 288 -43.75 -27.94 -31.04
CA LEU K 288 -44.16 -27.50 -32.38
C LEU K 288 -45.31 -28.31 -32.94
N ALA K 289 -46.32 -27.66 -33.45
CA ALA K 289 -47.37 -28.45 -34.08
C ALA K 289 -47.97 -27.76 -35.30
N LEU K 290 -48.29 -28.55 -36.30
CA LEU K 290 -48.93 -28.01 -37.50
C LEU K 290 -50.16 -28.84 -37.82
N GLU K 291 -51.29 -28.15 -38.03
CA GLU K 291 -52.57 -28.77 -38.37
C GLU K 291 -53.13 -28.24 -39.69
N LEU K 292 -53.51 -29.16 -40.58
CA LEU K 292 -54.11 -28.82 -41.88
C LEU K 292 -55.42 -29.52 -42.14
N GLU K 293 -56.48 -28.74 -42.36
CA GLU K 293 -57.80 -29.31 -42.59
C GLU K 293 -58.37 -29.01 -43.97
N ALA K 294 -58.68 -30.09 -44.68
CA ALA K 294 -59.24 -30.05 -46.02
C ALA K 294 -60.66 -30.61 -45.99
N MET L 1 -49.46 -8.58 -53.39
CA MET L 1 -48.61 -9.66 -53.87
C MET L 1 -48.14 -10.54 -52.72
N ALA L 2 -48.40 -11.84 -52.84
CA ALA L 2 -47.95 -12.79 -51.82
C ALA L 2 -46.44 -12.76 -51.72
N SER L 3 -45.91 -12.94 -50.52
CA SER L 3 -44.47 -13.01 -50.37
C SER L 3 -43.95 -14.33 -50.90
N TYR L 4 -42.64 -14.36 -51.16
CA TYR L 4 -42.01 -15.57 -51.63
C TYR L 4 -40.85 -16.00 -50.78
N GLY L 5 -40.75 -17.31 -50.61
CA GLY L 5 -39.61 -17.91 -49.91
C GLY L 5 -38.62 -18.51 -50.90
N GLN L 6 -38.95 -18.40 -52.18
CA GLN L 6 -38.21 -18.93 -53.32
C GLN L 6 -38.94 -18.52 -54.59
N THR L 7 -38.22 -18.33 -55.68
CA THR L 7 -38.90 -17.95 -56.91
C THR L 7 -38.60 -18.82 -58.11
N CYS L 8 -39.64 -18.98 -58.91
CA CYS L 8 -39.54 -19.74 -60.13
C CYS L 8 -40.59 -19.26 -61.12
N PRO L 9 -40.35 -19.42 -62.42
CA PRO L 9 -41.23 -19.19 -63.55
C PRO L 9 -42.12 -20.39 -63.77
N ARG L 10 -42.96 -20.31 -64.78
CA ARG L 10 -43.73 -21.46 -65.18
C ARG L 10 -42.83 -22.36 -66.04
N PRO L 11 -43.10 -23.66 -66.12
CA PRO L 11 -42.42 -24.56 -67.03
C PRO L 11 -42.61 -23.99 -68.45
N MET L 12 -41.62 -24.12 -69.35
CA MET L 12 -40.41 -24.90 -69.10
C MET L 12 -39.11 -24.09 -69.01
N CYS L 13 -39.09 -23.06 -68.12
CA CYS L 13 -37.86 -22.34 -67.83
C CYS L 13 -37.20 -23.00 -66.60
N ILE L 14 -37.88 -24.01 -66.08
CA ILE L 14 -37.44 -24.82 -64.96
C ILE L 14 -37.07 -26.16 -65.58
N PRO L 15 -35.85 -26.66 -65.43
CA PRO L 15 -35.36 -27.88 -66.01
C PRO L 15 -35.98 -29.11 -65.35
N PRO L 16 -35.92 -30.27 -66.01
CA PRO L 16 -36.32 -31.59 -65.56
C PRO L 16 -35.39 -32.03 -64.44
N SER L 17 -35.82 -32.98 -63.61
CA SER L 17 -34.92 -33.48 -62.58
C SER L 17 -33.94 -34.40 -63.28
N TYR L 18 -32.86 -34.79 -62.63
CA TYR L 18 -31.89 -35.67 -63.30
C TYR L 18 -32.60 -36.91 -63.89
N ALA L 19 -33.48 -37.51 -63.10
CA ALA L 19 -34.24 -38.70 -63.48
C ALA L 19 -35.13 -38.50 -64.71
N ASP L 20 -35.49 -37.26 -65.02
CA ASP L 20 -36.37 -36.94 -66.12
C ASP L 20 -35.59 -36.62 -67.39
N LEU L 21 -34.27 -36.63 -67.33
CA LEU L 21 -33.52 -36.30 -68.53
C LEU L 21 -33.73 -37.40 -69.53
N GLY L 22 -34.15 -37.06 -70.75
CA GLY L 22 -34.38 -38.06 -71.77
C GLY L 22 -35.75 -38.73 -71.68
N LYS L 23 -36.61 -38.26 -70.77
CA LYS L 23 -37.91 -38.90 -70.59
C LYS L 23 -38.73 -39.01 -71.88
N ALA L 24 -38.75 -37.98 -72.72
CA ALA L 24 -39.58 -38.07 -73.91
C ALA L 24 -39.17 -39.22 -74.84
N ALA L 25 -37.86 -39.39 -75.06
CA ALA L 25 -37.37 -40.49 -75.88
C ALA L 25 -37.70 -41.82 -75.22
N ARG L 26 -37.54 -41.87 -73.90
CA ARG L 26 -37.79 -43.09 -73.15
C ARG L 26 -39.25 -43.50 -73.27
N ASP L 27 -40.18 -42.54 -73.18
CA ASP L 27 -41.58 -42.88 -73.32
C ASP L 27 -41.90 -43.49 -74.67
N ILE L 28 -41.28 -43.04 -75.75
CA ILE L 28 -41.56 -43.68 -77.03
C ILE L 28 -41.15 -45.16 -76.99
N PHE L 29 -39.97 -45.45 -76.44
CA PHE L 29 -39.50 -46.83 -76.32
C PHE L 29 -40.26 -47.69 -75.26
N ASN L 30 -40.76 -47.06 -74.19
CA ASN L 30 -41.45 -47.81 -73.14
C ASN L 30 -42.99 -47.85 -73.18
N LYS L 31 -43.62 -46.71 -73.40
CA LYS L 31 -45.07 -46.67 -73.34
C LYS L 31 -45.67 -47.33 -74.55
N GLY L 32 -46.79 -48.00 -74.33
CA GLY L 32 -47.48 -48.68 -75.42
C GLY L 32 -47.06 -50.14 -75.55
N PHE L 33 -46.05 -50.58 -74.79
CA PHE L 33 -45.65 -51.98 -74.89
C PHE L 33 -45.80 -52.65 -73.52
N GLY L 34 -46.18 -53.93 -73.52
CA GLY L 34 -46.34 -54.71 -72.29
C GLY L 34 -45.96 -56.19 -72.47
N PHE L 35 -44.93 -56.45 -73.25
CA PHE L 35 -44.58 -57.80 -73.68
C PHE L 35 -44.40 -58.72 -72.49
N GLY L 36 -45.04 -59.89 -72.52
CA GLY L 36 -44.89 -60.87 -71.47
C GLY L 36 -45.86 -60.71 -70.31
N LEU L 37 -46.61 -59.60 -70.29
CA LEU L 37 -47.52 -59.41 -69.18
C LEU L 37 -48.95 -59.08 -69.54
N VAL L 38 -49.84 -59.41 -68.63
CA VAL L 38 -51.21 -58.96 -68.73
C VAL L 38 -51.45 -57.97 -67.58
N LYS L 39 -51.88 -56.75 -67.91
CA LYS L 39 -52.06 -55.73 -66.88
C LYS L 39 -53.47 -55.18 -66.82
N LEU L 40 -53.92 -54.90 -65.61
CA LEU L 40 -55.26 -54.38 -65.38
C LEU L 40 -55.27 -53.18 -64.46
N ASP L 41 -55.61 -52.02 -64.98
CA ASP L 41 -55.58 -50.81 -64.18
C ASP L 41 -56.94 -50.14 -63.98
N VAL L 42 -57.43 -50.15 -62.74
CA VAL L 42 -58.72 -49.53 -62.46
C VAL L 42 -58.51 -48.30 -61.60
N LYS L 43 -58.97 -47.17 -62.08
CA LYS L 43 -58.81 -45.93 -61.34
C LYS L 43 -60.16 -45.31 -61.13
N THR L 44 -60.41 -44.83 -59.94
CA THR L 44 -61.68 -44.19 -59.65
C THR L 44 -61.47 -42.95 -58.81
N LYS L 45 -62.40 -42.05 -58.86
CA LYS L 45 -62.34 -40.95 -57.94
C LYS L 45 -63.69 -40.66 -57.31
N SER L 46 -63.62 -40.04 -56.15
CA SER L 46 -64.78 -39.52 -55.46
C SER L 46 -64.65 -38.03 -55.19
N CYS L 47 -65.80 -37.36 -55.22
CA CYS L 47 -65.93 -35.93 -54.97
C CYS L 47 -65.50 -35.51 -53.57
N SER L 48 -65.25 -36.49 -52.69
CA SER L 48 -64.78 -36.21 -51.33
C SER L 48 -63.29 -35.86 -51.34
N GLY L 49 -62.61 -35.98 -52.50
CA GLY L 49 -61.18 -35.65 -52.58
C GLY L 49 -60.30 -36.87 -52.44
N VAL L 50 -60.86 -38.02 -52.73
CA VAL L 50 -60.07 -39.24 -52.63
C VAL L 50 -60.03 -39.95 -53.96
N GLU L 51 -58.84 -40.37 -54.31
CA GLU L 51 -58.64 -41.11 -55.53
C GLU L 51 -58.21 -42.52 -55.19
N PHE L 52 -58.67 -43.48 -55.96
CA PHE L 52 -58.28 -44.84 -55.73
C PHE L 52 -57.65 -45.41 -56.98
N SER L 53 -56.69 -46.30 -56.80
CA SER L 53 -56.06 -46.94 -57.93
C SER L 53 -55.62 -48.36 -57.63
N THR L 54 -56.06 -49.29 -58.47
CA THR L 54 -55.71 -50.69 -58.30
C THR L 54 -55.07 -51.23 -59.57
N SER L 55 -53.91 -51.87 -59.43
CA SER L 55 -53.19 -52.36 -60.58
C SER L 55 -52.81 -53.83 -60.46
N GLY L 56 -53.39 -54.63 -61.34
CA GLY L 56 -53.15 -56.07 -61.39
C GLY L 56 -52.07 -56.38 -62.41
N SER L 57 -51.29 -57.44 -62.21
CA SER L 57 -50.28 -57.82 -63.21
C SER L 57 -49.88 -59.31 -63.23
N SER L 58 -49.92 -59.92 -64.40
CA SER L 58 -49.56 -61.33 -64.59
C SER L 58 -48.35 -61.49 -65.49
N ASN L 59 -47.29 -62.08 -64.95
CA ASN L 59 -46.04 -62.24 -65.70
C ASN L 59 -45.88 -63.64 -66.29
N THR L 60 -45.94 -63.73 -67.62
CA THR L 60 -45.94 -64.97 -68.37
C THR L 60 -44.70 -65.81 -68.15
N ASP L 61 -43.60 -65.17 -67.77
CA ASP L 61 -42.33 -65.85 -67.62
C ASP L 61 -42.09 -66.34 -66.21
N THR L 62 -43.06 -66.14 -65.31
CA THR L 62 -42.88 -66.62 -63.95
C THR L 62 -44.12 -67.40 -63.55
N GLY L 63 -45.25 -67.06 -64.16
CA GLY L 63 -46.56 -67.64 -63.85
C GLY L 63 -47.21 -66.97 -62.63
N LYS L 64 -46.53 -65.95 -62.08
CA LYS L 64 -47.01 -65.23 -60.92
C LYS L 64 -47.99 -64.15 -61.30
N VAL L 65 -49.00 -64.01 -60.47
CA VAL L 65 -49.98 -62.97 -60.65
C VAL L 65 -49.89 -62.11 -59.38
N THR L 66 -49.68 -60.81 -59.56
CA THR L 66 -49.48 -59.83 -58.49
C THR L 66 -50.39 -58.60 -58.64
N GLY L 67 -50.14 -57.62 -57.78
CA GLY L 67 -50.89 -56.37 -57.83
C GLY L 67 -50.68 -55.47 -56.61
N THR L 68 -51.09 -54.20 -56.81
CA THR L 68 -51.00 -53.12 -55.83
C THR L 68 -52.30 -52.31 -55.73
N LEU L 69 -52.66 -51.90 -54.52
CA LEU L 69 -53.81 -51.03 -54.32
C LEU L 69 -53.41 -49.78 -53.54
N GLU L 70 -53.80 -48.62 -54.05
CA GLU L 70 -53.51 -47.34 -53.40
C GLU L 70 -54.74 -46.47 -53.22
N THR L 71 -54.75 -45.71 -52.12
CA THR L 71 -55.77 -44.69 -51.86
C THR L 71 -55.09 -43.35 -51.59
N LYS L 72 -55.50 -42.31 -52.31
CA LYS L 72 -54.86 -41.00 -52.16
C LYS L 72 -55.83 -39.92 -51.75
N TYR L 73 -55.44 -39.13 -50.76
CA TYR L 73 -56.28 -38.03 -50.31
C TYR L 73 -55.60 -36.70 -50.61
N LYS L 74 -56.32 -35.82 -51.33
CA LYS L 74 -55.74 -34.54 -51.74
C LYS L 74 -56.25 -33.30 -51.02
N TRP L 75 -55.43 -32.77 -50.12
CA TRP L 75 -55.78 -31.61 -49.35
C TRP L 75 -55.35 -30.39 -50.14
N CYS L 76 -56.18 -30.05 -51.12
CA CYS L 76 -55.88 -29.02 -52.09
C CYS L 76 -55.65 -27.65 -51.46
N GLU L 77 -56.33 -27.39 -50.36
CA GLU L 77 -56.24 -26.13 -49.63
C GLU L 77 -54.97 -26.01 -48.76
N TYR L 78 -54.24 -27.12 -48.61
CA TYR L 78 -53.06 -27.18 -47.77
C TYR L 78 -51.79 -27.49 -48.58
N GLY L 79 -51.96 -28.10 -49.76
CA GLY L 79 -50.80 -28.54 -50.54
C GLY L 79 -50.31 -29.87 -49.99
N LEU L 80 -51.22 -30.64 -49.40
CA LEU L 80 -50.80 -31.91 -48.81
C LEU L 80 -51.47 -33.12 -49.45
N THR L 81 -50.68 -34.15 -49.72
CA THR L 81 -51.24 -35.39 -50.26
C THR L 81 -50.88 -36.57 -49.36
N PHE L 82 -51.89 -37.33 -48.99
CA PHE L 82 -51.72 -38.47 -48.10
C PHE L 82 -52.06 -39.77 -48.83
N THR L 83 -51.13 -40.71 -48.87
CA THR L 83 -51.39 -41.97 -49.59
C THR L 83 -51.26 -43.20 -48.73
N GLU L 84 -52.24 -44.08 -48.85
CA GLU L 84 -52.21 -45.38 -48.18
C GLU L 84 -51.96 -46.45 -49.26
N LYS L 85 -51.09 -47.41 -48.99
CA LYS L 85 -50.82 -48.43 -50.00
C LYS L 85 -50.66 -49.85 -49.46
N TRP L 86 -51.12 -50.83 -50.26
CA TRP L 86 -50.95 -52.25 -49.95
C TRP L 86 -50.62 -53.08 -51.20
N ASN L 87 -49.88 -54.18 -51.05
CA ASN L 87 -49.74 -55.06 -52.23
C ASN L 87 -49.78 -56.54 -51.87
N THR L 88 -49.65 -57.38 -52.90
CA THR L 88 -49.78 -58.85 -52.77
C THR L 88 -48.65 -59.53 -52.05
N ASP L 89 -47.58 -58.82 -51.78
CA ASP L 89 -46.47 -59.41 -51.09
C ASP L 89 -46.60 -59.02 -49.63
N ASN L 90 -47.78 -58.49 -49.29
CA ASN L 90 -48.13 -58.03 -47.97
C ASN L 90 -47.29 -56.87 -47.54
N THR L 91 -46.87 -56.03 -48.46
CA THR L 91 -46.15 -54.85 -48.05
C THR L 91 -47.16 -53.74 -47.98
N LEU L 92 -47.12 -53.00 -46.89
CA LEU L 92 -48.04 -51.90 -46.65
C LEU L 92 -47.30 -50.61 -46.34
N GLY L 93 -47.94 -49.47 -46.57
CA GLY L 93 -47.26 -48.23 -46.19
C GLY L 93 -48.07 -46.96 -46.34
N THR L 94 -47.43 -45.86 -45.93
CA THR L 94 -48.00 -44.52 -45.96
C THR L 94 -47.05 -43.50 -46.57
N GLU L 95 -47.56 -42.63 -47.42
CA GLU L 95 -46.74 -41.59 -48.00
C GLU L 95 -47.38 -40.21 -47.78
N ILE L 96 -46.59 -39.23 -47.34
CA ILE L 96 -47.11 -37.88 -47.18
C ILE L 96 -46.29 -36.87 -47.96
N ALA L 97 -46.95 -36.16 -48.87
CA ALA L 97 -46.25 -35.16 -49.67
C ALA L 97 -46.73 -33.76 -49.33
N ILE L 98 -45.78 -32.84 -49.33
CA ILE L 98 -45.97 -31.43 -49.06
C ILE L 98 -45.52 -30.57 -50.24
N GLU L 99 -46.42 -29.76 -50.81
CA GLU L 99 -46.02 -28.94 -51.96
C GLU L 99 -46.30 -27.44 -51.77
N ASP L 100 -45.23 -26.64 -51.88
CA ASP L 100 -45.27 -25.17 -51.76
C ASP L 100 -45.72 -24.66 -50.39
N GLN L 101 -45.65 -25.53 -49.38
CA GLN L 101 -46.06 -25.19 -48.03
C GLN L 101 -44.96 -24.46 -47.28
N ILE L 102 -43.70 -24.81 -47.58
CA ILE L 102 -42.55 -24.25 -46.90
C ILE L 102 -42.16 -23.00 -47.66
N CYS L 103 -41.86 -23.16 -48.95
CA CYS L 103 -41.53 -22.06 -49.85
C CYS L 103 -41.93 -22.51 -51.25
N GLN L 104 -42.11 -21.57 -52.15
CA GLN L 104 -42.50 -21.90 -53.50
C GLN L 104 -41.46 -22.73 -54.23
N GLY L 105 -41.94 -23.75 -54.92
CA GLY L 105 -41.07 -24.61 -55.69
C GLY L 105 -40.49 -25.73 -54.84
N LEU L 106 -40.86 -25.81 -53.55
CA LEU L 106 -40.33 -26.86 -52.71
C LEU L 106 -41.32 -27.98 -52.49
N LYS L 107 -40.84 -29.20 -52.71
CA LYS L 107 -41.62 -30.41 -52.49
C LYS L 107 -40.89 -31.34 -51.52
N LEU L 108 -41.61 -31.73 -50.48
CA LEU L 108 -41.10 -32.63 -49.45
C LEU L 108 -41.97 -33.88 -49.32
N THR L 109 -41.37 -35.06 -49.36
CA THR L 109 -42.17 -36.28 -49.24
C THR L 109 -41.62 -37.31 -48.25
N PHE L 110 -42.51 -37.83 -47.42
CA PHE L 110 -42.17 -38.86 -46.44
C PHE L 110 -42.79 -40.20 -46.81
N ASP L 111 -41.96 -41.22 -47.03
CA ASP L 111 -42.41 -42.56 -47.44
C ASP L 111 -42.10 -43.67 -46.44
N THR L 112 -43.11 -44.19 -45.72
CA THR L 112 -42.87 -45.23 -44.71
C THR L 112 -43.50 -46.57 -45.12
N THR L 113 -42.69 -47.62 -45.13
CA THR L 113 -43.08 -48.96 -45.55
C THR L 113 -42.83 -50.05 -44.49
N PHE L 114 -43.78 -50.97 -44.38
CA PHE L 114 -43.69 -52.10 -43.46
C PHE L 114 -44.02 -53.43 -44.14
N SER L 115 -43.24 -54.47 -43.85
CA SER L 115 -43.56 -55.77 -44.41
C SER L 115 -43.59 -56.88 -43.35
N PRO L 116 -44.78 -57.34 -42.90
CA PRO L 116 -45.05 -58.36 -41.90
C PRO L 116 -44.43 -59.71 -42.27
N ASN L 117 -44.05 -59.89 -43.54
CA ASN L 117 -43.40 -61.13 -44.00
C ASN L 117 -42.13 -61.38 -43.19
N THR L 118 -41.51 -60.29 -42.73
CA THR L 118 -40.28 -60.31 -41.96
C THR L 118 -40.41 -59.43 -40.74
N GLY L 119 -41.37 -58.50 -40.79
CA GLY L 119 -41.59 -57.50 -39.74
C GLY L 119 -40.72 -56.25 -39.97
N LYS L 120 -40.01 -56.22 -41.09
CA LYS L 120 -39.14 -55.12 -41.46
C LYS L 120 -39.85 -53.79 -41.68
N LYS L 121 -39.25 -52.72 -41.16
CA LYS L 121 -39.76 -51.38 -41.37
C LYS L 121 -38.64 -50.53 -41.97
N SER L 122 -38.97 -49.74 -42.97
CA SER L 122 -38.01 -48.87 -43.65
C SER L 122 -38.70 -47.69 -44.32
N GLY L 123 -37.92 -46.73 -44.82
CA GLY L 123 -38.57 -45.62 -45.50
C GLY L 123 -37.61 -44.64 -46.15
N LYS L 124 -38.19 -43.62 -46.76
CA LYS L 124 -37.43 -42.59 -47.46
C LYS L 124 -37.94 -41.19 -47.17
N ILE L 125 -37.02 -40.23 -47.19
CA ILE L 125 -37.43 -38.83 -47.11
C ILE L 125 -36.90 -38.13 -48.35
N LYS L 126 -37.79 -37.51 -49.09
CA LYS L 126 -37.39 -36.87 -50.33
C LYS L 126 -37.56 -35.36 -50.27
N SER L 127 -36.64 -34.65 -50.89
CA SER L 127 -36.71 -33.20 -50.99
C SER L 127 -36.31 -32.71 -52.38
N SER L 128 -37.16 -31.87 -52.98
CA SER L 128 -36.93 -31.36 -54.33
C SER L 128 -37.30 -29.89 -54.50
N TYR L 129 -36.35 -29.12 -55.04
CA TYR L 129 -36.51 -27.68 -55.23
C TYR L 129 -36.48 -27.27 -56.71
N LYS L 130 -37.55 -26.61 -57.14
CA LYS L 130 -37.68 -26.12 -58.50
C LYS L 130 -37.59 -24.61 -58.57
N ARG L 131 -36.66 -24.11 -59.36
CA ARG L 131 -36.46 -22.67 -59.51
C ARG L 131 -36.09 -22.32 -60.93
N GLU L 132 -36.06 -21.03 -61.23
CA GLU L 132 -35.66 -20.67 -62.58
C GLU L 132 -34.31 -21.30 -62.91
N CYS L 133 -34.23 -22.02 -64.04
CA CYS L 133 -33.05 -22.70 -64.55
C CYS L 133 -32.35 -23.73 -63.64
N VAL L 134 -32.97 -24.13 -62.51
CA VAL L 134 -32.37 -25.17 -61.66
C VAL L 134 -33.44 -26.13 -61.08
N ASN L 135 -33.11 -27.41 -61.05
CA ASN L 135 -33.95 -28.45 -60.44
C ASN L 135 -33.03 -29.34 -59.59
N LEU L 136 -33.10 -29.17 -58.27
CA LEU L 136 -32.18 -29.89 -57.39
C LEU L 136 -32.89 -30.63 -56.28
N GLY L 137 -32.26 -31.67 -55.74
CA GLY L 137 -32.89 -32.36 -54.63
C GLY L 137 -32.10 -33.54 -54.10
N CYS L 138 -32.73 -34.28 -53.19
CA CYS L 138 -32.12 -35.44 -52.58
C CYS L 138 -33.10 -36.39 -51.91
N ASP L 139 -32.91 -37.69 -52.16
CA ASP L 139 -33.67 -38.73 -51.52
C ASP L 139 -32.81 -39.43 -50.46
N VAL L 140 -33.28 -39.54 -49.23
CA VAL L 140 -32.49 -40.28 -48.23
C VAL L 140 -33.24 -41.54 -47.85
N ASP L 141 -32.57 -42.67 -48.05
CA ASP L 141 -33.11 -44.01 -47.83
C ASP L 141 -32.69 -44.55 -46.47
N PHE L 142 -33.66 -44.71 -45.57
CA PHE L 142 -33.42 -45.13 -44.21
C PHE L 142 -33.75 -46.62 -44.05
N ASP L 143 -32.74 -47.42 -43.76
CA ASP L 143 -32.88 -48.87 -43.65
C ASP L 143 -31.85 -49.43 -42.67
N PHE L 144 -31.87 -50.73 -42.47
CA PHE L 144 -30.92 -51.37 -41.59
C PHE L 144 -29.53 -51.10 -42.11
N ALA L 145 -28.65 -50.65 -41.23
CA ALA L 145 -27.27 -50.36 -41.60
C ALA L 145 -27.16 -49.38 -42.78
N GLY L 146 -28.09 -48.43 -42.85
CA GLY L 146 -28.05 -47.34 -43.80
C GLY L 146 -27.76 -46.08 -42.97
N PRO L 147 -28.25 -44.91 -43.37
CA PRO L 147 -28.98 -44.50 -44.56
C PRO L 147 -28.13 -44.35 -45.82
N ALA L 148 -28.80 -44.34 -46.96
CA ALA L 148 -28.13 -43.97 -48.20
C ALA L 148 -28.63 -42.61 -48.65
N ILE L 149 -27.74 -41.83 -49.22
CA ILE L 149 -28.10 -40.49 -49.67
C ILE L 149 -28.00 -40.38 -51.17
N HIS L 150 -29.09 -40.02 -51.83
CA HIS L 150 -29.13 -39.93 -53.28
C HIS L 150 -29.38 -38.47 -53.72
N GLY L 151 -28.32 -37.75 -54.04
CA GLY L 151 -28.43 -36.32 -54.38
C GLY L 151 -28.45 -36.08 -55.88
N SER L 152 -29.04 -34.98 -56.32
CA SER L 152 -28.99 -34.68 -57.74
C SER L 152 -29.26 -33.21 -58.05
N ALA L 153 -28.81 -32.80 -59.24
CA ALA L 153 -29.17 -31.47 -59.71
C ALA L 153 -28.99 -31.34 -61.20
N VAL L 154 -29.92 -30.60 -61.77
CA VAL L 154 -29.95 -30.22 -63.17
C VAL L 154 -30.08 -28.72 -63.29
N PHE L 155 -29.33 -28.17 -64.20
CA PHE L 155 -29.39 -26.76 -64.44
C PHE L 155 -29.34 -26.49 -65.92
N GLY L 156 -29.74 -25.29 -66.32
CA GLY L 156 -29.64 -25.04 -67.74
C GLY L 156 -29.69 -23.59 -68.16
N TYR L 157 -29.62 -23.41 -69.48
CA TYR L 157 -29.62 -22.09 -70.09
C TYR L 157 -29.92 -22.13 -71.59
N GLU L 158 -30.91 -21.36 -72.03
CA GLU L 158 -31.28 -21.28 -73.45
C GLU L 158 -31.48 -22.64 -74.13
N GLY L 159 -32.13 -23.56 -73.42
CA GLY L 159 -32.43 -24.91 -73.92
C GLY L 159 -31.34 -25.93 -73.57
N TRP L 160 -30.19 -25.49 -73.11
CA TRP L 160 -29.13 -26.41 -72.78
C TRP L 160 -29.26 -26.92 -71.36
N LEU L 161 -29.04 -28.21 -71.18
CA LEU L 161 -29.09 -28.85 -69.87
C LEU L 161 -27.81 -29.54 -69.47
N ALA L 162 -27.57 -29.57 -68.17
CA ALA L 162 -26.49 -30.36 -67.61
C ALA L 162 -26.82 -30.73 -66.18
N GLY L 163 -26.25 -31.81 -65.70
CA GLY L 163 -26.47 -32.17 -64.30
C GLY L 163 -25.75 -33.42 -63.84
N TYR L 164 -26.04 -33.78 -62.60
CA TYR L 164 -25.42 -34.92 -61.95
C TYR L 164 -26.34 -35.62 -60.99
N GLN L 165 -25.94 -36.82 -60.61
CA GLN L 165 -26.61 -37.63 -59.60
C GLN L 165 -25.59 -38.44 -58.81
N MET L 166 -25.67 -38.39 -57.48
CA MET L 166 -24.72 -39.15 -56.68
C MET L 166 -25.35 -39.91 -55.54
N THR L 167 -24.88 -41.14 -55.33
CA THR L 167 -25.35 -41.96 -54.22
C THR L 167 -24.22 -42.23 -53.26
N PHE L 168 -24.50 -41.97 -52.00
CA PHE L 168 -23.54 -42.19 -50.93
C PHE L 168 -24.09 -43.18 -49.92
N ASP L 169 -23.19 -43.94 -49.33
CA ASP L 169 -23.55 -44.89 -48.27
C ASP L 169 -22.99 -44.42 -46.94
N SER L 170 -23.87 -43.91 -46.05
CA SER L 170 -23.44 -43.29 -44.80
C SER L 170 -22.89 -44.29 -43.80
N ALA L 171 -23.07 -45.58 -44.05
CA ALA L 171 -22.54 -46.58 -43.15
C ALA L 171 -21.06 -46.81 -43.47
N LYS L 172 -20.59 -46.25 -44.60
CA LYS L 172 -19.23 -46.42 -45.04
C LYS L 172 -18.59 -45.03 -45.12
N SER L 173 -19.44 -44.02 -45.35
CA SER L 173 -19.06 -42.63 -45.62
C SER L 173 -18.30 -42.56 -46.94
N LYS L 174 -18.84 -43.27 -47.93
CA LYS L 174 -18.27 -43.37 -49.27
C LYS L 174 -19.29 -43.09 -50.37
N LEU L 175 -18.81 -42.58 -51.49
CA LEU L 175 -19.64 -42.46 -52.68
C LEU L 175 -19.67 -43.80 -53.35
N THR L 176 -20.85 -44.25 -53.76
CA THR L 176 -20.98 -45.53 -54.43
C THR L 176 -21.37 -45.39 -55.90
N ARG L 177 -22.02 -44.27 -56.25
CA ARG L 177 -22.42 -44.00 -57.65
C ARG L 177 -22.27 -42.52 -57.99
N ASN L 178 -21.76 -42.21 -59.19
CA ASN L 178 -21.66 -40.81 -59.64
C ASN L 178 -21.98 -40.70 -61.13
N ASN L 179 -23.18 -40.23 -61.43
CA ASN L 179 -23.67 -40.14 -62.78
C ASN L 179 -23.62 -38.69 -63.27
N PHE L 180 -23.35 -38.49 -64.57
CA PHE L 180 -23.39 -37.16 -65.16
C PHE L 180 -24.15 -37.14 -66.46
N ALA L 181 -24.74 -35.98 -66.78
CA ALA L 181 -25.42 -35.86 -68.06
C ALA L 181 -25.43 -34.44 -68.61
N VAL L 182 -25.52 -34.38 -69.93
CA VAL L 182 -25.66 -33.14 -70.69
C VAL L 182 -26.74 -33.29 -71.75
N GLY L 183 -27.26 -32.17 -72.24
CA GLY L 183 -28.23 -32.26 -73.33
C GLY L 183 -28.80 -30.93 -73.78
N TYR L 184 -29.80 -31.02 -74.64
CA TYR L 184 -30.50 -29.88 -75.20
C TYR L 184 -31.97 -30.19 -75.38
N ARG L 185 -32.84 -29.24 -75.03
CA ARG L 185 -34.24 -29.49 -75.29
C ARG L 185 -35.00 -28.31 -75.86
N THR L 186 -35.90 -28.65 -76.75
CA THR L 186 -36.90 -27.74 -77.26
C THR L 186 -38.22 -28.47 -77.47
N GLY L 187 -39.18 -27.76 -78.07
CA GLY L 187 -40.51 -28.34 -78.30
C GLY L 187 -40.51 -29.49 -79.32
N ASP L 188 -39.66 -29.36 -80.33
CA ASP L 188 -39.57 -30.29 -81.45
C ASP L 188 -38.62 -31.46 -81.20
N PHE L 189 -37.58 -31.26 -80.42
CA PHE L 189 -36.63 -32.33 -80.21
C PHE L 189 -35.87 -32.21 -78.91
N GLN L 190 -35.31 -33.34 -78.47
CA GLN L 190 -34.43 -33.34 -77.32
C GLN L 190 -33.23 -34.25 -77.55
N LEU L 191 -32.08 -33.78 -77.10
CA LEU L 191 -30.84 -34.52 -77.22
C LEU L 191 -30.20 -34.75 -75.87
N HIS L 192 -29.89 -36.00 -75.54
CA HIS L 192 -29.28 -36.30 -74.25
C HIS L 192 -28.11 -37.27 -74.33
N THR L 193 -27.07 -36.97 -73.55
CA THR L 193 -25.90 -37.84 -73.40
C THR L 193 -25.56 -38.00 -71.92
N ASN L 194 -25.18 -39.20 -71.52
CA ASN L 194 -24.80 -39.40 -70.13
C ASN L 194 -23.74 -40.47 -69.89
N VAL L 195 -23.25 -40.47 -68.65
CA VAL L 195 -22.29 -41.44 -68.17
C VAL L 195 -22.56 -41.88 -66.74
N ASN L 196 -22.43 -43.18 -66.49
CA ASN L 196 -22.57 -43.71 -65.15
C ASN L 196 -21.23 -44.27 -64.64
N ASP L 197 -20.66 -43.61 -63.62
CA ASP L 197 -19.41 -44.00 -62.96
C ASP L 197 -18.17 -44.02 -63.86
N GLY L 198 -18.25 -43.36 -65.00
CA GLY L 198 -17.13 -43.27 -65.92
C GLY L 198 -17.00 -44.52 -66.81
N THR L 199 -17.92 -45.48 -66.65
CA THR L 199 -17.85 -46.73 -67.40
C THR L 199 -19.01 -46.93 -68.36
N GLU L 200 -20.23 -46.69 -67.91
CA GLU L 200 -21.36 -46.92 -68.80
C GLU L 200 -21.76 -45.62 -69.46
N PHE L 201 -21.80 -45.62 -70.77
CA PHE L 201 -22.14 -44.42 -71.51
C PHE L 201 -23.34 -44.61 -72.39
N GLY L 202 -24.06 -43.53 -72.66
CA GLY L 202 -25.17 -43.63 -73.58
C GLY L 202 -25.85 -42.32 -73.82
N GLY L 203 -26.98 -42.39 -74.50
CA GLY L 203 -27.72 -41.19 -74.84
C GLY L 203 -28.95 -41.49 -75.65
N SER L 204 -29.68 -40.43 -75.99
CA SER L 204 -30.89 -40.58 -76.76
C SER L 204 -31.28 -39.33 -77.54
N ILE L 205 -32.05 -39.57 -78.59
CA ILE L 205 -32.62 -38.53 -79.43
C ILE L 205 -34.13 -38.64 -79.48
N TYR L 206 -34.81 -37.54 -79.19
CA TYR L 206 -36.26 -37.45 -79.31
C TYR L 206 -36.55 -36.50 -80.44
N GLN L 207 -37.43 -36.86 -81.35
CA GLN L 207 -37.77 -35.96 -82.44
C GLN L 207 -39.25 -36.00 -82.86
N LYS L 208 -39.87 -34.83 -82.96
CA LYS L 208 -41.22 -34.73 -83.50
C LYS L 208 -41.02 -34.72 -85.00
N VAL L 209 -41.77 -35.53 -85.72
CA VAL L 209 -41.56 -35.58 -87.16
C VAL L 209 -42.76 -34.99 -87.87
N CYS L 210 -43.91 -35.42 -87.46
CA CYS L 210 -45.14 -34.96 -88.06
C CYS L 210 -46.07 -34.78 -86.93
N GLU L 211 -47.21 -34.17 -87.17
CA GLU L 211 -48.15 -33.94 -86.07
C GLU L 211 -48.60 -35.23 -85.37
N ASP L 212 -48.73 -36.29 -86.14
CA ASP L 212 -49.12 -37.59 -85.65
C ASP L 212 -47.93 -38.55 -85.47
N LEU L 213 -46.69 -38.05 -85.52
CA LEU L 213 -45.54 -38.96 -85.44
C LEU L 213 -44.39 -38.51 -84.56
N ASP L 214 -44.13 -39.33 -83.54
CA ASP L 214 -43.08 -39.15 -82.53
C ASP L 214 -42.01 -40.23 -82.67
N THR L 215 -40.75 -39.86 -82.92
CA THR L 215 -39.72 -40.90 -83.08
C THR L 215 -38.54 -40.70 -82.12
N SER L 216 -37.77 -41.76 -81.91
CA SER L 216 -36.58 -41.66 -81.07
C SER L 216 -35.49 -42.70 -81.34
N VAL L 217 -34.28 -42.37 -80.88
CA VAL L 217 -33.11 -43.26 -80.99
C VAL L 217 -32.40 -43.41 -79.65
N ASN L 218 -32.07 -44.65 -79.26
CA ASN L 218 -31.30 -44.90 -78.04
C ASN L 218 -29.91 -45.44 -78.38
N LEU L 219 -28.91 -44.95 -77.65
CA LEU L 219 -27.51 -45.36 -77.80
C LEU L 219 -26.90 -45.80 -76.46
N ALA L 220 -26.04 -46.82 -76.47
CA ALA L 220 -25.30 -47.20 -75.26
C ALA L 220 -24.00 -47.93 -75.56
N TRP L 221 -23.01 -47.78 -74.67
CA TRP L 221 -21.75 -48.50 -74.83
C TRP L 221 -20.99 -48.66 -73.50
N THR L 222 -20.08 -49.63 -73.44
CA THR L 222 -19.32 -49.85 -72.19
C THR L 222 -17.81 -49.64 -72.30
N SER L 223 -17.26 -48.80 -71.41
CA SER L 223 -15.84 -48.54 -71.42
C SER L 223 -15.04 -49.81 -71.22
N GLY L 224 -13.94 -49.88 -71.96
CA GLY L 224 -13.03 -51.00 -71.92
C GLY L 224 -13.31 -51.99 -73.04
N THR L 225 -14.47 -51.87 -73.69
CA THR L 225 -14.78 -52.78 -74.77
C THR L 225 -15.32 -52.11 -76.01
N ASN L 226 -15.59 -52.93 -77.02
CA ASN L 226 -16.10 -52.47 -78.31
C ASN L 226 -17.59 -52.74 -78.45
N CYS L 227 -18.21 -53.09 -77.35
CA CYS L 227 -19.63 -53.39 -77.32
C CYS L 227 -20.49 -52.16 -77.30
N THR L 228 -21.33 -52.07 -78.31
CA THR L 228 -22.26 -50.97 -78.40
C THR L 228 -23.64 -51.57 -78.58
N ARG L 229 -24.64 -50.83 -78.13
CA ARG L 229 -26.03 -51.20 -78.25
C ARG L 229 -26.82 -50.01 -78.75
N PHE L 230 -27.89 -50.27 -79.45
CA PHE L 230 -28.73 -49.20 -79.92
C PHE L 230 -30.10 -49.66 -80.35
N GLY L 231 -30.97 -48.69 -80.57
CA GLY L 231 -32.26 -49.01 -81.14
C GLY L 231 -33.05 -47.78 -81.56
N ILE L 232 -34.03 -48.02 -82.40
CA ILE L 232 -34.89 -46.97 -82.94
C ILE L 232 -36.36 -47.27 -82.68
N ALA L 233 -37.13 -46.26 -82.29
CA ALA L 233 -38.54 -46.46 -82.00
C ALA L 233 -39.41 -45.33 -82.50
N ALA L 234 -40.69 -45.65 -82.68
CA ALA L 234 -41.64 -44.63 -83.09
C ALA L 234 -43.05 -44.93 -82.62
N LYS L 235 -43.81 -43.85 -82.47
CA LYS L 235 -45.22 -43.87 -82.12
C LYS L 235 -46.02 -43.05 -83.13
N TYR L 236 -47.04 -43.66 -83.71
CA TYR L 236 -47.86 -43.00 -84.70
C TYR L 236 -49.34 -42.93 -84.32
N GLN L 237 -49.89 -41.72 -84.32
CA GLN L 237 -51.29 -41.55 -83.99
C GLN L 237 -52.08 -41.84 -85.23
N LEU L 238 -52.80 -42.93 -85.19
CA LEU L 238 -53.53 -43.43 -86.33
C LEU L 238 -54.78 -42.60 -86.49
N ASP L 239 -55.44 -42.36 -85.36
CA ASP L 239 -56.63 -41.54 -85.34
C ASP L 239 -56.77 -41.05 -83.89
N PRO L 240 -57.73 -40.18 -83.53
CA PRO L 240 -57.92 -39.65 -82.20
C PRO L 240 -58.11 -40.71 -81.13
N THR L 241 -58.52 -41.93 -81.51
CA THR L 241 -58.71 -42.95 -80.52
C THR L 241 -57.94 -44.21 -80.88
N ALA L 242 -56.77 -44.05 -81.51
CA ALA L 242 -55.94 -45.22 -81.82
C ALA L 242 -54.50 -44.86 -82.17
N SER L 243 -53.59 -45.73 -81.77
CA SER L 243 -52.20 -45.53 -82.13
C SER L 243 -51.40 -46.81 -82.23
N ILE L 244 -50.33 -46.73 -83.00
CA ILE L 244 -49.43 -47.86 -83.17
C ILE L 244 -48.01 -47.47 -82.80
N SER L 245 -47.25 -48.45 -82.35
CA SER L 245 -45.87 -48.18 -82.02
C SER L 245 -45.01 -49.36 -82.35
N ALA L 246 -43.74 -49.09 -82.55
CA ALA L 246 -42.79 -50.15 -82.81
C ALA L 246 -41.40 -49.72 -82.47
N LYS L 247 -40.55 -50.71 -82.24
CA LYS L 247 -39.14 -50.46 -81.96
C LYS L 247 -38.21 -51.57 -82.39
N VAL L 248 -37.02 -51.21 -82.88
CA VAL L 248 -36.04 -52.22 -83.26
C VAL L 248 -34.70 -52.06 -82.55
N ASN L 249 -34.32 -53.12 -81.86
CA ASN L 249 -33.05 -53.24 -81.13
C ASN L 249 -31.95 -53.82 -82.04
N ASN L 250 -30.71 -53.34 -81.90
CA ASN L 250 -29.56 -53.82 -82.67
C ASN L 250 -29.34 -55.34 -82.57
N SER L 251 -29.90 -55.97 -81.54
CA SER L 251 -29.80 -57.40 -81.31
C SER L 251 -30.89 -58.18 -82.05
N SER L 252 -31.55 -57.50 -83.02
CA SER L 252 -32.63 -58.00 -83.89
C SER L 252 -33.88 -58.30 -83.11
N LEU L 253 -34.21 -57.42 -82.20
CA LEU L 253 -35.42 -57.59 -81.42
C LEU L 253 -36.41 -56.54 -81.85
N ILE L 254 -37.57 -57.00 -82.36
CA ILE L 254 -38.54 -56.06 -82.86
C ILE L 254 -39.82 -56.05 -82.05
N GLY L 255 -40.10 -54.92 -81.45
CA GLY L 255 -41.29 -54.76 -80.65
C GLY L 255 -42.37 -54.07 -81.46
N VAL L 256 -43.62 -54.49 -81.25
CA VAL L 256 -44.75 -53.83 -81.87
C VAL L 256 -45.83 -53.62 -80.84
N GLY L 257 -46.71 -52.66 -81.07
CA GLY L 257 -47.85 -52.50 -80.17
C GLY L 257 -48.94 -51.61 -80.73
N TYR L 258 -50.13 -51.76 -80.16
CA TYR L 258 -51.30 -51.00 -80.54
C TYR L 258 -52.20 -50.68 -79.37
N THR L 259 -52.63 -49.42 -79.33
CA THR L 259 -53.53 -48.95 -78.30
C THR L 259 -54.79 -48.37 -78.93
N GLN L 260 -55.93 -48.72 -78.35
CA GLN L 260 -57.19 -48.18 -78.81
C GLN L 260 -58.07 -47.72 -77.67
N THR L 261 -58.68 -46.56 -77.85
CA THR L 261 -59.62 -46.07 -76.87
C THR L 261 -60.92 -46.74 -77.27
N LEU L 262 -61.54 -47.41 -76.33
CA LEU L 262 -62.76 -48.13 -76.65
C LEU L 262 -63.90 -47.19 -76.42
N ARG L 263 -63.76 -46.41 -75.37
CA ARG L 263 -64.75 -45.43 -74.93
C ARG L 263 -63.92 -44.40 -74.20
N PRO L 264 -64.26 -43.12 -74.13
CA PRO L 264 -63.46 -42.17 -73.37
C PRO L 264 -63.31 -42.75 -71.99
N GLY L 265 -62.13 -42.75 -71.40
CA GLY L 265 -61.97 -43.34 -70.07
C GLY L 265 -61.58 -44.83 -70.11
N VAL L 266 -61.70 -45.46 -71.29
CA VAL L 266 -61.39 -46.88 -71.42
C VAL L 266 -60.35 -47.14 -72.52
N LYS L 267 -59.18 -47.66 -72.16
CA LYS L 267 -58.13 -47.93 -73.16
C LYS L 267 -57.58 -49.35 -73.13
N LEU L 268 -57.49 -49.93 -74.31
CA LEU L 268 -57.00 -51.29 -74.52
C LEU L 268 -55.66 -51.33 -75.28
N THR L 269 -54.66 -52.00 -74.71
CA THR L 269 -53.34 -52.11 -75.34
C THR L 269 -52.87 -53.55 -75.57
N LEU L 270 -52.46 -53.81 -76.80
CA LEU L 270 -51.92 -55.11 -77.17
C LEU L 270 -50.50 -54.96 -77.68
N SER L 271 -49.64 -55.93 -77.41
CA SER L 271 -48.26 -55.82 -77.92
C SER L 271 -47.54 -57.15 -78.07
N ALA L 272 -46.45 -57.15 -78.83
CA ALA L 272 -45.66 -58.36 -79.01
C ALA L 272 -44.21 -58.09 -79.36
N LEU L 273 -43.36 -59.06 -79.04
CA LEU L 273 -41.94 -58.99 -79.32
C LEU L 273 -41.44 -60.19 -80.11
N VAL L 274 -40.75 -59.92 -81.21
CA VAL L 274 -40.21 -61.00 -82.02
C VAL L 274 -38.67 -60.97 -82.10
N ASP L 275 -38.08 -62.15 -81.89
CA ASP L 275 -36.63 -62.42 -81.91
C ASP L 275 -36.08 -62.70 -83.29
N GLY L 276 -35.69 -61.69 -84.03
CA GLY L 276 -35.29 -61.94 -85.38
C GLY L 276 -33.92 -62.60 -85.41
N LYS L 277 -33.61 -63.32 -86.49
CA LYS L 277 -34.47 -63.59 -87.65
C LYS L 277 -35.23 -64.90 -87.45
N SER L 278 -35.00 -65.58 -86.32
CA SER L 278 -35.61 -66.89 -86.06
C SER L 278 -37.06 -66.82 -85.58
N ILE L 279 -37.93 -66.31 -86.45
CA ILE L 279 -39.35 -66.18 -86.14
C ILE L 279 -40.28 -66.87 -87.13
N ASN L 280 -41.26 -67.66 -86.66
CA ASN L 280 -41.55 -67.98 -85.23
C ASN L 280 -40.83 -69.25 -84.76
N ALA L 281 -39.54 -69.15 -84.40
CA ALA L 281 -38.72 -70.26 -83.98
C ALA L 281 -37.77 -69.71 -82.94
N GLY L 282 -38.34 -69.00 -81.97
CA GLY L 282 -37.59 -68.29 -80.94
C GLY L 282 -38.52 -67.80 -79.82
N GLY L 283 -38.05 -66.86 -79.00
CA GLY L 283 -38.73 -66.40 -77.78
C GLY L 283 -39.83 -65.36 -78.00
N HIS L 284 -40.82 -65.73 -78.79
CA HIS L 284 -41.92 -64.83 -79.12
C HIS L 284 -42.69 -64.47 -77.85
N LYS L 285 -43.00 -63.17 -77.63
CA LYS L 285 -43.76 -62.74 -76.45
C LYS L 285 -44.94 -61.87 -76.81
N LEU L 286 -46.04 -62.01 -76.06
CA LEU L 286 -47.22 -61.17 -76.27
C LEU L 286 -47.62 -60.48 -74.97
N GLY L 287 -48.35 -59.38 -75.08
CA GLY L 287 -48.88 -58.66 -73.91
C GLY L 287 -50.28 -58.10 -74.15
N LEU L 288 -50.98 -57.84 -73.03
CA LEU L 288 -52.34 -57.29 -73.03
C LEU L 288 -52.62 -56.40 -71.84
N ALA L 289 -53.16 -55.23 -72.06
CA ALA L 289 -53.52 -54.43 -70.90
C ALA L 289 -54.81 -53.65 -71.10
N LEU L 290 -55.58 -53.54 -70.04
CA LEU L 290 -56.81 -52.74 -70.10
C LEU L 290 -56.85 -51.78 -68.93
N GLU L 291 -57.11 -50.51 -69.23
CA GLU L 291 -57.19 -49.45 -68.23
C GLU L 291 -58.54 -48.72 -68.27
N LEU L 292 -59.18 -48.60 -67.11
CA LEU L 292 -60.47 -47.91 -66.97
C LEU L 292 -60.45 -46.83 -65.90
N GLU L 293 -60.75 -45.59 -66.30
CA GLU L 293 -60.74 -44.48 -65.36
C GLU L 293 -62.10 -43.81 -65.18
N ALA L 294 -62.54 -43.80 -63.93
CA ALA L 294 -63.80 -43.22 -63.50
C ALA L 294 -63.53 -42.01 -62.61
N MET M 1 -76.33 -39.27 -85.29
CA MET M 1 -75.49 -40.46 -85.24
C MET M 1 -75.25 -40.91 -83.82
N ALA M 2 -75.57 -42.18 -83.54
CA ALA M 2 -75.35 -42.74 -82.21
C ALA M 2 -73.87 -42.70 -81.89
N SER M 3 -73.53 -42.49 -80.62
CA SER M 3 -72.14 -42.51 -80.23
C SER M 3 -71.63 -43.94 -80.22
N TYR M 4 -70.31 -44.08 -80.23
CA TYR M 4 -69.69 -45.38 -80.18
C TYR M 4 -68.71 -45.53 -79.06
N GLY M 5 -68.71 -46.71 -78.45
CA GLY M 5 -67.74 -47.05 -77.42
C GLY M 5 -66.65 -47.97 -77.99
N GLN M 6 -66.79 -48.28 -79.27
CA GLN M 6 -65.92 -49.17 -80.04
C GLN M 6 -66.42 -49.19 -81.48
N THR M 7 -65.54 -49.39 -82.45
CA THR M 7 -66.02 -49.43 -83.82
C THR M 7 -65.60 -50.65 -84.60
N CYS M 8 -66.52 -51.05 -85.47
CA CYS M 8 -66.28 -52.18 -86.33
C CYS M 8 -67.14 -52.04 -87.58
N PRO M 9 -66.73 -52.63 -88.71
CA PRO M 9 -67.41 -52.78 -89.97
C PRO M 9 -68.35 -53.96 -89.94
N ARG M 10 -69.02 -54.20 -91.04
CA ARG M 10 -69.80 -55.41 -91.15
C ARG M 10 -68.84 -56.56 -91.52
N PRO M 11 -69.18 -57.82 -91.22
CA PRO M 11 -68.44 -58.97 -91.66
C PRO M 11 -68.38 -58.90 -93.20
N MET M 12 -67.28 -59.33 -93.83
CA MET M 12 -66.18 -60.01 -93.16
C MET M 12 -64.86 -59.23 -93.13
N CYS M 13 -64.89 -57.96 -92.64
CA CYS M 13 -63.67 -57.21 -92.40
C CYS M 13 -63.25 -57.43 -90.94
N ILE M 14 -64.06 -58.21 -90.23
CA ILE M 14 -63.85 -58.60 -88.84
C ILE M 14 -63.48 -60.07 -88.94
N PRO M 15 -62.33 -60.52 -88.42
CA PRO M 15 -61.85 -61.87 -88.50
C PRO M 15 -62.64 -62.79 -87.58
N PRO M 16 -62.55 -64.11 -87.82
CA PRO M 16 -63.10 -65.20 -87.02
C PRO M 16 -62.38 -65.26 -85.69
N SER M 17 -62.99 -65.87 -84.67
CA SER M 17 -62.28 -66.02 -83.41
C SER M 17 -61.27 -67.13 -83.61
N TYR M 18 -60.33 -67.30 -82.69
CA TYR M 18 -59.33 -68.37 -82.88
C TYR M 18 -60.03 -69.72 -83.14
N ALA M 19 -61.06 -70.01 -82.35
CA ALA M 19 -61.83 -71.24 -82.43
C ALA M 19 -62.52 -71.46 -83.80
N ASP M 20 -62.74 -70.37 -84.54
CA ASP M 20 -63.43 -70.44 -85.82
C ASP M 20 -62.45 -70.56 -86.98
N LEU M 21 -61.15 -70.57 -86.70
CA LEU M 21 -60.22 -70.67 -87.81
C LEU M 21 -60.36 -72.05 -88.42
N GLY M 22 -60.56 -72.11 -89.72
CA GLY M 22 -60.71 -73.39 -90.40
C GLY M 22 -62.12 -73.97 -90.31
N LYS M 23 -63.08 -73.22 -89.75
CA LYS M 23 -64.43 -73.75 -89.59
C LYS M 23 -65.05 -74.27 -90.88
N ALA M 24 -64.88 -73.57 -92.01
CA ALA M 24 -65.54 -74.04 -93.22
C ALA M 24 -65.06 -75.44 -93.65
N ALA M 25 -63.74 -75.69 -93.59
CA ALA M 25 -63.22 -77.01 -93.92
C ALA M 25 -63.73 -78.04 -92.92
N ARG M 26 -63.77 -77.65 -91.64
CA ARG M 26 -64.22 -78.55 -90.59
C ARG M 26 -65.66 -78.95 -90.80
N ASP M 27 -66.53 -78.01 -91.18
CA ASP M 27 -67.91 -78.35 -91.42
C ASP M 27 -68.07 -79.37 -92.52
N ILE M 28 -67.26 -79.31 -93.58
CA ILE M 28 -67.39 -80.34 -94.62
C ILE M 28 -67.10 -81.73 -94.03
N PHE M 29 -66.03 -81.84 -93.24
CA PHE M 29 -65.68 -83.10 -92.59
C PHE M 29 -66.64 -83.55 -91.46
N ASN M 30 -67.25 -82.60 -90.75
CA ASN M 30 -68.13 -82.95 -89.63
C ASN M 30 -69.65 -82.98 -89.90
N LYS M 31 -70.17 -81.96 -90.59
CA LYS M 31 -71.60 -81.89 -90.76
C LYS M 31 -72.07 -82.89 -91.79
N GLY M 32 -73.25 -83.45 -91.54
CA GLY M 32 -73.82 -84.43 -92.45
C GLY M 32 -73.49 -85.86 -92.02
N PHE M 33 -72.63 -86.03 -91.00
CA PHE M 33 -72.30 -87.39 -90.58
C PHE M 33 -72.69 -87.58 -89.11
N GLY M 34 -73.17 -88.78 -88.75
CA GLY M 34 -73.56 -89.11 -87.38
C GLY M 34 -73.24 -90.56 -87.01
N PHE M 35 -72.13 -91.07 -87.48
CA PHE M 35 -71.82 -92.50 -87.37
C PHE M 35 -71.88 -92.98 -85.95
N GLY M 36 -72.58 -94.08 -85.69
CA GLY M 36 -72.64 -94.67 -84.38
C GLY M 36 -73.76 -94.10 -83.51
N LEU M 37 -74.42 -93.05 -83.96
CA LEU M 37 -75.47 -92.48 -83.13
C LEU M 37 -76.81 -92.26 -83.81
N VAL M 38 -77.85 -92.27 -82.99
CA VAL M 38 -79.16 -91.85 -83.46
C VAL M 38 -79.50 -90.54 -82.74
N LYS M 39 -79.79 -89.49 -83.51
CA LYS M 39 -80.05 -88.19 -82.91
C LYS M 39 -81.42 -87.62 -83.27
N LEU M 40 -82.03 -86.95 -82.31
CA LEU M 40 -83.35 -86.37 -82.48
C LEU M 40 -83.42 -84.93 -82.01
N ASP M 41 -83.60 -84.01 -82.93
CA ASP M 41 -83.60 -82.59 -82.57
C ASP M 41 -84.92 -81.88 -82.83
N VAL M 42 -85.59 -81.47 -81.74
CA VAL M 42 -86.87 -80.78 -81.89
C VAL M 42 -86.70 -79.33 -81.46
N LYS M 43 -87.01 -78.41 -82.34
CA LYS M 43 -86.88 -77.00 -82.03
C LYS M 43 -88.20 -76.33 -82.26
N THR M 44 -88.59 -75.47 -81.34
CA THR M 44 -89.84 -74.76 -81.48
C THR M 44 -89.66 -73.32 -81.07
N LYS M 45 -90.53 -72.47 -81.57
CA LYS M 45 -90.53 -71.12 -81.05
C LYS M 45 -91.93 -70.63 -80.77
N SER M 46 -91.99 -69.65 -79.88
CA SER M 46 -93.19 -68.92 -79.60
C SER M 46 -93.02 -67.43 -79.80
N CYS M 47 -94.10 -66.79 -80.25
CA CYS M 47 -94.16 -65.36 -80.50
C CYS M 47 -93.93 -64.50 -79.26
N SER M 48 -93.86 -65.13 -78.08
CA SER M 48 -93.59 -64.43 -76.84
C SER M 48 -92.09 -64.12 -76.72
N GLY M 49 -91.26 -64.63 -77.64
CA GLY M 49 -89.82 -64.37 -77.60
C GLY M 49 -89.04 -65.48 -76.93
N VAL M 50 -89.63 -66.66 -76.92
CA VAL M 50 -88.96 -67.78 -76.30
C VAL M 50 -88.77 -68.89 -77.29
N GLU M 51 -87.57 -69.43 -77.29
CA GLU M 51 -87.24 -70.53 -78.16
C GLU M 51 -86.96 -71.76 -77.31
N PHE M 52 -87.37 -72.91 -77.79
CA PHE M 52 -87.10 -74.12 -77.07
C PHE M 52 -86.34 -75.08 -77.95
N SER M 53 -85.48 -75.87 -77.34
CA SER M 53 -84.72 -76.87 -78.09
C SER M 53 -84.44 -78.12 -77.28
N THR M 54 -84.80 -79.26 -77.83
CA THR M 54 -84.58 -80.53 -77.15
C THR M 54 -83.79 -81.47 -78.06
N SER M 55 -82.71 -82.04 -77.53
CA SER M 55 -81.88 -82.89 -78.33
C SER M 55 -81.62 -84.25 -77.68
N GLY M 56 -82.10 -85.29 -78.33
CA GLY M 56 -81.95 -86.66 -77.86
C GLY M 56 -80.75 -87.31 -78.55
N SER M 57 -80.09 -88.26 -77.88
CA SER M 57 -78.97 -88.96 -78.53
C SER M 57 -78.68 -90.37 -78.00
N SER M 58 -78.59 -91.34 -78.91
CA SER M 58 -78.30 -92.74 -78.57
C SER M 58 -76.98 -93.21 -79.15
N ASN M 59 -76.05 -93.60 -78.29
CA ASN M 59 -74.71 -94.01 -78.73
C ASN M 59 -74.56 -95.54 -78.80
N THR M 60 -74.44 -96.06 -80.03
CA THR M 60 -74.41 -97.49 -80.32
C THR M 60 -73.28 -98.22 -79.64
N ASP M 61 -72.21 -97.50 -79.33
CA ASP M 61 -71.01 -98.10 -78.76
C ASP M 61 -71.02 -98.10 -77.25
N THR M 62 -72.10 -97.60 -76.62
CA THR M 62 -72.14 -97.62 -75.18
C THR M 62 -73.48 -98.20 -74.75
N GLY M 63 -74.49 -98.06 -75.61
CA GLY M 63 -75.86 -98.49 -75.34
C GLY M 63 -76.63 -97.44 -74.53
N LYS M 64 -75.99 -96.31 -74.24
CA LYS M 64 -76.58 -95.23 -73.47
C LYS M 64 -77.41 -94.32 -74.32
N VAL M 65 -78.53 -93.91 -73.77
CA VAL M 65 -79.40 -92.97 -74.42
C VAL M 65 -79.43 -91.74 -73.51
N THR M 66 -79.12 -90.58 -74.06
CA THR M 66 -79.02 -89.30 -73.36
C THR M 66 -79.80 -88.18 -74.03
N GLY M 67 -79.61 -86.96 -73.53
CA GLY M 67 -80.27 -85.80 -74.09
C GLY M 67 -80.18 -84.54 -73.22
N THR M 68 -80.46 -83.41 -73.88
CA THR M 68 -80.45 -82.07 -73.30
C THR M 68 -81.69 -81.25 -73.69
N LEU M 69 -82.20 -80.46 -72.74
CA LEU M 69 -83.31 -79.56 -73.03
C LEU M 69 -82.94 -78.12 -72.64
N GLU M 70 -83.19 -77.18 -73.56
CA GLU M 70 -82.90 -75.78 -73.32
C GLU M 70 -84.09 -74.87 -73.64
N THR M 71 -84.21 -73.79 -72.87
CA THR M 71 -85.18 -72.73 -73.11
C THR M 71 -84.45 -71.39 -73.20
N LYS M 72 -84.69 -70.64 -74.27
CA LYS M 72 -84.00 -69.37 -74.45
C LYS M 72 -84.94 -68.19 -74.58
N TYR M 73 -84.65 -67.13 -73.86
CA TYR M 73 -85.47 -65.93 -73.92
C TYR M 73 -84.67 -64.78 -74.53
N LYS M 74 -85.21 -64.18 -75.59
CA LYS M 74 -84.49 -63.12 -76.30
C LYS M 74 -85.02 -61.70 -76.12
N TRP M 75 -84.30 -60.92 -75.33
CA TRP M 75 -84.69 -59.56 -75.04
C TRP M 75 -84.07 -58.67 -76.10
N CYS M 76 -84.73 -58.67 -77.26
CA CYS M 76 -84.22 -58.03 -78.46
C CYS M 76 -83.99 -56.53 -78.28
N GLU M 77 -84.81 -55.90 -77.44
CA GLU M 77 -84.74 -54.48 -77.16
C GLU M 77 -83.61 -54.10 -76.18
N TYR M 78 -82.98 -55.11 -75.56
CA TYR M 78 -81.93 -54.90 -74.57
C TYR M 78 -80.59 -55.47 -75.02
N GLY M 79 -80.62 -56.44 -75.94
CA GLY M 79 -79.40 -57.13 -76.34
C GLY M 79 -79.08 -58.21 -75.33
N LEU M 80 -80.12 -58.73 -74.67
CA LEU M 80 -79.87 -59.73 -73.64
C LEU M 80 -80.53 -61.08 -73.94
N THR M 81 -79.77 -62.15 -73.73
CA THR M 81 -80.32 -63.49 -73.92
C THR M 81 -80.19 -64.30 -72.64
N PHE M 82 -81.29 -64.89 -72.21
CA PHE M 82 -81.33 -65.67 -70.99
C PHE M 82 -81.64 -67.13 -71.30
N THR M 83 -80.78 -68.06 -70.88
CA THR M 83 -81.01 -69.46 -71.19
C THR M 83 -81.09 -70.35 -69.96
N GLU M 84 -82.10 -71.21 -69.94
CA GLU M 84 -82.26 -72.21 -68.89
C GLU M 84 -81.93 -73.57 -69.51
N LYS M 85 -81.16 -74.42 -68.80
CA LYS M 85 -80.82 -75.72 -69.37
C LYS M 85 -80.84 -76.87 -68.37
N TRP M 86 -81.24 -78.06 -68.87
CA TRP M 86 -81.21 -79.30 -68.10
C TRP M 86 -80.75 -80.49 -68.94
N ASN M 87 -80.12 -81.50 -68.32
CA ASN M 87 -79.87 -82.71 -69.11
C ASN M 87 -80.05 -83.99 -68.30
N THR M 88 -79.84 -85.14 -68.97
CA THR M 88 -80.07 -86.46 -68.39
C THR M 88 -79.12 -86.89 -67.31
N ASP M 89 -78.05 -86.15 -67.13
CA ASP M 89 -77.09 -86.50 -66.11
C ASP M 89 -77.42 -85.64 -64.91
N ASN M 90 -78.59 -85.02 -64.94
CA ASN M 90 -79.10 -84.12 -63.93
C ASN M 90 -78.25 -82.90 -63.76
N THR M 91 -77.65 -82.43 -64.83
CA THR M 91 -76.92 -81.19 -64.71
C THR M 91 -77.87 -80.10 -65.17
N LEU M 92 -77.93 -79.04 -64.39
CA LEU M 92 -78.80 -77.91 -64.67
C LEU M 92 -78.02 -76.60 -64.69
N GLY M 93 -78.54 -75.59 -65.37
CA GLY M 93 -77.86 -74.31 -65.31
C GLY M 93 -78.55 -73.14 -66.00
N THR M 94 -77.90 -71.99 -65.88
CA THR M 94 -78.38 -70.72 -66.43
C THR M 94 -77.27 -69.98 -67.17
N GLU M 95 -77.60 -69.43 -68.34
CA GLU M 95 -76.63 -68.64 -69.08
C GLU M 95 -77.20 -67.27 -69.44
N ILE M 96 -76.42 -66.21 -69.21
CA ILE M 96 -76.87 -64.88 -69.58
C ILE M 96 -75.88 -64.20 -70.52
N ALA M 97 -76.35 -63.82 -71.69
CA ALA M 97 -75.47 -63.15 -72.64
C ALA M 97 -75.90 -61.71 -72.86
N ILE M 98 -74.91 -60.86 -73.01
CA ILE M 98 -75.04 -59.44 -73.25
C ILE M 98 -74.37 -59.02 -74.57
N GLU M 99 -75.12 -58.43 -75.50
CA GLU M 99 -74.50 -58.05 -76.78
C GLU M 99 -74.70 -56.57 -77.13
N ASP M 100 -73.58 -55.86 -77.32
CA ASP M 100 -73.53 -54.44 -77.69
C ASP M 100 -74.14 -53.50 -76.65
N GLN M 101 -74.28 -53.99 -75.42
CA GLN M 101 -74.86 -53.20 -74.33
C GLN M 101 -73.85 -52.28 -73.70
N ILE M 102 -72.58 -52.73 -73.66
CA ILE M 102 -71.51 -52.00 -73.04
C ILE M 102 -70.92 -51.07 -74.08
N CYS M 103 -70.45 -51.65 -75.18
CA CYS M 103 -69.92 -50.93 -76.33
C CYS M 103 -70.14 -51.80 -77.54
N GLN M 104 -70.12 -51.21 -78.72
CA GLN M 104 -70.32 -51.97 -79.94
C GLN M 104 -69.25 -53.01 -80.17
N GLY M 105 -69.70 -54.19 -80.58
CA GLY M 105 -68.77 -55.27 -80.86
C GLY M 105 -68.41 -56.06 -79.60
N LEU M 106 -68.96 -55.70 -78.45
CA LEU M 106 -68.63 -56.41 -77.22
C LEU M 106 -69.71 -57.39 -76.82
N LYS M 107 -69.30 -58.62 -76.56
CA LYS M 107 -70.17 -59.67 -76.09
C LYS M 107 -69.66 -60.24 -74.76
N LEU M 108 -70.56 -60.26 -73.78
CA LEU M 108 -70.26 -60.77 -72.44
C LEU M 108 -71.21 -61.88 -72.05
N THR M 109 -70.69 -63.03 -71.61
CA THR M 109 -71.59 -64.13 -71.23
C THR M 109 -71.26 -64.78 -69.88
N PHE M 110 -72.30 -64.98 -69.08
CA PHE M 110 -72.16 -65.62 -67.78
C PHE M 110 -72.81 -67.01 -67.79
N ASP M 111 -72.03 -68.05 -67.52
CA ASP M 111 -72.50 -69.44 -67.56
C ASP M 111 -72.41 -70.17 -66.20
N THR M 112 -73.55 -70.39 -65.53
CA THR M 112 -73.54 -71.05 -64.20
C THR M 112 -74.19 -72.44 -64.25
N THR M 113 -73.44 -73.45 -63.80
CA THR M 113 -73.88 -74.84 -63.81
C THR M 113 -73.85 -75.53 -62.43
N PHE M 114 -74.87 -76.34 -62.17
CA PHE M 114 -74.98 -77.10 -60.94
C PHE M 114 -75.30 -78.58 -61.19
N SER M 115 -74.65 -79.47 -60.45
CA SER M 115 -74.96 -80.88 -60.60
C SER M 115 -75.21 -81.58 -59.26
N PRO M 116 -76.49 -81.85 -58.89
CA PRO M 116 -76.96 -82.47 -57.66
C PRO M 116 -76.39 -83.87 -57.46
N ASN M 117 -75.84 -84.47 -58.53
CA ASN M 117 -75.23 -85.80 -58.46
C ASN M 117 -74.11 -85.80 -57.41
N THR M 118 -73.49 -84.61 -57.24
CA THR M 118 -72.39 -84.40 -56.32
C THR M 118 -72.64 -83.15 -55.49
N GLY M 119 -73.52 -82.28 -55.98
CA GLY M 119 -73.81 -80.99 -55.38
C GLY M 119 -72.85 -79.91 -55.85
N LYS M 120 -71.98 -80.26 -56.79
CA LYS M 120 -70.99 -79.35 -57.36
C LYS M 120 -71.57 -78.17 -58.11
N LYS M 121 -70.97 -76.99 -57.88
CA LYS M 121 -71.37 -75.78 -58.60
C LYS M 121 -70.11 -75.20 -59.25
N SER M 122 -70.24 -74.77 -60.49
CA SER M 122 -69.13 -74.19 -61.25
C SER M 122 -69.64 -73.29 -62.37
N GLY M 123 -68.73 -72.58 -63.02
CA GLY M 123 -69.20 -71.75 -64.13
C GLY M 123 -68.10 -71.05 -64.89
N LYS M 124 -68.50 -70.28 -65.89
CA LYS M 124 -67.59 -69.55 -66.76
C LYS M 124 -68.03 -68.12 -67.02
N ILE M 125 -67.07 -67.23 -67.20
CA ILE M 125 -67.38 -65.89 -67.65
C ILE M 125 -66.63 -65.65 -68.95
N LYS M 126 -67.37 -65.30 -69.99
CA LYS M 126 -66.75 -65.12 -71.28
C LYS M 126 -66.82 -63.67 -71.74
N SER M 127 -65.78 -63.22 -72.41
CA SER M 127 -65.73 -61.88 -72.99
C SER M 127 -65.09 -61.88 -74.39
N SER M 128 -65.80 -61.28 -75.35
CA SER M 128 -65.33 -61.25 -76.74
C SER M 128 -65.58 -59.91 -77.43
N TYR M 129 -64.51 -59.38 -78.03
CA TYR M 129 -64.53 -58.09 -78.69
C TYR M 129 -64.28 -58.19 -80.21
N LYS M 130 -65.22 -57.69 -81.00
CA LYS M 130 -65.12 -57.68 -82.45
C LYS M 130 -64.90 -56.27 -82.98
N ARG M 131 -63.85 -56.08 -83.74
CA ARG M 131 -63.54 -54.78 -84.32
C ARG M 131 -62.94 -54.93 -85.70
N GLU M 132 -62.78 -53.81 -86.38
CA GLU M 132 -62.15 -53.92 -87.70
C GLU M 132 -60.82 -54.65 -87.57
N CYS M 133 -60.63 -55.70 -88.38
CA CYS M 133 -59.43 -56.53 -88.45
C CYS M 133 -58.94 -57.20 -87.16
N VAL M 134 -59.76 -57.20 -86.07
CA VAL M 134 -59.35 -57.90 -84.84
C VAL M 134 -60.56 -58.60 -84.17
N ASN M 135 -60.32 -59.81 -83.67
CA ASN M 135 -61.30 -60.57 -82.90
C ASN M 135 -60.58 -61.15 -81.67
N LEU M 136 -60.82 -60.55 -80.51
CA LEU M 136 -60.10 -60.95 -79.30
C LEU M 136 -61.01 -61.27 -78.13
N GLY M 137 -60.55 -62.08 -77.20
CA GLY M 137 -61.37 -62.35 -76.03
C GLY M 137 -60.74 -63.30 -75.03
N CYS M 138 -61.55 -63.69 -74.05
CA CYS M 138 -61.12 -64.59 -73.00
C CYS M 138 -62.25 -65.25 -72.22
N ASP M 139 -62.10 -66.54 -72.01
CA ASP M 139 -63.03 -67.31 -71.18
C ASP M 139 -62.37 -67.63 -69.84
N VAL M 140 -63.03 -67.32 -68.72
CA VAL M 140 -62.45 -67.70 -67.45
C VAL M 140 -63.32 -68.76 -66.79
N ASP M 141 -62.71 -69.89 -66.51
CA ASP M 141 -63.35 -71.07 -65.94
C ASP M 141 -63.19 -71.14 -64.43
N PHE M 142 -64.29 -70.98 -63.71
CA PHE M 142 -64.27 -70.93 -62.25
C PHE M 142 -64.73 -72.26 -61.67
N ASP M 143 -63.82 -72.94 -60.99
CA ASP M 143 -64.08 -74.26 -60.43
C ASP M 143 -63.24 -74.48 -59.18
N PHE M 144 -63.38 -75.65 -58.57
CA PHE M 144 -62.61 -75.98 -57.39
C PHE M 144 -61.15 -75.92 -57.74
N ALA M 145 -60.37 -75.21 -56.92
CA ALA M 145 -58.94 -75.08 -57.13
C ALA M 145 -58.59 -74.55 -58.54
N GLY M 146 -59.43 -73.66 -59.06
CA GLY M 146 -59.17 -72.95 -60.29
C GLY M 146 -58.94 -71.49 -59.88
N PRO M 147 -59.28 -70.52 -60.72
CA PRO M 147 -59.80 -70.51 -62.08
C PRO M 147 -58.77 -70.79 -63.16
N ALA M 148 -59.26 -71.16 -64.33
CA ALA M 148 -58.39 -71.24 -65.51
C ALA M 148 -58.73 -70.09 -66.46
N ILE M 149 -57.72 -69.56 -67.09
CA ILE M 149 -57.91 -68.44 -68.01
C ILE M 149 -57.58 -68.84 -69.42
N HIS M 150 -58.55 -68.69 -70.32
CA HIS M 150 -58.37 -69.08 -71.72
C HIS M 150 -58.45 -67.86 -72.63
N GLY M 151 -57.30 -67.30 -73.01
CA GLY M 151 -57.28 -66.06 -73.79
C GLY M 151 -57.05 -66.34 -75.27
N SER M 152 -57.50 -65.44 -76.14
CA SER M 152 -57.22 -65.62 -77.56
C SER M 152 -57.34 -64.35 -78.37
N ALA M 153 -56.70 -64.35 -79.53
CA ALA M 153 -56.90 -63.25 -80.46
C ALA M 153 -56.49 -63.61 -81.87
N VAL M 154 -57.29 -63.10 -82.79
CA VAL M 154 -57.07 -63.21 -84.21
C VAL M 154 -57.09 -61.84 -84.84
N PHE M 155 -56.17 -61.62 -85.75
CA PHE M 155 -56.10 -60.37 -86.44
C PHE M 155 -55.82 -60.61 -87.90
N GLY M 156 -56.08 -59.61 -88.73
CA GLY M 156 -55.76 -59.84 -90.12
C GLY M 156 -55.65 -58.62 -91.00
N TYR M 157 -55.37 -58.88 -92.26
CA TYR M 157 -55.20 -57.84 -93.26
C TYR M 157 -55.28 -58.37 -94.69
N GLU M 158 -56.13 -57.77 -95.52
CA GLU M 158 -56.30 -58.17 -96.93
C GLU M 158 -56.49 -59.67 -97.14
N GLY M 159 -57.28 -60.30 -96.29
CA GLY M 159 -57.58 -61.73 -96.37
C GLY M 159 -56.65 -62.59 -95.54
N TRP M 160 -55.54 -62.04 -95.06
CA TRP M 160 -54.60 -62.83 -94.28
C TRP M 160 -54.97 -62.82 -92.82
N LEU M 161 -54.86 -63.99 -92.19
CA LEU M 161 -55.15 -64.15 -90.77
C LEU M 161 -53.99 -64.69 -89.96
N ALA M 162 -53.95 -64.29 -88.71
CA ALA M 162 -53.02 -64.86 -87.76
C ALA M 162 -53.59 -64.73 -86.36
N GLY M 163 -53.16 -65.60 -85.46
CA GLY M 163 -53.61 -65.48 -84.09
C GLY M 163 -53.05 -66.51 -83.14
N TYR M 164 -53.54 -66.43 -81.90
CA TYR M 164 -53.10 -67.30 -80.83
C TYR M 164 -54.20 -67.63 -79.85
N GLN M 165 -53.93 -68.64 -79.04
CA GLN M 165 -54.79 -69.06 -77.95
C GLN M 165 -53.97 -69.59 -76.78
N MET M 166 -54.23 -69.09 -75.58
CA MET M 166 -53.46 -69.56 -74.43
C MET M 166 -54.30 -69.89 -73.22
N THR M 167 -53.95 -70.98 -72.55
CA THR M 167 -54.64 -71.37 -71.33
C THR M 167 -53.68 -71.33 -70.16
N PHE M 168 -54.12 -70.66 -69.10
CA PHE M 168 -53.34 -70.52 -67.89
C PHE M 168 -54.10 -71.11 -66.71
N ASP M 169 -53.35 -71.66 -65.77
CA ASP M 169 -53.92 -72.19 -64.54
C ASP M 169 -53.53 -71.32 -63.36
N SER M 170 -54.49 -70.53 -62.84
CA SER M 170 -54.22 -69.53 -61.81
C SER M 170 -53.88 -70.14 -60.46
N ALA M 171 -54.12 -71.44 -60.30
CA ALA M 171 -53.79 -72.09 -59.05
C ALA M 171 -52.30 -72.45 -59.04
N LYS M 172 -51.63 -72.29 -60.19
CA LYS M 172 -50.23 -72.61 -60.33
C LYS M 172 -49.49 -71.35 -60.75
N SER M 173 -50.23 -70.46 -61.43
CA SER M 173 -49.73 -69.24 -62.09
C SER M 173 -48.78 -69.62 -63.21
N LYS M 174 -49.22 -70.61 -63.98
CA LYS M 174 -48.46 -71.15 -65.11
C LYS M 174 -49.29 -71.24 -66.39
N LEU M 175 -48.61 -71.15 -67.53
CA LEU M 175 -49.26 -71.41 -68.81
C LEU M 175 -49.28 -72.91 -69.00
N THR M 176 -50.41 -73.45 -69.43
CA THR M 176 -50.53 -74.88 -69.65
C THR M 176 -50.69 -75.23 -71.13
N ARG M 177 -51.19 -74.27 -71.93
CA ARG M 177 -51.37 -74.47 -73.38
C ARG M 177 -51.08 -73.19 -74.16
N ASN M 178 -50.38 -73.31 -75.29
CA ASN M 178 -50.11 -72.15 -76.15
C ASN M 178 -50.20 -72.53 -77.64
N ASN M 179 -51.31 -72.16 -78.25
CA ASN M 179 -51.60 -72.52 -79.63
C ASN M 179 -51.37 -71.32 -80.54
N PHE M 180 -50.92 -71.58 -81.77
CA PHE M 180 -50.77 -70.51 -82.76
C PHE M 180 -51.33 -70.90 -84.11
N ALA M 181 -51.78 -69.92 -84.88
CA ALA M 181 -52.27 -70.21 -86.21
C ALA M 181 -52.11 -69.05 -87.19
N VAL M 182 -51.99 -69.44 -88.46
CA VAL M 182 -51.94 -68.52 -89.58
C VAL M 182 -52.85 -69.00 -90.70
N GLY M 183 -53.23 -68.10 -91.60
CA GLY M 183 -54.02 -68.52 -92.74
C GLY M 183 -54.43 -67.42 -93.69
N TYR M 184 -55.31 -67.78 -94.62
CA TYR M 184 -55.83 -66.87 -95.64
C TYR M 184 -57.28 -67.21 -95.94
N ARG M 185 -58.12 -66.19 -96.06
CA ARG M 185 -59.48 -66.48 -96.45
C ARG M 185 -60.08 -65.56 -97.48
N THR M 186 -60.86 -66.15 -98.35
CA THR M 186 -61.70 -65.44 -99.27
C THR M 186 -63.03 -66.18 -99.45
N GLY M 187 -63.84 -65.71 -100.39
CA GLY M 187 -65.15 -66.31 -100.63
C GLY M 187 -65.09 -67.73 -101.20
N ASP M 188 -64.08 -67.96 -102.05
CA ASP M 188 -63.90 -69.21 -102.78
C ASP M 188 -63.07 -70.24 -102.00
N PHE M 189 -62.14 -69.80 -101.18
CA PHE M 189 -61.31 -70.76 -100.48
C PHE M 189 -60.74 -70.23 -99.19
N GLN M 190 -60.33 -71.14 -98.32
CA GLN M 190 -59.62 -70.78 -97.10
C GLN M 190 -58.47 -71.73 -96.83
N LEU M 191 -57.38 -71.17 -96.38
CA LEU M 191 -56.17 -71.91 -96.06
C LEU M 191 -55.77 -71.70 -94.62
N HIS M 192 -55.59 -72.77 -93.86
CA HIS M 192 -55.19 -72.63 -92.45
C HIS M 192 -54.11 -73.59 -92.02
N THR M 193 -53.16 -73.07 -91.24
CA THR M 193 -52.08 -73.85 -90.63
C THR M 193 -51.98 -73.51 -89.14
N ASN M 194 -51.75 -74.52 -88.31
CA ASN M 194 -51.59 -74.25 -86.89
C ASN M 194 -50.64 -75.19 -86.15
N VAL M 195 -50.34 -74.78 -84.93
CA VAL M 195 -49.53 -75.55 -84.00
C VAL M 195 -50.03 -75.50 -82.57
N ASN M 196 -50.03 -76.63 -81.89
CA ASN M 196 -50.39 -76.69 -80.49
C ASN M 196 -49.19 -77.07 -79.62
N ASP M 197 -48.74 -76.12 -78.79
CA ASP M 197 -47.62 -76.29 -77.85
C ASP M 197 -46.28 -76.62 -78.49
N GLY M 198 -46.14 -76.37 -79.77
CA GLY M 198 -44.90 -76.62 -80.48
C GLY M 198 -44.71 -78.08 -80.88
N THR M 199 -45.71 -78.93 -80.57
CA THR M 199 -45.61 -80.36 -80.84
C THR M 199 -46.63 -80.84 -81.87
N GLU M 200 -47.89 -80.45 -81.72
CA GLU M 200 -48.89 -80.94 -82.65
C GLU M 200 -49.10 -79.94 -83.75
N PHE M 201 -48.96 -80.38 -84.99
CA PHE M 201 -49.09 -79.48 -86.12
C PHE M 201 -50.16 -79.94 -87.07
N GLY M 202 -50.75 -79.00 -87.79
CA GLY M 202 -51.73 -79.39 -88.78
C GLY M 202 -52.27 -78.22 -89.54
N GLY M 203 -53.29 -78.49 -90.34
CA GLY M 203 -53.89 -77.45 -91.16
C GLY M 203 -55.01 -78.00 -92.03
N SER M 204 -55.60 -77.10 -92.79
CA SER M 204 -56.70 -77.47 -93.67
C SER M 204 -56.89 -76.55 -94.86
N ILE M 205 -57.51 -77.11 -95.88
CA ILE M 205 -57.89 -76.41 -97.09
C ILE M 205 -59.37 -76.50 -97.35
N TYR M 206 -60.01 -75.36 -97.55
CA TYR M 206 -61.42 -75.30 -97.92
C TYR M 206 -61.48 -74.76 -99.33
N GLN M 207 -62.25 -75.40 -100.20
CA GLN M 207 -62.35 -74.90 -101.57
C GLN M 207 -63.74 -75.07 -102.18
N LYS M 208 -64.28 -73.98 -102.75
CA LYS M 208 -65.52 -74.06 -103.50
C LYS M 208 -65.10 -74.54 -104.87
N VAL M 209 -65.79 -75.53 -105.40
CA VAL M 209 -65.37 -76.06 -106.69
C VAL M 209 -66.41 -75.71 -107.73
N CYS M 210 -67.65 -75.98 -107.40
CA CYS M 210 -68.74 -75.73 -108.32
C CYS M 210 -69.80 -75.16 -107.46
N GLU M 211 -70.85 -74.65 -108.06
CA GLU M 211 -71.92 -74.06 -107.27
C GLU M 211 -72.56 -75.03 -106.27
N ASP M 212 -72.65 -76.29 -106.65
CA ASP M 212 -73.18 -77.35 -105.84
C ASP M 212 -72.11 -78.21 -105.17
N LEU M 213 -70.84 -77.78 -105.19
CA LEU M 213 -69.78 -78.63 -104.63
C LEU M 213 -68.74 -77.92 -103.77
N ASP M 214 -68.68 -78.36 -102.51
CA ASP M 214 -67.80 -77.87 -101.46
C ASP M 214 -66.77 -78.95 -101.07
N THR M 215 -65.47 -78.69 -101.22
CA THR M 215 -64.51 -79.75 -100.86
C THR M 215 -63.48 -79.26 -99.85
N SER M 216 -62.81 -80.20 -99.18
CA SER M 216 -61.75 -79.85 -98.24
C SER M 216 -60.71 -80.94 -97.97
N VAL M 217 -59.56 -80.48 -97.46
CA VAL M 217 -58.45 -81.37 -97.09
C VAL M 217 -57.95 -81.09 -95.68
N ASN M 218 -57.78 -82.12 -94.85
CA ASN M 218 -57.20 -81.98 -93.51
C ASN M 218 -55.83 -82.61 -93.44
N LEU M 219 -54.90 -81.92 -92.75
CA LEU M 219 -53.53 -82.39 -92.54
C LEU M 219 -53.16 -82.36 -91.04
N ALA M 220 -52.36 -83.34 -90.59
CA ALA M 220 -51.85 -83.30 -89.21
C ALA M 220 -50.57 -84.11 -89.04
N TRP M 221 -49.71 -83.69 -88.12
CA TRP M 221 -48.50 -84.43 -87.82
C TRP M 221 -47.95 -84.15 -86.41
N THR M 222 -47.13 -85.07 -85.89
CA THR M 222 -46.58 -84.87 -84.54
C THR M 222 -45.05 -84.72 -84.46
N SER M 223 -44.59 -83.65 -83.83
CA SER M 223 -43.16 -83.43 -83.68
C SER M 223 -42.49 -84.56 -82.95
N GLY M 224 -41.30 -84.90 -83.44
CA GLY M 224 -40.48 -85.96 -82.90
C GLY M 224 -40.67 -87.26 -83.66
N THR M 225 -41.70 -87.34 -84.50
CA THR M 225 -41.90 -88.55 -85.25
C THR M 225 -42.21 -88.33 -86.72
N ASN M 226 -42.38 -89.44 -87.43
CA ASN M 226 -42.67 -89.42 -88.86
C ASN M 226 -44.14 -89.70 -89.14
N CYS M 227 -44.94 -89.66 -88.10
CA CYS M 227 -46.35 -89.91 -88.21
C CYS M 227 -47.13 -88.73 -88.73
N THR M 228 -47.81 -88.96 -89.84
CA THR M 228 -48.64 -87.94 -90.42
C THR M 228 -50.00 -88.55 -90.62
N ARG M 229 -51.01 -87.69 -90.60
CA ARG M 229 -52.39 -88.05 -90.81
C ARG M 229 -53.01 -87.09 -91.79
N PHE M 230 -53.99 -87.55 -92.53
CA PHE M 230 -54.68 -86.68 -93.46
C PHE M 230 -56.00 -87.25 -93.92
N GLY M 231 -56.76 -86.40 -94.59
CA GLY M 231 -57.97 -86.86 -95.22
C GLY M 231 -58.60 -85.83 -96.13
N ILE M 232 -59.48 -86.32 -97.01
CA ILE M 232 -60.17 -85.49 -97.99
C ILE M 232 -61.68 -85.67 -97.88
N ALA M 233 -62.42 -84.58 -97.97
CA ALA M 233 -63.87 -84.65 -97.86
C ALA M 233 -64.58 -83.74 -98.83
N ALA M 234 -65.84 -84.08 -99.10
CA ALA M 234 -66.66 -83.26 -99.96
C ALA M 234 -68.14 -83.35 -99.66
N LYS M 235 -68.83 -82.27 -100.00
CA LYS M 235 -70.27 -82.16 -99.90
C LYS M 235 -70.86 -81.70 -101.23
N TYR M 236 -71.83 -82.45 -101.73
CA TYR M 236 -72.45 -82.15 -103.00
C TYR M 236 -73.96 -81.94 -102.90
N GLN M 237 -74.42 -80.78 -103.38
CA GLN M 237 -75.84 -80.50 -103.36
C GLN M 237 -76.46 -81.17 -104.55
N LEU M 238 -77.25 -82.18 -104.27
CA LEU M 238 -77.83 -83.01 -105.29
C LEU M 238 -78.99 -82.27 -105.91
N ASP M 239 -79.78 -81.66 -105.03
CA ASP M 239 -80.91 -80.87 -105.48
C ASP M 239 -81.22 -79.92 -104.30
N PRO M 240 -82.17 -78.96 -104.41
CA PRO M 240 -82.51 -78.02 -103.37
C PRO M 240 -82.92 -78.66 -102.06
N THR M 241 -83.37 -79.93 -102.08
CA THR M 241 -83.76 -80.58 -100.86
C THR M 241 -83.03 -81.88 -100.67
N ALA M 242 -81.77 -81.96 -101.11
CA ALA M 242 -80.99 -83.17 -100.89
C ALA M 242 -79.49 -82.98 -101.10
N SER M 243 -78.72 -83.68 -100.29
CA SER M 243 -77.27 -83.63 -100.48
C SER M 243 -76.56 -84.88 -100.02
N ILE M 244 -75.38 -85.07 -100.59
CA ILE M 244 -74.54 -86.21 -100.24
C ILE M 244 -73.17 -85.74 -99.79
N SER M 245 -72.55 -86.52 -98.94
CA SER M 245 -71.22 -86.18 -98.50
C SER M 245 -70.40 -87.42 -98.28
N ALA M 246 -69.10 -87.24 -98.34
CA ALA M 246 -68.20 -88.34 -98.10
C ALA M 246 -66.84 -87.85 -97.69
N LYS M 247 -66.11 -88.72 -97.02
CA LYS M 247 -64.75 -88.41 -96.62
C LYS M 247 -63.83 -89.61 -96.50
N VAL M 248 -62.56 -89.45 -96.90
CA VAL M 248 -61.61 -90.54 -96.76
C VAL M 248 -60.38 -90.17 -95.93
N ASN M 249 -60.17 -90.95 -94.88
CA ASN M 249 -59.02 -90.84 -93.97
C ASN M 249 -57.86 -91.70 -94.44
N ASN M 250 -56.63 -91.23 -94.26
CA ASN M 250 -55.41 -91.95 -94.64
C ASN M 250 -55.31 -93.36 -94.02
N SER M 251 -56.05 -93.59 -92.94
CA SER M 251 -56.08 -94.87 -92.25
C SER M 251 -57.10 -95.83 -92.87
N SER M 252 -57.57 -95.51 -94.08
CA SER M 252 -58.53 -96.24 -94.91
C SER M 252 -59.91 -96.26 -94.29
N LEU M 253 -60.30 -95.11 -93.78
CA LEU M 253 -61.63 -95.01 -93.20
C LEU M 253 -62.48 -94.15 -94.10
N ILE M 254 -63.56 -94.73 -94.61
CA ILE M 254 -64.40 -93.99 -95.54
C ILE M 254 -65.78 -93.70 -94.98
N GLY M 255 -66.06 -92.43 -94.84
CA GLY M 255 -67.34 -92.00 -94.34
C GLY M 255 -68.25 -91.60 -95.49
N VAL M 256 -69.53 -91.91 -95.37
CA VAL M 256 -70.51 -91.47 -96.34
C VAL M 256 -71.72 -90.92 -95.62
N GLY M 257 -72.49 -90.08 -96.29
CA GLY M 257 -73.73 -89.60 -95.69
C GLY M 257 -74.66 -88.94 -96.67
N TYR M 258 -75.93 -88.88 -96.28
CA TYR M 258 -77.00 -88.27 -97.07
C TYR M 258 -78.02 -87.56 -96.22
N THR M 259 -78.37 -86.36 -96.66
CA THR M 259 -79.38 -85.55 -96.00
C THR M 259 -80.49 -85.21 -96.98
N GLN M 260 -81.72 -85.32 -96.51
CA GLN M 260 -82.86 -84.95 -97.32
C GLN M 260 -83.87 -84.13 -96.55
N THR M 261 -84.37 -83.08 -97.18
CA THR M 261 -85.40 -82.29 -96.59
C THR M 261 -86.68 -83.02 -96.95
N LEU M 262 -87.47 -83.34 -95.95
CA LEU M 262 -88.67 -84.11 -96.21
C LEU M 262 -89.77 -83.13 -96.49
N ARG M 263 -89.74 -82.05 -95.74
CA ARG M 263 -90.71 -80.96 -95.81
C ARG M 263 -89.93 -79.76 -95.34
N PRO M 264 -90.19 -78.52 -95.74
CA PRO M 264 -89.45 -77.38 -95.21
C PRO M 264 -89.53 -77.47 -93.71
N GLY M 265 -88.45 -77.30 -92.98
CA GLY M 265 -88.54 -77.42 -91.51
C GLY M 265 -88.25 -78.84 -91.01
N VAL M 266 -88.24 -79.82 -91.92
CA VAL M 266 -88.00 -81.21 -91.53
C VAL M 266 -86.84 -81.85 -92.31
N LYS M 267 -85.76 -82.23 -91.60
CA LYS M 267 -84.60 -82.82 -92.29
C LYS M 267 -84.16 -84.16 -91.71
N LEU M 268 -83.93 -85.10 -92.61
CA LEU M 268 -83.51 -86.45 -92.27
C LEU M 268 -82.09 -86.78 -92.76
N THR M 269 -81.23 -87.23 -91.85
CA THR M 269 -79.84 -87.57 -92.18
C THR M 269 -79.43 -89.01 -91.86
N LEU M 270 -78.86 -89.66 -92.85
CA LEU M 270 -78.36 -91.02 -92.68
C LEU M 270 -76.88 -91.06 -92.99
N SER M 271 -76.13 -91.90 -92.28
CA SER M 271 -74.70 -91.99 -92.57
C SER M 271 -74.05 -93.30 -92.16
N ALA M 272 -72.87 -93.57 -92.70
CA ALA M 272 -72.13 -94.78 -92.33
C ALA M 272 -70.63 -94.66 -92.52
N LEU M 273 -69.91 -95.48 -91.77
CA LEU M 273 -68.46 -95.53 -91.82
C LEU M 273 -67.93 -96.93 -92.09
N VAL M 274 -67.07 -97.06 -93.10
CA VAL M 274 -66.50 -98.34 -93.42
C VAL M 274 -64.97 -98.37 -93.25
N ASP M 275 -64.48 -99.43 -92.58
CA ASP M 275 -63.07 -99.70 -92.27
C ASP M 275 -62.35 -100.44 -93.38
N GLY M 276 -61.78 -99.73 -94.34
CA GLY M 276 -61.21 -100.43 -95.44
C GLY M 276 -59.89 -101.08 -95.04
N LYS M 277 -59.47 -102.12 -95.76
CA LYS M 277 -60.16 -102.75 -96.88
C LYS M 277 -61.04 -103.90 -96.40
N SER M 278 -61.03 -104.17 -95.10
CA SER M 278 -61.74 -105.31 -94.51
C SER M 278 -63.24 -105.07 -94.33
N ILE M 279 -63.94 -104.86 -95.45
CA ILE M 279 -65.38 -104.62 -95.42
C ILE M 279 -66.20 -105.58 -96.27
N ASN M 280 -67.30 -106.17 -95.73
CA ASN M 280 -67.81 -105.98 -94.34
C ASN M 280 -67.25 -107.03 -93.38
N ALA M 281 -66.03 -106.84 -92.87
CA ALA M 281 -65.35 -107.75 -91.99
C ALA M 281 -64.53 -106.91 -91.04
N GLY M 282 -65.18 -105.90 -90.46
CA GLY M 282 -64.54 -104.91 -89.61
C GLY M 282 -65.60 -104.06 -88.88
N GLY M 283 -65.19 -102.90 -88.34
CA GLY M 283 -66.01 -102.06 -87.47
C GLY M 283 -66.99 -101.14 -88.18
N HIS M 284 -67.89 -101.73 -88.96
CA HIS M 284 -68.86 -100.97 -89.74
C HIS M 284 -69.78 -100.19 -88.79
N LYS M 285 -70.03 -98.90 -89.07
CA LYS M 285 -70.93 -98.10 -88.23
C LYS M 285 -71.98 -97.37 -89.04
N LEU M 286 -73.17 -97.23 -88.47
CA LEU M 286 -74.26 -96.50 -89.11
C LEU M 286 -74.81 -95.42 -88.21
N GLY M 287 -75.43 -94.39 -88.78
CA GLY M 287 -76.07 -93.34 -88.00
C GLY M 287 -77.39 -92.86 -88.63
N LEU M 288 -78.22 -92.24 -87.80
CA LEU M 288 -79.53 -91.69 -88.19
C LEU M 288 -79.92 -90.46 -87.41
N ALA M 289 -80.35 -89.41 -88.08
CA ALA M 289 -80.82 -88.28 -87.32
C ALA M 289 -82.00 -87.58 -87.98
N LEU M 290 -82.92 -87.11 -87.15
CA LEU M 290 -84.08 -86.37 -87.66
C LEU M 290 -84.22 -85.06 -86.88
N GLU M 291 -84.34 -83.97 -87.62
CA GLU M 291 -84.50 -82.62 -87.05
C GLU M 291 -85.78 -81.94 -87.54
N LEU M 292 -86.57 -81.42 -86.59
CA LEU M 292 -87.82 -80.71 -86.90
C LEU M 292 -87.89 -79.34 -86.26
N GLU M 293 -88.04 -78.30 -87.08
CA GLU M 293 -88.09 -76.95 -86.57
C GLU M 293 -89.42 -76.23 -86.83
N ALA M 294 -90.04 -75.81 -85.73
CA ALA M 294 -91.31 -75.09 -85.74
C ALA M 294 -91.09 -73.66 -85.25
N MET N 1 -103.13 -55.48 -66.94
CA MET N 1 -102.95 -56.46 -65.89
C MET N 1 -101.64 -57.22 -66.07
N ALA N 2 -100.82 -57.23 -65.02
CA ALA N 2 -99.55 -57.94 -65.06
C ALA N 2 -99.82 -59.42 -65.25
N SER N 3 -98.94 -60.10 -65.97
CA SER N 3 -99.10 -61.54 -66.14
C SER N 3 -98.74 -62.25 -64.86
N TYR N 4 -99.17 -63.50 -64.75
CA TYR N 4 -98.87 -64.31 -63.59
C TYR N 4 -98.21 -65.62 -63.93
N GLY N 5 -97.24 -66.00 -63.10
CA GLY N 5 -96.58 -67.29 -63.23
C GLY N 5 -97.12 -68.27 -62.19
N GLN N 6 -98.05 -67.78 -61.38
CA GLN N 6 -98.68 -68.49 -60.27
C GLN N 6 -99.72 -67.56 -59.65
N THR N 7 -100.79 -68.11 -59.10
CA THR N 7 -101.78 -67.23 -58.48
C THR N 7 -102.14 -67.57 -57.05
N CYS N 8 -102.40 -66.50 -56.31
CA CYS N 8 -102.80 -66.63 -54.93
C CYS N 8 -103.61 -65.40 -54.54
N PRO N 9 -104.49 -65.53 -53.55
CA PRO N 9 -105.27 -64.50 -52.88
C PRO N 9 -104.46 -63.85 -51.80
N ARG N 10 -105.06 -62.90 -51.11
CA ARG N 10 -104.43 -62.33 -49.95
C ARG N 10 -104.66 -63.30 -48.77
N PRO N 11 -103.81 -63.29 -47.74
CA PRO N 11 -104.02 -64.03 -46.53
C PRO N 11 -105.39 -63.57 -45.95
N MET N 12 -106.16 -64.47 -45.32
CA MET N 12 -105.73 -65.82 -45.00
C MET N 12 -106.47 -66.94 -45.76
N CYS N 13 -106.51 -66.86 -47.11
CA CYS N 13 -107.02 -67.95 -47.92
C CYS N 13 -105.85 -68.85 -48.32
N ILE N 14 -104.66 -68.44 -47.89
CA ILE N 14 -103.41 -69.15 -48.10
C ILE N 14 -103.06 -69.70 -46.73
N PRO N 15 -102.88 -71.02 -46.55
CA PRO N 15 -102.61 -71.66 -45.29
C PRO N 15 -101.19 -71.38 -44.81
N PRO N 16 -100.93 -71.59 -43.52
CA PRO N 16 -99.65 -71.52 -42.84
C PRO N 16 -98.75 -72.63 -43.34
N SER N 17 -97.43 -72.49 -43.20
CA SER N 17 -96.55 -73.58 -43.59
C SER N 17 -96.66 -74.64 -42.52
N TYR N 18 -96.16 -75.84 -42.76
CA TYR N 18 -96.28 -76.88 -41.73
C TYR N 18 -95.74 -76.38 -40.38
N ALA N 19 -94.59 -75.71 -40.41
CA ALA N 19 -93.92 -75.17 -39.24
C ALA N 19 -94.75 -74.13 -38.47
N ASP N 20 -95.70 -73.50 -39.14
CA ASP N 20 -96.53 -72.46 -38.55
C ASP N 20 -97.84 -73.02 -37.98
N LEU N 21 -98.06 -74.33 -38.11
CA LEU N 21 -99.30 -74.85 -37.59
C LEU N 21 -99.25 -74.75 -36.08
N GLY N 22 -100.27 -74.15 -35.48
CA GLY N 22 -100.31 -74.01 -34.03
C GLY N 22 -99.51 -72.83 -33.52
N LYS N 23 -98.97 -71.99 -34.42
CA LYS N 23 -98.15 -70.86 -33.96
C LYS N 23 -98.84 -69.95 -32.95
N ALA N 24 -100.12 -69.64 -33.13
CA ALA N 24 -100.75 -68.71 -32.19
C ALA N 24 -100.75 -69.25 -30.75
N ALA N 25 -101.08 -70.54 -30.58
CA ALA N 25 -101.06 -71.14 -29.24
C ALA N 25 -99.64 -71.15 -28.71
N ARG N 26 -98.68 -71.46 -29.59
CA ARG N 26 -97.28 -71.54 -29.18
C ARG N 26 -96.78 -70.18 -28.70
N ASP N 27 -97.16 -69.10 -29.39
CA ASP N 27 -96.74 -67.78 -28.95
C ASP N 27 -97.24 -67.45 -27.56
N ILE N 28 -98.46 -67.85 -27.20
CA ILE N 28 -98.91 -67.56 -25.84
C ILE N 28 -97.99 -68.26 -24.82
N PHE N 29 -97.66 -69.52 -25.07
CA PHE N 29 -96.76 -70.27 -24.18
C PHE N 29 -95.28 -69.81 -24.22
N ASN N 30 -94.80 -69.31 -25.36
CA ASN N 30 -93.39 -68.91 -25.48
C ASN N 30 -93.08 -67.40 -25.31
N LYS N 31 -93.85 -66.54 -25.95
CA LYS N 31 -93.52 -65.13 -25.92
C LYS N 31 -93.84 -64.53 -24.58
N GLY N 32 -93.00 -63.60 -24.14
CA GLY N 32 -93.20 -62.95 -22.86
C GLY N 32 -92.42 -63.62 -21.75
N PHE N 33 -91.79 -64.78 -22.02
CA PHE N 33 -91.04 -65.45 -20.96
C PHE N 33 -89.58 -65.58 -21.38
N GLY N 34 -88.65 -65.45 -20.42
CA GLY N 34 -87.21 -65.59 -20.68
C GLY N 34 -86.46 -66.23 -19.51
N PHE N 35 -87.08 -67.20 -18.86
CA PHE N 35 -86.56 -67.77 -17.62
C PHE N 35 -85.14 -68.25 -17.77
N GLY N 36 -84.26 -67.86 -16.86
CA GLY N 36 -82.88 -68.32 -16.86
C GLY N 36 -81.96 -67.46 -17.70
N LEU N 37 -82.50 -66.52 -18.47
CA LEU N 37 -81.63 -65.71 -19.30
C LEU N 37 -81.81 -64.21 -19.19
N VAL N 38 -80.73 -63.51 -19.51
CA VAL N 38 -80.81 -62.07 -19.67
C VAL N 38 -80.58 -61.77 -21.15
N LYS N 39 -81.52 -61.07 -21.78
CA LYS N 39 -81.40 -60.81 -23.21
C LYS N 39 -81.43 -59.32 -23.56
N LEU N 40 -80.64 -58.96 -24.55
CA LEU N 40 -80.52 -57.58 -24.98
C LEU N 40 -80.64 -57.43 -26.48
N ASP N 41 -81.71 -56.81 -26.96
CA ASP N 41 -81.93 -56.70 -28.39
C ASP N 41 -81.94 -55.26 -28.92
N VAL N 42 -80.94 -54.92 -29.72
CA VAL N 42 -80.86 -53.56 -30.26
C VAL N 42 -81.09 -53.63 -31.76
N LYS N 43 -82.09 -52.89 -32.23
CA LYS N 43 -82.39 -52.89 -33.65
C LYS N 43 -82.36 -51.47 -34.14
N THR N 44 -81.76 -51.26 -35.29
CA THR N 44 -81.69 -49.94 -35.85
C THR N 44 -81.94 -49.99 -37.34
N LYS N 45 -82.38 -48.89 -37.90
CA LYS N 45 -82.44 -48.83 -39.34
C LYS N 45 -81.89 -47.54 -39.88
N SER N 46 -81.47 -47.60 -41.13
CA SER N 46 -81.07 -46.44 -41.89
C SER N 46 -81.87 -46.30 -43.16
N CYS N 47 -82.10 -45.04 -43.54
CA CYS N 47 -82.83 -44.67 -44.75
C CYS N 47 -82.17 -45.15 -46.04
N SER N 48 -80.95 -45.68 -45.95
CA SER N 48 -80.26 -46.23 -47.11
C SER N 48 -80.81 -47.62 -47.47
N GLY N 49 -81.70 -48.18 -46.64
CA GLY N 49 -82.28 -49.49 -46.93
C GLY N 49 -81.58 -50.62 -46.20
N VAL N 50 -80.91 -50.26 -45.11
CA VAL N 50 -80.20 -51.28 -44.35
C VAL N 50 -80.71 -51.32 -42.94
N GLU N 51 -80.94 -52.52 -42.48
CA GLU N 51 -81.38 -52.73 -41.12
C GLU N 51 -80.30 -53.46 -40.36
N PHE N 52 -80.14 -53.12 -39.11
CA PHE N 52 -79.15 -53.79 -38.29
C PHE N 52 -79.83 -54.38 -37.08
N SER N 53 -79.32 -55.51 -36.62
CA SER N 53 -79.85 -56.14 -35.42
C SER N 53 -78.79 -56.88 -34.62
N THR N 54 -78.70 -56.54 -33.34
CA THR N 54 -77.73 -57.18 -32.47
C THR N 54 -78.43 -57.78 -31.25
N SER N 55 -78.15 -59.04 -30.98
CA SER N 55 -78.83 -59.72 -29.88
C SER N 55 -77.85 -60.39 -28.93
N GLY N 56 -77.84 -59.89 -27.70
CA GLY N 56 -76.98 -60.40 -26.64
C GLY N 56 -77.75 -61.41 -25.78
N SER N 57 -77.06 -62.41 -25.21
CA SER N 57 -77.75 -63.35 -24.32
C SER N 57 -76.88 -64.03 -23.26
N SER N 58 -77.33 -63.98 -22.01
CA SER N 58 -76.61 -64.59 -20.88
C SER N 58 -77.42 -65.71 -20.23
N ASN N 59 -76.86 -66.92 -20.25
CA ASN N 59 -77.57 -68.09 -19.71
C ASN N 59 -77.11 -68.45 -18.30
N THR N 60 -78.00 -68.26 -17.33
CA THR N 60 -77.73 -68.43 -15.91
C THR N 60 -77.28 -69.83 -15.54
N ASP N 61 -77.67 -70.81 -16.34
CA ASP N 61 -77.39 -72.20 -16.05
C ASP N 61 -76.10 -72.69 -16.67
N THR N 62 -75.35 -71.80 -17.35
CA THR N 62 -74.11 -72.22 -17.94
C THR N 62 -73.04 -71.21 -17.56
N GLY N 63 -73.46 -69.97 -17.31
CA GLY N 63 -72.58 -68.85 -17.00
C GLY N 63 -71.99 -68.21 -18.27
N LYS N 64 -72.41 -68.72 -19.44
CA LYS N 64 -71.94 -68.24 -20.73
C LYS N 64 -72.73 -67.04 -21.19
N VAL N 65 -71.99 -66.11 -21.77
CA VAL N 65 -72.59 -64.94 -22.34
C VAL N 65 -72.26 -65.00 -23.83
N THR N 66 -73.29 -64.93 -24.68
CA THR N 66 -73.19 -65.03 -26.13
C THR N 66 -73.90 -63.90 -26.86
N GLY N 67 -74.00 -64.03 -28.18
CA GLY N 67 -74.67 -63.05 -29.00
C GLY N 67 -74.45 -63.21 -30.50
N THR N 68 -75.33 -62.54 -31.26
CA THR N 68 -75.35 -62.51 -32.73
C THR N 68 -75.53 -61.11 -33.29
N LEU N 69 -74.84 -60.79 -34.38
CA LEU N 69 -75.03 -59.53 -35.07
C LEU N 69 -75.36 -59.76 -36.54
N GLU N 70 -76.42 -59.09 -37.01
CA GLU N 70 -76.84 -59.19 -38.40
C GLU N 70 -77.02 -57.83 -39.08
N THR N 71 -76.73 -57.80 -40.38
CA THR N 71 -76.99 -56.63 -41.22
C THR N 71 -77.82 -57.06 -42.42
N LYS N 72 -78.93 -56.37 -42.67
CA LYS N 72 -79.82 -56.76 -43.76
C LYS N 72 -80.02 -55.64 -44.77
N TYR N 73 -79.92 -55.97 -46.04
CA TYR N 73 -80.12 -54.99 -47.10
C TYR N 73 -81.37 -55.34 -47.90
N LYS N 74 -82.30 -54.40 -48.01
CA LYS N 74 -83.56 -54.67 -48.70
C LYS N 74 -83.75 -54.00 -50.05
N TRP N 75 -83.63 -54.79 -51.11
CA TRP N 75 -83.75 -54.30 -52.46
C TRP N 75 -85.22 -54.39 -52.85
N CYS N 76 -85.96 -53.42 -52.37
CA CYS N 76 -87.41 -53.40 -52.46
C CYS N 76 -87.90 -53.42 -53.91
N GLU N 77 -87.13 -52.81 -54.81
CA GLU N 77 -87.45 -52.74 -56.23
C GLU N 77 -87.17 -54.05 -57.00
N TYR N 78 -86.49 -54.99 -56.35
CA TYR N 78 -86.10 -56.26 -56.96
C TYR N 78 -86.74 -57.46 -56.27
N GLY N 79 -87.17 -57.29 -55.01
CA GLY N 79 -87.68 -58.42 -54.25
C GLY N 79 -86.52 -59.22 -53.69
N LEU N 80 -85.40 -58.55 -53.46
CA LEU N 80 -84.22 -59.27 -52.97
C LEU N 80 -83.74 -58.79 -51.60
N THR N 81 -83.44 -59.73 -50.73
CA THR N 81 -82.89 -59.38 -49.42
C THR N 81 -81.54 -60.05 -49.21
N PHE N 82 -80.56 -59.25 -48.82
CA PHE N 82 -79.21 -59.74 -48.61
C PHE N 82 -78.82 -59.59 -47.14
N THR N 83 -78.43 -60.69 -46.49
CA THR N 83 -78.07 -60.59 -45.07
C THR N 83 -76.66 -61.07 -44.76
N GLU N 84 -75.96 -60.27 -43.97
CA GLU N 84 -74.63 -60.62 -43.49
C GLU N 84 -74.76 -60.96 -42.00
N LYS N 85 -74.13 -62.04 -41.53
CA LYS N 85 -74.24 -62.39 -40.11
C LYS N 85 -72.95 -62.89 -39.46
N TRP N 86 -72.78 -62.55 -38.18
CA TRP N 86 -71.67 -63.03 -37.36
C TRP N 86 -72.10 -63.37 -35.93
N ASN N 87 -71.43 -64.32 -35.29
CA ASN N 87 -71.74 -64.52 -33.87
C ASN N 87 -70.51 -64.82 -33.02
N THR N 88 -70.72 -64.98 -31.71
CA THR N 88 -69.63 -65.17 -30.72
C THR N 88 -68.90 -66.47 -30.80
N ASP N 89 -69.41 -67.40 -31.58
CA ASP N 89 -68.75 -68.68 -31.70
C ASP N 89 -67.92 -68.64 -32.97
N ASN N 90 -67.77 -67.42 -33.50
CA ASN N 90 -67.05 -67.13 -34.72
C ASN N 90 -67.68 -67.77 -35.91
N THR N 91 -68.98 -67.91 -35.92
CA THR N 91 -69.62 -68.42 -37.11
C THR N 91 -70.07 -67.22 -37.90
N LEU N 92 -69.78 -67.23 -39.19
CA LEU N 92 -70.13 -66.15 -40.08
C LEU N 92 -70.91 -66.65 -41.29
N GLY N 93 -71.69 -65.78 -41.91
CA GLY N 93 -72.36 -66.22 -43.13
C GLY N 93 -73.15 -65.17 -43.89
N THR N 94 -73.70 -65.61 -45.01
CA THR N 94 -74.48 -64.79 -45.93
C THR N 94 -75.80 -65.46 -46.32
N GLU N 95 -76.88 -64.70 -46.34
CA GLU N 95 -78.16 -65.23 -46.77
C GLU N 95 -78.77 -64.35 -47.88
N ILE N 96 -79.25 -64.99 -48.94
CA ILE N 96 -79.91 -64.22 -50.00
C ILE N 96 -81.31 -64.73 -50.26
N ALA N 97 -82.30 -63.86 -50.11
CA ALA N 97 -83.68 -64.25 -50.34
C ALA N 97 -84.25 -63.55 -51.56
N ILE N 98 -85.06 -64.30 -52.30
CA ILE N 98 -85.75 -63.86 -53.50
C ILE N 98 -87.27 -63.99 -53.35
N GLU N 99 -88.02 -62.90 -53.49
CA GLU N 99 -89.48 -63.00 -53.33
C GLU N 99 -90.26 -62.47 -54.53
N ASP N 100 -91.09 -63.33 -55.12
CA ASP N 100 -91.96 -63.02 -56.27
C ASP N 100 -91.20 -62.63 -57.54
N GLN N 101 -89.92 -62.97 -57.60
CA GLN N 101 -89.07 -62.65 -58.74
C GLN N 101 -89.25 -63.65 -59.86
N ILE N 102 -89.50 -64.91 -59.49
CA ILE N 102 -89.62 -66.00 -60.44
C ILE N 102 -91.08 -66.05 -60.87
N CYS N 103 -91.97 -66.24 -59.89
CA CYS N 103 -93.41 -66.24 -60.10
C CYS N 103 -94.05 -65.79 -58.80
N GLN N 104 -95.28 -65.34 -58.86
CA GLN N 104 -95.96 -64.88 -57.67
C GLN N 104 -96.16 -65.98 -56.64
N GLY N 105 -95.89 -65.63 -55.39
CA GLY N 105 -96.06 -66.57 -54.30
C GLY N 105 -94.83 -67.45 -54.11
N LEU N 106 -93.78 -67.24 -54.90
CA LEU N 106 -92.58 -68.06 -54.76
C LEU N 106 -91.48 -67.34 -54.01
N LYS N 107 -90.94 -68.02 -53.00
CA LYS N 107 -89.83 -67.53 -52.22
C LYS N 107 -88.67 -68.52 -52.26
N LEU N 108 -87.51 -68.00 -52.61
CA LEU N 108 -86.28 -68.80 -52.71
C LEU N 108 -85.19 -68.21 -51.83
N THR N 109 -84.56 -69.02 -50.98
CA THR N 109 -83.51 -68.50 -50.12
C THR N 109 -82.23 -69.35 -50.08
N PHE N 110 -81.10 -68.67 -50.21
CA PHE N 110 -79.79 -69.31 -50.15
C PHE N 110 -79.04 -68.93 -48.88
N ASP N 111 -78.70 -69.92 -48.04
CA ASP N 111 -78.04 -69.70 -46.75
C ASP N 111 -76.64 -70.33 -46.65
N THR N 112 -75.57 -69.52 -46.69
CA THR N 112 -74.20 -70.07 -46.63
C THR N 112 -73.49 -69.68 -45.34
N THR N 113 -72.99 -70.69 -44.62
CA THR N 113 -72.32 -70.51 -43.33
C THR N 113 -70.90 -71.09 -43.27
N PHE N 114 -70.00 -70.36 -42.61
CA PHE N 114 -68.62 -70.77 -42.42
C PHE N 114 -68.17 -70.63 -40.97
N SER N 115 -67.44 -71.62 -40.47
CA SER N 115 -66.92 -71.53 -39.11
C SER N 115 -65.43 -71.83 -39.02
N PRO N 116 -64.54 -70.80 -38.90
CA PRO N 116 -63.09 -70.85 -38.84
C PRO N 116 -62.61 -71.68 -37.64
N ASN N 117 -63.49 -71.95 -36.67
CA ASN N 117 -63.15 -72.77 -35.50
C ASN N 117 -62.67 -74.15 -35.95
N THR N 118 -63.18 -74.58 -37.12
CA THR N 118 -62.87 -75.87 -37.70
C THR N 118 -62.54 -75.70 -39.18
N GLY N 119 -62.97 -74.58 -39.75
CA GLY N 119 -62.84 -74.28 -41.17
C GLY N 119 -63.99 -74.86 -41.99
N LYS N 120 -64.98 -75.42 -41.31
CA LYS N 120 -66.16 -76.01 -41.91
C LYS N 120 -67.03 -75.03 -42.68
N LYS N 121 -67.50 -75.46 -43.85
CA LYS N 121 -68.42 -74.68 -44.65
C LYS N 121 -69.64 -75.54 -44.94
N SER N 122 -70.83 -74.95 -44.82
CA SER N 122 -72.08 -75.65 -45.06
C SER N 122 -73.20 -74.67 -45.42
N GLY N 123 -74.35 -75.19 -45.82
CA GLY N 123 -75.44 -74.26 -46.11
C GLY N 123 -76.75 -74.92 -46.47
N LYS N 124 -77.75 -74.09 -46.76
CA LYS N 124 -79.09 -74.55 -47.07
C LYS N 124 -79.69 -73.83 -48.26
N ILE N 125 -80.53 -74.52 -49.01
CA ILE N 125 -81.30 -73.87 -50.05
C ILE N 125 -82.77 -74.11 -49.76
N LYS N 126 -83.52 -73.03 -49.63
CA LYS N 126 -84.92 -73.15 -49.29
C LYS N 126 -85.83 -72.70 -50.42
N SER N 127 -86.95 -73.39 -50.58
CA SER N 127 -87.96 -73.02 -51.56
C SER N 127 -89.37 -73.17 -51.00
N SER N 128 -90.17 -72.11 -51.14
CA SER N 128 -91.53 -72.09 -50.61
C SER N 128 -92.55 -71.42 -51.54
N TYR N 129 -93.64 -72.12 -51.80
CA TYR N 129 -94.69 -71.69 -52.71
C TYR N 129 -96.03 -71.45 -52.00
N LYS N 130 -96.55 -70.24 -52.11
CA LYS N 130 -97.84 -69.86 -51.53
C LYS N 130 -98.89 -69.67 -52.60
N ARG N 131 -99.99 -70.38 -52.49
CA ARG N 131 -101.09 -70.26 -53.45
C ARG N 131 -102.42 -70.41 -52.77
N GLU N 132 -103.50 -70.15 -53.50
CA GLU N 132 -104.80 -70.33 -52.87
C GLU N 132 -104.89 -71.74 -52.29
N CYS N 133 -105.26 -71.83 -51.00
CA CYS N 133 -105.45 -73.05 -50.24
C CYS N 133 -104.26 -74.04 -50.16
N VAL N 134 -103.05 -73.63 -50.60
CA VAL N 134 -101.87 -74.51 -50.47
C VAL N 134 -100.60 -73.73 -50.08
N ASN N 135 -99.80 -74.30 -49.19
CA ASN N 135 -98.51 -73.76 -48.79
C ASN N 135 -97.50 -74.91 -48.78
N LEU N 136 -96.65 -74.97 -49.80
CA LEU N 136 -95.73 -76.10 -49.94
C LEU N 136 -94.28 -75.67 -50.11
N GLY N 137 -93.35 -76.55 -49.75
CA GLY N 137 -91.96 -76.19 -49.97
C GLY N 137 -90.97 -77.26 -49.53
N CYS N 138 -89.69 -76.88 -49.56
CA CYS N 138 -88.62 -77.77 -49.18
C CYS N 138 -87.30 -77.07 -48.88
N ASP N 139 -86.68 -77.49 -47.78
CA ASP N 139 -85.35 -77.02 -47.39
C ASP N 139 -84.32 -78.11 -47.67
N VAL N 140 -83.25 -77.81 -48.39
CA VAL N 140 -82.22 -78.82 -48.59
C VAL N 140 -80.95 -78.39 -47.87
N ASP N 141 -80.50 -79.24 -46.97
CA ASP N 141 -79.34 -79.02 -46.11
C ASP N 141 -78.09 -79.66 -46.67
N PHE N 142 -77.13 -78.85 -47.09
CA PHE N 142 -75.92 -79.32 -47.74
C PHE N 142 -74.76 -79.31 -46.74
N ASP N 143 -74.24 -80.48 -46.42
CA ASP N 143 -73.18 -80.63 -45.43
C ASP N 143 -72.32 -81.86 -45.76
N PHE N 144 -71.32 -82.11 -44.95
CA PHE N 144 -70.47 -83.26 -45.15
C PHE N 144 -71.31 -84.51 -45.08
N ALA N 145 -71.16 -85.38 -46.09
CA ALA N 145 -71.91 -86.62 -46.15
C ALA N 145 -73.43 -86.41 -46.06
N GLY N 146 -73.91 -85.32 -46.64
CA GLY N 146 -75.32 -85.04 -46.78
C GLY N 146 -75.60 -85.15 -48.28
N PRO N 147 -76.57 -84.40 -48.84
CA PRO N 147 -77.53 -83.48 -48.27
C PRO N 147 -78.72 -84.15 -47.60
N ALA N 148 -79.42 -83.37 -46.77
CA ALA N 148 -80.70 -83.82 -46.24
C ALA N 148 -81.82 -83.00 -46.88
N ILE N 149 -82.93 -83.65 -47.13
CA ILE N 149 -84.05 -83.00 -47.78
C ILE N 149 -85.23 -82.91 -46.84
N HIS N 150 -85.71 -81.70 -46.58
CA HIS N 150 -86.83 -81.49 -45.66
C HIS N 150 -88.03 -80.92 -46.40
N GLY N 151 -88.98 -81.77 -46.78
CA GLY N 151 -90.12 -81.34 -47.58
C GLY N 151 -91.37 -81.12 -46.73
N SER N 152 -92.27 -80.28 -47.19
CA SER N 152 -93.52 -80.11 -46.45
C SER N 152 -94.65 -79.53 -47.28
N ALA N 153 -95.87 -79.75 -46.81
CA ALA N 153 -97.01 -79.09 -47.43
C ALA N 153 -98.21 -79.08 -46.53
N VAL N 154 -98.91 -77.96 -46.60
CA VAL N 154 -100.17 -77.72 -45.93
C VAL N 154 -101.22 -77.27 -46.93
N PHE N 155 -102.40 -77.79 -46.76
CA PHE N 155 -103.48 -77.44 -47.62
C PHE N 155 -104.74 -77.27 -46.81
N GLY N 156 -105.73 -76.60 -47.38
CA GLY N 156 -106.95 -76.49 -46.62
C GLY N 156 -108.19 -76.11 -47.37
N TYR N 157 -109.27 -76.00 -46.62
CA TYR N 157 -110.59 -75.68 -47.16
C TYR N 157 -111.58 -75.23 -46.08
N GLU N 158 -112.20 -74.07 -46.28
CA GLU N 158 -113.20 -73.53 -45.34
C GLU N 158 -112.75 -73.54 -43.87
N GLY N 159 -111.49 -73.16 -43.64
CA GLY N 159 -110.91 -73.09 -42.30
C GLY N 159 -110.22 -74.38 -41.86
N TRP N 160 -110.42 -75.47 -42.58
CA TRP N 160 -109.80 -76.73 -42.20
C TRP N 160 -108.42 -76.85 -42.80
N LEU N 161 -107.48 -77.34 -41.99
CA LEU N 161 -106.10 -77.56 -42.43
C LEU N 161 -105.63 -78.99 -42.28
N ALA N 162 -104.73 -79.36 -43.17
CA ALA N 162 -104.03 -80.62 -43.05
C ALA N 162 -102.69 -80.53 -43.74
N GLY N 163 -101.75 -81.36 -43.32
CA GLY N 163 -100.46 -81.35 -43.98
C GLY N 163 -99.45 -82.36 -43.45
N TYR N 164 -98.26 -82.27 -44.01
CA TYR N 164 -97.17 -83.19 -43.66
C TYR N 164 -95.82 -82.52 -43.74
N GLN N 165 -94.84 -83.20 -43.15
CA GLN N 165 -93.44 -82.81 -43.20
C GLN N 165 -92.54 -84.05 -43.22
N MET N 166 -91.60 -84.11 -44.16
CA MET N 166 -90.72 -85.27 -44.22
C MET N 166 -89.26 -84.93 -44.39
N THR N 167 -88.41 -85.65 -43.68
CA THR N 167 -86.98 -85.47 -43.80
C THR N 167 -86.34 -86.72 -44.34
N PHE N 168 -85.53 -86.55 -45.37
CA PHE N 168 -84.83 -87.63 -46.01
C PHE N 168 -83.33 -87.41 -45.94
N ASP N 169 -82.58 -88.50 -45.85
CA ASP N 169 -81.12 -88.45 -45.85
C ASP N 169 -80.58 -89.05 -47.15
N SER N 170 -80.09 -88.20 -48.05
CA SER N 170 -79.68 -88.61 -49.39
C SER N 170 -78.42 -89.46 -49.39
N ALA N 171 -77.72 -89.50 -48.26
CA ALA N 171 -76.53 -90.32 -48.19
C ALA N 171 -76.92 -91.77 -47.91
N LYS N 172 -78.20 -91.99 -47.58
CA LYS N 172 -78.71 -93.31 -47.26
C LYS N 172 -79.81 -93.65 -48.26
N SER N 173 -80.45 -92.60 -48.78
CA SER N 173 -81.65 -92.66 -49.63
C SER N 173 -82.81 -93.25 -48.84
N LYS N 174 -82.94 -92.76 -47.60
CA LYS N 174 -83.97 -93.18 -46.67
C LYS N 174 -84.74 -92.02 -46.05
N LEU N 175 -85.98 -92.27 -45.68
CA LEU N 175 -86.75 -91.30 -44.91
C LEU N 175 -86.33 -91.46 -43.47
N THR N 176 -86.10 -90.35 -42.77
CA THR N 176 -85.71 -90.41 -41.38
C THR N 176 -86.79 -89.85 -40.45
N ARG N 177 -87.64 -88.96 -40.98
CA ARG N 177 -88.74 -88.36 -40.19
C ARG N 177 -89.99 -88.18 -41.05
N ASN N 178 -91.16 -88.49 -40.51
CA ASN N 178 -92.43 -88.26 -41.21
C ASN N 178 -93.52 -87.77 -40.25
N ASN N 179 -93.79 -86.47 -40.31
CA ASN N 179 -94.73 -85.83 -39.42
C ASN N 179 -96.04 -85.54 -40.15
N PHE N 180 -97.15 -85.62 -39.42
CA PHE N 180 -98.46 -85.25 -39.99
C PHE N 180 -99.25 -84.36 -39.07
N ALA N 181 -100.11 -83.54 -39.65
CA ALA N 181 -100.98 -82.70 -38.82
C ALA N 181 -102.30 -82.35 -39.47
N VAL N 182 -103.29 -82.12 -38.61
CA VAL N 182 -104.61 -81.66 -38.99
C VAL N 182 -105.05 -80.52 -38.08
N GLY N 183 -106.03 -79.74 -38.52
CA GLY N 183 -106.56 -78.70 -37.64
C GLY N 183 -107.63 -77.83 -38.27
N TYR N 184 -107.98 -76.77 -37.54
CA TYR N 184 -108.99 -75.81 -37.94
C TYR N 184 -108.60 -74.42 -37.48
N ARG N 185 -108.78 -73.42 -38.34
CA ARG N 185 -108.52 -72.08 -37.89
C ARG N 185 -109.53 -71.04 -38.30
N THR N 186 -109.77 -70.13 -37.38
CA THR N 186 -110.52 -68.93 -37.64
C THR N 186 -109.92 -67.76 -36.87
N GLY N 187 -110.60 -66.62 -36.89
CA GLY N 187 -110.11 -65.42 -36.22
C GLY N 187 -110.09 -65.54 -34.69
N ASP N 188 -111.10 -66.23 -34.16
CA ASP N 188 -111.30 -66.38 -32.72
C ASP N 188 -110.56 -67.56 -32.11
N PHE N 189 -110.36 -68.62 -32.87
CA PHE N 189 -109.69 -69.77 -32.30
C PHE N 189 -109.00 -70.64 -33.33
N GLN N 190 -108.06 -71.46 -32.85
CA GLN N 190 -107.42 -72.44 -33.70
C GLN N 190 -107.24 -73.76 -32.96
N LEU N 191 -107.46 -74.84 -33.69
CA LEU N 191 -107.34 -76.19 -33.16
C LEU N 191 -106.34 -76.99 -33.95
N HIS N 192 -105.35 -77.58 -33.29
CA HIS N 192 -104.34 -78.37 -34.00
C HIS N 192 -104.01 -79.68 -33.32
N THR N 193 -103.88 -80.73 -34.14
CA THR N 193 -103.44 -82.06 -33.70
C THR N 193 -102.34 -82.59 -34.62
N ASN N 194 -101.33 -83.23 -34.04
CA ASN N 194 -100.28 -83.78 -34.87
C ASN N 194 -99.65 -85.05 -34.33
N VAL N 195 -98.85 -85.67 -35.21
CA VAL N 195 -98.07 -86.85 -34.90
C VAL N 195 -96.69 -86.83 -35.53
N ASN N 196 -95.68 -87.24 -34.77
CA ASN N 196 -94.33 -87.35 -35.28
C ASN N 196 -93.88 -88.82 -35.32
N ASP N 197 -93.70 -89.35 -36.54
CA ASP N 197 -93.24 -90.73 -36.79
C ASP N 197 -94.13 -91.82 -36.25
N GLY N 198 -95.37 -91.50 -35.96
CA GLY N 198 -96.33 -92.47 -35.46
C GLY N 198 -96.18 -92.76 -33.97
N THR N 199 -95.25 -92.06 -33.31
CA THR N 199 -94.98 -92.30 -31.90
C THR N 199 -95.30 -91.11 -31.01
N GLU N 200 -94.87 -89.92 -31.40
CA GLU N 200 -95.12 -88.77 -30.55
C GLU N 200 -96.37 -88.05 -31.01
N PHE N 201 -97.31 -87.87 -30.12
CA PHE N 201 -98.56 -87.22 -30.47
C PHE N 201 -98.82 -85.99 -29.64
N GLY N 202 -99.57 -85.06 -30.19
CA GLY N 202 -99.93 -83.90 -29.41
C GLY N 202 -100.82 -82.95 -30.15
N GLY N 203 -101.02 -81.79 -29.56
CA GLY N 203 -101.90 -80.80 -30.15
C GLY N 203 -102.04 -79.56 -29.28
N SER N 204 -102.81 -78.61 -29.78
CA SER N 204 -103.02 -77.37 -29.06
C SER N 204 -104.32 -76.67 -29.41
N ILE N 205 -104.75 -75.85 -28.46
CA ILE N 205 -105.92 -75.00 -28.60
C ILE N 205 -105.57 -73.55 -28.39
N TYR N 206 -105.94 -72.69 -29.33
CA TYR N 206 -105.78 -71.25 -29.20
C TYR N 206 -107.15 -70.65 -29.12
N GLN N 207 -107.39 -69.76 -28.16
CA GLN N 207 -108.70 -69.14 -28.05
C GLN N 207 -108.66 -67.67 -27.63
N LYS N 208 -109.36 -66.82 -28.37
CA LYS N 208 -109.53 -65.43 -27.97
C LYS N 208 -110.66 -65.46 -26.97
N VAL N 209 -110.50 -64.81 -25.84
CA VAL N 209 -111.54 -64.87 -24.84
C VAL N 209 -112.19 -63.51 -24.71
N CYS N 210 -111.37 -62.51 -24.58
CA CYS N 210 -111.85 -61.16 -24.42
C CYS N 210 -110.95 -60.34 -25.25
N GLU N 211 -111.27 -59.09 -25.45
CA GLU N 211 -110.44 -58.25 -26.30
C GLU N 211 -108.98 -58.14 -25.80
N ASP N 212 -108.81 -58.13 -24.49
CA ASP N 212 -107.53 -58.07 -23.85
C ASP N 212 -107.02 -59.43 -23.38
N LEU N 213 -107.66 -60.54 -23.78
CA LEU N 213 -107.23 -61.85 -23.26
C LEU N 213 -107.14 -62.98 -24.28
N ASP N 214 -105.92 -63.50 -24.39
CA ASP N 214 -105.53 -64.59 -25.29
C ASP N 214 -105.16 -65.84 -24.47
N THR N 215 -105.85 -66.96 -24.67
CA THR N 215 -105.50 -68.15 -23.87
C THR N 215 -105.19 -69.36 -24.76
N SER N 216 -104.49 -70.36 -24.19
CA SER N 216 -104.21 -71.59 -24.92
C SER N 216 -103.95 -72.82 -24.06
N VAL N 217 -104.10 -73.99 -24.69
CA VAL N 217 -103.85 -75.28 -24.06
C VAL N 217 -102.93 -76.16 -24.91
N ASN N 218 -101.90 -76.76 -24.30
CA ASN N 218 -101.01 -77.70 -24.99
C ASN N 218 -101.21 -79.11 -24.49
N LEU N 219 -101.22 -80.07 -25.41
CA LEU N 219 -101.35 -81.50 -25.10
C LEU N 219 -100.23 -82.33 -25.74
N ALA N 220 -99.75 -83.37 -25.05
CA ALA N 220 -98.78 -84.29 -25.67
C ALA N 220 -98.79 -85.67 -25.02
N TRP N 221 -98.46 -86.70 -25.80
CA TRP N 221 -98.37 -88.06 -25.26
C TRP N 221 -97.46 -88.97 -26.11
N THR N 222 -96.97 -90.05 -25.50
CA THR N 222 -96.09 -90.96 -26.25
C THR N 222 -96.63 -92.39 -26.44
N SER N 223 -96.65 -92.84 -27.68
CA SER N 223 -97.14 -94.18 -27.98
C SER N 223 -96.33 -95.24 -27.26
N GLY N 224 -97.05 -96.23 -26.77
CA GLY N 224 -96.48 -97.36 -26.05
C GLY N 224 -96.58 -97.15 -24.55
N THR N 225 -96.89 -95.93 -24.11
CA THR N 225 -97.01 -95.70 -22.69
C THR N 225 -98.22 -94.91 -22.29
N ASN N 226 -98.35 -94.70 -20.99
CA ASN N 226 -99.48 -93.97 -20.41
C ASN N 226 -99.09 -92.56 -20.00
N CYS N 227 -97.93 -92.13 -20.46
CA CYS N 227 -97.42 -90.82 -20.14
C CYS N 227 -98.02 -89.73 -20.99
N THR N 228 -98.64 -88.79 -20.32
CA THR N 228 -99.22 -87.65 -20.99
C THR N 228 -98.67 -86.41 -20.34
N ARG N 229 -98.62 -85.34 -21.11
CA ARG N 229 -98.16 -84.05 -20.66
C ARG N 229 -99.14 -83.00 -21.13
N PHE N 230 -99.24 -81.92 -20.38
CA PHE N 230 -100.12 -80.84 -20.78
C PHE N 230 -99.82 -79.55 -20.06
N GLY N 231 -100.43 -78.48 -20.54
CA GLY N 231 -100.36 -77.23 -19.83
C GLY N 231 -101.30 -76.18 -20.38
N ILE N 232 -101.54 -75.16 -19.57
CA ILE N 232 -102.45 -74.07 -19.90
C ILE N 232 -101.75 -72.73 -19.75
N ALA N 233 -101.97 -71.82 -20.71
CA ALA N 233 -101.32 -70.51 -20.65
C ALA N 233 -102.24 -69.39 -21.06
N ALA N 234 -101.90 -68.19 -20.62
CA ALA N 234 -102.64 -67.02 -21.01
C ALA N 234 -101.81 -65.75 -21.01
N LYS N 235 -102.26 -64.82 -21.84
CA LYS N 235 -101.69 -63.49 -21.96
C LYS N 235 -102.79 -62.43 -21.83
N TYR N 236 -102.59 -61.50 -20.91
CA TYR N 236 -103.56 -60.46 -20.65
C TYR N 236 -103.02 -59.05 -20.86
N GLN N 237 -103.70 -58.27 -21.71
CA GLN N 237 -103.27 -56.91 -21.95
C GLN N 237 -103.81 -56.07 -20.83
N LEU N 238 -102.90 -55.57 -20.01
CA LEU N 238 -103.25 -54.85 -18.82
C LEU N 238 -103.64 -53.44 -19.23
N ASP N 239 -102.84 -52.88 -20.12
CA ASP N 239 -103.11 -51.56 -20.64
C ASP N 239 -102.35 -51.48 -21.98
N PRO N 240 -102.46 -50.41 -22.78
CA PRO N 240 -101.80 -50.27 -24.07
C PRO N 240 -100.29 -50.41 -24.01
N THR N 241 -99.68 -50.21 -22.84
CA THR N 241 -98.25 -50.33 -22.74
C THR N 241 -97.85 -51.30 -21.64
N ALA N 242 -98.66 -52.33 -21.42
CA ALA N 242 -98.30 -53.33 -20.41
C ALA N 242 -99.08 -54.63 -20.54
N SER N 243 -98.42 -55.74 -20.24
CA SER N 243 -99.12 -57.01 -20.24
C SER N 243 -98.52 -58.03 -19.30
N ILE N 244 -99.35 -58.98 -18.91
CA ILE N 244 -98.94 -60.06 -18.04
C ILE N 244 -99.22 -61.40 -18.68
N SER N 245 -98.41 -62.39 -18.34
CA SER N 245 -98.64 -63.71 -18.85
C SER N 245 -98.29 -64.75 -17.82
N ALA N 246 -98.88 -65.91 -17.99
CA ALA N 246 -98.58 -67.02 -17.10
C ALA N 246 -98.91 -68.33 -17.75
N LYS N 247 -98.27 -69.37 -17.24
CA LYS N 247 -98.54 -70.72 -17.72
C LYS N 247 -98.32 -71.81 -16.68
N VAL N 248 -99.17 -72.83 -16.69
CA VAL N 248 -98.98 -73.96 -15.77
C VAL N 248 -98.86 -75.30 -16.47
N ASN N 249 -97.74 -75.97 -16.20
CA ASN N 249 -97.42 -77.30 -16.70
C ASN N 249 -97.93 -78.38 -15.74
N ASN N 250 -98.40 -79.51 -16.27
CA ASN N 250 -98.88 -80.65 -15.48
C ASN N 250 -97.87 -81.17 -14.44
N SER N 251 -96.59 -80.86 -14.66
CA SER N 251 -95.50 -81.27 -13.78
C SER N 251 -95.30 -80.27 -12.63
N SER N 252 -96.30 -79.40 -12.42
CA SER N 252 -96.37 -78.36 -11.39
C SER N 252 -95.35 -77.28 -11.60
N LEU N 253 -95.20 -76.88 -12.84
CA LEU N 253 -94.26 -75.82 -13.15
C LEU N 253 -95.05 -74.59 -13.55
N ILE N 254 -94.88 -73.52 -12.79
CA ILE N 254 -95.65 -72.32 -13.07
C ILE N 254 -94.79 -71.16 -13.53
N GLY N 255 -95.04 -70.73 -14.75
CA GLY N 255 -94.31 -69.62 -15.32
C GLY N 255 -95.11 -68.35 -15.19
N VAL N 256 -94.42 -67.24 -14.94
CA VAL N 256 -95.08 -65.94 -14.92
C VAL N 256 -94.23 -64.95 -15.69
N GLY N 257 -94.84 -63.87 -16.17
CA GLY N 257 -94.05 -62.84 -16.83
C GLY N 257 -94.81 -61.54 -17.01
N TYR N 258 -94.04 -60.47 -17.20
CA TYR N 258 -94.57 -59.13 -17.40
C TYR N 258 -93.74 -58.32 -18.38
N THR N 259 -94.44 -57.67 -19.29
CA THR N 259 -93.82 -56.80 -20.27
C THR N 259 -94.37 -55.40 -20.17
N GLN N 260 -93.49 -54.42 -20.23
CA GLN N 260 -93.91 -53.02 -20.22
C GLN N 260 -93.19 -52.20 -21.26
N THR N 261 -93.96 -51.37 -21.94
CA THR N 261 -93.37 -50.46 -22.90
C THR N 261 -92.95 -49.28 -22.05
N LEU N 262 -91.69 -48.91 -22.15
CA LEU N 262 -91.19 -47.82 -21.32
C LEU N 262 -91.39 -46.56 -22.08
N ARG N 263 -91.17 -46.65 -23.38
CA ARG N 263 -91.30 -45.54 -24.31
C ARG N 263 -91.62 -46.23 -25.62
N PRO N 264 -92.33 -45.64 -26.59
CA PRO N 264 -92.58 -46.31 -27.85
C PRO N 264 -91.24 -46.74 -28.38
N GLY N 265 -91.06 -47.95 -28.86
CA GLY N 265 -89.73 -48.36 -29.35
C GLY N 265 -88.87 -49.03 -28.26
N VAL N 266 -89.29 -48.91 -27.00
CA VAL N 266 -88.52 -49.48 -25.89
C VAL N 266 -89.36 -50.42 -25.03
N LYS N 267 -89.01 -51.71 -24.98
CA LYS N 267 -89.78 -52.68 -24.19
C LYS N 267 -88.95 -53.49 -23.21
N LEU N 268 -89.45 -53.58 -21.98
CA LEU N 268 -88.80 -54.30 -20.90
C LEU N 268 -89.61 -55.52 -20.43
N THR N 269 -88.97 -56.69 -20.41
CA THR N 269 -89.63 -57.93 -19.99
C THR N 269 -88.96 -58.64 -18.82
N LEU N 270 -89.76 -58.97 -17.82
CA LEU N 270 -89.29 -59.71 -16.67
C LEU N 270 -90.07 -61.00 -16.54
N SER N 271 -89.43 -62.08 -16.07
CA SER N 271 -90.16 -63.33 -15.91
C SER N 271 -89.54 -64.28 -14.88
N ALA N 272 -90.33 -65.26 -14.44
CA ALA N 272 -89.82 -66.26 -13.51
C ALA N 272 -90.57 -67.58 -13.57
N LEU N 273 -89.88 -68.63 -13.14
CA LEU N 273 -90.44 -69.97 -13.10
C LEU N 273 -90.33 -70.62 -11.72
N VAL N 274 -91.45 -71.11 -11.21
CA VAL N 274 -91.44 -71.76 -9.92
C VAL N 274 -91.85 -73.24 -10.00
N ASP N 275 -91.05 -74.08 -9.33
CA ASP N 275 -91.20 -75.53 -9.22
C ASP N 275 -92.13 -75.98 -8.12
N GLY N 276 -93.41 -76.09 -8.38
CA GLY N 276 -94.30 -76.38 -7.29
C GLY N 276 -94.18 -77.84 -6.90
N LYS N 277 -94.56 -78.17 -5.65
CA LYS N 277 -95.04 -77.26 -4.62
C LYS N 277 -93.88 -76.80 -3.74
N SER N 278 -92.65 -77.27 -4.03
CA SER N 278 -91.48 -76.97 -3.21
C SER N 278 -90.87 -75.59 -3.48
N ILE N 279 -91.65 -74.56 -3.19
CA ILE N 279 -91.20 -73.18 -3.40
C ILE N 279 -91.28 -72.30 -2.15
N ASN N 280 -90.21 -71.54 -1.83
CA ASN N 280 -88.91 -71.49 -2.55
C ASN N 280 -87.88 -72.49 -2.00
N ALA N 281 -87.96 -73.76 -2.41
CA ALA N 281 -87.11 -74.83 -1.95
C ALA N 281 -86.91 -75.77 -3.12
N GLY N 282 -86.56 -75.17 -4.27
CA GLY N 282 -86.43 -75.87 -5.54
C GLY N 282 -85.74 -74.99 -6.58
N GLY N 283 -85.87 -75.35 -7.87
CA GLY N 283 -85.15 -74.72 -8.98
C GLY N 283 -85.75 -73.42 -9.51
N HIS N 284 -85.87 -72.44 -8.63
CA HIS N 284 -86.48 -71.17 -8.98
C HIS N 284 -85.61 -70.47 -10.07
N LYS N 285 -86.25 -69.95 -11.12
CA LYS N 285 -85.51 -69.24 -12.18
C LYS N 285 -86.09 -67.88 -12.48
N LEU N 286 -85.23 -66.93 -12.83
CA LEU N 286 -85.67 -65.59 -13.21
C LEU N 286 -85.10 -65.19 -14.56
N GLY N 287 -85.75 -64.25 -15.24
CA GLY N 287 -85.26 -63.73 -16.51
C GLY N 287 -85.49 -62.22 -16.67
N LEU N 288 -84.72 -61.61 -17.56
CA LEU N 288 -84.77 -60.18 -17.87
C LEU N 288 -84.44 -59.87 -19.31
N ALA N 289 -85.26 -59.07 -19.98
CA ALA N 289 -84.86 -58.69 -21.32
C ALA N 289 -85.25 -57.26 -21.65
N LEU N 290 -84.39 -56.59 -22.41
CA LEU N 290 -84.69 -55.24 -22.85
C LEU N 290 -84.47 -55.14 -24.36
N GLU N 291 -85.46 -54.62 -25.06
CA GLU N 291 -85.43 -54.42 -26.50
C GLU N 291 -85.63 -52.96 -26.90
N LEU N 292 -84.74 -52.44 -27.75
CA LEU N 292 -84.81 -51.05 -28.24
C LEU N 292 -84.75 -50.97 -29.76
N GLU N 293 -85.79 -50.40 -30.37
CA GLU N 293 -85.84 -50.29 -31.82
C GLU N 293 -85.85 -48.85 -32.33
N ALA N 294 -84.85 -48.55 -33.15
CA ALA N 294 -84.67 -47.25 -33.78
C ALA N 294 -84.87 -47.37 -35.29
N MET O 1 13.45 -33.66 46.85
CA MET O 1 12.38 -34.40 47.50
C MET O 1 12.89 -35.74 48.01
N ALA O 2 12.90 -36.75 47.15
CA ALA O 2 13.35 -38.08 47.53
C ALA O 2 14.79 -38.07 47.99
N ALA O 3 15.09 -38.90 48.99
CA ALA O 3 16.44 -39.07 49.53
C ALA O 3 17.41 -39.56 48.47
N SER O 4 16.91 -40.36 47.53
CA SER O 4 17.74 -40.90 46.46
C SER O 4 18.21 -39.79 45.56
N LYS O 5 17.26 -39.08 44.98
CA LYS O 5 17.55 -37.95 44.09
C LYS O 5 18.37 -36.86 44.80
N LYS O 6 18.12 -36.65 46.09
CA LYS O 6 18.83 -35.67 46.89
C LYS O 6 20.36 -35.88 46.86
N ALA O 7 20.78 -37.14 46.77
CA ALA O 7 22.19 -37.52 46.79
C ALA O 7 22.88 -37.37 45.43
N VAL O 8 22.14 -36.98 44.41
CA VAL O 8 22.68 -36.84 43.07
C VAL O 8 23.33 -35.48 42.84
N LEU O 9 24.56 -35.50 42.34
CA LEU O 9 25.31 -34.28 42.04
C LEU O 9 25.37 -34.07 40.53
N GLY O 10 25.61 -32.83 40.07
CA GLY O 10 25.81 -32.57 38.63
C GLY O 10 26.79 -33.57 38.01
N PRO O 11 28.02 -33.71 38.58
CA PRO O 11 28.66 -32.92 39.60
C PRO O 11 29.39 -31.63 39.27
N LEU O 12 29.90 -31.43 38.03
CA LEU O 12 30.79 -30.26 37.88
C LEU O 12 30.52 -29.27 36.74
N VAL O 13 30.82 -28.01 37.03
CA VAL O 13 30.73 -26.96 36.03
C VAL O 13 32.03 -26.13 36.01
N GLY O 14 32.58 -25.92 34.82
CA GLY O 14 33.80 -25.13 34.70
C GLY O 14 33.53 -23.72 34.24
N ALA O 15 34.56 -22.88 34.30
CA ALA O 15 34.45 -21.52 33.81
C ALA O 15 35.78 -20.97 33.32
N VAL O 16 35.76 -20.36 32.13
CA VAL O 16 36.95 -19.72 31.57
C VAL O 16 36.84 -18.24 31.82
N ASP O 17 37.86 -17.67 32.45
CA ASP O 17 37.88 -16.26 32.76
C ASP O 17 39.09 -15.57 32.08
N GLN O 18 38.86 -14.89 30.95
CA GLN O 18 40.00 -14.24 30.25
C GLN O 18 39.98 -12.75 30.42
N GLY O 19 40.81 -12.24 31.31
CA GLY O 19 40.81 -10.83 31.59
C GLY O 19 41.89 -10.16 30.77
N THR O 20 42.24 -8.94 31.14
CA THR O 20 43.24 -8.24 30.37
C THR O 20 44.65 -8.65 30.80
N SER O 21 44.93 -8.72 32.09
CA SER O 21 46.29 -9.06 32.52
C SER O 21 46.60 -10.55 32.58
N SER O 22 45.56 -11.38 32.71
CA SER O 22 45.73 -12.83 32.88
C SER O 22 44.45 -13.58 32.56
N THR O 23 44.57 -14.90 32.48
CA THR O 23 43.41 -15.76 32.37
C THR O 23 43.43 -16.86 33.37
N ARG O 24 42.24 -17.30 33.73
CA ARG O 24 42.04 -18.37 34.67
C ARG O 24 41.01 -19.40 34.23
N PHE O 25 41.17 -20.62 34.71
CA PHE O 25 40.11 -21.61 34.51
C PHE O 25 39.81 -22.22 35.84
N LEU O 26 38.52 -22.18 36.18
CA LEU O 26 38.03 -22.68 37.44
C LEU O 26 37.00 -23.79 37.28
N VAL O 27 37.04 -24.80 38.16
CA VAL O 27 36.00 -25.83 38.20
C VAL O 27 35.35 -25.89 39.58
N PHE O 28 34.01 -25.81 39.57
CA PHE O 28 33.19 -25.73 40.76
C PHE O 28 32.24 -26.93 41.01
N ASN O 29 32.00 -27.19 42.30
CA ASN O 29 31.09 -28.22 42.83
C ASN O 29 29.64 -27.75 42.79
N SER O 30 28.81 -28.44 41.98
CA SER O 30 27.41 -28.07 41.74
C SER O 30 26.48 -28.04 42.97
N LYS O 31 26.89 -28.60 44.09
CA LYS O 31 26.01 -28.58 45.27
C LYS O 31 26.15 -27.32 46.13
N THR O 32 27.39 -26.80 46.18
CA THR O 32 27.78 -25.69 47.05
C THR O 32 28.42 -24.50 46.34
N ALA O 33 28.76 -24.66 45.06
CA ALA O 33 29.51 -23.70 44.24
C ALA O 33 30.93 -23.53 44.75
N GLU O 34 31.42 -24.49 45.53
CA GLU O 34 32.79 -24.51 46.03
C GLU O 34 33.77 -24.70 44.89
N LEU O 35 34.87 -23.97 44.94
CA LEU O 35 35.89 -24.14 43.92
C LEU O 35 36.76 -25.34 44.25
N LEU O 36 36.87 -26.29 43.31
CA LEU O 36 37.64 -27.49 43.58
C LEU O 36 39.04 -27.35 43.07
N SER O 37 39.18 -26.76 41.90
CA SER O 37 40.51 -26.55 41.36
C SER O 37 40.54 -25.38 40.40
N HIS O 38 41.75 -24.83 40.24
CA HIS O 38 41.97 -23.71 39.33
C HIS O 38 43.43 -23.50 38.95
N HIS O 39 43.64 -22.69 37.92
CA HIS O 39 44.97 -22.26 37.45
C HIS O 39 44.92 -20.90 36.76
N GLN O 40 45.98 -20.10 36.97
CA GLN O 40 46.13 -18.78 36.36
C GLN O 40 47.40 -18.62 35.54
N VAL O 41 47.25 -18.03 34.36
CA VAL O 41 48.34 -17.73 33.43
C VAL O 41 48.36 -16.26 33.05
N GLU O 42 49.51 -15.61 33.20
CA GLU O 42 49.66 -14.19 32.86
C GLU O 42 49.88 -14.00 31.35
N ILE O 43 49.40 -12.87 30.81
CA ILE O 43 49.54 -12.54 29.39
C ILE O 43 50.28 -11.22 29.15
N GLU O 44 51.30 -11.23 28.31
CA GLU O 44 52.02 -9.99 28.03
C GLU O 44 51.13 -8.92 27.40
N GLN O 45 51.20 -7.70 27.94
CA GLN O 45 50.46 -6.57 27.40
C GLN O 45 51.45 -5.63 26.74
N LYS O 46 51.20 -5.26 25.49
CA LYS O 46 52.11 -4.36 24.79
C LYS O 46 51.54 -2.97 24.60
N PHE O 47 52.42 -1.98 24.49
CA PHE O 47 51.96 -0.61 24.24
C PHE O 47 52.77 0.03 23.09
N PRO O 48 52.49 -0.30 21.81
CA PRO O 48 53.24 0.16 20.63
C PRO O 48 53.47 1.67 20.50
N LYS O 49 52.48 2.47 20.92
CA LYS O 49 52.52 3.92 20.85
C LYS O 49 51.81 4.49 22.06
N GLU O 50 52.06 5.75 22.38
CA GLU O 50 51.39 6.32 23.53
C GLU O 50 49.88 6.17 23.43
N GLY O 51 49.28 5.62 24.48
CA GLY O 51 47.84 5.41 24.58
C GLY O 51 47.34 4.09 23.96
N TRP O 52 48.20 3.35 23.27
CA TRP O 52 47.79 2.09 22.62
C TRP O 52 47.93 0.92 23.58
N VAL O 53 47.05 -0.08 23.48
CA VAL O 53 47.16 -1.27 24.29
C VAL O 53 46.87 -2.54 23.43
N GLU O 54 47.80 -3.49 23.38
CA GLU O 54 47.60 -4.71 22.57
C GLU O 54 47.94 -6.03 23.25
N GLN O 55 47.26 -7.08 22.80
CA GLN O 55 47.56 -8.45 23.24
C GLN O 55 47.64 -9.43 22.09
N ASP O 56 48.44 -10.48 22.26
CA ASP O 56 48.58 -11.52 21.24
C ASP O 56 47.43 -12.54 21.34
N PRO O 57 46.51 -12.66 20.34
CA PRO O 57 45.37 -13.57 20.34
C PRO O 57 45.77 -15.02 20.52
N LYS O 58 47.02 -15.37 20.16
CA LYS O 58 47.48 -16.74 20.30
C LYS O 58 47.79 -16.95 21.76
N GLU O 59 48.52 -16.01 22.36
CA GLU O 59 48.88 -16.10 23.77
C GLU O 59 47.61 -16.19 24.60
N ILE O 60 46.57 -15.46 24.18
CA ILE O 60 45.30 -15.51 24.88
C ILE O 60 44.70 -16.93 24.86
N LEU O 61 44.60 -17.54 23.68
CA LEU O 61 44.04 -18.89 23.65
C LEU O 61 44.95 -19.91 24.35
N GLN O 62 46.26 -19.78 24.16
CA GLN O 62 47.21 -20.72 24.74
C GLN O 62 47.15 -20.67 26.24
N SER O 63 47.03 -19.47 26.80
CA SER O 63 46.96 -19.28 28.23
C SER O 63 45.68 -19.94 28.76
N VAL O 64 44.57 -19.81 28.03
CA VAL O 64 43.34 -20.47 28.44
C VAL O 64 43.51 -21.97 28.42
N TYR O 65 44.10 -22.51 27.34
CA TYR O 65 44.27 -23.95 27.28
C TYR O 65 45.16 -24.45 28.41
N GLU O 66 46.24 -23.73 28.74
CA GLU O 66 47.08 -24.14 29.86
C GLU O 66 46.27 -24.16 31.14
N CYS O 67 45.42 -23.15 31.33
CA CYS O 67 44.61 -23.07 32.53
C CYS O 67 43.68 -24.27 32.60
N ILE O 68 43.07 -24.63 31.47
CA ILE O 68 42.19 -25.77 31.46
C ILE O 68 42.95 -27.04 31.77
N GLU O 69 44.06 -27.29 31.09
CA GLU O 69 44.79 -28.52 31.32
C GLU O 69 45.33 -28.65 32.74
N LYS O 70 45.84 -27.56 33.33
CA LYS O 70 46.39 -27.65 34.67
C LYS O 70 45.27 -27.85 35.70
N THR O 71 44.13 -27.19 35.48
CA THR O 71 42.99 -27.34 36.36
C THR O 71 42.56 -28.79 36.33
N CYS O 72 42.52 -29.37 35.10
CA CYS O 72 42.13 -30.74 34.90
C CYS O 72 43.11 -31.69 35.59
N GLU O 73 44.43 -31.41 35.56
CA GLU O 73 45.37 -32.27 36.27
C GLU O 73 45.07 -32.26 37.77
N LYS O 74 44.77 -31.08 38.32
CA LYS O 74 44.43 -30.99 39.74
C LYS O 74 43.13 -31.76 40.01
N LEU O 75 42.17 -31.69 39.10
CA LEU O 75 40.95 -32.46 39.30
C LEU O 75 41.32 -33.93 39.36
N GLY O 76 42.24 -34.39 38.49
CA GLY O 76 42.68 -35.77 38.52
C GLY O 76 43.28 -36.14 39.89
N GLN O 77 44.01 -35.21 40.50
CA GLN O 77 44.60 -35.41 41.84
C GLN O 77 43.48 -35.61 42.89
N LEU O 78 42.34 -34.96 42.64
CA LEU O 78 41.14 -35.02 43.48
C LEU O 78 40.22 -36.18 43.07
N ASN O 79 40.72 -37.05 42.18
CA ASN O 79 40.04 -38.21 41.61
C ASN O 79 38.80 -37.85 40.80
N ILE O 80 38.88 -36.73 40.09
CA ILE O 80 37.84 -36.28 39.22
C ILE O 80 38.21 -36.39 37.76
N ASP O 81 37.47 -37.19 37.03
CA ASP O 81 37.66 -37.33 35.60
C ASP O 81 36.93 -36.19 34.93
N ILE O 82 37.48 -35.66 33.84
CA ILE O 82 36.85 -34.57 33.09
C ILE O 82 35.49 -34.92 32.53
N SER O 83 35.18 -36.21 32.46
CA SER O 83 33.90 -36.72 32.00
C SER O 83 32.79 -36.30 32.95
N ASN O 84 33.14 -35.86 34.16
CA ASN O 84 32.20 -35.46 35.17
C ASN O 84 31.84 -33.97 35.11
N ILE O 85 32.39 -33.26 34.12
CA ILE O 85 32.08 -31.86 33.95
C ILE O 85 30.93 -31.79 32.95
N LYS O 86 29.81 -31.26 33.42
CA LYS O 86 28.60 -31.20 32.64
C LYS O 86 28.54 -29.98 31.77
N ALA O 87 29.17 -28.91 32.21
CA ALA O 87 29.10 -27.70 31.41
C ALA O 87 30.29 -26.78 31.64
N ILE O 88 30.59 -25.99 30.61
CA ILE O 88 31.59 -24.94 30.63
C ILE O 88 30.98 -23.58 30.34
N GLY O 89 31.27 -22.63 31.21
CA GLY O 89 30.85 -21.26 30.96
C GLY O 89 32.07 -20.46 30.57
N VAL O 90 31.90 -19.40 29.83
CA VAL O 90 33.03 -18.55 29.56
C VAL O 90 32.66 -17.11 29.86
N SER O 91 33.63 -16.32 30.20
CA SER O 91 33.45 -14.89 30.35
C SER O 91 34.77 -14.21 30.16
N ASN O 92 34.78 -13.06 29.52
CA ASN O 92 36.07 -12.46 29.33
C ASN O 92 36.02 -10.94 29.27
N GLN O 93 37.18 -10.34 29.13
CA GLN O 93 37.29 -8.90 29.03
C GLN O 93 36.39 -8.38 27.94
N ARG O 94 35.65 -7.34 28.29
CA ARG O 94 34.71 -6.66 27.42
C ARG O 94 35.40 -5.84 26.36
N GLU O 95 34.70 -5.53 25.26
CA GLU O 95 35.14 -4.56 24.24
C GLU O 95 36.35 -4.95 23.35
N THR O 96 37.41 -5.51 23.94
CA THR O 96 38.61 -5.94 23.23
C THR O 96 38.23 -6.76 21.98
N THR O 97 38.84 -6.40 20.86
CA THR O 97 38.54 -7.01 19.55
C THR O 97 39.67 -7.80 18.90
N VAL O 98 39.30 -8.98 18.39
CA VAL O 98 40.21 -9.86 17.68
C VAL O 98 39.69 -10.15 16.25
N VAL O 99 40.61 -10.13 15.31
CA VAL O 99 40.33 -10.42 13.90
C VAL O 99 41.15 -11.62 13.42
N TRP O 100 40.51 -12.56 12.73
CA TRP O 100 41.21 -13.76 12.27
C TRP O 100 40.74 -14.32 10.93
N ASP O 101 41.59 -15.18 10.35
CA ASP O 101 41.33 -15.87 9.09
C ASP O 101 40.50 -17.15 9.30
N LYS O 102 39.26 -17.19 8.80
CA LYS O 102 38.32 -18.30 9.05
C LYS O 102 38.79 -19.64 8.52
N LEU O 103 39.80 -19.65 7.66
CA LEU O 103 40.29 -20.89 7.06
C LEU O 103 41.40 -21.55 7.86
N THR O 104 42.16 -20.76 8.63
CA THR O 104 43.32 -21.30 9.35
C THR O 104 43.28 -20.99 10.85
N GLY O 105 42.51 -19.98 11.23
CA GLY O 105 42.43 -19.49 12.60
C GLY O 105 43.54 -18.54 12.97
N GLU O 106 44.42 -18.21 12.03
CA GLU O 106 45.51 -17.31 12.35
C GLU O 106 44.96 -15.88 12.42
N PRO O 107 45.31 -15.08 13.45
CA PRO O 107 44.87 -13.71 13.59
C PRO O 107 45.46 -12.83 12.49
N LEU O 108 44.65 -11.87 12.05
CA LEU O 108 45.05 -10.84 11.08
C LEU O 108 45.94 -9.79 11.74
N TYR O 109 45.68 -9.54 13.02
CA TYR O 109 46.39 -8.52 13.79
C TYR O 109 46.30 -8.87 15.27
N ASN O 110 46.92 -8.06 16.12
CA ASN O 110 46.88 -8.23 17.56
C ASN O 110 45.53 -7.83 18.11
N ALA O 111 45.18 -8.34 19.28
CA ALA O 111 43.94 -7.94 19.89
C ALA O 111 44.06 -6.47 20.21
N VAL O 112 42.99 -5.72 19.96
CA VAL O 112 43.03 -4.30 20.32
C VAL O 112 42.24 -4.19 21.61
N VAL O 113 42.95 -3.87 22.68
CA VAL O 113 42.43 -3.90 24.04
C VAL O 113 41.56 -2.71 24.38
N TRP O 114 40.49 -2.96 25.13
CA TRP O 114 39.50 -1.97 25.56
C TRP O 114 40.09 -0.64 26.08
N LEU O 115 41.30 -0.65 26.63
CA LEU O 115 41.96 0.53 27.18
C LEU O 115 42.70 1.40 26.13
N ASP O 116 42.78 0.90 24.91
CA ASP O 116 43.45 1.51 23.75
C ASP O 116 42.78 2.78 23.21
N LEU O 117 43.56 3.83 22.98
CA LEU O 117 43.08 5.11 22.43
C LEU O 117 43.45 5.39 20.95
N ARG O 118 43.92 4.39 20.18
CA ARG O 118 44.37 4.66 18.81
C ARG O 118 43.28 5.17 17.89
N THR O 119 42.04 4.89 18.27
CA THR O 119 40.92 5.25 17.47
C THR O 119 40.31 6.58 17.82
N GLN O 120 40.96 7.38 18.66
CA GLN O 120 40.36 8.68 18.96
C GLN O 120 40.07 9.49 17.71
N SER O 121 40.91 9.40 16.67
CA SER O 121 40.63 10.15 15.46
C SER O 121 39.35 9.65 14.79
N THR O 122 39.02 8.37 14.97
CA THR O 122 37.81 7.76 14.40
C THR O 122 36.62 8.31 15.12
N VAL O 123 36.73 8.33 16.44
CA VAL O 123 35.66 8.80 17.29
C VAL O 123 35.40 10.27 17.03
N ALA O 124 36.46 11.05 16.95
CA ALA O 124 36.32 12.46 16.66
C ALA O 124 35.64 12.66 15.32
N ASN O 125 36.01 11.86 14.30
CA ASN O 125 35.33 11.97 13.02
C ASN O 125 33.89 11.50 13.11
N LEU O 126 33.59 10.47 13.89
CA LEU O 126 32.19 10.02 13.98
C LEU O 126 31.31 11.12 14.52
N SER O 127 31.81 11.91 15.48
CA SER O 127 31.05 13.00 16.09
C SER O 127 31.00 14.28 15.24
N LYS O 128 31.77 14.33 14.16
CA LYS O 128 31.87 15.53 13.32
C LYS O 128 31.38 15.30 11.89
N ILE O 129 31.84 14.19 11.26
CA ILE O 129 31.49 13.82 9.90
C ILE O 129 29.99 13.61 9.88
N ILE O 130 29.50 12.96 10.93
CA ILE O 130 28.10 12.79 11.15
C ILE O 130 27.84 13.58 12.45
N PRO O 131 27.30 14.81 12.39
CA PRO O 131 27.19 15.72 13.51
C PRO O 131 26.34 15.20 14.65
N VAL O 132 25.44 14.25 14.35
CA VAL O 132 24.63 13.72 15.43
C VAL O 132 24.75 12.22 15.50
N ASN O 133 25.95 11.69 15.26
CA ASN O 133 26.11 10.26 15.41
C ASN O 133 25.87 9.89 16.86
N ASN O 134 26.18 10.79 17.78
CA ASN O 134 25.97 10.50 19.18
C ASN O 134 24.53 10.26 19.52
N ASN O 135 23.59 10.91 18.83
CA ASN O 135 22.20 10.70 19.19
C ASN O 135 21.79 9.35 18.68
N PHE O 136 22.25 9.04 17.47
CA PHE O 136 21.98 7.77 16.80
C PHE O 136 22.50 6.58 17.60
N VAL O 137 23.76 6.63 17.99
CA VAL O 137 24.35 5.53 18.74
C VAL O 137 23.68 5.40 20.10
N LYS O 138 23.51 6.50 20.84
CA LYS O 138 22.88 6.33 22.14
C LYS O 138 21.48 5.74 21.98
N THR O 139 20.72 6.19 20.97
CA THR O 139 19.38 5.70 20.74
C THR O 139 19.33 4.21 20.44
N LYS O 140 20.23 3.73 19.57
CA LYS O 140 20.21 2.33 19.15
C LYS O 140 21.04 1.36 19.98
N THR O 141 22.13 1.81 20.64
CA THR O 141 23.02 0.91 21.38
C THR O 141 23.03 1.19 22.88
N GLY O 142 22.66 2.41 23.29
CA GLY O 142 22.73 2.80 24.69
C GLY O 142 24.14 3.25 25.12
N LEU O 143 25.08 3.25 24.18
CA LEU O 143 26.46 3.60 24.44
C LEU O 143 26.80 4.99 23.92
N PRO O 144 27.76 5.71 24.52
CA PRO O 144 28.36 6.94 24.01
C PRO O 144 29.36 6.60 22.92
N LEU O 145 29.72 7.57 22.09
CA LEU O 145 30.82 7.30 21.17
C LEU O 145 32.11 7.38 21.93
N SER O 146 32.88 6.31 21.87
CA SER O 146 34.12 6.21 22.60
C SER O 146 35.09 5.25 22.00
N THR O 147 36.38 5.53 22.21
CA THR O 147 37.45 4.69 21.69
C THR O 147 37.48 3.33 22.33
N TYR O 148 36.77 3.22 23.43
CA TYR O 148 36.67 2.01 24.21
C TYR O 148 35.85 0.92 23.50
N PHE O 149 34.88 1.28 22.64
CA PHE O 149 34.01 0.26 22.07
C PHE O 149 34.55 -0.51 20.85
N SER O 150 34.01 -1.72 20.65
CA SER O 150 34.52 -2.61 19.59
C SER O 150 34.37 -2.10 18.16
N ALA O 151 33.24 -1.47 17.80
CA ALA O 151 33.01 -1.01 16.41
C ALA O 151 34.07 -0.06 15.92
N VAL O 152 34.53 0.78 16.82
CA VAL O 152 35.52 1.77 16.53
C VAL O 152 36.84 1.03 16.23
N LYS O 153 37.18 0.06 17.08
CA LYS O 153 38.38 -0.76 16.92
C LYS O 153 38.32 -1.62 15.65
N LEU O 154 37.15 -2.17 15.35
CA LEU O 154 36.97 -3.02 14.20
C LEU O 154 37.27 -2.20 12.95
N ARG O 155 36.69 -1.00 12.85
CA ARG O 155 36.94 -0.15 11.70
C ARG O 155 38.43 0.11 11.55
N TRP O 156 39.13 0.41 12.66
CA TRP O 156 40.57 0.64 12.58
C TRP O 156 41.23 -0.50 11.85
N LEU O 157 40.95 -1.72 12.30
CA LEU O 157 41.59 -2.88 11.70
C LEU O 157 41.27 -3.02 10.21
N LEU O 158 40.02 -2.79 9.81
CA LEU O 158 39.67 -2.91 8.37
C LEU O 158 40.47 -1.96 7.48
N ASP O 159 40.70 -0.73 7.96
CA ASP O 159 41.42 0.29 7.18
C ASP O 159 42.94 0.35 7.36
N ASN O 160 43.46 0.05 8.55
CA ASN O 160 44.90 0.19 8.79
C ASN O 160 45.73 -1.08 8.70
N VAL O 161 45.13 -2.25 8.70
CA VAL O 161 45.92 -3.46 8.58
C VAL O 161 45.79 -3.94 7.14
N ARG O 162 46.94 -4.13 6.49
CA ARG O 162 46.95 -4.46 5.08
C ARG O 162 46.07 -5.64 4.73
N LYS O 163 45.22 -5.40 3.74
CA LYS O 163 44.27 -6.33 3.16
C LYS O 163 43.18 -6.88 4.09
N ILE O 164 42.92 -6.29 5.29
CA ILE O 164 41.79 -6.85 6.04
C ILE O 164 40.48 -6.56 5.34
N GLN O 165 40.21 -5.31 4.94
CA GLN O 165 38.91 -5.09 4.28
C GLN O 165 38.70 -6.04 3.12
N LYS O 166 39.74 -6.33 2.34
CA LYS O 166 39.62 -7.26 1.22
C LYS O 166 39.15 -8.62 1.74
N ALA O 167 39.84 -9.15 2.77
CA ALA O 167 39.49 -10.44 3.38
C ALA O 167 38.07 -10.41 3.94
N VAL O 168 37.63 -9.27 4.44
CA VAL O 168 36.28 -9.13 4.94
C VAL O 168 35.24 -9.23 3.81
N GLU O 169 35.42 -8.44 2.75
CA GLU O 169 34.49 -8.42 1.62
C GLU O 169 34.39 -9.78 0.91
N GLU O 170 35.50 -10.53 0.91
CA GLU O 170 35.60 -11.85 0.29
C GLU O 170 35.13 -12.99 1.19
N ASP O 171 34.65 -12.68 2.40
CA ASP O 171 34.22 -13.68 3.39
C ASP O 171 35.33 -14.63 3.79
N ARG O 172 36.51 -14.08 4.10
CA ARG O 172 37.65 -14.85 4.59
C ARG O 172 37.97 -14.47 6.05
N ALA O 173 37.89 -13.18 6.37
CA ALA O 173 38.17 -12.73 7.74
C ALA O 173 36.96 -12.95 8.64
N LEU O 174 37.18 -13.04 9.94
CA LEU O 174 36.12 -13.03 10.95
C LEU O 174 36.52 -12.13 12.10
N PHE O 175 35.55 -11.43 12.65
CA PHE O 175 35.76 -10.61 13.83
C PHE O 175 34.94 -11.02 15.02
N GLY O 176 35.43 -10.69 16.21
CA GLY O 176 34.65 -10.89 17.40
C GLY O 176 35.37 -10.47 18.67
N THR O 177 34.65 -10.54 19.77
CA THR O 177 35.18 -10.22 21.07
C THR O 177 35.95 -11.43 21.55
N ILE O 178 36.57 -11.31 22.70
CA ILE O 178 37.38 -12.40 23.22
C ILE O 178 36.53 -13.67 23.40
N ASP O 179 35.29 -13.55 23.86
CA ASP O 179 34.46 -14.75 24.02
C ASP O 179 34.19 -15.42 22.68
N SER O 180 34.06 -14.66 21.60
CA SER O 180 33.81 -15.27 20.30
C SER O 180 35.05 -15.99 19.84
N TRP O 181 36.21 -15.37 20.07
CA TRP O 181 37.49 -15.92 19.71
C TRP O 181 37.71 -17.23 20.44
N LEU O 182 37.42 -17.23 21.74
CA LEU O 182 37.54 -18.40 22.58
C LEU O 182 36.59 -19.51 22.18
N ILE O 183 35.29 -19.22 22.04
CA ILE O 183 34.33 -20.26 21.72
C ILE O 183 34.63 -20.88 20.36
N TRP O 184 34.93 -20.04 19.37
CA TRP O 184 35.21 -20.53 18.04
C TRP O 184 36.37 -21.53 18.14
N SER O 185 37.45 -21.17 18.84
CA SER O 185 38.57 -22.09 19.03
C SER O 185 38.23 -23.38 19.82
N LEU O 186 37.56 -23.23 20.96
CA LEU O 186 37.28 -24.37 21.85
C LEU O 186 36.43 -25.45 21.17
N THR O 187 35.51 -24.99 20.32
CA THR O 187 34.57 -25.84 19.58
C THR O 187 35.11 -26.39 18.24
N GLY O 188 36.37 -26.11 17.87
CA GLY O 188 36.90 -26.66 16.61
C GLY O 188 37.39 -25.65 15.57
N GLY O 189 37.04 -24.39 15.75
CA GLY O 189 37.48 -23.32 14.87
C GLY O 189 37.18 -23.51 13.41
N ALA O 190 38.25 -23.38 12.65
CA ALA O 190 38.26 -23.49 11.21
C ALA O 190 37.81 -24.86 10.73
N ARG O 191 37.80 -25.85 11.63
CA ARG O 191 37.43 -27.19 11.25
C ARG O 191 36.10 -27.65 11.85
N GLY O 192 35.22 -26.72 12.17
CA GLY O 192 33.89 -27.11 12.67
C GLY O 192 33.40 -26.43 13.94
N GLY O 193 33.95 -25.27 14.30
CA GLY O 193 33.51 -24.59 15.50
C GLY O 193 32.30 -23.68 15.32
N VAL O 194 32.03 -22.96 16.38
CA VAL O 194 30.89 -22.06 16.50
C VAL O 194 31.25 -20.57 16.50
N HIS O 195 30.73 -19.80 15.54
CA HIS O 195 31.03 -18.36 15.52
C HIS O 195 29.85 -17.59 16.11
N CYS O 196 29.95 -17.31 17.40
CA CYS O 196 28.88 -16.69 18.16
C CYS O 196 29.40 -15.81 19.27
N THR O 197 28.49 -15.03 19.82
CA THR O 197 28.72 -14.15 20.96
C THR O 197 27.42 -14.01 21.72
N ASP O 198 27.45 -13.75 23.01
CA ASP O 198 26.19 -13.54 23.67
C ASP O 198 25.78 -12.08 23.61
N VAL O 199 24.55 -11.84 24.00
CA VAL O 199 24.00 -10.49 24.10
C VAL O 199 24.82 -9.52 24.96
N THR O 200 25.39 -9.95 26.11
CA THR O 200 26.06 -8.95 26.96
C THR O 200 27.32 -8.39 26.33
N ASN O 201 28.01 -9.17 25.50
CA ASN O 201 29.18 -8.65 24.81
C ASN O 201 28.78 -7.92 23.57
N ALA O 202 27.73 -8.41 22.93
CA ALA O 202 27.21 -7.84 21.70
C ALA O 202 26.82 -6.38 21.94
N SER O 203 26.23 -6.15 23.11
CA SER O 203 25.77 -4.86 23.57
C SER O 203 26.89 -3.83 23.78
N ARG O 204 28.16 -4.25 23.83
CA ARG O 204 29.28 -3.33 24.06
C ARG O 204 30.08 -3.07 22.76
N THR O 205 29.52 -3.48 21.63
CA THR O 205 30.25 -3.27 20.40
C THR O 205 29.89 -2.00 19.63
N MET O 206 28.73 -1.40 19.90
CA MET O 206 28.18 -0.25 19.15
C MET O 206 27.74 -0.61 17.73
N LEU O 207 27.61 -1.91 17.41
CA LEU O 207 27.04 -2.29 16.12
C LEU O 207 25.64 -2.88 16.29
N PHE O 208 25.19 -3.04 17.51
CA PHE O 208 23.90 -3.65 17.81
C PHE O 208 22.79 -2.76 18.19
N ASN O 209 21.61 -3.22 17.81
CA ASN O 209 20.36 -2.65 18.22
C ASN O 209 19.97 -3.29 19.54
N ILE O 210 20.18 -2.56 20.64
CA ILE O 210 19.98 -3.02 22.01
C ILE O 210 18.52 -3.31 22.32
N HIS O 211 17.60 -2.77 21.51
CA HIS O 211 16.18 -2.94 21.76
C HIS O 211 15.69 -4.22 21.12
N SER O 212 16.16 -4.45 19.89
CA SER O 212 15.78 -5.62 19.12
C SER O 212 16.75 -6.81 19.28
N LEU O 213 17.94 -6.56 19.83
CA LEU O 213 18.99 -7.56 20.03
C LEU O 213 19.44 -8.18 18.71
N GLU O 214 19.69 -7.29 17.74
CA GLU O 214 20.14 -7.71 16.39
C GLU O 214 21.20 -6.77 15.84
N TRP O 215 22.00 -7.25 14.89
CA TRP O 215 23.02 -6.38 14.30
C TRP O 215 22.31 -5.27 13.57
N ASP O 216 22.71 -4.03 13.82
CA ASP O 216 22.07 -2.90 13.20
C ASP O 216 22.76 -2.48 11.92
N LYS O 217 22.05 -2.65 10.81
CA LYS O 217 22.60 -2.35 9.52
C LYS O 217 23.11 -0.92 9.42
N GLU O 218 22.39 0.04 10.01
CA GLU O 218 22.82 1.42 9.88
C GLU O 218 24.14 1.65 10.61
N LEU O 219 24.31 1.05 11.80
CA LEU O 219 25.56 1.18 12.55
C LEU O 219 26.69 0.51 11.76
N CYS O 220 26.40 -0.63 11.14
CA CYS O 220 27.41 -1.34 10.36
C CYS O 220 27.83 -0.48 9.17
N GLU O 221 26.87 0.19 8.50
CA GLU O 221 27.24 1.06 7.39
C GLU O 221 28.09 2.24 7.87
N PHE O 222 27.73 2.84 9.02
CA PHE O 222 28.43 4.00 9.56
C PHE O 222 29.90 3.70 9.83
N PHE O 223 30.15 2.50 10.35
CA PHE O 223 31.50 2.04 10.65
C PHE O 223 32.16 1.26 9.53
N GLU O 224 31.52 1.18 8.36
CA GLU O 224 32.02 0.41 7.23
C GLU O 224 32.37 -1.03 7.60
N VAL O 225 31.46 -1.72 8.29
CA VAL O 225 31.63 -3.10 8.74
C VAL O 225 30.70 -4.09 8.07
N PRO O 226 31.09 -4.80 7.01
CA PRO O 226 30.27 -5.79 6.33
C PRO O 226 29.79 -6.85 7.33
N MET O 227 28.54 -7.29 7.23
CA MET O 227 28.07 -8.28 8.21
C MET O 227 28.58 -9.68 8.01
N LYS O 228 29.34 -9.88 6.94
CA LYS O 228 29.92 -11.18 6.60
C LYS O 228 30.89 -11.65 7.69
N ILE O 229 31.39 -10.71 8.48
CA ILE O 229 32.35 -11.02 9.51
C ILE O 229 31.84 -10.93 10.93
N LEU O 230 30.54 -10.85 11.11
CA LEU O 230 30.05 -10.71 12.46
C LEU O 230 29.42 -12.01 12.99
N PRO O 231 29.58 -12.35 14.31
CA PRO O 231 29.05 -13.52 15.01
C PRO O 231 27.55 -13.56 15.22
N ASN O 232 27.00 -14.77 15.35
CA ASN O 232 25.60 -14.97 15.68
C ASN O 232 25.36 -14.65 17.17
N VAL O 233 24.33 -13.86 17.48
CA VAL O 233 24.07 -13.52 18.88
C VAL O 233 23.15 -14.51 19.57
N ARG O 234 23.60 -14.96 20.73
CA ARG O 234 22.93 -15.95 21.56
C ARG O 234 22.66 -15.49 22.99
N SER O 235 21.85 -16.26 23.69
CA SER O 235 21.58 -16.06 25.10
C SER O 235 22.82 -16.35 25.93
N SER O 236 22.92 -15.70 27.07
CA SER O 236 24.00 -15.94 28.04
C SER O 236 23.95 -17.34 28.64
N SER O 237 22.80 -18.00 28.52
CA SER O 237 22.65 -19.34 29.04
C SER O 237 21.95 -20.16 27.94
N GLU O 238 22.76 -20.88 27.15
CA GLU O 238 22.32 -21.60 25.95
C GLU O 238 23.46 -22.45 25.41
N ILE O 239 23.20 -23.64 24.90
CA ILE O 239 24.31 -24.42 24.38
C ILE O 239 24.87 -23.82 23.09
N TYR O 240 26.18 -23.56 23.10
CA TYR O 240 26.87 -22.99 21.94
C TYR O 240 27.39 -24.13 21.08
N GLY O 241 27.95 -25.12 21.75
CA GLY O 241 28.52 -26.27 21.09
C GLY O 241 29.28 -27.08 22.10
N LEU O 242 29.98 -28.12 21.67
CA LEU O 242 30.76 -28.95 22.58
C LEU O 242 32.24 -28.76 22.38
N MET O 243 32.99 -28.90 23.45
CA MET O 243 34.44 -28.81 23.40
C MET O 243 35.07 -29.87 22.50
N LYS O 244 35.97 -29.42 21.64
CA LYS O 244 36.72 -30.31 20.77
C LYS O 244 38.16 -30.42 21.26
N ALA O 245 38.65 -29.40 21.93
CA ALA O 245 40.03 -29.49 22.41
C ALA O 245 40.15 -30.74 23.29
N GLY O 246 41.24 -31.50 23.12
CA GLY O 246 41.43 -32.74 23.85
C GLY O 246 41.34 -32.62 25.38
N ALA O 247 41.76 -31.48 25.95
CA ALA O 247 41.75 -31.30 27.40
C ALA O 247 40.40 -31.53 28.05
N LEU O 248 39.30 -31.16 27.37
CA LEU O 248 37.95 -31.35 27.89
C LEU O 248 37.04 -31.90 26.82
N GLU O 249 37.57 -32.74 25.96
CA GLU O 249 36.78 -33.22 24.83
C GLU O 249 35.44 -33.78 25.26
N GLY O 250 34.38 -33.34 24.60
CA GLY O 250 33.02 -33.82 24.85
C GLY O 250 32.22 -33.01 25.86
N VAL O 251 32.84 -32.08 26.57
CA VAL O 251 32.10 -31.30 27.55
C VAL O 251 31.40 -30.08 26.89
N PRO O 252 30.07 -29.91 27.01
CA PRO O 252 29.30 -28.81 26.47
C PRO O 252 29.73 -27.43 26.96
N ILE O 253 29.68 -26.48 26.04
CA ILE O 253 29.97 -25.08 26.30
C ILE O 253 28.61 -24.38 26.20
N SER O 254 28.14 -23.87 27.33
CA SER O 254 26.79 -23.32 27.43
C SER O 254 26.66 -21.96 28.12
N GLY O 255 27.66 -21.52 28.88
CA GLY O 255 27.49 -20.22 29.52
C GLY O 255 28.32 -19.18 28.79
N CYS O 256 27.85 -17.95 28.70
CA CYS O 256 28.64 -16.90 28.06
C CYS O 256 28.22 -15.53 28.57
N LEU O 257 29.11 -14.86 29.29
CA LEU O 257 28.81 -13.56 29.88
C LEU O 257 29.98 -12.60 29.79
N GLY O 258 29.75 -11.32 29.53
CA GLY O 258 30.89 -10.41 29.57
C GLY O 258 31.40 -10.48 31.00
N ASP O 259 32.70 -10.27 31.22
CA ASP O 259 33.24 -10.35 32.57
C ASP O 259 32.43 -9.61 33.65
N GLN O 260 32.02 -8.40 33.34
CA GLN O 260 31.31 -7.62 34.34
C GLN O 260 29.90 -8.13 34.61
N SER O 261 29.23 -8.59 33.57
CA SER O 261 27.90 -9.17 33.70
C SER O 261 28.03 -10.45 34.53
N ALA O 262 29.10 -11.22 34.26
CA ALA O 262 29.32 -12.46 34.97
C ALA O 262 29.51 -12.21 36.43
N ALA O 263 30.26 -11.19 36.78
CA ALA O 263 30.43 -10.90 38.19
C ALA O 263 29.07 -10.56 38.85
N LEU O 264 28.19 -9.83 38.13
CA LEU O 264 26.87 -9.44 38.67
C LEU O 264 26.07 -10.71 38.95
N VAL O 265 26.22 -11.69 38.05
CA VAL O 265 25.59 -13.00 38.22
C VAL O 265 26.25 -13.74 39.39
N GLY O 266 27.58 -13.77 39.47
CA GLY O 266 28.27 -14.49 40.53
C GLY O 266 27.84 -14.03 41.92
N GLN O 267 27.56 -12.74 42.06
CA GLN O 267 27.09 -12.15 43.31
C GLN O 267 25.58 -12.16 43.51
N MET O 268 24.84 -12.82 42.62
CA MET O 268 23.39 -12.93 42.72
C MET O 268 22.70 -11.61 42.79
N CYS O 269 23.18 -10.62 42.06
CA CYS O 269 22.55 -9.32 42.08
C CYS O 269 21.41 -9.28 41.11
N PHE O 270 20.36 -10.02 41.46
CA PHE O 270 19.21 -10.21 40.60
C PHE O 270 17.99 -9.36 40.95
N GLN O 271 18.06 -8.51 41.97
CA GLN O 271 16.93 -7.67 42.31
C GLN O 271 17.18 -6.20 42.02
N ASP O 272 16.11 -5.48 41.72
CA ASP O 272 16.22 -4.05 41.44
C ASP O 272 16.92 -3.35 42.59
N GLY O 273 17.87 -2.49 42.26
CA GLY O 273 18.60 -1.71 43.25
C GLY O 273 19.89 -2.37 43.75
N GLN O 274 20.11 -3.66 43.44
CA GLN O 274 21.34 -4.28 43.92
C GLN O 274 22.50 -3.81 43.07
N ALA O 275 23.64 -3.58 43.70
CA ALA O 275 24.78 -3.14 42.93
C ALA O 275 26.07 -3.66 43.51
N LYS O 276 27.04 -3.73 42.63
CA LYS O 276 28.35 -4.20 43.00
C LYS O 276 29.48 -3.53 42.25
N ASN O 277 30.65 -3.57 42.85
CA ASN O 277 31.88 -3.01 42.29
C ASN O 277 33.03 -4.01 42.20
N THR O 278 33.42 -4.33 40.98
CA THR O 278 34.52 -5.25 40.72
C THR O 278 35.83 -4.46 40.64
N TYR O 279 36.85 -4.90 41.40
CA TYR O 279 38.14 -4.23 41.44
C TYR O 279 39.25 -5.11 40.83
N GLY O 280 39.49 -4.91 39.54
CA GLY O 280 40.44 -5.67 38.74
C GLY O 280 41.33 -4.66 38.06
N THR O 281 41.62 -4.84 36.77
CA THR O 281 42.46 -3.88 36.05
C THR O 281 41.87 -2.49 36.22
N GLY O 282 40.55 -2.43 36.06
CA GLY O 282 39.73 -1.23 36.22
C GLY O 282 38.65 -1.50 37.25
N CYS O 283 37.71 -0.57 37.36
CA CYS O 283 36.62 -0.77 38.30
C CYS O 283 35.30 -0.62 37.62
N PHE O 284 34.44 -1.55 37.91
CA PHE O 284 33.17 -1.54 37.25
C PHE O 284 32.02 -1.66 38.21
N LEU O 285 31.15 -0.66 38.17
CA LEU O 285 29.97 -0.66 38.99
C LEU O 285 28.80 -1.13 38.16
N LEU O 286 28.11 -2.12 38.65
CA LEU O 286 26.96 -2.61 37.92
C LEU O 286 25.74 -2.56 38.80
N CYS O 287 24.60 -2.33 38.19
CA CYS O 287 23.36 -2.35 38.96
C CYS O 287 22.21 -2.94 38.17
N ASN O 288 21.54 -3.89 38.84
CA ASN O 288 20.41 -4.73 38.35
C ASN O 288 19.52 -4.19 37.23
N THR O 289 19.36 -2.89 37.28
CA THR O 289 18.11 -2.22 37.07
C THR O 289 18.25 -1.76 35.61
N GLY O 290 19.49 -1.88 35.09
CA GLY O 290 19.82 -1.50 33.74
C GLY O 290 20.78 -0.31 33.68
N HIS O 291 21.52 -0.07 34.77
CA HIS O 291 22.46 1.05 34.78
C HIS O 291 23.85 0.57 34.51
N LYS O 292 24.64 1.43 33.85
CA LYS O 292 26.00 1.11 33.50
C LYS O 292 26.96 2.26 33.71
N CYS O 293 28.13 1.79 34.07
CA CYS O 293 29.06 2.66 34.76
C CYS O 293 30.46 2.07 34.67
N SER O 294 31.47 2.81 34.27
CA SER O 294 32.78 2.16 34.26
C SER O 294 33.98 3.04 34.29
N VAL O 295 35.05 2.57 34.96
CA VAL O 295 36.30 3.30 34.93
C VAL O 295 37.46 2.44 34.48
N ALA O 296 38.30 3.03 33.66
CA ALA O 296 39.41 2.34 33.08
C ALA O 296 40.43 1.74 34.04
N ILE O 297 41.09 2.54 34.86
CA ILE O 297 42.15 1.95 35.68
C ILE O 297 42.11 2.11 37.17
N ALA O 298 42.17 0.93 37.82
CA ALA O 298 42.22 0.79 39.25
C ALA O 298 43.35 -0.14 39.72
N GLY O 299 43.25 -1.44 39.42
CA GLY O 299 44.29 -2.39 39.78
C GLY O 299 45.56 -2.11 39.02
N ALA O 300 45.41 -1.57 37.82
CA ALA O 300 46.59 -1.29 37.02
C ALA O 300 47.30 -0.03 37.53
N VAL O 301 46.74 0.66 38.53
CA VAL O 301 47.43 1.79 39.11
C VAL O 301 48.54 1.18 39.93
N VAL O 302 48.18 0.14 40.69
CA VAL O 302 49.11 -0.53 41.57
C VAL O 302 50.16 -1.17 40.69
N ARG O 303 49.70 -1.82 39.61
CA ARG O 303 50.60 -2.46 38.65
C ARG O 303 51.60 -1.43 38.16
N TRP O 304 51.14 -0.25 37.77
CA TRP O 304 52.03 0.79 37.28
C TRP O 304 53.09 1.14 38.33
N LEU O 305 52.69 1.32 39.59
CA LEU O 305 53.64 1.65 40.66
C LEU O 305 54.69 0.54 40.83
N ARG O 306 54.30 -0.72 40.56
CA ARG O 306 55.20 -1.88 40.66
C ARG O 306 56.09 -2.14 39.43
N ASP O 307 55.49 -2.28 38.26
CA ASP O 307 56.22 -2.65 37.06
C ASP O 307 56.86 -1.51 36.28
N ASN O 308 56.25 -0.33 36.29
CA ASN O 308 56.79 0.75 35.49
C ASN O 308 57.55 1.80 36.31
N LEU O 309 57.00 2.22 37.44
CA LEU O 309 57.64 3.25 38.26
C LEU O 309 58.74 2.62 39.13
N GLY O 310 58.46 1.46 39.71
CA GLY O 310 59.42 0.76 40.56
C GLY O 310 59.40 1.10 42.05
N ILE O 311 58.30 1.69 42.56
CA ILE O 311 58.31 2.00 44.00
C ILE O 311 57.84 0.79 44.81
N ILE O 312 57.03 -0.06 44.19
CA ILE O 312 56.49 -1.30 44.73
C ILE O 312 57.13 -2.55 44.14
N LYS O 313 57.44 -3.53 44.96
CA LYS O 313 58.00 -4.78 44.44
C LYS O 313 56.91 -5.86 44.38
N THR O 314 55.97 -5.84 45.32
CA THR O 314 54.89 -6.84 45.36
C THR O 314 53.55 -6.12 45.41
N SER O 315 52.52 -6.56 44.70
CA SER O 315 51.28 -5.80 44.77
C SER O 315 50.67 -5.67 46.18
N GLU O 316 50.90 -6.64 47.07
CA GLU O 316 50.38 -6.55 48.45
C GLU O 316 51.02 -5.39 49.21
N GLU O 317 52.21 -5.00 48.74
CA GLU O 317 53.01 -3.96 49.33
C GLU O 317 52.26 -2.66 49.32
N ILE O 318 51.39 -2.43 48.34
CA ILE O 318 50.72 -1.14 48.34
C ILE O 318 49.92 -0.95 49.62
N GLU O 319 49.39 -2.04 50.22
CA GLU O 319 48.63 -1.92 51.43
C GLU O 319 49.59 -1.65 52.56
N LYS O 320 50.70 -2.39 52.57
CA LYS O 320 51.70 -2.26 53.62
C LYS O 320 52.24 -0.83 53.67
N LEU O 321 52.40 -0.20 52.51
CA LEU O 321 52.88 1.17 52.44
C LEU O 321 51.79 2.15 52.85
N ALA O 322 50.57 1.94 52.36
CA ALA O 322 49.47 2.82 52.72
C ALA O 322 49.26 2.82 54.25
N LYS O 323 49.48 1.67 54.86
CA LYS O 323 49.36 1.48 56.30
C LYS O 323 50.29 2.38 57.13
N GLU O 324 51.41 2.84 56.55
CA GLU O 324 52.39 3.64 57.27
C GLU O 324 52.05 5.12 57.36
N VAL O 325 50.98 5.56 56.71
CA VAL O 325 50.65 6.98 56.73
C VAL O 325 49.22 7.17 57.26
N GLY O 326 48.97 8.26 58.00
CA GLY O 326 47.62 8.48 58.52
C GLY O 326 46.69 9.03 57.46
N THR O 327 47.28 9.61 56.44
CA THR O 327 46.57 10.23 55.36
C THR O 327 47.46 10.42 54.14
N SER O 328 46.93 11.11 53.14
CA SER O 328 47.67 11.37 51.90
C SER O 328 48.55 12.61 52.01
N TYR O 329 48.32 13.37 53.07
CA TYR O 329 49.02 14.62 53.39
C TYR O 329 49.00 15.60 52.23
N GLY O 330 47.86 15.66 51.55
CA GLY O 330 47.63 16.54 50.42
C GLY O 330 47.92 15.94 49.04
N CYS O 331 48.56 14.77 48.97
CA CYS O 331 48.87 14.18 47.69
C CYS O 331 47.70 13.40 47.09
N TYR O 332 47.45 13.58 45.80
CA TYR O 332 46.38 12.81 45.18
C TYR O 332 46.67 12.46 43.74
N PHE O 333 46.27 11.25 43.36
CA PHE O 333 46.53 10.78 42.03
C PHE O 333 45.31 10.44 41.20
N VAL O 334 45.25 11.00 40.00
CA VAL O 334 44.18 10.68 39.07
C VAL O 334 44.78 9.78 37.98
N PRO O 335 44.52 8.47 37.98
CA PRO O 335 45.10 7.50 37.08
C PRO O 335 44.42 7.49 35.74
N ALA O 336 44.49 8.58 35.02
CA ALA O 336 43.81 8.65 33.73
C ALA O 336 44.83 8.29 32.66
N PHE O 337 45.34 7.08 32.81
CA PHE O 337 46.41 6.52 32.01
C PHE O 337 45.94 6.14 30.60
N SER O 338 44.61 6.15 30.41
CA SER O 338 43.92 5.86 29.17
C SER O 338 42.78 6.88 29.02
N GLY O 339 42.94 8.05 29.62
CA GLY O 339 41.90 9.07 29.55
C GLY O 339 40.84 8.85 30.62
N LEU O 340 39.84 9.72 30.65
CA LEU O 340 38.80 9.56 31.64
C LEU O 340 37.56 8.90 31.10
N TYR O 341 37.08 8.10 31.99
CA TYR O 341 35.91 7.29 32.10
C TYR O 341 34.66 8.02 32.52
N ALA O 342 33.55 7.30 32.60
CA ALA O 342 32.32 7.89 33.09
C ALA O 342 32.62 8.39 34.50
N PRO O 343 32.06 9.51 34.95
CA PRO O 343 31.12 10.43 34.33
C PRO O 343 31.75 11.55 33.49
N TYR O 344 32.95 11.35 32.98
CA TYR O 344 33.63 12.39 32.22
C TYR O 344 33.70 12.06 30.75
N TRP O 345 34.14 10.86 30.44
CA TRP O 345 34.33 10.41 29.06
C TRP O 345 35.23 11.36 28.27
N GLU O 346 36.46 11.55 28.77
CA GLU O 346 37.43 12.47 28.17
C GLU O 346 38.77 11.80 27.82
N PRO O 347 38.94 11.27 26.59
CA PRO O 347 40.11 10.58 26.08
C PRO O 347 41.41 11.40 26.08
N SER O 348 41.34 12.75 26.11
CA SER O 348 42.55 13.59 26.11
C SER O 348 43.16 13.72 27.50
N ALA O 349 42.48 13.19 28.51
CA ALA O 349 42.98 13.31 29.86
C ALA O 349 44.17 12.38 30.03
N ARG O 350 45.08 12.75 30.91
CA ARG O 350 46.24 11.90 31.20
C ARG O 350 46.46 11.83 32.70
N GLY O 351 47.16 10.80 33.15
CA GLY O 351 47.31 10.66 34.57
C GLY O 351 48.08 11.83 35.17
N ILE O 352 47.63 12.25 36.35
CA ILE O 352 48.31 13.34 37.04
C ILE O 352 48.47 13.09 38.54
N ILE O 353 49.67 13.38 39.04
CA ILE O 353 49.93 13.31 40.48
C ILE O 353 50.00 14.72 40.99
N CYS O 354 49.13 15.07 41.94
CA CYS O 354 49.05 16.42 42.47
C CYS O 354 49.43 16.53 43.94
N GLY O 355 49.85 17.73 44.38
CA GLY O 355 50.07 17.98 45.81
C GLY O 355 51.40 17.47 46.36
N LEU O 356 52.43 17.36 45.53
CA LEU O 356 53.69 16.86 46.04
C LEU O 356 54.45 17.92 46.82
N THR O 357 55.07 17.49 47.90
CA THR O 357 55.93 18.34 48.73
C THR O 357 57.25 17.65 48.98
N GLN O 358 58.15 18.38 49.60
CA GLN O 358 59.47 17.88 50.01
C GLN O 358 59.42 16.72 51.02
N PHE O 359 58.24 16.50 51.62
CA PHE O 359 58.05 15.43 52.58
C PHE O 359 57.19 14.29 52.01
N THR O 360 56.78 14.39 50.76
CA THR O 360 55.95 13.36 50.19
C THR O 360 56.81 12.17 49.87
N ASN O 361 56.39 10.98 50.27
CA ASN O 361 57.19 9.79 49.96
C ASN O 361 56.34 8.69 49.35
N LYS O 362 56.97 7.54 49.08
CA LYS O 362 56.31 6.40 48.45
C LYS O 362 55.07 5.90 49.17
N CYS O 363 54.94 6.16 50.46
CA CYS O 363 53.79 5.65 51.18
C CYS O 363 52.61 6.58 50.99
N HIS O 364 52.88 7.83 50.63
CA HIS O 364 51.83 8.80 50.41
C HIS O 364 51.31 8.53 49.01
N ILE O 365 52.24 8.16 48.12
CA ILE O 365 51.89 7.85 46.73
C ILE O 365 51.06 6.57 46.73
N ALA O 366 51.49 5.54 47.48
CA ALA O 366 50.74 4.30 47.58
C ALA O 366 49.34 4.54 48.15
N PHE O 367 49.26 5.38 49.18
CA PHE O 367 47.99 5.67 49.82
C PHE O 367 47.09 6.37 48.80
N ALA O 368 47.64 7.40 48.11
CA ALA O 368 46.89 8.17 47.13
C ALA O 368 46.38 7.29 46.00
N ALA O 369 47.18 6.32 45.57
CA ALA O 369 46.75 5.40 44.53
C ALA O 369 45.54 4.58 44.96
N LEU O 370 45.53 4.09 46.22
CA LEU O 370 44.36 3.34 46.67
C LEU O 370 43.14 4.27 46.78
N GLU O 371 43.38 5.48 47.25
CA GLU O 371 42.31 6.45 47.35
C GLU O 371 41.71 6.78 46.00
N ALA O 372 42.55 6.85 44.96
CA ALA O 372 42.09 7.14 43.62
C ALA O 372 41.06 6.13 43.17
N VAL O 373 41.29 4.88 43.53
CA VAL O 373 40.36 3.83 43.15
C VAL O 373 39.01 4.09 43.83
N CYS O 374 39.05 4.42 45.12
CA CYS O 374 37.84 4.70 45.89
C CYS O 374 37.08 5.93 45.39
N PHE O 375 37.83 6.95 45.01
CA PHE O 375 37.30 8.19 44.45
C PHE O 375 36.51 7.95 43.21
N GLN O 376 37.12 7.20 42.27
CA GLN O 376 36.48 6.92 41.01
C GLN O 376 35.17 6.17 41.25
N THR O 377 35.18 5.24 42.20
CA THR O 377 33.95 4.53 42.56
C THR O 377 32.88 5.49 43.05
N ARG O 378 33.24 6.42 43.94
CA ARG O 378 32.26 7.39 44.40
C ARG O 378 31.70 8.23 43.27
N GLU O 379 32.53 8.71 42.35
CA GLU O 379 31.95 9.52 41.27
C GLU O 379 30.89 8.74 40.53
N ILE O 380 31.16 7.46 40.28
CA ILE O 380 30.21 6.60 39.63
C ILE O 380 28.95 6.38 40.48
N LEU O 381 29.11 6.02 41.76
CA LEU O 381 27.94 5.78 42.60
C LEU O 381 27.09 7.00 42.77
N ASP O 382 27.69 8.18 42.91
CA ASP O 382 26.85 9.35 43.06
C ASP O 382 26.03 9.53 41.80
N ALA O 383 26.66 9.34 40.63
CA ALA O 383 25.93 9.45 39.38
C ALA O 383 24.81 8.41 39.28
N MET O 384 25.10 7.17 39.71
CA MET O 384 24.11 6.13 39.66
C MET O 384 22.93 6.50 40.53
N ASN O 385 23.21 6.95 41.75
CA ASN O 385 22.14 7.25 42.69
C ASN O 385 21.26 8.36 42.13
N ARG O 386 21.87 9.38 41.50
CA ARG O 386 21.09 10.47 40.93
C ARG O 386 20.17 9.99 39.81
N ASP O 387 20.67 9.12 38.94
CA ASP O 387 19.87 8.63 37.82
C ASP O 387 18.84 7.57 38.21
N CYS O 388 19.17 6.67 39.14
CA CYS O 388 18.24 5.61 39.47
C CYS O 388 17.20 5.99 40.52
N GLY O 389 17.47 6.95 41.39
CA GLY O 389 16.50 7.35 42.40
C GLY O 389 16.50 6.42 43.62
N ILE O 390 17.37 5.43 43.59
CA ILE O 390 17.49 4.45 44.65
C ILE O 390 18.84 4.64 45.33
N PRO O 391 18.91 4.99 46.61
CA PRO O 391 20.17 5.17 47.30
C PRO O 391 20.77 3.79 47.42
N LEU O 392 22.08 3.67 47.42
CA LEU O 392 22.64 2.34 47.59
C LEU O 392 22.91 2.11 49.07
N SER O 393 22.21 1.14 49.65
CA SER O 393 22.32 0.86 51.09
C SER O 393 23.59 0.12 51.46
N HIS O 394 24.14 -0.64 50.51
CA HIS O 394 25.39 -1.37 50.71
C HIS O 394 25.96 -1.65 49.34
N LEU O 395 27.26 -1.79 49.26
CA LEU O 395 27.91 -2.11 48.00
C LEU O 395 28.53 -3.48 48.06
N GLN O 396 28.22 -4.35 47.10
CA GLN O 396 28.88 -5.65 47.13
C GLN O 396 30.15 -5.52 46.32
N VAL O 397 31.22 -6.19 46.74
CA VAL O 397 32.45 -6.10 45.97
C VAL O 397 33.11 -7.42 45.66
N ASP O 398 33.95 -7.41 44.64
CA ASP O 398 34.76 -8.56 44.26
C ASP O 398 36.00 -8.14 43.46
N GLY O 399 36.79 -9.10 42.99
CA GLY O 399 38.01 -8.75 42.26
C GLY O 399 39.24 -8.80 43.18
N GLY O 400 40.43 -8.89 42.58
CA GLY O 400 41.68 -9.03 43.31
C GLY O 400 42.00 -7.93 44.33
N MET O 401 41.58 -6.70 44.08
CA MET O 401 41.90 -5.65 45.03
C MET O 401 41.02 -5.63 46.26
N THR O 402 40.05 -6.54 46.35
CA THR O 402 39.18 -6.57 47.52
C THR O 402 39.86 -7.32 48.64
N ASN O 403 41.09 -7.80 48.40
CA ASN O 403 41.88 -8.44 49.44
C ASN O 403 42.69 -7.39 50.18
N ASN O 404 42.57 -6.12 49.78
CA ASN O 404 43.25 -4.99 50.39
C ASN O 404 42.28 -4.37 51.41
N LYS O 405 42.53 -4.61 52.70
CA LYS O 405 41.61 -4.17 53.74
C LYS O 405 41.56 -2.66 53.79
N ILE O 406 42.71 -2.02 53.55
CA ILE O 406 42.73 -0.56 53.56
C ILE O 406 41.85 -0.04 52.45
N LEU O 407 41.97 -0.59 51.25
CA LEU O 407 41.17 -0.10 50.15
C LEU O 407 39.68 -0.24 50.47
N MET O 408 39.27 -1.40 51.00
CA MET O 408 37.86 -1.60 51.29
C MET O 408 37.35 -0.67 52.38
N GLN O 409 38.15 -0.41 53.42
CA GLN O 409 37.71 0.52 54.44
C GLN O 409 37.65 1.93 53.88
N LEU O 410 38.62 2.30 53.02
CA LEU O 410 38.63 3.63 52.42
C LEU O 410 37.38 3.80 51.59
N GLN O 411 36.99 2.74 50.87
CA GLN O 411 35.81 2.80 50.05
C GLN O 411 34.57 3.03 50.90
N ALA O 412 34.46 2.31 52.03
CA ALA O 412 33.29 2.48 52.88
C ALA O 412 33.21 3.92 53.37
N ASP O 413 34.38 4.47 53.74
CA ASP O 413 34.50 5.82 54.27
C ASP O 413 34.19 6.94 53.28
N ILE O 414 34.66 6.82 52.04
CA ILE O 414 34.41 7.90 51.08
C ILE O 414 32.92 7.91 50.70
N LEU O 415 32.30 6.72 50.68
CA LEU O 415 30.91 6.59 50.29
C LEU O 415 29.86 6.69 51.38
N TYR O 416 30.19 6.26 52.60
CA TYR O 416 29.25 6.08 53.70
C TYR O 416 28.27 4.98 53.35
N ILE O 417 28.80 3.99 52.67
CA ILE O 417 28.08 2.82 52.23
C ILE O 417 28.86 1.59 52.66
N PRO O 418 28.33 0.71 53.51
CA PRO O 418 29.02 -0.47 53.94
C PRO O 418 29.45 -1.28 52.73
N VAL O 419 30.66 -1.82 52.80
CA VAL O 419 31.23 -2.62 51.71
C VAL O 419 31.21 -4.11 52.06
N VAL O 420 30.54 -4.90 51.23
CA VAL O 420 30.34 -6.33 51.50
C VAL O 420 31.11 -7.25 50.56
N LYS O 421 31.96 -8.09 51.14
CA LYS O 421 32.81 -9.00 50.39
C LYS O 421 32.39 -10.49 50.52
N PRO O 422 32.37 -11.28 49.42
CA PRO O 422 32.13 -12.72 49.38
C PRO O 422 33.34 -13.53 49.82
N SER O 423 33.11 -14.78 50.23
CA SER O 423 34.23 -15.69 50.51
C SER O 423 34.92 -16.11 49.22
N MET O 424 34.20 -15.94 48.12
CA MET O 424 34.61 -16.24 46.76
C MET O 424 34.91 -14.95 45.96
N PRO O 425 36.12 -14.37 45.99
CA PRO O 425 36.49 -13.13 45.29
C PRO O 425 36.44 -13.26 43.76
N GLU O 426 36.45 -14.50 43.26
CA GLU O 426 36.47 -14.74 41.82
C GLU O 426 35.08 -15.08 41.32
N THR O 427 34.27 -14.04 41.41
CA THR O 427 32.85 -14.05 41.10
C THR O 427 32.59 -14.09 39.62
N THR O 428 33.50 -13.55 38.81
CA THR O 428 33.34 -13.56 37.37
C THR O 428 33.24 -15.00 36.88
N ALA O 429 34.18 -15.82 37.34
CA ALA O 429 34.19 -17.23 36.98
C ALA O 429 32.96 -17.95 37.53
N LEU O 430 32.55 -17.64 38.76
CA LEU O 430 31.35 -18.28 39.30
C LEU O 430 30.14 -17.94 38.46
N GLY O 431 30.03 -16.67 38.06
CA GLY O 431 28.93 -16.20 37.25
C GLY O 431 28.82 -17.00 35.97
N ALA O 432 29.94 -17.14 35.26
CA ALA O 432 29.93 -17.91 34.03
C ALA O 432 29.52 -19.37 34.30
N ALA O 433 30.02 -19.95 35.40
CA ALA O 433 29.66 -21.33 35.75
C ALA O 433 28.15 -21.43 36.03
N MET O 434 27.59 -20.45 36.73
CA MET O 434 26.17 -20.47 37.04
C MET O 434 25.35 -20.42 35.77
N ALA O 435 25.75 -19.56 34.83
CA ALA O 435 25.03 -19.45 33.57
C ALA O 435 25.07 -20.77 32.80
N ALA O 436 26.25 -21.43 32.77
CA ALA O 436 26.42 -22.69 32.08
C ALA O 436 25.60 -23.80 32.72
N GLY O 437 25.60 -23.81 34.05
CA GLY O 437 24.88 -24.78 34.83
C GLY O 437 23.40 -24.67 34.55
N ALA O 438 22.90 -23.43 34.58
CA ALA O 438 21.51 -23.10 34.34
C ALA O 438 21.06 -23.41 32.91
N ALA O 439 21.94 -23.20 31.94
CA ALA O 439 21.62 -23.44 30.51
C ALA O 439 21.20 -24.88 30.34
N GLU O 440 21.88 -25.72 31.09
CA GLU O 440 21.70 -27.15 31.19
C GLU O 440 20.89 -27.44 32.44
N GLY O 441 20.10 -26.47 32.90
CA GLY O 441 19.34 -26.55 34.13
C GLY O 441 18.67 -27.89 34.32
N VAL O 442 17.95 -28.38 33.33
CA VAL O 442 17.30 -29.65 33.54
C VAL O 442 18.34 -30.76 33.48
N GLY O 443 18.77 -31.16 34.67
CA GLY O 443 19.80 -32.17 34.90
C GLY O 443 21.14 -31.64 35.44
N VAL O 444 21.31 -30.32 35.52
CA VAL O 444 22.58 -29.75 36.03
C VAL O 444 22.47 -28.77 37.19
N TRP O 445 21.49 -27.87 37.17
CA TRP O 445 21.53 -26.78 38.15
C TRP O 445 20.14 -26.36 38.57
N SER O 446 19.89 -26.39 39.87
CA SER O 446 18.60 -26.01 40.40
C SER O 446 18.76 -25.09 41.59
N LEU O 447 20.00 -24.69 41.84
CA LEU O 447 20.24 -23.83 42.98
C LEU O 447 19.46 -22.56 42.76
N LYS O 448 18.68 -22.20 43.76
CA LYS O 448 17.93 -21.00 43.61
C LYS O 448 18.92 -19.98 43.89
N PRO O 449 18.76 -18.74 43.42
CA PRO O 449 19.59 -17.64 43.83
C PRO O 449 19.68 -17.63 45.35
N GLU O 450 18.58 -18.04 46.01
CA GLU O 450 18.51 -18.13 47.45
C GLU O 450 19.58 -19.06 48.04
N ASP O 451 19.94 -20.14 47.33
CA ASP O 451 20.91 -21.08 47.85
C ASP O 451 22.31 -20.56 47.55
N LEU O 452 22.44 -19.92 46.39
CA LEU O 452 23.71 -19.36 45.96
C LEU O 452 24.14 -18.19 46.86
N SER O 453 23.16 -17.49 47.43
CA SER O 453 23.36 -16.34 48.31
C SER O 453 24.16 -16.67 49.57
N ALA O 454 24.32 -17.95 49.88
CA ALA O 454 25.04 -18.42 51.06
C ALA O 454 26.52 -17.98 51.15
N VAL O 455 27.12 -17.58 50.02
CA VAL O 455 28.56 -17.22 49.95
C VAL O 455 29.14 -15.94 50.64
N THR O 456 28.31 -15.03 51.17
CA THR O 456 28.82 -13.77 51.79
C THR O 456 29.76 -13.93 53.00
N MET O 457 30.92 -13.21 53.01
CA MET O 457 31.89 -13.33 54.11
C MET O 457 32.10 -12.15 55.09
N GLU O 458 32.28 -10.91 54.61
CA GLU O 458 32.61 -9.84 55.57
C GLU O 458 32.13 -8.46 55.15
N ARG O 459 32.03 -7.55 56.14
CA ARG O 459 31.58 -6.19 55.85
C ARG O 459 32.42 -5.09 56.51
N PHE O 460 32.68 -4.03 55.74
CA PHE O 460 33.42 -2.86 56.19
C PHE O 460 32.49 -1.65 56.35
N GLU O 461 32.33 -1.19 57.58
CA GLU O 461 31.42 -0.07 57.84
C GLU O 461 32.25 1.21 57.96
N PRO O 462 31.76 2.37 57.45
CA PRO O 462 32.44 3.66 57.46
C PRO O 462 32.72 4.19 58.86
N GLN O 463 33.88 4.84 59.01
CA GLN O 463 34.30 5.44 60.29
C GLN O 463 34.61 6.94 60.19
N ILE O 464 34.92 7.42 58.99
CA ILE O 464 35.36 8.80 58.70
C ILE O 464 34.29 9.87 58.95
N ASN O 465 34.71 11.05 59.44
CA ASN O 465 33.79 12.17 59.67
C ASN O 465 33.31 12.71 58.32
N ALA O 466 32.07 13.20 58.27
CA ALA O 466 31.57 13.77 57.02
C ALA O 466 32.43 14.93 56.52
N LYS O 467 32.97 15.73 57.44
CA LYS O 467 33.79 16.87 57.02
C LYS O 467 35.02 16.36 56.30
N GLU O 468 35.67 15.37 56.91
CA GLU O 468 36.90 14.81 56.38
C GLU O 468 36.68 14.20 54.99
N SER O 469 35.55 13.49 54.84
CA SER O 469 35.20 12.85 53.59
C SER O 469 34.96 13.86 52.48
N GLU O 470 34.17 14.92 52.76
CA GLU O 470 33.86 15.92 51.75
C GLU O 470 35.07 16.75 51.33
N ILE O 471 35.96 17.08 52.27
CA ILE O 471 37.13 17.87 51.89
C ILE O 471 38.01 17.05 50.99
N ARG O 472 38.25 15.81 51.38
CA ARG O 472 39.07 14.91 50.62
C ARG O 472 38.48 14.68 49.21
N TYR O 473 37.16 14.44 49.13
CA TYR O 473 36.50 14.23 47.86
C TYR O 473 36.61 15.47 46.95
N SER O 474 36.34 16.65 47.50
CA SER O 474 36.39 17.91 46.76
C SER O 474 37.79 18.14 46.18
N THR O 475 38.82 17.89 46.99
CA THR O 475 40.21 18.06 46.57
C THR O 475 40.49 17.17 45.37
N TRP O 476 40.02 15.93 45.46
CA TRP O 476 40.21 14.96 44.40
C TRP O 476 39.49 15.41 43.12
N LYS O 477 38.27 15.95 43.23
CA LYS O 477 37.59 16.45 42.04
C LYS O 477 38.41 17.53 41.36
N LYS O 478 39.05 18.42 42.13
CA LYS O 478 39.87 19.45 41.52
C LYS O 478 41.03 18.82 40.77
N ALA O 479 41.66 17.78 41.35
CA ALA O 479 42.76 17.11 40.65
C ALA O 479 42.28 16.52 39.33
N VAL O 480 41.06 15.97 39.32
CA VAL O 480 40.54 15.41 38.08
C VAL O 480 40.40 16.49 37.05
N LYS O 481 39.84 17.63 37.42
CA LYS O 481 39.70 18.68 36.42
C LYS O 481 41.08 19.05 35.84
N LYS O 482 42.10 19.09 36.69
CA LYS O 482 43.45 19.38 36.23
C LYS O 482 43.98 18.34 35.22
N SER O 483 43.57 17.07 35.37
CA SER O 483 44.00 15.98 34.48
C SER O 483 43.37 16.07 33.07
N MET O 484 42.31 16.87 32.92
CA MET O 484 41.56 16.95 31.68
C MET O 484 42.16 17.94 30.70
N GLY O 485 42.02 17.67 29.41
CA GLY O 485 42.49 18.58 28.39
C GLY O 485 44.00 18.56 28.17
N TRP O 486 44.66 17.55 28.71
CA TRP O 486 46.11 17.46 28.59
C TRP O 486 46.62 17.38 27.15
N VAL O 487 46.10 16.45 26.36
CA VAL O 487 46.65 16.28 25.03
C VAL O 487 46.26 17.42 24.07
N MET P 1 107.40 40.83 39.08
CA MET P 1 108.57 41.45 38.47
C MET P 1 109.83 40.64 38.75
N ALA P 2 110.45 40.89 39.90
CA ALA P 2 111.67 40.19 40.27
C ALA P 2 111.45 38.69 40.36
N ALA P 3 112.47 37.93 39.94
CA ALA P 3 112.45 36.46 40.01
C ALA P 3 112.31 35.97 41.45
N SER P 4 112.85 36.72 42.39
CA SER P 4 112.78 36.35 43.79
C SER P 4 111.34 36.41 44.27
N LYS P 5 110.74 37.58 44.14
CA LYS P 5 109.35 37.79 44.53
C LYS P 5 108.39 36.87 43.78
N LYS P 6 108.69 36.59 42.52
CA LYS P 6 107.88 35.70 41.68
C LYS P 6 107.68 34.33 42.31
N ALA P 7 108.68 33.84 43.05
CA ALA P 7 108.69 32.52 43.66
C ALA P 7 107.95 32.49 45.00
N VAL P 8 107.44 33.62 45.45
CA VAL P 8 106.73 33.71 46.70
C VAL P 8 105.26 33.35 46.55
N LEU P 9 104.79 32.47 47.41
CA LEU P 9 103.40 32.00 47.44
C LEU P 9 102.68 32.53 48.68
N GLY P 10 101.34 32.64 48.62
CA GLY P 10 100.54 33.06 49.79
C GLY P 10 100.98 32.30 51.07
N PRO P 11 100.99 30.95 51.04
CA PRO P 11 100.44 30.04 50.04
C PRO P 11 98.97 29.65 50.06
N LEU P 12 98.25 29.71 51.20
CA LEU P 12 96.91 29.09 51.14
C LEU P 12 95.72 29.90 51.63
N VAL P 13 94.60 29.65 50.97
CA VAL P 13 93.33 30.23 51.37
C VAL P 13 92.24 29.15 51.46
N GLY P 14 91.50 29.14 52.57
CA GLY P 14 90.44 28.16 52.74
C GLY P 14 89.07 28.75 52.48
N ALA P 15 88.07 27.89 52.42
CA ALA P 15 86.69 28.32 52.26
C ALA P 15 85.70 27.35 52.89
N VAL P 16 84.79 27.92 53.67
CA VAL P 16 83.71 27.15 54.31
C VAL P 16 82.47 27.30 53.46
N ASP P 17 81.89 26.20 53.03
CA ASP P 17 80.69 26.22 52.20
C ASP P 17 79.54 25.45 52.87
N GLN P 18 78.59 26.17 53.49
CA GLN P 18 77.52 25.43 54.20
C GLN P 18 76.23 25.55 53.43
N GLY P 19 75.87 24.50 52.74
CA GLY P 19 74.70 24.50 51.90
C GLY P 19 73.54 23.96 52.69
N THR P 20 72.48 23.57 52.00
CA THR P 20 71.30 23.06 52.65
C THR P 20 71.44 21.56 52.95
N SER P 21 71.89 20.79 51.98
CA SER P 21 71.99 19.35 52.20
C SER P 21 73.28 18.92 52.89
N SER P 22 74.33 19.72 52.77
CA SER P 22 75.65 19.37 53.29
C SER P 22 76.57 20.57 53.44
N THR P 23 77.65 20.34 54.17
CA THR P 23 78.74 21.29 54.39
C THR P 23 80.06 20.80 53.84
N ARG P 24 80.82 21.72 53.28
CA ARG P 24 82.15 21.43 52.78
C ARG P 24 83.21 22.43 53.24
N PHE P 25 84.45 21.96 53.34
CA PHE P 25 85.56 22.89 53.57
C PHE P 25 86.66 22.56 52.60
N LEU P 26 87.05 23.59 51.85
CA LEU P 26 88.07 23.47 50.82
C LEU P 26 89.28 24.36 51.09
N VAL P 27 90.48 23.87 50.76
CA VAL P 27 91.70 24.69 50.80
C VAL P 27 92.39 24.71 49.44
N PHE P 28 92.66 25.94 48.96
CA PHE P 28 93.21 26.19 47.64
C PHE P 28 94.61 26.83 47.61
N ASN P 29 95.34 26.51 46.53
CA ASN P 29 96.68 27.00 46.17
C ASN P 29 96.61 28.40 45.55
N SER P 30 97.21 29.39 46.22
CA SER P 30 97.15 30.80 45.81
C SER P 30 97.71 31.15 44.43
N LYS P 31 98.50 30.29 43.79
CA LYS P 31 99.02 30.64 42.45
C LYS P 31 98.14 30.23 41.29
N THR P 32 97.35 29.16 41.50
CA THR P 32 96.57 28.52 40.46
C THR P 32 95.10 28.36 40.79
N ALA P 33 94.73 28.57 42.06
CA ALA P 33 93.39 28.33 42.62
C ALA P 33 93.06 26.84 42.61
N GLU P 34 94.07 25.99 42.49
CA GLU P 34 93.91 24.55 42.54
C GLU P 34 93.47 24.10 43.91
N LEU P 35 92.54 23.16 43.95
CA LEU P 35 92.10 22.63 45.22
C LEU P 35 93.11 21.60 45.73
N LEU P 36 93.62 21.77 46.95
CA LEU P 36 94.61 20.84 47.45
C LEU P 36 93.95 19.79 48.31
N SER P 37 92.98 20.20 49.10
CA SER P 37 92.26 19.23 49.91
C SER P 37 90.88 19.70 50.26
N HIS P 38 90.00 18.74 50.58
CA HIS P 38 88.65 19.04 51.00
C HIS P 38 87.97 17.88 51.74
N HIS P 39 86.83 18.21 52.36
CA HIS P 39 85.95 17.23 53.02
C HIS P 39 84.50 17.70 53.04
N GLN P 40 83.57 16.73 52.92
CA GLN P 40 82.13 16.97 52.92
C GLN P 40 81.38 16.15 53.96
N VAL P 41 80.47 16.83 54.67
CA VAL P 41 79.62 16.25 55.70
C VAL P 41 78.13 16.53 55.44
N GLU P 42 77.31 15.49 55.44
CA GLU P 42 75.87 15.65 55.20
C GLU P 42 75.14 16.14 56.46
N ILE P 43 74.07 16.91 56.27
CA ILE P 43 73.24 17.42 57.38
C ILE P 43 71.79 16.96 57.29
N GLU P 44 71.26 16.37 58.35
CA GLU P 44 69.85 15.94 58.30
C GLU P 44 68.90 17.11 58.11
N GLN P 45 67.95 16.95 57.18
CA GLN P 45 66.89 17.94 57.00
C GLN P 45 65.62 17.37 57.59
N LYS P 46 64.89 18.17 58.34
CA LYS P 46 63.63 17.71 58.90
C LYS P 46 62.46 18.46 58.30
N PHE P 47 61.30 17.81 58.29
CA PHE P 47 60.09 18.44 57.75
C PHE P 47 58.91 18.24 58.73
N PRO P 48 58.85 18.98 59.86
CA PRO P 48 57.84 18.83 60.93
C PRO P 48 56.37 18.85 60.49
N LYS P 49 56.05 19.66 59.49
CA LYS P 49 54.69 19.82 58.97
C LYS P 49 54.78 20.02 57.47
N GLU P 50 53.67 19.79 56.77
CA GLU P 50 53.70 19.99 55.33
C GLU P 50 54.19 21.39 54.98
N GLY P 51 55.20 21.44 54.11
CA GLY P 51 55.79 22.69 53.63
C GLY P 51 56.91 23.25 54.52
N TRP P 52 57.15 22.68 55.69
CA TRP P 52 58.18 23.17 56.61
C TRP P 52 59.53 22.53 56.31
N VAL P 53 60.62 23.27 56.49
CA VAL P 53 61.95 22.70 56.33
C VAL P 53 62.87 23.21 57.48
N GLU P 54 63.48 22.29 58.24
CA GLU P 54 64.35 22.68 59.37
C GLU P 54 65.69 21.96 59.45
N GLN P 55 66.67 22.66 60.03
CA GLN P 55 67.98 22.05 60.31
C GLN P 55 68.46 22.34 61.72
N ASP P 56 69.26 21.46 62.27
CA ASP P 56 69.83 21.64 63.60
C ASP P 56 71.10 22.53 63.54
N PRO P 57 71.10 23.77 64.10
CA PRO P 57 72.21 24.70 64.05
C PRO P 57 73.50 24.12 64.67
N LYS P 58 73.37 23.10 65.53
CA LYS P 58 74.54 22.49 66.14
C LYS P 58 75.15 21.60 65.09
N GLU P 59 74.31 20.77 64.46
CA GLU P 59 74.77 19.87 63.41
C GLU P 59 75.44 20.67 62.30
N ILE P 60 74.89 21.86 62.00
CA ILE P 60 75.48 22.71 60.98
C ILE P 60 76.91 23.12 61.38
N LEU P 61 77.12 23.64 62.59
CA LEU P 61 78.48 23.99 62.99
C LEU P 61 79.40 22.79 63.13
N GLN P 62 78.87 21.68 63.65
CA GLN P 62 79.67 20.49 63.85
C GLN P 62 80.16 19.96 62.52
N SER P 63 79.30 20.02 61.50
CA SER P 63 79.65 19.59 60.16
C SER P 63 80.80 20.44 59.62
N VAL P 64 80.76 21.75 59.88
CA VAL P 64 81.85 22.62 59.47
C VAL P 64 83.12 22.26 60.14
N TYR P 65 83.08 22.07 61.46
CA TYR P 65 84.29 21.76 62.15
C TYR P 65 84.88 20.46 61.67
N GLU P 66 84.05 19.42 61.45
CA GLU P 66 84.57 18.17 60.91
C GLU P 66 85.23 18.39 59.56
N CYS P 67 84.58 19.21 58.71
CA CYS P 67 85.12 19.47 57.39
C CYS P 67 86.46 20.16 57.49
N ILE P 68 86.58 21.13 58.41
CA ILE P 68 87.84 21.81 58.57
C ILE P 68 88.91 20.86 59.08
N GLU P 69 88.61 20.11 60.13
CA GLU P 69 89.63 19.22 60.69
C GLU P 69 90.08 18.15 59.71
N LYS P 70 89.15 17.56 58.95
CA LYS P 70 89.55 16.50 58.02
C LYS P 70 90.35 17.08 56.87
N THR P 71 89.96 18.28 56.40
CA THR P 71 90.68 18.93 55.33
C THR P 71 92.09 19.19 55.80
N CYS P 72 92.22 19.66 57.06
CA CYS P 72 93.50 19.95 57.66
C CYS P 72 94.35 18.68 57.80
N GLU P 73 93.75 17.54 58.14
CA GLU P 73 94.53 16.31 58.21
C GLU P 73 95.10 15.97 56.84
N LYS P 74 94.29 16.14 55.78
CA LYS P 74 94.76 15.88 54.41
C LYS P 74 95.88 16.86 54.07
N LEU P 75 95.76 18.12 54.49
CA LEU P 75 96.83 19.06 54.22
C LEU P 75 98.10 18.56 54.91
N GLY P 76 97.98 18.03 56.12
CA GLY P 76 99.14 17.48 56.82
C GLY P 76 99.78 16.35 56.00
N GLN P 77 98.96 15.51 55.35
CA GLN P 77 99.44 14.42 54.50
C GLN P 77 100.26 14.98 53.31
N LEU P 78 99.88 16.19 52.88
CA LEU P 78 100.51 16.92 51.78
C LEU P 78 101.65 17.80 52.30
N ASN P 79 102.03 17.63 53.58
CA ASN P 79 103.05 18.38 54.30
C ASN P 79 102.76 19.86 54.42
N ILE P 80 101.50 20.18 54.60
CA ILE P 80 101.06 21.53 54.80
C ILE P 80 100.57 21.77 56.21
N ASP P 81 101.24 22.68 56.90
CA ASP P 81 100.85 23.06 58.24
C ASP P 81 99.77 24.12 58.12
N ILE P 82 98.79 24.11 59.03
CA ILE P 82 97.71 25.09 59.04
C ILE P 82 98.18 26.53 59.17
N SER P 83 99.40 26.73 59.67
CA SER P 83 99.96 28.05 59.81
C SER P 83 100.24 28.69 58.45
N ASN P 84 100.17 27.89 57.37
CA ASN P 84 100.40 28.37 56.02
C ASN P 84 99.11 28.89 55.36
N ILE P 85 98.00 28.87 56.09
CA ILE P 85 96.75 29.36 55.56
C ILE P 85 96.64 30.81 55.99
N LYS P 86 96.60 31.69 55.01
CA LYS P 86 96.57 33.12 55.24
C LYS P 86 95.20 33.63 55.49
N ALA P 87 94.21 33.00 54.88
CA ALA P 87 92.87 33.50 55.07
C ALA P 87 91.81 32.43 54.87
N ILE P 88 90.67 32.65 55.52
CA ILE P 88 89.47 31.85 55.40
C ILE P 88 88.29 32.68 54.88
N GLY P 89 87.65 32.16 53.85
CA GLY P 89 86.45 32.77 53.35
C GLY P 89 85.28 31.91 53.77
N VAL P 90 84.11 32.49 53.89
CA VAL P 90 82.97 31.64 54.16
C VAL P 90 81.86 31.99 53.18
N SER P 91 81.03 31.02 52.88
CA SER P 91 79.84 31.26 52.09
C SER P 91 78.79 30.26 52.49
N ASN P 92 77.56 30.73 52.48
CA ASN P 92 76.50 29.89 53.01
C ASN P 92 75.14 29.99 52.34
N GLN P 93 74.34 28.94 52.51
CA GLN P 93 72.98 28.98 52.01
C GLN P 93 72.34 30.26 52.47
N ARG P 94 71.71 30.94 51.52
CA ARG P 94 71.03 32.20 51.70
C ARG P 94 69.74 32.09 52.49
N GLU P 95 69.27 33.22 53.05
CA GLU P 95 67.93 33.35 53.66
C GLU P 95 67.68 32.60 55.01
N THR P 96 68.12 31.35 55.09
CA THR P 96 67.96 30.50 56.27
C THR P 96 68.39 31.25 57.53
N THR P 97 67.55 31.17 58.58
CA THR P 97 67.86 31.90 59.81
C THR P 97 68.01 31.04 61.06
N VAL P 98 68.95 31.48 61.89
CA VAL P 98 69.26 30.86 63.18
C VAL P 98 69.17 31.88 64.32
N VAL P 99 68.58 31.44 65.43
CA VAL P 99 68.46 32.23 66.63
C VAL P 99 69.17 31.56 67.79
N TRP P 100 69.98 32.30 68.55
CA TRP P 100 70.73 31.73 69.66
C TRP P 100 70.91 32.63 70.87
N ASP P 101 71.29 32.02 71.99
CA ASP P 101 71.57 32.70 73.25
C ASP P 101 73.00 33.26 73.32
N LYS P 102 73.11 34.59 73.35
CA LYS P 102 74.39 35.31 73.35
C LYS P 102 75.39 34.85 74.39
N LEU P 103 74.88 34.36 75.53
CA LEU P 103 75.74 34.01 76.65
C LEU P 103 76.28 32.59 76.62
N THR P 104 75.61 31.66 75.92
CA THR P 104 76.05 30.28 75.92
C THR P 104 76.28 29.73 74.52
N GLY P 105 75.69 30.37 73.52
CA GLY P 105 75.73 29.95 72.15
C GLY P 105 74.71 28.87 71.80
N GLU P 106 73.86 28.49 72.76
CA GLU P 106 72.89 27.47 72.48
C GLU P 106 71.73 28.07 71.66
N PRO P 107 71.30 27.44 70.55
CA PRO P 107 70.17 27.86 69.75
C PRO P 107 68.86 27.91 70.53
N LEU P 108 68.05 28.91 70.24
CA LEU P 108 66.70 29.07 70.79
C LEU P 108 65.75 28.10 70.09
N TYR P 109 66.02 27.84 68.81
CA TYR P 109 65.17 27.00 67.98
C TYR P 109 66.02 26.42 66.84
N ASN P 110 65.40 25.62 65.98
CA ASN P 110 66.05 25.03 64.81
C ASN P 110 66.23 26.08 63.74
N ALA P 111 67.16 25.86 62.83
CA ALA P 111 67.33 26.77 61.72
C ALA P 111 66.06 26.70 60.89
N VAL P 112 65.57 27.83 60.44
CA VAL P 112 64.40 27.81 59.59
C VAL P 112 64.92 28.00 58.17
N VAL P 113 64.81 26.95 57.37
CA VAL P 113 65.42 26.85 56.06
C VAL P 113 64.68 27.62 55.00
N TRP P 114 65.43 28.25 54.11
CA TRP P 114 64.95 29.07 53.00
C TRP P 114 63.75 28.48 52.21
N LEU P 115 63.63 27.14 52.16
CA LEU P 115 62.57 26.46 51.42
C LEU P 115 61.24 26.31 52.20
N ASP P 116 61.26 26.68 53.48
CA ASP P 116 60.17 26.59 54.44
C ASP P 116 59.00 27.56 54.16
N LEU P 117 57.77 27.04 54.18
CA LEU P 117 56.55 27.83 53.98
C LEU P 117 55.72 28.13 55.24
N ARG P 118 56.25 27.93 56.46
CA ARG P 118 55.44 28.10 57.69
C ARG P 118 54.95 29.52 57.86
N THR P 119 55.61 30.46 57.22
CA THR P 119 55.30 31.84 57.36
C THR P 119 54.36 32.38 56.31
N GLN P 120 53.76 31.52 55.49
CA GLN P 120 52.83 32.05 54.48
C GLN P 120 51.76 32.93 55.11
N SER P 121 51.27 32.58 56.31
CA SER P 121 50.24 33.42 56.94
C SER P 121 50.81 34.80 57.32
N THR P 122 52.12 34.89 57.58
CA THR P 122 52.76 36.15 57.93
C THR P 122 52.81 37.00 56.70
N VAL P 123 53.22 36.39 55.59
CA VAL P 123 53.35 37.07 54.33
C VAL P 123 51.98 37.57 53.88
N ALA P 124 50.97 36.71 53.99
CA ALA P 124 49.64 37.08 53.62
C ALA P 124 49.17 38.26 54.47
N ASN P 125 49.48 38.26 55.77
CA ASN P 125 49.12 39.40 56.59
C ASN P 125 49.93 40.64 56.22
N LEU P 126 51.21 40.49 55.88
CA LEU P 126 52.00 41.66 55.52
C LEU P 126 51.41 42.36 54.30
N SER P 127 50.88 41.59 53.33
CA SER P 127 50.28 42.15 52.12
C SER P 127 48.84 42.67 52.30
N LYS P 128 48.23 42.41 53.47
CA LYS P 128 46.85 42.78 53.74
C LYS P 128 46.72 43.81 54.85
N ILE P 129 47.40 43.54 56.00
CA ILE P 129 47.38 44.39 57.19
C ILE P 129 47.94 45.72 56.78
N ILE P 130 49.01 45.67 55.99
CA ILE P 130 49.58 46.84 55.40
C ILE P 130 49.37 46.62 53.89
N PRO P 131 48.36 47.25 53.26
CA PRO P 131 47.94 46.99 51.90
C PRO P 131 49.01 47.25 50.87
N VAL P 132 50.00 48.08 51.20
CA VAL P 132 51.04 48.32 50.24
C VAL P 132 52.40 48.04 50.82
N ASN P 133 52.52 47.01 51.65
CA ASN P 133 53.83 46.66 52.14
C ASN P 133 54.71 46.23 50.98
N ASN P 134 54.09 45.66 49.95
CA ASN P 134 54.88 45.25 48.80
C ASN P 134 55.59 46.39 48.12
N ASN P 135 55.00 47.60 48.12
CA ASN P 135 55.66 48.68 47.43
C ASN P 135 56.82 49.13 48.30
N PHE P 136 56.58 49.17 49.61
CA PHE P 136 57.57 49.57 50.59
C PHE P 136 58.79 48.66 50.58
N VAL P 137 58.56 47.34 50.64
CA VAL P 137 59.66 46.40 50.66
C VAL P 137 60.40 46.43 49.32
N LYS P 138 59.70 46.40 48.20
CA LYS P 138 60.44 46.43 46.94
C LYS P 138 61.28 47.70 46.85
N THR P 139 60.71 48.84 47.27
CA THR P 139 61.43 50.11 47.22
C THR P 139 62.70 50.12 48.07
N LYS P 140 62.61 49.60 49.30
CA LYS P 140 63.74 49.67 50.22
C LYS P 140 64.71 48.47 50.18
N THR P 141 64.23 47.27 49.82
CA THR P 141 65.07 46.06 49.86
C THR P 141 65.32 45.46 48.47
N GLY P 142 64.44 45.76 47.51
CA GLY P 142 64.53 45.17 46.17
C GLY P 142 63.92 43.76 46.10
N LEU P 143 63.36 43.29 47.21
CA LEU P 143 62.79 41.96 47.31
C LEU P 143 61.26 42.01 47.30
N PRO P 144 60.58 40.96 46.82
CA PRO P 144 59.14 40.75 46.94
C PRO P 144 58.82 40.26 48.35
N LEU P 145 57.57 40.36 48.78
CA LEU P 145 57.22 39.72 50.05
C LEU P 145 57.09 38.25 49.80
N SER P 146 57.85 37.47 50.54
CA SER P 146 57.88 36.04 50.36
C SER P 146 58.30 35.29 51.60
N THR P 147 57.80 34.06 51.72
CA THR P 147 58.08 33.19 52.85
C THR P 147 59.53 32.77 52.90
N TYR P 148 60.18 32.97 51.77
CA TYR P 148 61.57 32.61 51.59
C TYR P 148 62.53 33.54 52.35
N PHE P 149 62.17 34.79 52.61
CA PHE P 149 63.13 35.70 53.23
C PHE P 149 63.27 35.61 54.75
N SER P 150 64.45 36.04 55.24
CA SER P 150 64.74 35.95 56.68
C SER P 150 63.81 36.75 57.60
N ALA P 151 63.45 38.00 57.28
CA ALA P 151 62.62 38.81 58.20
C ALA P 151 61.31 38.15 58.56
N VAL P 152 60.72 37.48 57.60
CA VAL P 152 59.48 36.81 57.79
C VAL P 152 59.71 35.66 58.80
N LYS P 153 60.80 34.91 58.58
CA LYS P 153 61.19 33.83 59.47
C LYS P 153 61.58 34.33 60.89
N LEU P 154 62.25 35.50 60.97
CA LEU P 154 62.69 36.04 62.25
C LEU P 154 61.48 36.33 63.10
N ARG P 155 60.46 36.93 62.47
CA ARG P 155 59.23 37.26 63.16
C ARG P 155 58.56 36.01 63.68
N TRP P 156 58.51 34.94 62.87
CA TRP P 156 57.87 33.71 63.33
C TRP P 156 58.53 33.25 64.61
N LEU P 157 59.87 33.23 64.63
CA LEU P 157 60.57 32.78 65.81
C LEU P 157 60.28 33.66 67.04
N LEU P 158 60.24 34.98 66.87
CA LEU P 158 59.96 35.88 68.01
C LEU P 158 58.59 35.59 68.66
N ASP P 159 57.57 35.32 67.83
CA ASP P 159 56.21 35.05 68.34
C ASP P 159 55.86 33.60 68.68
N ASN P 160 56.41 32.62 67.97
CA ASN P 160 56.00 31.23 68.18
C ASN P 160 56.91 30.38 69.06
N VAL P 161 58.13 30.82 69.32
CA VAL P 161 58.99 30.03 70.19
C VAL P 161 58.97 30.68 71.56
N ARG P 162 58.62 29.88 72.57
CA ARG P 162 58.44 30.42 73.90
C ARG P 162 59.61 31.23 74.39
N LYS P 163 59.28 32.44 74.84
CA LYS P 163 60.18 33.44 75.41
C LYS P 163 61.26 34.01 74.48
N ILE P 164 61.19 33.82 73.14
CA ILE P 164 62.22 34.50 72.35
C ILE P 164 62.02 36.00 72.41
N GLN P 165 60.81 36.51 72.16
CA GLN P 165 60.64 37.96 72.22
C GLN P 165 61.22 38.56 73.50
N LYS P 166 61.02 37.91 74.64
CA LYS P 166 61.57 38.41 75.89
C LYS P 166 63.09 38.47 75.82
N ALA P 167 63.72 37.35 75.41
CA ALA P 167 65.18 37.28 75.29
C ALA P 167 65.71 38.35 74.33
N VAL P 168 64.94 38.65 73.30
CA VAL P 168 65.30 39.70 72.37
C VAL P 168 65.28 41.09 73.03
N GLU P 169 64.19 41.42 73.70
CA GLU P 169 64.01 42.73 74.36
C GLU P 169 65.05 42.97 75.44
N GLU P 170 65.45 41.90 76.13
CA GLU P 170 66.43 41.92 77.20
C GLU P 170 67.88 41.86 76.73
N ASP P 171 68.11 41.85 75.40
CA ASP P 171 69.46 41.74 74.83
C ASP P 171 70.19 40.45 75.25
N ARG P 172 69.48 39.33 75.16
CA ARG P 172 70.05 38.02 75.44
C ARG P 172 70.12 37.18 74.16
N ALA P 173 69.08 37.23 73.33
CA ALA P 173 69.05 36.46 72.09
C ALA P 173 69.86 37.16 71.02
N LEU P 174 70.32 36.41 70.02
CA LEU P 174 70.94 36.95 68.81
C LEU P 174 70.40 36.23 67.60
N PHE P 175 70.21 36.97 66.53
CA PHE P 175 69.78 36.38 65.27
C PHE P 175 70.76 36.60 64.13
N GLY P 176 70.72 35.72 63.15
CA GLY P 176 71.50 35.93 61.95
C GLY P 176 71.36 34.81 60.94
N THR P 177 72.00 35.02 59.80
CA THR P 177 72.01 34.05 58.72
C THR P 177 73.05 33.01 59.06
N ILE P 178 73.15 31.98 58.24
CA ILE P 178 74.11 30.92 58.52
C ILE P 178 75.53 31.50 58.59
N ASP P 179 75.89 32.43 57.70
CA ASP P 179 77.21 33.06 57.79
C ASP P 179 77.48 33.69 59.15
N SER P 180 76.48 34.38 59.72
CA SER P 180 76.67 35.03 61.01
C SER P 180 76.86 34.01 62.10
N TRP P 181 76.08 32.95 62.03
CA TRP P 181 76.13 31.87 62.99
C TRP P 181 77.52 31.24 62.97
N LEU P 182 78.03 31.00 61.76
CA LEU P 182 79.35 30.44 61.55
C LEU P 182 80.45 31.35 62.05
N ILE P 183 80.47 32.61 61.62
CA ILE P 183 81.55 33.50 62.00
C ILE P 183 81.57 33.72 63.49
N TRP P 184 80.40 33.92 64.10
CA TRP P 184 80.33 34.15 65.52
C TRP P 184 80.98 32.96 66.23
N SER P 185 80.62 31.72 65.84
CA SER P 185 81.23 30.54 66.43
C SER P 185 82.75 30.39 66.17
N LEU P 186 83.17 30.55 64.91
CA LEU P 186 84.58 30.32 64.53
C LEU P 186 85.53 31.27 65.26
N THR P 187 85.06 32.50 65.49
CA THR P 187 85.83 33.56 66.15
C THR P 187 85.74 33.57 67.70
N GLY P 188 85.04 32.60 68.33
CA GLY P 188 84.99 32.58 69.80
C GLY P 188 83.59 32.66 70.43
N GLY P 189 82.59 33.04 69.65
CA GLY P 189 81.22 33.10 70.10
C GLY P 189 80.97 33.96 71.33
N ALA P 190 80.34 33.31 72.28
CA ALA P 190 79.94 33.88 73.55
C ALA P 190 81.15 34.34 74.36
N ARG P 191 82.35 33.88 74.00
CA ARG P 191 83.53 34.24 74.74
C ARG P 191 84.49 35.13 73.97
N GLY P 192 83.97 35.91 73.02
CA GLY P 192 84.83 36.86 72.30
C GLY P 192 84.76 36.87 70.78
N GLY P 193 83.70 36.34 70.19
CA GLY P 193 83.59 36.32 68.74
C GLY P 193 83.01 37.58 68.13
N VAL P 194 82.78 37.48 66.84
CA VAL P 194 82.29 38.55 65.99
C VAL P 194 80.86 38.38 65.50
N HIS P 195 79.96 39.31 65.83
CA HIS P 195 78.57 39.20 65.37
C HIS P 195 78.36 40.10 64.16
N CYS P 196 78.53 39.52 62.98
CA CYS P 196 78.48 40.25 61.72
C CYS P 196 77.93 39.40 60.58
N THR P 197 77.63 40.09 59.49
CA THR P 197 77.17 39.51 58.23
C THR P 197 77.62 40.40 57.11
N ASP P 198 77.83 39.88 55.91
CA ASP P 198 78.17 40.79 54.85
C ASP P 198 76.92 41.32 54.17
N VAL P 199 77.13 42.31 53.33
CA VAL P 199 76.08 42.90 52.52
C VAL P 199 75.28 41.90 51.65
N THR P 200 75.91 40.87 51.04
CA THR P 200 75.14 40.03 50.13
C THR P 200 74.09 39.18 50.86
N ASN P 201 74.35 38.82 52.10
CA ASN P 201 73.37 38.08 52.87
C ASN P 201 72.39 39.02 53.52
N ALA P 202 72.87 40.18 53.92
CA ALA P 202 72.07 41.21 54.55
C ALA P 202 70.92 41.61 53.62
N SER P 203 71.25 41.70 52.34
CA SER P 203 70.35 42.06 51.28
C SER P 203 69.20 41.06 51.05
N ARG P 204 69.28 39.84 51.60
CA ARG P 204 68.24 38.82 51.43
C ARG P 204 67.39 38.64 52.69
N THR P 205 67.50 39.59 53.61
CA THR P 205 66.71 39.45 54.82
C THR P 205 65.40 40.23 54.83
N MET P 206 65.24 41.22 53.97
CA MET P 206 64.10 42.15 53.94
C MET P 206 64.06 43.12 55.13
N LEU P 207 65.14 43.22 55.92
CA LEU P 207 65.16 44.27 56.94
C LEU P 207 66.12 45.39 56.57
N PHE P 208 66.81 45.25 55.45
CA PHE P 208 67.79 46.25 55.02
C PHE P 208 67.41 47.19 53.97
N ASN P 209 67.98 48.37 54.08
CA ASN P 209 67.92 49.39 53.08
C ASN P 209 69.05 49.13 52.09
N ILE P 210 68.69 48.58 50.94
CA ILE P 210 69.62 48.16 49.90
C ILE P 210 70.36 49.33 49.25
N HIS P 211 69.83 50.53 49.41
CA HIS P 211 70.42 51.71 48.79
C HIS P 211 71.49 52.29 49.70
N SER P 212 71.16 52.33 51.00
CA SER P 212 72.08 52.87 52.00
C SER P 212 72.96 51.81 52.67
N LEU P 213 72.63 50.53 52.51
CA LEU P 213 73.33 49.39 53.10
C LEU P 213 73.32 49.46 54.63
N GLU P 214 72.14 49.71 55.17
CA GLU P 214 71.94 49.81 56.62
C GLU P 214 70.64 49.17 57.08
N TRP P 215 70.55 48.78 58.34
CA TRP P 215 69.30 48.19 58.83
C TRP P 215 68.22 49.25 58.76
N ASP P 216 67.09 48.92 58.17
CA ASP P 216 66.02 49.86 58.02
C ASP P 216 65.04 49.80 59.17
N LYS P 217 65.01 50.87 59.95
CA LYS P 217 64.16 50.93 61.12
C LYS P 217 62.71 50.66 60.79
N GLU P 218 62.20 51.18 59.66
CA GLU P 218 60.78 50.98 59.38
C GLU P 218 60.49 49.50 59.12
N LEU P 219 61.38 48.81 58.39
CA LEU P 219 61.21 47.38 58.14
C LEU P 219 61.28 46.60 59.45
N CYS P 220 62.19 47.02 60.34
CA CYS P 220 62.34 46.34 61.62
C CYS P 220 61.04 46.52 62.43
N GLU P 221 60.43 47.72 62.39
CA GLU P 221 59.16 47.92 63.08
C GLU P 221 58.05 47.08 62.46
N PHE P 222 57.99 47.00 61.13
CA PHE P 222 56.94 46.25 60.42
C PHE P 222 56.95 44.79 60.81
N PHE P 223 58.14 44.23 60.94
CA PHE P 223 58.31 42.84 61.32
C PHE P 223 58.46 42.60 62.81
N GLU P 224 58.34 43.65 63.61
CA GLU P 224 58.52 43.57 65.05
C GLU P 224 59.84 42.91 65.44
N VAL P 225 60.95 43.30 64.79
CA VAL P 225 62.27 42.76 65.11
C VAL P 225 63.22 43.83 65.69
N PRO P 226 63.42 43.91 67.01
CA PRO P 226 64.28 44.89 67.67
C PRO P 226 65.71 44.80 67.15
N MET P 227 66.38 45.94 66.98
CA MET P 227 67.74 45.88 66.43
C MET P 227 68.80 45.36 67.37
N LYS P 228 68.42 45.11 68.62
CA LYS P 228 69.34 44.60 69.63
C LYS P 228 69.91 43.25 69.26
N ILE P 229 69.20 42.54 68.37
CA ILE P 229 69.59 41.22 67.97
C ILE P 229 70.08 41.10 66.55
N LEU P 230 70.40 42.20 65.91
CA LEU P 230 70.83 42.09 64.53
C LEU P 230 72.36 42.34 64.38
N PRO P 231 73.06 41.61 63.46
CA PRO P 231 74.50 41.69 63.17
C PRO P 231 74.98 42.97 62.49
N ASN P 232 76.26 43.29 62.69
CA ASN P 232 76.90 44.41 62.01
C ASN P 232 77.19 44.05 60.54
N VAL P 233 76.82 44.94 59.61
CA VAL P 233 77.07 44.64 58.20
C VAL P 233 78.42 45.09 57.71
N ARG P 234 79.11 44.17 57.06
CA ARG P 234 80.45 44.34 56.54
C ARG P 234 80.59 44.05 55.04
N SER P 235 81.74 44.42 54.49
CA SER P 235 82.08 44.10 53.12
C SER P 235 82.31 42.61 52.96
N SER P 236 82.08 42.11 51.74
CA SER P 236 82.34 40.72 51.39
C SER P 236 83.83 40.37 51.43
N SER P 237 84.67 41.39 51.41
CA SER P 237 86.10 41.19 51.47
C SER P 237 86.66 42.19 52.50
N GLU P 238 86.86 41.70 53.73
CA GLU P 238 87.24 42.50 54.90
C GLU P 238 87.54 41.59 56.07
N ILE P 239 88.53 41.91 56.89
CA ILE P 239 88.77 41.00 58.03
C ILE P 239 87.67 41.13 59.07
N TYR P 240 87.07 39.98 59.41
CA TYR P 240 86.01 39.90 60.41
C TYR P 240 86.61 39.67 61.76
N GLY P 241 87.59 38.78 61.79
CA GLY P 241 88.26 38.40 63.02
C GLY P 241 89.13 37.21 62.74
N LEU P 242 89.75 36.65 63.76
CA LEU P 242 90.61 35.48 63.58
C LEU P 242 89.99 34.24 64.19
N MET P 243 90.30 33.11 63.58
CA MET P 243 89.84 31.83 64.07
C MET P 243 90.34 31.50 65.47
N LYS P 244 89.40 31.10 66.33
CA LYS P 244 89.73 30.67 67.68
C LYS P 244 89.64 29.16 67.79
N ALA P 245 88.80 28.54 66.97
CA ALA P 245 88.71 27.09 67.07
C ALA P 245 90.10 26.49 66.86
N GLY P 246 90.46 25.49 67.68
CA GLY P 246 91.79 24.89 67.63
C GLY P 246 92.22 24.36 66.25
N ALA P 247 91.27 23.87 65.45
CA ALA P 247 91.59 23.31 64.13
C ALA P 247 92.36 24.25 63.22
N LEU P 248 92.09 25.55 63.28
CA LEU P 248 92.76 26.54 62.45
C LEU P 248 93.13 27.76 63.30
N GLU P 249 93.47 27.53 64.55
CA GLU P 249 93.73 28.66 65.44
C GLU P 249 94.72 29.65 64.85
N GLY P 250 94.36 30.93 64.88
CA GLY P 250 95.22 32.00 64.41
C GLY P 250 95.03 32.40 62.95
N VAL P 251 94.26 31.65 62.18
CA VAL P 251 94.08 31.99 60.78
C VAL P 251 92.92 33.01 60.60
N PRO P 252 93.14 34.19 60.00
CA PRO P 252 92.15 35.23 59.75
C PRO P 252 90.96 34.78 58.91
N ILE P 253 89.80 35.29 59.28
CA ILE P 253 88.54 35.08 58.58
C ILE P 253 88.22 36.43 57.93
N SER P 254 88.26 36.43 56.59
CA SER P 254 88.12 37.67 55.84
C SER P 254 87.16 37.65 54.64
N GLY P 255 86.76 36.47 54.17
CA GLY P 255 85.84 36.50 53.03
C GLY P 255 84.44 36.16 53.52
N CYS P 256 83.40 36.74 52.93
CA CYS P 256 82.04 36.39 53.33
C CYS P 256 81.06 36.68 52.19
N LEU P 257 80.46 35.64 51.64
CA LEU P 257 79.54 35.79 50.51
C LEU P 257 78.32 34.87 50.60
N GLY P 258 77.15 35.35 50.17
CA GLY P 258 76.04 34.41 50.11
C GLY P 258 76.47 33.36 49.11
N ASP P 259 76.00 32.12 49.26
CA ASP P 259 76.40 31.06 48.33
C ASP P 259 76.32 31.45 46.86
N GLN P 260 75.24 32.08 46.48
CA GLN P 260 75.07 32.41 45.08
C GLN P 260 75.98 33.53 44.60
N SER P 261 76.27 34.48 45.47
CA SER P 261 77.16 35.56 45.14
C SER P 261 78.55 34.99 44.97
N ALA P 262 78.89 34.04 45.85
CA ALA P 262 80.19 33.39 45.81
C ALA P 262 80.37 32.66 44.51
N ALA P 263 79.34 31.97 44.04
CA ALA P 263 79.47 31.31 42.76
C ALA P 263 79.75 32.33 41.62
N LEU P 264 79.09 33.52 41.64
CA LEU P 264 79.39 34.51 40.60
C LEU P 264 80.85 34.91 40.65
N VAL P 265 81.34 35.09 41.88
CA VAL P 265 82.72 35.46 42.09
C VAL P 265 83.63 34.33 41.59
N GLY P 266 83.31 33.09 41.95
CA GLY P 266 84.07 31.90 41.60
C GLY P 266 84.26 31.72 40.10
N GLN P 267 83.24 32.10 39.34
CA GLN P 267 83.26 32.00 37.88
C GLN P 267 83.73 33.24 37.14
N MET P 268 84.22 34.25 37.88
CA MET P 268 84.70 35.50 37.31
C MET P 268 83.63 36.28 36.60
N CYS P 269 82.38 36.21 37.06
CA CYS P 269 81.31 36.94 36.38
C CYS P 269 81.33 38.39 36.79
N PHE P 270 82.35 39.14 36.36
CA PHE P 270 82.48 40.52 36.80
C PHE P 270 82.11 41.57 35.76
N GLN P 271 81.76 41.17 34.54
CA GLN P 271 81.41 42.15 33.52
C GLN P 271 79.92 42.18 33.29
N ASP P 272 79.39 43.34 32.92
CA ASP P 272 77.97 43.40 32.64
C ASP P 272 77.59 42.44 31.54
N GLY P 273 76.48 41.78 31.74
CA GLY P 273 75.92 40.82 30.81
C GLY P 273 76.36 39.38 31.08
N GLN P 274 77.36 39.18 31.95
CA GLN P 274 77.75 37.81 32.24
C GLN P 274 76.74 37.19 33.16
N ALA P 275 76.44 35.91 32.94
CA ALA P 275 75.50 35.25 33.82
C ALA P 275 75.86 33.80 34.01
N LYS P 276 75.46 33.31 35.18
CA LYS P 276 75.66 31.92 35.52
C LYS P 276 74.47 31.25 36.14
N ASN P 277 74.48 29.93 36.08
CA ASN P 277 73.46 29.05 36.64
C ASN P 277 74.05 27.97 37.55
N THR P 278 73.77 28.08 38.85
CA THR P 278 74.22 27.10 39.81
C THR P 278 73.15 26.02 39.99
N TYR P 279 73.54 24.76 39.85
CA TYR P 279 72.61 23.64 39.99
C TYR P 279 72.94 22.80 41.23
N GLY P 280 72.27 23.12 42.32
CA GLY P 280 72.49 22.50 43.63
C GLY P 280 71.11 22.07 44.11
N THR P 281 70.80 22.35 45.37
CA THR P 281 69.48 21.98 45.92
C THR P 281 68.43 22.61 45.01
N GLY P 282 68.66 23.88 44.71
CA GLY P 282 67.83 24.70 43.84
C GLY P 282 68.61 25.12 42.60
N CYS P 283 68.05 26.05 41.87
CA CYS P 283 68.66 26.55 40.64
C CYS P 283 68.72 28.06 40.68
N PHE P 284 69.93 28.57 40.63
CA PHE P 284 70.07 30.01 40.78
C PHE P 284 70.78 30.68 39.65
N LEU P 285 70.07 31.62 39.05
CA LEU P 285 70.55 32.40 37.94
C LEU P 285 70.86 33.82 38.31
N LEU P 286 72.11 34.18 38.17
CA LEU P 286 72.51 35.54 38.54
C LEU P 286 73.22 36.23 37.39
N CYS P 287 73.04 37.54 37.29
CA CYS P 287 73.71 38.31 36.24
C CYS P 287 74.33 39.57 36.86
N ASN P 288 75.57 39.84 36.45
CA ASN P 288 76.46 40.89 37.00
C ASN P 288 75.91 42.30 37.24
N THR P 289 74.95 42.79 36.46
CA THR P 289 74.09 43.88 36.05
C THR P 289 73.23 44.26 37.25
N GLY P 290 73.10 43.33 38.20
CA GLY P 290 72.34 43.54 39.41
C GLY P 290 70.97 42.91 39.26
N HIS P 291 70.90 41.85 38.47
CA HIS P 291 69.64 41.18 38.21
C HIS P 291 69.59 39.87 38.99
N LYS P 292 68.42 39.59 39.57
CA LYS P 292 68.27 38.39 40.39
C LYS P 292 66.97 37.62 40.20
N CYS P 293 67.17 36.33 40.42
CA CYS P 293 66.22 35.34 39.94
C CYS P 293 66.46 34.02 40.66
N SER P 294 65.42 33.36 41.14
CA SER P 294 65.72 32.11 41.81
C SER P 294 64.65 31.06 41.81
N VAL P 295 65.12 29.80 41.76
CA VAL P 295 64.34 28.58 41.79
C VAL P 295 64.57 27.74 43.01
N ALA P 296 63.49 27.44 43.70
CA ALA P 296 63.61 26.64 44.88
C ALA P 296 64.17 25.22 44.66
N ILE P 297 63.53 24.41 43.84
CA ILE P 297 63.95 23.00 43.75
C ILE P 297 64.40 22.42 42.41
N ALA P 298 65.69 22.02 42.40
CA ALA P 298 66.32 21.43 41.22
C ALA P 298 67.01 20.09 41.55
N GLY P 299 68.15 20.13 42.28
CA GLY P 299 68.87 18.92 42.70
C GLY P 299 68.00 18.14 43.67
N ALA P 300 67.20 18.87 44.43
CA ALA P 300 66.29 18.29 45.38
C ALA P 300 65.25 17.41 44.67
N VAL P 301 65.06 17.57 43.35
CA VAL P 301 64.13 16.73 42.64
C VAL P 301 64.69 15.33 42.54
N VAL P 302 65.96 15.20 42.14
CA VAL P 302 66.53 13.86 42.05
C VAL P 302 66.63 13.28 43.43
N ARG P 303 66.93 14.11 44.44
CA ARG P 303 66.99 13.58 45.77
C ARG P 303 65.63 13.02 46.16
N TRP P 304 64.54 13.73 45.82
CA TRP P 304 63.21 13.24 46.12
C TRP P 304 62.96 11.87 45.45
N LEU P 305 63.33 11.75 44.16
CA LEU P 305 63.13 10.48 43.45
C LEU P 305 63.93 9.34 44.12
N ARG P 306 65.08 9.68 44.72
CA ARG P 306 65.93 8.71 45.40
C ARG P 306 65.54 8.37 46.85
N ASP P 307 65.41 9.39 47.71
CA ASP P 307 65.17 9.15 49.13
C ASP P 307 63.71 9.02 49.52
N ASN P 308 62.79 9.69 48.83
CA ASN P 308 61.41 9.64 49.26
C ASN P 308 60.54 8.73 48.39
N LEU P 309 60.68 8.82 47.07
CA LEU P 309 59.85 8.01 46.18
C LEU P 309 60.43 6.59 46.05
N GLY P 310 61.75 6.48 45.94
CA GLY P 310 62.43 5.19 45.83
C GLY P 310 62.61 4.64 44.42
N ILE P 311 62.55 5.49 43.38
CA ILE P 311 62.74 4.93 42.03
C ILE P 311 64.22 4.90 41.66
N ILE P 312 65.00 5.79 42.29
CA ILE P 312 66.45 5.93 42.13
C ILE P 312 67.22 5.48 43.36
N LYS P 313 68.31 4.75 43.16
CA LYS P 313 69.13 4.33 44.29
C LYS P 313 70.36 5.24 44.43
N THR P 314 70.90 5.71 43.32
CA THR P 314 72.10 6.58 43.33
C THR P 314 71.78 7.84 42.53
N SER P 315 72.19 9.03 42.97
CA SER P 315 71.82 10.20 42.17
C SER P 315 72.34 10.17 40.73
N GLU P 316 73.48 9.51 40.45
CA GLU P 316 74.00 9.44 39.07
C GLU P 316 73.02 8.67 38.17
N GLU P 317 72.21 7.83 38.79
CA GLU P 317 71.26 6.97 38.13
C GLU P 317 70.28 7.79 37.35
N ILE P 318 69.95 9.00 37.81
CA ILE P 318 68.95 9.76 37.06
C ILE P 318 69.41 9.97 35.63
N GLU P 319 70.73 10.08 35.38
CA GLU P 319 71.23 10.30 34.05
C GLU P 319 71.13 8.98 33.30
N LYS P 320 71.53 7.90 33.98
CA LYS P 320 71.51 6.58 33.37
C LYS P 320 70.09 6.21 32.91
N LEU P 321 69.09 6.61 33.70
CA LEU P 321 67.70 6.33 33.36
C LEU P 321 67.22 7.26 32.26
N ALA P 322 67.54 8.55 32.34
CA ALA P 322 67.13 9.48 31.30
C ALA P 322 67.71 9.06 29.94
N LYS P 323 68.91 8.49 29.96
CA LYS P 323 69.59 7.99 28.78
C LYS P 323 68.82 6.90 28.02
N GLU P 324 67.92 6.18 28.70
CA GLU P 324 67.20 5.07 28.10
C GLU P 324 65.97 5.49 27.31
N VAL P 325 65.63 6.78 27.32
CA VAL P 325 64.43 7.21 26.62
C VAL P 325 64.78 8.30 25.61
N GLY P 326 64.12 8.33 24.45
CA GLY P 326 64.44 9.36 23.46
C GLY P 326 63.82 10.71 23.83
N THR P 327 62.80 10.65 24.66
CA THR P 327 62.05 11.80 25.09
C THR P 327 61.26 11.53 26.35
N SER P 328 60.42 12.49 26.72
CA SER P 328 59.59 12.37 27.92
C SER P 328 58.29 11.62 27.63
N TYR P 329 58.01 11.47 26.34
CA TYR P 329 56.82 10.82 25.80
C TYR P 329 55.55 11.39 26.39
N GLY P 330 55.53 12.71 26.57
CA GLY P 330 54.39 13.42 27.12
C GLY P 330 54.43 13.66 28.64
N CYS P 331 55.35 13.02 29.37
CA CYS P 331 55.43 13.21 30.82
C CYS P 331 56.16 14.49 31.22
N TYR P 332 55.50 15.33 32.00
CA TYR P 332 56.09 16.58 32.46
C TYR P 332 56.05 16.68 33.97
N PHE P 333 57.07 17.30 34.51
CA PHE P 333 57.14 17.45 35.95
C PHE P 333 57.44 18.85 36.39
N VAL P 334 56.65 19.32 37.35
CA VAL P 334 56.85 20.62 37.94
C VAL P 334 57.10 20.45 39.44
N PRO P 335 58.34 20.57 39.93
CA PRO P 335 58.74 20.34 41.29
C PRO P 335 58.44 21.50 42.20
N ALA P 336 57.18 21.82 42.38
CA ALA P 336 56.86 22.97 43.21
C ALA P 336 56.59 22.45 44.60
N PHE P 337 57.60 21.77 45.12
CA PHE P 337 57.59 21.08 46.41
C PHE P 337 57.61 22.05 47.59
N SER P 338 57.90 23.31 47.29
CA SER P 338 57.96 24.44 48.20
C SER P 338 57.25 25.63 47.54
N GLY P 339 56.33 25.36 46.62
CA GLY P 339 55.64 26.43 45.92
C GLY P 339 56.47 26.92 44.74
N LEU P 340 55.95 27.92 44.03
CA LEU P 340 56.70 28.41 42.89
C LEU P 340 57.47 29.68 43.17
N TYR P 341 58.62 29.64 42.58
CA TYR P 341 59.71 30.54 42.42
C TYR P 341 59.52 31.58 41.33
N ALA P 342 60.51 32.46 41.16
CA ALA P 342 60.43 33.45 40.11
C ALA P 342 60.33 32.72 38.79
N PRO P 343 59.61 33.23 37.80
CA PRO P 343 58.78 34.43 37.72
C PRO P 343 57.31 34.23 38.12
N TYR P 344 57.03 33.36 39.08
CA TYR P 344 55.68 33.10 39.50
C TYR P 344 55.42 33.61 40.90
N TRP P 345 56.30 33.24 41.82
CA TRP P 345 56.18 33.63 43.23
C TRP P 345 54.83 33.22 43.83
N GLU P 346 54.51 31.93 43.77
CA GLU P 346 53.25 31.40 44.25
C GLU P 346 53.38 30.25 45.28
N PRO P 347 53.38 30.56 46.59
CA PRO P 347 53.54 29.63 47.71
C PRO P 347 52.47 28.52 47.78
N SER P 348 51.27 28.71 47.18
CA SER P 348 50.22 27.69 47.23
C SER P 348 50.40 26.60 46.19
N ALA P 349 51.40 26.75 45.32
CA ALA P 349 51.62 25.76 44.29
C ALA P 349 52.20 24.52 44.93
N ARG P 350 51.93 23.37 44.34
CA ARG P 350 52.49 22.12 44.83
C ARG P 350 53.01 21.32 43.67
N GLY P 351 53.94 20.41 43.92
CA GLY P 351 54.50 19.73 42.78
C GLY P 351 53.52 18.82 42.10
N ILE P 352 53.65 18.73 40.79
CA ILE P 352 52.78 17.82 40.07
C ILE P 352 53.55 17.02 39.00
N ILE P 353 52.99 15.86 38.66
CA ILE P 353 53.48 15.06 37.52
C ILE P 353 52.32 14.92 36.55
N CYS P 354 52.50 15.39 35.32
CA CYS P 354 51.46 15.36 34.29
C CYS P 354 51.76 14.44 33.13
N GLY P 355 50.72 14.01 32.41
CA GLY P 355 50.91 13.27 31.17
C GLY P 355 51.24 11.79 31.35
N LEU P 356 50.82 11.20 32.46
CA LEU P 356 51.15 9.79 32.63
C LEU P 356 50.23 8.88 31.80
N THR P 357 50.83 7.84 31.24
CA THR P 357 50.11 6.81 30.48
C THR P 357 50.48 5.45 31.02
N GLN P 358 49.80 4.44 30.52
CA GLN P 358 50.09 3.05 30.87
C GLN P 358 51.48 2.57 30.46
N PHE P 359 52.17 3.36 29.63
CA PHE P 359 53.51 3.02 29.17
C PHE P 359 54.57 3.91 29.82
N THR P 360 54.16 4.81 30.71
CA THR P 360 55.13 5.71 31.31
C THR P 360 55.88 4.94 32.38
N ASN P 361 57.20 5.02 32.38
CA ASN P 361 57.97 4.33 33.40
C ASN P 361 58.96 5.24 34.10
N LYS P 362 59.75 4.66 35.01
CA LYS P 362 60.73 5.40 35.79
C LYS P 362 61.74 6.18 34.97
N CYS P 363 61.98 5.79 33.72
CA CYS P 363 62.97 6.49 32.94
C CYS P 363 62.38 7.73 32.29
N HIS P 364 61.06 7.76 32.15
CA HIS P 364 60.38 8.89 31.58
C HIS P 364 60.28 9.92 32.67
N ILE P 365 60.03 9.43 33.88
CA ILE P 365 59.95 10.30 35.05
C ILE P 365 61.33 10.88 35.37
N ALA P 366 62.39 10.06 35.35
CA ALA P 366 63.74 10.57 35.55
C ALA P 366 64.09 11.63 34.50
N PHE P 367 63.70 11.38 33.24
CA PHE P 367 63.95 12.31 32.16
C PHE P 367 63.20 13.62 32.43
N ALA P 368 61.89 13.53 32.77
CA ALA P 368 61.04 14.69 33.04
C ALA P 368 61.60 15.50 34.18
N ALA P 369 62.16 14.83 35.19
CA ALA P 369 62.76 15.50 36.31
C ALA P 369 63.94 16.37 35.87
N LEU P 370 64.82 15.83 35.00
CA LEU P 370 65.93 16.64 34.50
C LEU P 370 65.43 17.79 33.63
N GLU P 371 64.42 17.52 32.79
CA GLU P 371 63.91 18.61 31.97
C GLU P 371 63.27 19.68 32.84
N ALA P 372 62.62 19.31 33.95
CA ALA P 372 62.01 20.32 34.80
C ALA P 372 63.03 21.33 35.23
N VAL P 373 64.23 20.87 35.53
CA VAL P 373 65.30 21.77 35.94
C VAL P 373 65.64 22.72 34.77
N CYS P 374 65.75 22.16 33.58
CA CYS P 374 66.07 22.95 32.38
C CYS P 374 64.98 23.99 32.06
N PHE P 375 63.72 23.60 32.24
CA PHE P 375 62.62 24.50 31.94
C PHE P 375 62.55 25.66 32.92
N GLN P 376 62.83 25.39 34.20
CA GLN P 376 62.84 26.45 35.22
C GLN P 376 63.89 27.47 34.86
N THR P 377 65.05 26.98 34.38
CA THR P 377 66.15 27.81 33.95
C THR P 377 65.69 28.71 32.83
N ARG P 378 65.00 28.14 31.82
CA ARG P 378 64.50 28.96 30.74
C ARG P 378 63.53 30.02 31.19
N GLU P 379 62.58 29.70 32.07
CA GLU P 379 61.63 30.75 32.44
C GLU P 379 62.35 31.96 33.00
N ILE P 380 63.35 31.71 33.82
CA ILE P 380 64.11 32.80 34.35
C ILE P 380 64.98 33.49 33.34
N LEU P 381 65.73 32.77 32.52
CA LEU P 381 66.57 33.45 31.56
C LEU P 381 65.75 34.27 30.59
N ASP P 382 64.58 33.79 30.18
CA ASP P 382 63.78 34.59 29.27
C ASP P 382 63.38 35.88 29.98
N ALA P 383 62.98 35.79 31.27
CA ALA P 383 62.62 36.98 32.01
C ALA P 383 63.81 37.93 32.16
N MET P 384 65.00 37.38 32.43
CA MET P 384 66.20 38.17 32.59
C MET P 384 66.51 38.90 31.31
N ASN P 385 66.43 38.21 30.17
CA ASN P 385 66.75 38.82 28.90
C ASN P 385 65.77 39.97 28.61
N ARG P 386 64.47 39.76 28.92
CA ARG P 386 63.48 40.82 28.68
C ARG P 386 63.75 42.06 29.51
N ASP P 387 64.12 41.87 30.78
CA ASP P 387 64.38 42.99 31.67
C ASP P 387 65.74 43.67 31.43
N CYS P 388 66.77 42.89 31.10
CA CYS P 388 68.09 43.44 30.90
C CYS P 388 68.31 44.06 29.53
N GLY P 389 67.69 43.54 28.48
CA GLY P 389 67.91 44.08 27.13
C GLY P 389 69.18 43.49 26.51
N ILE P 390 69.81 42.59 27.26
CA ILE P 390 71.04 41.94 26.87
C ILE P 390 70.76 40.47 26.63
N PRO P 391 70.86 39.94 25.41
CA PRO P 391 70.61 38.54 25.14
C PRO P 391 71.77 37.80 25.78
N LEU P 392 71.54 36.60 26.28
CA LEU P 392 72.66 35.88 26.85
C LEU P 392 73.28 35.01 25.78
N SER P 393 74.56 35.29 25.45
CA SER P 393 75.25 34.57 24.38
C SER P 393 75.73 33.20 24.80
N HIS P 394 75.97 33.01 26.09
CA HIS P 394 76.39 31.73 26.63
C HIS P 394 76.05 31.75 28.11
N LEU P 395 75.84 30.59 28.69
CA LEU P 395 75.57 30.51 30.12
C LEU P 395 76.67 29.78 30.83
N GLN P 396 77.20 30.35 31.91
CA GLN P 396 78.22 29.64 32.67
C GLN P 396 77.48 28.77 33.68
N VAL P 397 77.96 27.56 33.95
CA VAL P 397 77.28 26.73 34.95
C VAL P 397 78.20 26.15 36.00
N ASP P 398 77.63 25.81 37.14
CA ASP P 398 78.36 25.14 38.21
C ASP P 398 77.40 24.38 39.13
N GLY P 399 77.92 23.75 40.20
CA GLY P 399 77.06 22.97 41.08
C GLY P 399 77.09 21.48 40.72
N GLY P 400 76.66 20.64 41.66
CA GLY P 400 76.72 19.18 41.52
C GLY P 400 75.97 18.59 40.31
N MET P 401 74.88 19.22 39.87
CA MET P 401 74.16 18.61 38.75
C MET P 401 74.81 18.91 37.41
N THR P 402 75.91 19.66 37.39
CA THR P 402 76.56 19.96 36.12
C THR P 402 77.44 18.81 35.69
N ASN P 403 77.47 17.75 36.50
CA ASN P 403 78.20 16.56 36.15
C ASN P 403 77.30 15.61 35.36
N ASN P 404 76.04 16.03 35.16
CA ASN P 404 75.05 15.28 34.40
C ASN P 404 75.07 15.80 32.96
N LYS P 405 75.66 15.03 32.03
CA LYS P 405 75.83 15.49 30.65
C LYS P 405 74.49 15.67 29.98
N ILE P 406 73.54 14.79 30.32
CA ILE P 406 72.22 14.91 29.72
C ILE P 406 71.59 16.21 30.16
N LEU P 407 71.65 16.54 31.44
CA LEU P 407 71.03 17.77 31.90
C LEU P 407 71.64 18.97 31.20
N MET P 408 72.98 19.01 31.08
CA MET P 408 73.60 20.17 30.45
C MET P 408 73.25 20.27 28.97
N GLN P 409 73.20 19.15 28.25
CA GLN P 409 72.81 19.24 26.86
C GLN P 409 71.36 19.64 26.73
N LEU P 410 70.47 19.13 27.62
CA LEU P 410 69.07 19.49 27.56
C LEU P 410 68.92 20.98 27.80
N GLN P 411 69.67 21.53 28.76
CA GLN P 411 69.57 22.95 29.01
C GLN P 411 70.03 23.75 27.79
N ALA P 412 71.12 23.33 27.13
CA ALA P 412 71.58 24.05 25.95
C ALA P 412 70.48 24.08 24.90
N ASP P 413 69.81 22.92 24.72
CA ASP P 413 68.74 22.74 23.75
C ASP P 413 67.49 23.57 24.03
N ILE P 414 67.04 23.58 25.27
CA ILE P 414 65.83 24.32 25.65
C ILE P 414 66.05 25.82 25.44
N LEU P 415 67.24 26.32 25.80
CA LEU P 415 67.53 27.74 25.68
C LEU P 415 68.14 28.22 24.36
N TYR P 416 68.79 27.32 23.62
CA TYR P 416 69.56 27.59 22.41
C TYR P 416 70.69 28.57 22.77
N ILE P 417 71.27 28.29 23.94
CA ILE P 417 72.39 29.03 24.50
C ILE P 417 73.48 28.05 24.90
N PRO P 418 74.70 28.12 24.38
CA PRO P 418 75.77 27.21 24.74
C PRO P 418 75.98 27.23 26.26
N VAL P 419 76.21 26.05 26.80
CA VAL P 419 76.40 25.87 28.24
C VAL P 419 77.87 25.63 28.55
N VAL P 420 78.46 26.49 29.37
CA VAL P 420 79.90 26.43 29.65
C VAL P 420 80.23 26.00 31.09
N LYS P 421 80.97 24.91 31.22
CA LYS P 421 81.33 24.36 32.51
C LYS P 421 82.82 24.53 32.87
N PRO P 422 83.18 24.92 34.12
CA PRO P 422 84.52 25.02 34.67
C PRO P 422 85.10 23.67 35.04
N SER P 423 86.43 23.57 35.11
CA SER P 423 87.11 22.37 35.60
C SER P 423 86.91 22.18 37.09
N MET P 424 86.48 23.27 37.75
CA MET P 424 86.18 23.37 39.16
C MET P 424 84.66 23.60 39.41
N PRO P 425 83.81 22.56 39.53
CA PRO P 425 82.37 22.64 39.78
C PRO P 425 82.00 23.32 41.11
N GLU P 426 82.97 23.39 42.03
CA GLU P 426 82.69 23.94 43.36
C GLU P 426 83.22 25.36 43.45
N THR P 427 82.53 26.18 42.68
CA THR P 427 82.81 27.58 42.48
C THR P 427 82.40 28.41 43.66
N THR P 428 81.41 27.97 44.43
CA THR P 428 80.95 28.70 45.60
C THR P 428 82.11 28.83 46.58
N ALA P 429 82.76 27.70 46.86
CA ALA P 429 83.89 27.69 47.76
C ALA P 429 85.05 28.50 47.19
N LEU P 430 85.30 28.40 45.88
CA LEU P 430 86.40 29.18 45.33
C LEU P 430 86.09 30.67 45.46
N GLY P 431 84.85 31.06 45.19
CA GLY P 431 84.45 32.45 45.30
C GLY P 431 84.77 33.00 46.68
N ALA P 432 84.36 32.26 47.72
CA ALA P 432 84.64 32.70 49.07
C ALA P 432 86.14 32.81 49.32
N ALA P 433 86.92 31.84 48.82
CA ALA P 433 88.37 31.89 49.00
C ALA P 433 88.96 33.11 48.30
N MET P 434 88.49 33.44 47.11
CA MET P 434 89.06 34.57 46.41
C MET P 434 88.73 35.86 47.14
N ALA P 435 87.52 35.96 47.70
CA ALA P 435 87.14 37.14 48.45
C ALA P 435 88.06 37.32 49.67
N ALA P 436 88.35 36.20 50.36
CA ALA P 436 89.23 36.21 51.52
C ALA P 436 90.66 36.57 51.15
N GLY P 437 91.10 36.03 50.02
CA GLY P 437 92.42 36.25 49.49
C GLY P 437 92.60 37.73 49.21
N ALA P 438 91.64 38.31 48.48
CA ALA P 438 91.62 39.71 48.11
C ALA P 438 91.51 40.65 49.30
N ALA P 439 90.78 40.26 50.33
CA ALA P 439 90.56 41.10 51.52
C ALA P 439 91.90 41.46 52.12
N GLU P 440 92.80 40.50 52.04
CA GLU P 440 94.16 40.64 52.51
C GLU P 440 95.07 40.70 51.30
N GLY P 441 94.56 41.27 50.21
CA GLY P 441 95.23 41.36 48.94
C GLY P 441 96.69 41.76 49.11
N VAL P 442 96.96 42.79 49.90
CA VAL P 442 98.34 43.16 50.03
C VAL P 442 99.07 42.14 50.90
N GLY P 443 99.74 41.23 50.19
CA GLY P 443 100.47 40.09 50.76
C GLY P 443 99.81 38.72 50.56
N VAL P 444 98.60 38.67 50.02
CA VAL P 444 97.92 37.39 49.81
C VAL P 444 97.45 37.11 48.39
N TRP P 445 96.90 38.11 47.69
CA TRP P 445 96.23 37.82 46.43
C TRP P 445 96.35 38.93 45.41
N SER P 446 96.85 38.59 44.24
CA SER P 446 97.01 39.56 43.18
C SER P 446 96.52 39.03 41.85
N LEU P 447 96.00 37.81 41.84
CA LEU P 447 95.57 37.26 40.59
C LEU P 447 94.47 38.15 40.04
N LYS P 448 94.63 38.53 38.79
CA LYS P 448 93.66 39.38 38.20
C LYS P 448 92.57 38.45 37.85
N PRO P 449 91.34 38.89 37.69
CA PRO P 449 90.28 38.08 37.16
C PRO P 449 90.78 37.41 35.88
N GLU P 450 91.64 38.11 35.13
CA GLU P 450 92.22 37.60 33.92
C GLU P 450 93.00 36.30 34.14
N ASP P 451 93.67 36.14 35.28
CA ASP P 451 94.47 34.96 35.54
C ASP P 451 93.57 33.86 36.06
N LEU P 452 92.57 34.27 36.80
CA LEU P 452 91.62 33.36 37.40
C LEU P 452 90.71 32.72 36.35
N SER P 453 90.51 33.44 35.24
CA SER P 453 89.69 33.01 34.11
C SER P 453 90.21 31.73 33.43
N ALA P 454 91.43 31.33 33.76
CA ALA P 454 92.08 30.15 33.19
C ALA P 454 91.32 28.81 33.44
N VAL P 455 90.42 28.78 34.42
CA VAL P 455 89.69 27.57 34.82
C VAL P 455 88.62 26.88 33.89
N THR P 456 88.15 27.49 32.80
CA THR P 456 87.09 26.89 31.92
C THR P 456 87.43 25.54 31.29
N MET P 457 86.50 24.55 31.37
CA MET P 457 86.73 23.21 30.83
C MET P 457 85.93 22.74 29.58
N GLU P 458 84.61 22.90 29.54
CA GLU P 458 83.87 22.31 28.40
C GLU P 458 82.60 23.06 28.02
N ARG P 459 82.13 22.84 26.80
CA ARG P 459 80.92 23.51 26.33
C ARG P 459 79.93 22.59 25.60
N PHE P 460 78.63 22.78 25.91
CA PHE P 460 77.54 22.04 25.29
C PHE P 460 76.74 22.94 24.35
N GLU P 461 76.77 22.65 23.06
CA GLU P 461 76.06 23.49 22.10
C GLU P 461 74.73 22.81 21.74
N PRO P 462 73.64 23.58 21.54
CA PRO P 462 72.30 23.09 21.23
C PRO P 462 72.22 22.32 19.92
N GLN P 463 71.39 21.26 19.91
CA GLN P 463 71.17 20.43 18.72
C GLN P 463 69.68 20.35 18.30
N ILE P 464 68.78 20.64 19.24
CA ILE P 464 67.32 20.53 19.10
C ILE P 464 66.71 21.46 18.05
N ASN P 465 65.69 20.99 17.32
CA ASN P 465 64.98 21.83 16.36
C ASN P 465 64.19 22.88 17.12
N ALA P 466 64.05 24.07 16.55
CA ALA P 466 63.27 25.10 17.22
C ALA P 466 61.82 24.63 17.47
N LYS P 467 61.25 23.87 16.54
CA LYS P 467 59.88 23.42 16.71
C LYS P 467 59.77 22.53 17.93
N GLU P 468 60.70 21.59 18.06
CA GLU P 468 60.71 20.64 19.15
C GLU P 468 60.86 21.36 20.49
N SER P 469 61.74 22.37 20.53
CA SER P 469 61.96 23.12 21.74
C SER P 469 60.72 23.87 22.18
N GLU P 470 60.07 24.59 21.24
CA GLU P 470 58.89 25.38 21.58
C GLU P 470 57.74 24.51 22.03
N ILE P 471 57.55 23.33 21.43
CA ILE P 471 56.46 22.48 21.83
C ILE P 471 56.69 21.97 23.25
N ARG P 472 57.90 21.51 23.56
CA ARG P 472 58.20 21.00 24.88
C ARG P 472 58.02 22.10 25.94
N TYR P 473 58.53 23.29 25.62
CA TYR P 473 58.43 24.44 26.50
C TYR P 473 56.98 24.84 26.77
N SER P 474 56.18 24.95 25.71
CA SER P 474 54.79 25.32 25.85
C SER P 474 54.02 24.31 26.72
N THR P 475 54.26 23.01 26.48
CA THR P 475 53.57 21.99 27.25
C THR P 475 53.96 22.09 28.74
N TRP P 476 55.25 22.29 29.03
CA TRP P 476 55.66 22.42 30.42
C TRP P 476 54.99 23.64 31.05
N LYS P 477 54.94 24.79 30.33
CA LYS P 477 54.27 25.96 30.91
C LYS P 477 52.83 25.62 31.29
N LYS P 478 52.11 24.85 30.46
CA LYS P 478 50.75 24.46 30.83
C LYS P 478 50.77 23.64 32.11
N ALA P 479 51.73 22.71 32.24
CA ALA P 479 51.83 21.93 33.48
C ALA P 479 52.08 22.86 34.66
N VAL P 480 52.89 23.90 34.48
CA VAL P 480 53.14 24.80 35.59
C VAL P 480 51.85 25.48 36.00
N LYS P 481 51.07 25.98 35.05
CA LYS P 481 49.83 26.62 35.42
C LYS P 481 48.93 25.65 36.22
N LYS P 482 48.91 24.37 35.83
CA LYS P 482 48.13 23.37 36.54
C LYS P 482 48.59 23.20 38.00
N SER P 483 49.90 23.37 38.26
CA SER P 483 50.46 23.21 39.62
C SER P 483 50.09 24.37 40.56
N MET P 484 49.58 25.49 40.01
CA MET P 484 49.30 26.69 40.79
C MET P 484 47.91 26.62 41.42
N GLY P 485 47.77 27.22 42.59
CA GLY P 485 46.46 27.29 43.25
C GLY P 485 46.04 25.99 43.94
N TRP P 486 46.95 25.06 44.12
CA TRP P 486 46.58 23.79 44.74
C TRP P 486 46.07 23.92 46.18
N VAL P 487 46.79 24.64 47.02
CA VAL P 487 46.36 24.68 48.42
C VAL P 487 45.13 25.55 48.63
#